data_8EB7
#
_entry.id   8EB7
#
_cell.length_a   1.00
_cell.length_b   1.00
_cell.length_c   1.00
_cell.angle_alpha   90.00
_cell.angle_beta   90.00
_cell.angle_gamma   90.00
#
_symmetry.space_group_name_H-M   'P 1'
#
loop_
_entity.id
_entity.type
_entity.pdbx_description
1 polymer 'Tail spike protein'
2 polymer 'Peptidoglycan hydrolase gp4'
3 polymer 'Packaged DNA stabilization protein gp10'
#
loop_
_entity_poly.entity_id
_entity_poly.type
_entity_poly.pdbx_seq_one_letter_code
_entity_poly.pdbx_strand_id
1 'polypeptide(L)'
;ANVVVSNPRPIFTESRSFKAVANGKIYIGQIDTDPVNPANQIPVYIENEDGSHVQITQPLIINAAGKIVYNGQLVKIVTV
QGHSMAIYDANGSQVDYIANVLKYDPDQYSI
;
0,A,B,C,D,F,X,Y,Z,a,b,c,d,e,f,g,h,i
2 'polypeptide(L)'
;QIKTKGDLVRAALRKLGVASDATLTDVEPQSMQDAVDDLEAMMAEWYQDGKGIITGYVFSDDENPPAEGDDHGLRSSAVS
AVFHNLACRIAPDYALEATAKIIATAKYGKELLYKQTAISRAKRAPYPSRMPTGSGNSFANLNEWHYFPG
;
E,G,H,I,J,K,L,M,N,O,P,Q
3 'polypeptide(L)'
;PIQQLPMMKGMGKDFKNADYIDYLPVNMLATPKEILNSSGYLRSFPGITKRYDMNGVSRGVEYNTAQNAVYRVCGGKLYK
GESEVGDVAGSGRVSMAHGRTSQAVGVNGQLVEYRYDGTVKTVSNWPADSGFTQYELGSVRDITRLRGRYAWSKDGTDSW
FITDLEDESHPDRYSAQYRAESQPDGIIGIGTWRDFIVCFGSSTIEYFSLTGATTAGAALYVAQPSLMVQKSIAGTYCKT
PFADSYAFISHPATGAPSVYIIGSGQASPIATASIEKIIRSYTAEEMATGVMETLRFDSHELLIIHLPRHVLVYDASSSQ
NGPQWCVLKTGLYDDVYRGVDFMYEGNQITCGDKSEAVVGQLQFDISSQYDKQQEHLLFTPLFKADNARCFDLEVESSTG
VAQYADRLFLSATTDGINYGREQMIEQNEPFVYDKRVLWKRVGRIRRLIGFKLRVITKSPVTLSGCQIRLE
;
R,S,T,U,V,W
#
# COMPACT_ATOMS: atom_id res chain seq x y z
N ALA A 1 49.95 32.84 3.37
CA ALA A 1 49.16 32.48 2.21
C ALA A 1 49.12 33.64 1.21
N ASN A 2 50.26 33.92 0.58
CA ASN A 2 50.37 35.05 -0.33
C ASN A 2 50.68 34.63 -1.75
N VAL A 3 51.68 33.78 -1.95
CA VAL A 3 52.15 33.43 -3.28
C VAL A 3 51.55 32.10 -3.71
N VAL A 4 51.61 31.84 -5.01
CA VAL A 4 51.09 30.63 -5.60
C VAL A 4 52.26 29.69 -5.90
N VAL A 5 52.11 28.41 -5.55
CA VAL A 5 53.15 27.44 -5.84
C VAL A 5 53.37 27.36 -7.33
N SER A 6 54.62 27.51 -7.76
CA SER A 6 54.95 27.53 -9.17
C SER A 6 56.35 26.95 -9.36
N ASN A 7 56.53 26.22 -10.45
CA ASN A 7 57.82 25.60 -10.72
C ASN A 7 58.82 26.69 -11.09
N PRO A 8 59.90 26.86 -10.32
CA PRO A 8 60.87 27.91 -10.65
C PRO A 8 61.89 27.51 -11.71
N ARG A 9 62.24 26.22 -11.78
CA ARG A 9 63.18 25.77 -12.79
C ARG A 9 62.68 26.12 -14.19
N PRO A 10 63.50 26.71 -15.03
CA PRO A 10 63.06 27.07 -16.38
C PRO A 10 63.15 25.92 -17.35
N ILE A 11 62.05 25.63 -18.05
CA ILE A 11 62.02 24.62 -19.10
C ILE A 11 62.00 25.33 -20.45
N PHE A 12 62.97 25.02 -21.30
CA PHE A 12 63.11 25.66 -22.59
C PHE A 12 62.52 24.76 -23.66
N THR A 13 61.51 25.29 -24.37
CA THR A 13 60.86 24.56 -25.45
C THR A 13 60.97 25.37 -26.74
N GLU A 14 60.89 24.64 -27.86
CA GLU A 14 60.98 25.30 -29.15
C GLU A 14 59.78 26.19 -29.39
N SER A 15 59.98 27.26 -30.17
CA SER A 15 58.96 28.29 -30.32
C SER A 15 57.82 27.83 -31.21
N ARG A 16 58.13 27.17 -32.33
CA ARG A 16 57.13 26.81 -33.31
C ARG A 16 56.55 25.42 -33.11
N SER A 17 56.98 24.69 -32.08
CA SER A 17 56.46 23.35 -31.84
C SER A 17 56.65 23.01 -30.36
N PHE A 18 55.87 22.03 -29.90
CA PHE A 18 55.92 21.62 -28.50
C PHE A 18 56.91 20.46 -28.37
N LYS A 19 58.18 20.81 -28.40
CA LYS A 19 59.27 19.86 -28.16
C LYS A 19 60.36 20.57 -27.37
N ALA A 20 61.10 19.79 -26.59
CA ALA A 20 62.25 20.35 -25.91
C ALA A 20 63.36 20.65 -26.90
N VAL A 21 64.24 21.56 -26.51
CA VAL A 21 65.46 21.83 -27.29
C VAL A 21 66.50 20.83 -26.79
N ALA A 22 66.43 19.63 -27.32
CA ALA A 22 67.31 18.55 -26.86
C ALA A 22 68.74 18.81 -27.30
N ASN A 23 69.66 18.78 -26.34
CA ASN A 23 71.07 19.03 -26.60
C ASN A 23 71.27 20.38 -27.28
N GLY A 24 70.47 21.36 -26.90
CA GLY A 24 70.57 22.69 -27.44
C GLY A 24 71.68 23.48 -26.77
N LYS A 25 71.75 24.76 -27.11
CA LYS A 25 72.79 25.64 -26.61
C LYS A 25 72.19 26.98 -26.22
N ILE A 26 72.64 27.52 -25.10
CA ILE A 26 72.26 28.85 -24.65
C ILE A 26 73.53 29.68 -24.53
N TYR A 27 73.55 30.83 -25.20
CA TYR A 27 74.66 31.77 -25.12
C TYR A 27 74.20 33.02 -24.39
N ILE A 28 74.99 33.44 -23.40
CA ILE A 28 74.72 34.62 -22.58
C ILE A 28 75.65 35.73 -23.04
N GLY A 29 75.08 36.84 -23.48
CA GLY A 29 75.89 37.94 -24.00
C GLY A 29 75.60 39.28 -23.35
N GLN A 30 76.28 40.32 -23.83
CA GLN A 30 76.09 41.65 -23.30
C GLN A 30 74.72 42.18 -23.68
N ILE A 31 74.41 43.39 -23.21
CA ILE A 31 73.11 43.99 -23.48
C ILE A 31 73.06 44.46 -24.93
N ASP A 32 72.02 44.05 -25.65
CA ASP A 32 71.78 44.45 -27.03
C ASP A 32 72.98 44.14 -27.93
N THR A 33 73.31 42.85 -27.99
CA THR A 33 74.39 42.37 -28.85
C THR A 33 74.12 40.91 -29.19
N ASP A 34 75.00 40.35 -30.02
CA ASP A 34 74.86 38.98 -30.46
C ASP A 34 75.74 38.08 -29.59
N PRO A 35 75.17 37.22 -28.75
CA PRO A 35 75.99 36.39 -27.86
C PRO A 35 76.80 35.32 -28.59
N VAL A 36 76.53 35.07 -29.87
CA VAL A 36 77.28 34.05 -30.60
C VAL A 36 78.75 34.44 -30.69
N ASN A 37 79.03 35.73 -30.83
CA ASN A 37 80.41 36.18 -30.89
C ASN A 37 81.11 35.90 -29.56
N PRO A 38 82.30 35.30 -29.58
CA PRO A 38 83.01 35.02 -28.32
C PRO A 38 83.25 36.27 -27.48
N ALA A 39 83.49 37.42 -28.12
CA ALA A 39 83.74 38.64 -27.36
C ALA A 39 82.52 39.06 -26.55
N ASN A 40 81.33 38.92 -27.12
CA ASN A 40 80.10 39.31 -26.43
C ASN A 40 79.55 38.14 -25.62
N GLN A 41 80.33 37.72 -24.62
CA GLN A 41 79.93 36.65 -23.70
C GLN A 41 80.45 37.01 -22.31
N ILE A 42 79.55 37.39 -21.42
CA ILE A 42 79.90 37.79 -20.07
C ILE A 42 80.26 36.55 -19.26
N PRO A 43 81.03 36.67 -18.18
CA PRO A 43 81.23 35.52 -17.29
C PRO A 43 79.91 35.08 -16.68
N VAL A 44 79.76 33.76 -16.53
CA VAL A 44 78.49 33.16 -16.11
C VAL A 44 78.75 32.22 -14.95
N TYR A 45 77.86 32.22 -13.97
CA TYR A 45 78.06 31.52 -12.71
C TYR A 45 76.93 30.52 -12.46
N ILE A 46 77.28 29.41 -11.79
CA ILE A 46 76.31 28.48 -11.22
C ILE A 46 76.15 28.81 -9.75
N GLU A 47 74.94 28.62 -9.22
CA GLU A 47 74.67 28.76 -7.80
C GLU A 47 74.24 27.41 -7.24
N ASN A 48 75.01 26.89 -6.30
CA ASN A 48 74.67 25.64 -5.66
C ASN A 48 73.64 25.88 -4.55
N GLU A 49 73.15 24.79 -3.97
CA GLU A 49 72.15 24.91 -2.91
C GLU A 49 72.71 25.66 -1.71
N ASP A 50 73.95 25.35 -1.31
CA ASP A 50 74.56 26.07 -0.21
C ASP A 50 74.86 27.52 -0.57
N GLY A 51 75.03 27.82 -1.85
CA GLY A 51 75.26 29.18 -2.29
C GLY A 51 76.70 29.47 -2.64
N SER A 52 77.35 28.54 -3.32
CA SER A 52 78.75 28.66 -3.71
C SER A 52 78.81 28.96 -5.21
N HIS A 53 78.84 30.25 -5.55
CA HIS A 53 78.91 30.66 -6.94
C HIS A 53 80.22 30.20 -7.58
N VAL A 54 80.13 29.62 -8.77
CA VAL A 54 81.27 29.07 -9.49
C VAL A 54 81.11 29.34 -10.98
N GLN A 55 82.22 29.62 -11.64
CA GLN A 55 82.23 29.96 -13.06
C GLN A 55 82.28 28.71 -13.91
N ILE A 56 81.70 28.78 -15.10
CA ILE A 56 81.71 27.70 -16.07
C ILE A 56 81.91 28.26 -17.47
N THR A 57 81.99 27.37 -18.46
CA THR A 57 82.20 27.74 -19.83
C THR A 57 80.88 28.23 -20.45
N GLN A 58 80.99 29.23 -21.32
CA GLN A 58 79.82 29.98 -21.77
C GLN A 58 78.79 29.16 -22.53
N PRO A 59 79.14 28.35 -23.55
CA PRO A 59 78.09 27.70 -24.35
C PRO A 59 77.35 26.63 -23.56
N LEU A 60 76.36 27.06 -22.78
CA LEU A 60 75.58 26.19 -21.91
C LEU A 60 74.98 25.01 -22.66
N ILE A 61 74.68 23.93 -21.93
CA ILE A 61 74.18 22.70 -22.54
C ILE A 61 72.84 22.37 -21.90
N ILE A 62 71.93 21.84 -22.72
CA ILE A 62 70.56 21.53 -22.33
C ILE A 62 70.34 20.03 -22.47
N ASN A 63 69.70 19.42 -21.48
CA ASN A 63 69.39 18.00 -21.55
C ASN A 63 68.20 17.78 -22.50
N ALA A 64 67.71 16.55 -22.54
CA ALA A 64 66.60 16.21 -23.41
C ALA A 64 65.27 16.75 -22.92
N ALA A 65 65.20 17.26 -21.68
CA ALA A 65 63.95 17.74 -21.11
C ALA A 65 63.82 19.26 -21.16
N GLY A 66 64.88 19.98 -21.52
CA GLY A 66 64.86 21.42 -21.60
C GLY A 66 65.62 22.11 -20.48
N LYS A 67 65.77 21.45 -19.34
CA LYS A 67 66.44 22.07 -18.20
C LYS A 67 67.95 22.14 -18.44
N ILE A 68 68.57 23.22 -17.96
CA ILE A 68 70.01 23.39 -18.11
C ILE A 68 70.73 22.35 -17.28
N VAL A 69 71.86 21.86 -17.81
CA VAL A 69 72.61 20.77 -17.19
C VAL A 69 74.09 21.07 -17.24
N TYR A 70 74.79 20.80 -16.13
CA TYR A 70 76.24 20.82 -16.08
C TYR A 70 76.71 19.54 -15.43
N ASN A 71 77.50 18.75 -16.16
CA ASN A 71 78.03 17.47 -15.68
C ASN A 71 76.90 16.54 -15.26
N GLY A 72 75.89 16.42 -16.12
CA GLY A 72 74.80 15.49 -15.87
C GLY A 72 73.92 15.83 -14.69
N GLN A 73 73.95 17.07 -14.21
CA GLN A 73 73.15 17.49 -13.07
C GLN A 73 72.47 18.81 -13.37
N LEU A 74 71.28 18.98 -12.82
CA LEU A 74 70.58 20.25 -12.95
C LEU A 74 71.27 21.32 -12.14
N VAL A 75 71.39 22.51 -12.71
CA VAL A 75 72.07 23.64 -12.08
C VAL A 75 71.26 24.90 -12.33
N LYS A 76 71.50 25.90 -11.49
CA LYS A 76 70.89 27.21 -11.63
C LYS A 76 71.94 28.18 -12.14
N ILE A 77 71.67 28.79 -13.29
CA ILE A 77 72.63 29.63 -13.98
C ILE A 77 72.33 31.09 -13.67
N VAL A 78 73.33 31.80 -13.14
CA VAL A 78 73.17 33.21 -12.80
C VAL A 78 74.30 34.00 -13.44
N THR A 79 74.07 35.31 -13.55
CA THR A 79 75.05 36.24 -14.06
C THR A 79 75.11 37.46 -13.14
N VAL A 80 76.28 38.11 -13.10
CA VAL A 80 76.46 39.27 -12.24
C VAL A 80 75.86 40.54 -12.84
N GLN A 81 75.48 40.51 -14.11
CA GLN A 81 74.97 41.70 -14.78
C GLN A 81 73.86 41.30 -15.75
N GLY A 82 73.04 42.28 -16.10
CA GLY A 82 71.98 42.02 -17.07
C GLY A 82 72.54 41.55 -18.39
N HIS A 83 71.87 40.57 -18.98
CA HIS A 83 72.37 39.89 -20.16
C HIS A 83 71.34 39.90 -21.27
N SER A 84 71.66 39.19 -22.35
CA SER A 84 70.77 39.03 -23.50
C SER A 84 70.82 37.56 -23.91
N MET A 85 69.84 36.78 -23.45
CA MET A 85 69.84 35.36 -23.72
C MET A 85 69.65 35.08 -25.20
N ALA A 86 70.30 34.02 -25.69
CA ALA A 86 70.16 33.59 -27.08
C ALA A 86 70.16 32.07 -27.10
N ILE A 87 69.00 31.48 -27.33
CA ILE A 87 68.82 30.03 -27.30
C ILE A 87 68.91 29.51 -28.73
N TYR A 88 69.69 28.45 -28.92
CA TYR A 88 69.83 27.78 -30.20
C TYR A 88 69.61 26.29 -30.04
N ASP A 89 68.94 25.69 -31.02
CA ASP A 89 68.65 24.26 -31.01
C ASP A 89 69.92 23.48 -31.38
N ALA A 90 69.84 22.16 -31.20
CA ALA A 90 70.99 21.29 -31.48
C ALA A 90 71.38 21.36 -32.95
N ASN A 91 70.39 21.33 -33.84
CA ASN A 91 70.69 21.41 -35.27
C ASN A 91 71.34 22.74 -35.62
N GLY A 92 70.95 23.81 -34.94
CA GLY A 92 71.48 25.13 -35.20
C GLY A 92 70.44 26.05 -35.82
N SER A 93 69.82 26.87 -34.99
CA SER A 93 68.78 27.79 -35.42
C SER A 93 68.47 28.72 -34.26
N GLN A 94 68.13 29.97 -34.59
CA GLN A 94 67.79 30.97 -33.58
C GLN A 94 66.33 30.75 -33.19
N VAL A 95 66.11 29.77 -32.31
CA VAL A 95 64.76 29.46 -31.86
C VAL A 95 64.19 30.61 -31.05
N ASP A 96 65.03 31.30 -30.28
CA ASP A 96 64.57 32.43 -29.50
C ASP A 96 65.73 33.38 -29.28
N TYR A 97 65.39 34.64 -28.98
CA TYR A 97 66.38 35.67 -28.70
C TYR A 97 65.72 36.79 -27.92
N ILE A 98 66.38 37.21 -26.84
CA ILE A 98 65.84 38.31 -25.97
C ILE A 98 66.94 39.36 -25.81
N ALA A 99 66.68 40.61 -26.22
CA ALA A 99 67.72 41.67 -26.16
C ALA A 99 68.13 41.95 -24.72
N ASN A 100 67.16 42.16 -23.83
CA ASN A 100 67.48 42.37 -22.39
C ASN A 100 66.49 41.56 -21.55
N VAL A 101 66.99 40.53 -20.83
CA VAL A 101 66.07 39.63 -20.08
C VAL A 101 65.33 40.44 -19.00
N LEU A 102 66.04 41.33 -18.27
CA LEU A 102 65.40 42.07 -17.16
C LEU A 102 65.02 43.48 -17.61
N LYS A 103 65.40 43.88 -18.83
CA LYS A 103 65.09 45.23 -19.37
C LYS A 103 65.96 46.28 -18.69
N TYR A 104 66.83 45.86 -17.77
CA TYR A 104 67.78 46.81 -17.12
C TYR A 104 68.99 46.03 -16.58
N ASP A 105 70.19 46.59 -16.73
CA ASP A 105 71.42 45.92 -16.25
C ASP A 105 71.56 46.17 -14.74
N PRO A 106 71.25 45.20 -13.86
CA PRO A 106 71.30 45.45 -12.43
C PRO A 106 72.69 46.00 -12.06
N ASP A 107 73.75 45.39 -12.59
CA ASP A 107 75.13 45.82 -12.22
C ASP A 107 75.22 47.34 -12.31
N GLN A 108 75.09 47.90 -13.52
CA GLN A 108 75.22 49.37 -13.68
C GLN A 108 74.15 50.06 -12.84
N TYR A 109 72.92 49.55 -12.88
CA TYR A 109 71.81 50.21 -12.15
C TYR A 109 72.14 50.21 -10.66
N SER A 110 72.82 49.18 -10.18
CA SER A 110 73.25 49.17 -8.75
C SER A 110 74.02 50.46 -8.51
N ILE A 111 74.70 50.97 -9.53
CA ILE A 111 75.45 52.26 -9.41
C ILE A 111 76.52 52.09 -8.32
N ALA B 1 40.58 -9.71 43.22
CA ALA B 1 40.77 -9.52 41.79
C ALA B 1 41.98 -8.61 41.54
N ASN B 2 43.17 -9.09 41.87
CA ASN B 2 44.38 -8.31 41.77
C ASN B 2 45.33 -8.79 40.68
N VAL B 3 45.62 -10.08 40.65
CA VAL B 3 46.61 -10.62 39.73
C VAL B 3 45.91 -11.17 38.50
N VAL B 4 46.69 -11.38 37.45
CA VAL B 4 46.20 -11.89 36.17
C VAL B 4 46.56 -13.36 36.08
N VAL B 5 45.60 -14.18 35.63
CA VAL B 5 45.87 -15.60 35.43
C VAL B 5 46.98 -15.76 34.40
N SER B 6 47.96 -16.58 34.74
CA SER B 6 49.16 -16.72 33.91
C SER B 6 49.82 -18.04 34.24
N ASN B 7 50.18 -18.80 33.21
CA ASN B 7 50.86 -20.07 33.40
C ASN B 7 52.19 -19.83 34.12
N PRO B 8 52.38 -20.39 35.31
CA PRO B 8 53.65 -20.19 36.02
C PRO B 8 54.72 -21.18 35.59
N ARG B 9 54.29 -22.34 35.09
CA ARG B 9 55.25 -23.35 34.68
C ARG B 9 56.13 -22.81 33.55
N PRO B 10 57.45 -22.96 33.64
CA PRO B 10 58.32 -22.38 32.63
C PRO B 10 58.50 -23.25 31.40
N ILE B 11 58.36 -22.66 30.23
CA ILE B 11 58.60 -23.34 28.96
C ILE B 11 59.84 -22.73 28.32
N PHE B 12 60.78 -23.59 27.94
CA PHE B 12 62.06 -23.16 27.38
C PHE B 12 62.06 -23.39 25.88
N THR B 13 62.33 -22.32 25.11
CA THR B 13 62.37 -22.38 23.66
C THR B 13 63.69 -21.81 23.17
N GLU B 14 64.09 -22.24 21.97
CA GLU B 14 65.37 -21.79 21.42
C GLU B 14 65.32 -20.30 21.12
N SER B 15 66.50 -19.67 21.20
CA SER B 15 66.56 -18.21 21.10
C SER B 15 66.31 -17.72 19.67
N ARG B 16 66.92 -18.37 18.69
CA ARG B 16 66.88 -17.90 17.31
C ARG B 16 65.75 -18.52 16.49
N SER B 17 64.94 -19.39 17.08
CA SER B 17 63.85 -20.02 16.33
C SER B 17 62.80 -20.50 17.30
N PHE B 18 61.60 -20.72 16.79
CA PHE B 18 60.45 -21.12 17.61
C PHE B 18 60.32 -22.64 17.62
N LYS B 19 61.21 -23.27 18.41
CA LYS B 19 61.12 -24.69 18.70
C LYS B 19 61.51 -24.91 20.15
N ALA B 20 60.95 -25.97 20.74
CA ALA B 20 61.35 -26.37 22.07
C ALA B 20 62.78 -26.93 22.04
N VAL B 21 63.46 -26.84 23.17
CA VAL B 21 64.79 -27.44 23.31
C VAL B 21 64.55 -28.89 23.73
N ALA B 22 64.30 -29.73 22.75
CA ALA B 22 63.98 -31.13 23.00
C ALA B 22 65.21 -31.86 23.52
N ASN B 23 65.06 -32.56 24.64
CA ASN B 23 66.14 -33.31 25.27
C ASN B 23 67.35 -32.41 25.52
N GLY B 24 67.07 -31.17 25.91
CA GLY B 24 68.12 -30.21 26.21
C GLY B 24 68.65 -30.40 27.61
N LYS B 25 69.53 -29.48 28.01
CA LYS B 25 70.22 -29.57 29.29
C LYS B 25 70.25 -28.20 29.93
N ILE B 26 70.00 -28.16 31.24
CA ILE B 26 70.10 -26.95 32.04
C ILE B 26 71.13 -27.19 33.13
N TYR B 27 72.14 -26.32 33.19
CA TYR B 27 73.14 -26.36 34.24
C TYR B 27 72.97 -25.14 35.13
N ILE B 28 72.83 -25.37 36.43
CA ILE B 28 72.55 -24.32 37.40
C ILE B 28 73.82 -24.11 38.22
N GLY B 29 74.54 -23.02 37.95
CA GLY B 29 75.82 -22.75 38.57
C GLY B 29 75.79 -21.60 39.57
N GLN B 30 76.95 -21.40 40.20
CA GLN B 30 77.13 -20.31 41.14
C GLN B 30 77.01 -18.96 40.44
N ILE B 31 77.08 -17.90 41.26
CA ILE B 31 76.98 -16.54 40.73
C ILE B 31 78.15 -16.26 39.81
N ASP B 32 77.87 -15.62 38.67
CA ASP B 32 78.88 -15.11 37.74
C ASP B 32 79.95 -16.15 37.45
N THR B 33 79.52 -17.31 36.97
CA THR B 33 80.46 -18.36 36.61
C THR B 33 79.80 -19.29 35.60
N ASP B 34 80.64 -20.09 34.94
CA ASP B 34 80.21 -21.01 33.89
C ASP B 34 79.69 -22.26 34.58
N PRO B 35 78.40 -22.56 34.47
CA PRO B 35 77.84 -23.73 35.16
C PRO B 35 78.28 -25.08 34.60
N VAL B 36 78.91 -25.12 33.42
CA VAL B 36 79.28 -26.41 32.84
C VAL B 36 80.31 -27.11 33.71
N ASN B 37 81.26 -26.36 34.27
CA ASN B 37 82.25 -26.92 35.17
C ASN B 37 81.55 -27.60 36.35
N PRO B 38 81.85 -28.87 36.63
CA PRO B 38 81.20 -29.55 37.77
C PRO B 38 81.36 -28.81 39.08
N ALA B 39 82.51 -28.19 39.32
CA ALA B 39 82.72 -27.47 40.56
C ALA B 39 81.73 -26.33 40.72
N ASN B 40 81.51 -25.57 39.65
CA ASN B 40 80.55 -24.47 39.70
C ASN B 40 79.13 -24.95 39.45
N GLN B 41 78.67 -25.90 40.27
CA GLN B 41 77.29 -26.38 40.20
C GLN B 41 76.74 -26.46 41.61
N ILE B 42 75.66 -25.74 41.87
CA ILE B 42 75.04 -25.71 43.19
C ILE B 42 74.07 -26.88 43.32
N PRO B 43 73.60 -27.22 44.51
CA PRO B 43 72.59 -28.28 44.63
C PRO B 43 71.20 -27.76 44.30
N VAL B 44 70.51 -28.47 43.40
CA VAL B 44 69.19 -28.07 42.93
C VAL B 44 68.16 -29.04 43.49
N TYR B 45 67.20 -28.51 44.26
CA TYR B 45 66.16 -29.30 44.87
C TYR B 45 64.87 -29.26 44.05
N ILE B 46 64.11 -30.36 44.10
CA ILE B 46 62.75 -30.38 43.59
C ILE B 46 61.80 -30.12 44.75
N GLU B 47 60.73 -29.38 44.49
CA GLU B 47 59.72 -29.10 45.49
C GLU B 47 58.39 -29.71 45.03
N ASN B 48 57.94 -30.72 45.76
CA ASN B 48 56.71 -31.42 45.39
C ASN B 48 55.49 -30.62 45.83
N GLU B 49 54.31 -31.13 45.46
CA GLU B 49 53.07 -30.43 45.79
C GLU B 49 52.88 -30.32 47.30
N ASP B 50 53.18 -31.39 48.03
CA ASP B 50 53.10 -31.33 49.48
C ASP B 50 54.18 -30.42 50.06
N GLY B 51 55.30 -30.25 49.36
CA GLY B 51 56.36 -29.38 49.83
C GLY B 51 57.52 -30.15 50.42
N SER B 52 57.88 -31.28 49.79
CA SER B 52 58.95 -32.15 50.27
C SER B 52 60.16 -31.95 49.37
N HIS B 53 61.03 -31.02 49.77
CA HIS B 53 62.23 -30.73 48.99
C HIS B 53 63.18 -31.92 48.98
N VAL B 54 63.66 -32.28 47.79
CA VAL B 54 64.56 -33.41 47.60
C VAL B 54 65.63 -33.02 46.58
N GLN B 55 66.86 -33.47 46.82
CA GLN B 55 67.98 -33.13 45.96
C GLN B 55 68.08 -34.13 44.80
N ILE B 56 68.58 -33.64 43.66
CA ILE B 56 68.71 -34.44 42.45
C ILE B 56 70.03 -34.10 41.77
N THR B 57 70.29 -34.79 40.66
CA THR B 57 71.55 -34.64 39.93
C THR B 57 71.52 -33.37 39.09
N GLN B 58 72.68 -32.71 38.99
CA GLN B 58 72.71 -31.35 38.44
C GLN B 58 72.29 -31.25 36.98
N PRO B 59 72.81 -32.05 36.03
CA PRO B 59 72.47 -31.80 34.63
C PRO B 59 71.02 -32.10 34.30
N LEU B 60 70.16 -31.13 34.57
CA LEU B 60 68.71 -31.23 34.40
C LEU B 60 68.35 -31.66 32.97
N ILE B 61 67.21 -32.30 32.81
CA ILE B 61 66.77 -32.82 31.52
C ILE B 61 65.45 -32.17 31.15
N ILE B 62 65.30 -31.86 29.87
CA ILE B 62 64.13 -31.18 29.34
C ILE B 62 63.40 -32.13 28.40
N ASN B 63 62.08 -32.26 28.59
CA ASN B 63 61.30 -33.11 27.70
C ASN B 63 61.09 -32.42 26.36
N ALA B 64 60.32 -33.06 25.48
CA ALA B 64 60.12 -32.56 24.13
C ALA B 64 59.30 -31.28 24.08
N ALA B 65 58.63 -30.91 25.17
CA ALA B 65 57.78 -29.73 25.19
C ALA B 65 58.46 -28.50 25.76
N GLY B 66 59.66 -28.63 26.32
CA GLY B 66 60.40 -27.54 26.91
C GLY B 66 60.37 -27.53 28.42
N LYS B 67 59.34 -28.14 29.02
CA LYS B 67 59.22 -28.16 30.47
C LYS B 67 60.24 -29.12 31.08
N ILE B 68 60.77 -28.74 32.25
CA ILE B 68 61.70 -29.60 32.96
C ILE B 68 60.99 -30.88 33.40
N VAL B 69 61.71 -31.99 33.38
CA VAL B 69 61.09 -33.29 33.63
C VAL B 69 62.05 -34.15 34.45
N TYR B 70 61.49 -34.97 35.33
CA TYR B 70 62.24 -35.99 36.06
C TYR B 70 61.41 -37.26 36.07
N ASN B 71 62.00 -38.36 35.61
CA ASN B 71 61.34 -39.67 35.58
C ASN B 71 60.02 -39.62 34.82
N GLY B 72 60.01 -38.87 33.71
CA GLY B 72 58.80 -38.74 32.93
C GLY B 72 57.70 -37.95 33.59
N GLN B 73 58.03 -37.13 34.59
CA GLN B 73 57.04 -36.32 35.29
C GLN B 73 57.56 -34.89 35.41
N LEU B 74 56.64 -33.94 35.30
CA LEU B 74 57.01 -32.54 35.44
C LEU B 74 57.35 -32.23 36.89
N VAL B 75 58.39 -31.42 37.08
CA VAL B 75 58.86 -31.04 38.40
C VAL B 75 59.20 -29.56 38.41
N LYS B 76 59.24 -29.00 39.62
CA LYS B 76 59.66 -27.63 39.84
C LYS B 76 61.02 -27.65 40.53
N ILE B 77 62.00 -26.99 39.92
CA ILE B 77 63.37 -27.00 40.40
C ILE B 77 63.60 -25.74 41.22
N VAL B 78 64.04 -25.91 42.47
CA VAL B 78 64.32 -24.78 43.34
C VAL B 78 65.73 -24.91 43.88
N THR B 79 66.31 -23.76 44.25
CA THR B 79 67.64 -23.69 44.80
C THR B 79 67.62 -22.79 46.03
N VAL B 80 68.51 -23.06 46.99
CA VAL B 80 68.52 -22.31 48.23
C VAL B 80 69.41 -21.07 48.15
N GLN B 81 70.08 -20.84 47.02
CA GLN B 81 70.78 -19.58 46.81
C GLN B 81 70.65 -19.18 45.35
N GLY B 82 70.89 -17.90 45.10
CA GLY B 82 70.80 -17.39 43.73
C GLY B 82 71.80 -18.08 42.82
N HIS B 83 71.39 -18.26 41.57
CA HIS B 83 72.19 -19.06 40.64
C HIS B 83 72.44 -18.34 39.33
N SER B 84 73.00 -19.06 38.36
CA SER B 84 73.23 -18.55 37.01
C SER B 84 72.79 -19.63 36.03
N MET B 85 71.55 -19.53 35.56
CA MET B 85 71.01 -20.55 34.67
C MET B 85 71.76 -20.56 33.34
N ALA B 86 72.00 -21.76 32.82
CA ALA B 86 72.69 -21.95 31.54
C ALA B 86 72.01 -23.09 30.80
N ILE B 87 71.27 -22.75 29.75
CA ILE B 87 70.51 -23.72 28.98
C ILE B 87 71.33 -24.13 27.77
N TYR B 88 71.44 -25.44 27.54
CA TYR B 88 72.10 -25.97 26.35
C TYR B 88 71.17 -26.93 25.63
N ASP B 89 71.20 -26.86 24.30
CA ASP B 89 70.35 -27.69 23.46
C ASP B 89 70.92 -29.10 23.39
N ALA B 90 70.10 -30.04 22.88
CA ALA B 90 70.51 -31.43 22.82
C ALA B 90 71.76 -31.62 21.97
N ASN B 91 71.82 -30.95 20.81
CA ASN B 91 73.01 -31.04 19.98
C ASN B 91 74.25 -30.52 20.70
N GLY B 92 74.07 -29.49 21.53
CA GLY B 92 75.17 -28.88 22.26
C GLY B 92 75.48 -27.50 21.75
N SER B 93 74.97 -26.49 22.45
CA SER B 93 75.14 -25.09 22.08
C SER B 93 74.63 -24.23 23.22
N GLN B 94 75.26 -23.08 23.41
CA GLN B 94 74.86 -22.13 24.43
C GLN B 94 73.70 -21.31 23.88
N VAL B 95 72.50 -21.90 23.92
CA VAL B 95 71.31 -21.23 23.42
C VAL B 95 71.00 -20.01 24.27
N ASP B 96 71.26 -20.09 25.58
CA ASP B 96 71.03 -18.96 26.46
C ASP B 96 72.00 -19.05 27.62
N TYR B 97 72.17 -17.92 28.31
CA TYR B 97 73.05 -17.83 29.47
C TYR B 97 72.66 -16.61 30.28
N ILE B 98 72.59 -16.78 31.60
CA ILE B 98 72.24 -15.70 32.50
C ILE B 98 73.39 -15.52 33.49
N ALA B 99 73.90 -14.30 33.60
CA ALA B 99 74.93 -14.03 34.59
C ALA B 99 74.40 -14.24 36.00
N ASN B 100 73.29 -13.59 36.33
CA ASN B 100 72.59 -13.80 37.60
C ASN B 100 71.09 -13.68 37.36
N VAL B 101 70.37 -14.79 37.53
CA VAL B 101 68.94 -14.83 37.16
C VAL B 101 68.15 -13.82 37.98
N LEU B 102 68.33 -13.82 39.29
CA LEU B 102 67.50 -13.00 40.16
C LEU B 102 68.11 -11.64 40.46
N LYS B 103 69.39 -11.46 40.14
CA LYS B 103 70.19 -10.23 40.28
C LYS B 103 70.57 -9.97 41.73
N TYR B 104 70.29 -10.88 42.65
CA TYR B 104 70.79 -10.78 44.03
C TYR B 104 70.71 -12.16 44.64
N ASP B 105 71.82 -12.64 45.20
CA ASP B 105 71.89 -13.93 45.89
C ASP B 105 71.10 -13.89 47.19
N PRO B 106 69.96 -14.57 47.28
CA PRO B 106 69.16 -14.52 48.51
C PRO B 106 69.90 -15.04 49.72
N ASP B 107 70.64 -16.13 49.59
CA ASP B 107 71.33 -16.77 50.71
C ASP B 107 72.12 -15.77 51.54
N GLN B 108 73.12 -15.13 50.93
CA GLN B 108 73.94 -14.17 51.65
C GLN B 108 73.13 -12.96 52.08
N TYR B 109 72.25 -12.47 51.21
CA TYR B 109 71.49 -11.25 51.52
C TYR B 109 70.53 -11.45 52.69
N SER B 110 70.17 -12.70 53.00
CA SER B 110 69.20 -12.97 54.07
C SER B 110 69.64 -12.38 55.40
N ILE B 111 70.94 -12.17 55.60
CA ILE B 111 71.42 -11.58 56.83
C ILE B 111 71.10 -10.09 56.88
N ALA C 1 -12.46 -36.08 46.22
CA ALA C 1 -11.23 -35.64 45.56
C ALA C 1 -10.03 -35.80 46.48
N ASN C 2 -9.82 -37.03 46.97
CA ASN C 2 -8.76 -37.30 47.92
C ASN C 2 -7.71 -38.27 47.39
N VAL C 3 -8.13 -39.40 46.84
CA VAL C 3 -7.21 -40.45 46.43
C VAL C 3 -6.96 -40.36 44.94
N VAL C 4 -5.90 -41.03 44.50
CA VAL C 4 -5.51 -41.08 43.10
C VAL C 4 -5.94 -42.41 42.52
N VAL C 5 -6.53 -42.38 41.33
CA VAL C 5 -6.96 -43.61 40.67
C VAL C 5 -5.74 -44.46 40.38
N SER C 6 -5.80 -45.73 40.79
CA SER C 6 -4.67 -46.64 40.65
C SER C 6 -5.20 -48.05 40.49
N ASN C 7 -4.49 -48.84 39.70
CA ASN C 7 -4.88 -50.23 39.50
C ASN C 7 -4.61 -51.01 40.79
N PRO C 8 -5.62 -51.56 41.44
CA PRO C 8 -5.37 -52.31 42.67
C PRO C 8 -4.95 -53.74 42.41
N ARG C 9 -5.33 -54.28 41.27
CA ARG C 9 -4.98 -55.66 40.93
C ARG C 9 -3.46 -55.79 40.87
N PRO C 10 -2.90 -56.81 41.52
CA PRO C 10 -1.44 -56.94 41.54
C PRO C 10 -0.88 -57.67 40.33
N ILE C 11 0.11 -57.08 39.68
CA ILE C 11 0.80 -57.70 38.56
C ILE C 11 2.20 -58.08 39.00
N PHE C 12 2.56 -59.35 38.82
CA PHE C 12 3.85 -59.86 39.25
C PHE C 12 4.78 -59.97 38.05
N THR C 13 5.97 -59.38 38.17
CA THR C 13 6.97 -59.42 37.12
C THR C 13 8.30 -59.88 37.69
N GLU C 14 9.13 -60.43 36.82
CA GLU C 14 10.42 -60.95 37.26
C GLU C 14 11.33 -59.79 37.71
N SER C 15 12.20 -60.09 38.67
CA SER C 15 12.98 -59.02 39.31
C SER C 15 14.06 -58.50 38.38
N ARG C 16 14.79 -59.38 37.71
CA ARG C 16 15.95 -58.97 36.93
C ARG C 16 15.63 -58.65 35.47
N SER C 17 14.38 -58.78 35.05
CA SER C 17 14.01 -58.46 33.68
C SER C 17 12.52 -58.17 33.62
N PHE C 18 12.10 -57.48 32.55
CA PHE C 18 10.73 -57.03 32.41
C PHE C 18 9.97 -58.06 31.58
N LYS C 19 9.57 -59.14 32.26
CA LYS C 19 8.64 -60.12 31.71
C LYS C 19 7.72 -60.58 32.83
N ALA C 20 6.49 -60.93 32.46
CA ALA C 20 5.58 -61.52 33.42
C ALA C 20 6.06 -62.92 33.79
N VAL C 21 5.71 -63.36 35.00
CA VAL C 21 6.08 -64.71 35.46
C VAL C 21 4.97 -65.63 34.96
N ALA C 22 5.10 -66.05 33.71
CA ALA C 22 4.08 -66.89 33.09
C ALA C 22 4.09 -68.27 33.72
N ASN C 23 2.91 -68.74 34.11
CA ASN C 23 2.74 -70.05 34.74
C ASN C 23 3.65 -70.19 35.96
N GLY C 24 3.77 -69.11 36.72
CA GLY C 24 4.60 -69.09 37.91
C GLY C 24 3.90 -69.73 39.08
N LYS C 25 4.50 -69.56 40.26
CA LYS C 25 3.95 -70.13 41.49
C LYS C 25 4.17 -69.16 42.63
N ILE C 26 3.15 -69.02 43.48
CA ILE C 26 3.23 -68.22 44.69
C ILE C 26 2.89 -69.11 45.87
N TYR C 27 3.78 -69.17 46.85
CA TYR C 27 3.57 -69.94 48.08
C TYR C 27 3.41 -68.97 49.24
N ILE C 28 2.31 -69.09 49.97
CA ILE C 28 2.00 -68.21 51.09
C ILE C 28 2.31 -68.96 52.38
N GLY C 29 3.33 -68.49 53.10
CA GLY C 29 3.80 -69.15 54.30
C GLY C 29 3.71 -68.27 55.54
N GLN C 30 4.04 -68.88 56.68
CA GLN C 30 4.04 -68.18 57.94
C GLN C 30 5.12 -67.10 57.98
N ILE C 31 5.07 -66.26 59.01
CA ILE C 31 6.06 -65.21 59.17
C ILE C 31 7.45 -65.83 59.34
N ASP C 32 8.43 -65.27 58.62
CA ASP C 32 9.82 -65.65 58.73
C ASP C 32 10.02 -67.17 58.61
N THR C 33 9.58 -67.71 57.49
CA THR C 33 9.80 -69.11 57.18
C THR C 33 9.69 -69.32 55.68
N ASP C 34 10.27 -70.41 55.21
CA ASP C 34 10.27 -70.76 53.79
C ASP C 34 8.93 -71.39 53.42
N PRO C 35 8.11 -70.71 52.60
CA PRO C 35 6.78 -71.25 52.29
C PRO C 35 6.79 -72.49 51.41
N VAL C 36 7.95 -72.90 50.88
CA VAL C 36 7.99 -74.08 50.02
C VAL C 36 7.60 -75.32 50.82
N ASN C 37 8.06 -75.40 52.06
CA ASN C 37 7.71 -76.51 52.94
C ASN C 37 6.18 -76.59 53.09
N PRO C 38 5.57 -77.74 52.82
CA PRO C 38 4.11 -77.85 52.98
C PRO C 38 3.62 -77.49 54.37
N ALA C 39 4.40 -77.82 55.40
CA ALA C 39 4.00 -77.49 56.77
C ALA C 39 3.89 -75.99 56.96
N ASN C 40 4.86 -75.23 56.45
CA ASN C 40 4.85 -73.79 56.59
C ASN C 40 4.00 -73.13 55.50
N GLN C 41 2.74 -73.57 55.38
CA GLN C 41 1.79 -72.94 54.47
C GLN C 41 0.49 -72.72 55.21
N ILE C 42 0.01 -71.49 55.21
CA ILE C 42 -1.18 -71.11 55.96
C ILE C 42 -2.41 -71.35 55.08
N PRO C 43 -3.60 -71.52 55.66
CA PRO C 43 -4.81 -71.57 54.83
C PRO C 43 -5.01 -70.25 54.10
N VAL C 44 -5.48 -70.33 52.86
CA VAL C 44 -5.57 -69.19 51.96
C VAL C 44 -6.96 -69.13 51.35
N TYR C 45 -7.50 -67.93 51.22
CA TYR C 45 -8.88 -67.74 50.78
C TYR C 45 -8.95 -66.80 49.58
N ILE C 46 -9.97 -67.01 48.74
CA ILE C 46 -10.38 -66.08 47.71
C ILE C 46 -11.61 -65.33 48.20
N GLU C 47 -11.72 -64.05 47.82
CA GLU C 47 -12.93 -63.27 48.07
C GLU C 47 -13.57 -62.90 46.75
N ASN C 48 -14.80 -63.36 46.54
CA ASN C 48 -15.55 -63.00 45.36
C ASN C 48 -16.09 -61.58 45.49
N GLU C 49 -16.72 -61.10 44.41
CA GLU C 49 -17.24 -59.74 44.42
C GLU C 49 -18.33 -59.57 45.47
N ASP C 50 -19.21 -60.56 45.62
CA ASP C 50 -20.22 -60.48 46.67
C ASP C 50 -19.61 -60.55 48.06
N GLY C 51 -18.43 -61.15 48.19
CA GLY C 51 -17.76 -61.24 49.47
C GLY C 51 -17.88 -62.61 50.11
N SER C 52 -17.78 -63.66 49.30
CA SER C 52 -17.92 -65.04 49.75
C SER C 52 -16.55 -65.68 49.81
N HIS C 53 -15.92 -65.62 50.98
CA HIS C 53 -14.59 -66.19 51.15
C HIS C 53 -14.64 -67.71 51.04
N VAL C 54 -13.71 -68.28 50.27
CA VAL C 54 -13.63 -69.71 50.02
C VAL C 54 -12.17 -70.13 50.01
N GLN C 55 -11.89 -71.31 50.57
CA GLN C 55 -10.52 -71.82 50.67
C GLN C 55 -10.12 -72.54 49.39
N ILE C 56 -8.83 -72.45 49.05
CA ILE C 56 -8.29 -73.08 47.85
C ILE C 56 -6.93 -73.70 48.19
N THR C 57 -6.37 -74.39 47.21
CA THR C 57 -5.10 -75.09 47.37
C THR C 57 -3.94 -74.10 47.35
N GLN C 58 -2.92 -74.40 48.16
CA GLN C 58 -1.89 -73.40 48.45
C GLN C 58 -1.05 -72.99 47.24
N PRO C 59 -0.49 -73.90 46.42
CA PRO C 59 0.44 -73.46 45.37
C PRO C 59 -0.25 -72.68 44.27
N LEU C 60 -0.43 -71.39 44.51
CA LEU C 60 -1.17 -70.51 43.61
C LEU C 60 -0.56 -70.55 42.20
N ILE C 61 -1.40 -70.25 41.21
CA ILE C 61 -1.01 -70.30 39.81
C ILE C 61 -1.18 -68.91 39.21
N ILE C 62 -0.22 -68.53 38.35
CA ILE C 62 -0.19 -67.22 37.72
C ILE C 62 -0.38 -67.41 36.22
N ASN C 63 -1.28 -66.63 35.63
CA ASN C 63 -1.49 -66.71 34.19
C ASN C 63 -0.34 -66.03 33.45
N ALA C 64 -0.48 -65.94 32.13
CA ALA C 64 0.60 -65.40 31.30
C ALA C 64 0.81 -63.90 31.49
N ALA C 65 -0.12 -63.21 32.15
CA ALA C 65 -0.02 -61.76 32.29
C ALA C 65 0.53 -61.32 33.64
N GLY C 66 0.73 -62.24 34.59
CA GLY C 66 1.24 -61.93 35.91
C GLY C 66 0.18 -61.94 36.98
N LYS C 67 -1.08 -61.73 36.62
CA LYS C 67 -2.16 -61.70 37.60
C LYS C 67 -2.48 -63.11 38.08
N ILE C 68 -2.83 -63.24 39.36
CA ILE C 68 -3.22 -64.52 39.92
C ILE C 68 -4.50 -64.99 39.26
N VAL C 69 -4.62 -66.31 39.05
CA VAL C 69 -5.75 -66.87 38.33
C VAL C 69 -6.20 -68.16 39.00
N TYR C 70 -7.51 -68.42 38.92
CA TYR C 70 -8.10 -69.69 39.34
C TYR C 70 -9.15 -70.07 38.32
N ASN C 71 -8.99 -71.26 37.72
CA ASN C 71 -9.95 -71.80 36.76
C ASN C 71 -10.15 -70.82 35.61
N GLY C 72 -9.05 -70.24 35.13
CA GLY C 72 -9.13 -69.31 34.02
C GLY C 72 -9.81 -68.00 34.33
N GLN C 73 -9.94 -67.64 35.60
CA GLN C 73 -10.58 -66.40 36.00
C GLN C 73 -9.72 -65.70 37.04
N LEU C 74 -9.67 -64.36 36.96
CA LEU C 74 -8.91 -63.59 37.93
C LEU C 74 -9.59 -63.64 39.30
N VAL C 75 -8.78 -63.75 40.34
CA VAL C 75 -9.27 -63.82 41.71
C VAL C 75 -8.41 -62.95 42.60
N LYS C 76 -8.96 -62.58 43.75
CA LYS C 76 -8.25 -61.83 44.78
C LYS C 76 -7.92 -62.80 45.92
N ILE C 77 -6.65 -62.89 46.25
CA ILE C 77 -6.17 -63.86 47.23
C ILE C 77 -6.00 -63.16 48.58
N VAL C 78 -6.68 -63.68 49.60
CA VAL C 78 -6.62 -63.10 50.93
C VAL C 78 -6.25 -64.19 51.93
N THR C 79 -5.69 -63.75 53.06
CA THR C 79 -5.32 -64.64 54.16
C THR C 79 -5.77 -64.02 55.47
N VAL C 80 -6.12 -64.87 56.43
CA VAL C 80 -6.65 -64.39 57.70
C VAL C 80 -5.55 -64.00 58.69
N GLN C 81 -4.30 -64.27 58.32
CA GLN C 81 -3.15 -63.90 59.19
C GLN C 81 -2.01 -63.34 58.34
N GLY C 82 -0.97 -62.80 59.00
CA GLY C 82 0.19 -62.27 58.26
C GLY C 82 0.83 -63.36 57.42
N HIS C 83 1.34 -63.00 56.24
CA HIS C 83 1.88 -64.04 55.31
C HIS C 83 3.29 -63.68 54.86
N SER C 84 4.04 -64.65 54.34
CA SER C 84 5.40 -64.39 53.80
C SER C 84 5.45 -64.89 52.37
N MET C 85 5.08 -64.04 51.40
CA MET C 85 5.00 -64.48 49.99
C MET C 85 6.37 -64.98 49.50
N ALA C 86 6.38 -65.98 48.62
CA ALA C 86 7.63 -66.47 48.02
C ALA C 86 7.33 -66.78 46.55
N ILE C 87 7.53 -65.80 45.66
CA ILE C 87 7.15 -65.99 44.22
C ILE C 87 8.20 -66.82 43.51
N TYR C 88 7.79 -67.89 42.83
CA TYR C 88 8.71 -68.70 42.05
C TYR C 88 8.25 -68.75 40.59
N ASP C 89 9.20 -68.67 39.68
CA ASP C 89 8.93 -68.68 38.25
C ASP C 89 8.61 -70.10 37.79
N ALA C 90 8.09 -70.22 36.57
CA ALA C 90 7.70 -71.51 36.03
C ALA C 90 8.88 -72.48 35.96
N ASN C 91 10.04 -72.00 35.50
CA ASN C 91 11.22 -72.85 35.45
C ASN C 91 11.63 -73.31 36.85
N GLY C 92 11.45 -72.45 37.85
CA GLY C 92 11.82 -72.76 39.21
C GLY C 92 13.00 -71.92 39.68
N SER C 93 12.71 -70.86 40.40
CA SER C 93 13.72 -69.93 40.88
C SER C 93 13.07 -68.99 41.88
N GLN C 94 13.84 -68.58 42.89
CA GLN C 94 13.36 -67.64 43.90
C GLN C 94 13.51 -66.23 43.32
N VAL C 95 12.54 -65.86 42.48
CA VAL C 95 12.58 -64.54 41.86
C VAL C 95 12.39 -63.45 42.91
N ASP C 96 11.57 -63.71 43.93
CA ASP C 96 11.37 -62.75 45.00
C ASP C 96 10.99 -63.49 46.27
N TYR C 97 11.26 -62.85 47.40
CA TYR C 97 10.92 -63.39 48.71
C TYR C 97 10.70 -62.24 49.68
N ILE C 98 9.62 -62.30 50.44
CA ILE C 98 9.29 -61.30 51.44
C ILE C 98 9.29 -61.99 52.80
N ALA C 99 10.14 -61.50 53.72
CA ALA C 99 10.17 -62.08 55.05
C ALA C 99 8.84 -61.88 55.77
N ASN C 100 8.28 -60.68 55.69
CA ASN C 100 6.98 -60.38 56.28
C ASN C 100 6.38 -59.20 55.54
N VAL C 101 5.23 -59.41 54.91
CA VAL C 101 4.68 -58.39 54.01
C VAL C 101 4.30 -57.13 54.79
N LEU C 102 3.59 -57.30 55.90
CA LEU C 102 3.11 -56.16 56.68
C LEU C 102 3.95 -55.88 57.92
N LYS C 103 4.98 -56.69 58.18
CA LYS C 103 5.87 -56.54 59.32
C LYS C 103 5.14 -56.73 60.65
N TYR C 104 3.94 -57.30 60.63
CA TYR C 104 3.26 -57.72 61.84
C TYR C 104 2.21 -58.75 61.46
N ASP C 105 1.74 -59.49 62.46
CA ASP C 105 0.74 -60.53 62.24
C ASP C 105 -0.60 -60.00 62.75
N PRO C 106 -1.51 -59.57 61.88
CA PRO C 106 -2.77 -58.99 62.36
C PRO C 106 -3.61 -59.95 63.17
N ASP C 107 -3.60 -61.25 62.86
CA ASP C 107 -4.42 -62.19 63.61
C ASP C 107 -3.99 -62.25 65.07
N GLN C 108 -2.68 -62.35 65.31
CA GLN C 108 -2.18 -62.37 66.68
C GLN C 108 -2.26 -60.99 67.33
N TYR C 109 -1.98 -59.94 66.56
CA TYR C 109 -1.95 -58.60 67.12
C TYR C 109 -3.33 -58.09 67.50
N SER C 110 -4.38 -58.58 66.83
CA SER C 110 -5.74 -58.15 67.16
C SER C 110 -6.11 -58.56 68.57
N ILE C 111 -5.69 -59.75 68.99
CA ILE C 111 -5.96 -60.23 70.33
C ILE C 111 -5.27 -59.35 71.36
N ALA D 1 -55.93 -19.54 9.87
CA ALA D 1 -54.63 -20.18 9.96
C ALA D 1 -54.60 -21.19 11.10
N ASN D 2 -55.38 -22.27 10.97
CA ASN D 2 -55.50 -23.26 12.03
C ASN D 2 -55.02 -24.63 11.62
N VAL D 3 -55.45 -25.14 10.47
CA VAL D 3 -55.17 -26.50 10.07
C VAL D 3 -53.98 -26.52 9.12
N VAL D 4 -53.33 -27.67 9.05
CA VAL D 4 -52.21 -27.91 8.14
C VAL D 4 -52.73 -28.65 6.92
N VAL D 5 -52.35 -28.18 5.73
CA VAL D 5 -52.81 -28.84 4.52
C VAL D 5 -52.27 -30.27 4.50
N SER D 6 -53.13 -31.20 4.09
CA SER D 6 -52.77 -32.61 4.10
C SER D 6 -53.63 -33.33 3.09
N ASN D 7 -53.04 -34.31 2.40
CA ASN D 7 -53.78 -35.10 1.44
C ASN D 7 -54.85 -35.88 2.17
N PRO D 8 -56.14 -35.58 1.98
CA PRO D 8 -57.18 -36.33 2.69
C PRO D 8 -57.57 -37.61 2.00
N ARG D 9 -57.35 -37.73 0.70
CA ARG D 9 -57.66 -38.98 0.01
C ARG D 9 -56.75 -40.08 0.53
N PRO D 10 -57.29 -41.20 0.99
CA PRO D 10 -56.47 -42.22 1.65
C PRO D 10 -55.70 -43.06 0.63
N ILE D 11 -54.42 -43.29 0.91
CA ILE D 11 -53.58 -44.19 0.14
C ILE D 11 -53.32 -45.43 0.98
N PHE D 12 -53.46 -46.60 0.37
CA PHE D 12 -53.34 -47.88 1.06
C PHE D 12 -52.07 -48.57 0.61
N THR D 13 -51.19 -48.90 1.56
CA THR D 13 -49.95 -49.57 1.30
C THR D 13 -49.85 -50.83 2.15
N GLU D 14 -49.08 -51.80 1.67
CA GLU D 14 -48.92 -53.06 2.38
C GLU D 14 -48.21 -52.83 3.71
N SER D 15 -48.54 -53.67 4.70
CA SER D 15 -48.05 -53.44 6.06
C SER D 15 -46.56 -53.73 6.17
N ARG D 16 -46.11 -54.83 5.58
CA ARG D 16 -44.73 -55.28 5.76
C ARG D 16 -43.77 -54.78 4.68
N SER D 17 -44.25 -53.98 3.73
CA SER D 17 -43.37 -53.46 2.68
C SER D 17 -43.97 -52.19 2.13
N PHE D 18 -43.12 -51.39 1.48
CA PHE D 18 -43.54 -50.10 0.91
C PHE D 18 -43.93 -50.33 -0.54
N LYS D 19 -45.13 -50.90 -0.73
CA LYS D 19 -45.73 -51.09 -2.04
C LYS D 19 -47.22 -50.84 -1.93
N ALA D 20 -47.83 -50.44 -3.04
CA ALA D 20 -49.27 -50.31 -3.07
C ALA D 20 -49.92 -51.69 -3.07
N VAL D 21 -51.18 -51.72 -2.64
CA VAL D 21 -51.99 -52.94 -2.78
C VAL D 21 -52.64 -52.84 -4.16
N ALA D 22 -51.88 -53.24 -5.17
CA ALA D 22 -52.33 -53.11 -6.55
C ALA D 22 -53.44 -54.12 -6.83
N ASN D 23 -54.56 -53.62 -7.35
CA ASN D 23 -55.73 -54.45 -7.65
C ASN D 23 -56.17 -55.22 -6.41
N GLY D 24 -56.07 -54.59 -5.25
CA GLY D 24 -56.47 -55.19 -4.01
C GLY D 24 -57.97 -55.08 -3.80
N LYS D 25 -58.41 -55.50 -2.62
CA LYS D 25 -59.83 -55.52 -2.30
C LYS D 25 -60.03 -54.99 -0.88
N ILE D 26 -61.08 -54.20 -0.70
CA ILE D 26 -61.50 -53.72 0.61
C ILE D 26 -62.92 -54.19 0.86
N TYR D 27 -63.13 -54.88 1.98
CA TYR D 27 -64.46 -55.32 2.39
C TYR D 27 -64.86 -54.54 3.63
N ILE D 28 -66.05 -53.95 3.59
CA ILE D 28 -66.56 -53.11 4.66
C ILE D 28 -67.66 -53.88 5.37
N GLY D 29 -67.41 -54.26 6.63
CA GLY D 29 -68.32 -55.09 7.39
C GLY D 29 -68.81 -54.42 8.66
N GLN D 30 -69.71 -55.13 9.36
CA GLN D 30 -70.25 -54.65 10.61
C GLN D 30 -69.15 -54.58 11.68
N ILE D 31 -69.51 -54.00 12.83
CA ILE D 31 -68.56 -53.90 13.93
C ILE D 31 -68.20 -55.29 14.44
N ASP D 32 -66.92 -55.51 14.68
CA ASP D 32 -66.39 -56.75 15.25
C ASP D 32 -66.93 -57.98 14.52
N THR D 33 -66.64 -58.04 13.22
CA THR D 33 -66.99 -59.21 12.43
C THR D 33 -66.11 -59.25 11.19
N ASP D 34 -66.00 -60.43 10.60
CA ASP D 34 -65.19 -60.64 9.41
C ASP D 34 -65.94 -60.15 8.18
N PRO D 35 -65.49 -59.08 7.53
CA PRO D 35 -66.22 -58.55 6.37
C PRO D 35 -66.16 -59.44 5.13
N VAL D 36 -65.28 -60.44 5.10
CA VAL D 36 -65.23 -61.34 3.94
C VAL D 36 -66.55 -62.08 3.78
N ASN D 37 -67.18 -62.44 4.88
CA ASN D 37 -68.49 -63.07 4.85
C ASN D 37 -69.49 -62.13 4.17
N PRO D 38 -70.16 -62.56 3.10
CA PRO D 38 -71.12 -61.67 2.42
C PRO D 38 -72.20 -61.13 3.34
N ALA D 39 -72.67 -61.94 4.29
CA ALA D 39 -73.72 -61.49 5.21
C ALA D 39 -73.25 -60.29 6.02
N ASN D 40 -72.01 -60.35 6.53
CA ASN D 40 -71.47 -59.25 7.32
C ASN D 40 -70.87 -58.16 6.44
N GLN D 41 -71.66 -57.63 5.51
CA GLN D 41 -71.25 -56.51 4.68
C GLN D 41 -72.38 -55.48 4.68
N ILE D 42 -72.06 -54.26 5.09
CA ILE D 42 -73.05 -53.20 5.20
C ILE D 42 -73.21 -52.51 3.85
N PRO D 43 -74.33 -51.86 3.57
CA PRO D 43 -74.43 -51.05 2.34
C PRO D 43 -73.42 -49.92 2.36
N VAL D 44 -72.87 -49.61 1.18
CA VAL D 44 -71.78 -48.67 1.06
C VAL D 44 -72.09 -47.67 -0.05
N TYR D 45 -71.73 -46.40 0.16
CA TYR D 45 -72.08 -45.33 -0.75
C TYR D 45 -70.84 -44.58 -1.23
N ILE D 46 -70.92 -44.06 -2.45
CA ILE D 46 -69.94 -43.09 -2.97
C ILE D 46 -70.53 -41.69 -2.79
N GLU D 47 -69.67 -40.71 -2.51
CA GLU D 47 -70.06 -39.31 -2.44
C GLU D 47 -69.38 -38.56 -3.57
N ASN D 48 -70.18 -37.99 -4.47
CA ASN D 48 -69.65 -37.19 -5.55
C ASN D 48 -69.33 -35.78 -5.05
N GLU D 49 -68.71 -34.99 -5.92
CA GLU D 49 -68.36 -33.62 -5.54
C GLU D 49 -69.59 -32.79 -5.22
N ASP D 50 -70.63 -32.92 -6.04
CA ASP D 50 -71.88 -32.20 -5.76
C ASP D 50 -72.57 -32.74 -4.51
N GLY D 51 -72.32 -33.99 -4.15
CA GLY D 51 -72.90 -34.56 -2.95
C GLY D 51 -74.07 -35.50 -3.22
N SER D 52 -73.95 -36.33 -4.24
CA SER D 52 -75.00 -37.27 -4.64
C SER D 52 -74.58 -38.67 -4.21
N HIS D 53 -75.00 -39.07 -3.02
CA HIS D 53 -74.66 -40.39 -2.51
C HIS D 53 -75.32 -41.47 -3.36
N VAL D 54 -74.53 -42.48 -3.74
CA VAL D 54 -74.97 -43.56 -4.61
C VAL D 54 -74.35 -44.86 -4.12
N GLN D 55 -75.11 -45.95 -4.22
CA GLN D 55 -74.69 -47.25 -3.73
C GLN D 55 -73.89 -48.00 -4.80
N ILE D 56 -72.96 -48.83 -4.35
CA ILE D 56 -72.14 -49.65 -5.22
C ILE D 56 -71.98 -51.04 -4.61
N THR D 57 -71.29 -51.92 -5.34
CA THR D 57 -71.08 -53.29 -4.91
C THR D 57 -69.96 -53.35 -3.87
N GLN D 58 -70.13 -54.24 -2.90
CA GLN D 58 -69.30 -54.21 -1.69
C GLN D 58 -67.81 -54.43 -1.95
N PRO D 59 -67.38 -55.46 -2.69
CA PRO D 59 -65.93 -55.73 -2.76
C PRO D 59 -65.18 -54.66 -3.55
N LEU D 60 -64.86 -53.56 -2.87
CA LEU D 60 -64.21 -52.40 -3.45
C LEU D 60 -62.93 -52.77 -4.20
N ILE D 61 -62.54 -51.95 -5.17
CA ILE D 61 -61.37 -52.22 -6.00
C ILE D 61 -60.39 -51.06 -5.83
N ILE D 62 -59.10 -51.40 -5.80
CA ILE D 62 -58.04 -50.44 -5.60
C ILE D 62 -57.16 -50.42 -6.85
N ASN D 63 -56.88 -49.22 -7.35
CA ASN D 63 -56.02 -49.09 -8.53
C ASN D 63 -54.57 -49.34 -8.15
N ALA D 64 -53.67 -49.15 -9.11
CA ALA D 64 -52.26 -49.45 -8.91
C ALA D 64 -51.57 -48.49 -7.95
N ALA D 65 -52.20 -47.38 -7.59
CA ALA D 65 -51.59 -46.38 -6.73
C ALA D 65 -52.01 -46.47 -5.27
N GLY D 66 -52.99 -47.31 -4.96
CA GLY D 66 -53.49 -47.46 -3.61
C GLY D 66 -54.82 -46.78 -3.36
N LYS D 67 -55.13 -45.74 -4.14
CA LYS D 67 -56.39 -45.03 -3.97
C LYS D 67 -57.55 -45.87 -4.47
N ILE D 68 -58.69 -45.77 -3.77
CA ILE D 68 -59.89 -46.48 -4.19
C ILE D 68 -60.36 -45.94 -5.53
N VAL D 69 -60.87 -46.83 -6.38
CA VAL D 69 -61.27 -46.48 -7.73
C VAL D 69 -62.57 -47.17 -8.09
N TYR D 70 -63.40 -46.46 -8.85
CA TYR D 70 -64.65 -47.01 -9.37
C TYR D 70 -64.81 -46.53 -10.81
N ASN D 71 -64.91 -47.49 -11.73
CA ASN D 71 -65.04 -47.20 -13.16
C ASN D 71 -63.89 -46.31 -13.64
N GLY D 72 -62.67 -46.65 -13.23
CA GLY D 72 -61.50 -45.91 -13.66
C GLY D 72 -61.41 -44.49 -13.14
N GLN D 73 -62.15 -44.15 -12.09
CA GLN D 73 -62.14 -42.81 -11.53
C GLN D 73 -62.01 -42.90 -10.01
N LEU D 74 -61.32 -41.93 -9.42
CA LEU D 74 -61.21 -41.86 -7.98
C LEU D 74 -62.55 -41.46 -7.37
N VAL D 75 -62.90 -42.11 -6.26
CA VAL D 75 -64.17 -41.87 -5.58
C VAL D 75 -63.91 -41.84 -4.08
N LYS D 76 -64.85 -41.23 -3.35
CA LYS D 76 -64.81 -41.18 -1.91
C LYS D 76 -65.87 -42.12 -1.37
N ILE D 77 -65.45 -43.09 -0.57
CA ILE D 77 -66.31 -44.18 -0.09
C ILE D 77 -66.78 -43.85 1.32
N VAL D 78 -68.11 -43.82 1.52
CA VAL D 78 -68.69 -43.51 2.81
C VAL D 78 -69.69 -44.60 3.18
N THR D 79 -69.98 -44.69 4.47
CA THR D 79 -70.98 -45.61 5.01
C THR D 79 -71.87 -44.86 5.99
N VAL D 80 -73.11 -45.31 6.12
CA VAL D 80 -74.08 -44.61 7.01
C VAL D 80 -73.85 -45.06 8.45
N GLN D 81 -72.99 -46.07 8.67
CA GLN D 81 -72.80 -46.62 10.03
C GLN D 81 -71.33 -46.99 10.26
N GLY D 82 -70.95 -47.19 11.52
CA GLY D 82 -69.57 -47.62 11.81
C GLY D 82 -69.23 -48.88 11.06
N HIS D 83 -67.98 -49.04 10.63
CA HIS D 83 -67.64 -50.20 9.77
C HIS D 83 -66.33 -50.85 10.22
N SER D 84 -66.15 -52.14 9.93
CA SER D 84 -64.88 -52.83 10.25
C SER D 84 -64.12 -53.08 8.95
N MET D 85 -63.19 -52.20 8.58
CA MET D 85 -62.49 -52.33 7.28
C MET D 85 -61.64 -53.60 7.27
N ALA D 86 -61.55 -54.27 6.13
CA ALA D 86 -60.70 -55.47 6.00
C ALA D 86 -59.99 -55.41 4.65
N ILE D 87 -58.74 -54.94 4.63
CA ILE D 87 -58.02 -54.76 3.38
C ILE D 87 -57.33 -56.06 3.02
N TYR D 88 -57.47 -56.48 1.76
CA TYR D 88 -56.81 -57.68 1.24
C TYR D 88 -56.10 -57.36 -0.07
N ASP D 89 -54.92 -57.94 -0.23
CA ASP D 89 -54.11 -57.74 -1.43
C ASP D 89 -54.67 -58.56 -2.59
N ALA D 90 -54.15 -58.29 -3.79
CA ALA D 90 -54.63 -58.97 -4.99
C ALA D 90 -54.39 -60.47 -4.91
N ASN D 91 -53.21 -60.88 -4.43
CA ASN D 91 -52.92 -62.31 -4.28
C ASN D 91 -53.87 -62.96 -3.29
N GLY D 92 -54.26 -62.24 -2.24
CA GLY D 92 -55.13 -62.76 -1.22
C GLY D 92 -54.40 -62.95 0.09
N SER D 93 -54.54 -61.98 1.00
CA SER D 93 -53.88 -61.99 2.29
C SER D 93 -54.47 -60.87 3.13
N GLN D 94 -54.58 -61.12 4.43
CA GLN D 94 -55.11 -60.13 5.37
C GLN D 94 -53.97 -59.17 5.71
N VAL D 95 -53.73 -58.22 4.79
CA VAL D 95 -52.68 -57.24 5.00
C VAL D 95 -52.99 -56.35 6.19
N ASP D 96 -54.27 -56.04 6.40
CA ASP D 96 -54.66 -55.22 7.54
C ASP D 96 -56.10 -55.56 7.92
N TYR D 97 -56.48 -55.18 9.14
CA TYR D 97 -57.89 -55.36 9.59
C TYR D 97 -58.16 -54.42 10.76
N ILE D 98 -59.33 -53.78 10.77
CA ILE D 98 -59.67 -52.80 11.85
C ILE D 98 -61.05 -53.15 12.40
N ALA D 99 -61.14 -53.54 13.68
CA ALA D 99 -62.42 -53.97 14.28
C ALA D 99 -63.45 -52.83 14.22
N ASN D 100 -63.06 -51.62 14.62
CA ASN D 100 -63.98 -50.46 14.53
C ASN D 100 -63.18 -49.24 14.06
N VAL D 101 -63.43 -48.74 12.85
CA VAL D 101 -62.61 -47.62 12.31
C VAL D 101 -62.76 -46.39 13.21
N LEU D 102 -63.97 -46.07 13.64
CA LEU D 102 -64.18 -44.84 14.47
C LEU D 102 -64.27 -45.21 15.95
N LYS D 103 -64.30 -46.51 16.27
CA LYS D 103 -64.38 -46.98 17.69
C LYS D 103 -65.77 -46.69 18.25
N TYR D 104 -66.70 -46.24 17.41
CA TYR D 104 -68.11 -46.02 17.87
C TYR D 104 -69.02 -45.96 16.63
N ASP D 105 -70.16 -46.66 16.68
CA ASP D 105 -71.09 -46.69 15.52
C ASP D 105 -71.90 -45.40 15.52
N PRO D 106 -71.61 -44.42 14.63
CA PRO D 106 -72.31 -43.15 14.66
C PRO D 106 -73.82 -43.39 14.59
N ASP D 107 -74.26 -44.31 13.72
CA ASP D 107 -75.71 -44.54 13.54
C ASP D 107 -76.37 -44.76 14.91
N GLN D 108 -75.97 -45.83 15.60
CA GLN D 108 -76.61 -46.15 16.91
C GLN D 108 -76.32 -45.02 17.89
N TYR D 109 -75.09 -44.50 17.88
CA TYR D 109 -74.71 -43.44 18.85
C TYR D 109 -75.58 -42.21 18.57
N SER D 110 -75.91 -41.96 17.30
CA SER D 110 -76.77 -40.82 16.95
C SER D 110 -78.08 -40.97 17.72
N ILE D 111 -78.64 -42.18 17.74
CA ILE D 111 -79.89 -42.42 18.52
C ILE D 111 -79.50 -42.76 19.97
N ALA E 1 -46.71 23.29 -30.03
CA ALA E 1 -46.29 21.90 -29.86
C ALA E 1 -47.49 21.04 -29.49
N ASN E 2 -48.39 20.82 -30.45
CA ASN E 2 -49.63 20.10 -30.22
C ASN E 2 -49.67 18.76 -30.92
N VAL E 3 -49.46 18.74 -32.23
CA VAL E 3 -49.66 17.53 -33.01
C VAL E 3 -48.34 16.77 -33.11
N VAL E 4 -48.45 15.47 -33.34
CA VAL E 4 -47.30 14.58 -33.53
C VAL E 4 -47.09 14.41 -35.03
N VAL E 5 -45.83 14.53 -35.46
CA VAL E 5 -45.53 14.38 -36.88
C VAL E 5 -45.93 12.99 -37.33
N SER E 6 -46.58 12.91 -38.49
CA SER E 6 -47.06 11.64 -39.00
C SER E 6 -47.07 11.72 -40.52
N ASN E 7 -46.84 10.59 -41.16
CA ASN E 7 -46.89 10.53 -42.61
C ASN E 7 -48.34 10.67 -43.05
N PRO E 8 -48.74 11.79 -43.66
CA PRO E 8 -50.15 11.94 -44.03
C PRO E 8 -50.50 11.30 -45.36
N ARG E 9 -49.54 11.08 -46.24
CA ARG E 9 -49.82 10.40 -47.49
C ARG E 9 -50.22 8.95 -47.20
N PRO E 10 -51.37 8.50 -47.69
CA PRO E 10 -51.87 7.17 -47.31
C PRO E 10 -51.13 6.06 -48.05
N ILE E 11 -50.75 5.02 -47.31
CA ILE E 11 -50.17 3.82 -47.88
C ILE E 11 -51.21 2.70 -47.76
N PHE E 12 -51.36 1.93 -48.82
CA PHE E 12 -52.37 0.87 -48.90
C PHE E 12 -51.69 -0.49 -48.93
N THR E 13 -52.04 -1.35 -47.99
CA THR E 13 -51.49 -2.69 -47.89
C THR E 13 -52.61 -3.70 -47.83
N GLU E 14 -52.31 -4.93 -48.25
CA GLU E 14 -53.31 -5.98 -48.28
C GLU E 14 -53.77 -6.32 -46.86
N SER E 15 -55.02 -6.76 -46.75
CA SER E 15 -55.63 -6.97 -45.43
C SER E 15 -55.05 -8.19 -44.74
N ARG E 16 -54.89 -9.29 -45.46
CA ARG E 16 -54.49 -10.56 -44.86
C ARG E 16 -52.99 -10.81 -44.89
N SER E 17 -52.19 -9.88 -45.42
CA SER E 17 -50.75 -10.06 -45.46
C SER E 17 -50.08 -8.70 -45.56
N PHE E 18 -48.80 -8.66 -45.20
CA PHE E 18 -48.04 -7.42 -45.21
C PHE E 18 -47.33 -7.27 -46.55
N LYS E 19 -48.12 -6.88 -47.55
CA LYS E 19 -47.62 -6.56 -48.87
C LYS E 19 -48.39 -5.37 -49.41
N ALA E 20 -47.71 -4.58 -50.25
CA ALA E 20 -48.39 -3.49 -50.94
C ALA E 20 -49.33 -4.06 -52.00
N VAL E 21 -50.37 -3.29 -52.32
CA VAL E 21 -51.27 -3.66 -53.42
C VAL E 21 -50.65 -3.09 -54.69
N ALA E 22 -49.71 -3.85 -55.24
CA ALA E 22 -48.98 -3.38 -56.41
C ALA E 22 -49.89 -3.38 -57.62
N ASN E 23 -49.92 -2.26 -58.34
CA ASN E 23 -50.76 -2.09 -59.53
C ASN E 23 -52.22 -2.39 -59.21
N GLY E 24 -52.65 -2.00 -58.02
CA GLY E 24 -54.02 -2.20 -57.59
C GLY E 24 -54.93 -1.13 -58.13
N LYS E 25 -56.18 -1.18 -57.67
CA LYS E 25 -57.23 -0.30 -58.18
C LYS E 25 -58.07 0.21 -57.02
N ILE E 26 -58.40 1.49 -57.05
CA ILE E 26 -59.30 2.10 -56.08
C ILE E 26 -60.48 2.68 -56.85
N TYR E 27 -61.69 2.31 -56.45
CA TYR E 27 -62.91 2.83 -57.06
C TYR E 27 -63.66 3.66 -56.03
N ILE E 28 -63.74 4.96 -56.27
CA ILE E 28 -64.48 5.87 -55.40
C ILE E 28 -65.92 5.93 -55.89
N GLY E 29 -66.87 5.67 -54.99
CA GLY E 29 -68.26 5.59 -55.35
C GLY E 29 -69.16 6.35 -54.38
N GLN E 30 -70.44 6.40 -54.75
CA GLN E 30 -71.45 7.05 -53.93
C GLN E 30 -71.58 6.37 -52.57
N ILE E 31 -72.30 7.04 -51.67
CA ILE E 31 -72.50 6.49 -50.33
C ILE E 31 -73.28 5.18 -50.42
N ASP E 32 -72.85 4.20 -49.65
CA ASP E 32 -73.54 2.92 -49.47
C ASP E 32 -73.93 2.30 -50.82
N THR E 33 -72.91 2.07 -51.65
CA THR E 33 -73.13 1.41 -52.93
C THR E 33 -71.81 0.82 -53.40
N ASP E 34 -71.92 -0.08 -54.37
CA ASP E 34 -70.76 -0.77 -54.93
C ASP E 34 -70.12 0.18 -55.95
N PRO E 35 -68.90 0.65 -55.69
CA PRO E 35 -68.27 1.61 -56.62
C PRO E 35 -67.76 1.00 -57.91
N VAL E 36 -67.73 -0.33 -58.04
CA VAL E 36 -67.27 -0.94 -59.29
C VAL E 36 -68.21 -0.59 -60.43
N ASN E 37 -69.51 -0.53 -60.14
CA ASN E 37 -70.50 -0.14 -61.13
C ASN E 37 -70.18 1.24 -61.68
N PRO E 38 -70.04 1.40 -63.01
CA PRO E 38 -69.70 2.71 -63.57
C PRO E 38 -70.65 3.82 -63.13
N ALA E 39 -71.94 3.51 -63.00
CA ALA E 39 -72.90 4.53 -62.58
C ALA E 39 -72.57 5.06 -61.20
N ASN E 40 -72.25 4.18 -60.26
CA ASN E 40 -71.91 4.60 -58.90
C ASN E 40 -70.46 5.01 -58.78
N GLN E 41 -70.01 5.93 -59.62
CA GLN E 41 -68.66 6.49 -59.55
C GLN E 41 -68.78 8.01 -59.58
N ILE E 42 -68.39 8.66 -58.49
CA ILE E 42 -68.53 10.10 -58.35
C ILE E 42 -67.36 10.79 -59.04
N PRO E 43 -67.49 12.05 -59.46
CA PRO E 43 -66.32 12.77 -59.98
C PRO E 43 -65.26 12.92 -58.91
N VAL E 44 -64.00 12.80 -59.33
CA VAL E 44 -62.86 12.74 -58.42
C VAL E 44 -61.79 13.70 -58.90
N TYR E 45 -61.15 14.40 -57.96
CA TYR E 45 -60.19 15.45 -58.27
C TYR E 45 -58.85 15.19 -57.60
N ILE E 46 -57.78 15.66 -58.25
CA ILE E 46 -56.46 15.77 -57.64
C ILE E 46 -56.25 17.19 -57.17
N GLU E 47 -55.56 17.36 -56.05
CA GLU E 47 -55.23 18.67 -55.53
C GLU E 47 -53.71 18.81 -55.50
N ASN E 48 -53.19 19.76 -56.29
CA ASN E 48 -51.75 19.96 -56.40
C ASN E 48 -51.25 20.80 -55.23
N GLU E 49 -49.93 20.99 -55.19
CA GLU E 49 -49.32 21.76 -54.11
C GLU E 49 -49.82 23.21 -54.13
N ASP E 50 -49.91 23.81 -55.31
CA ASP E 50 -50.44 25.16 -55.40
C ASP E 50 -51.92 25.21 -55.08
N GLY E 51 -52.64 24.11 -55.27
CA GLY E 51 -54.05 24.05 -54.97
C GLY E 51 -54.92 24.15 -56.20
N SER E 52 -54.51 23.50 -57.29
CA SER E 52 -55.21 23.56 -58.56
C SER E 52 -55.93 22.23 -58.76
N HIS E 53 -57.19 22.17 -58.29
CA HIS E 53 -57.98 20.96 -58.42
C HIS E 53 -58.27 20.64 -59.88
N VAL E 54 -58.06 19.38 -60.26
CA VAL E 54 -58.26 18.91 -61.62
C VAL E 54 -58.88 17.53 -61.57
N GLN E 55 -59.81 17.26 -62.49
CA GLN E 55 -60.53 15.99 -62.53
C GLN E 55 -59.75 14.96 -63.34
N ILE E 56 -59.90 13.69 -62.94
CA ILE E 56 -59.20 12.57 -63.59
C ILE E 56 -60.17 11.40 -63.72
N THR E 57 -59.67 10.33 -64.32
CA THR E 57 -60.47 9.14 -64.59
C THR E 57 -60.62 8.31 -63.33
N GLN E 58 -61.81 7.70 -63.16
CA GLN E 58 -62.17 7.11 -61.87
C GLN E 58 -61.29 5.95 -61.45
N PRO E 59 -61.01 4.92 -62.27
CA PRO E 59 -60.30 3.75 -61.75
C PRO E 59 -58.85 4.06 -61.41
N LEU E 60 -58.64 4.61 -60.22
CA LEU E 60 -57.34 5.04 -59.71
C LEU E 60 -56.32 3.92 -59.80
N ILE E 61 -55.04 4.28 -59.91
CA ILE E 61 -53.96 3.31 -60.05
C ILE E 61 -52.99 3.48 -58.89
N ILE E 62 -52.49 2.36 -58.39
CA ILE E 62 -51.59 2.32 -57.24
C ILE E 62 -50.24 1.81 -57.71
N ASN E 63 -49.18 2.53 -57.35
CA ASN E 63 -47.84 2.11 -57.70
C ASN E 63 -47.40 0.94 -56.81
N ALA E 64 -46.15 0.50 -56.99
CA ALA E 64 -45.66 -0.68 -56.30
C ALA E 64 -45.50 -0.49 -54.80
N ALA E 65 -45.55 0.76 -54.31
CA ALA E 65 -45.34 1.03 -52.89
C ALA E 65 -46.64 1.21 -52.12
N GLY E 66 -47.79 1.25 -52.80
CA GLY E 66 -49.08 1.42 -52.16
C GLY E 66 -49.64 2.83 -52.33
N LYS E 67 -48.79 3.81 -52.54
CA LYS E 67 -49.24 5.19 -52.69
C LYS E 67 -49.93 5.39 -54.03
N ILE E 68 -50.98 6.20 -54.05
CA ILE E 68 -51.67 6.51 -55.30
C ILE E 68 -50.73 7.28 -56.22
N VAL E 69 -50.85 7.04 -57.52
CA VAL E 69 -49.92 7.60 -58.49
C VAL E 69 -50.68 8.00 -59.75
N TYR E 70 -50.23 9.08 -60.38
CA TYR E 70 -50.72 9.50 -61.68
C TYR E 70 -49.52 9.92 -62.53
N ASN E 71 -49.38 9.32 -63.71
CA ASN E 71 -48.30 9.64 -64.64
C ASN E 71 -46.93 9.48 -63.98
N GLY E 72 -46.80 8.45 -63.16
CA GLY E 72 -45.54 8.21 -62.47
C GLY E 72 -45.22 9.22 -61.39
N GLN E 73 -46.21 9.95 -60.89
CA GLN E 73 -46.00 10.94 -59.85
C GLN E 73 -47.05 10.76 -58.76
N LEU E 74 -46.63 10.98 -57.52
CA LEU E 74 -47.55 10.90 -56.40
C LEU E 74 -48.52 12.06 -56.43
N VAL E 75 -49.80 11.78 -56.12
CA VAL E 75 -50.84 12.79 -56.13
C VAL E 75 -51.73 12.59 -54.90
N LYS E 76 -52.45 13.64 -54.55
CA LYS E 76 -53.42 13.60 -53.46
C LYS E 76 -54.81 13.63 -54.06
N ILE E 77 -55.61 12.61 -53.75
CA ILE E 77 -56.92 12.42 -54.35
C ILE E 77 -57.98 13.00 -53.41
N VAL E 78 -58.78 13.92 -53.92
CA VAL E 78 -59.83 14.55 -53.13
C VAL E 78 -61.15 14.44 -53.87
N THR E 79 -62.24 14.50 -53.10
CA THR E 79 -63.59 14.47 -53.64
C THR E 79 -64.42 15.55 -52.96
N VAL E 80 -65.44 16.05 -53.68
CA VAL E 80 -66.24 17.15 -53.17
C VAL E 80 -67.44 16.67 -52.35
N GLN E 81 -67.69 15.37 -52.30
CA GLN E 81 -68.68 14.83 -51.37
C GLN E 81 -68.18 13.52 -50.79
N GLY E 82 -68.80 13.12 -49.69
CA GLY E 82 -68.41 11.87 -49.04
C GLY E 82 -68.60 10.68 -49.98
N HIS E 83 -67.71 9.72 -49.87
CA HIS E 83 -67.65 8.62 -50.83
C HIS E 83 -67.57 7.29 -50.09
N SER E 84 -67.35 6.23 -50.87
CA SER E 84 -67.27 4.86 -50.37
C SER E 84 -66.10 4.19 -51.07
N MET E 85 -64.97 4.07 -50.37
CA MET E 85 -63.78 3.49 -50.99
C MET E 85 -64.01 2.02 -51.32
N ALA E 86 -63.40 1.58 -52.42
CA ALA E 86 -63.40 0.17 -52.79
C ALA E 86 -62.02 -0.15 -53.38
N ILE E 87 -61.16 -0.77 -52.59
CA ILE E 87 -59.80 -1.08 -52.99
C ILE E 87 -59.76 -2.51 -53.53
N TYR E 88 -59.19 -2.67 -54.71
CA TYR E 88 -59.03 -3.98 -55.32
C TYR E 88 -57.58 -4.21 -55.72
N ASP E 89 -57.10 -5.42 -55.50
CA ASP E 89 -55.74 -5.81 -55.84
C ASP E 89 -55.61 -6.00 -57.35
N ALA E 90 -54.37 -6.08 -57.83
CA ALA E 90 -54.12 -6.22 -59.26
C ALA E 90 -54.75 -7.49 -59.81
N ASN E 91 -54.63 -8.60 -59.10
CA ASN E 91 -55.25 -9.84 -59.55
C ASN E 91 -56.77 -9.71 -59.63
N GLY E 92 -57.36 -8.94 -58.72
CA GLY E 92 -58.79 -8.75 -58.68
C GLY E 92 -59.41 -9.41 -57.48
N SER E 93 -59.66 -8.62 -56.43
CA SER E 93 -60.22 -9.13 -55.18
C SER E 93 -60.60 -7.93 -54.33
N GLN E 94 -61.69 -8.09 -53.57
CA GLN E 94 -62.15 -7.04 -52.66
C GLN E 94 -61.33 -7.13 -51.38
N VAL E 95 -60.11 -6.58 -51.45
CA VAL E 95 -59.23 -6.59 -50.29
C VAL E 95 -59.82 -5.74 -49.17
N ASP E 96 -60.51 -4.65 -49.52
CA ASP E 96 -61.16 -3.82 -48.54
C ASP E 96 -62.39 -3.18 -49.14
N TYR E 97 -63.26 -2.69 -48.25
CA TYR E 97 -64.47 -1.97 -48.63
C TYR E 97 -64.98 -1.15 -47.46
N ILE E 98 -65.23 0.13 -47.68
CA ILE E 98 -65.69 1.02 -46.64
C ILE E 98 -67.07 1.53 -47.05
N ALA E 99 -68.07 1.29 -46.20
CA ALA E 99 -69.41 1.74 -46.52
C ALA E 99 -69.47 3.25 -46.66
N ASN E 100 -69.24 3.97 -45.56
CA ASN E 100 -69.08 5.42 -45.61
C ASN E 100 -67.77 5.79 -44.94
N VAL E 101 -66.80 6.27 -45.72
CA VAL E 101 -65.45 6.48 -45.20
C VAL E 101 -65.44 7.55 -44.11
N LEU E 102 -66.17 8.64 -44.32
CA LEU E 102 -66.13 9.73 -43.36
C LEU E 102 -67.29 9.68 -42.38
N LYS E 103 -68.30 8.87 -42.66
CA LYS E 103 -69.51 8.63 -41.86
C LYS E 103 -70.49 9.79 -41.93
N TYR E 104 -70.25 10.77 -42.80
CA TYR E 104 -71.24 11.80 -43.09
C TYR E 104 -70.85 12.46 -44.40
N ASP E 105 -71.80 12.56 -45.34
CA ASP E 105 -71.60 13.24 -46.61
C ASP E 105 -71.47 14.74 -46.40
N PRO E 106 -70.27 15.31 -46.58
CA PRO E 106 -70.12 16.76 -46.35
C PRO E 106 -70.99 17.61 -47.26
N ASP E 107 -71.09 17.26 -48.54
CA ASP E 107 -71.84 18.04 -49.53
C ASP E 107 -73.23 18.41 -49.03
N GLN E 108 -74.06 17.39 -48.77
CA GLN E 108 -75.43 17.63 -48.32
C GLN E 108 -75.44 18.29 -46.95
N TYR E 109 -74.55 17.87 -46.05
CA TYR E 109 -74.55 18.38 -44.68
C TYR E 109 -74.26 19.87 -44.65
N SER E 110 -73.42 20.36 -45.56
CA SER E 110 -73.04 21.76 -45.64
C SER E 110 -74.26 22.68 -45.68
N ILE E 111 -75.35 22.19 -46.26
CA ILE E 111 -76.58 22.97 -46.34
C ILE E 111 -77.29 22.96 -44.98
N GLN F 1 44.66 13.80 -31.24
CA GLN F 1 45.04 12.41 -31.48
C GLN F 1 45.36 11.71 -30.16
N ILE F 2 45.73 10.43 -30.25
CA ILE F 2 46.05 9.61 -29.04
C ILE F 2 47.45 9.01 -29.23
N LYS F 3 48.47 9.59 -28.62
CA LYS F 3 49.86 9.13 -28.89
C LYS F 3 50.56 8.64 -27.63
N THR F 4 49.91 8.66 -26.47
CA THR F 4 50.62 8.27 -25.22
C THR F 4 49.83 7.20 -24.47
N LYS F 5 50.54 6.28 -23.80
CA LYS F 5 49.86 5.20 -23.05
C LYS F 5 48.79 5.83 -22.17
N GLY F 6 49.10 7.00 -21.59
CA GLY F 6 48.10 7.71 -20.78
C GLY F 6 46.88 8.05 -21.62
N ASP F 7 47.10 8.48 -22.87
CA ASP F 7 45.97 8.86 -23.75
C ASP F 7 45.06 7.64 -23.96
N LEU F 8 45.64 6.48 -24.24
CA LEU F 8 44.81 5.25 -24.38
C LEU F 8 44.02 5.06 -23.09
N VAL F 9 44.67 5.22 -21.93
CA VAL F 9 43.97 4.98 -20.63
C VAL F 9 42.87 6.02 -20.44
N ARG F 10 43.19 7.31 -20.62
CA ARG F 10 42.17 8.38 -20.39
C ARG F 10 41.11 8.30 -21.47
N ALA F 11 41.46 7.77 -22.65
CA ALA F 11 40.47 7.58 -23.73
C ALA F 11 39.54 6.43 -23.33
N ALA F 12 40.10 5.38 -22.72
CA ALA F 12 39.26 4.26 -22.25
C ALA F 12 38.31 4.78 -21.16
N LEU F 13 38.86 5.19 -20.02
CA LEU F 13 37.99 5.65 -18.93
C LEU F 13 36.88 6.53 -19.47
N ARG F 14 37.17 7.33 -20.48
CA ARG F 14 36.14 8.11 -21.15
C ARG F 14 35.08 7.22 -21.77
N LYS F 15 35.51 6.16 -22.46
CA LYS F 15 34.58 5.24 -23.09
C LYS F 15 33.68 4.59 -22.03
N LEU F 16 34.24 4.31 -20.85
CA LEU F 16 33.39 3.90 -19.73
C LEU F 16 32.49 5.03 -19.26
N GLY F 17 32.96 6.27 -19.35
CA GLY F 17 32.22 7.41 -18.83
C GLY F 17 32.61 7.85 -17.44
N VAL F 18 33.75 7.39 -16.93
CA VAL F 18 34.16 7.75 -15.57
C VAL F 18 34.70 9.16 -15.53
N ALA F 19 35.81 9.40 -16.23
CA ALA F 19 36.43 10.72 -16.29
C ALA F 19 36.71 10.97 -17.77
N SER F 20 35.87 11.77 -18.41
CA SER F 20 35.77 11.79 -19.86
C SER F 20 36.07 13.15 -20.47
N ASP F 21 36.63 14.08 -19.70
CA ASP F 21 36.72 15.49 -20.08
C ASP F 21 35.32 16.07 -20.19
N ALA F 22 35.18 17.39 -20.03
CA ALA F 22 33.89 18.01 -19.82
C ALA F 22 33.15 17.40 -18.64
N THR F 23 33.91 16.83 -17.70
CA THR F 23 33.36 16.10 -16.57
C THR F 23 33.59 16.90 -15.29
N LEU F 24 32.59 16.91 -14.42
CA LEU F 24 32.70 17.67 -13.19
C LEU F 24 33.56 16.97 -12.15
N THR F 25 33.65 15.65 -12.20
CA THR F 25 34.53 14.88 -11.33
C THR F 25 35.49 14.08 -12.18
N ASP F 26 36.78 14.15 -11.84
CA ASP F 26 37.81 13.40 -12.54
C ASP F 26 38.46 12.46 -11.55
N VAL F 27 38.93 11.32 -12.05
CA VAL F 27 39.53 10.29 -11.21
C VAL F 27 40.94 10.72 -10.83
N GLU F 28 41.41 10.26 -9.67
CA GLU F 28 42.75 10.62 -9.21
C GLU F 28 43.79 10.10 -10.20
N PRO F 29 44.93 10.80 -10.32
CA PRO F 29 45.99 10.30 -11.20
C PRO F 29 46.59 8.99 -10.74
N GLN F 30 46.41 8.60 -9.47
CA GLN F 30 46.88 7.29 -9.03
C GLN F 30 46.15 6.17 -9.78
N SER F 31 44.83 6.31 -9.93
CA SER F 31 44.10 5.32 -10.70
C SER F 31 44.48 5.35 -12.17
N MET F 32 44.80 6.53 -12.70
CA MET F 32 45.29 6.61 -14.07
C MET F 32 46.61 5.87 -14.24
N GLN F 33 47.53 6.06 -13.30
CA GLN F 33 48.81 5.36 -13.37
C GLN F 33 48.61 3.85 -13.29
N ASP F 34 47.78 3.40 -12.36
CA ASP F 34 47.66 1.96 -12.20
C ASP F 34 46.83 1.34 -13.32
N ALA F 35 45.95 2.11 -13.95
CA ALA F 35 45.31 1.65 -15.17
C ALA F 35 46.30 1.58 -16.33
N VAL F 36 47.29 2.49 -16.36
CA VAL F 36 48.39 2.34 -17.31
C VAL F 36 49.15 1.05 -17.03
N ASP F 37 49.33 0.73 -15.75
CA ASP F 37 49.95 -0.53 -15.37
C ASP F 37 49.13 -1.72 -15.88
N ASP F 38 47.81 -1.63 -15.75
CA ASP F 38 46.94 -2.68 -16.28
C ASP F 38 47.05 -2.80 -17.80
N LEU F 39 47.12 -1.66 -18.49
CA LEU F 39 47.35 -1.67 -19.93
C LEU F 39 48.64 -2.41 -20.27
N GLU F 40 49.72 -2.08 -19.55
CA GLU F 40 51.00 -2.70 -19.83
C GLU F 40 50.95 -4.21 -19.57
N ALA F 41 50.29 -4.62 -18.49
CA ALA F 41 50.16 -6.05 -18.20
C ALA F 41 49.34 -6.76 -19.28
N MET F 42 48.24 -6.15 -19.72
CA MET F 42 47.43 -6.76 -20.77
C MET F 42 48.20 -6.88 -22.07
N MET F 43 48.97 -5.84 -22.43
CA MET F 43 49.73 -5.91 -23.67
C MET F 43 50.86 -6.92 -23.58
N ALA F 44 51.50 -7.05 -22.42
CA ALA F 44 52.50 -8.09 -22.25
C ALA F 44 51.87 -9.47 -22.39
N GLU F 45 50.67 -9.65 -21.83
CA GLU F 45 49.97 -10.92 -21.97
C GLU F 45 49.63 -11.22 -23.42
N TRP F 46 49.19 -10.20 -24.16
CA TRP F 46 48.90 -10.38 -25.59
C TRP F 46 50.16 -10.73 -26.37
N TYR F 47 51.26 -10.06 -26.07
CA TYR F 47 52.43 -10.10 -26.95
C TYR F 47 53.12 -11.45 -26.88
N GLN F 48 53.28 -12.02 -25.69
CA GLN F 48 53.84 -13.37 -25.52
C GLN F 48 55.19 -13.50 -26.24
N ASP F 49 56.00 -12.44 -26.15
CA ASP F 49 57.26 -12.35 -26.88
C ASP F 49 56.93 -12.44 -28.37
N GLY F 50 57.63 -13.27 -29.15
CA GLY F 50 57.37 -13.30 -30.58
C GLY F 50 56.02 -13.88 -30.94
N LYS F 51 55.59 -14.92 -30.23
CA LYS F 51 54.52 -15.78 -30.72
C LYS F 51 53.16 -15.08 -30.70
N GLY F 52 52.84 -14.39 -29.61
CA GLY F 52 51.52 -13.80 -29.44
C GLY F 52 51.18 -12.68 -30.40
N ILE F 53 50.07 -12.00 -30.15
CA ILE F 53 49.62 -10.89 -31.01
C ILE F 53 50.69 -9.81 -31.03
N ILE F 54 51.09 -9.41 -32.23
CA ILE F 54 52.11 -8.39 -32.43
C ILE F 54 51.41 -7.09 -32.78
N THR F 55 51.39 -6.15 -31.83
CA THR F 55 50.74 -4.87 -32.00
C THR F 55 51.70 -3.72 -32.30
N GLY F 56 53.01 -3.96 -32.25
CA GLY F 56 53.95 -2.87 -32.37
C GLY F 56 54.12 -2.05 -31.10
N TYR F 57 53.59 -2.51 -29.98
CA TYR F 57 53.66 -1.79 -28.72
C TYR F 57 55.09 -1.69 -28.23
N VAL F 58 55.38 -0.58 -27.53
CA VAL F 58 56.69 -0.33 -26.92
C VAL F 58 56.48 -0.20 -25.42
N PHE F 59 57.20 -1.01 -24.65
CA PHE F 59 57.01 -1.08 -23.22
C PHE F 59 57.79 0.03 -22.51
N SER F 60 57.34 0.35 -21.30
CA SER F 60 57.97 1.39 -20.51
C SER F 60 59.34 0.93 -20.00
N ASP F 61 60.10 1.88 -19.47
CA ASP F 61 61.46 1.60 -19.03
C ASP F 61 61.84 2.63 -17.97
N ASP F 62 62.92 2.34 -17.24
CA ASP F 62 63.30 3.17 -16.09
C ASP F 62 63.82 4.54 -16.50
N GLU F 63 64.42 4.66 -17.68
CA GLU F 63 64.84 5.97 -18.16
C GLU F 63 63.65 6.89 -18.44
N ASN F 64 62.45 6.34 -18.53
CA ASN F 64 61.22 7.12 -18.71
C ASN F 64 60.23 6.68 -17.65
N PRO F 65 60.42 7.12 -16.40
CA PRO F 65 59.57 6.65 -15.30
C PRO F 65 58.09 6.93 -15.53
N PRO F 66 57.69 8.10 -16.07
CA PRO F 66 56.26 8.33 -16.28
C PRO F 66 55.73 7.54 -17.47
N ALA F 67 55.36 6.29 -17.23
CA ALA F 67 54.89 5.41 -18.30
C ALA F 67 53.74 6.03 -19.09
N GLU F 68 52.94 6.88 -18.45
CA GLU F 68 51.83 7.51 -19.15
C GLU F 68 52.32 8.34 -20.34
N GLY F 69 53.37 9.13 -20.13
CA GLY F 69 53.85 9.99 -21.19
C GLY F 69 54.47 9.23 -22.36
N ASP F 70 54.95 8.02 -22.11
CA ASP F 70 55.63 7.24 -23.14
C ASP F 70 54.74 7.04 -24.35
N ASP F 71 55.32 7.23 -25.53
CA ASP F 71 54.61 6.95 -26.78
C ASP F 71 54.36 5.46 -26.89
N HIS F 72 53.08 5.08 -27.02
CA HIS F 72 52.76 3.66 -27.13
C HIS F 72 53.37 3.05 -28.38
N GLY F 73 53.35 3.77 -29.50
CA GLY F 73 53.94 3.29 -30.72
C GLY F 73 53.08 2.34 -31.51
N LEU F 74 51.81 2.16 -31.13
CA LEU F 74 50.90 1.28 -31.85
C LEU F 74 50.74 1.74 -33.28
N ARG F 75 50.36 0.80 -34.14
CA ARG F 75 49.98 1.15 -35.50
C ARG F 75 48.77 2.07 -35.47
N SER F 76 48.65 2.91 -36.49
CA SER F 76 47.56 3.88 -36.52
C SER F 76 46.20 3.20 -36.49
N SER F 77 46.08 2.05 -37.17
CA SER F 77 44.83 1.33 -37.17
C SER F 77 44.58 0.56 -35.87
N ALA F 78 45.65 0.19 -35.17
CA ALA F 78 45.53 -0.64 -33.98
C ALA F 78 45.09 0.12 -32.74
N VAL F 79 45.07 1.46 -32.79
CA VAL F 79 44.73 2.23 -31.59
C VAL F 79 43.28 2.01 -31.19
N SER F 80 42.41 1.76 -32.17
CA SER F 80 41.00 1.54 -31.85
C SER F 80 40.79 0.24 -31.08
N ALA F 81 41.61 -0.77 -31.36
CA ALA F 81 41.45 -2.05 -30.67
C ALA F 81 41.82 -1.93 -29.20
N VAL F 82 43.04 -1.51 -28.91
CA VAL F 82 43.46 -1.33 -27.52
C VAL F 82 42.64 -0.24 -26.85
N PHE F 83 42.16 0.72 -27.62
CA PHE F 83 41.17 1.68 -27.14
C PHE F 83 39.94 0.99 -26.58
N HIS F 84 39.21 0.27 -27.43
CA HIS F 84 37.95 -0.32 -26.99
C HIS F 84 38.17 -1.56 -26.15
N ASN F 85 39.23 -2.32 -26.41
CA ASN F 85 39.74 -3.21 -25.39
C ASN F 85 40.29 -2.40 -24.24
N LEU F 86 40.61 -3.08 -23.15
CA LEU F 86 41.17 -2.45 -21.95
C LEU F 86 40.09 -1.62 -21.26
N ALA F 87 38.96 -1.40 -21.95
CA ALA F 87 37.84 -0.76 -21.28
C ALA F 87 37.10 -1.76 -20.42
N CYS F 88 36.98 -2.99 -20.93
CA CYS F 88 36.39 -4.06 -20.15
C CYS F 88 37.31 -4.44 -18.98
N ARG F 89 38.62 -4.21 -19.13
CA ARG F 89 39.55 -4.59 -18.08
C ARG F 89 39.42 -3.68 -16.86
N ILE F 90 39.28 -2.37 -17.07
CA ILE F 90 38.99 -1.45 -15.97
C ILE F 90 37.51 -1.37 -15.65
N ALA F 91 36.64 -1.99 -16.45
CA ALA F 91 35.23 -2.03 -16.12
C ALA F 91 34.94 -2.59 -14.72
N PRO F 92 35.52 -3.71 -14.28
CA PRO F 92 35.28 -4.15 -12.89
C PRO F 92 36.05 -3.35 -11.86
N ASP F 93 37.01 -2.51 -12.28
CA ASP F 93 37.79 -1.73 -11.33
C ASP F 93 36.89 -0.83 -10.50
N TYR F 94 35.95 -0.15 -11.15
CA TYR F 94 34.94 0.63 -10.47
C TYR F 94 33.63 -0.12 -10.30
N ALA F 95 33.62 -1.42 -10.59
CA ALA F 95 32.41 -2.25 -10.55
C ALA F 95 31.34 -1.66 -11.48
N LEU F 96 31.69 -1.58 -12.76
CA LEU F 96 30.82 -0.94 -13.74
C LEU F 96 30.39 -1.87 -14.86
N GLU F 97 31.23 -2.82 -15.28
CA GLU F 97 30.97 -3.70 -16.42
C GLU F 97 30.94 -2.90 -17.72
N ALA F 98 31.23 -3.55 -18.83
CA ALA F 98 31.30 -2.89 -20.12
C ALA F 98 30.03 -3.13 -20.92
N THR F 99 29.55 -2.09 -21.60
CA THR F 99 28.36 -2.21 -22.43
C THR F 99 28.61 -3.17 -23.58
N ALA F 100 27.53 -3.78 -24.07
CA ALA F 100 27.65 -4.80 -25.12
C ALA F 100 28.35 -4.23 -26.36
N LYS F 101 28.12 -2.95 -26.65
CA LYS F 101 28.78 -2.33 -27.79
C LYS F 101 30.29 -2.34 -27.61
N ILE F 102 30.76 -2.02 -26.41
CA ILE F 102 32.20 -2.02 -26.15
C ILE F 102 32.76 -3.44 -26.26
N ILE F 103 32.03 -4.42 -25.75
CA ILE F 103 32.48 -5.81 -25.85
C ILE F 103 32.65 -6.22 -27.31
N ALA F 104 31.62 -5.96 -28.12
CA ALA F 104 31.68 -6.34 -29.52
C ALA F 104 32.79 -5.61 -30.24
N THR F 105 32.96 -4.32 -29.96
CA THR F 105 34.02 -3.55 -30.63
C THR F 105 35.39 -4.04 -30.23
N ALA F 106 35.58 -4.40 -28.96
CA ALA F 106 36.86 -4.95 -28.52
C ALA F 106 37.16 -6.28 -29.20
N LYS F 107 36.14 -7.14 -29.30
CA LYS F 107 36.34 -8.42 -30.01
C LYS F 107 36.74 -8.18 -31.46
N TYR F 108 36.03 -7.27 -32.13
CA TYR F 108 36.35 -6.96 -33.53
C TYR F 108 37.75 -6.37 -33.64
N GLY F 109 38.13 -5.51 -32.71
CA GLY F 109 39.45 -4.91 -32.75
C GLY F 109 40.56 -5.92 -32.58
N LYS F 110 40.39 -6.85 -31.64
CA LYS F 110 41.43 -7.87 -31.46
C LYS F 110 41.50 -8.79 -32.68
N GLU F 111 40.36 -9.13 -33.27
CA GLU F 111 40.37 -9.93 -34.49
C GLU F 111 41.12 -9.21 -35.60
N LEU F 112 40.86 -7.90 -35.77
CA LEU F 112 41.58 -7.14 -36.78
C LEU F 112 43.07 -7.03 -36.46
N LEU F 113 43.41 -6.98 -35.17
CA LEU F 113 44.82 -6.95 -34.78
C LEU F 113 45.52 -8.22 -35.23
N TYR F 114 44.88 -9.38 -35.02
CA TYR F 114 45.54 -10.63 -35.31
C TYR F 114 45.38 -11.09 -36.76
N LYS F 115 44.53 -10.43 -37.55
CA LYS F 115 44.28 -10.90 -38.92
C LYS F 115 45.54 -10.91 -39.76
N GLN F 116 46.27 -9.78 -39.78
CA GLN F 116 47.45 -9.69 -40.63
C GLN F 116 48.52 -10.67 -40.20
N THR F 117 48.74 -10.81 -38.89
CA THR F 117 49.74 -11.75 -38.40
C THR F 117 49.35 -13.19 -38.75
N ALA F 118 48.07 -13.52 -38.62
CA ALA F 118 47.62 -14.87 -38.94
C ALA F 118 47.81 -15.17 -40.43
N ILE F 119 47.51 -14.19 -41.29
CA ILE F 119 47.78 -14.38 -42.72
C ILE F 119 49.27 -14.53 -42.97
N SER F 120 50.09 -13.79 -42.23
CA SER F 120 51.53 -13.83 -42.42
C SER F 120 52.19 -15.07 -41.85
N ARG F 121 51.48 -15.87 -41.06
CA ARG F 121 52.05 -17.05 -40.42
C ARG F 121 51.51 -18.37 -40.97
N ALA F 122 50.90 -18.35 -42.15
CA ALA F 122 50.47 -19.60 -42.77
C ALA F 122 51.69 -20.46 -43.09
N LYS F 123 52.52 -20.01 -44.03
CA LYS F 123 53.84 -20.58 -44.30
C LYS F 123 53.84 -22.10 -44.35
N ARG F 124 53.18 -22.69 -45.35
CA ARG F 124 53.20 -24.13 -45.55
C ARG F 124 54.62 -24.69 -45.42
N ALA F 125 54.75 -25.75 -44.64
CA ALA F 125 56.05 -26.34 -44.38
C ALA F 125 56.60 -26.98 -45.66
N PRO F 126 57.93 -27.06 -45.79
CA PRO F 126 58.51 -27.62 -47.02
C PRO F 126 58.24 -29.10 -47.16
N TYR F 127 58.66 -29.68 -48.29
CA TYR F 127 58.47 -31.10 -48.52
C TYR F 127 59.26 -31.91 -47.47
N PRO F 128 58.73 -33.06 -47.07
CA PRO F 128 59.44 -33.89 -46.09
C PRO F 128 60.69 -34.48 -46.69
N SER F 129 61.53 -35.03 -45.81
CA SER F 129 62.85 -35.50 -46.22
C SER F 129 62.78 -36.66 -47.20
N ARG F 130 61.62 -37.31 -47.35
CA ARG F 130 61.49 -38.46 -48.20
C ARG F 130 60.87 -38.16 -49.56
N MET F 131 60.27 -36.99 -49.74
CA MET F 131 59.68 -36.66 -51.03
C MET F 131 60.76 -36.52 -52.08
N PRO F 132 60.67 -37.25 -53.19
CA PRO F 132 61.68 -37.12 -54.25
C PRO F 132 61.31 -36.11 -55.32
N THR F 133 62.28 -35.33 -55.80
CA THR F 133 62.06 -34.54 -56.99
C THR F 133 61.95 -35.45 -58.20
N GLY F 134 60.93 -35.24 -59.00
CA GLY F 134 60.70 -36.08 -60.16
C GLY F 134 61.74 -35.87 -61.25
N SER F 135 61.65 -36.72 -62.26
CA SER F 135 62.55 -36.61 -63.40
C SER F 135 62.35 -35.34 -64.20
N GLY F 136 61.24 -34.62 -63.97
CA GLY F 136 61.00 -33.38 -64.69
C GLY F 136 62.01 -32.30 -64.35
N ASN F 137 62.39 -32.20 -63.08
CA ASN F 137 63.32 -31.16 -62.66
C ASN F 137 64.72 -31.43 -63.19
N SER F 138 65.36 -30.40 -63.73
CA SER F 138 66.75 -30.53 -64.17
C SER F 138 67.70 -30.74 -63.01
N PHE F 139 67.31 -30.36 -61.80
CA PHE F 139 68.16 -30.59 -60.63
C PHE F 139 68.32 -32.07 -60.31
N ALA F 140 67.45 -32.92 -60.87
CA ALA F 140 67.66 -34.37 -60.74
C ALA F 140 69.00 -34.77 -61.35
N ASN F 141 69.40 -34.12 -62.44
CA ASN F 141 70.71 -34.35 -63.02
C ASN F 141 71.84 -33.89 -62.10
N LEU F 142 71.55 -33.02 -61.15
CA LEU F 142 72.55 -32.52 -60.21
C LEU F 142 72.62 -33.34 -58.94
N ASN F 143 72.01 -34.53 -58.92
CA ASN F 143 72.09 -35.51 -57.85
C ASN F 143 71.34 -35.08 -56.59
N GLU F 144 70.50 -34.05 -56.67
CA GLU F 144 69.74 -33.64 -55.49
C GLU F 144 68.67 -34.66 -55.14
N TRP F 145 67.93 -35.14 -56.13
CA TRP F 145 66.90 -36.16 -55.95
C TRP F 145 65.92 -35.83 -54.82
N HIS F 146 66.05 -36.52 -53.70
CA HIS F 146 65.12 -36.35 -52.59
C HIS F 146 65.25 -34.95 -51.99
N TYR F 147 64.12 -34.39 -51.57
CA TYR F 147 64.08 -33.07 -51.00
C TYR F 147 64.83 -33.02 -49.66
N PHE F 148 65.17 -31.81 -49.24
CA PHE F 148 65.84 -31.59 -47.96
C PHE F 148 65.08 -30.51 -47.18
N PRO F 149 64.39 -30.89 -46.11
CA PRO F 149 63.66 -29.92 -45.30
C PRO F 149 64.54 -29.36 -44.17
N GLY F 150 64.04 -28.29 -43.55
CA GLY F 150 64.74 -27.65 -42.46
C GLY F 150 66.08 -27.06 -42.85
N ALA G 1 6.68 49.42 -33.29
CA ALA G 1 5.89 48.22 -33.51
C ALA G 1 4.58 48.57 -34.21
N ASN G 2 4.68 49.00 -35.47
CA ASN G 2 3.52 49.43 -36.22
C ASN G 2 3.26 48.58 -37.45
N VAL G 3 4.28 48.33 -38.27
CA VAL G 3 4.09 47.65 -39.54
C VAL G 3 4.45 46.18 -39.38
N VAL G 4 4.03 45.38 -40.36
CA VAL G 4 4.26 43.95 -40.38
C VAL G 4 5.41 43.67 -41.34
N VAL G 5 6.34 42.81 -40.91
CA VAL G 5 7.45 42.42 -41.77
C VAL G 5 6.90 41.71 -43.00
N SER G 6 7.26 42.20 -44.17
CA SER G 6 6.77 41.64 -45.42
C SER G 6 7.83 41.79 -46.49
N ASN G 7 7.84 40.86 -47.44
CA ASN G 7 8.80 40.92 -48.53
C ASN G 7 8.40 42.03 -49.48
N PRO G 8 9.22 43.05 -49.67
CA PRO G 8 8.82 44.15 -50.55
C PRO G 8 9.19 43.91 -52.02
N ARG G 9 10.21 43.11 -52.27
CA ARG G 9 10.60 42.82 -53.64
C ARG G 9 9.50 42.01 -54.33
N PRO G 10 9.00 42.45 -55.48
CA PRO G 10 7.87 41.77 -56.09
C PRO G 10 8.29 40.51 -56.83
N ILE G 11 7.49 39.47 -56.69
CA ILE G 11 7.64 38.22 -57.43
C ILE G 11 6.48 38.10 -58.39
N PHE G 12 6.78 37.68 -59.62
CA PHE G 12 5.79 37.61 -60.69
C PHE G 12 5.54 36.15 -61.05
N THR G 13 4.28 35.74 -60.97
CA THR G 13 3.88 34.37 -61.30
C THR G 13 2.75 34.40 -62.31
N GLU G 14 2.63 33.31 -63.07
CA GLU G 14 1.60 33.22 -64.09
C GLU G 14 0.21 33.20 -63.45
N SER G 15 -0.77 33.74 -64.17
CA SER G 15 -2.09 33.94 -63.60
C SER G 15 -2.83 32.63 -63.41
N ARG G 16 -2.81 31.76 -64.42
CA ARG G 16 -3.63 30.56 -64.40
C ARG G 16 -2.92 29.35 -63.82
N SER G 17 -1.67 29.48 -63.39
CA SER G 17 -0.95 28.37 -62.79
C SER G 17 0.18 28.91 -61.94
N PHE G 18 0.66 28.07 -61.02
CA PHE G 18 1.66 28.48 -60.04
C PHE G 18 3.04 28.10 -60.59
N LYS G 19 3.54 28.93 -61.48
CA LYS G 19 4.92 28.87 -61.94
C LYS G 19 5.43 30.29 -62.13
N ALA G 20 6.72 30.48 -61.90
CA ALA G 20 7.33 31.77 -62.20
C ALA G 20 7.38 31.98 -63.71
N VAL G 21 7.35 33.25 -64.11
CA VAL G 21 7.42 33.61 -65.54
C VAL G 21 8.90 33.67 -65.88
N ALA G 22 9.48 32.50 -66.18
CA ALA G 22 10.90 32.42 -66.46
C ALA G 22 11.21 33.07 -67.80
N ASN G 23 12.21 33.95 -67.80
CA ASN G 23 12.63 34.68 -69.00
C ASN G 23 11.46 35.42 -69.63
N GLY G 24 10.60 35.99 -68.78
CA GLY G 24 9.45 36.74 -69.24
C GLY G 24 9.81 38.15 -69.65
N LYS G 25 8.78 38.96 -69.86
CA LYS G 25 8.98 40.33 -70.30
C LYS G 25 7.93 41.23 -69.65
N ILE G 26 8.37 42.35 -69.11
CA ILE G 26 7.50 43.36 -68.53
C ILE G 26 7.67 44.64 -69.35
N TYR G 27 6.58 45.08 -69.97
CA TYR G 27 6.58 46.31 -70.76
C TYR G 27 5.87 47.40 -69.98
N ILE G 28 6.58 48.48 -69.68
CA ILE G 28 6.03 49.62 -68.97
C ILE G 28 5.58 50.66 -69.99
N GLY G 29 4.31 51.08 -69.89
CA GLY G 29 3.75 52.00 -70.87
C GLY G 29 2.91 53.08 -70.22
N GLN G 30 2.49 54.04 -71.05
CA GLN G 30 1.67 55.14 -70.60
C GLN G 30 0.33 54.65 -70.06
N ILE G 31 -0.39 55.56 -69.40
CA ILE G 31 -1.71 55.22 -68.87
C ILE G 31 -2.65 54.84 -70.00
N ASP G 32 -3.42 53.77 -69.78
CA ASP G 32 -4.46 53.32 -70.69
C ASP G 32 -3.96 53.20 -72.13
N THR G 33 -2.93 52.39 -72.30
CA THR G 33 -2.40 52.09 -73.63
C THR G 33 -1.62 50.79 -73.57
N ASP G 34 -1.46 50.17 -74.73
CA ASP G 34 -0.73 48.91 -74.86
C ASP G 34 0.78 49.17 -74.88
N PRO G 35 1.50 48.78 -73.82
CA PRO G 35 2.93 49.09 -73.75
C PRO G 35 3.79 48.37 -74.78
N VAL G 36 3.26 47.35 -75.46
CA VAL G 36 4.06 46.65 -76.47
C VAL G 36 4.44 47.59 -77.60
N ASN G 37 3.54 48.51 -77.96
CA ASN G 37 3.82 49.52 -78.97
C ASN G 37 5.03 50.34 -78.54
N PRO G 38 6.09 50.38 -79.34
CA PRO G 38 7.29 51.15 -78.98
C PRO G 38 7.00 52.58 -78.50
N ALA G 39 6.16 53.29 -79.24
CA ALA G 39 5.83 54.68 -78.89
C ALA G 39 5.29 54.79 -77.48
N ASN G 40 4.46 53.84 -77.06
CA ASN G 40 3.85 53.87 -75.73
C ASN G 40 4.75 53.17 -74.70
N GLN G 41 5.94 53.73 -74.52
CA GLN G 41 6.91 53.21 -73.55
C GLN G 41 7.61 54.40 -72.91
N ILE G 42 7.34 54.62 -71.62
CA ILE G 42 7.92 55.74 -70.88
C ILE G 42 9.36 55.42 -70.52
N PRO G 43 10.21 56.41 -70.29
CA PRO G 43 11.56 56.12 -69.78
C PRO G 43 11.48 55.47 -68.41
N VAL G 44 12.37 54.52 -68.17
CA VAL G 44 12.32 53.67 -66.99
C VAL G 44 13.69 53.66 -66.31
N TYR G 45 13.70 53.71 -64.98
CA TYR G 45 14.91 53.85 -64.21
C TYR G 45 15.07 52.74 -63.18
N ILE G 46 16.33 52.41 -62.90
CA ILE G 46 16.70 51.58 -61.76
C ILE G 46 17.22 52.49 -60.65
N GLU G 47 16.92 52.14 -59.40
CA GLU G 47 17.51 52.81 -58.24
C GLU G 47 18.39 51.83 -57.50
N ASN G 48 19.68 52.18 -57.38
CA ASN G 48 20.61 51.37 -56.62
C ASN G 48 20.42 51.62 -55.12
N GLU G 49 21.17 50.88 -54.31
CA GLU G 49 21.04 51.02 -52.85
C GLU G 49 21.44 52.42 -52.40
N ASP G 50 22.51 52.98 -52.98
CA ASP G 50 22.90 54.34 -52.64
C ASP G 50 21.87 55.36 -53.10
N GLY G 51 21.09 55.03 -54.12
CA GLY G 51 20.08 55.93 -54.63
C GLY G 51 20.48 56.64 -55.90
N SER G 52 21.15 55.92 -56.80
CA SER G 52 21.66 56.48 -58.05
C SER G 52 20.76 55.99 -59.19
N HIS G 53 19.75 56.79 -59.52
CA HIS G 53 18.83 56.44 -60.59
C HIS G 53 19.54 56.45 -61.94
N VAL G 54 19.30 55.40 -62.74
CA VAL G 54 19.93 55.23 -64.05
C VAL G 54 18.89 54.65 -65.01
N GLN G 55 18.92 55.11 -66.26
CA GLN G 55 17.96 54.68 -67.27
C GLN G 55 18.44 53.40 -67.94
N ILE G 56 17.48 52.56 -68.33
CA ILE G 56 17.76 51.28 -68.97
C ILE G 56 16.78 51.07 -70.11
N THR G 57 16.98 49.97 -70.84
CA THR G 57 16.16 49.66 -72.01
C THR G 57 14.80 49.11 -71.56
N GLN G 58 13.77 49.44 -72.35
CA GLN G 58 12.39 49.22 -71.90
C GLN G 58 12.02 47.75 -71.69
N PRO G 59 12.27 46.83 -72.65
CA PRO G 59 11.74 45.46 -72.47
C PRO G 59 12.43 44.70 -71.35
N LEU G 60 11.94 44.92 -70.13
CA LEU G 60 12.54 44.34 -68.95
C LEU G 60 12.62 42.82 -69.05
N ILE G 61 13.58 42.24 -68.33
CA ILE G 61 13.84 40.81 -68.36
C ILE G 61 13.66 40.25 -66.97
N ILE G 62 13.08 39.06 -66.89
CA ILE G 62 12.77 38.39 -65.63
C ILE G 62 13.59 37.12 -65.54
N ASN G 63 14.24 36.90 -64.41
CA ASN G 63 15.01 35.69 -64.21
C ASN G 63 14.09 34.50 -63.97
N ALA G 64 14.68 33.34 -63.67
CA ALA G 64 13.91 32.11 -63.50
C ALA G 64 13.04 32.12 -62.25
N ALA G 65 13.23 33.06 -61.33
CA ALA G 65 12.49 33.07 -60.08
C ALA G 65 11.33 34.05 -60.06
N GLY G 66 11.18 34.87 -61.10
CA GLY G 66 10.11 35.86 -61.18
C GLY G 66 10.56 37.27 -60.90
N LYS G 67 11.66 37.44 -60.16
CA LYS G 67 12.14 38.77 -59.83
C LYS G 67 12.80 39.41 -61.04
N ILE G 68 12.63 40.74 -61.16
CA ILE G 68 13.25 41.48 -62.24
C ILE G 68 14.77 41.44 -62.08
N VAL G 69 15.48 41.37 -63.21
CA VAL G 69 16.92 41.20 -63.19
C VAL G 69 17.56 42.07 -64.27
N TYR G 70 18.77 42.56 -63.98
CA TYR G 70 19.61 43.25 -64.95
C TYR G 70 21.04 42.76 -64.77
N ASN G 71 21.63 42.24 -65.84
CA ASN G 71 23.02 41.79 -65.84
C ASN G 71 23.24 40.76 -64.72
N GLY G 72 22.30 39.84 -64.58
CA GLY G 72 22.42 38.80 -63.56
C GLY G 72 22.31 39.28 -62.14
N GLN G 73 21.77 40.47 -61.91
CA GLN G 73 21.62 41.02 -60.58
C GLN G 73 20.22 41.57 -60.39
N LEU G 74 19.67 41.40 -59.19
CA LEU G 74 18.34 41.92 -58.90
C LEU G 74 18.38 43.44 -58.84
N VAL G 75 17.34 44.08 -59.39
CA VAL G 75 17.25 45.52 -59.42
C VAL G 75 15.82 45.94 -59.06
N LYS G 76 15.68 47.19 -58.64
CA LYS G 76 14.39 47.79 -58.36
C LYS G 76 14.07 48.75 -59.50
N ILE G 77 12.92 48.54 -60.14
CA ILE G 77 12.52 49.29 -61.32
C ILE G 77 11.57 50.40 -60.89
N VAL G 78 11.92 51.65 -61.19
CA VAL G 78 11.10 52.79 -60.85
C VAL G 78 10.85 53.61 -62.11
N THR G 79 9.78 54.40 -62.07
CA THR G 79 9.41 55.29 -63.15
C THR G 79 9.06 56.66 -62.59
N VAL G 80 9.27 57.69 -63.41
CA VAL G 80 9.01 59.06 -62.97
C VAL G 80 7.54 59.43 -63.05
N GLN G 81 6.72 58.61 -63.69
CA GLN G 81 5.30 58.91 -63.89
C GLN G 81 4.49 57.64 -63.77
N GLY G 82 3.20 57.82 -63.50
CA GLY G 82 2.30 56.66 -63.45
C GLY G 82 2.30 55.92 -64.78
N HIS G 83 2.32 54.60 -64.70
CA HIS G 83 2.47 53.75 -65.87
C HIS G 83 1.34 52.73 -65.92
N SER G 84 1.45 51.81 -66.88
CA SER G 84 0.49 50.72 -67.06
C SER G 84 1.28 49.45 -67.33
N MET G 85 1.47 48.63 -66.30
CA MET G 85 2.28 47.44 -66.42
C MET G 85 1.65 46.45 -67.38
N ALA G 86 2.49 45.76 -68.14
CA ALA G 86 2.05 44.70 -69.06
C ALA G 86 3.07 43.58 -69.02
N ILE G 87 2.72 42.47 -68.40
CA ILE G 87 3.62 41.34 -68.22
C ILE G 87 3.35 40.31 -69.30
N TYR G 88 4.41 39.86 -69.97
CA TYR G 88 4.31 38.81 -70.98
C TYR G 88 5.28 37.68 -70.66
N ASP G 89 4.83 36.45 -70.89
CA ASP G 89 5.61 35.26 -70.63
C ASP G 89 6.64 35.06 -71.74
N ALA G 90 7.59 34.16 -71.50
CA ALA G 90 8.66 33.92 -72.46
C ALA G 90 8.12 33.42 -73.79
N ASN G 91 7.15 32.48 -73.76
CA ASN G 91 6.56 32.01 -74.99
C ASN G 91 5.84 33.12 -75.74
N GLY G 92 5.25 34.07 -75.01
CA GLY G 92 4.52 35.17 -75.62
C GLY G 92 3.04 35.05 -75.37
N SER G 93 2.55 35.77 -74.36
CA SER G 93 1.15 35.74 -73.98
C SER G 93 0.90 36.86 -72.98
N GLN G 94 -0.30 37.43 -73.03
CA GLN G 94 -0.69 38.49 -72.11
C GLN G 94 -1.15 37.82 -70.81
N VAL G 95 -0.18 37.44 -69.99
CA VAL G 95 -0.48 36.78 -68.73
C VAL G 95 -1.20 37.74 -67.78
N ASP G 96 -0.83 39.02 -67.82
CA ASP G 96 -1.49 40.01 -66.99
C ASP G 96 -1.37 41.37 -67.67
N TYR G 97 -2.31 42.25 -67.33
CA TYR G 97 -2.31 43.62 -67.83
C TYR G 97 -3.00 44.52 -66.83
N ILE G 98 -2.38 45.66 -66.54
CA ILE G 98 -2.91 46.64 -65.61
C ILE G 98 -3.17 47.93 -66.40
N ALA G 99 -4.42 48.38 -66.41
CA ALA G 99 -4.73 49.62 -67.11
C ALA G 99 -4.00 50.80 -66.48
N ASN G 100 -4.02 50.89 -65.15
CA ASN G 100 -3.30 51.93 -64.44
C ASN G 100 -2.99 51.42 -63.03
N VAL G 101 -1.71 51.32 -62.71
CA VAL G 101 -1.31 50.69 -61.45
C VAL G 101 -1.81 51.49 -60.25
N LEU G 102 -1.70 52.81 -60.31
CA LEU G 102 -2.04 53.67 -59.18
C LEU G 102 -3.35 54.42 -59.38
N LYS G 103 -3.98 54.29 -60.55
CA LYS G 103 -5.23 54.96 -60.89
C LYS G 103 -5.08 56.48 -60.92
N TYR G 104 -3.85 56.98 -60.96
CA TYR G 104 -3.58 58.38 -61.22
C TYR G 104 -2.16 58.52 -61.70
N ASP G 105 -1.87 59.66 -62.33
CA ASP G 105 -0.53 59.93 -62.85
C ASP G 105 0.16 60.91 -61.89
N PRO G 106 1.05 60.43 -61.02
CA PRO G 106 1.67 61.35 -60.05
C PRO G 106 2.46 62.48 -60.68
N ASP G 107 3.10 62.25 -61.83
CA ASP G 107 3.88 63.31 -62.46
C ASP G 107 2.98 64.49 -62.86
N GLN G 108 1.84 64.20 -63.47
CA GLN G 108 0.91 65.27 -63.81
C GLN G 108 0.17 65.79 -62.59
N TYR G 109 -0.14 64.91 -61.64
CA TYR G 109 -0.91 65.32 -60.47
C TYR G 109 -0.10 66.24 -59.56
N SER G 110 1.23 66.08 -59.55
CA SER G 110 2.07 66.92 -58.70
C SER G 110 1.97 68.39 -59.11
N ILE G 111 1.90 68.66 -60.41
CA ILE G 111 1.75 70.01 -60.91
C ILE G 111 0.41 70.61 -60.48
N GLN H 1 52.68 -19.85 6.50
CA GLN H 1 51.86 -20.67 5.58
C GLN H 1 50.91 -21.57 6.38
N ILE H 2 50.20 -22.47 5.70
CA ILE H 2 49.27 -23.42 6.38
C ILE H 2 50.05 -24.70 6.67
N LYS H 3 50.54 -24.88 7.90
CA LYS H 3 51.40 -26.05 8.22
C LYS H 3 50.74 -26.97 9.24
N THR H 4 49.63 -26.53 9.85
CA THR H 4 49.00 -27.36 10.92
C THR H 4 47.54 -27.63 10.57
N LYS H 5 47.03 -28.79 10.97
CA LYS H 5 45.62 -29.15 10.64
C LYS H 5 44.73 -27.98 11.03
N GLY H 6 45.06 -27.31 12.14
CA GLY H 6 44.29 -26.12 12.53
C GLY H 6 44.39 -25.03 11.48
N ASP H 7 45.62 -24.67 11.10
CA ASP H 7 45.82 -23.64 10.05
C ASP H 7 44.90 -23.96 8.87
N LEU H 8 44.75 -25.25 8.55
CA LEU H 8 43.84 -25.65 7.48
C LEU H 8 42.40 -25.30 7.85
N VAL H 9 41.98 -25.64 9.06
CA VAL H 9 40.59 -25.43 9.46
C VAL H 9 40.28 -23.94 9.56
N ARG H 10 41.14 -23.18 10.24
CA ARG H 10 40.85 -21.76 10.40
C ARG H 10 40.87 -21.04 9.06
N ALA H 11 41.75 -21.48 8.15
CA ALA H 11 41.81 -20.84 6.84
C ALA H 11 40.63 -21.25 5.97
N ALA H 12 40.08 -22.45 6.16
CA ALA H 12 38.84 -22.81 5.48
C ALA H 12 37.68 -21.95 5.99
N LEU H 13 37.59 -21.79 7.32
CA LEU H 13 36.58 -20.89 7.88
C LEU H 13 36.76 -19.48 7.35
N ARG H 14 38.01 -19.04 7.20
CA ARG H 14 38.29 -17.76 6.56
C ARG H 14 37.73 -17.72 5.14
N LYS H 15 37.94 -18.78 4.38
CA LYS H 15 37.40 -18.83 3.03
C LYS H 15 35.88 -18.73 3.03
N LEU H 16 35.23 -19.33 4.03
CA LEU H 16 33.79 -19.11 4.18
C LEU H 16 33.48 -17.71 4.67
N GLY H 17 34.42 -17.08 5.38
CA GLY H 17 34.19 -15.76 5.93
C GLY H 17 33.62 -15.72 7.32
N VAL H 18 33.70 -16.83 8.06
CA VAL H 18 33.09 -16.88 9.40
C VAL H 18 34.01 -16.24 10.43
N ALA H 19 35.20 -16.79 10.60
CA ALA H 19 36.21 -16.26 11.51
C ALA H 19 37.52 -16.23 10.72
N SER H 20 37.86 -15.08 10.17
CA SER H 20 38.83 -14.99 9.10
C SER H 20 40.04 -14.13 9.46
N ASP H 21 40.24 -13.85 10.76
CA ASP H 21 41.21 -12.86 11.22
C ASP H 21 40.80 -11.48 10.73
N ALA H 22 41.23 -10.43 11.42
CA ALA H 22 40.69 -9.09 11.23
C ALA H 22 39.18 -9.07 11.43
N THR H 23 38.68 -10.02 12.20
CA THR H 23 37.25 -10.21 12.40
C THR H 23 36.87 -9.85 13.83
N LEU H 24 35.71 -9.22 13.98
CA LEU H 24 35.26 -8.78 15.29
C LEU H 24 34.66 -9.90 16.12
N THR H 25 34.14 -10.95 15.48
CA THR H 25 33.67 -12.14 16.16
C THR H 25 34.41 -13.36 15.63
N ASP H 26 34.95 -14.17 16.53
CA ASP H 26 35.65 -15.39 16.16
C ASP H 26 34.92 -16.56 16.80
N VAL H 27 35.01 -17.71 16.15
CA VAL H 27 34.26 -18.89 16.57
C VAL H 27 34.98 -19.58 17.72
N GLU H 28 34.21 -20.26 18.56
CA GLU H 28 34.78 -20.92 19.73
C GLU H 28 35.80 -21.98 19.31
N PRO H 29 36.84 -22.19 20.10
CA PRO H 29 37.80 -23.26 19.78
C PRO H 29 37.20 -24.65 19.80
N GLN H 30 36.07 -24.84 20.48
CA GLN H 30 35.36 -26.11 20.37
C GLN H 30 34.97 -26.39 18.92
N SER H 31 34.47 -25.37 18.22
CA SER H 31 34.10 -25.57 16.83
C SER H 31 35.33 -25.77 15.95
N MET H 32 36.46 -25.15 16.30
CA MET H 32 37.68 -25.42 15.54
C MET H 32 38.12 -26.87 15.71
N GLN H 33 38.06 -27.38 16.95
CA GLN H 33 38.39 -28.79 17.18
C GLN H 33 37.44 -29.69 16.41
N ASP H 34 36.15 -29.37 16.42
CA ASP H 34 35.18 -30.23 15.76
C ASP H 34 35.37 -30.20 14.24
N ALA H 35 35.71 -29.03 13.68
CA ALA H 35 36.01 -28.96 12.27
C ALA H 35 37.31 -29.68 11.92
N VAL H 36 38.27 -29.70 12.85
CA VAL H 36 39.45 -30.54 12.66
C VAL H 36 39.05 -32.01 12.59
N ASP H 37 38.12 -32.41 13.47
CA ASP H 37 37.57 -33.76 13.41
C ASP H 37 36.91 -34.02 12.06
N ASP H 38 36.19 -33.03 11.54
CA ASP H 38 35.54 -33.19 10.23
C ASP H 38 36.56 -33.34 9.12
N LEU H 39 37.64 -32.55 9.17
CA LEU H 39 38.71 -32.71 8.18
C LEU H 39 39.33 -34.10 8.27
N GLU H 40 39.57 -34.58 9.49
CA GLU H 40 40.15 -35.91 9.66
C GLU H 40 39.23 -36.98 9.09
N ALA H 41 37.92 -36.85 9.32
CA ALA H 41 36.97 -37.80 8.76
C ALA H 41 36.96 -37.75 7.24
N MET H 42 37.00 -36.54 6.67
CA MET H 42 37.00 -36.42 5.22
C MET H 42 38.25 -37.03 4.61
N MET H 43 39.41 -36.81 5.23
CA MET H 43 40.63 -37.42 4.72
C MET H 43 40.63 -38.93 4.89
N ALA H 44 40.07 -39.43 5.99
CA ALA H 44 39.94 -40.88 6.14
C ALA H 44 39.05 -41.45 5.05
N GLU H 45 37.96 -40.77 4.71
CA GLU H 45 37.10 -41.21 3.62
C GLU H 45 37.83 -41.20 2.28
N TRP H 46 38.63 -40.16 2.03
CA TRP H 46 39.39 -40.10 0.78
C TRP H 46 40.44 -41.20 0.71
N TYR H 47 41.16 -41.43 1.80
CA TYR H 47 42.42 -42.15 1.73
C TYR H 47 42.21 -43.64 1.49
N GLN H 48 41.27 -44.25 2.22
CA GLN H 48 40.85 -45.64 1.97
C GLN H 48 42.03 -46.60 1.94
N ASP H 49 42.98 -46.39 2.86
CA ASP H 49 44.21 -47.18 2.93
C ASP H 49 44.94 -47.00 1.60
N GLY H 50 45.42 -48.06 0.95
CA GLY H 50 46.21 -47.87 -0.25
C GLY H 50 45.42 -47.32 -1.43
N LYS H 51 44.18 -47.76 -1.58
CA LYS H 51 43.46 -47.59 -2.84
C LYS H 51 43.08 -46.14 -3.10
N GLY H 52 42.55 -45.45 -2.10
CA GLY H 52 42.01 -44.12 -2.29
C GLY H 52 43.03 -43.04 -2.63
N ILE H 53 42.57 -41.78 -2.66
CA ILE H 53 43.43 -40.66 -2.97
C ILE H 53 44.54 -40.55 -1.93
N ILE H 54 45.78 -40.49 -2.40
CA ILE H 54 46.96 -40.41 -1.54
C ILE H 54 47.50 -38.99 -1.63
N THR H 55 47.37 -38.24 -0.54
CA THR H 55 47.86 -36.87 -0.48
C THR H 55 49.14 -36.73 0.34
N GLY H 56 49.55 -37.78 1.04
CA GLY H 56 50.61 -37.65 2.03
C GLY H 56 50.15 -37.18 3.39
N TYR H 57 48.85 -37.25 3.67
CA TYR H 57 48.33 -36.84 4.97
C TYR H 57 48.84 -37.73 6.09
N VAL H 58 48.99 -37.13 7.27
CA VAL H 58 49.38 -37.83 8.49
C VAL H 58 48.29 -37.63 9.53
N PHE H 59 47.76 -38.74 10.04
CA PHE H 59 46.63 -38.69 10.95
C PHE H 59 47.09 -38.42 12.38
N SER H 60 46.16 -37.96 13.20
CA SER H 60 46.45 -37.64 14.58
C SER H 60 46.63 -38.93 15.40
N ASP H 61 47.11 -38.75 16.63
CA ASP H 61 47.40 -39.89 17.50
C ASP H 61 47.35 -39.41 18.94
N ASP H 62 47.31 -40.38 19.86
CA ASP H 62 47.09 -40.06 21.27
C ASP H 62 48.31 -39.40 21.92
N GLU H 63 49.51 -39.69 21.45
CA GLU H 63 50.69 -39.01 21.98
C GLU H 63 50.68 -37.52 21.66
N ASN H 64 49.85 -37.09 20.71
CA ASN H 64 49.68 -35.69 20.36
C ASN H 64 48.19 -35.36 20.41
N PRO H 65 47.63 -35.23 21.59
CA PRO H 65 46.17 -35.03 21.73
C PRO H 65 45.66 -33.82 20.95
N PRO H 66 46.37 -32.67 20.94
CA PRO H 66 45.83 -31.52 20.17
C PRO H 66 46.03 -31.71 18.68
N ALA H 67 45.07 -32.39 18.04
CA ALA H 67 45.16 -32.67 16.61
C ALA H 67 45.37 -31.40 15.79
N GLU H 68 44.89 -30.25 16.28
CA GLU H 68 45.07 -29.00 15.55
C GLU H 68 46.54 -28.69 15.34
N GLY H 69 47.35 -28.83 16.39
CA GLY H 69 48.75 -28.48 16.28
C GLY H 69 49.55 -29.39 15.37
N ASP H 70 49.09 -30.63 15.18
CA ASP H 70 49.82 -31.60 14.39
C ASP H 70 50.05 -31.10 12.97
N ASP H 71 51.26 -31.30 12.48
CA ASP H 71 51.58 -30.97 11.09
C ASP H 71 50.80 -31.90 10.17
N HIS H 72 50.01 -31.32 9.26
CA HIS H 72 49.23 -32.14 8.34
C HIS H 72 50.15 -32.96 7.44
N GLY H 73 51.27 -32.39 7.01
CA GLY H 73 52.21 -33.12 6.20
C GLY H 73 51.83 -33.22 4.74
N LEU H 74 50.78 -32.54 4.29
CA LEU H 74 50.37 -32.55 2.90
C LEU H 74 51.48 -32.07 1.99
N ARG H 75 51.40 -32.46 0.71
CA ARG H 75 52.30 -31.91 -0.28
C ARG H 75 52.10 -30.40 -0.38
N SER H 76 53.15 -29.71 -0.83
CA SER H 76 53.07 -28.25 -0.93
C SER H 76 51.95 -27.83 -1.87
N SER H 77 51.80 -28.53 -2.99
CA SER H 77 50.75 -28.22 -3.95
C SER H 77 49.37 -28.70 -3.48
N ALA H 78 49.31 -29.71 -2.63
CA ALA H 78 48.04 -30.28 -2.20
C ALA H 78 47.31 -29.44 -1.17
N VAL H 79 47.96 -28.44 -0.58
CA VAL H 79 47.33 -27.69 0.49
C VAL H 79 46.15 -26.88 -0.03
N SER H 80 46.19 -26.46 -1.30
CA SER H 80 45.08 -25.69 -1.85
C SER H 80 43.82 -26.52 -2.00
N ALA H 81 43.97 -27.80 -2.33
CA ALA H 81 42.80 -28.65 -2.54
C ALA H 81 42.05 -28.89 -1.23
N VAL H 82 42.76 -29.33 -0.19
CA VAL H 82 42.12 -29.55 1.10
C VAL H 82 41.72 -28.22 1.73
N PHE H 83 42.49 -27.16 1.46
CA PHE H 83 42.07 -25.79 1.73
C PHE H 83 40.67 -25.50 1.24
N HIS H 84 40.46 -25.56 -0.07
CA HIS H 84 39.18 -25.15 -0.62
C HIS H 84 38.11 -26.22 -0.42
N ASN H 85 38.50 -27.48 -0.36
CA ASN H 85 37.62 -28.48 0.24
C ASN H 85 37.51 -28.21 1.74
N LEU H 86 36.58 -28.91 2.38
CA LEU H 86 36.30 -28.74 3.80
C LEU H 86 35.63 -27.40 4.05
N ALA H 87 35.62 -26.53 3.03
CA ALA H 87 34.81 -25.32 3.12
C ALA H 87 33.38 -25.64 2.71
N CYS H 88 33.23 -26.43 1.66
CA CYS H 88 31.91 -26.97 1.32
C CYS H 88 31.41 -27.90 2.42
N ARG H 89 32.33 -28.66 3.04
CA ARG H 89 31.93 -29.59 4.09
C ARG H 89 31.48 -28.87 5.34
N ILE H 90 32.19 -27.80 5.74
CA ILE H 90 31.79 -27.05 6.92
C ILE H 90 30.63 -26.10 6.63
N ALA H 91 30.39 -25.77 5.35
CA ALA H 91 29.33 -24.84 5.01
C ALA H 91 27.96 -25.17 5.62
N PRO H 92 27.46 -26.42 5.55
CA PRO H 92 26.16 -26.69 6.19
C PRO H 92 26.23 -26.72 7.71
N ASP H 93 27.42 -26.85 8.29
CA ASP H 93 27.53 -26.83 9.75
C ASP H 93 27.03 -25.50 10.31
N TYR H 94 27.40 -24.40 9.67
CA TYR H 94 26.91 -23.07 10.03
C TYR H 94 25.69 -22.66 9.23
N ALA H 95 25.16 -23.55 8.39
CA ALA H 95 24.02 -23.27 7.52
C ALA H 95 24.32 -22.07 6.61
N LEU H 96 25.36 -22.23 5.79
CA LEU H 96 25.83 -21.16 4.93
C LEU H 96 25.90 -21.51 3.46
N GLU H 97 26.20 -22.77 3.12
CA GLU H 97 26.42 -23.20 1.73
C GLU H 97 27.67 -22.54 1.17
N ALA H 98 28.30 -23.18 0.19
CA ALA H 98 29.56 -22.71 -0.37
C ALA H 98 29.32 -22.01 -1.70
N THR H 99 30.05 -20.91 -1.91
CA THR H 99 29.93 -20.17 -3.15
C THR H 99 30.40 -21.01 -4.32
N ALA H 100 29.89 -20.69 -5.52
CA ALA H 100 30.21 -21.48 -6.70
C ALA H 100 31.70 -21.50 -6.97
N LYS H 101 32.39 -20.40 -6.67
CA LYS H 101 33.83 -20.36 -6.88
C LYS H 101 34.53 -21.39 -6.01
N ILE H 102 34.12 -21.51 -4.74
CA ILE H 102 34.72 -22.49 -3.85
C ILE H 102 34.42 -23.91 -4.33
N ILE H 103 33.21 -24.15 -4.82
CA ILE H 103 32.86 -25.48 -5.34
C ILE H 103 33.77 -25.84 -6.50
N ALA H 104 33.90 -24.92 -7.46
CA ALA H 104 34.74 -25.19 -8.63
C ALA H 104 36.19 -25.39 -8.24
N THR H 105 36.69 -24.58 -7.31
CA THR H 105 38.08 -24.71 -6.90
C THR H 105 38.32 -26.03 -6.18
N ALA H 106 37.36 -26.47 -5.35
CA ALA H 106 37.51 -27.75 -4.67
C ALA H 106 37.50 -28.90 -5.67
N LYS H 107 36.62 -28.85 -6.67
CA LYS H 107 36.61 -29.88 -7.70
C LYS H 107 37.94 -29.93 -8.44
N TYR H 108 38.45 -28.76 -8.84
CA TYR H 108 39.73 -28.70 -9.54
C TYR H 108 40.86 -29.22 -8.65
N GLY H 109 40.83 -28.88 -7.36
CA GLY H 109 41.87 -29.33 -6.46
C GLY H 109 41.88 -30.83 -6.27
N LYS H 110 40.70 -31.43 -6.13
CA LYS H 110 40.66 -32.88 -6.00
C LYS H 110 41.10 -33.57 -7.29
N GLU H 111 40.72 -33.02 -8.43
CA GLU H 111 41.18 -33.58 -9.70
C GLU H 111 42.70 -33.52 -9.80
N LEU H 112 43.29 -32.39 -9.42
CA LEU H 112 44.74 -32.27 -9.45
C LEU H 112 45.39 -33.21 -8.43
N LEU H 113 44.73 -33.44 -7.30
CA LEU H 113 45.26 -34.38 -6.33
C LEU H 113 45.33 -35.78 -6.89
N TYR H 114 44.29 -36.21 -7.60
CA TYR H 114 44.25 -37.58 -8.09
C TYR H 114 44.94 -37.76 -9.44
N LYS H 115 45.33 -36.67 -10.11
CA LYS H 115 45.92 -36.80 -11.44
C LYS H 115 47.19 -37.64 -11.42
N GLN H 116 48.12 -37.32 -10.52
CA GLN H 116 49.39 -38.03 -10.48
C GLN H 116 49.21 -39.49 -10.11
N THR H 117 48.33 -39.77 -9.14
CA THR H 117 48.07 -41.14 -8.77
C THR H 117 47.45 -41.93 -9.93
N ALA H 118 46.52 -41.30 -10.65
CA ALA H 118 45.89 -41.98 -11.78
C ALA H 118 46.90 -42.28 -12.87
N ILE H 119 47.81 -41.34 -13.15
CA ILE H 119 48.86 -41.61 -14.13
C ILE H 119 49.78 -42.72 -13.64
N SER H 120 50.05 -42.76 -12.33
CA SER H 120 50.96 -43.75 -11.78
C SER H 120 50.33 -45.13 -11.65
N ARG H 121 49.00 -45.23 -11.75
CA ARG H 121 48.31 -46.50 -11.56
C ARG H 121 47.74 -47.05 -12.87
N ALA H 122 48.23 -46.59 -14.01
CA ALA H 122 47.83 -47.18 -15.29
C ALA H 122 48.28 -48.63 -15.35
N LYS H 123 49.60 -48.85 -15.41
CA LYS H 123 50.20 -50.17 -15.27
C LYS H 123 49.51 -51.26 -16.08
N ARG H 124 49.62 -51.20 -17.41
CA ARG H 124 49.07 -52.23 -18.27
C ARG H 124 49.48 -53.63 -17.79
N ALA H 125 48.50 -54.52 -17.71
CA ALA H 125 48.73 -55.84 -17.14
C ALA H 125 49.64 -56.66 -18.05
N PRO H 126 50.38 -57.63 -17.49
CA PRO H 126 51.30 -58.41 -18.31
C PRO H 126 50.58 -59.35 -19.27
N TYR H 127 51.33 -60.01 -20.14
CA TYR H 127 50.73 -60.93 -21.09
C TYR H 127 50.08 -62.10 -20.36
N PRO H 128 48.98 -62.62 -20.89
CA PRO H 128 48.31 -63.75 -20.24
C PRO H 128 49.13 -65.02 -20.34
N SER H 129 48.71 -66.03 -19.56
CA SER H 129 49.47 -67.27 -19.44
C SER H 129 49.55 -68.05 -20.74
N ARG H 130 48.73 -67.71 -21.74
CA ARG H 130 48.70 -68.47 -22.98
C ARG H 130 49.47 -67.81 -24.12
N MET H 131 49.75 -66.51 -24.03
CA MET H 131 50.48 -65.85 -25.10
C MET H 131 51.90 -66.40 -25.19
N PRO H 132 52.33 -66.88 -26.35
CA PRO H 132 53.69 -67.42 -26.48
C PRO H 132 54.69 -66.40 -26.99
N THR H 133 55.91 -66.43 -26.47
CA THR H 133 56.99 -65.66 -27.08
C THR H 133 57.31 -66.23 -28.46
N GLY H 134 57.41 -65.35 -29.44
CA GLY H 134 57.66 -65.79 -30.80
C GLY H 134 59.07 -66.32 -30.98
N SER H 135 59.33 -66.83 -32.19
CA SER H 135 60.66 -67.31 -32.53
C SER H 135 61.69 -66.21 -32.56
N GLY H 136 61.28 -64.94 -32.57
CA GLY H 136 62.23 -63.85 -32.58
C GLY H 136 63.06 -63.77 -31.31
N ASN H 137 62.42 -63.99 -30.17
CA ASN H 137 63.14 -63.90 -28.90
C ASN H 137 64.10 -65.08 -28.74
N SER H 138 65.33 -64.78 -28.34
CA SER H 138 66.30 -65.84 -28.07
C SER H 138 65.92 -66.67 -26.85
N PHE H 139 65.03 -66.15 -26.00
CA PHE H 139 64.57 -66.91 -24.84
C PHE H 139 63.73 -68.13 -25.23
N ALA H 140 63.24 -68.18 -26.47
CA ALA H 140 62.60 -69.40 -26.96
C ALA H 140 63.56 -70.56 -26.96
N ASN H 141 64.85 -70.29 -27.16
CA ASN H 141 65.87 -71.33 -27.05
C ASN H 141 66.06 -71.79 -25.61
N LEU H 142 65.65 -70.98 -24.63
CA LEU H 142 65.80 -71.31 -23.22
C LEU H 142 64.57 -72.00 -22.64
N ASN H 143 63.66 -72.45 -23.49
CA ASN H 143 62.48 -73.25 -23.14
C ASN H 143 61.42 -72.47 -22.40
N GLU H 144 61.56 -71.14 -22.28
CA GLU H 144 60.53 -70.35 -21.61
C GLU H 144 59.24 -70.34 -22.43
N TRP H 145 59.35 -70.09 -23.74
CA TRP H 145 58.21 -70.08 -24.65
C TRP H 145 57.05 -69.24 -24.14
N HIS H 146 55.99 -69.89 -23.67
CA HIS H 146 54.79 -69.18 -23.26
C HIS H 146 55.08 -68.22 -22.11
N TYR H 147 54.41 -67.08 -22.13
CA TYR H 147 54.61 -66.06 -21.11
C TYR H 147 54.09 -66.54 -19.76
N PHE H 148 54.55 -65.88 -18.69
CA PHE H 148 54.17 -66.22 -17.33
C PHE H 148 53.69 -64.98 -16.60
N PRO H 149 52.38 -64.86 -16.36
CA PRO H 149 51.86 -63.70 -15.65
C PRO H 149 51.78 -63.96 -14.14
N GLY H 150 51.62 -62.87 -13.40
CA GLY H 150 51.52 -62.95 -11.95
C GLY H 150 52.77 -63.46 -11.28
N GLN I 1 15.06 -49.86 21.28
CA GLN I 1 14.79 -50.55 20.04
C GLN I 1 13.31 -50.45 19.67
N ILE I 2 12.93 -51.08 18.56
CA ILE I 2 11.58 -51.01 18.02
C ILE I 2 11.09 -52.45 17.88
N LYS I 3 10.34 -52.93 18.87
CA LYS I 3 9.96 -54.34 18.94
C LYS I 3 8.47 -54.60 18.77
N THR I 4 7.62 -53.57 18.78
CA THR I 4 6.19 -53.78 18.74
C THR I 4 5.56 -52.91 17.66
N LYS I 5 4.33 -53.29 17.27
CA LYS I 5 3.57 -52.52 16.30
C LYS I 5 3.41 -51.07 16.74
N GLY I 6 3.12 -50.88 18.03
CA GLY I 6 2.99 -49.53 18.55
C GLY I 6 4.26 -48.72 18.39
N ASP I 7 5.42 -49.36 18.55
CA ASP I 7 6.68 -48.66 18.33
C ASP I 7 6.83 -48.25 16.87
N LEU I 8 6.48 -49.14 15.95
CA LEU I 8 6.51 -48.77 14.54
C LEU I 8 5.63 -47.55 14.27
N VAL I 9 4.42 -47.57 14.82
CA VAL I 9 3.48 -46.47 14.58
C VAL I 9 4.00 -45.17 15.16
N ARG I 10 4.43 -45.18 16.43
CA ARG I 10 4.86 -43.94 17.06
C ARG I 10 6.14 -43.43 16.43
N ALA I 11 7.02 -44.32 15.98
CA ALA I 11 8.24 -43.88 15.31
C ALA I 11 7.93 -43.29 13.94
N ALA I 12 6.94 -43.85 13.23
CA ALA I 12 6.53 -43.25 11.96
C ALA I 12 5.93 -41.87 12.18
N LEU I 13 5.05 -41.74 13.17
CA LEU I 13 4.49 -40.43 13.49
C LEU I 13 5.60 -39.45 13.86
N ARG I 14 6.62 -39.93 14.58
CA ARG I 14 7.77 -39.09 14.89
C ARG I 14 8.47 -38.63 13.63
N LYS I 15 8.68 -39.55 12.69
CA LYS I 15 9.32 -39.17 11.43
C LYS I 15 8.49 -38.12 10.69
N LEU I 16 7.17 -38.19 10.81
CA LEU I 16 6.35 -37.07 10.34
C LEU I 16 6.51 -35.84 11.22
N GLY I 17 6.77 -36.03 12.51
CA GLY I 17 6.87 -34.92 13.44
C GLY I 17 5.60 -34.59 14.19
N VAL I 18 4.61 -35.49 14.19
CA VAL I 18 3.34 -35.20 14.85
C VAL I 18 3.48 -35.32 16.36
N ALA I 19 3.80 -36.53 16.84
CA ALA I 19 4.01 -36.79 18.27
C ALA I 19 5.29 -37.60 18.35
N SER I 20 6.38 -36.93 18.75
CA SER I 20 7.72 -37.43 18.49
C SER I 20 8.52 -37.71 19.75
N ASP I 21 7.88 -37.69 20.92
CA ASP I 21 8.56 -37.69 22.22
C ASP I 21 9.34 -36.38 22.35
N ALA I 22 9.59 -35.94 23.57
CA ALA I 22 10.05 -34.57 23.83
C ALA I 22 9.10 -33.55 23.23
N THR I 23 7.84 -33.93 23.08
CA THR I 23 6.83 -33.13 22.42
C THR I 23 5.82 -32.63 23.44
N LEU I 24 5.40 -31.37 23.28
CA LEU I 24 4.47 -30.79 24.23
C LEU I 24 3.04 -31.22 23.97
N THR I 25 2.71 -31.61 22.74
CA THR I 25 1.41 -32.17 22.41
C THR I 25 1.61 -33.56 21.81
N ASP I 26 0.86 -34.54 22.33
CA ASP I 26 0.90 -35.90 21.81
C ASP I 26 -0.49 -36.24 21.29
N VAL I 27 -0.53 -37.14 20.31
CA VAL I 27 -1.77 -37.51 19.67
C VAL I 27 -2.50 -38.55 20.51
N GLU I 28 -3.83 -38.54 20.44
CA GLU I 28 -4.62 -39.46 21.25
C GLU I 28 -4.31 -40.90 20.88
N PRO I 29 -4.41 -41.83 21.83
CA PRO I 29 -4.16 -43.24 21.52
C PRO I 29 -5.15 -43.82 20.53
N GLN I 30 -6.31 -43.18 20.31
CA GLN I 30 -7.20 -43.64 19.25
C GLN I 30 -6.54 -43.54 17.90
N SER I 31 -5.85 -42.43 17.63
CA SER I 31 -5.11 -42.33 16.38
C SER I 31 -3.96 -43.32 16.33
N MET I 32 -3.39 -43.69 17.48
CA MET I 32 -2.33 -44.69 17.47
C MET I 32 -2.88 -46.07 17.12
N GLN I 33 -4.04 -46.43 17.69
CA GLN I 33 -4.68 -47.69 17.31
C GLN I 33 -5.05 -47.69 15.84
N ASP I 34 -5.58 -46.57 15.36
CA ASP I 34 -5.97 -46.49 13.96
C ASP I 34 -4.76 -46.58 13.03
N ALA I 35 -3.63 -45.98 13.43
CA ALA I 35 -2.42 -46.12 12.64
C ALA I 35 -1.90 -47.55 12.65
N VAL I 36 -2.03 -48.25 13.79
CA VAL I 36 -1.74 -49.68 13.81
C VAL I 36 -2.62 -50.43 12.83
N ASP I 37 -3.89 -50.04 12.75
CA ASP I 37 -4.80 -50.66 11.79
C ASP I 37 -4.33 -50.40 10.36
N ASP I 38 -3.88 -49.18 10.09
CA ASP I 38 -3.38 -48.85 8.75
C ASP I 38 -2.12 -49.65 8.43
N LEU I 39 -1.23 -49.78 9.41
CA LEU I 39 -0.04 -50.62 9.24
C LEU I 39 -0.43 -52.04 8.87
N GLU I 40 -1.39 -52.60 9.62
CA GLU I 40 -1.80 -53.98 9.37
C GLU I 40 -2.40 -54.14 7.98
N ALA I 41 -3.20 -53.16 7.55
CA ALA I 41 -3.78 -53.21 6.22
C ALA I 41 -2.70 -53.12 5.15
N MET I 42 -1.72 -52.23 5.33
CA MET I 42 -0.64 -52.09 4.35
C MET I 42 0.19 -53.37 4.28
N MET I 43 0.46 -53.99 5.42
CA MET I 43 1.23 -55.23 5.42
C MET I 43 0.44 -56.38 4.79
N ALA I 44 -0.87 -56.44 5.02
CA ALA I 44 -1.68 -57.45 4.34
C ALA I 44 -1.66 -57.23 2.84
N GLU I 45 -1.74 -55.97 2.41
CA GLU I 45 -1.69 -55.66 0.98
C GLU I 45 -0.35 -56.05 0.37
N TRP I 46 0.75 -55.79 1.08
CA TRP I 46 2.06 -56.21 0.60
C TRP I 46 2.17 -57.72 0.53
N TYR I 47 1.68 -58.41 1.57
CA TYR I 47 2.04 -59.81 1.78
C TYR I 47 1.36 -60.73 0.77
N GLN I 48 0.06 -60.52 0.52
CA GLN I 48 -0.67 -61.25 -0.51
C GLN I 48 -0.49 -62.76 -0.39
N ASP I 49 -0.53 -63.26 0.84
CA ASP I 49 -0.30 -64.67 1.14
C ASP I 49 1.11 -65.00 0.66
N GLY I 50 1.32 -66.08 -0.10
CA GLY I 50 2.68 -66.44 -0.49
C GLY I 50 3.30 -65.47 -1.47
N LYS I 51 2.52 -64.99 -2.43
CA LYS I 51 3.09 -64.38 -3.63
C LYS I 51 3.76 -63.05 -3.34
N GLY I 52 3.12 -62.19 -2.55
CA GLY I 52 3.62 -60.84 -2.35
C GLY I 52 4.92 -60.73 -1.58
N ILE I 53 5.28 -59.51 -1.21
CA ILE I 53 6.51 -59.27 -0.45
C ILE I 53 6.43 -60.03 0.87
N ILE I 54 7.45 -60.84 1.14
CA ILE I 54 7.50 -61.65 2.35
C ILE I 54 8.46 -60.97 3.33
N THR I 55 7.90 -60.43 4.42
CA THR I 55 8.69 -59.73 5.42
C THR I 55 8.82 -60.49 6.74
N GLY I 56 8.12 -61.60 6.90
CA GLY I 56 8.12 -62.30 8.17
C GLY I 56 7.21 -61.67 9.22
N TYR I 57 6.24 -60.88 8.79
CA TYR I 57 5.35 -60.17 9.71
C TYR I 57 4.34 -61.11 10.33
N VAL I 58 4.01 -60.85 11.60
CA VAL I 58 3.06 -61.63 12.36
C VAL I 58 1.85 -60.76 12.66
N PHE I 59 0.67 -61.24 12.28
CA PHE I 59 -0.55 -60.47 12.43
C PHE I 59 -1.17 -60.67 13.81
N SER I 60 -2.05 -59.74 14.19
CA SER I 60 -2.69 -59.79 15.48
C SER I 60 -3.75 -60.89 15.53
N ASP I 61 -4.30 -61.10 16.72
CA ASP I 61 -5.26 -62.18 16.94
C ASP I 61 -6.13 -61.81 18.12
N ASP I 62 -7.20 -62.59 18.31
CA ASP I 62 -8.16 -62.30 19.39
C ASP I 62 -7.55 -62.53 20.77
N GLU I 63 -6.68 -63.54 20.90
CA GLU I 63 -6.06 -63.80 22.20
C GLU I 63 -5.10 -62.70 22.62
N ASN I 64 -4.73 -61.81 21.72
CA ASN I 64 -3.90 -60.64 22.04
C ASN I 64 -4.60 -59.40 21.50
N PRO I 65 -5.65 -58.95 22.17
CA PRO I 65 -6.48 -57.85 21.64
C PRO I 65 -5.67 -56.58 21.36
N PRO I 66 -4.74 -56.16 22.25
CA PRO I 66 -4.02 -54.90 21.96
C PRO I 66 -2.97 -55.10 20.89
N ALA I 67 -3.39 -54.99 19.62
CA ALA I 67 -2.49 -55.21 18.49
C ALA I 67 -1.22 -54.38 18.59
N GLU I 68 -1.28 -53.23 19.27
CA GLU I 68 -0.09 -52.40 19.42
C GLU I 68 1.03 -53.15 20.14
N GLY I 69 0.68 -53.85 21.23
CA GLY I 69 1.70 -54.53 22.01
C GLY I 69 2.34 -55.70 21.29
N ASP I 70 1.61 -56.30 20.35
CA ASP I 70 2.10 -57.49 19.65
C ASP I 70 3.44 -57.22 18.99
N ASP I 71 4.38 -58.15 19.18
CA ASP I 71 5.66 -58.06 18.50
C ASP I 71 5.46 -58.24 17.00
N HIS I 72 5.91 -57.25 16.22
CA HIS I 72 5.74 -57.34 14.78
C HIS I 72 6.51 -58.52 14.20
N GLY I 73 7.70 -58.79 14.73
CA GLY I 73 8.47 -59.93 14.27
C GLY I 73 9.21 -59.71 12.97
N LEU I 74 9.28 -58.48 12.49
CA LEU I 74 10.00 -58.18 11.25
C LEU I 74 11.48 -58.53 11.40
N ARG I 75 12.12 -58.72 10.25
CA ARG I 75 13.56 -58.90 10.26
C ARG I 75 14.24 -57.63 10.78
N SER I 76 15.46 -57.80 11.30
CA SER I 76 16.16 -56.67 11.88
C SER I 76 16.40 -55.57 10.84
N SER I 77 16.74 -55.97 9.61
CA SER I 77 16.99 -55.01 8.55
C SER I 77 15.70 -54.42 7.98
N ALA I 78 14.58 -55.12 8.12
CA ALA I 78 13.33 -54.69 7.50
C ALA I 78 12.60 -53.61 8.29
N VAL I 79 13.02 -53.34 9.53
CA VAL I 79 12.28 -52.40 10.37
C VAL I 79 12.36 -50.99 9.80
N SER I 80 13.48 -50.64 9.16
CA SER I 80 13.61 -49.30 8.60
C SER I 80 12.67 -49.07 7.43
N ALA I 81 12.45 -50.10 6.60
CA ALA I 81 11.59 -49.94 5.44
C ALA I 81 10.15 -49.66 5.85
N VAL I 82 9.59 -50.51 6.72
CA VAL I 82 8.24 -50.29 7.19
C VAL I 82 8.17 -49.04 8.08
N PHE I 83 9.27 -48.73 8.75
CA PHE I 83 9.33 -47.53 9.60
C PHE I 83 9.18 -46.25 8.78
N HIS I 84 9.97 -46.08 7.72
CA HIS I 84 9.80 -44.90 6.88
C HIS I 84 8.57 -45.02 6.00
N ASN I 85 8.23 -46.23 5.58
CA ASN I 85 6.87 -46.43 5.09
C ASN I 85 5.90 -46.24 6.25
N LEU I 86 4.61 -46.21 5.92
CA LEU I 86 3.54 -45.98 6.89
C LEU I 86 3.60 -44.54 7.38
N ALA I 87 4.68 -43.83 7.07
CA ALA I 87 4.72 -42.40 7.32
C ALA I 87 4.13 -41.66 6.13
N CYS I 88 4.42 -42.14 4.93
CA CYS I 88 3.74 -41.64 3.74
C CYS I 88 2.26 -41.97 3.79
N ARG I 89 1.92 -43.19 4.25
CA ARG I 89 0.53 -43.60 4.30
C ARG I 89 -0.26 -42.79 5.33
N ILE I 90 0.34 -42.49 6.48
CA ILE I 90 -0.34 -41.70 7.50
C ILE I 90 -0.25 -40.21 7.22
N ALA I 91 0.66 -39.78 6.34
CA ALA I 91 0.81 -38.35 6.04
C ALA I 91 -0.50 -37.66 5.66
N PRO I 92 -1.35 -38.20 4.79
CA PRO I 92 -2.62 -37.51 4.51
C PRO I 92 -3.62 -37.60 5.64
N ASP I 93 -3.41 -38.47 6.62
CA ASP I 93 -4.35 -38.56 7.74
C ASP I 93 -4.41 -37.25 8.51
N TYR I 94 -3.26 -36.64 8.76
CA TYR I 94 -3.20 -35.31 9.36
C TYR I 94 -3.11 -34.20 8.32
N ALA I 95 -3.23 -34.55 7.04
CA ALA I 95 -3.10 -33.60 5.93
C ALA I 95 -1.74 -32.89 6.00
N LEU I 96 -0.69 -33.70 5.95
CA LEU I 96 0.67 -33.19 6.08
C LEU I 96 1.57 -33.45 4.89
N GLU I 97 1.36 -34.56 4.17
CA GLU I 97 2.23 -35.00 3.08
C GLU I 97 3.62 -35.35 3.59
N ALA I 98 4.33 -36.21 2.87
CA ALA I 98 5.63 -36.71 3.32
C ALA I 98 6.75 -35.99 2.58
N THR I 99 7.82 -35.67 3.32
CA THR I 99 8.96 -35.01 2.74
C THR I 99 9.63 -35.90 1.70
N ALA I 100 10.34 -35.28 0.76
CA ALA I 100 10.97 -36.03 -0.32
C ALA I 100 11.96 -37.06 0.22
N LYS I 101 12.64 -36.72 1.32
CA LYS I 101 13.59 -37.66 1.91
C LYS I 101 12.87 -38.93 2.37
N ILE I 102 11.70 -38.77 2.99
CA ILE I 102 10.93 -39.93 3.44
C ILE I 102 10.46 -40.75 2.24
N ILE I 103 10.04 -40.09 1.17
CA ILE I 103 9.60 -40.79 -0.03
C ILE I 103 10.74 -41.66 -0.57
N ALA I 104 11.92 -41.05 -0.73
CA ALA I 104 13.06 -41.79 -1.28
C ALA I 104 13.46 -42.93 -0.36
N THR I 105 13.46 -42.69 0.96
CA THR I 105 13.84 -43.73 1.90
C THR I 105 12.85 -44.88 1.87
N ALA I 106 11.56 -44.59 1.78
CA ALA I 106 10.55 -45.66 1.71
C ALA I 106 10.70 -46.47 0.43
N LYS I 107 10.94 -45.79 -0.70
CA LYS I 107 11.16 -46.52 -1.95
C LYS I 107 12.37 -47.43 -1.84
N TYR I 108 13.48 -46.92 -1.30
CA TYR I 108 14.68 -47.72 -1.15
C TYR I 108 14.45 -48.88 -0.21
N GLY I 109 13.71 -48.65 0.88
CA GLY I 109 13.45 -49.71 1.84
C GLY I 109 12.60 -50.82 1.25
N LYS I 110 11.56 -50.47 0.50
CA LYS I 110 10.75 -51.51 -0.13
C LYS I 110 11.56 -52.28 -1.18
N GLU I 111 12.42 -51.58 -1.92
CA GLU I 111 13.27 -52.27 -2.89
C GLU I 111 14.18 -53.27 -2.18
N LEU I 112 14.80 -52.86 -1.07
CA LEU I 112 15.63 -53.80 -0.32
C LEU I 112 14.81 -54.93 0.28
N LEU I 113 13.56 -54.66 0.66
CA LEU I 113 12.71 -55.71 1.17
C LEU I 113 12.47 -56.79 0.12
N TYR I 114 12.20 -56.38 -1.11
CA TYR I 114 11.89 -57.34 -2.16
C TYR I 114 13.13 -57.91 -2.85
N LYS I 115 14.31 -57.35 -2.61
CA LYS I 115 15.51 -57.79 -3.32
C LYS I 115 15.79 -59.27 -3.09
N GLN I 116 15.84 -59.69 -1.82
CA GLN I 116 16.22 -61.08 -1.53
C GLN I 116 15.19 -62.06 -2.06
N THR I 117 13.90 -61.74 -1.92
CA THR I 117 12.87 -62.62 -2.44
C THR I 117 12.93 -62.70 -3.96
N ALA I 118 13.18 -61.57 -4.63
CA ALA I 118 13.28 -61.58 -6.09
C ALA I 118 14.47 -62.42 -6.55
N ILE I 119 15.60 -62.33 -5.85
CA ILE I 119 16.72 -63.19 -6.19
C ILE I 119 16.38 -64.65 -5.93
N SER I 120 15.60 -64.91 -4.88
CA SER I 120 15.24 -66.28 -4.53
C SER I 120 14.16 -66.87 -5.42
N ARG I 121 13.46 -66.05 -6.20
CA ARG I 121 12.34 -66.52 -7.01
C ARG I 121 12.69 -66.57 -8.49
N ALA I 122 13.98 -66.52 -8.84
CA ALA I 122 14.36 -66.66 -10.25
C ALA I 122 13.97 -68.02 -10.77
N LYS I 123 14.63 -69.08 -10.27
CA LYS I 123 14.24 -70.47 -10.53
C LYS I 123 13.91 -70.75 -12.00
N ARG I 124 14.90 -70.72 -12.87
CA ARG I 124 14.69 -71.08 -14.28
C ARG I 124 13.94 -72.40 -14.39
N ALA I 125 12.90 -72.40 -15.23
CA ALA I 125 12.02 -73.55 -15.34
C ALA I 125 12.77 -74.73 -15.95
N PRO I 126 12.36 -75.97 -15.64
CA PRO I 126 13.06 -77.14 -16.16
C PRO I 126 12.89 -77.29 -17.66
N TYR I 127 13.57 -78.28 -18.25
CA TYR I 127 13.46 -78.53 -19.67
C TYR I 127 12.04 -78.93 -20.03
N PRO I 128 11.56 -78.55 -21.21
CA PRO I 128 10.21 -78.94 -21.63
C PRO I 128 10.13 -80.44 -21.87
N SER I 129 8.90 -80.93 -22.03
CA SER I 129 8.66 -82.35 -22.14
C SER I 129 9.27 -82.96 -23.39
N ARG I 130 9.70 -82.15 -24.35
CA ARG I 130 10.16 -82.65 -25.63
C ARG I 130 11.68 -82.69 -25.77
N MET I 131 12.41 -81.83 -25.07
CA MET I 131 13.87 -81.86 -25.14
C MET I 131 14.39 -83.24 -24.74
N PRO I 132 15.20 -83.88 -25.57
CA PRO I 132 15.75 -85.19 -25.21
C PRO I 132 17.14 -85.09 -24.60
N THR I 133 17.42 -85.95 -23.62
CA THR I 133 18.79 -86.08 -23.15
C THR I 133 19.66 -86.70 -24.25
N GLY I 134 20.78 -86.06 -24.52
CA GLY I 134 21.66 -86.52 -25.59
C GLY I 134 22.31 -87.84 -25.26
N SER I 135 23.03 -88.36 -26.25
CA SER I 135 23.79 -89.60 -26.07
C SER I 135 24.89 -89.46 -25.04
N GLY I 136 25.26 -88.23 -24.67
CA GLY I 136 26.30 -88.05 -23.67
C GLY I 136 25.92 -88.59 -22.30
N ASN I 137 24.66 -88.37 -21.90
CA ASN I 137 24.21 -88.84 -20.59
C ASN I 137 24.08 -90.36 -20.60
N SER I 138 24.59 -91.00 -19.54
CA SER I 138 24.43 -92.44 -19.41
C SER I 138 22.99 -92.82 -19.12
N PHE I 139 22.16 -91.86 -18.69
CA PHE I 139 20.75 -92.16 -18.45
C PHE I 139 19.98 -92.46 -19.72
N ALA I 140 20.54 -92.13 -20.89
CA ALA I 140 19.94 -92.57 -22.15
C ALA I 140 19.93 -94.08 -22.25
N ASN I 141 20.92 -94.75 -21.63
CA ASN I 141 20.91 -96.20 -21.55
C ASN I 141 19.81 -96.72 -20.63
N LEU I 142 19.31 -95.89 -19.73
CA LEU I 142 18.26 -96.27 -18.80
C LEU I 142 16.86 -95.98 -19.33
N ASN I 143 16.73 -95.67 -20.61
CA ASN I 143 15.47 -95.50 -21.33
C ASN I 143 14.74 -94.21 -20.95
N GLU I 144 15.34 -93.34 -20.15
CA GLU I 144 14.68 -92.08 -19.80
C GLU I 144 14.55 -91.17 -21.02
N TRP I 145 15.65 -90.99 -21.76
CA TRP I 145 15.66 -90.18 -22.98
C TRP I 145 15.07 -88.79 -22.78
N HIS I 146 13.86 -88.58 -23.28
CA HIS I 146 13.24 -87.26 -23.22
C HIS I 146 13.03 -86.82 -21.78
N TYR I 147 13.20 -85.52 -21.53
CA TYR I 147 13.09 -84.97 -20.19
C TYR I 147 11.65 -85.07 -19.69
N PHE I 148 11.47 -84.77 -18.41
CA PHE I 148 10.15 -84.82 -17.78
C PHE I 148 9.98 -83.60 -16.88
N PRO I 149 9.17 -82.63 -17.29
CA PRO I 149 8.93 -81.44 -16.46
C PRO I 149 7.74 -81.62 -15.53
N GLY I 150 7.68 -80.74 -14.54
CA GLY I 150 6.61 -80.77 -13.56
C GLY I 150 6.58 -82.04 -12.72
N GLN J 1 -30.02 -47.53 -1.40
CA GLN J 1 -29.67 -47.82 -2.79
C GLN J 1 -30.17 -46.72 -3.71
N ILE J 2 -29.94 -46.88 -5.01
CA ILE J 2 -30.27 -45.87 -6.02
C ILE J 2 -31.13 -46.58 -7.06
N LYS J 3 -32.45 -46.47 -6.94
CA LYS J 3 -33.38 -47.23 -7.77
C LYS J 3 -34.19 -46.39 -8.73
N THR J 4 -34.13 -45.06 -8.65
CA THR J 4 -34.98 -44.21 -9.47
C THR J 4 -34.14 -43.16 -10.18
N LYS J 5 -34.69 -42.65 -11.29
CA LYS J 5 -34.03 -41.56 -12.01
C LYS J 5 -33.84 -40.34 -11.12
N GLY J 6 -34.84 -40.04 -10.30
CA GLY J 6 -34.68 -38.98 -9.32
C GLY J 6 -33.53 -39.25 -8.36
N ASP J 7 -33.37 -40.52 -7.95
CA ASP J 7 -32.22 -40.87 -7.12
C ASP J 7 -30.91 -40.63 -7.85
N LEU J 8 -30.84 -41.01 -9.13
CA LEU J 8 -29.64 -40.75 -9.91
C LEU J 8 -29.32 -39.26 -9.95
N VAL J 9 -30.33 -38.44 -10.20
CA VAL J 9 -30.10 -37.01 -10.34
C VAL J 9 -29.70 -36.38 -9.01
N ARG J 10 -30.41 -36.71 -7.93
CA ARG J 10 -30.08 -36.11 -6.64
C ARG J 10 -28.71 -36.59 -6.17
N ALA J 11 -28.34 -37.83 -6.49
CA ALA J 11 -27.01 -38.30 -6.12
C ALA J 11 -25.93 -37.64 -6.97
N ALA J 12 -26.21 -37.34 -8.23
CA ALA J 12 -25.25 -36.59 -9.03
C ALA J 12 -25.05 -35.18 -8.48
N LEU J 13 -26.15 -34.50 -8.15
CA LEU J 13 -26.06 -33.19 -7.51
C LEU J 13 -25.31 -33.28 -6.19
N ARG J 14 -25.49 -34.38 -5.47
CA ARG J 14 -24.73 -34.62 -4.26
C ARG J 14 -23.24 -34.70 -4.57
N LYS J 15 -22.89 -35.39 -5.64
CA LYS J 15 -21.49 -35.48 -6.05
C LYS J 15 -20.92 -34.11 -6.37
N LEU J 16 -21.69 -33.26 -7.04
CA LEU J 16 -21.27 -31.88 -7.21
C LEU J 16 -21.21 -31.12 -5.90
N GLY J 17 -22.04 -31.49 -4.93
CA GLY J 17 -22.12 -30.77 -3.68
C GLY J 17 -23.16 -29.68 -3.63
N VAL J 18 -24.10 -29.65 -4.58
CA VAL J 18 -25.11 -28.61 -4.61
C VAL J 18 -26.18 -28.86 -3.55
N ALA J 19 -26.88 -29.98 -3.66
CA ALA J 19 -27.90 -30.37 -2.69
C ALA J 19 -27.66 -31.84 -2.40
N SER J 20 -26.98 -32.12 -1.29
CA SER J 20 -26.33 -33.40 -1.07
C SER J 20 -26.89 -34.16 0.12
N ASP J 21 -28.05 -33.74 0.64
CA ASP J 21 -28.56 -34.21 1.92
C ASP J 21 -27.61 -33.77 3.04
N ALA J 22 -28.12 -33.64 4.26
CA ALA J 22 -27.40 -32.96 5.34
C ALA J 22 -27.02 -31.54 4.92
N THR J 23 -27.77 -30.97 3.98
CA THR J 23 -27.47 -29.69 3.39
C THR J 23 -28.48 -28.65 3.85
N LEU J 24 -27.99 -27.44 4.15
CA LEU J 24 -28.88 -26.40 4.62
C LEU J 24 -29.63 -25.74 3.48
N THR J 25 -29.08 -25.74 2.27
CA THR J 25 -29.75 -25.25 1.08
C THR J 25 -29.95 -26.41 0.11
N ASP J 26 -31.18 -26.59 -0.35
CA ASP J 26 -31.52 -27.63 -1.31
C ASP J 26 -32.09 -26.95 -2.54
N VAL J 27 -31.86 -27.55 -3.70
CA VAL J 27 -32.28 -26.98 -4.97
C VAL J 27 -33.76 -27.25 -5.17
N GLU J 28 -34.43 -26.33 -5.88
CA GLU J 28 -35.86 -26.48 -6.11
C GLU J 28 -36.13 -27.74 -6.94
N PRO J 29 -37.28 -28.38 -6.73
CA PRO J 29 -37.59 -29.59 -7.51
C PRO J 29 -37.73 -29.34 -8.99
N GLN J 30 -37.94 -28.09 -9.42
CA GLN J 30 -37.96 -27.82 -10.86
C GLN J 30 -36.62 -28.13 -11.50
N SER J 31 -35.52 -27.72 -10.84
CA SER J 31 -34.20 -28.06 -11.36
C SER J 31 -33.95 -29.56 -11.30
N MET J 32 -34.49 -30.25 -10.30
CA MET J 32 -34.36 -31.70 -10.25
C MET J 32 -35.09 -32.35 -11.42
N GLN J 33 -36.30 -31.90 -11.72
CA GLN J 33 -37.04 -32.44 -12.86
C GLN J 33 -36.30 -32.19 -14.15
N ASP J 34 -35.78 -30.98 -14.35
CA ASP J 34 -35.16 -30.70 -15.63
C ASP J 34 -33.78 -31.35 -15.73
N ALA J 35 -33.13 -31.61 -14.59
CA ALA J 35 -31.92 -32.44 -14.63
C ALA J 35 -32.25 -33.89 -14.94
N VAL J 36 -33.42 -34.38 -14.50
CA VAL J 36 -33.89 -35.69 -14.96
C VAL J 36 -34.09 -35.67 -16.47
N ASP J 37 -34.64 -34.57 -16.98
CA ASP J 37 -34.76 -34.39 -18.42
C ASP J 37 -33.41 -34.45 -19.11
N ASP J 38 -32.41 -33.80 -18.52
CA ASP J 38 -31.06 -33.84 -19.08
C ASP J 38 -30.49 -35.25 -19.06
N LEU J 39 -30.73 -36.00 -17.98
CA LEU J 39 -30.31 -37.40 -17.91
C LEU J 39 -30.96 -38.20 -19.03
N GLU J 40 -32.26 -38.01 -19.24
CA GLU J 40 -32.96 -38.74 -20.28
C GLU J 40 -32.40 -38.40 -21.65
N ALA J 41 -32.13 -37.13 -21.91
CA ALA J 41 -31.55 -36.73 -23.19
C ALA J 41 -30.17 -37.34 -23.39
N MET J 42 -29.34 -37.33 -22.35
CA MET J 42 -28.01 -37.91 -22.44
C MET J 42 -28.08 -39.41 -22.70
N MET J 43 -29.00 -40.11 -22.03
CA MET J 43 -29.11 -41.54 -22.25
C MET J 43 -29.66 -41.86 -23.62
N ALA J 44 -30.59 -41.05 -24.14
CA ALA J 44 -31.05 -41.24 -25.51
C ALA J 44 -29.93 -41.03 -26.50
N GLU J 45 -29.08 -40.03 -26.24
CA GLU J 45 -27.93 -39.79 -27.11
C GLU J 45 -26.96 -40.97 -27.07
N TRP J 46 -26.71 -41.52 -25.88
CA TRP J 46 -25.83 -42.68 -25.77
C TRP J 46 -26.42 -43.89 -26.49
N TYR J 47 -27.72 -44.11 -26.35
CA TYR J 47 -28.31 -45.38 -26.75
C TYR J 47 -28.35 -45.54 -28.26
N GLN J 48 -28.72 -44.47 -28.99
CA GLN J 48 -28.71 -44.47 -30.45
C GLN J 48 -29.47 -45.67 -31.01
N ASP J 49 -30.61 -45.99 -30.39
CA ASP J 49 -31.40 -47.17 -30.72
C ASP J 49 -30.50 -48.40 -30.49
N GLY J 50 -30.42 -49.34 -31.43
CA GLY J 50 -29.63 -50.53 -31.18
C GLY J 50 -28.14 -50.28 -31.13
N LYS J 51 -27.64 -49.39 -32.00
CA LYS J 51 -26.22 -49.35 -32.30
C LYS J 51 -25.39 -48.82 -31.12
N GLY J 52 -25.85 -47.74 -30.50
CA GLY J 52 -25.07 -47.08 -29.46
C GLY J 52 -24.87 -47.89 -28.19
N ILE J 53 -24.33 -47.22 -27.16
CA ILE J 53 -24.09 -47.90 -25.88
C ILE J 53 -25.39 -48.42 -25.31
N ILE J 54 -25.41 -49.70 -24.96
CA ILE J 54 -26.59 -50.35 -24.42
C ILE J 54 -26.41 -50.45 -22.91
N THR J 55 -27.14 -49.62 -22.17
CA THR J 55 -27.06 -49.60 -20.71
C THR J 55 -28.19 -50.33 -20.03
N GLY J 56 -29.19 -50.80 -20.76
CA GLY J 56 -30.38 -51.37 -20.14
C GLY J 56 -31.35 -50.34 -19.61
N TYR J 57 -31.17 -49.07 -19.94
CA TYR J 57 -32.01 -47.99 -19.45
C TYR J 57 -33.43 -48.13 -19.99
N VAL J 58 -34.39 -47.68 -19.18
CA VAL J 58 -35.81 -47.67 -19.54
C VAL J 58 -36.30 -46.24 -19.51
N PHE J 59 -36.86 -45.79 -20.63
CA PHE J 59 -37.24 -44.40 -20.78
C PHE J 59 -38.62 -44.14 -20.17
N SER J 60 -38.87 -42.87 -19.84
CA SER J 60 -40.12 -42.48 -19.23
C SER J 60 -41.26 -42.55 -20.26
N ASP J 61 -42.49 -42.43 -19.76
CA ASP J 61 -43.67 -42.58 -20.61
C ASP J 61 -44.81 -41.82 -19.94
N ASP J 62 -45.88 -41.59 -20.72
CA ASP J 62 -46.98 -40.74 -20.25
C ASP J 62 -47.80 -41.42 -19.16
N GLU J 63 -47.88 -42.74 -19.14
CA GLU J 63 -48.57 -43.42 -18.05
C GLU J 63 -47.87 -43.25 -16.72
N ASN J 64 -46.61 -42.82 -16.74
CA ASN J 64 -45.85 -42.51 -15.53
C ASN J 64 -45.27 -41.11 -15.65
N PRO J 65 -46.10 -40.09 -15.49
CA PRO J 65 -45.65 -38.70 -15.70
C PRO J 65 -44.45 -38.32 -14.85
N PRO J 66 -44.39 -38.71 -13.55
CA PRO J 66 -43.22 -38.32 -12.76
C PRO J 66 -41.99 -39.15 -13.12
N ALA J 67 -41.26 -38.71 -14.14
CA ALA J 67 -40.10 -39.45 -14.61
C ALA J 67 -39.10 -39.72 -13.50
N GLU J 68 -39.03 -38.87 -12.49
CA GLU J 68 -38.12 -39.09 -11.38
C GLU J 68 -38.40 -40.41 -10.69
N GLY J 69 -39.67 -40.69 -10.42
CA GLY J 69 -40.01 -41.91 -9.70
C GLY J 69 -39.74 -43.18 -10.49
N ASP J 70 -39.73 -43.08 -11.82
CA ASP J 70 -39.56 -44.26 -12.67
C ASP J 70 -38.26 -44.99 -12.36
N ASP J 71 -38.35 -46.31 -12.26
CA ASP J 71 -37.16 -47.12 -12.10
C ASP J 71 -36.29 -47.04 -13.34
N HIS J 72 -35.04 -46.62 -13.16
CA HIS J 72 -34.15 -46.50 -14.31
C HIS J 72 -33.90 -47.85 -14.97
N GLY J 73 -33.75 -48.90 -14.17
CA GLY J 73 -33.55 -50.23 -14.71
C GLY J 73 -32.13 -50.54 -15.13
N LEU J 74 -31.18 -49.66 -14.83
CA LEU J 74 -29.79 -49.90 -15.19
C LEU J 74 -29.27 -51.17 -14.54
N ARG J 75 -28.23 -51.74 -15.14
CA ARG J 75 -27.52 -52.83 -14.50
C ARG J 75 -26.92 -52.36 -13.18
N SER J 76 -26.75 -53.30 -12.26
CA SER J 76 -26.25 -52.95 -10.94
C SER J 76 -24.86 -52.31 -11.02
N SER J 77 -24.03 -52.80 -11.93
CA SER J 77 -22.69 -52.25 -12.11
C SER J 77 -22.69 -50.94 -12.86
N ALA J 78 -23.70 -50.70 -13.71
CA ALA J 78 -23.72 -49.52 -14.56
C ALA J 78 -24.17 -48.26 -13.84
N VAL J 79 -24.69 -48.37 -12.62
CA VAL J 79 -25.21 -47.19 -11.93
C VAL J 79 -24.10 -46.21 -11.60
N SER J 80 -22.88 -46.70 -11.41
CA SER J 80 -21.76 -45.82 -11.09
C SER J 80 -21.38 -44.96 -12.29
N ALA J 81 -21.49 -45.50 -13.50
CA ALA J 81 -21.11 -44.75 -14.69
C ALA J 81 -22.06 -43.58 -14.94
N VAL J 82 -23.36 -43.86 -15.03
CA VAL J 82 -24.34 -42.79 -15.21
C VAL J 82 -24.38 -41.89 -13.98
N PHE J 83 -24.09 -42.44 -12.81
CA PHE J 83 -23.88 -41.66 -11.60
C PHE J 83 -22.84 -40.57 -11.79
N HIS J 84 -21.60 -40.97 -12.07
CA HIS J 84 -20.52 -40.00 -12.15
C HIS J 84 -20.57 -39.21 -13.45
N ASN J 85 -21.06 -39.83 -14.53
CA ASN J 85 -21.52 -39.04 -15.66
C ASN J 85 -22.76 -38.26 -15.24
N LEU J 86 -23.17 -37.32 -16.10
CA LEU J 86 -24.31 -36.44 -15.85
C LEU J 86 -23.96 -35.46 -14.74
N ALA J 87 -22.86 -35.70 -14.04
CA ALA J 87 -22.37 -34.73 -13.08
C ALA J 87 -21.58 -33.65 -13.80
N CYS J 88 -20.78 -34.07 -14.78
CA CYS J 88 -20.15 -33.11 -15.69
C CYS J 88 -21.21 -32.41 -16.54
N ARG J 89 -22.28 -33.12 -16.89
CA ARG J 89 -23.33 -32.52 -17.72
C ARG J 89 -24.11 -31.45 -16.97
N ILE J 90 -24.41 -31.68 -15.68
CA ILE J 90 -25.08 -30.66 -14.87
C ILE J 90 -24.10 -29.63 -14.33
N ALA J 91 -22.80 -29.91 -14.40
CA ALA J 91 -21.81 -28.95 -13.90
C ALA J 91 -21.96 -27.55 -14.47
N PRO J 92 -22.13 -27.33 -15.78
CA PRO J 92 -22.32 -25.96 -16.26
C PRO J 92 -23.70 -25.39 -15.97
N ASP J 93 -24.65 -26.21 -15.53
CA ASP J 93 -25.98 -25.71 -15.20
C ASP J 93 -25.91 -24.64 -14.11
N TYR J 94 -25.13 -24.90 -13.05
CA TYR J 94 -24.89 -23.93 -12.01
C TYR J 94 -23.57 -23.20 -12.18
N ALA J 95 -22.92 -23.36 -13.34
CA ALA J 95 -21.62 -22.77 -13.61
C ALA J 95 -20.59 -23.19 -12.55
N LEU J 96 -20.39 -24.50 -12.46
CA LEU J 96 -19.53 -25.07 -11.42
C LEU J 96 -18.34 -25.85 -11.96
N GLU J 97 -18.48 -26.52 -13.11
CA GLU J 97 -17.46 -27.39 -13.68
C GLU J 97 -17.23 -28.61 -12.78
N ALA J 98 -16.76 -29.70 -13.37
CA ALA J 98 -16.59 -30.95 -12.64
C ALA J 98 -15.12 -31.15 -12.26
N THR J 99 -14.90 -31.63 -11.04
CA THR J 99 -13.54 -31.89 -10.57
C THR J 99 -12.90 -32.99 -11.41
N ALA J 100 -11.57 -32.95 -11.48
CA ALA J 100 -10.84 -33.90 -12.33
C ALA J 100 -11.14 -35.35 -11.93
N LYS J 101 -11.36 -35.59 -10.64
CA LYS J 101 -11.71 -36.94 -10.21
C LYS J 101 -13.02 -37.40 -10.83
N ILE J 102 -14.01 -36.51 -10.87
CA ILE J 102 -15.30 -36.87 -11.47
C ILE J 102 -15.14 -37.11 -12.96
N ILE J 103 -14.32 -36.29 -13.64
CA ILE J 103 -14.10 -36.47 -15.07
C ILE J 103 -13.49 -37.84 -15.34
N ALA J 104 -12.43 -38.18 -14.60
CA ALA J 104 -11.76 -39.45 -14.81
C ALA J 104 -12.69 -40.62 -14.50
N THR J 105 -13.46 -40.50 -13.42
CA THR J 105 -14.37 -41.59 -13.05
C THR J 105 -15.47 -41.77 -14.08
N ALA J 106 -15.99 -40.67 -14.63
CA ALA J 106 -16.99 -40.78 -15.68
C ALA J 106 -16.43 -41.42 -16.93
N LYS J 107 -15.20 -41.06 -17.31
CA LYS J 107 -14.56 -41.69 -18.46
C LYS J 107 -14.41 -43.20 -18.23
N TYR J 108 -13.92 -43.58 -17.05
CA TYR J 108 -13.77 -44.99 -16.73
C TYR J 108 -15.11 -45.71 -16.73
N GLY J 109 -16.15 -45.06 -16.21
CA GLY J 109 -17.46 -45.68 -16.18
C GLY J 109 -18.04 -45.91 -17.55
N LYS J 110 -17.88 -44.94 -18.46
CA LYS J 110 -18.38 -45.13 -19.81
C LYS J 110 -17.59 -46.22 -20.53
N GLU J 111 -16.27 -46.27 -20.31
CA GLU J 111 -15.48 -47.34 -20.91
C GLU J 111 -15.95 -48.70 -20.42
N LEU J 112 -16.21 -48.83 -19.11
CA LEU J 112 -16.71 -50.09 -18.57
C LEU J 112 -18.11 -50.41 -19.09
N LEU J 113 -18.92 -49.38 -19.33
CA LEU J 113 -20.23 -49.60 -19.92
C LEU J 113 -20.12 -50.22 -21.30
N TYR J 114 -19.21 -49.69 -22.12
CA TYR J 114 -19.11 -50.15 -23.50
C TYR J 114 -18.23 -51.38 -23.67
N LYS J 115 -17.47 -51.79 -22.64
CA LYS J 115 -16.54 -52.90 -22.81
C LYS J 115 -17.24 -54.19 -23.22
N GLN J 116 -18.28 -54.57 -22.48
CA GLN J 116 -18.95 -55.84 -22.77
C GLN J 116 -19.61 -55.83 -24.14
N THR J 117 -20.24 -54.72 -24.51
CA THR J 117 -20.87 -54.63 -25.82
C THR J 117 -19.82 -54.70 -26.93
N ALA J 118 -18.68 -54.03 -26.74
CA ALA J 118 -17.63 -54.06 -27.75
C ALA J 118 -17.06 -55.46 -27.91
N ILE J 119 -16.90 -56.20 -26.81
CA ILE J 119 -16.49 -57.59 -26.91
C ILE J 119 -17.55 -58.42 -27.61
N SER J 120 -18.82 -58.09 -27.37
CA SER J 120 -19.92 -58.86 -27.95
C SER J 120 -20.16 -58.56 -29.43
N ARG J 121 -19.60 -57.48 -29.95
CA ARG J 121 -19.82 -57.10 -31.35
C ARG J 121 -18.60 -57.34 -32.23
N ALA J 122 -17.67 -58.18 -31.81
CA ALA J 122 -16.55 -58.53 -32.67
C ALA J 122 -17.04 -59.24 -33.92
N LYS J 123 -17.56 -60.47 -33.75
CA LYS J 123 -18.27 -61.19 -34.80
C LYS J 123 -17.62 -61.12 -36.17
N ARG J 124 -16.44 -61.73 -36.32
CA ARG J 124 -15.78 -61.82 -37.62
C ARG J 124 -16.76 -62.24 -38.70
N ALA J 125 -16.75 -61.51 -39.81
CA ALA J 125 -17.69 -61.76 -40.89
C ALA J 125 -17.40 -63.11 -41.53
N PRO J 126 -18.42 -63.77 -42.11
CA PRO J 126 -18.20 -65.09 -42.71
C PRO J 126 -17.31 -65.03 -43.95
N TYR J 127 -17.00 -66.19 -44.50
CA TYR J 127 -16.17 -66.24 -45.69
C TYR J 127 -16.90 -65.58 -46.87
N PRO J 128 -16.16 -64.93 -47.76
CA PRO J 128 -16.80 -64.29 -48.91
C PRO J 128 -17.38 -65.31 -49.87
N SER J 129 -18.16 -64.81 -50.83
CA SER J 129 -18.89 -65.69 -51.73
C SER J 129 -17.98 -66.50 -52.63
N ARG J 130 -16.69 -66.15 -52.72
CA ARG J 130 -15.78 -66.83 -53.63
C ARG J 130 -14.88 -67.85 -52.95
N MET J 131 -14.66 -67.74 -51.64
CA MET J 131 -13.81 -68.69 -50.95
C MET J 131 -14.39 -70.10 -51.07
N PRO J 132 -13.62 -71.08 -51.55
CA PRO J 132 -14.14 -72.44 -51.69
C PRO J 132 -13.81 -73.34 -50.51
N THR J 133 -14.75 -74.20 -50.12
CA THR J 133 -14.43 -75.26 -49.18
C THR J 133 -13.48 -76.25 -49.83
N GLY J 134 -12.37 -76.54 -49.18
CA GLY J 134 -11.37 -77.41 -49.73
C GLY J 134 -11.86 -78.85 -49.86
N SER J 135 -11.01 -79.67 -50.48
CA SER J 135 -11.32 -81.09 -50.63
C SER J 135 -11.36 -81.82 -49.30
N GLY J 136 -10.86 -81.22 -48.23
CA GLY J 136 -10.88 -81.88 -46.93
C GLY J 136 -12.28 -82.07 -46.39
N ASN J 137 -13.14 -81.06 -46.55
CA ASN J 137 -14.48 -81.13 -46.01
C ASN J 137 -15.32 -82.17 -46.75
N SER J 138 -16.07 -82.98 -45.99
CA SER J 138 -16.98 -83.93 -46.60
C SER J 138 -18.14 -83.26 -47.31
N PHE J 139 -18.45 -82.00 -46.95
CA PHE J 139 -19.52 -81.27 -47.63
C PHE J 139 -19.17 -80.97 -49.08
N ALA J 140 -17.90 -81.06 -49.45
CA ALA J 140 -17.53 -80.95 -50.86
C ALA J 140 -18.23 -82.03 -51.69
N ASN J 141 -18.39 -83.22 -51.12
CA ASN J 141 -19.15 -84.28 -51.78
C ASN J 141 -20.62 -83.93 -51.92
N LEU J 142 -21.13 -82.99 -51.11
CA LEU J 142 -22.52 -82.57 -51.16
C LEU J 142 -22.74 -81.39 -52.09
N ASN J 143 -21.77 -81.07 -52.93
CA ASN J 143 -21.86 -80.05 -53.99
C ASN J 143 -21.92 -78.63 -53.44
N GLU J 144 -21.61 -78.41 -52.17
CA GLU J 144 -21.63 -77.06 -51.64
C GLU J 144 -20.47 -76.24 -52.19
N TRP J 145 -19.26 -76.82 -52.21
CA TRP J 145 -18.08 -76.17 -52.76
C TRP J 145 -17.84 -74.78 -52.20
N HIS J 146 -18.10 -73.76 -53.01
CA HIS J 146 -17.85 -72.39 -52.61
C HIS J 146 -18.74 -71.98 -51.45
N TYR J 147 -18.19 -71.17 -50.54
CA TYR J 147 -18.93 -70.71 -49.37
C TYR J 147 -20.06 -69.77 -49.78
N PHE J 148 -21.07 -69.68 -48.92
CA PHE J 148 -22.21 -68.79 -49.13
C PHE J 148 -22.35 -67.86 -47.94
N PRO J 149 -22.07 -66.58 -48.11
CA PRO J 149 -22.23 -65.61 -47.01
C PRO J 149 -23.63 -65.00 -47.02
N GLY J 150 -23.92 -64.29 -45.93
CA GLY J 150 -25.21 -63.64 -45.78
C GLY J 150 -26.38 -64.62 -45.73
N GLN K 1 -37.37 -13.95 -38.93
CA GLN K 1 -36.48 -14.62 -39.91
C GLN K 1 -35.62 -13.58 -40.61
N ILE K 2 -34.38 -13.92 -40.94
CA ILE K 2 -33.45 -12.97 -41.61
C ILE K 2 -33.75 -12.99 -43.11
N LYS K 3 -34.47 -11.99 -43.62
CA LYS K 3 -34.88 -12.00 -45.05
C LYS K 3 -34.36 -10.74 -45.76
N THR K 4 -33.88 -9.74 -45.02
CA THR K 4 -33.44 -8.48 -45.66
C THR K 4 -31.98 -8.19 -45.30
N LYS K 5 -31.23 -7.57 -46.21
CA LYS K 5 -29.79 -7.31 -45.95
C LYS K 5 -29.67 -6.66 -44.58
N GLY K 6 -30.59 -5.75 -44.26
CA GLY K 6 -30.57 -5.12 -42.93
C GLY K 6 -30.65 -6.17 -41.84
N ASP K 7 -31.49 -7.18 -42.03
CA ASP K 7 -31.69 -8.23 -40.99
C ASP K 7 -30.35 -8.92 -40.73
N LEU K 8 -29.62 -9.27 -41.78
CA LEU K 8 -28.28 -9.88 -41.58
C LEU K 8 -27.43 -8.91 -40.74
N VAL K 9 -27.44 -7.62 -41.08
CA VAL K 9 -26.59 -6.63 -40.37
C VAL K 9 -27.02 -6.54 -38.90
N ARG K 10 -28.31 -6.33 -38.64
CA ARG K 10 -28.79 -6.18 -37.24
C ARG K 10 -28.58 -7.50 -36.51
N ALA K 11 -28.80 -8.62 -37.21
CA ALA K 11 -28.61 -9.95 -36.58
C ALA K 11 -27.14 -10.14 -36.25
N ALA K 12 -26.23 -9.55 -37.03
CA ALA K 12 -24.79 -9.64 -36.72
C ALA K 12 -24.50 -8.77 -35.50
N LEU K 13 -24.84 -7.47 -35.58
CA LEU K 13 -24.65 -6.60 -34.39
C LEU K 13 -25.13 -7.41 -33.18
N ARG K 14 -26.37 -7.89 -33.21
CA ARG K 14 -26.83 -8.75 -32.12
C ARG K 14 -25.76 -9.73 -31.69
N LYS K 15 -25.18 -10.44 -32.64
CA LYS K 15 -24.17 -11.45 -32.31
C LYS K 15 -22.98 -10.82 -31.61
N LEU K 16 -22.60 -9.60 -32.02
CA LEU K 16 -21.59 -8.86 -31.26
C LEU K 16 -22.13 -8.39 -29.92
N GLY K 17 -23.44 -8.20 -29.81
CA GLY K 17 -24.03 -7.69 -28.58
C GLY K 17 -24.13 -6.18 -28.50
N VAL K 18 -24.03 -5.47 -29.62
CA VAL K 18 -24.04 -4.02 -29.60
C VAL K 18 -25.47 -3.49 -29.49
N ALA K 19 -26.30 -3.77 -30.49
CA ALA K 19 -27.71 -3.39 -30.50
C ALA K 19 -28.47 -4.63 -30.91
N SER K 20 -29.02 -5.34 -29.92
CA SER K 20 -29.42 -6.73 -30.11
C SER K 20 -30.90 -6.95 -29.85
N ASP K 21 -31.71 -5.88 -29.82
CA ASP K 21 -33.09 -5.91 -29.36
C ASP K 21 -33.10 -6.26 -27.87
N ALA K 22 -34.16 -5.87 -27.16
CA ALA K 22 -34.16 -5.90 -25.71
C ALA K 22 -33.01 -5.09 -25.14
N THR K 23 -32.56 -4.09 -25.89
CA THR K 23 -31.38 -3.32 -25.56
C THR K 23 -31.78 -1.88 -25.21
N LEU K 24 -31.09 -1.31 -24.23
CA LEU K 24 -31.42 0.03 -23.80
C LEU K 24 -30.81 1.10 -24.69
N THR K 25 -29.68 0.80 -25.33
CA THR K 25 -29.07 1.70 -26.30
C THR K 25 -28.96 0.98 -27.63
N ASP K 26 -29.45 1.62 -28.69
CA ASP K 26 -29.37 1.06 -30.03
C ASP K 26 -28.56 2.00 -30.90
N VAL K 27 -27.92 1.43 -31.91
CA VAL K 27 -26.98 2.18 -32.75
C VAL K 27 -27.76 3.00 -33.77
N GLU K 28 -27.17 4.12 -34.20
CA GLU K 28 -27.82 4.97 -35.18
C GLU K 28 -28.05 4.23 -36.49
N PRO K 29 -29.12 4.55 -37.21
CA PRO K 29 -29.32 3.94 -38.53
C PRO K 29 -28.24 4.29 -39.53
N GLN K 30 -27.49 5.37 -39.32
CA GLN K 30 -26.35 5.66 -40.18
C GLN K 30 -25.33 4.53 -40.12
N SER K 31 -25.03 4.04 -38.92
CA SER K 31 -24.10 2.92 -38.81
C SER K 31 -24.71 1.64 -39.36
N MET K 32 -26.04 1.51 -39.34
CA MET K 32 -26.67 0.34 -39.95
C MET K 32 -26.52 0.37 -41.46
N GLN K 33 -26.73 1.54 -42.08
CA GLN K 33 -26.48 1.69 -43.50
C GLN K 33 -25.01 1.41 -43.82
N ASP K 34 -24.12 1.91 -42.97
CA ASP K 34 -22.70 1.61 -43.12
C ASP K 34 -22.41 0.11 -43.11
N ALA K 35 -22.97 -0.61 -42.15
CA ALA K 35 -22.72 -2.04 -42.06
C ALA K 35 -23.35 -2.79 -43.23
N VAL K 36 -24.48 -2.30 -43.75
CA VAL K 36 -25.03 -2.86 -44.98
C VAL K 36 -24.04 -2.66 -46.13
N ASP K 37 -23.43 -1.47 -46.21
CA ASP K 37 -22.40 -1.22 -47.21
C ASP K 37 -21.24 -2.18 -47.05
N ASP K 38 -20.83 -2.44 -45.80
CA ASP K 38 -19.72 -3.35 -45.56
C ASP K 38 -20.07 -4.77 -45.97
N LEU K 39 -21.28 -5.21 -45.65
CA LEU K 39 -21.73 -6.53 -46.09
C LEU K 39 -21.73 -6.62 -47.60
N GLU K 40 -22.21 -5.58 -48.28
CA GLU K 40 -22.21 -5.58 -49.74
C GLU K 40 -20.79 -5.69 -50.29
N ALA K 41 -19.86 -4.93 -49.71
CA ALA K 41 -18.48 -4.97 -50.16
C ALA K 41 -17.87 -6.34 -49.96
N MET K 42 -18.11 -6.96 -48.80
CA MET K 42 -17.53 -8.28 -48.54
C MET K 42 -18.15 -9.34 -49.43
N MET K 43 -19.45 -9.25 -49.70
CA MET K 43 -20.07 -10.17 -50.65
C MET K 43 -19.51 -9.99 -52.05
N ALA K 44 -19.28 -8.75 -52.47
CA ALA K 44 -18.68 -8.53 -53.79
C ALA K 44 -17.27 -9.12 -53.83
N GLU K 45 -16.51 -8.96 -52.75
CA GLU K 45 -15.17 -9.53 -52.68
C GLU K 45 -15.21 -11.05 -52.76
N TRP K 46 -16.18 -11.67 -52.09
CA TRP K 46 -16.34 -13.12 -52.18
C TRP K 46 -16.72 -13.56 -53.58
N TYR K 47 -17.64 -12.83 -54.21
CA TYR K 47 -18.35 -13.36 -55.37
C TYR K 47 -17.48 -13.38 -56.62
N GLN K 48 -16.73 -12.29 -56.86
CA GLN K 48 -15.73 -12.24 -57.92
C GLN K 48 -16.29 -12.68 -59.27
N ASP K 49 -17.51 -12.24 -59.57
CA ASP K 49 -18.21 -12.62 -60.80
C ASP K 49 -18.36 -14.14 -60.78
N GLY K 50 -18.05 -14.85 -61.86
CA GLY K 50 -18.29 -16.28 -61.88
C GLY K 50 -17.41 -17.06 -60.93
N LYS K 51 -16.14 -16.67 -60.82
CA LYS K 51 -15.13 -17.55 -60.24
C LYS K 51 -15.29 -17.72 -58.74
N GLY K 52 -15.52 -16.63 -58.01
CA GLY K 52 -15.54 -16.67 -56.56
C GLY K 52 -16.68 -17.47 -55.95
N ILE K 53 -16.80 -17.39 -54.62
CA ILE K 53 -17.86 -18.10 -53.91
C ILE K 53 -19.22 -17.62 -54.40
N ILE K 54 -20.09 -18.56 -54.75
CA ILE K 54 -21.41 -18.26 -55.25
C ILE K 54 -22.40 -18.53 -54.11
N THR K 55 -22.93 -17.47 -53.52
CA THR K 55 -23.86 -17.59 -52.40
C THR K 55 -25.30 -17.34 -52.81
N GLY K 56 -25.57 -17.00 -54.06
CA GLY K 56 -26.92 -16.62 -54.46
C GLY K 56 -27.30 -15.21 -54.10
N TYR K 57 -26.35 -14.37 -53.71
CA TYR K 57 -26.63 -13.01 -53.30
C TYR K 57 -27.15 -12.15 -54.45
N VAL K 58 -27.98 -11.18 -54.11
CA VAL K 58 -28.51 -10.21 -55.04
C VAL K 58 -28.11 -8.82 -54.55
N PHE K 59 -27.42 -8.07 -55.41
CA PHE K 59 -26.87 -6.77 -55.02
C PHE K 59 -27.91 -5.68 -55.14
N SER K 60 -27.67 -4.58 -54.43
CA SER K 60 -28.59 -3.45 -54.42
C SER K 60 -28.52 -2.68 -55.73
N ASP K 61 -29.49 -1.79 -55.92
CA ASP K 61 -29.59 -1.02 -57.15
C ASP K 61 -30.22 0.33 -56.85
N ASP K 62 -30.25 1.19 -57.87
CA ASP K 62 -30.79 2.54 -57.70
C ASP K 62 -32.30 2.57 -57.59
N GLU K 63 -33.00 1.66 -58.28
CA GLU K 63 -34.46 1.61 -58.17
C GLU K 63 -34.92 1.19 -56.79
N ASN K 64 -34.04 0.65 -55.96
CA ASN K 64 -34.34 0.29 -54.57
C ASN K 64 -33.29 0.92 -53.68
N PRO K 65 -33.36 2.23 -53.47
CA PRO K 65 -32.29 2.94 -52.73
C PRO K 65 -32.03 2.36 -51.35
N PRO K 66 -33.07 2.00 -50.56
CA PRO K 66 -32.78 1.48 -49.22
C PRO K 66 -32.26 0.05 -49.27
N ALA K 67 -30.95 -0.10 -49.46
CA ALA K 67 -30.35 -1.42 -49.58
C ALA K 67 -30.69 -2.32 -48.40
N GLU K 68 -30.96 -1.73 -47.23
CA GLU K 68 -31.34 -2.51 -46.06
C GLU K 68 -32.59 -3.33 -46.32
N GLY K 69 -33.60 -2.70 -46.92
CA GLY K 69 -34.86 -3.38 -47.13
C GLY K 69 -34.79 -4.49 -48.17
N ASP K 70 -33.82 -4.41 -49.08
CA ASP K 70 -33.72 -5.38 -50.17
C ASP K 70 -33.56 -6.80 -49.64
N ASP K 71 -34.29 -7.74 -50.24
CA ASP K 71 -34.13 -9.15 -49.91
C ASP K 71 -32.75 -9.61 -50.34
N HIS K 72 -31.97 -10.16 -49.40
CA HIS K 72 -30.64 -10.64 -49.73
C HIS K 72 -30.71 -11.78 -50.74
N GLY K 73 -31.70 -12.65 -50.61
CA GLY K 73 -31.86 -13.75 -51.56
C GLY K 73 -30.94 -14.92 -51.33
N LEU K 74 -30.17 -14.93 -50.24
CA LEU K 74 -29.27 -16.02 -49.93
C LEU K 74 -30.01 -17.34 -49.83
N ARG K 75 -29.29 -18.45 -49.99
CA ARG K 75 -29.85 -19.76 -49.72
C ARG K 75 -30.25 -19.85 -48.25
N SER K 76 -31.22 -20.72 -47.97
CA SER K 76 -31.71 -20.85 -46.61
C SER K 76 -30.60 -21.29 -45.67
N SER K 77 -29.75 -22.21 -46.13
CA SER K 77 -28.64 -22.68 -45.31
C SER K 77 -27.49 -21.69 -45.25
N ALA K 78 -27.34 -20.83 -46.25
CA ALA K 78 -26.21 -19.90 -46.31
C ALA K 78 -26.38 -18.71 -45.39
N VAL K 79 -27.57 -18.49 -44.82
CA VAL K 79 -27.80 -17.29 -44.01
C VAL K 79 -26.95 -17.33 -42.74
N SER K 80 -26.64 -18.53 -42.22
CA SER K 80 -25.83 -18.62 -41.01
C SER K 80 -24.39 -18.19 -41.26
N ALA K 81 -23.86 -18.47 -42.45
CA ALA K 81 -22.48 -18.12 -42.75
C ALA K 81 -22.29 -16.61 -42.81
N VAL K 82 -23.12 -15.92 -43.60
CA VAL K 82 -23.02 -14.46 -43.67
C VAL K 82 -23.47 -13.83 -42.37
N PHE K 83 -24.42 -14.46 -41.68
CA PHE K 83 -24.76 -14.13 -40.30
C PHE K 83 -23.53 -14.02 -39.42
N HIS K 84 -22.82 -15.13 -39.23
CA HIS K 84 -21.70 -15.13 -38.28
C HIS K 84 -20.49 -14.42 -38.86
N ASN K 85 -20.32 -14.45 -40.18
CA ASN K 85 -19.42 -13.50 -40.81
C ASN K 85 -20.02 -12.10 -40.70
N LEU K 86 -19.23 -11.10 -41.04
CA LEU K 86 -19.61 -9.69 -40.95
C LEU K 86 -19.71 -9.27 -39.49
N ALA K 87 -19.65 -10.24 -38.58
CA ALA K 87 -19.50 -9.90 -37.17
C ALA K 87 -18.03 -9.66 -36.86
N CYS K 88 -17.16 -10.51 -37.40
CA CYS K 88 -15.74 -10.24 -37.35
C CYS K 88 -15.39 -8.99 -38.14
N ARG K 89 -16.09 -8.74 -39.25
CA ARG K 89 -15.79 -7.57 -40.07
C ARG K 89 -16.23 -6.29 -39.37
N ILE K 90 -17.39 -6.28 -38.73
CA ILE K 90 -17.85 -5.10 -38.01
C ILE K 90 -17.14 -4.94 -36.66
N ALA K 91 -16.57 -6.02 -36.12
CA ALA K 91 -15.93 -5.96 -34.81
C ALA K 91 -14.92 -4.82 -34.67
N PRO K 92 -13.97 -4.61 -35.59
CA PRO K 92 -13.04 -3.49 -35.40
C PRO K 92 -13.67 -2.13 -35.63
N ASP K 93 -14.84 -2.07 -36.28
CA ASP K 93 -15.51 -0.78 -36.48
C ASP K 93 -15.86 -0.15 -35.13
N TYR K 94 -16.37 -0.96 -34.20
CA TYR K 94 -16.66 -0.52 -32.85
C TYR K 94 -15.51 -0.79 -31.89
N ALA K 95 -14.38 -1.27 -32.39
CA ALA K 95 -13.21 -1.61 -31.58
C ALA K 95 -13.58 -2.64 -30.50
N LEU K 96 -14.07 -3.78 -30.96
CA LEU K 96 -14.57 -4.82 -30.06
C LEU K 96 -13.89 -6.16 -30.24
N GLU K 97 -13.48 -6.52 -31.46
CA GLU K 97 -12.94 -7.84 -31.78
C GLU K 97 -14.01 -8.92 -31.63
N ALA K 98 -13.86 -10.02 -32.35
CA ALA K 98 -14.86 -11.08 -32.36
C ALA K 98 -14.44 -12.23 -31.45
N THR K 99 -15.39 -12.79 -30.73
CA THR K 99 -15.12 -13.91 -29.84
C THR K 99 -14.69 -15.13 -30.67
N ALA K 100 -13.93 -16.02 -30.02
CA ALA K 100 -13.41 -17.19 -30.72
C ALA K 100 -14.52 -18.04 -31.30
N LYS K 101 -15.65 -18.13 -30.61
CA LYS K 101 -16.77 -18.90 -31.11
C LYS K 101 -17.27 -18.33 -32.44
N ILE K 102 -17.37 -17.00 -32.52
CA ILE K 102 -17.82 -16.37 -33.76
C ILE K 102 -16.81 -16.62 -34.88
N ILE K 103 -15.52 -16.55 -34.56
CA ILE K 103 -14.49 -16.79 -35.58
C ILE K 103 -14.62 -18.21 -36.13
N ALA K 104 -14.73 -19.19 -35.23
CA ALA K 104 -14.84 -20.58 -35.67
C ALA K 104 -16.10 -20.81 -36.48
N THR K 105 -17.22 -20.22 -36.04
CA THR K 105 -18.48 -20.40 -36.76
C THR K 105 -18.42 -19.76 -38.14
N ALA K 106 -17.78 -18.59 -38.26
CA ALA K 106 -17.65 -17.96 -39.56
C ALA K 106 -16.77 -18.79 -40.49
N LYS K 107 -15.67 -19.34 -39.97
CA LYS K 107 -14.83 -20.21 -40.79
C LYS K 107 -15.63 -21.43 -41.27
N TYR K 108 -16.37 -22.07 -40.37
CA TYR K 108 -17.16 -23.23 -40.75
C TYR K 108 -18.23 -22.85 -41.76
N GLY K 109 -18.85 -21.68 -41.59
CA GLY K 109 -19.88 -21.26 -42.52
C GLY K 109 -19.36 -21.00 -43.91
N LYS K 110 -18.18 -20.34 -44.01
CA LYS K 110 -17.61 -20.11 -45.33
C LYS K 110 -17.19 -21.43 -45.98
N GLU K 111 -16.65 -22.37 -45.19
CA GLU K 111 -16.31 -23.67 -45.74
C GLU K 111 -17.55 -24.38 -46.27
N LEU K 112 -18.65 -24.33 -45.52
CA LEU K 112 -19.89 -24.95 -46.00
C LEU K 112 -20.45 -24.22 -47.22
N LEU K 113 -20.23 -22.91 -47.30
CA LEU K 113 -20.66 -22.17 -48.49
C LEU K 113 -19.91 -22.67 -49.72
N TYR K 114 -18.60 -22.87 -49.60
CA TYR K 114 -17.83 -23.23 -50.78
C TYR K 114 -17.78 -24.73 -51.05
N LYS K 115 -18.29 -25.57 -50.14
CA LYS K 115 -18.19 -27.01 -50.33
C LYS K 115 -18.90 -27.47 -51.60
N GLN K 116 -20.16 -27.05 -51.77
CA GLN K 116 -20.92 -27.51 -52.94
C GLN K 116 -20.31 -27.01 -54.24
N THR K 117 -19.86 -25.75 -54.27
CA THR K 117 -19.22 -25.22 -55.46
C THR K 117 -17.94 -25.98 -55.78
N ALA K 118 -17.15 -26.29 -54.75
CA ALA K 118 -15.91 -27.03 -54.99
C ALA K 118 -16.17 -28.42 -55.52
N ILE K 119 -17.21 -29.08 -55.00
CA ILE K 119 -17.57 -30.40 -55.53
C ILE K 119 -18.06 -30.28 -56.96
N SER K 120 -18.78 -29.20 -57.27
CA SER K 120 -19.34 -29.01 -58.61
C SER K 120 -18.30 -28.56 -59.63
N ARG K 121 -17.12 -28.11 -59.20
CA ARG K 121 -16.11 -27.57 -60.10
C ARG K 121 -14.89 -28.50 -60.22
N ALA K 122 -15.03 -29.78 -59.86
CA ALA K 122 -13.95 -30.72 -60.10
C ALA K 122 -13.68 -30.87 -61.59
N LYS K 123 -14.64 -31.45 -62.32
CA LYS K 123 -14.67 -31.45 -63.78
C LYS K 123 -13.32 -31.78 -64.40
N ARG K 124 -12.90 -33.04 -64.22
CA ARG K 124 -11.69 -33.55 -64.85
C ARG K 124 -11.67 -33.20 -66.34
N ALA K 125 -10.54 -32.67 -66.79
CA ALA K 125 -10.43 -32.19 -68.16
C ALA K 125 -10.49 -33.35 -69.14
N PRO K 126 -10.95 -33.10 -70.38
CA PRO K 126 -11.06 -34.20 -71.35
C PRO K 126 -9.70 -34.72 -71.78
N TYR K 127 -9.70 -35.77 -72.60
CA TYR K 127 -8.45 -36.34 -73.07
C TYR K 127 -7.72 -35.35 -73.97
N PRO K 128 -6.39 -35.36 -73.94
CA PRO K 128 -5.62 -34.42 -74.76
C PRO K 128 -5.75 -34.75 -76.24
N SER K 129 -5.29 -33.82 -77.07
CA SER K 129 -5.48 -33.94 -78.50
C SER K 129 -4.72 -35.11 -79.10
N ARG K 130 -3.79 -35.71 -78.36
CA ARG K 130 -2.96 -36.78 -78.88
C ARG K 130 -3.42 -38.17 -78.46
N MET K 131 -4.24 -38.28 -77.43
CA MET K 131 -4.69 -39.58 -76.97
C MET K 131 -5.58 -40.23 -78.03
N PRO K 132 -5.26 -41.44 -78.49
CA PRO K 132 -6.09 -42.09 -79.50
C PRO K 132 -7.14 -43.02 -78.91
N THR K 133 -8.34 -43.06 -79.50
CA THR K 133 -9.29 -44.10 -79.15
C THR K 133 -8.78 -45.44 -79.62
N GLY K 134 -8.83 -46.44 -78.74
CA GLY K 134 -8.32 -47.75 -79.07
C GLY K 134 -9.19 -48.46 -80.09
N SER K 135 -8.71 -49.63 -80.52
CA SER K 135 -9.47 -50.45 -81.44
C SER K 135 -10.77 -50.98 -80.84
N GLY K 136 -10.93 -50.90 -79.52
CA GLY K 136 -12.16 -51.36 -78.90
C GLY K 136 -13.37 -50.55 -79.30
N ASN K 137 -13.22 -49.23 -79.39
CA ASN K 137 -14.34 -48.38 -79.74
C ASN K 137 -14.71 -48.55 -81.21
N SER K 138 -16.01 -48.72 -81.47
CA SER K 138 -16.48 -48.80 -82.85
C SER K 138 -16.32 -47.48 -83.59
N PHE K 139 -16.12 -46.38 -82.89
CA PHE K 139 -15.89 -45.09 -83.53
C PHE K 139 -14.57 -45.03 -84.26
N ALA K 140 -13.64 -45.95 -83.96
CA ALA K 140 -12.42 -46.05 -84.76
C ALA K 140 -12.74 -46.40 -86.21
N ASN K 141 -13.85 -47.11 -86.44
CA ASN K 141 -14.31 -47.37 -87.80
C ASN K 141 -14.85 -46.12 -88.47
N LEU K 142 -15.22 -45.10 -87.70
CA LEU K 142 -15.76 -43.86 -88.23
C LEU K 142 -14.71 -42.79 -88.45
N ASN K 143 -13.42 -43.17 -88.38
CA ASN K 143 -12.28 -42.32 -88.69
C ASN K 143 -12.02 -41.24 -87.64
N GLU K 144 -12.72 -41.28 -86.51
CA GLU K 144 -12.45 -40.30 -85.46
C GLU K 144 -11.08 -40.51 -84.85
N TRP K 145 -10.74 -41.75 -84.50
CA TRP K 145 -9.44 -42.12 -83.94
C TRP K 145 -9.02 -41.23 -82.77
N HIS K 146 -8.08 -40.33 -83.01
CA HIS K 146 -7.54 -39.50 -81.94
C HIS K 146 -8.63 -38.64 -81.31
N TYR K 147 -8.54 -38.48 -80.00
CA TYR K 147 -9.51 -37.66 -79.27
C TYR K 147 -9.37 -36.20 -79.65
N PHE K 148 -10.48 -35.47 -79.54
CA PHE K 148 -10.52 -34.05 -79.88
C PHE K 148 -11.00 -33.26 -78.69
N PRO K 149 -10.13 -32.51 -78.01
CA PRO K 149 -10.54 -31.74 -76.84
C PRO K 149 -10.94 -30.31 -77.23
N GLY K 150 -11.54 -29.62 -76.27
CA GLY K 150 -11.98 -28.25 -76.47
C GLY K 150 -13.05 -28.11 -77.52
N ILE L 2 27.61 16.36 -44.25
CA ILE L 2 27.67 16.36 -45.69
C ILE L 2 29.12 16.30 -46.16
N LYS L 3 29.80 17.45 -46.15
CA LYS L 3 31.11 17.58 -46.78
C LYS L 3 32.20 17.99 -45.79
N THR L 4 31.95 17.83 -44.50
CA THR L 4 32.98 18.13 -43.51
C THR L 4 32.79 17.20 -42.32
N LYS L 5 33.88 16.97 -41.59
CA LYS L 5 33.84 16.07 -40.44
C LYS L 5 32.87 16.58 -39.38
N GLY L 6 32.76 17.90 -39.23
CA GLY L 6 31.82 18.45 -38.28
C GLY L 6 30.39 18.07 -38.57
N ASP L 7 29.99 18.12 -39.84
CA ASP L 7 28.63 17.70 -40.19
C ASP L 7 28.42 16.21 -39.92
N LEU L 8 29.42 15.38 -40.22
CA LEU L 8 29.26 13.95 -39.97
C LEU L 8 29.07 13.68 -38.49
N VAL L 9 29.91 14.29 -37.64
CA VAL L 9 29.82 14.04 -36.21
C VAL L 9 28.54 14.62 -35.63
N ARG L 10 28.15 15.81 -36.08
CA ARG L 10 26.89 16.41 -35.60
C ARG L 10 25.73 15.52 -36.06
N ALA L 11 25.88 14.89 -37.22
CA ALA L 11 24.82 13.97 -37.71
C ALA L 11 24.71 12.79 -36.76
N ALA L 12 25.84 12.21 -36.36
CA ALA L 12 25.79 11.02 -35.50
C ALA L 12 25.09 11.38 -34.20
N LEU L 13 25.54 12.46 -33.55
CA LEU L 13 24.96 12.83 -32.24
C LEU L 13 23.44 12.97 -32.42
N ARG L 14 23.01 13.53 -33.55
CA ARG L 14 21.55 13.75 -33.76
C ARG L 14 20.83 12.41 -33.67
N LYS L 15 21.31 11.41 -34.41
CA LYS L 15 20.62 10.09 -34.44
C LYS L 15 20.62 9.49 -33.03
N LEU L 16 21.74 9.60 -32.32
CA LEU L 16 21.84 9.02 -30.96
C LEU L 16 20.81 9.70 -30.07
N GLY L 17 20.50 10.96 -30.37
CA GLY L 17 19.53 11.73 -29.55
C GLY L 17 20.23 12.54 -28.49
N VAL L 18 21.55 12.70 -28.59
CA VAL L 18 22.34 13.43 -27.57
C VAL L 18 22.17 14.93 -27.78
N ALA L 19 22.36 15.42 -29.01
CA ALA L 19 22.30 16.86 -29.26
C ALA L 19 21.81 17.11 -30.68
N SER L 20 20.70 17.83 -30.79
CA SER L 20 20.11 18.14 -32.08
C SER L 20 19.18 19.32 -31.91
N ASP L 21 18.80 19.92 -33.04
CA ASP L 21 17.79 20.98 -32.98
C ASP L 21 16.43 20.43 -32.59
N ALA L 22 16.13 19.19 -32.97
CA ALA L 22 14.89 18.56 -32.55
C ALA L 22 14.82 18.35 -31.05
N THR L 23 15.96 18.41 -30.36
CA THR L 23 16.02 18.22 -28.91
C THR L 23 16.37 19.52 -28.18
N LEU L 24 16.66 20.59 -28.93
CA LEU L 24 17.05 21.90 -28.37
C LEU L 24 18.36 21.80 -27.60
N THR L 25 19.26 20.92 -28.04
CA THR L 25 20.58 20.80 -27.42
C THR L 25 21.62 21.24 -28.44
N ASP L 26 22.52 22.11 -28.01
CA ASP L 26 23.63 22.55 -28.84
C ASP L 26 24.86 21.73 -28.49
N VAL L 27 25.52 21.19 -29.51
CA VAL L 27 26.60 20.25 -29.28
C VAL L 27 27.69 20.90 -28.44
N GLU L 28 28.11 20.21 -27.41
CA GLU L 28 29.20 20.71 -26.58
C GLU L 28 30.51 20.59 -27.35
N PRO L 29 31.38 21.60 -27.32
CA PRO L 29 32.64 21.50 -28.07
C PRO L 29 33.49 20.30 -27.65
N GLN L 30 33.46 19.95 -26.36
CA GLN L 30 34.13 18.75 -25.91
C GLN L 30 33.57 17.52 -26.60
N SER L 31 32.23 17.44 -26.69
CA SER L 31 31.61 16.32 -27.39
C SER L 31 32.01 16.29 -28.86
N MET L 32 32.05 17.46 -29.49
CA MET L 32 32.45 17.54 -30.89
C MET L 32 33.85 16.98 -31.10
N GLN L 33 34.81 17.49 -30.34
CA GLN L 33 36.20 17.04 -30.48
C GLN L 33 36.33 15.56 -30.18
N ASP L 34 35.68 15.10 -29.10
CA ASP L 34 35.82 13.72 -28.68
C ASP L 34 35.26 12.75 -29.71
N ALA L 35 34.05 13.02 -30.19
CA ALA L 35 33.46 12.12 -31.17
C ALA L 35 34.18 12.22 -32.51
N VAL L 36 34.79 13.35 -32.82
CA VAL L 36 35.63 13.42 -34.02
C VAL L 36 36.86 12.52 -33.85
N ASP L 37 37.46 12.53 -32.66
CA ASP L 37 38.57 11.62 -32.41
C ASP L 37 38.14 10.16 -32.53
N ASP L 38 36.96 9.84 -32.01
CA ASP L 38 36.44 8.49 -32.14
C ASP L 38 36.22 8.11 -33.60
N LEU L 39 35.72 9.06 -34.40
CA LEU L 39 35.56 8.81 -35.83
C LEU L 39 36.90 8.55 -36.49
N GLU L 40 37.93 9.32 -36.12
CA GLU L 40 39.26 9.09 -36.65
C GLU L 40 39.73 7.68 -36.34
N ALA L 41 39.57 7.25 -35.10
CA ALA L 41 39.98 5.91 -34.71
C ALA L 41 39.21 4.84 -35.48
N MET L 42 37.90 5.04 -35.64
CA MET L 42 37.09 4.05 -36.35
C MET L 42 37.50 3.95 -37.81
N MET L 43 37.72 5.10 -38.48
CA MET L 43 38.13 5.05 -39.87
C MET L 43 39.51 4.44 -40.03
N ALA L 44 40.43 4.72 -39.10
CA ALA L 44 41.73 4.07 -39.16
C ALA L 44 41.60 2.56 -39.02
N GLU L 45 40.78 2.11 -38.08
CA GLU L 45 40.58 0.67 -37.89
C GLU L 45 39.98 0.03 -39.13
N TRP L 46 38.99 0.68 -39.74
CA TRP L 46 38.39 0.15 -40.96
C TRP L 46 39.40 0.08 -42.08
N TYR L 47 40.18 1.16 -42.28
CA TYR L 47 41.10 1.22 -43.40
C TYR L 47 42.21 0.17 -43.26
N GLN L 48 42.70 -0.04 -42.04
CA GLN L 48 43.64 -1.11 -41.74
C GLN L 48 44.87 -1.03 -42.64
N ASP L 49 45.35 0.20 -42.86
CA ASP L 49 46.54 0.46 -43.65
C ASP L 49 46.43 -0.09 -45.09
N GLY L 50 45.21 -0.17 -45.61
CA GLY L 50 44.96 -0.48 -47.00
C GLY L 50 44.49 -1.88 -47.28
N LYS L 51 44.70 -2.82 -46.35
CA LYS L 51 44.28 -4.20 -46.59
C LYS L 51 42.80 -4.41 -46.33
N GLY L 52 42.19 -3.58 -45.50
CA GLY L 52 40.80 -3.72 -45.16
C GLY L 52 39.90 -2.88 -46.04
N ILE L 53 38.70 -2.61 -45.53
CA ILE L 53 37.73 -1.81 -46.25
C ILE L 53 38.30 -0.42 -46.52
N ILE L 54 38.01 0.11 -47.71
CA ILE L 54 38.51 1.41 -48.14
C ILE L 54 37.33 2.27 -48.56
N THR L 55 37.32 3.52 -48.13
CA THR L 55 36.20 4.42 -48.37
C THR L 55 36.57 5.71 -49.08
N GLY L 56 37.87 6.03 -49.20
CA GLY L 56 38.29 7.32 -49.69
C GLY L 56 38.51 8.36 -48.62
N TYR L 57 38.27 8.01 -47.36
CA TYR L 57 38.48 8.92 -46.23
C TYR L 57 39.94 9.33 -46.14
N VAL L 58 40.17 10.58 -45.77
CA VAL L 58 41.51 11.15 -45.63
C VAL L 58 41.73 11.51 -44.16
N PHE L 59 42.86 11.06 -43.61
CA PHE L 59 43.20 11.29 -42.20
C PHE L 59 43.99 12.59 -42.14
N SER L 60 43.37 13.64 -41.60
CA SER L 60 43.93 14.99 -41.64
C SER L 60 45.38 15.04 -41.17
N ASP L 61 45.61 14.77 -39.88
CA ASP L 61 46.91 14.68 -39.19
C ASP L 61 46.82 15.25 -37.78
N ASP L 62 45.88 16.19 -37.57
CA ASP L 62 45.68 17.02 -36.38
C ASP L 62 47.00 17.40 -35.72
N GLU L 63 48.00 17.75 -36.53
CA GLU L 63 49.26 18.28 -36.04
C GLU L 63 49.47 19.72 -36.47
N ASN L 64 49.50 19.99 -37.78
CA ASN L 64 49.52 21.39 -38.21
C ASN L 64 48.16 22.11 -38.12
N PRO L 65 46.99 21.48 -38.25
CA PRO L 65 45.76 22.27 -38.27
C PRO L 65 45.33 22.61 -36.85
N PRO L 66 44.44 23.59 -36.68
CA PRO L 66 43.90 23.82 -35.33
C PRO L 66 43.13 22.63 -34.79
N ALA L 67 42.39 21.94 -35.64
CA ALA L 67 41.63 20.76 -35.23
C ALA L 67 41.49 19.84 -36.44
N GLU L 68 41.46 18.53 -36.17
CA GLU L 68 41.36 17.58 -37.26
C GLU L 68 40.02 17.67 -37.97
N GLY L 69 38.94 17.89 -37.24
CA GLY L 69 37.65 17.88 -37.90
C GLY L 69 37.41 19.10 -38.79
N ASP L 70 37.58 18.88 -40.10
CA ASP L 70 37.20 19.73 -41.24
C ASP L 70 37.44 18.95 -42.52
N ASP L 71 36.41 18.84 -43.37
CA ASP L 71 36.50 18.22 -44.69
C ASP L 71 36.76 16.72 -44.61
N HIS L 72 36.28 15.98 -45.59
CA HIS L 72 36.53 14.54 -45.66
C HIS L 72 36.35 14.09 -47.10
N GLY L 73 37.28 13.26 -47.57
CA GLY L 73 37.22 12.73 -48.92
C GLY L 73 36.26 11.57 -49.09
N LEU L 74 35.43 11.32 -48.09
CA LEU L 74 34.49 10.20 -48.12
C LEU L 74 33.56 10.31 -49.31
N ARG L 75 33.29 9.17 -49.94
CA ARG L 75 32.36 9.14 -51.05
C ARG L 75 30.96 9.52 -50.59
N SER L 76 30.20 10.15 -51.49
CA SER L 76 28.87 10.64 -51.13
C SER L 76 27.95 9.49 -50.71
N SER L 77 28.18 8.29 -51.21
CA SER L 77 27.33 7.16 -50.89
C SER L 77 27.62 6.57 -49.52
N ALA L 78 28.75 6.89 -48.92
CA ALA L 78 29.18 6.27 -47.67
C ALA L 78 28.92 7.13 -46.44
N VAL L 79 28.37 8.34 -46.61
CA VAL L 79 28.18 9.24 -45.49
C VAL L 79 27.23 8.62 -44.47
N SER L 80 26.13 8.04 -44.95
CA SER L 80 25.15 7.44 -44.05
C SER L 80 25.78 6.35 -43.21
N ALA L 81 26.50 5.42 -43.87
CA ALA L 81 27.13 4.33 -43.15
C ALA L 81 28.13 4.85 -42.13
N VAL L 82 28.96 5.81 -42.52
CA VAL L 82 30.00 6.29 -41.61
C VAL L 82 29.40 6.98 -40.40
N PHE L 83 28.41 7.85 -40.59
CA PHE L 83 27.93 8.55 -39.41
C PHE L 83 27.03 7.68 -38.54
N HIS L 84 26.30 6.71 -39.13
CA HIS L 84 25.58 5.76 -38.29
C HIS L 84 26.55 4.92 -37.46
N ASN L 85 27.65 4.46 -38.06
CA ASN L 85 28.62 3.69 -37.30
C ASN L 85 29.28 4.53 -36.23
N LEU L 86 29.56 5.80 -36.52
CA LEU L 86 30.12 6.69 -35.51
C LEU L 86 29.16 6.86 -34.35
N ALA L 87 27.87 7.04 -34.65
CA ALA L 87 26.88 7.15 -33.58
C ALA L 87 26.83 5.89 -32.74
N CYS L 88 26.88 4.72 -33.39
CA CYS L 88 26.87 3.47 -32.64
C CYS L 88 28.10 3.36 -31.74
N ARG L 89 29.26 3.77 -32.24
CA ARG L 89 30.48 3.68 -31.43
C ARG L 89 30.48 4.66 -30.27
N ILE L 90 29.92 5.86 -30.45
CA ILE L 90 29.91 6.85 -29.39
C ILE L 90 28.69 6.73 -28.49
N ALA L 91 27.78 5.79 -28.77
CA ALA L 91 26.66 5.54 -27.87
C ALA L 91 27.07 5.29 -26.43
N PRO L 92 28.01 4.39 -26.10
CA PRO L 92 28.30 4.13 -24.69
C PRO L 92 29.07 5.25 -24.01
N ASP L 93 29.55 6.24 -24.76
CA ASP L 93 30.25 7.36 -24.13
C ASP L 93 29.32 8.13 -23.20
N TYR L 94 28.07 8.33 -23.61
CA TYR L 94 27.08 9.02 -22.79
C TYR L 94 26.20 8.07 -22.01
N ALA L 95 26.58 6.79 -21.95
CA ALA L 95 25.83 5.69 -21.33
C ALA L 95 24.57 5.32 -22.09
N LEU L 96 24.27 5.99 -23.20
CA LEU L 96 23.16 5.61 -24.03
C LEU L 96 23.50 4.35 -24.82
N GLU L 97 22.46 3.71 -25.34
CA GLU L 97 22.60 2.60 -26.28
C GLU L 97 21.82 2.93 -27.54
N ALA L 98 22.48 2.81 -28.69
CA ALA L 98 21.83 3.14 -29.95
C ALA L 98 20.64 2.23 -30.20
N THR L 99 19.55 2.81 -30.71
CA THR L 99 18.35 2.05 -31.01
C THR L 99 18.65 0.99 -32.07
N ALA L 100 17.88 -0.10 -32.04
CA ALA L 100 18.13 -1.21 -32.95
C ALA L 100 18.14 -0.78 -34.40
N LYS L 101 17.37 0.26 -34.75
CA LYS L 101 17.39 0.76 -36.12
C LYS L 101 18.76 1.29 -36.50
N ILE L 102 19.43 2.00 -35.57
CA ILE L 102 20.76 2.51 -35.86
C ILE L 102 21.74 1.36 -36.07
N ILE L 103 21.65 0.32 -35.24
CA ILE L 103 22.56 -0.82 -35.39
C ILE L 103 22.34 -1.52 -36.73
N ALA L 104 21.07 -1.74 -37.09
CA ALA L 104 20.78 -2.37 -38.38
C ALA L 104 21.27 -1.51 -39.53
N THR L 105 21.08 -0.20 -39.43
CA THR L 105 21.55 0.70 -40.47
C THR L 105 23.07 0.66 -40.59
N ALA L 106 23.78 0.59 -39.46
CA ALA L 106 25.23 0.51 -39.50
C ALA L 106 25.70 -0.78 -40.15
N LYS L 107 25.05 -1.90 -39.82
CA LYS L 107 25.40 -3.17 -40.45
C LYS L 107 25.17 -3.10 -41.96
N TYR L 108 24.01 -2.58 -42.37
CA TYR L 108 23.69 -2.47 -43.79
C TYR L 108 24.69 -1.57 -44.50
N GLY L 109 25.05 -0.45 -43.87
CA GLY L 109 25.97 0.47 -44.50
C GLY L 109 27.37 -0.09 -44.64
N LYS L 110 27.86 -0.79 -43.61
CA LYS L 110 29.17 -1.41 -43.72
C LYS L 110 29.19 -2.50 -44.79
N GLU L 111 28.12 -3.29 -44.87
CA GLU L 111 28.03 -4.30 -45.93
C GLU L 111 28.06 -3.65 -47.30
N LEU L 112 27.29 -2.58 -47.49
CA LEU L 112 27.28 -1.89 -48.78
C LEU L 112 28.64 -1.28 -49.09
N LEU L 113 29.32 -0.77 -48.06
CA LEU L 113 30.67 -0.22 -48.26
C LEU L 113 31.62 -1.29 -48.76
N TYR L 114 31.59 -2.47 -48.16
CA TYR L 114 32.55 -3.49 -48.55
C TYR L 114 32.12 -4.30 -49.76
N LYS L 115 30.88 -4.14 -50.23
CA LYS L 115 30.42 -4.92 -51.37
C LYS L 115 31.31 -4.71 -52.59
N GLN L 116 31.54 -3.46 -52.98
CA GLN L 116 32.29 -3.18 -54.20
C GLN L 116 33.75 -3.59 -54.06
N THR L 117 34.35 -3.35 -52.90
CA THR L 117 35.73 -3.75 -52.69
C THR L 117 35.86 -5.27 -52.72
N ALA L 118 34.88 -5.99 -52.17
CA ALA L 118 34.93 -7.45 -52.21
C ALA L 118 34.78 -7.96 -53.64
N ILE L 119 33.89 -7.35 -54.43
CA ILE L 119 33.77 -7.76 -55.82
C ILE L 119 35.07 -7.50 -56.58
N SER L 120 35.70 -6.35 -56.31
CA SER L 120 36.96 -6.04 -56.98
C SER L 120 38.07 -6.99 -56.56
N ARG L 121 38.10 -7.37 -55.28
CA ARG L 121 39.16 -8.23 -54.76
C ARG L 121 38.94 -9.71 -55.05
N ALA L 122 37.78 -10.09 -55.60
CA ALA L 122 37.53 -11.51 -55.85
C ALA L 122 38.59 -12.09 -56.79
N LYS L 123 38.78 -11.46 -57.94
CA LYS L 123 39.80 -11.82 -58.93
C LYS L 123 39.77 -13.33 -59.17
N ARG L 124 40.93 -13.90 -59.50
CA ARG L 124 41.11 -15.34 -59.65
C ARG L 124 42.61 -15.58 -59.74
N ALA L 125 43.06 -16.63 -59.08
CA ALA L 125 44.49 -16.93 -59.07
C ALA L 125 44.91 -17.41 -60.46
N PRO L 126 46.12 -17.06 -60.89
CA PRO L 126 46.61 -17.53 -62.18
C PRO L 126 46.77 -19.04 -62.18
N TYR L 127 46.92 -19.59 -63.38
CA TYR L 127 47.01 -21.03 -63.51
C TYR L 127 48.27 -21.54 -62.81
N PRO L 128 48.22 -22.75 -62.24
CA PRO L 128 49.40 -23.29 -61.56
C PRO L 128 50.53 -23.53 -62.53
N SER L 129 51.76 -23.47 -61.99
CA SER L 129 52.96 -23.53 -62.81
C SER L 129 53.07 -24.82 -63.61
N ARG L 130 52.41 -25.89 -63.18
CA ARG L 130 52.55 -27.18 -63.83
C ARG L 130 51.47 -27.47 -64.86
N MET L 131 50.52 -26.55 -65.07
CA MET L 131 49.46 -26.78 -66.05
C MET L 131 49.91 -26.31 -67.42
N PRO L 132 49.94 -27.17 -68.43
CA PRO L 132 50.47 -26.78 -69.75
C PRO L 132 49.42 -26.26 -70.72
N THR L 133 49.84 -25.60 -71.79
CA THR L 133 48.96 -25.32 -72.91
C THR L 133 48.52 -26.61 -73.56
N GLY L 134 47.31 -26.61 -74.11
CA GLY L 134 46.92 -27.68 -75.00
C GLY L 134 47.64 -27.58 -76.33
N SER L 135 47.53 -28.64 -77.12
CA SER L 135 48.14 -28.62 -78.45
C SER L 135 47.53 -27.55 -79.34
N GLY L 136 46.32 -27.09 -79.03
CA GLY L 136 45.68 -26.05 -79.80
C GLY L 136 45.98 -24.64 -79.33
N ASN L 137 47.22 -24.19 -79.49
CA ASN L 137 47.61 -22.84 -79.12
C ASN L 137 48.78 -22.39 -79.98
N SER L 138 48.95 -21.06 -80.06
CA SER L 138 50.11 -20.49 -80.72
C SER L 138 51.36 -20.60 -79.86
N PHE L 139 51.20 -20.46 -78.54
CA PHE L 139 52.33 -20.61 -77.63
C PHE L 139 52.92 -22.02 -77.67
N ALA L 140 52.17 -23.00 -78.17
CA ALA L 140 52.75 -24.32 -78.41
C ALA L 140 53.88 -24.24 -79.43
N ASN L 141 53.68 -23.46 -80.51
CA ASN L 141 54.75 -23.25 -81.47
C ASN L 141 55.80 -22.29 -80.94
N LEU L 142 55.38 -21.28 -80.18
CA LEU L 142 56.31 -20.31 -79.60
C LEU L 142 57.02 -20.83 -78.35
N ASN L 143 56.97 -22.14 -78.08
CA ASN L 143 57.75 -22.83 -77.06
C ASN L 143 57.35 -22.46 -75.63
N GLU L 144 56.26 -21.72 -75.44
CA GLU L 144 55.85 -21.36 -74.09
C GLU L 144 55.44 -22.59 -73.28
N TRP L 145 54.59 -23.43 -73.88
CA TRP L 145 54.11 -24.67 -73.24
C TRP L 145 53.52 -24.41 -71.86
N HIS L 146 54.14 -24.96 -70.82
CA HIS L 146 53.61 -24.83 -69.47
C HIS L 146 53.42 -23.37 -69.09
N TYR L 147 52.30 -23.08 -68.44
CA TYR L 147 51.92 -21.69 -68.15
C TYR L 147 52.93 -21.00 -67.26
N PHE L 148 52.98 -19.68 -67.37
CA PHE L 148 53.91 -18.89 -66.59
C PHE L 148 53.56 -18.98 -65.10
N PRO L 149 54.51 -19.31 -64.24
CA PRO L 149 54.21 -19.44 -62.81
C PRO L 149 53.85 -18.10 -62.19
N GLY L 150 53.01 -18.16 -61.16
CA GLY L 150 52.62 -16.98 -60.42
C GLY L 150 51.88 -15.95 -61.25
N GLN M 1 -0.46 16.13 -53.92
CA GLN M 1 0.55 15.14 -54.30
C GLN M 1 1.86 15.43 -53.56
N ILE M 2 2.88 14.62 -53.87
CA ILE M 2 4.17 14.69 -53.19
C ILE M 2 5.22 14.87 -54.28
N LYS M 3 5.61 16.11 -54.54
CA LYS M 3 6.49 16.42 -55.66
C LYS M 3 7.87 16.91 -55.26
N THR M 4 8.11 17.17 -53.97
CA THR M 4 9.37 17.75 -53.53
C THR M 4 9.99 16.91 -52.42
N LYS M 5 11.30 17.04 -52.27
CA LYS M 5 11.99 16.34 -51.19
C LYS M 5 11.46 16.78 -49.84
N GLY M 6 11.18 18.07 -49.69
CA GLY M 6 10.56 18.55 -48.47
C GLY M 6 9.22 17.88 -48.21
N ASP M 7 8.46 17.62 -49.28
CA ASP M 7 7.20 16.89 -49.12
C ASP M 7 7.46 15.47 -48.65
N LEU M 8 8.47 14.79 -49.20
CA LEU M 8 8.80 13.45 -48.74
C LEU M 8 9.14 13.48 -47.25
N VAL M 9 9.94 14.46 -46.83
CA VAL M 9 10.37 14.50 -45.44
C VAL M 9 9.21 14.81 -44.50
N ARG M 10 8.39 15.81 -44.85
CA ARG M 10 7.28 16.14 -43.96
C ARG M 10 6.26 15.02 -43.92
N ALA M 11 6.06 14.31 -45.03
CA ALA M 11 5.14 13.19 -45.03
C ALA M 11 5.68 12.02 -44.21
N ALA M 12 7.00 11.80 -44.24
CA ALA M 12 7.59 10.78 -43.38
C ALA M 12 7.43 11.14 -41.91
N LEU M 13 7.72 12.39 -41.56
CA LEU M 13 7.50 12.84 -40.18
C LEU M 13 6.04 12.68 -39.78
N ARG M 14 5.13 12.93 -40.71
CA ARG M 14 3.71 12.71 -40.45
C ARG M 14 3.44 11.24 -40.15
N LYS M 15 4.02 10.35 -40.95
CA LYS M 15 3.83 8.92 -40.71
C LYS M 15 4.37 8.53 -39.34
N LEU M 16 5.43 9.17 -38.90
CA LEU M 16 5.84 9.00 -37.50
C LEU M 16 4.85 9.67 -36.55
N GLY M 17 4.21 10.76 -36.97
CA GLY M 17 3.31 11.48 -36.11
C GLY M 17 3.92 12.67 -35.39
N VAL M 18 5.10 13.12 -35.81
CA VAL M 18 5.76 14.23 -35.13
C VAL M 18 5.09 15.56 -35.48
N ALA M 19 5.14 15.93 -36.76
CA ALA M 19 4.51 17.16 -37.25
C ALA M 19 3.76 16.76 -38.51
N SER M 20 2.44 16.67 -38.40
CA SER M 20 1.65 15.91 -39.36
C SER M 20 0.61 16.75 -40.07
N ASP M 21 0.66 18.08 -39.94
CA ASP M 21 -0.42 18.97 -40.37
C ASP M 21 -1.65 18.70 -39.51
N ALA M 22 -2.51 19.70 -39.34
CA ALA M 22 -3.56 19.65 -38.32
C ALA M 22 -2.97 19.43 -36.95
N THR M 23 -1.71 19.81 -36.77
CA THR M 23 -0.96 19.57 -35.55
C THR M 23 -0.72 20.89 -34.83
N LEU M 24 -0.81 20.85 -33.50
CA LEU M 24 -0.66 22.07 -32.72
C LEU M 24 0.81 22.44 -32.52
N THR M 25 1.71 21.47 -32.62
CA THR M 25 3.14 21.72 -32.56
C THR M 25 3.80 21.20 -33.83
N ASP M 26 4.65 22.01 -34.44
CA ASP M 26 5.38 21.63 -35.64
C ASP M 26 6.87 21.72 -35.36
N VAL M 27 7.64 20.92 -36.08
CA VAL M 27 9.08 20.86 -35.89
C VAL M 27 9.75 22.01 -36.62
N GLU M 28 10.87 22.48 -36.09
CA GLU M 28 11.57 23.59 -36.71
C GLU M 28 12.04 23.23 -38.11
N PRO M 29 12.11 24.20 -39.03
CA PRO M 29 12.64 23.92 -40.37
C PRO M 29 14.09 23.50 -40.38
N GLN M 30 14.85 23.78 -39.32
CA GLN M 30 16.21 23.24 -39.23
C GLN M 30 16.20 21.72 -39.22
N SER M 31 15.33 21.13 -38.40
CA SER M 31 15.25 19.68 -38.36
C SER M 31 14.68 19.11 -39.65
N MET M 32 13.80 19.86 -40.32
CA MET M 32 13.29 19.41 -41.61
C MET M 32 14.39 19.41 -42.67
N GLN M 33 15.23 20.45 -42.67
CA GLN M 33 16.37 20.46 -43.57
C GLN M 33 17.33 19.31 -43.27
N ASP M 34 17.58 19.04 -42.00
CA ASP M 34 18.53 17.99 -41.68
C ASP M 34 17.95 16.62 -41.99
N ALA M 35 16.62 16.46 -41.89
CA ALA M 35 15.98 15.23 -42.35
C ALA M 35 16.04 15.11 -43.87
N VAL M 36 15.96 16.23 -44.59
CA VAL M 36 16.20 16.21 -46.03
C VAL M 36 17.61 15.73 -46.32
N ASP M 37 18.57 16.20 -45.53
CA ASP M 37 19.95 15.75 -45.65
C ASP M 37 20.05 14.24 -45.42
N ASP M 38 19.33 13.73 -44.42
CA ASP M 38 19.32 12.30 -44.16
C ASP M 38 18.71 11.53 -45.32
N LEU M 39 17.63 12.04 -45.91
CA LEU M 39 17.05 11.42 -47.09
C LEU M 39 18.07 11.36 -48.22
N GLU M 40 18.79 12.46 -48.45
CA GLU M 40 19.79 12.49 -49.51
C GLU M 40 20.89 11.46 -49.26
N ALA M 41 21.34 11.37 -48.01
CA ALA M 41 22.38 10.39 -47.67
C ALA M 41 21.89 8.97 -47.88
N MET M 42 20.65 8.68 -47.46
CA MET M 42 20.11 7.33 -47.63
C MET M 42 19.97 6.99 -49.11
N MET M 43 19.49 7.94 -49.92
CA MET M 43 19.32 7.68 -51.33
C MET M 43 20.65 7.49 -52.04
N ALA M 44 21.66 8.25 -51.63
CA ALA M 44 23.00 8.05 -52.17
C ALA M 44 23.55 6.69 -51.78
N GLU M 45 23.30 6.25 -50.54
CA GLU M 45 23.73 4.93 -50.11
C GLU M 45 23.05 3.84 -50.91
N TRP M 46 21.76 4.00 -51.20
CA TRP M 46 21.06 3.04 -52.04
C TRP M 46 21.62 3.03 -53.46
N TYR M 47 21.89 4.22 -54.01
CA TYR M 47 22.07 4.35 -55.46
C TYR M 47 23.41 3.76 -55.91
N GLN M 48 24.49 4.05 -55.19
CA GLN M 48 25.80 3.44 -55.45
C GLN M 48 26.21 3.55 -56.91
N ASP M 49 25.96 4.72 -57.50
CA ASP M 49 26.23 4.98 -58.92
C ASP M 49 25.40 3.99 -59.72
N GLY M 50 25.95 3.27 -60.69
CA GLY M 50 25.14 2.38 -61.50
C GLY M 50 24.63 1.17 -60.74
N LYS M 51 25.45 0.59 -59.88
CA LYS M 51 25.22 -0.76 -59.39
C LYS M 51 24.00 -0.83 -58.47
N GLY M 52 23.87 0.10 -57.54
CA GLY M 52 22.83 0.01 -56.52
C GLY M 52 21.40 0.16 -57.03
N ILE M 53 20.46 0.27 -56.09
CA ILE M 53 19.06 0.43 -56.45
C ILE M 53 18.88 1.71 -57.26
N ILE M 54 18.26 1.58 -58.43
CA ILE M 54 18.03 2.70 -59.33
C ILE M 54 16.57 3.11 -59.18
N THR M 55 16.34 4.24 -58.52
CA THR M 55 14.99 4.76 -58.29
C THR M 55 14.63 5.93 -59.19
N GLY M 56 15.59 6.47 -59.95
CA GLY M 56 15.35 7.69 -60.69
C GLY M 56 15.48 8.95 -59.87
N TYR M 57 16.07 8.87 -58.68
CA TYR M 57 16.22 10.02 -57.80
C TYR M 57 17.17 11.05 -58.41
N VAL M 58 16.92 12.32 -58.10
CA VAL M 58 17.73 13.44 -58.56
C VAL M 58 18.31 14.13 -57.34
N PHE M 59 19.63 14.26 -57.31
CA PHE M 59 20.31 14.84 -56.15
C PHE M 59 20.34 16.36 -56.24
N SER M 60 20.47 16.99 -55.08
CA SER M 60 20.50 18.45 -55.00
C SER M 60 21.79 18.99 -55.59
N ASP M 61 21.84 20.31 -55.74
CA ASP M 61 22.98 20.96 -56.37
C ASP M 61 23.03 22.41 -55.87
N ASP M 62 24.16 23.07 -56.13
CA ASP M 62 24.39 24.40 -55.58
C ASP M 62 23.52 25.46 -56.26
N GLU M 63 23.18 25.28 -57.53
CA GLU M 63 22.28 26.23 -58.19
C GLU M 63 20.88 26.22 -57.61
N ASN M 64 20.54 25.19 -56.83
CA ASN M 64 19.26 25.12 -56.12
C ASN M 64 19.53 24.83 -54.65
N PRO M 65 19.98 25.83 -53.91
CA PRO M 65 20.39 25.62 -52.51
C PRO M 65 19.31 25.00 -51.66
N PRO M 66 18.01 25.41 -51.79
CA PRO M 66 16.98 24.78 -50.95
C PRO M 66 16.65 23.39 -51.45
N ALA M 67 17.41 22.38 -50.98
CA ALA M 67 17.20 21.01 -51.43
C ALA M 67 15.76 20.56 -51.19
N GLU M 68 15.08 21.12 -50.19
CA GLU M 68 13.69 20.74 -49.93
C GLU M 68 12.80 20.99 -51.14
N GLY M 69 12.94 22.16 -51.76
CA GLY M 69 12.09 22.50 -52.88
C GLY M 69 12.34 21.67 -54.12
N ASP M 70 13.54 21.10 -54.25
CA ASP M 70 13.90 20.36 -55.44
C ASP M 70 12.93 19.20 -55.69
N ASP M 71 12.52 19.05 -56.94
CA ASP M 71 11.71 17.90 -57.32
C ASP M 71 12.52 16.62 -57.19
N HIS M 72 12.04 15.69 -56.36
CA HIS M 72 12.76 14.44 -56.16
C HIS M 72 12.89 13.65 -57.46
N GLY M 73 11.85 13.66 -58.28
CA GLY M 73 11.91 12.99 -59.56
C GLY M 73 11.71 11.49 -59.51
N LEU M 74 11.35 10.94 -58.35
CA LEU M 74 11.09 9.51 -58.21
C LEU M 74 10.00 9.06 -59.16
N ARG M 75 9.99 7.77 -59.47
CA ARG M 75 8.87 7.21 -60.23
C ARG M 75 7.60 7.33 -59.40
N SER M 76 6.46 7.35 -60.10
CA SER M 76 5.19 7.53 -59.42
C SER M 76 4.94 6.43 -58.40
N SER M 77 5.30 5.20 -58.74
CA SER M 77 5.13 4.08 -57.83
C SER M 77 6.17 4.05 -56.71
N ALA M 78 7.34 4.67 -56.94
CA ALA M 78 8.43 4.60 -55.98
C ALA M 78 8.28 5.56 -54.81
N VAL M 79 7.34 6.50 -54.86
CA VAL M 79 7.24 7.51 -53.81
C VAL M 79 6.81 6.88 -52.49
N SER M 80 6.01 5.82 -52.55
CA SER M 80 5.56 5.17 -51.32
C SER M 80 6.70 4.48 -50.59
N ALA M 81 7.63 3.87 -51.34
CA ALA M 81 8.73 3.14 -50.72
C ALA M 81 9.65 4.09 -49.95
N VAL M 82 10.11 5.15 -50.59
CA VAL M 82 10.96 6.12 -49.91
C VAL M 82 10.17 6.88 -48.87
N PHE M 83 8.86 7.06 -49.10
CA PHE M 83 7.99 7.72 -48.13
C PHE M 83 7.91 6.97 -46.80
N HIS M 84 7.59 5.67 -46.84
CA HIS M 84 7.58 4.90 -45.61
C HIS M 84 8.99 4.60 -45.12
N ASN M 85 9.94 4.43 -46.03
CA ASN M 85 11.33 4.53 -45.61
C ASN M 85 11.60 5.96 -45.17
N LEU M 86 12.77 6.15 -44.55
CA LEU M 86 13.17 7.46 -44.01
C LEU M 86 12.32 7.78 -42.79
N ALA M 87 11.28 6.99 -42.55
CA ALA M 87 10.53 7.11 -41.31
C ALA M 87 11.16 6.25 -40.22
N CYS M 88 11.60 5.05 -40.59
CA CYS M 88 12.43 4.27 -39.71
C CYS M 88 13.77 4.94 -39.47
N ARG M 89 14.33 5.56 -40.52
CA ARG M 89 15.63 6.23 -40.39
C ARG M 89 15.53 7.44 -39.47
N ILE M 90 14.45 8.22 -39.58
CA ILE M 90 14.29 9.38 -38.70
C ILE M 90 13.72 8.99 -37.34
N ALA M 91 13.18 7.79 -37.20
CA ALA M 91 12.62 7.36 -35.92
C ALA M 91 13.56 7.54 -34.73
N PRO M 92 14.84 7.14 -34.79
CA PRO M 92 15.72 7.39 -33.63
C PRO M 92 16.10 8.85 -33.48
N ASP M 93 15.87 9.70 -34.48
CA ASP M 93 16.20 11.12 -34.34
C ASP M 93 15.41 11.76 -33.20
N TYR M 94 14.13 11.45 -33.10
CA TYR M 94 13.31 11.90 -31.99
C TYR M 94 13.20 10.85 -30.89
N ALA M 95 13.95 9.76 -31.00
CA ALA M 95 13.90 8.64 -30.06
C ALA M 95 12.48 8.09 -29.97
N LEU M 96 11.96 7.66 -31.12
CA LEU M 96 10.58 7.20 -31.21
C LEU M 96 10.44 5.75 -31.67
N GLU M 97 11.34 5.26 -32.52
CA GLU M 97 11.25 3.93 -33.12
C GLU M 97 10.05 3.85 -34.07
N ALA M 98 10.12 2.96 -35.04
CA ALA M 98 9.10 2.86 -36.07
C ALA M 98 8.15 1.71 -35.77
N THR M 99 6.86 1.94 -35.98
CA THR M 99 5.86 0.91 -35.76
C THR M 99 6.07 -0.24 -36.73
N ALA M 100 5.63 -1.44 -36.31
CA ALA M 100 5.84 -2.64 -37.12
C ALA M 100 5.23 -2.49 -38.51
N LYS M 101 4.09 -1.81 -38.61
CA LYS M 101 3.47 -1.60 -39.91
C LYS M 101 4.39 -0.81 -40.82
N ILE M 102 5.02 0.24 -40.29
CA ILE M 102 5.93 1.04 -41.10
C ILE M 102 7.14 0.22 -41.53
N ILE M 103 7.66 -0.62 -40.63
CA ILE M 103 8.80 -1.45 -40.97
C ILE M 103 8.45 -2.40 -42.11
N ALA M 104 7.31 -3.08 -42.00
CA ALA M 104 6.89 -4.00 -43.05
C ALA M 104 6.65 -3.28 -44.36
N THR M 105 6.02 -2.10 -44.31
CA THR M 105 5.75 -1.35 -45.53
C THR M 105 7.04 -0.90 -46.19
N ALA M 106 8.03 -0.47 -45.39
CA ALA M 106 9.31 -0.06 -45.96
C ALA M 106 10.03 -1.24 -46.61
N LYS M 107 10.00 -2.40 -45.96
CA LYS M 107 10.61 -3.59 -46.55
C LYS M 107 9.94 -3.93 -47.88
N TYR M 108 8.61 -3.93 -47.90
CA TYR M 108 7.89 -4.24 -49.13
C TYR M 108 8.18 -3.21 -50.22
N GLY M 109 8.26 -1.94 -49.84
CA GLY M 109 8.54 -0.91 -50.82
C GLY M 109 9.92 -1.03 -51.42
N LYS M 110 10.93 -1.31 -50.60
CA LYS M 110 12.27 -1.49 -51.16
C LYS M 110 12.35 -2.72 -52.05
N GLU M 111 11.65 -3.80 -51.66
CA GLU M 111 11.61 -4.98 -52.51
C GLU M 111 10.99 -4.66 -53.86
N LEU M 112 9.88 -3.92 -53.88
CA LEU M 112 9.27 -3.52 -55.14
C LEU M 112 10.18 -2.58 -55.93
N LEU M 113 10.95 -1.74 -55.22
CA LEU M 113 11.89 -0.86 -55.91
C LEU M 113 12.94 -1.65 -56.67
N TYR M 114 13.47 -2.69 -56.04
CA TYR M 114 14.54 -3.46 -56.67
C TYR M 114 14.02 -4.56 -57.59
N LYS M 115 12.72 -4.85 -57.58
CA LYS M 115 12.20 -5.96 -58.38
C LYS M 115 12.49 -5.78 -59.86
N GLN M 116 12.13 -4.62 -60.42
CA GLN M 116 12.29 -4.41 -61.86
C GLN M 116 13.75 -4.44 -62.27
N THR M 117 14.62 -3.82 -61.48
CA THR M 117 16.05 -3.83 -61.81
C THR M 117 16.60 -5.24 -61.72
N ALA M 118 16.19 -6.03 -60.72
CA ALA M 118 16.66 -7.39 -60.61
C ALA M 118 16.21 -8.24 -61.78
N ILE M 119 14.97 -8.06 -62.24
CA ILE M 119 14.52 -8.77 -63.43
C ILE M 119 15.30 -8.31 -64.65
N SER M 120 15.65 -7.03 -64.71
CA SER M 120 16.36 -6.49 -65.85
C SER M 120 17.85 -6.83 -65.84
N ARG M 121 18.39 -7.30 -64.72
CA ARG M 121 19.81 -7.58 -64.60
C ARG M 121 20.15 -9.07 -64.63
N ALA M 122 19.23 -9.92 -65.10
CA ALA M 122 19.54 -11.33 -65.23
C ALA M 122 20.66 -11.53 -66.24
N LYS M 123 20.37 -11.24 -67.51
CA LYS M 123 21.36 -11.20 -68.60
C LYS M 123 22.38 -12.34 -68.52
N ARG M 124 21.88 -13.55 -68.77
CA ARG M 124 22.74 -14.72 -68.87
C ARG M 124 23.93 -14.44 -69.78
N ALA M 125 25.13 -14.77 -69.28
CA ALA M 125 26.35 -14.47 -70.00
C ALA M 125 26.44 -15.29 -71.29
N PRO M 126 27.14 -14.79 -72.30
CA PRO M 126 27.22 -15.52 -73.57
C PRO M 126 28.02 -16.81 -73.45
N TYR M 127 28.08 -17.58 -74.53
CA TYR M 127 28.83 -18.82 -74.52
C TYR M 127 30.31 -18.55 -74.29
N PRO M 128 31.01 -19.44 -73.60
CA PRO M 128 32.44 -19.24 -73.36
C PRO M 128 33.23 -19.35 -74.66
N SER M 129 34.50 -18.96 -74.58
CA SER M 129 35.33 -18.89 -75.78
C SER M 129 35.59 -20.25 -76.41
N ARG M 130 35.29 -21.33 -75.71
CA ARG M 130 35.62 -22.67 -76.18
C ARG M 130 34.42 -23.42 -76.76
N MET M 131 33.20 -23.00 -76.47
CA MET M 131 32.04 -23.69 -77.03
C MET M 131 32.01 -23.52 -78.55
N PRO M 132 31.96 -24.61 -79.31
CA PRO M 132 31.90 -24.47 -80.77
C PRO M 132 30.47 -24.49 -81.30
N THR M 133 30.20 -23.65 -82.30
CA THR M 133 28.93 -23.76 -83.01
C THR M 133 28.88 -25.08 -83.77
N GLY M 134 27.76 -25.78 -83.65
CA GLY M 134 27.62 -27.07 -84.30
C GLY M 134 27.54 -26.96 -85.81
N SER M 135 27.55 -28.12 -86.45
CA SER M 135 27.41 -28.16 -87.90
C SER M 135 26.03 -27.69 -88.36
N GLY M 136 25.07 -27.57 -87.45
CA GLY M 136 23.75 -27.09 -87.85
C GLY M 136 23.76 -25.65 -88.33
N ASN M 137 24.52 -24.80 -87.66
CA ASN M 137 24.56 -23.39 -88.04
C ASN M 137 25.28 -23.22 -89.37
N SER M 138 24.68 -22.42 -90.26
CA SER M 138 25.33 -22.10 -91.53
C SER M 138 26.55 -21.21 -91.35
N PHE M 139 26.64 -20.52 -90.21
CA PHE M 139 27.81 -19.69 -89.94
C PHE M 139 29.08 -20.52 -89.77
N ALA M 140 28.95 -21.82 -89.53
CA ALA M 140 30.12 -22.70 -89.53
C ALA M 140 30.81 -22.67 -90.89
N ASN M 141 30.02 -22.60 -91.97
CA ASN M 141 30.58 -22.44 -93.31
C ASN M 141 31.30 -21.11 -93.47
N LEU M 142 31.00 -20.13 -92.64
CA LEU M 142 31.65 -18.82 -92.68
C LEU M 142 32.89 -18.75 -91.80
N ASN M 143 33.40 -19.91 -91.36
CA ASN M 143 34.65 -20.05 -90.62
C ASN M 143 34.59 -19.49 -89.21
N GLU M 144 33.40 -19.19 -88.68
CA GLU M 144 33.31 -18.68 -87.32
C GLU M 144 33.59 -19.78 -86.30
N TRP M 145 33.04 -20.98 -86.52
CA TRP M 145 33.24 -22.13 -85.63
C TRP M 145 32.98 -21.78 -84.17
N HIS M 146 34.04 -21.68 -83.38
CA HIS M 146 33.91 -21.48 -81.95
C HIS M 146 33.29 -20.12 -81.64
N TYR M 147 32.55 -20.06 -80.54
CA TYR M 147 31.88 -18.84 -80.13
C TYR M 147 32.91 -17.81 -79.67
N PHE M 148 32.50 -16.54 -79.65
CA PHE M 148 33.36 -15.44 -79.24
C PHE M 148 32.66 -14.62 -78.17
N PRO M 149 33.08 -14.70 -76.92
CA PRO M 149 32.47 -13.92 -75.85
C PRO M 149 33.18 -12.58 -75.67
N GLY M 150 32.50 -11.68 -74.95
CA GLY M 150 33.04 -10.36 -74.68
C GLY M 150 33.25 -9.53 -75.93
N ILE N 2 53.42 -5.23 -10.26
CA ILE N 2 54.47 -5.25 -11.27
C ILE N 2 55.53 -6.28 -10.91
N LYS N 3 56.43 -5.91 -9.99
CA LYS N 3 57.63 -6.71 -9.71
C LYS N 3 57.70 -7.15 -8.26
N THR N 4 56.58 -7.14 -7.54
CA THR N 4 56.58 -7.64 -6.17
C THR N 4 55.21 -8.25 -5.88
N LYS N 5 55.20 -9.17 -4.92
CA LYS N 5 53.96 -9.88 -4.59
C LYS N 5 52.91 -8.91 -4.07
N GLY N 6 53.34 -7.89 -3.32
CA GLY N 6 52.42 -6.89 -2.84
C GLY N 6 51.69 -6.18 -3.96
N ASP N 7 52.40 -5.87 -5.05
CA ASP N 7 51.74 -5.22 -6.18
C ASP N 7 50.73 -6.14 -6.84
N LEU N 8 51.06 -7.43 -6.98
CA LEU N 8 50.12 -8.37 -7.59
C LEU N 8 48.86 -8.47 -6.75
N VAL N 9 49.02 -8.62 -5.44
CA VAL N 9 47.85 -8.78 -4.58
C VAL N 9 47.04 -7.49 -4.51
N ARG N 10 47.70 -6.33 -4.53
CA ARG N 10 46.97 -5.07 -4.56
C ARG N 10 46.20 -4.92 -5.86
N ALA N 11 46.77 -5.37 -6.97
CA ALA N 11 46.03 -5.35 -8.24
C ALA N 11 44.80 -6.25 -8.17
N ALA N 12 44.95 -7.43 -7.56
CA ALA N 12 43.80 -8.33 -7.42
C ALA N 12 42.71 -7.69 -6.57
N LEU N 13 43.09 -7.09 -5.43
CA LEU N 13 42.11 -6.43 -4.59
C LEU N 13 41.44 -5.27 -5.32
N ARG N 14 42.21 -4.54 -6.13
CA ARG N 14 41.62 -3.51 -6.98
C ARG N 14 40.55 -4.09 -7.88
N LYS N 15 40.88 -5.20 -8.56
CA LYS N 15 39.94 -5.80 -9.49
C LYS N 15 38.66 -6.22 -8.79
N LEU N 16 38.77 -6.73 -7.56
CA LEU N 16 37.56 -6.93 -6.77
C LEU N 16 36.85 -5.63 -6.44
N GLY N 17 37.56 -4.50 -6.44
CA GLY N 17 37.00 -3.28 -5.92
C GLY N 17 37.02 -3.18 -4.41
N VAL N 18 37.63 -4.16 -3.74
CA VAL N 18 37.64 -4.17 -2.28
C VAL N 18 38.47 -3.01 -1.73
N ALA N 19 39.68 -2.84 -2.27
CA ALA N 19 40.58 -1.82 -1.73
C ALA N 19 41.36 -1.23 -2.90
N SER N 20 41.12 0.05 -3.18
CA SER N 20 41.76 0.72 -4.30
C SER N 20 41.72 2.22 -4.05
N ASP N 21 42.56 2.95 -4.78
CA ASP N 21 42.49 4.40 -4.73
C ASP N 21 41.24 4.91 -5.44
N ALA N 22 40.78 4.19 -6.47
CA ALA N 22 39.53 4.57 -7.13
C ALA N 22 38.34 4.47 -6.19
N THR N 23 38.45 3.67 -5.13
CA THR N 23 37.38 3.51 -4.16
C THR N 23 37.68 4.23 -2.84
N LEU N 24 38.89 4.75 -2.68
CA LEU N 24 39.33 5.38 -1.43
C LEU N 24 39.33 4.40 -0.27
N THR N 25 39.75 3.17 -0.54
CA THR N 25 39.98 2.18 0.51
C THR N 25 41.46 1.80 0.50
N ASP N 26 42.05 1.77 1.68
CA ASP N 26 43.45 1.41 1.84
C ASP N 26 43.53 -0.05 2.26
N VAL N 27 44.41 -0.81 1.61
CA VAL N 27 44.45 -2.25 1.82
C VAL N 27 44.70 -2.56 3.28
N GLU N 28 43.89 -3.45 3.82
CA GLU N 28 44.05 -3.87 5.21
C GLU N 28 45.25 -4.79 5.32
N PRO N 29 46.14 -4.58 6.30
CA PRO N 29 47.31 -5.47 6.41
C PRO N 29 46.93 -6.94 6.58
N GLN N 30 45.85 -7.20 7.32
CA GLN N 30 45.34 -8.57 7.41
C GLN N 30 44.91 -9.08 6.04
N SER N 31 44.22 -8.23 5.27
CA SER N 31 43.87 -8.59 3.90
C SER N 31 45.12 -8.83 3.07
N MET N 32 46.14 -8.00 3.26
CA MET N 32 47.40 -8.18 2.55
C MET N 32 47.97 -9.57 2.78
N GLN N 33 48.16 -9.93 4.06
CA GLN N 33 48.74 -11.24 4.37
C GLN N 33 47.84 -12.37 3.90
N ASP N 34 46.53 -12.21 4.07
CA ASP N 34 45.58 -13.25 3.68
C ASP N 34 45.66 -13.55 2.20
N ALA N 35 45.56 -12.52 1.36
CA ALA N 35 45.55 -12.77 -0.07
C ALA N 35 46.94 -13.15 -0.58
N VAL N 36 48.01 -12.70 0.09
CA VAL N 36 49.33 -13.16 -0.30
C VAL N 36 49.49 -14.66 -0.03
N ASP N 37 48.99 -15.12 1.13
CA ASP N 37 49.01 -16.55 1.43
C ASP N 37 48.19 -17.31 0.41
N ASP N 38 47.03 -16.76 0.04
CA ASP N 38 46.19 -17.43 -0.97
C ASP N 38 46.91 -17.51 -2.31
N LEU N 39 47.65 -16.45 -2.68
CA LEU N 39 48.43 -16.48 -3.91
C LEU N 39 49.50 -17.57 -3.84
N GLU N 40 50.18 -17.68 -2.70
CA GLU N 40 51.14 -18.76 -2.52
C GLU N 40 50.50 -20.12 -2.76
N ALA N 41 49.34 -20.35 -2.15
CA ALA N 41 48.66 -21.64 -2.30
C ALA N 41 48.27 -21.89 -3.76
N MET N 42 47.73 -20.87 -4.42
CA MET N 42 47.31 -21.03 -5.82
C MET N 42 48.49 -21.32 -6.72
N MET N 43 49.60 -20.60 -6.53
CA MET N 43 50.79 -20.85 -7.36
C MET N 43 51.34 -22.24 -7.12
N ALA N 44 51.34 -22.70 -5.85
CA ALA N 44 51.80 -24.04 -5.58
C ALA N 44 50.92 -25.09 -6.26
N GLU N 45 49.60 -24.89 -6.20
CA GLU N 45 48.69 -25.84 -6.83
C GLU N 45 48.87 -25.87 -8.34
N TRP N 46 49.04 -24.70 -8.96
CA TRP N 46 49.31 -24.65 -10.39
C TRP N 46 50.62 -25.35 -10.74
N TYR N 47 51.68 -25.05 -9.98
CA TYR N 47 53.00 -25.59 -10.31
C TYR N 47 53.01 -27.11 -10.18
N GLN N 48 52.34 -27.65 -9.16
CA GLN N 48 52.14 -29.09 -9.02
C GLN N 48 53.48 -29.83 -9.03
N ASP N 49 54.48 -29.24 -8.37
CA ASP N 49 55.81 -29.83 -8.22
C ASP N 49 56.48 -30.11 -9.58
N GLY N 50 56.11 -29.34 -10.60
CA GLY N 50 56.79 -29.35 -11.88
C GLY N 50 56.05 -30.07 -12.99
N LYS N 51 55.10 -30.95 -12.66
CA LYS N 51 54.39 -31.68 -13.70
C LYS N 51 53.32 -30.83 -14.36
N GLY N 52 52.78 -29.84 -13.65
CA GLY N 52 51.72 -29.00 -14.16
C GLY N 52 52.25 -27.76 -14.82
N ILE N 53 51.38 -26.75 -14.92
CA ILE N 53 51.75 -25.48 -15.53
C ILE N 53 52.93 -24.86 -14.79
N ILE N 54 53.84 -24.25 -15.53
CA ILE N 54 55.01 -23.60 -14.98
C ILE N 54 55.04 -22.16 -15.47
N THR N 55 55.31 -21.22 -14.56
CA THR N 55 55.31 -19.80 -14.86
C THR N 55 56.61 -19.09 -14.50
N GLY N 56 57.51 -19.72 -13.76
CA GLY N 56 58.70 -19.06 -13.27
C GLY N 56 58.54 -18.48 -11.88
N TYR N 57 57.38 -18.63 -11.26
CA TYR N 57 57.13 -18.11 -9.92
C TYR N 57 58.06 -18.76 -8.91
N VAL N 58 58.48 -17.97 -7.92
CA VAL N 58 59.39 -18.41 -6.87
C VAL N 58 58.67 -18.39 -5.54
N PHE N 59 58.74 -19.48 -4.79
CA PHE N 59 58.09 -19.61 -3.49
C PHE N 59 59.11 -19.23 -2.43
N SER N 60 58.92 -18.05 -1.83
CA SER N 60 59.90 -17.48 -0.92
C SER N 60 60.36 -18.46 0.15
N ASP N 61 59.45 -18.85 1.05
CA ASP N 61 59.62 -19.81 2.15
C ASP N 61 58.85 -19.37 3.39
N ASP N 62 58.64 -18.05 3.52
CA ASP N 62 58.09 -17.32 4.68
C ASP N 62 58.51 -17.95 5.99
N GLU N 63 59.77 -18.35 6.09
CA GLU N 63 60.36 -18.82 7.33
C GLU N 63 61.44 -17.89 7.83
N ASN N 64 62.51 -17.67 7.05
CA ASN N 64 63.47 -16.64 7.43
C ASN N 64 63.02 -15.19 7.14
N PRO N 65 62.19 -14.88 6.15
CA PRO N 65 61.90 -13.47 5.88
C PRO N 65 60.82 -12.96 6.83
N PRO N 66 60.67 -11.65 6.97
CA PRO N 66 59.53 -11.13 7.77
C PRO N 66 58.19 -11.51 7.19
N ALA N 67 58.07 -11.54 5.86
CA ALA N 67 56.83 -11.93 5.21
C ALA N 67 57.18 -12.51 3.85
N GLU N 68 56.36 -13.47 3.41
CA GLU N 68 56.60 -14.07 2.10
C GLU N 68 56.41 -13.06 0.98
N GLY N 69 55.43 -12.17 1.09
CA GLY N 69 55.21 -11.24 0.01
C GLY N 69 56.28 -10.18 -0.13
N ASP N 70 57.19 -10.41 -1.09
CA ASP N 70 58.16 -9.49 -1.69
C ASP N 70 58.82 -10.19 -2.87
N ASP N 71 58.81 -9.55 -4.04
CA ASP N 71 59.47 -10.03 -5.24
C ASP N 71 58.83 -11.30 -5.79
N HIS N 72 58.91 -11.49 -7.10
CA HIS N 72 58.38 -12.69 -7.74
C HIS N 72 59.05 -12.88 -9.08
N GLY N 73 59.45 -14.11 -9.38
CA GLY N 73 60.10 -14.44 -10.63
C GLY N 73 59.17 -14.59 -11.81
N LEU N 74 57.92 -14.16 -11.65
CA LEU N 74 56.91 -14.30 -12.69
C LEU N 74 57.36 -13.60 -13.97
N ARG N 75 57.09 -14.24 -15.10
CA ARG N 75 57.33 -13.61 -16.39
C ARG N 75 56.41 -12.41 -16.55
N SER N 76 56.89 -11.41 -17.30
CA SER N 76 56.12 -10.19 -17.46
C SER N 76 54.78 -10.44 -18.13
N SER N 77 54.68 -11.49 -18.95
CA SER N 77 53.44 -11.77 -19.66
C SER N 77 52.40 -12.48 -18.81
N ALA N 78 52.79 -13.07 -17.68
CA ALA N 78 51.88 -13.85 -16.86
C ALA N 78 51.30 -13.07 -15.68
N VAL N 79 51.70 -11.80 -15.52
CA VAL N 79 51.25 -11.04 -14.35
C VAL N 79 49.74 -10.85 -14.38
N SER N 80 49.19 -10.51 -15.55
CA SER N 80 47.75 -10.30 -15.67
C SER N 80 46.97 -11.54 -15.28
N ALA N 81 47.37 -12.68 -15.84
CA ALA N 81 46.69 -13.93 -15.53
C ALA N 81 46.77 -14.24 -14.05
N VAL N 82 47.96 -14.09 -13.46
CA VAL N 82 48.12 -14.47 -12.06
C VAL N 82 47.29 -13.58 -11.16
N PHE N 83 47.30 -12.26 -11.37
CA PHE N 83 46.56 -11.44 -10.42
C PHE N 83 45.06 -11.51 -10.67
N HIS N 84 44.61 -11.71 -11.91
CA HIS N 84 43.18 -11.96 -12.13
C HIS N 84 42.74 -13.26 -11.45
N ASN N 85 43.53 -14.32 -11.56
CA ASN N 85 43.17 -15.57 -10.91
C ASN N 85 43.20 -15.43 -9.39
N LEU N 86 44.16 -14.68 -8.86
CA LEU N 86 44.19 -14.44 -7.42
C LEU N 86 42.94 -13.69 -6.98
N ALA N 87 42.54 -12.69 -7.75
CA ALA N 87 41.32 -11.94 -7.44
C ALA N 87 40.10 -12.86 -7.46
N CYS N 88 40.00 -13.72 -8.47
CA CYS N 88 38.87 -14.64 -8.53
C CYS N 88 38.86 -15.59 -7.34
N ARG N 89 40.04 -16.05 -6.93
CA ARG N 89 40.11 -17.01 -5.83
C ARG N 89 39.81 -16.35 -4.48
N ILE N 90 40.20 -15.09 -4.30
CA ILE N 90 39.93 -14.40 -3.04
C ILE N 90 38.61 -13.67 -3.03
N ALA N 91 37.86 -13.71 -4.14
CA ALA N 91 36.50 -13.14 -4.15
C ALA N 91 35.61 -13.65 -3.03
N PRO N 92 35.47 -14.95 -2.76
CA PRO N 92 34.53 -15.38 -1.72
C PRO N 92 35.01 -15.08 -0.31
N ASP N 93 36.25 -14.63 -0.14
CA ASP N 93 36.74 -14.28 1.19
C ASP N 93 35.94 -13.12 1.77
N TYR N 94 35.61 -12.13 0.94
CA TYR N 94 34.84 -10.97 1.36
C TYR N 94 33.36 -11.12 1.05
N ALA N 95 32.92 -12.33 0.65
CA ALA N 95 31.58 -12.67 0.20
C ALA N 95 31.23 -12.06 -1.15
N LEU N 96 32.15 -11.32 -1.77
CA LEU N 96 31.92 -10.83 -3.12
C LEU N 96 32.06 -11.97 -4.13
N GLU N 97 31.54 -11.72 -5.32
CA GLU N 97 31.74 -12.60 -6.46
C GLU N 97 32.35 -11.79 -7.60
N ALA N 98 33.45 -12.29 -8.16
CA ALA N 98 34.12 -11.57 -9.22
C ALA N 98 33.23 -11.43 -10.44
N THR N 99 33.28 -10.25 -11.07
CA THR N 99 32.47 -10.00 -12.25
C THR N 99 32.86 -10.93 -13.38
N ALA N 100 31.91 -11.20 -14.29
CA ALA N 100 32.14 -12.16 -15.36
C ALA N 100 33.36 -11.82 -16.19
N LYS N 101 33.68 -10.53 -16.32
CA LYS N 101 34.87 -10.14 -17.06
C LYS N 101 36.13 -10.67 -16.39
N ILE N 102 36.18 -10.61 -15.05
CA ILE N 102 37.34 -11.13 -14.34
C ILE N 102 37.49 -12.63 -14.57
N ILE N 103 36.37 -13.36 -14.54
CA ILE N 103 36.43 -14.80 -14.75
C ILE N 103 36.92 -15.12 -16.16
N ALA N 104 36.38 -14.42 -17.16
CA ALA N 104 36.80 -14.64 -18.53
C ALA N 104 38.28 -14.30 -18.72
N THR N 105 38.73 -13.21 -18.09
CA THR N 105 40.14 -12.83 -18.18
C THR N 105 41.03 -13.88 -17.53
N ALA N 106 40.59 -14.44 -16.39
CA ALA N 106 41.38 -15.47 -15.74
C ALA N 106 41.47 -16.72 -16.61
N LYS N 107 40.37 -17.12 -17.24
CA LYS N 107 40.40 -18.27 -18.14
C LYS N 107 41.36 -18.01 -19.31
N TYR N 108 41.26 -16.83 -19.93
CA TYR N 108 42.13 -16.50 -21.05
C TYR N 108 43.60 -16.49 -20.62
N GLY N 109 43.87 -15.92 -19.44
CA GLY N 109 45.24 -15.85 -18.98
C GLY N 109 45.82 -17.21 -18.67
N LYS N 110 45.04 -18.08 -18.01
CA LYS N 110 45.53 -19.43 -17.74
C LYS N 110 45.79 -20.19 -19.03
N GLU N 111 44.90 -20.04 -20.02
CA GLU N 111 45.12 -20.68 -21.30
C GLU N 111 46.41 -20.20 -21.95
N LEU N 112 46.65 -18.88 -21.94
CA LEU N 112 47.87 -18.34 -22.53
C LEU N 112 49.11 -18.80 -21.77
N LEU N 113 49.02 -18.90 -20.44
CA LEU N 113 50.15 -19.40 -19.66
C LEU N 113 50.49 -20.83 -20.03
N TYR N 114 49.48 -21.68 -20.20
CA TYR N 114 49.76 -23.07 -20.50
C TYR N 114 49.98 -23.34 -21.97
N LYS N 115 49.73 -22.37 -22.86
CA LYS N 115 49.90 -22.61 -24.30
C LYS N 115 51.32 -23.05 -24.64
N GLN N 116 52.32 -22.28 -24.19
CA GLN N 116 53.70 -22.58 -24.57
C GLN N 116 54.18 -23.88 -23.94
N THR N 117 53.81 -24.13 -22.69
CA THR N 117 54.19 -25.38 -22.06
C THR N 117 53.55 -26.57 -22.77
N ALA N 118 52.30 -26.43 -23.19
CA ALA N 118 51.63 -27.52 -23.92
C ALA N 118 52.30 -27.77 -25.26
N ILE N 119 52.68 -26.71 -25.97
CA ILE N 119 53.39 -26.89 -27.24
C ILE N 119 54.73 -27.58 -26.99
N SER N 120 55.42 -27.21 -25.92
CA SER N 120 56.71 -27.82 -25.61
C SER N 120 56.55 -29.30 -25.24
N ARG N 121 55.49 -29.64 -24.51
CA ARG N 121 55.30 -31.02 -24.05
C ARG N 121 54.72 -31.94 -25.11
N ALA N 122 54.32 -31.42 -26.27
CA ALA N 122 53.71 -32.27 -27.28
C ALA N 122 54.66 -33.39 -27.70
N LYS N 123 55.86 -33.04 -28.11
CA LYS N 123 56.93 -33.97 -28.48
C LYS N 123 56.38 -35.06 -29.41
N ARG N 124 56.96 -36.25 -29.33
CA ARG N 124 56.49 -37.43 -30.06
C ARG N 124 57.27 -38.63 -29.57
N ALA N 125 56.59 -39.75 -29.45
CA ALA N 125 57.29 -40.94 -28.98
C ALA N 125 58.19 -41.51 -30.07
N PRO N 126 59.34 -42.06 -29.69
CA PRO N 126 60.21 -42.70 -30.69
C PRO N 126 59.55 -43.95 -31.26
N TYR N 127 60.16 -44.46 -32.32
CA TYR N 127 59.62 -45.64 -32.97
C TYR N 127 59.63 -46.83 -32.02
N PRO N 128 58.65 -47.72 -32.13
CA PRO N 128 58.61 -48.89 -31.24
C PRO N 128 59.82 -49.78 -31.44
N SER N 129 60.14 -50.54 -30.39
CA SER N 129 61.34 -51.37 -30.41
C SER N 129 61.30 -52.40 -31.53
N ARG N 130 60.10 -52.77 -31.99
CA ARG N 130 59.97 -53.79 -33.02
C ARG N 130 59.98 -53.24 -34.43
N MET N 131 59.98 -51.92 -34.61
CA MET N 131 59.97 -51.35 -35.95
C MET N 131 61.37 -51.39 -36.55
N PRO N 132 61.54 -51.97 -37.74
CA PRO N 132 62.88 -52.01 -38.33
C PRO N 132 63.16 -50.83 -39.25
N THR N 133 64.43 -50.47 -39.40
CA THR N 133 64.82 -49.51 -40.43
C THR N 133 64.78 -50.19 -41.79
N GLY N 134 64.42 -49.43 -42.82
CA GLY N 134 64.40 -49.96 -44.16
C GLY N 134 65.78 -50.24 -44.69
N SER N 135 65.82 -50.94 -45.81
CA SER N 135 67.10 -51.26 -46.44
C SER N 135 67.86 -50.01 -46.86
N GLY N 136 67.16 -48.89 -47.05
CA GLY N 136 67.81 -47.65 -47.43
C GLY N 136 68.31 -46.83 -46.27
N ASN N 137 69.32 -47.33 -45.55
CA ASN N 137 69.91 -46.60 -44.45
C ASN N 137 71.36 -47.03 -44.26
N SER N 138 72.13 -46.18 -43.59
CA SER N 138 73.50 -46.53 -43.22
C SER N 138 73.54 -47.49 -42.05
N PHE N 139 72.61 -47.32 -41.10
CA PHE N 139 72.56 -48.23 -39.95
C PHE N 139 72.26 -49.66 -40.36
N ALA N 140 71.69 -49.87 -41.56
CA ALA N 140 71.54 -51.23 -42.08
C ALA N 140 72.90 -51.89 -42.27
N ASN N 141 73.88 -51.14 -42.79
CA ASN N 141 75.23 -51.65 -42.91
C ASN N 141 75.93 -51.69 -41.56
N LEU N 142 75.67 -50.69 -40.71
CA LEU N 142 76.28 -50.65 -39.37
C LEU N 142 75.56 -51.54 -38.36
N ASN N 143 74.75 -52.49 -38.80
CA ASN N 143 74.16 -53.57 -38.02
C ASN N 143 73.13 -53.08 -37.00
N GLU N 144 72.80 -51.80 -36.97
CA GLU N 144 71.80 -51.32 -36.03
C GLU N 144 70.42 -51.92 -36.32
N TRP N 145 70.01 -51.90 -37.58
CA TRP N 145 68.72 -52.43 -38.02
C TRP N 145 67.57 -51.86 -37.20
N HIS N 146 66.90 -52.71 -36.44
CA HIS N 146 65.72 -52.30 -35.67
C HIS N 146 66.04 -51.11 -34.77
N TYR N 147 65.06 -50.21 -34.65
CA TYR N 147 65.25 -48.96 -33.92
C TYR N 147 65.53 -49.20 -32.45
N PHE N 148 66.26 -48.26 -31.86
CA PHE N 148 66.61 -48.34 -30.45
C PHE N 148 65.35 -48.20 -29.60
N PRO N 149 65.11 -49.10 -28.66
CA PRO N 149 63.88 -49.02 -27.85
C PRO N 149 63.89 -47.80 -26.94
N GLY N 150 62.68 -47.30 -26.67
CA GLY N 150 62.50 -46.17 -25.78
C GLY N 150 63.17 -44.90 -26.26
N ILE O 2 33.73 -39.71 16.51
CA ILE O 2 34.99 -40.40 16.28
C ILE O 2 34.82 -41.89 16.57
N LYS O 3 34.85 -42.26 17.85
CA LYS O 3 34.95 -43.66 18.26
C LYS O 3 33.77 -44.10 19.12
N THR O 4 32.65 -43.38 19.08
CA THR O 4 31.47 -43.80 19.81
C THR O 4 30.22 -43.35 19.05
N LYS O 5 29.12 -44.06 19.29
CA LYS O 5 27.87 -43.74 18.61
C LYS O 5 27.41 -42.33 18.94
N GLY O 6 27.62 -41.91 20.19
CA GLY O 6 27.25 -40.56 20.57
C GLY O 6 27.98 -39.50 19.76
N ASP O 7 29.26 -39.72 19.50
CA ASP O 7 30.00 -38.76 18.69
C ASP O 7 29.47 -38.72 17.25
N LEU O 8 29.15 -39.88 16.67
CA LEU O 8 28.63 -39.91 15.31
C LEU O 8 27.30 -39.15 15.25
N VAL O 9 26.41 -39.43 16.18
CA VAL O 9 25.10 -38.79 16.14
C VAL O 9 25.19 -37.30 16.44
N ARG O 10 26.11 -36.91 17.33
CA ARG O 10 26.31 -35.47 17.58
C ARG O 10 26.87 -34.78 16.35
N ALA O 11 27.77 -35.45 15.62
CA ALA O 11 28.27 -34.87 14.37
C ALA O 11 27.14 -34.73 13.36
N ALA O 12 26.24 -35.71 13.29
CA ALA O 12 25.11 -35.61 12.38
C ALA O 12 24.21 -34.44 12.75
N LEU O 13 23.89 -34.30 14.04
CA LEU O 13 23.08 -33.17 14.49
C LEU O 13 23.78 -31.85 14.20
N ARG O 14 25.10 -31.82 14.34
CA ARG O 14 25.88 -30.65 13.93
C ARG O 14 25.63 -30.30 12.48
N LYS O 15 25.86 -31.27 11.59
CA LYS O 15 25.79 -30.98 10.16
C LYS O 15 24.38 -30.59 9.74
N LEU O 16 23.37 -31.23 10.33
CA LEU O 16 22.00 -30.84 10.04
C LEU O 16 21.70 -29.44 10.55
N GLY O 17 22.50 -28.93 11.49
CA GLY O 17 22.30 -27.62 12.07
C GLY O 17 21.39 -27.57 13.26
N VAL O 18 20.94 -28.72 13.77
CA VAL O 18 19.99 -28.73 14.89
C VAL O 18 20.68 -28.28 16.18
N ALA O 19 21.81 -28.89 16.51
CA ALA O 19 22.44 -28.64 17.80
C ALA O 19 23.95 -28.73 17.65
N SER O 20 24.65 -27.64 17.94
CA SER O 20 26.10 -27.58 17.83
C SER O 20 26.61 -26.46 18.71
N ASP O 21 27.92 -26.49 18.98
CA ASP O 21 28.52 -25.40 19.72
C ASP O 21 28.58 -24.12 18.89
N ALA O 22 28.76 -24.25 17.57
CA ALA O 22 28.71 -23.08 16.69
C ALA O 22 27.35 -22.41 16.69
N THR O 23 26.31 -23.10 17.15
CA THR O 23 24.97 -22.55 17.25
C THR O 23 24.57 -22.27 18.69
N LEU O 24 25.44 -22.60 19.66
CA LEU O 24 25.13 -22.45 21.08
C LEU O 24 23.88 -23.23 21.49
N THR O 25 23.74 -24.42 20.92
CA THR O 25 22.66 -25.33 21.28
C THR O 25 23.26 -26.61 21.85
N ASP O 26 22.65 -27.10 22.93
CA ASP O 26 23.07 -28.34 23.55
C ASP O 26 22.10 -29.45 23.18
N VAL O 27 22.65 -30.60 22.77
CA VAL O 27 21.83 -31.68 22.24
C VAL O 27 20.80 -32.11 23.27
N GLU O 28 19.56 -32.27 22.81
CA GLU O 28 18.51 -32.76 23.69
C GLU O 28 18.70 -34.25 23.93
N PRO O 29 18.58 -34.73 25.17
CA PRO O 29 18.74 -36.18 25.41
C PRO O 29 17.75 -37.02 24.62
N GLN O 30 16.52 -36.55 24.45
CA GLN O 30 15.57 -37.26 23.61
C GLN O 30 16.06 -37.32 22.17
N SER O 31 16.59 -36.21 21.66
CA SER O 31 17.18 -36.21 20.33
C SER O 31 18.34 -37.19 20.25
N MET O 32 19.18 -37.19 21.28
CA MET O 32 20.29 -38.14 21.36
C MET O 32 19.80 -39.56 21.16
N GLN O 33 18.90 -40.00 22.04
CA GLN O 33 18.41 -41.38 21.99
C GLN O 33 17.73 -41.70 20.67
N ASP O 34 16.89 -40.78 20.19
CA ASP O 34 16.09 -41.09 19.02
C ASP O 34 16.93 -41.15 17.75
N ALA O 35 17.86 -40.21 17.60
CA ALA O 35 18.71 -40.26 16.42
C ALA O 35 19.68 -41.44 16.49
N VAL O 36 20.08 -41.86 17.69
CA VAL O 36 20.86 -43.09 17.81
C VAL O 36 20.04 -44.28 17.35
N ASP O 37 18.76 -44.32 17.71
CA ASP O 37 17.88 -45.38 17.24
C ASP O 37 17.77 -45.35 15.71
N ASP O 38 17.64 -44.16 15.13
CA ASP O 38 17.56 -44.06 13.68
C ASP O 38 18.85 -44.53 13.02
N LEU O 39 20.00 -44.23 13.62
CA LEU O 39 21.26 -44.74 13.11
C LEU O 39 21.29 -46.26 13.16
N GLU O 40 20.80 -46.84 14.25
CA GLU O 40 20.74 -48.30 14.34
C GLU O 40 19.89 -48.88 13.22
N ALA O 41 18.72 -48.28 12.98
CA ALA O 41 17.85 -48.78 11.91
C ALA O 41 18.51 -48.66 10.55
N MET O 42 19.18 -47.54 10.29
CA MET O 42 19.86 -47.34 9.01
C MET O 42 20.98 -48.35 8.82
N MET O 43 21.76 -48.61 9.88
CA MET O 43 22.81 -49.62 9.78
C MET O 43 22.24 -51.01 9.53
N ALA O 44 21.14 -51.36 10.20
CA ALA O 44 20.52 -52.65 9.92
C ALA O 44 20.09 -52.75 8.47
N GLU O 45 19.45 -51.69 7.96
CA GLU O 45 18.98 -51.71 6.58
C GLU O 45 20.14 -51.85 5.59
N TRP O 46 21.23 -51.11 5.83
CA TRP O 46 22.40 -51.21 4.96
C TRP O 46 23.01 -52.60 5.02
N TYR O 47 23.17 -53.13 6.23
CA TYR O 47 23.88 -54.40 6.40
C TYR O 47 23.10 -55.55 5.76
N GLN O 48 21.77 -55.54 5.89
CA GLN O 48 20.90 -56.49 5.20
C GLN O 48 21.28 -57.94 5.52
N ASP O 49 21.67 -58.18 6.77
CA ASP O 49 22.02 -59.52 7.26
C ASP O 49 23.17 -60.14 6.47
N GLY O 50 24.08 -59.30 5.95
CA GLY O 50 25.31 -59.76 5.35
C GLY O 50 25.34 -59.74 3.84
N LYS O 51 24.18 -59.67 3.18
CA LYS O 51 24.16 -59.67 1.72
C LYS O 51 24.42 -58.29 1.14
N GLY O 52 24.13 -57.23 1.88
CA GLY O 52 24.29 -55.87 1.40
C GLY O 52 25.65 -55.30 1.76
N ILE O 53 25.71 -53.96 1.76
CA ILE O 53 26.94 -53.27 2.13
C ILE O 53 27.34 -53.64 3.55
N ILE O 54 28.64 -53.81 3.77
CA ILE O 54 29.19 -54.18 5.07
C ILE O 54 30.25 -53.18 5.45
N THR O 55 30.23 -52.75 6.72
CA THR O 55 31.10 -51.66 7.18
C THR O 55 31.94 -52.01 8.39
N GLY O 56 31.64 -53.10 9.10
CA GLY O 56 32.26 -53.37 10.38
C GLY O 56 31.46 -52.86 11.57
N TYR O 57 30.31 -52.23 11.33
CA TYR O 57 29.46 -51.75 12.41
C TYR O 57 28.98 -52.90 13.29
N VAL O 58 28.87 -52.63 14.58
CA VAL O 58 28.41 -53.60 15.57
C VAL O 58 27.10 -53.13 16.16
N PHE O 59 26.09 -54.00 16.14
CA PHE O 59 24.77 -53.70 16.68
C PHE O 59 24.77 -54.11 18.15
N SER O 60 24.83 -53.13 19.04
CA SER O 60 25.02 -53.38 20.47
C SER O 60 24.08 -54.45 21.02
N ASP O 61 22.77 -54.14 21.03
CA ASP O 61 21.65 -54.98 21.44
C ASP O 61 20.57 -54.18 22.18
N ASP O 62 20.99 -53.07 22.80
CA ASP O 62 20.24 -52.19 23.72
C ASP O 62 19.26 -53.00 24.57
N GLU O 63 19.70 -54.15 25.07
CA GLU O 63 18.93 -54.94 26.02
C GLU O 63 19.63 -55.01 27.37
N ASN O 64 20.85 -55.54 27.44
CA ASN O 64 21.61 -55.47 28.68
C ASN O 64 22.23 -54.09 28.97
N PRO O 65 22.62 -53.26 28.01
CA PRO O 65 23.29 -52.01 28.38
C PRO O 65 22.28 -50.97 28.80
N PRO O 66 22.72 -49.89 29.47
CA PRO O 66 21.78 -48.79 29.75
C PRO O 66 21.24 -48.16 28.49
N ALA O 67 22.08 -48.02 27.47
CA ALA O 67 21.66 -47.45 26.19
C ALA O 67 22.56 -48.01 25.11
N GLU O 68 22.00 -48.15 23.90
CA GLU O 68 22.79 -48.72 22.81
C GLU O 68 23.94 -47.81 22.42
N GLY O 69 23.73 -46.50 22.44
CA GLY O 69 24.80 -45.63 21.99
C GLY O 69 25.98 -45.56 22.93
N ASP O 70 27.04 -46.31 22.58
CA ASP O 70 28.43 -46.29 23.05
C ASP O 70 29.26 -47.19 22.15
N ASP O 71 30.35 -46.66 21.61
CA ASP O 71 31.34 -47.41 20.83
C ASP O 71 30.75 -47.90 19.51
N HIS O 72 31.60 -48.04 18.50
CA HIS O 72 31.19 -48.58 17.21
C HIS O 72 32.41 -49.15 16.51
N GLY O 73 32.26 -50.34 15.92
CA GLY O 73 33.31 -50.99 15.19
C GLY O 73 33.52 -50.46 13.79
N LEU O 74 32.87 -49.36 13.46
CA LEU O 74 32.94 -48.78 12.12
C LEU O 74 34.39 -48.45 11.75
N ARG O 75 34.74 -48.72 10.50
CA ARG O 75 36.07 -48.37 10.01
C ARG O 75 36.24 -46.86 10.02
N SER O 76 37.49 -46.42 10.23
CA SER O 76 37.75 -44.99 10.32
C SER O 76 37.38 -44.27 9.03
N SER O 77 37.46 -44.94 7.89
CA SER O 77 37.18 -44.31 6.61
C SER O 77 35.69 -44.09 6.36
N ALA O 78 34.81 -44.80 7.06
CA ALA O 78 33.39 -44.75 6.78
C ALA O 78 32.62 -43.79 7.67
N VAL O 79 33.29 -43.17 8.65
CA VAL O 79 32.60 -42.35 9.64
C VAL O 79 31.91 -41.17 8.97
N SER O 80 32.60 -40.52 8.04
CA SER O 80 32.02 -39.36 7.36
C SER O 80 30.73 -39.72 6.65
N ALA O 81 30.76 -40.79 5.86
CA ALA O 81 29.56 -41.24 5.16
C ALA O 81 28.45 -41.58 6.15
N VAL O 82 28.79 -42.28 7.22
CA VAL O 82 27.77 -42.73 8.15
C VAL O 82 27.08 -41.55 8.81
N PHE O 83 27.84 -40.58 9.31
CA PHE O 83 27.16 -39.50 10.02
C PHE O 83 26.49 -38.54 9.05
N HIS O 84 27.00 -38.39 7.83
CA HIS O 84 26.27 -37.60 6.83
C HIS O 84 24.93 -38.24 6.50
N ASN O 85 24.92 -39.56 6.29
CA ASN O 85 23.67 -40.25 5.99
C ASN O 85 22.72 -40.20 7.17
N LEU O 86 23.24 -40.31 8.39
CA LEU O 86 22.37 -40.20 9.56
C LEU O 86 21.74 -38.82 9.64
N ALA O 87 22.52 -37.77 9.38
CA ALA O 87 21.97 -36.41 9.39
C ALA O 87 20.90 -36.27 8.32
N CYS O 88 21.15 -36.79 7.12
CA CYS O 88 20.15 -36.71 6.06
C CYS O 88 18.88 -37.46 6.44
N ARG O 89 19.02 -38.61 7.08
CA ARG O 89 17.86 -39.42 7.43
C ARG O 89 17.04 -38.82 8.57
N ILE O 90 17.71 -38.14 9.52
CA ILE O 90 16.99 -37.49 10.62
C ILE O 90 16.62 -36.05 10.30
N ALA O 91 16.95 -35.56 9.11
CA ALA O 91 16.48 -34.24 8.68
C ALA O 91 14.97 -34.05 8.80
N PRO O 92 14.11 -34.94 8.30
CA PRO O 92 12.67 -34.66 8.37
C PRO O 92 12.09 -34.77 9.76
N ASP O 93 12.84 -35.31 10.72
CA ASP O 93 12.34 -35.40 12.09
C ASP O 93 12.08 -34.02 12.67
N TYR O 94 12.97 -33.07 12.41
CA TYR O 94 12.83 -31.71 12.88
C TYR O 94 12.16 -30.80 11.85
N ALA O 95 11.63 -31.37 10.77
CA ALA O 95 11.05 -30.69 9.61
C ALA O 95 12.08 -29.98 8.77
N LEU O 96 13.36 -30.03 9.14
CA LEU O 96 14.41 -29.47 8.29
C LEU O 96 14.65 -30.37 7.08
N GLU O 97 15.33 -29.81 6.09
CA GLU O 97 15.81 -30.56 4.94
C GLU O 97 17.31 -30.34 4.82
N ALA O 98 18.05 -31.43 4.73
CA ALA O 98 19.50 -31.34 4.64
C ALA O 98 19.92 -30.59 3.38
N THR O 99 20.92 -29.73 3.52
CA THR O 99 21.41 -28.94 2.40
C THR O 99 21.98 -29.86 1.31
N ALA O 100 21.95 -29.39 0.07
CA ALA O 100 22.36 -30.22 -1.06
C ALA O 100 23.78 -30.76 -0.88
N LYS O 101 24.65 -30.02 -0.19
CA LYS O 101 25.99 -30.51 0.05
C LYS O 101 25.96 -31.78 0.89
N ILE O 102 25.10 -31.82 1.91
CA ILE O 102 25.00 -33.00 2.75
C ILE O 102 24.52 -34.20 1.94
N ILE O 103 23.53 -33.99 1.08
CA ILE O 103 23.01 -35.09 0.26
C ILE O 103 24.08 -35.60 -0.68
N ALA O 104 24.80 -34.70 -1.34
CA ALA O 104 25.86 -35.12 -2.26
C ALA O 104 26.97 -35.85 -1.51
N THR O 105 27.33 -35.38 -0.32
CA THR O 105 28.35 -36.05 0.47
C THR O 105 27.89 -37.43 0.90
N ALA O 106 26.62 -37.58 1.26
CA ALA O 106 26.10 -38.89 1.63
C ALA O 106 26.14 -39.85 0.45
N LYS O 107 25.76 -39.38 -0.74
CA LYS O 107 25.84 -40.24 -1.93
C LYS O 107 27.28 -40.66 -2.20
N TYR O 108 28.21 -39.70 -2.13
CA TYR O 108 29.62 -40.01 -2.37
C TYR O 108 30.12 -41.02 -1.35
N GLY O 109 29.77 -40.83 -0.08
CA GLY O 109 30.23 -41.73 0.95
C GLY O 109 29.68 -43.14 0.80
N LYS O 110 28.38 -43.25 0.49
CA LYS O 110 27.81 -44.58 0.28
C LYS O 110 28.48 -45.28 -0.90
N GLU O 111 28.72 -44.54 -1.99
CA GLU O 111 29.43 -45.12 -3.12
C GLU O 111 30.81 -45.61 -2.72
N LEU O 112 31.55 -44.80 -1.96
CA LEU O 112 32.90 -45.20 -1.56
C LEU O 112 32.87 -46.41 -0.63
N LEU O 113 31.91 -46.46 0.30
CA LEU O 113 31.80 -47.62 1.18
C LEU O 113 31.48 -48.89 0.42
N TYR O 114 30.62 -48.80 -0.59
CA TYR O 114 30.33 -50.03 -1.34
C TYR O 114 31.35 -50.33 -2.41
N LYS O 115 32.28 -49.42 -2.72
CA LYS O 115 33.25 -49.68 -3.78
C LYS O 115 34.06 -50.93 -3.52
N GLN O 116 34.66 -51.05 -2.33
CA GLN O 116 35.55 -52.17 -2.06
C GLN O 116 34.79 -53.49 -2.01
N THR O 117 33.60 -53.48 -1.41
CA THR O 117 32.80 -54.70 -1.37
C THR O 117 32.38 -55.11 -2.78
N ALA O 118 32.05 -54.14 -3.64
CA ALA O 118 31.68 -54.46 -5.01
C ALA O 118 32.86 -55.04 -5.77
N ILE O 119 34.05 -54.49 -5.58
CA ILE O 119 35.23 -55.05 -6.24
C ILE O 119 35.49 -56.47 -5.74
N SER O 120 35.34 -56.70 -4.44
CA SER O 120 35.57 -58.03 -3.89
C SER O 120 34.53 -59.02 -4.39
N ARG O 121 33.28 -58.58 -4.55
CA ARG O 121 32.20 -59.47 -4.96
C ARG O 121 32.15 -59.70 -6.47
N ALA O 122 32.97 -59.00 -7.26
CA ALA O 122 32.92 -59.17 -8.70
C ALA O 122 33.21 -60.61 -9.08
N LYS O 123 34.33 -61.15 -8.61
CA LYS O 123 34.73 -62.55 -8.81
C LYS O 123 34.56 -62.94 -10.28
N ARG O 124 34.25 -64.21 -10.51
CA ARG O 124 33.93 -64.74 -11.83
C ARG O 124 33.40 -66.14 -11.65
N ALA O 125 32.37 -66.47 -12.39
CA ALA O 125 31.79 -67.80 -12.23
C ALA O 125 32.73 -68.85 -12.81
N PRO O 126 32.78 -70.04 -12.21
CA PRO O 126 33.62 -71.11 -12.76
C PRO O 126 33.11 -71.54 -14.12
N TYR O 127 33.94 -72.34 -14.79
CA TYR O 127 33.60 -72.77 -16.13
C TYR O 127 32.35 -73.64 -16.11
N PRO O 128 31.56 -73.62 -17.18
CA PRO O 128 30.38 -74.49 -17.24
C PRO O 128 30.78 -75.95 -17.24
N SER O 129 29.88 -76.78 -16.71
CA SER O 129 30.20 -78.20 -16.50
C SER O 129 30.53 -78.91 -17.80
N ARG O 130 30.07 -78.39 -18.93
CA ARG O 130 30.27 -79.05 -20.21
C ARG O 130 31.52 -78.60 -20.95
N MET O 131 32.26 -77.63 -20.41
CA MET O 131 33.47 -77.17 -21.10
C MET O 131 34.63 -78.09 -20.79
N PRO O 132 35.27 -78.67 -21.79
CA PRO O 132 36.37 -79.61 -21.55
C PRO O 132 37.75 -78.95 -21.56
N THR O 133 38.71 -79.65 -20.97
CA THR O 133 40.10 -79.27 -21.13
C THR O 133 40.54 -79.46 -22.57
N GLY O 134 41.46 -78.62 -23.02
CA GLY O 134 42.15 -78.88 -24.26
C GLY O 134 43.09 -80.07 -24.13
N SER O 135 43.55 -80.56 -25.29
CA SER O 135 44.50 -81.66 -25.29
C SER O 135 45.79 -81.30 -24.58
N GLY O 136 46.11 -80.02 -24.47
CA GLY O 136 47.34 -79.59 -23.81
C GLY O 136 47.20 -79.34 -22.32
N ASN O 137 47.00 -80.39 -21.54
CA ASN O 137 46.90 -80.28 -20.08
C ASN O 137 47.38 -81.57 -19.43
N SER O 138 47.74 -81.45 -18.16
CA SER O 138 48.06 -82.64 -17.36
C SER O 138 46.79 -83.40 -16.97
N PHE O 139 45.71 -82.67 -16.68
CA PHE O 139 44.45 -83.33 -16.36
C PHE O 139 43.90 -84.13 -17.53
N ALA O 140 44.38 -83.87 -18.74
CA ALA O 140 44.03 -84.74 -19.87
C ALA O 140 44.54 -86.15 -19.64
N ASN O 141 45.77 -86.29 -19.14
CA ASN O 141 46.29 -87.60 -18.78
C ASN O 141 45.69 -88.11 -17.47
N LEU O 142 45.44 -87.22 -16.51
CA LEU O 142 44.84 -87.62 -15.24
C LEU O 142 43.33 -87.81 -15.32
N ASN O 143 42.77 -87.96 -16.52
CA ASN O 143 41.38 -88.35 -16.76
C ASN O 143 40.36 -87.33 -16.31
N GLU O 144 40.77 -86.12 -15.94
CA GLU O 144 39.82 -85.12 -15.49
C GLU O 144 38.94 -84.62 -16.63
N TRP O 145 39.57 -84.17 -17.72
CA TRP O 145 38.89 -83.68 -18.91
C TRP O 145 37.86 -82.61 -18.58
N HIS O 146 36.59 -82.87 -18.86
CA HIS O 146 35.54 -81.86 -18.66
C HIS O 146 35.61 -81.24 -17.26
N TYR O 147 35.54 -79.92 -17.22
CA TYR O 147 35.84 -79.18 -16.00
C TYR O 147 34.90 -79.55 -14.87
N PHE O 148 35.38 -79.34 -13.64
CA PHE O 148 34.58 -79.64 -12.47
C PHE O 148 33.37 -78.73 -12.41
N PRO O 149 32.16 -79.27 -12.28
CA PRO O 149 30.96 -78.41 -12.26
C PRO O 149 30.90 -77.56 -11.01
N GLY O 150 30.27 -76.40 -11.16
CA GLY O 150 30.07 -75.48 -10.04
C GLY O 150 31.34 -75.00 -9.39
N ILE P 2 -11.73 -52.10 8.43
CA ILE P 2 -11.38 -53.39 9.12
C ILE P 2 -12.35 -54.49 8.67
N LYS P 3 -13.34 -54.83 9.50
CA LYS P 3 -14.21 -55.98 9.17
C LYS P 3 -15.64 -55.54 8.83
N THR P 4 -15.92 -54.24 8.70
CA THR P 4 -17.32 -53.83 8.43
C THR P 4 -17.35 -52.65 7.47
N LYS P 5 -18.32 -52.62 6.55
CA LYS P 5 -18.40 -51.53 5.55
C LYS P 5 -18.30 -50.21 6.32
N GLY P 6 -18.86 -50.15 7.52
CA GLY P 6 -18.76 -48.93 8.35
C GLY P 6 -17.30 -48.58 8.64
N ASP P 7 -16.49 -49.59 8.97
CA ASP P 7 -15.05 -49.33 9.22
C ASP P 7 -14.40 -48.83 7.93
N LEU P 8 -14.70 -49.45 6.80
CA LEU P 8 -14.05 -49.06 5.53
C LEU P 8 -14.41 -47.58 5.26
N VAL P 9 -15.69 -47.23 5.38
CA VAL P 9 -16.11 -45.82 5.06
C VAL P 9 -15.44 -44.85 6.04
N ARG P 10 -15.48 -45.18 7.34
CA ARG P 10 -14.85 -44.30 8.36
C ARG P 10 -13.34 -44.24 8.10
N ALA P 11 -12.75 -45.36 7.67
CA ALA P 11 -11.31 -45.39 7.36
C ALA P 11 -11.02 -44.39 6.24
N ALA P 12 -11.87 -44.36 5.22
CA ALA P 12 -11.68 -43.40 4.12
C ALA P 12 -11.84 -41.98 4.66
N LEU P 13 -13.03 -41.68 5.20
CA LEU P 13 -13.29 -40.31 5.71
C LEU P 13 -12.05 -39.87 6.51
N ARG P 14 -11.39 -40.80 7.19
CA ARG P 14 -10.16 -40.44 7.89
C ARG P 14 -9.06 -40.03 6.91
N LYS P 15 -8.77 -40.91 5.94
CA LYS P 15 -7.72 -40.61 4.97
C LYS P 15 -8.03 -39.35 4.19
N LEU P 16 -9.30 -39.11 3.90
CA LEU P 16 -9.70 -37.87 3.27
C LEU P 16 -9.44 -36.66 4.15
N GLY P 17 -9.32 -36.86 5.47
CA GLY P 17 -9.20 -35.77 6.39
C GLY P 17 -10.51 -35.14 6.82
N VAL P 18 -11.65 -35.66 6.35
CA VAL P 18 -12.93 -35.06 6.66
C VAL P 18 -13.28 -35.26 8.13
N ALA P 19 -13.18 -36.49 8.63
CA ALA P 19 -13.62 -36.80 9.98
C ALA P 19 -12.76 -37.91 10.55
N SER P 20 -12.06 -37.61 11.63
CA SER P 20 -11.21 -38.58 12.31
C SER P 20 -10.97 -38.09 13.72
N ASP P 21 -10.49 -38.98 14.58
CA ASP P 21 -10.18 -38.58 15.94
C ASP P 21 -8.99 -37.63 16.00
N ALA P 22 -8.07 -37.73 15.04
CA ALA P 22 -6.96 -36.80 14.98
C ALA P 22 -7.43 -35.37 14.70
N THR P 23 -8.66 -35.21 14.23
CA THR P 23 -9.24 -33.90 13.96
C THR P 23 -10.38 -33.57 14.90
N LEU P 24 -10.87 -34.55 15.68
CA LEU P 24 -12.01 -34.37 16.56
C LEU P 24 -13.26 -33.98 15.79
N THR P 25 -13.45 -34.60 14.63
CA THR P 25 -14.71 -34.52 13.90
C THR P 25 -15.34 -35.90 13.94
N ASP P 26 -16.59 -35.97 14.42
CA ASP P 26 -17.32 -37.22 14.52
C ASP P 26 -18.14 -37.40 13.26
N VAL P 27 -18.04 -38.59 12.65
CA VAL P 27 -18.63 -38.80 11.34
C VAL P 27 -20.13 -38.53 11.38
N GLU P 28 -20.59 -37.69 10.47
CA GLU P 28 -22.01 -37.41 10.40
C GLU P 28 -22.74 -38.63 9.83
N PRO P 29 -23.87 -39.02 10.42
CA PRO P 29 -24.58 -40.21 9.89
C PRO P 29 -24.97 -40.06 8.44
N GLN P 30 -25.31 -38.84 8.00
CA GLN P 30 -25.54 -38.60 6.58
C GLN P 30 -24.30 -38.90 5.77
N SER P 31 -23.14 -38.45 6.26
CA SER P 31 -21.88 -38.75 5.56
C SER P 31 -21.60 -40.24 5.54
N MET P 32 -21.91 -40.93 6.66
CA MET P 32 -21.72 -42.37 6.71
C MET P 32 -22.54 -43.08 5.64
N GLN P 33 -23.84 -42.79 5.59
CA GLN P 33 -24.70 -43.43 4.59
C GLN P 33 -24.28 -43.04 3.18
N ASP P 34 -23.91 -41.79 2.98
CA ASP P 34 -23.49 -41.32 1.67
C ASP P 34 -22.28 -42.10 1.16
N ALA P 35 -21.22 -42.16 1.97
CA ALA P 35 -20.01 -42.81 1.50
C ALA P 35 -20.17 -44.33 1.45
N VAL P 36 -21.06 -44.90 2.27
CA VAL P 36 -21.34 -46.33 2.14
C VAL P 36 -22.05 -46.62 0.81
N ASP P 37 -22.99 -45.75 0.42
CA ASP P 37 -23.63 -45.91 -0.88
C ASP P 37 -22.61 -45.76 -2.01
N ASP P 38 -21.69 -44.80 -1.87
CA ASP P 38 -20.65 -44.64 -2.88
C ASP P 38 -19.77 -45.87 -2.96
N LEU P 39 -19.44 -46.47 -1.82
CA LEU P 39 -18.68 -47.70 -1.81
C LEU P 39 -19.43 -48.82 -2.51
N GLU P 40 -20.75 -48.91 -2.27
CA GLU P 40 -21.55 -49.89 -2.98
C GLU P 40 -21.44 -49.71 -4.48
N ALA P 41 -21.59 -48.47 -4.96
CA ALA P 41 -21.49 -48.21 -6.39
C ALA P 41 -20.12 -48.58 -6.93
N MET P 42 -19.06 -48.20 -6.19
CA MET P 42 -17.70 -48.51 -6.64
C MET P 42 -17.47 -50.01 -6.73
N MET P 43 -17.89 -50.76 -5.71
CA MET P 43 -17.67 -52.20 -5.73
C MET P 43 -18.47 -52.87 -6.83
N ALA P 44 -19.71 -52.41 -7.08
CA ALA P 44 -20.48 -52.96 -8.18
C ALA P 44 -19.80 -52.69 -9.51
N GLU P 45 -19.31 -51.47 -9.71
CA GLU P 45 -18.63 -51.13 -10.96
C GLU P 45 -17.38 -51.97 -11.15
N TRP P 46 -16.60 -52.16 -10.09
CA TRP P 46 -15.40 -53.01 -10.18
C TRP P 46 -15.77 -54.44 -10.52
N TYR P 47 -16.77 -54.98 -9.82
CA TYR P 47 -17.11 -56.39 -9.99
C TYR P 47 -17.65 -56.66 -11.39
N GLN P 48 -18.45 -55.74 -11.93
CA GLN P 48 -18.90 -55.80 -13.32
C GLN P 48 -19.59 -57.12 -13.62
N ASP P 49 -20.39 -57.60 -12.66
CA ASP P 49 -21.18 -58.82 -12.80
C ASP P 49 -20.31 -60.04 -13.08
N GLY P 50 -19.06 -60.02 -12.62
CA GLY P 50 -18.19 -61.17 -12.63
C GLY P 50 -17.11 -61.15 -13.69
N LYS P 51 -17.26 -60.34 -14.74
CA LYS P 51 -16.26 -60.31 -15.80
C LYS P 51 -15.06 -59.45 -15.44
N GLY P 52 -15.22 -58.49 -14.55
CA GLY P 52 -14.16 -57.59 -14.15
C GLY P 52 -13.41 -58.08 -12.93
N ILE P 53 -12.74 -57.14 -12.28
CA ILE P 53 -11.98 -57.44 -11.08
C ILE P 53 -12.90 -58.01 -10.00
N ILE P 54 -12.41 -59.01 -9.28
CA ILE P 54 -13.19 -59.67 -8.23
C ILE P 54 -12.38 -59.64 -6.94
N THR P 55 -13.05 -59.31 -5.84
CA THR P 55 -12.40 -59.12 -4.56
C THR P 55 -12.95 -60.00 -3.45
N GLY P 56 -14.10 -60.64 -3.63
CA GLY P 56 -14.78 -61.32 -2.56
C GLY P 56 -15.82 -60.48 -1.85
N TYR P 57 -15.98 -59.23 -2.25
CA TYR P 57 -16.96 -58.33 -1.64
C TYR P 57 -18.38 -58.87 -1.81
N VAL P 58 -19.21 -58.64 -0.81
CA VAL P 58 -20.60 -59.09 -0.81
C VAL P 58 -21.51 -57.86 -0.79
N PHE P 59 -22.47 -57.82 -1.72
CA PHE P 59 -23.43 -56.73 -1.83
C PHE P 59 -24.63 -57.07 -0.98
N SER P 60 -24.76 -56.39 0.17
CA SER P 60 -25.76 -56.73 1.18
C SER P 60 -27.16 -56.91 0.59
N ASP P 61 -27.76 -55.81 0.10
CA ASP P 61 -29.06 -55.71 -0.57
C ASP P 61 -29.78 -54.44 -0.18
N ASP P 62 -29.47 -53.91 1.01
CA ASP P 62 -30.12 -52.79 1.71
C ASP P 62 -31.61 -52.75 1.46
N GLU P 63 -32.26 -53.91 1.48
CA GLU P 63 -33.70 -54.01 1.40
C GLU P 63 -34.31 -54.57 2.68
N ASN P 64 -33.93 -55.79 3.07
CA ASN P 64 -34.34 -56.28 4.38
C ASN P 64 -33.56 -55.70 5.58
N PRO P 65 -32.29 -55.31 5.48
CA PRO P 65 -31.59 -54.85 6.69
C PRO P 65 -31.95 -53.41 7.00
N PRO P 66 -31.69 -52.95 8.22
CA PRO P 66 -31.88 -51.52 8.50
C PRO P 66 -30.98 -50.63 7.66
N ALA P 67 -29.74 -51.04 7.44
CA ALA P 67 -28.80 -50.29 6.63
C ALA P 67 -27.82 -51.27 6.00
N GLU P 68 -27.37 -50.95 4.79
CA GLU P 68 -26.46 -51.86 4.10
C GLU P 68 -25.11 -51.94 4.80
N GLY P 69 -24.64 -50.84 5.37
CA GLY P 69 -23.32 -50.90 5.98
C GLY P 69 -23.27 -51.71 7.26
N ASP P 70 -22.79 -52.95 7.13
CA ASP P 70 -22.36 -53.90 8.16
C ASP P 70 -21.72 -55.10 7.50
N ASP P 71 -20.49 -55.45 7.90
CA ASP P 71 -19.80 -56.64 7.46
C ASP P 71 -19.42 -56.59 5.97
N HIS P 72 -18.33 -57.26 5.62
CA HIS P 72 -17.91 -57.34 4.21
C HIS P 72 -17.03 -58.56 4.05
N GLY P 73 -17.26 -59.32 2.99
CA GLY P 73 -16.46 -60.49 2.68
C GLY P 73 -15.13 -60.20 2.03
N LEU P 74 -14.73 -58.93 2.03
CA LEU P 74 -13.50 -58.52 1.36
C LEU P 74 -12.29 -59.23 1.97
N ARG P 75 -11.36 -59.63 1.12
CA ARG P 75 -10.14 -60.26 1.58
C ARG P 75 -9.33 -59.28 2.42
N SER P 76 -8.60 -59.83 3.41
CA SER P 76 -7.85 -58.98 4.33
C SER P 76 -6.80 -58.16 3.61
N SER P 77 -6.30 -58.64 2.48
CA SER P 77 -5.25 -57.93 1.76
C SER P 77 -5.79 -56.76 0.94
N ALA P 78 -7.10 -56.70 0.71
CA ALA P 78 -7.69 -55.70 -0.16
C ALA P 78 -8.32 -54.53 0.58
N VAL P 79 -8.29 -54.54 1.91
CA VAL P 79 -8.95 -53.49 2.68
C VAL P 79 -8.31 -52.14 2.37
N SER P 80 -6.99 -52.08 2.33
CA SER P 80 -6.30 -50.83 2.07
C SER P 80 -6.69 -50.27 0.71
N ALA P 81 -6.64 -51.10 -0.33
CA ALA P 81 -7.00 -50.65 -1.66
C ALA P 81 -8.44 -50.14 -1.69
N VAL P 82 -9.36 -50.90 -1.10
CA VAL P 82 -10.77 -50.52 -1.19
C VAL P 82 -11.03 -49.20 -0.47
N PHE P 83 -10.49 -49.03 0.74
CA PHE P 83 -10.86 -47.80 1.43
C PHE P 83 -10.10 -46.60 0.89
N HIS P 84 -8.87 -46.77 0.37
CA HIS P 84 -8.23 -45.66 -0.31
C HIS P 84 -8.99 -45.25 -1.57
N ASN P 85 -9.46 -46.23 -2.34
CA ASN P 85 -10.25 -45.88 -3.53
C ASN P 85 -11.56 -45.21 -3.15
N LEU P 86 -12.20 -45.67 -2.07
CA LEU P 86 -13.43 -45.04 -1.62
C LEU P 86 -13.17 -43.60 -1.20
N ALA P 87 -12.08 -43.35 -0.48
CA ALA P 87 -11.73 -41.99 -0.09
C ALA P 87 -11.49 -41.12 -1.32
N CYS P 88 -10.78 -41.65 -2.32
CA CYS P 88 -10.55 -40.89 -3.54
C CYS P 88 -11.86 -40.56 -4.25
N ARG P 89 -12.79 -41.52 -4.26
CA ARG P 89 -14.05 -41.29 -4.96
C ARG P 89 -14.97 -40.32 -4.22
N ILE P 90 -14.93 -40.31 -2.88
CA ILE P 90 -15.76 -39.39 -2.12
C ILE P 90 -15.07 -38.07 -1.84
N ALA P 91 -13.83 -37.90 -2.29
CA ALA P 91 -13.17 -36.60 -2.19
C ALA P 91 -13.97 -35.44 -2.77
N PRO P 92 -14.51 -35.50 -4.00
CA PRO P 92 -15.22 -34.31 -4.51
C PRO P 92 -16.57 -34.09 -3.86
N ASP P 93 -17.05 -35.02 -3.05
CA ASP P 93 -18.32 -34.82 -2.37
C ASP P 93 -18.26 -33.65 -1.41
N TYR P 94 -17.14 -33.50 -0.70
CA TYR P 94 -16.93 -32.40 0.23
C TYR P 94 -16.15 -31.26 -0.40
N ALA P 95 -15.96 -31.29 -1.72
CA ALA P 95 -15.17 -30.35 -2.52
C ALA P 95 -13.68 -30.50 -2.26
N LEU P 96 -13.25 -31.41 -1.40
CA LEU P 96 -11.84 -31.68 -1.21
C LEU P 96 -11.28 -32.46 -2.40
N GLU P 97 -9.96 -32.49 -2.50
CA GLU P 97 -9.26 -33.33 -3.45
C GLU P 97 -8.25 -34.18 -2.69
N ALA P 98 -8.29 -35.49 -2.93
CA ALA P 98 -7.39 -36.40 -2.23
C ALA P 98 -5.94 -36.07 -2.56
N THR P 99 -5.08 -36.13 -1.54
CA THR P 99 -3.67 -35.86 -1.71
C THR P 99 -3.06 -36.88 -2.66
N ALA P 100 -1.98 -36.48 -3.35
CA ALA P 100 -1.38 -37.34 -4.36
C ALA P 100 -0.99 -38.70 -3.79
N LYS P 101 -0.64 -38.76 -2.50
CA LYS P 101 -0.31 -40.04 -1.89
C LYS P 101 -1.51 -40.98 -1.92
N ILE P 102 -2.70 -40.46 -1.64
CA ILE P 102 -3.90 -41.29 -1.67
C ILE P 102 -4.16 -41.81 -3.08
N ILE P 103 -3.98 -40.97 -4.08
CA ILE P 103 -4.20 -41.41 -5.46
C ILE P 103 -3.21 -42.49 -5.86
N ALA P 104 -1.93 -42.29 -5.51
CA ALA P 104 -0.93 -43.31 -5.83
C ALA P 104 -1.22 -44.60 -5.10
N THR P 105 -1.65 -44.52 -3.84
CA THR P 105 -1.99 -45.71 -3.08
C THR P 105 -3.18 -46.44 -3.70
N ALA P 106 -4.18 -45.69 -4.17
CA ALA P 106 -5.33 -46.32 -4.81
C ALA P 106 -4.92 -47.02 -6.10
N LYS P 107 -4.08 -46.39 -6.91
CA LYS P 107 -3.59 -47.04 -8.12
C LYS P 107 -2.84 -48.33 -7.79
N TYR P 108 -1.93 -48.25 -6.82
CA TYR P 108 -1.16 -49.42 -6.42
C TYR P 108 -2.07 -50.52 -5.91
N GLY P 109 -3.06 -50.17 -5.11
CA GLY P 109 -3.96 -51.17 -4.55
C GLY P 109 -4.82 -51.84 -5.61
N LYS P 110 -5.33 -51.06 -6.57
CA LYS P 110 -6.12 -51.65 -7.64
C LYS P 110 -5.27 -52.57 -8.50
N GLU P 111 -4.03 -52.16 -8.79
CA GLU P 111 -3.12 -53.02 -9.55
C GLU P 111 -2.87 -54.33 -8.82
N LEU P 112 -2.60 -54.25 -7.51
CA LEU P 112 -2.36 -55.46 -6.73
C LEU P 112 -3.60 -56.34 -6.67
N LEU P 113 -4.79 -55.71 -6.60
CA LEU P 113 -6.02 -56.47 -6.61
C LEU P 113 -6.19 -57.25 -7.90
N TYR P 114 -5.91 -56.62 -9.04
CA TYR P 114 -6.14 -57.31 -10.30
C TYR P 114 -4.96 -58.19 -10.73
N LYS P 115 -3.83 -58.12 -10.03
CA LYS P 115 -2.68 -58.93 -10.43
C LYS P 115 -3.02 -60.42 -10.44
N GLN P 116 -3.56 -60.93 -9.34
CA GLN P 116 -3.80 -62.37 -9.24
C GLN P 116 -4.88 -62.82 -10.21
N THR P 117 -5.95 -62.02 -10.36
CA THR P 117 -7.00 -62.37 -11.31
C THR P 117 -6.47 -62.36 -12.74
N ALA P 118 -5.58 -61.41 -13.06
CA ALA P 118 -5.01 -61.38 -14.41
C ALA P 118 -4.11 -62.59 -14.65
N ILE P 119 -3.32 -62.98 -13.65
CA ILE P 119 -2.50 -64.17 -13.81
C ILE P 119 -3.37 -65.40 -14.00
N SER P 120 -4.47 -65.50 -13.24
CA SER P 120 -5.36 -66.64 -13.38
C SER P 120 -6.06 -66.66 -14.73
N ARG P 121 -6.42 -65.48 -15.26
CA ARG P 121 -7.16 -65.39 -16.51
C ARG P 121 -6.27 -65.47 -17.73
N ALA P 122 -4.94 -65.51 -17.57
CA ALA P 122 -4.06 -65.56 -18.74
C ALA P 122 -4.33 -66.82 -19.56
N LYS P 123 -4.30 -67.97 -18.92
CA LYS P 123 -4.61 -69.27 -19.53
C LYS P 123 -3.90 -69.40 -20.87
N ARG P 124 -4.51 -70.11 -21.81
CA ARG P 124 -4.05 -70.23 -23.18
C ARG P 124 -5.13 -70.93 -23.99
N ALA P 125 -5.29 -70.54 -25.24
CA ALA P 125 -6.32 -71.14 -26.06
C ALA P 125 -5.91 -72.56 -26.46
N PRO P 126 -6.87 -73.47 -26.57
CA PRO P 126 -6.54 -74.82 -27.05
C PRO P 126 -6.05 -74.78 -28.48
N TYR P 127 -5.40 -75.86 -28.88
CA TYR P 127 -4.81 -75.90 -30.21
C TYR P 127 -5.91 -75.78 -31.27
N PRO P 128 -5.62 -75.13 -32.40
CA PRO P 128 -6.65 -74.94 -33.42
C PRO P 128 -7.12 -76.26 -34.00
N SER P 129 -8.37 -76.28 -34.45
CA SER P 129 -9.01 -77.51 -34.88
C SER P 129 -8.29 -78.20 -36.03
N ARG P 130 -7.49 -77.47 -36.80
CA ARG P 130 -6.80 -78.04 -37.95
C ARG P 130 -5.39 -78.53 -37.64
N MET P 131 -4.91 -78.37 -36.41
CA MET P 131 -3.57 -78.83 -36.07
C MET P 131 -3.61 -80.31 -35.66
N PRO P 132 -2.86 -81.18 -36.33
CA PRO P 132 -2.94 -82.61 -36.04
C PRO P 132 -1.88 -83.09 -35.06
N THR P 133 -2.10 -84.29 -34.53
CA THR P 133 -1.05 -84.99 -33.81
C THR P 133 0.11 -85.31 -34.73
N GLY P 134 1.31 -85.33 -34.16
CA GLY P 134 2.43 -85.91 -34.85
C GLY P 134 2.32 -87.42 -34.90
N SER P 135 3.18 -88.02 -35.73
CA SER P 135 3.21 -89.48 -35.79
C SER P 135 3.62 -90.10 -34.47
N GLY P 136 4.30 -89.36 -33.61
CA GLY P 136 4.69 -89.85 -32.30
C GLY P 136 3.68 -89.62 -31.21
N ASN P 137 2.54 -90.29 -31.28
CA ASN P 137 1.51 -90.18 -30.25
C ASN P 137 0.70 -91.47 -30.20
N SER P 138 0.05 -91.68 -29.05
CA SER P 138 -0.89 -92.79 -28.91
C SER P 138 -2.21 -92.50 -29.60
N PHE P 139 -2.65 -91.25 -29.58
CA PHE P 139 -3.88 -90.88 -30.27
C PHE P 139 -3.78 -91.07 -31.77
N ALA P 140 -2.56 -91.17 -32.32
CA ALA P 140 -2.40 -91.54 -33.71
C ALA P 140 -2.96 -92.94 -33.96
N ASN P 141 -2.68 -93.88 -33.06
CA ASN P 141 -3.27 -95.21 -33.17
C ASN P 141 -4.73 -95.21 -32.77
N LEU P 142 -5.10 -94.41 -31.78
CA LEU P 142 -6.49 -94.34 -31.34
C LEU P 142 -7.36 -93.44 -32.23
N ASN P 143 -6.90 -93.11 -33.43
CA ASN P 143 -7.67 -92.46 -34.49
C ASN P 143 -8.06 -91.02 -34.16
N GLU P 144 -7.54 -90.43 -33.09
CA GLU P 144 -7.89 -89.05 -32.75
C GLU P 144 -7.36 -88.08 -33.81
N TRP P 145 -6.09 -88.22 -34.17
CA TRP P 145 -5.44 -87.38 -35.18
C TRP P 145 -5.61 -85.89 -34.89
N HIS P 146 -6.31 -85.17 -35.77
CA HIS P 146 -6.46 -83.73 -35.61
C HIS P 146 -7.08 -83.39 -34.26
N TYR P 147 -6.55 -82.35 -33.63
CA TYR P 147 -6.90 -82.02 -32.25
C TYR P 147 -8.36 -81.63 -32.11
N PHE P 148 -8.88 -81.83 -30.91
CA PHE P 148 -10.28 -81.56 -30.63
C PHE P 148 -10.55 -80.06 -30.74
N PRO P 149 -11.53 -79.63 -31.52
CA PRO P 149 -11.80 -78.20 -31.66
C PRO P 149 -12.33 -77.59 -30.37
N GLY P 150 -12.04 -76.30 -30.20
CA GLY P 150 -12.51 -75.56 -29.05
C GLY P 150 -12.01 -76.09 -27.73
N ILE Q 2 -37.73 -30.88 -24.69
CA ILE Q 2 -38.18 -32.23 -24.99
C ILE Q 2 -38.78 -32.27 -26.39
N LYS Q 3 -40.03 -31.83 -26.52
CA LYS Q 3 -40.81 -32.02 -27.74
C LYS Q 3 -41.26 -30.70 -28.36
N THR Q 4 -40.63 -29.58 -28.00
CA THR Q 4 -40.95 -28.30 -28.61
C THR Q 4 -39.69 -27.45 -28.68
N LYS Q 5 -39.68 -26.52 -29.63
CA LYS Q 5 -38.52 -25.67 -29.82
C LYS Q 5 -38.24 -24.83 -28.59
N GLY Q 6 -39.30 -24.36 -27.93
CA GLY Q 6 -39.13 -23.60 -26.71
C GLY Q 6 -38.38 -24.36 -25.64
N ASP Q 7 -38.67 -25.65 -25.49
CA ASP Q 7 -37.97 -26.46 -24.50
C ASP Q 7 -36.50 -26.61 -24.86
N LEU Q 8 -36.18 -26.81 -26.14
CA LEU Q 8 -34.79 -26.94 -26.56
C LEU Q 8 -34.01 -25.66 -26.26
N VAL Q 9 -34.59 -24.52 -26.63
CA VAL Q 9 -33.89 -23.26 -26.43
C VAL Q 9 -33.79 -22.92 -24.95
N ARG Q 10 -34.81 -23.25 -24.15
CA ARG Q 10 -34.73 -23.05 -22.72
C ARG Q 10 -33.65 -23.92 -22.10
N ALA Q 11 -33.49 -25.15 -22.59
CA ALA Q 11 -32.40 -25.99 -22.12
C ALA Q 11 -31.04 -25.39 -22.46
N ALA Q 12 -30.91 -24.83 -23.66
CA ALA Q 12 -29.66 -24.18 -24.04
C ALA Q 12 -29.36 -23.00 -23.12
N LEU Q 13 -30.36 -22.16 -22.88
CA LEU Q 13 -30.18 -21.02 -21.98
C LEU Q 13 -29.81 -21.47 -20.58
N ARG Q 14 -30.42 -22.58 -20.12
CA ARG Q 14 -30.02 -23.15 -18.85
C ARG Q 14 -28.55 -23.51 -18.85
N LYS Q 15 -28.10 -24.19 -19.90
CA LYS Q 15 -26.70 -24.62 -19.95
C LYS Q 15 -25.76 -23.43 -19.92
N LEU Q 16 -26.14 -22.33 -20.56
CA LEU Q 16 -25.37 -21.11 -20.38
C LEU Q 16 -25.44 -20.58 -18.95
N GLY Q 17 -26.48 -20.94 -18.20
CA GLY Q 17 -26.72 -20.31 -16.93
C GLY Q 17 -27.38 -18.95 -17.03
N VAL Q 18 -27.75 -18.53 -18.24
CA VAL Q 18 -28.35 -17.21 -18.44
C VAL Q 18 -29.71 -17.13 -17.76
N ALA Q 19 -30.55 -18.13 -17.99
CA ALA Q 19 -31.91 -18.10 -17.46
C ALA Q 19 -32.34 -19.52 -17.09
N SER Q 20 -32.54 -19.74 -15.81
CA SER Q 20 -32.88 -21.07 -15.31
C SER Q 20 -33.59 -20.92 -13.98
N ASP Q 21 -34.28 -21.98 -13.56
CA ASP Q 21 -34.87 -21.99 -12.24
C ASP Q 21 -33.81 -22.10 -11.16
N ALA Q 22 -32.68 -22.75 -11.45
CA ALA Q 22 -31.59 -22.79 -10.49
C ALA Q 22 -30.96 -21.42 -10.26
N THR Q 23 -31.21 -20.47 -11.15
CA THR Q 23 -30.71 -19.11 -11.02
C THR Q 23 -31.83 -18.12 -10.77
N LEU Q 24 -33.09 -18.54 -10.89
CA LEU Q 24 -34.25 -17.66 -10.72
C LEU Q 24 -34.23 -16.51 -11.71
N THR Q 25 -33.83 -16.79 -12.95
CA THR Q 25 -33.98 -15.86 -14.04
C THR Q 25 -35.00 -16.45 -15.01
N ASP Q 26 -36.03 -15.68 -15.33
CA ASP Q 26 -37.08 -16.12 -16.23
C ASP Q 26 -36.74 -15.66 -17.64
N VAL Q 27 -36.83 -16.57 -18.60
CA VAL Q 27 -36.37 -16.28 -19.96
C VAL Q 27 -37.07 -15.05 -20.49
N GLU Q 28 -36.29 -14.09 -20.97
CA GLU Q 28 -36.86 -12.90 -21.55
C GLU Q 28 -37.45 -13.24 -22.93
N PRO Q 29 -38.65 -12.76 -23.24
CA PRO Q 29 -39.26 -13.11 -24.53
C PRO Q 29 -38.41 -12.71 -25.73
N GLN Q 30 -37.70 -11.59 -25.63
CA GLN Q 30 -36.76 -11.24 -26.69
C GLN Q 30 -35.68 -12.29 -26.83
N SER Q 31 -35.11 -12.75 -25.71
CA SER Q 31 -34.13 -13.82 -25.75
C SER Q 31 -34.74 -15.09 -26.32
N MET Q 32 -35.99 -15.38 -25.93
CA MET Q 32 -36.70 -16.54 -26.47
C MET Q 32 -36.71 -16.50 -27.99
N GLN Q 33 -37.27 -15.44 -28.55
CA GLN Q 33 -37.40 -15.33 -30.01
C GLN Q 33 -36.05 -15.34 -30.68
N ASP Q 34 -35.08 -14.60 -30.12
CA ASP Q 34 -33.80 -14.46 -30.77
C ASP Q 34 -33.03 -15.79 -30.82
N ALA Q 35 -32.98 -16.50 -29.69
CA ALA Q 35 -32.27 -17.77 -29.69
C ALA Q 35 -33.03 -18.83 -30.49
N VAL Q 36 -34.35 -18.72 -30.60
CA VAL Q 36 -35.07 -19.62 -31.49
C VAL Q 36 -34.68 -19.35 -32.95
N ASP Q 37 -34.53 -18.08 -33.31
CA ASP Q 37 -34.07 -17.73 -34.65
C ASP Q 37 -32.66 -18.29 -34.89
N ASP Q 38 -31.79 -18.17 -33.88
CA ASP Q 38 -30.45 -18.72 -34.02
C ASP Q 38 -30.47 -20.23 -34.20
N LEU Q 39 -31.37 -20.92 -33.47
CA LEU Q 39 -31.52 -22.35 -33.67
C LEU Q 39 -31.97 -22.67 -35.08
N GLU Q 40 -32.92 -21.88 -35.61
CA GLU Q 40 -33.35 -22.07 -37.00
C GLU Q 40 -32.17 -21.95 -37.95
N ALA Q 41 -31.36 -20.91 -37.79
CA ALA Q 41 -30.22 -20.71 -38.67
C ALA Q 41 -29.23 -21.84 -38.57
N MET Q 42 -28.93 -22.29 -37.36
CA MET Q 42 -27.98 -23.39 -37.17
C MET Q 42 -28.50 -24.68 -37.80
N MET Q 43 -29.78 -24.98 -37.60
CA MET Q 43 -30.34 -26.19 -38.19
C MET Q 43 -30.31 -26.13 -39.71
N ALA Q 44 -30.62 -24.96 -40.29
CA ALA Q 44 -30.55 -24.82 -41.74
C ALA Q 44 -29.13 -25.03 -42.24
N GLU Q 45 -28.15 -24.45 -41.56
CA GLU Q 45 -26.77 -24.60 -41.98
C GLU Q 45 -26.31 -26.05 -41.90
N TRP Q 46 -26.69 -26.75 -40.82
CA TRP Q 46 -26.36 -28.16 -40.71
C TRP Q 46 -27.02 -28.98 -41.83
N TYR Q 47 -28.31 -28.74 -42.07
CA TYR Q 47 -29.04 -29.55 -43.03
C TYR Q 47 -28.49 -29.35 -44.44
N GLN Q 48 -28.11 -28.11 -44.78
CA GLN Q 48 -27.42 -27.82 -46.03
C GLN Q 48 -28.21 -28.34 -47.24
N ASP Q 49 -29.53 -28.18 -47.18
CA ASP Q 49 -30.44 -28.55 -48.27
C ASP Q 49 -30.33 -30.03 -48.63
N GLY Q 50 -29.96 -30.87 -47.67
CA GLY Q 50 -30.01 -32.30 -47.82
C GLY Q 50 -28.67 -32.98 -48.04
N LYS Q 51 -27.64 -32.23 -48.47
CA LYS Q 51 -26.35 -32.85 -48.74
C LYS Q 51 -25.53 -33.04 -47.46
N GLY Q 52 -25.80 -32.25 -46.43
CA GLY Q 52 -25.07 -32.31 -45.19
C GLY Q 52 -25.74 -33.23 -44.18
N ILE Q 53 -25.41 -33.01 -42.90
CA ILE Q 53 -25.99 -33.80 -41.83
C ILE Q 53 -27.51 -33.64 -41.82
N ILE Q 54 -28.21 -34.73 -41.54
CA ILE Q 54 -29.66 -34.74 -41.47
C ILE Q 54 -30.08 -35.28 -40.12
N THR Q 55 -31.05 -34.62 -39.49
CA THR Q 55 -31.51 -34.99 -38.16
C THR Q 55 -33.00 -35.23 -38.07
N GLY Q 56 -33.78 -34.87 -39.08
CA GLY Q 56 -35.22 -34.94 -39.01
C GLY Q 56 -35.89 -33.66 -38.59
N TYR Q 57 -35.11 -32.61 -38.31
CA TYR Q 57 -35.67 -31.33 -37.90
C TYR Q 57 -36.55 -30.75 -38.99
N VAL Q 58 -37.63 -30.08 -38.57
CA VAL Q 58 -38.60 -29.47 -39.48
C VAL Q 58 -38.56 -27.96 -39.32
N PHE Q 59 -38.44 -27.25 -40.44
CA PHE Q 59 -38.37 -25.79 -40.44
C PHE Q 59 -39.79 -25.27 -40.62
N SER Q 60 -40.37 -24.73 -39.54
CA SER Q 60 -41.77 -24.33 -39.53
C SER Q 60 -42.16 -23.48 -40.73
N ASP Q 61 -41.61 -22.26 -40.81
CA ASP Q 61 -41.78 -21.26 -41.87
C ASP Q 61 -41.84 -19.85 -41.31
N ASP Q 62 -42.26 -19.72 -40.05
CA ASP Q 62 -42.57 -18.48 -39.32
C ASP Q 62 -43.17 -17.42 -40.22
N GLU Q 63 -44.08 -17.83 -41.10
CA GLU Q 63 -44.85 -16.91 -41.92
C GLU Q 63 -46.33 -16.96 -41.58
N ASN Q 64 -46.98 -18.13 -41.71
CA ASN Q 64 -48.34 -18.25 -41.21
C ASN Q 64 -48.47 -18.40 -39.69
N PRO Q 65 -47.52 -18.97 -38.93
CA PRO Q 65 -47.77 -19.15 -37.50
C PRO Q 65 -47.48 -17.86 -36.74
N PRO Q 66 -47.95 -17.74 -35.50
CA PRO Q 66 -47.54 -16.58 -34.69
C PRO Q 66 -46.04 -16.51 -34.46
N ALA Q 67 -45.40 -17.66 -34.27
CA ALA Q 67 -43.96 -17.73 -34.06
C ALA Q 67 -43.48 -19.10 -34.52
N GLU Q 68 -42.23 -19.15 -35.00
CA GLU Q 68 -41.70 -20.42 -35.47
C GLU Q 68 -41.53 -21.41 -34.33
N GLY Q 69 -41.14 -20.94 -33.15
CA GLY Q 69 -40.87 -21.89 -32.08
C GLY Q 69 -42.13 -22.55 -31.55
N ASP Q 70 -42.33 -23.80 -31.99
CA ASP Q 70 -43.26 -24.78 -31.45
C ASP Q 70 -43.10 -26.10 -32.20
N ASP Q 71 -42.88 -27.19 -31.47
CA ASP Q 71 -42.74 -28.53 -32.04
C ASP Q 71 -41.49 -28.68 -32.88
N HIS Q 72 -40.95 -29.90 -32.94
CA HIS Q 72 -39.77 -30.17 -33.75
C HIS Q 72 -39.70 -31.66 -34.02
N GLY Q 73 -39.40 -32.03 -35.27
CA GLY Q 73 -39.30 -33.41 -35.68
C GLY Q 73 -38.01 -34.09 -35.30
N LEU Q 74 -37.22 -33.46 -34.44
CA LEU Q 74 -35.93 -33.99 -34.03
C LEU Q 74 -36.07 -35.37 -33.42
N ARG Q 75 -35.14 -36.26 -33.78
CA ARG Q 75 -35.08 -37.57 -33.13
C ARG Q 75 -34.76 -37.40 -31.65
N SER Q 76 -35.26 -38.34 -30.85
CA SER Q 76 -35.07 -38.24 -29.40
C SER Q 76 -33.59 -38.29 -29.02
N SER Q 77 -32.76 -38.93 -29.85
CA SER Q 77 -31.34 -39.06 -29.53
C SER Q 77 -30.53 -37.82 -29.87
N ALA Q 78 -31.06 -36.92 -30.69
CA ALA Q 78 -30.32 -35.75 -31.14
C ALA Q 78 -30.62 -34.49 -30.33
N VAL Q 79 -31.53 -34.57 -29.37
CA VAL Q 79 -31.94 -33.37 -28.63
C VAL Q 79 -30.77 -32.79 -27.86
N SER Q 80 -29.99 -33.65 -27.20
CA SER Q 80 -28.86 -33.18 -26.41
C SER Q 80 -27.85 -32.45 -27.28
N ALA Q 81 -27.49 -33.05 -28.41
CA ALA Q 81 -26.55 -32.42 -29.32
C ALA Q 81 -27.06 -31.08 -29.80
N VAL Q 82 -28.34 -31.04 -30.21
CA VAL Q 82 -28.87 -29.80 -30.79
C VAL Q 82 -28.91 -28.69 -29.76
N PHE Q 83 -29.37 -28.98 -28.54
CA PHE Q 83 -29.47 -27.85 -27.61
C PHE Q 83 -28.11 -27.46 -27.04
N HIS Q 84 -27.17 -28.39 -26.90
CA HIS Q 84 -25.82 -27.99 -26.55
C HIS Q 84 -25.18 -27.12 -27.62
N ASN Q 85 -25.36 -27.49 -28.90
CA ASN Q 85 -24.80 -26.67 -29.97
C ASN Q 85 -25.47 -25.31 -30.03
N LEU Q 86 -26.78 -25.25 -29.81
CA LEU Q 86 -27.48 -23.97 -29.76
C LEU Q 86 -26.94 -23.10 -28.64
N ALA Q 87 -26.70 -23.71 -27.46
CA ALA Q 87 -26.13 -22.97 -26.35
C ALA Q 87 -24.75 -22.43 -26.70
N CYS Q 88 -23.91 -23.26 -27.32
CA CYS Q 88 -22.59 -22.81 -27.71
C CYS Q 88 -22.67 -21.66 -28.70
N ARG Q 89 -23.61 -21.73 -29.65
CA ARG Q 89 -23.71 -20.69 -30.67
C ARG Q 89 -24.25 -19.39 -30.11
N ILE Q 90 -25.16 -19.45 -29.12
CA ILE Q 90 -25.72 -18.24 -28.54
C ILE Q 90 -24.91 -17.75 -27.34
N ALA Q 91 -23.84 -18.45 -26.96
CA ALA Q 91 -22.96 -17.95 -25.91
C ALA Q 91 -22.45 -16.53 -26.14
N PRO Q 92 -21.91 -16.16 -27.31
CA PRO Q 92 -21.39 -14.80 -27.45
C PRO Q 92 -22.47 -13.74 -27.52
N ASP Q 93 -23.73 -14.13 -27.63
CA ASP Q 93 -24.81 -13.14 -27.65
C ASP Q 93 -24.85 -12.33 -26.37
N TYR Q 94 -24.67 -12.99 -25.23
CA TYR Q 94 -24.68 -12.35 -23.92
C TYR Q 94 -23.28 -12.02 -23.44
N ALA Q 95 -22.27 -12.12 -24.31
CA ALA Q 95 -20.85 -11.96 -24.04
C ALA Q 95 -20.28 -13.09 -23.20
N LEU Q 96 -21.08 -14.07 -22.82
CA LEU Q 96 -20.56 -15.24 -22.12
C LEU Q 96 -19.81 -16.15 -23.08
N GLU Q 97 -19.04 -17.06 -22.51
CA GLU Q 97 -18.40 -18.12 -23.27
C GLU Q 97 -18.77 -19.46 -22.64
N ALA Q 98 -19.25 -20.38 -23.47
CA ALA Q 98 -19.68 -21.68 -22.95
C ALA Q 98 -18.51 -22.42 -22.32
N THR Q 99 -18.79 -23.09 -21.20
CA THR Q 99 -17.76 -23.84 -20.50
C THR Q 99 -17.26 -24.98 -21.37
N ALA Q 100 -16.00 -25.39 -21.14
CA ALA Q 100 -15.38 -26.41 -21.98
C ALA Q 100 -16.20 -27.68 -22.03
N LYS Q 101 -16.92 -28.01 -20.97
CA LYS Q 101 -17.77 -29.19 -20.99
C LYS Q 101 -18.86 -29.06 -22.06
N ILE Q 102 -19.45 -27.88 -22.19
CA ILE Q 102 -20.48 -27.68 -23.21
C ILE Q 102 -19.88 -27.86 -24.60
N ILE Q 103 -18.69 -27.34 -24.83
CA ILE Q 103 -18.05 -27.47 -26.14
C ILE Q 103 -17.76 -28.94 -26.45
N ALA Q 104 -17.21 -29.67 -25.48
CA ALA Q 104 -16.93 -31.08 -25.69
C ALA Q 104 -18.21 -31.86 -25.94
N THR Q 105 -19.27 -31.55 -25.20
CA THR Q 105 -20.55 -32.22 -25.41
C THR Q 105 -21.12 -31.92 -26.79
N ALA Q 106 -20.97 -30.69 -27.27
CA ALA Q 106 -21.44 -30.35 -28.59
C ALA Q 106 -20.67 -31.12 -29.67
N LYS Q 107 -19.35 -31.21 -29.51
CA LYS Q 107 -18.55 -31.99 -30.45
C LYS Q 107 -19.00 -33.45 -30.47
N TYR Q 108 -19.14 -34.04 -29.28
CA TYR Q 108 -19.56 -35.43 -29.18
C TYR Q 108 -20.93 -35.63 -29.82
N GLY Q 109 -21.86 -34.71 -29.54
CA GLY Q 109 -23.20 -34.85 -30.08
C GLY Q 109 -23.25 -34.72 -31.59
N LYS Q 110 -22.50 -33.77 -32.15
CA LYS Q 110 -22.48 -33.64 -33.60
C LYS Q 110 -21.85 -34.87 -34.25
N GLU Q 111 -20.80 -35.42 -33.63
CA GLU Q 111 -20.21 -36.64 -34.15
C GLU Q 111 -21.22 -37.78 -34.14
N LEU Q 112 -21.94 -37.94 -33.04
CA LEU Q 112 -22.94 -39.01 -32.97
C LEU Q 112 -24.07 -38.80 -33.97
N LEU Q 113 -24.49 -37.55 -34.18
CA LEU Q 113 -25.53 -37.27 -35.18
C LEU Q 113 -25.07 -37.66 -36.57
N TYR Q 114 -23.82 -37.34 -36.91
CA TYR Q 114 -23.37 -37.66 -38.27
C TYR Q 114 -22.86 -39.08 -38.42
N LYS Q 115 -22.70 -39.84 -37.34
CA LYS Q 115 -22.17 -41.20 -37.45
C LYS Q 115 -23.03 -42.06 -38.37
N GLN Q 116 -24.34 -42.12 -38.11
CA GLN Q 116 -25.20 -43.01 -38.89
C GLN Q 116 -25.30 -42.55 -40.34
N THR Q 117 -25.39 -41.24 -40.57
CA THR Q 117 -25.45 -40.75 -41.93
C THR Q 117 -24.16 -41.07 -42.68
N ALA Q 118 -23.00 -40.95 -42.01
CA ALA Q 118 -21.74 -41.27 -42.64
C ALA Q 118 -21.65 -42.76 -42.98
N ILE Q 119 -22.11 -43.61 -42.08
CA ILE Q 119 -22.12 -45.05 -42.37
C ILE Q 119 -23.04 -45.33 -43.56
N SER Q 120 -24.19 -44.65 -43.62
CA SER Q 120 -25.11 -44.87 -44.73
C SER Q 120 -24.54 -44.38 -46.06
N ARG Q 121 -23.81 -43.26 -46.03
CA ARG Q 121 -23.28 -42.68 -47.27
C ARG Q 121 -22.00 -43.35 -47.75
N ALA Q 122 -21.42 -44.29 -46.98
CA ALA Q 122 -20.17 -44.90 -47.39
C ALA Q 122 -20.32 -45.60 -48.74
N LYS Q 123 -21.29 -46.49 -48.84
CA LYS Q 123 -21.64 -47.21 -50.08
C LYS Q 123 -20.37 -47.76 -50.74
N ARG Q 124 -20.39 -47.86 -52.06
CA ARG Q 124 -19.24 -48.28 -52.85
C ARG Q 124 -19.60 -48.07 -54.31
N ALA Q 125 -18.63 -47.63 -55.09
CA ALA Q 125 -18.90 -47.41 -56.50
C ALA Q 125 -18.98 -48.75 -57.24
N PRO Q 126 -19.84 -48.86 -58.24
CA PRO Q 126 -19.90 -50.07 -59.04
C PRO Q 126 -18.63 -50.26 -59.84
N TYR Q 127 -18.48 -51.45 -60.42
CA TYR Q 127 -17.30 -51.75 -61.20
C TYR Q 127 -17.20 -50.81 -62.40
N PRO Q 128 -15.97 -50.45 -62.80
CA PRO Q 128 -15.81 -49.56 -63.96
C PRO Q 128 -16.35 -50.19 -65.22
N SER Q 129 -16.75 -49.33 -66.16
CA SER Q 129 -17.38 -49.80 -67.39
C SER Q 129 -16.50 -50.72 -68.20
N ARG Q 130 -15.18 -50.66 -68.00
CA ARG Q 130 -14.26 -51.47 -68.79
C ARG Q 130 -13.93 -52.81 -68.13
N MET Q 131 -14.41 -53.05 -66.92
CA MET Q 131 -14.11 -54.33 -66.25
C MET Q 131 -15.03 -55.42 -66.78
N PRO Q 132 -14.49 -56.54 -67.24
CA PRO Q 132 -15.33 -57.64 -67.72
C PRO Q 132 -15.61 -58.68 -66.64
N THR Q 133 -16.79 -59.29 -66.74
CA THR Q 133 -17.10 -60.45 -65.94
C THR Q 133 -16.28 -61.64 -66.39
N GLY Q 134 -15.88 -62.48 -65.43
CA GLY Q 134 -15.10 -63.64 -65.76
C GLY Q 134 -15.89 -64.69 -66.51
N SER Q 135 -15.18 -65.69 -67.03
CA SER Q 135 -15.84 -66.78 -67.73
C SER Q 135 -16.80 -67.55 -66.83
N GLY Q 136 -16.60 -67.49 -65.51
CA GLY Q 136 -17.48 -68.16 -64.58
C GLY Q 136 -18.69 -67.35 -64.16
N ASN Q 137 -19.59 -67.06 -65.10
CA ASN Q 137 -20.81 -66.33 -64.81
C ASN Q 137 -21.90 -66.72 -65.80
N SER Q 138 -23.15 -66.48 -65.40
CA SER Q 138 -24.28 -66.69 -66.29
C SER Q 138 -24.39 -65.58 -67.33
N PHE Q 139 -24.08 -64.34 -66.93
CA PHE Q 139 -24.11 -63.23 -67.87
C PHE Q 139 -23.12 -63.39 -69.01
N ALA Q 140 -22.10 -64.24 -68.83
CA ALA Q 140 -21.22 -64.56 -69.95
C ALA Q 140 -22.00 -65.26 -71.07
N ASN Q 141 -22.89 -66.18 -70.71
CA ASN Q 141 -23.75 -66.80 -71.71
C ASN Q 141 -24.86 -65.86 -72.16
N LEU Q 142 -25.39 -65.05 -71.25
CA LEU Q 142 -26.44 -64.08 -71.61
C LEU Q 142 -25.89 -62.82 -72.26
N ASN Q 143 -24.65 -62.84 -72.75
CA ASN Q 143 -24.05 -61.81 -73.60
C ASN Q 143 -23.77 -60.50 -72.87
N GLU Q 144 -24.02 -60.42 -71.56
CA GLU Q 144 -23.78 -59.17 -70.85
C GLU Q 144 -22.30 -58.83 -70.82
N TRP Q 145 -21.46 -59.80 -70.48
CA TRP Q 145 -20.00 -59.65 -70.41
C TRP Q 145 -19.61 -58.45 -69.54
N HIS Q 146 -19.03 -57.42 -70.16
CA HIS Q 146 -18.54 -56.27 -69.41
C HIS Q 146 -19.63 -55.65 -68.56
N TYR Q 147 -19.25 -55.19 -67.37
CA TYR Q 147 -20.21 -54.68 -66.39
C TYR Q 147 -20.92 -53.44 -66.90
N PHE Q 148 -22.15 -53.27 -66.40
CA PHE Q 148 -22.95 -52.11 -66.77
C PHE Q 148 -22.31 -50.84 -66.24
N PRO Q 149 -22.11 -49.83 -67.08
CA PRO Q 149 -21.45 -48.61 -66.60
C PRO Q 149 -22.32 -47.85 -65.60
N GLY Q 150 -21.64 -47.14 -64.70
CA GLY Q 150 -22.32 -46.32 -63.70
C GLY Q 150 -23.19 -47.11 -62.75
N ILE R 2 -18.03 3.59 -51.47
CA ILE R 2 -18.68 2.90 -52.56
C ILE R 2 -18.07 3.33 -53.90
N LYS R 3 -18.46 4.49 -54.39
CA LYS R 3 -18.12 4.91 -55.75
C LYS R 3 -17.33 6.21 -55.79
N THR R 4 -16.65 6.57 -54.70
CA THR R 4 -15.81 7.76 -54.70
C THR R 4 -14.66 7.55 -53.72
N LYS R 5 -13.57 8.27 -53.96
CA LYS R 5 -12.40 8.15 -53.09
C LYS R 5 -12.72 8.56 -51.67
N GLY R 6 -13.55 9.59 -51.52
CA GLY R 6 -13.96 10.01 -50.19
C GLY R 6 -14.66 8.91 -49.42
N ASP R 7 -15.53 8.15 -50.08
CA ASP R 7 -16.21 7.05 -49.41
C ASP R 7 -15.23 5.97 -48.98
N LEU R 8 -14.26 5.64 -49.84
CA LEU R 8 -13.28 4.61 -49.50
C LEU R 8 -12.46 5.05 -48.29
N VAL R 9 -11.98 6.29 -48.30
CA VAL R 9 -11.14 6.75 -47.21
C VAL R 9 -11.94 6.90 -45.91
N ARG R 10 -13.20 7.32 -46.02
CA ARG R 10 -14.04 7.39 -44.81
C ARG R 10 -14.29 5.99 -44.26
N ALA R 11 -14.49 5.00 -45.13
CA ALA R 11 -14.65 3.63 -44.66
C ALA R 11 -13.38 3.14 -43.98
N ALA R 12 -12.21 3.51 -44.52
CA ALA R 12 -10.96 3.10 -43.90
C ALA R 12 -10.79 3.73 -42.52
N LEU R 13 -11.02 5.04 -42.42
CA LEU R 13 -10.97 5.71 -41.12
C LEU R 13 -11.94 5.09 -40.15
N ARG R 14 -13.12 4.72 -40.64
CA ARG R 14 -14.13 4.08 -39.80
C ARG R 14 -13.64 2.76 -39.25
N LYS R 15 -13.12 1.89 -40.12
CA LYS R 15 -12.64 0.60 -39.66
C LYS R 15 -11.48 0.75 -38.69
N LEU R 16 -10.61 1.72 -38.94
CA LEU R 16 -9.52 1.99 -38.01
C LEU R 16 -10.04 2.50 -36.68
N GLY R 17 -11.28 2.99 -36.64
CA GLY R 17 -11.87 3.52 -35.43
C GLY R 17 -11.60 4.98 -35.16
N VAL R 18 -10.91 5.67 -36.08
CA VAL R 18 -10.56 7.08 -35.84
C VAL R 18 -11.80 7.96 -35.86
N ALA R 19 -12.62 7.83 -36.89
CA ALA R 19 -13.75 8.73 -37.08
C ALA R 19 -14.90 7.98 -37.71
N SER R 20 -16.04 7.92 -37.02
CA SER R 20 -17.20 7.19 -37.48
C SER R 20 -18.44 7.74 -36.80
N ASP R 21 -19.60 7.44 -37.36
CA ASP R 21 -20.84 7.79 -36.69
C ASP R 21 -21.07 6.92 -35.46
N ALA R 22 -20.60 5.67 -35.49
CA ALA R 22 -20.68 4.82 -34.30
C ALA R 22 -19.84 5.36 -33.15
N THR R 23 -18.87 6.22 -33.46
CA THR R 23 -18.02 6.84 -32.46
C THR R 23 -18.39 8.31 -32.22
N LEU R 24 -19.31 8.86 -33.02
CA LEU R 24 -19.69 10.27 -32.94
C LEU R 24 -18.51 11.20 -33.21
N THR R 25 -17.65 10.80 -34.14
CA THR R 25 -16.54 11.62 -34.58
C THR R 25 -16.72 11.96 -36.05
N ASP R 26 -16.56 13.24 -36.38
CA ASP R 26 -16.67 13.71 -37.75
C ASP R 26 -15.26 13.81 -38.34
N VAL R 27 -15.09 13.28 -39.56
CA VAL R 27 -13.77 13.18 -40.15
C VAL R 27 -13.15 14.57 -40.28
N GLU R 28 -11.89 14.68 -39.88
CA GLU R 28 -11.17 15.94 -40.02
C GLU R 28 -10.81 16.15 -41.49
N PRO R 29 -11.03 17.34 -42.04
CA PRO R 29 -10.67 17.56 -43.45
C PRO R 29 -9.19 17.34 -43.74
N GLN R 30 -8.32 17.69 -42.79
CA GLN R 30 -6.91 17.37 -42.95
C GLN R 30 -6.70 15.87 -43.03
N SER R 31 -7.37 15.11 -42.15
CA SER R 31 -7.32 13.66 -42.23
C SER R 31 -7.86 13.17 -43.56
N MET R 32 -8.95 13.77 -44.04
CA MET R 32 -9.51 13.44 -45.33
C MET R 32 -8.45 13.52 -46.43
N GLN R 33 -7.87 14.71 -46.61
CA GLN R 33 -6.88 14.91 -47.67
C GLN R 33 -5.68 14.00 -47.49
N ASP R 34 -5.18 13.88 -46.26
CA ASP R 34 -3.94 13.16 -46.06
C ASP R 34 -4.11 11.67 -46.29
N ALA R 35 -5.19 11.08 -45.78
CA ALA R 35 -5.41 9.66 -46.02
C ALA R 35 -5.75 9.39 -47.48
N VAL R 36 -6.38 10.35 -48.16
CA VAL R 36 -6.58 10.19 -49.61
C VAL R 36 -5.22 10.17 -50.32
N ASP R 37 -4.30 11.04 -49.90
CA ASP R 37 -2.95 11.02 -50.46
C ASP R 37 -2.26 9.69 -50.21
N ASP R 38 -2.42 9.15 -49.00
CA ASP R 38 -1.83 7.85 -48.69
C ASP R 38 -2.43 6.74 -49.56
N LEU R 39 -3.74 6.80 -49.80
CA LEU R 39 -4.36 5.85 -50.71
C LEU R 39 -3.78 5.97 -52.11
N GLU R 40 -3.57 7.20 -52.58
CA GLU R 40 -2.96 7.41 -53.89
C GLU R 40 -1.58 6.78 -53.96
N ALA R 41 -0.77 6.99 -52.93
CA ALA R 41 0.57 6.42 -52.91
C ALA R 41 0.52 4.89 -52.90
N MET R 42 -0.38 4.32 -52.10
CA MET R 42 -0.49 2.87 -52.04
C MET R 42 -0.94 2.28 -53.38
N MET R 43 -1.89 2.94 -54.04
CA MET R 43 -2.32 2.48 -55.36
C MET R 43 -1.20 2.57 -56.39
N ALA R 44 -0.41 3.65 -56.35
CA ALA R 44 0.73 3.74 -57.26
C ALA R 44 1.71 2.60 -57.01
N GLU R 45 2.01 2.33 -55.73
CA GLU R 45 2.94 1.26 -55.39
C GLU R 45 2.43 -0.09 -55.86
N TRP R 46 1.14 -0.36 -55.65
CA TRP R 46 0.57 -1.63 -56.10
C TRP R 46 0.62 -1.74 -57.62
N TYR R 47 0.22 -0.68 -58.31
CA TYR R 47 0.10 -0.74 -59.76
C TYR R 47 1.45 -0.93 -60.42
N GLN R 48 2.48 -0.27 -59.90
CA GLN R 48 3.86 -0.50 -60.35
C GLN R 48 4.02 -0.27 -61.85
N ASP R 49 3.30 0.72 -62.37
CA ASP R 49 3.36 1.10 -63.79
C ASP R 49 2.98 -0.05 -64.71
N GLY R 50 2.12 -0.95 -64.25
CA GLY R 50 1.52 -1.97 -65.08
C GLY R 50 2.09 -3.35 -64.90
N LYS R 51 3.28 -3.48 -64.33
CA LYS R 51 3.89 -4.79 -64.14
C LYS R 51 3.35 -5.51 -62.92
N GLY R 52 2.85 -4.79 -61.94
CA GLY R 52 2.37 -5.36 -60.70
C GLY R 52 0.88 -5.62 -60.73
N ILE R 53 0.30 -5.72 -59.53
CA ILE R 53 -1.13 -5.96 -59.40
C ILE R 53 -1.91 -4.82 -60.03
N ILE R 54 -3.01 -5.15 -60.69
CA ILE R 54 -3.87 -4.17 -61.34
C ILE R 54 -5.30 -4.36 -60.86
N THR R 55 -5.97 -3.26 -60.57
CA THR R 55 -7.33 -3.29 -60.05
C THR R 55 -8.32 -2.44 -60.84
N GLY R 56 -7.87 -1.61 -61.77
CA GLY R 56 -8.75 -0.68 -62.46
C GLY R 56 -8.77 0.71 -61.87
N TYR R 57 -7.98 0.96 -60.82
CA TYR R 57 -7.93 2.27 -60.19
C TYR R 57 -7.43 3.33 -61.17
N VAL R 58 -7.97 4.54 -61.04
CA VAL R 58 -7.58 5.67 -61.88
C VAL R 58 -6.95 6.74 -61.00
N PHE R 59 -5.77 7.21 -61.40
CA PHE R 59 -5.03 8.22 -60.67
C PHE R 59 -5.44 9.58 -61.21
N SER R 60 -6.23 10.32 -60.42
CA SER R 60 -6.85 11.56 -60.88
C SER R 60 -5.86 12.51 -61.56
N ASP R 61 -4.90 13.04 -60.77
CA ASP R 61 -3.79 13.91 -61.17
C ASP R 61 -3.53 14.97 -60.11
N ASP R 62 -4.57 15.32 -59.34
CA ASP R 62 -4.65 16.41 -58.36
C ASP R 62 -3.87 17.63 -58.80
N GLU R 63 -3.97 17.97 -60.09
CA GLU R 63 -3.40 19.20 -60.62
C GLU R 63 -4.47 20.15 -61.12
N ASN R 64 -5.28 19.72 -62.10
CA ASN R 64 -6.43 20.55 -62.47
C ASN R 64 -7.62 20.47 -61.50
N PRO R 65 -7.90 19.38 -60.78
CA PRO R 65 -9.11 19.36 -59.96
C PRO R 65 -8.89 20.11 -58.67
N PRO R 66 -9.95 20.49 -57.95
CA PRO R 66 -9.75 21.06 -56.62
C PRO R 66 -9.08 20.10 -55.65
N ALA R 67 -9.44 18.82 -55.73
CA ALA R 67 -8.84 17.81 -54.88
C ALA R 67 -8.88 16.48 -55.62
N GLU R 68 -7.88 15.64 -55.37
CA GLU R 68 -7.83 14.35 -56.05
C GLU R 68 -8.98 13.45 -55.62
N GLY R 69 -9.37 13.49 -54.36
CA GLY R 69 -10.43 12.58 -53.94
C GLY R 69 -11.79 12.94 -54.47
N ASP R 70 -12.21 12.23 -55.53
CA ASP R 70 -13.54 12.09 -56.13
C ASP R 70 -13.49 10.98 -57.18
N ASP R 71 -14.40 10.01 -57.06
CA ASP R 71 -14.61 8.96 -58.05
C ASP R 71 -13.42 8.01 -58.14
N HIS R 72 -13.68 6.76 -58.48
CA HIS R 72 -12.63 5.77 -58.70
C HIS R 72 -13.16 4.68 -59.59
N GLY R 73 -12.34 4.26 -60.56
CA GLY R 73 -12.70 3.19 -61.46
C GLY R 73 -12.50 1.81 -60.89
N LEU R 74 -12.26 1.73 -59.59
CA LEU R 74 -11.98 0.47 -58.93
C LEU R 74 -13.14 -0.50 -59.10
N ARG R 75 -12.81 -1.78 -59.32
CA ARG R 75 -13.85 -2.79 -59.48
C ARG R 75 -14.66 -2.93 -58.20
N SER R 76 -15.93 -3.28 -58.35
CA SER R 76 -16.82 -3.39 -57.20
C SER R 76 -16.34 -4.43 -56.20
N SER R 77 -15.67 -5.48 -56.67
CA SER R 77 -15.18 -6.53 -55.79
C SER R 77 -13.93 -6.15 -55.02
N ALA R 78 -13.27 -5.06 -55.40
CA ALA R 78 -12.00 -4.68 -54.82
C ALA R 78 -12.10 -3.65 -53.70
N VAL R 79 -13.30 -3.11 -53.46
CA VAL R 79 -13.44 -2.00 -52.52
C VAL R 79 -13.03 -2.44 -51.11
N SER R 80 -13.48 -3.63 -50.70
CA SER R 80 -13.15 -4.11 -49.36
C SER R 80 -11.64 -4.21 -49.16
N ALA R 81 -10.95 -4.85 -50.09
CA ALA R 81 -9.51 -4.99 -50.00
C ALA R 81 -8.84 -3.63 -49.95
N VAL R 82 -9.27 -2.71 -50.82
CA VAL R 82 -8.60 -1.42 -50.92
C VAL R 82 -8.77 -0.62 -49.63
N PHE R 83 -9.99 -0.54 -49.10
CA PHE R 83 -10.13 0.32 -47.93
C PHE R 83 -9.59 -0.36 -46.67
N HIS R 84 -9.61 -1.69 -46.60
CA HIS R 84 -8.93 -2.35 -45.48
C HIS R 84 -7.43 -2.07 -45.51
N ASN R 85 -6.81 -2.18 -46.69
CA ASN R 85 -5.38 -1.91 -46.79
C ASN R 85 -5.08 -0.45 -46.49
N LEU R 86 -5.94 0.47 -46.94
CA LEU R 86 -5.73 1.88 -46.63
C LEU R 86 -5.80 2.13 -45.13
N ALA R 87 -6.78 1.51 -44.46
CA ALA R 87 -6.88 1.67 -43.01
C ALA R 87 -5.64 1.12 -42.32
N CYS R 88 -5.17 -0.04 -42.75
CA CYS R 88 -3.96 -0.60 -42.16
C CYS R 88 -2.76 0.30 -42.37
N ARG R 89 -2.65 0.90 -43.56
CA ARG R 89 -1.50 1.73 -43.87
C ARG R 89 -1.54 3.07 -43.14
N ILE R 90 -2.73 3.62 -42.90
CA ILE R 90 -2.84 4.89 -42.17
C ILE R 90 -3.00 4.68 -40.68
N ALA R 91 -3.02 3.44 -40.20
CA ALA R 91 -3.02 3.17 -38.77
C ALA R 91 -1.90 3.90 -38.01
N PRO R 92 -0.63 3.83 -38.40
CA PRO R 92 0.41 4.46 -37.58
C PRO R 92 0.39 5.98 -37.62
N ASP R 93 -0.38 6.59 -38.52
CA ASP R 93 -0.47 8.04 -38.57
C ASP R 93 -1.04 8.59 -37.27
N TYR R 94 -2.06 7.94 -36.72
CA TYR R 94 -2.68 8.35 -35.48
C TYR R 94 -2.10 7.63 -34.27
N ALA R 95 -1.00 6.90 -34.45
CA ALA R 95 -0.34 6.05 -33.47
C ALA R 95 -1.16 4.81 -33.13
N LEU R 96 -2.33 4.62 -33.72
CA LEU R 96 -3.08 3.40 -33.53
C LEU R 96 -2.45 2.25 -34.31
N GLU R 97 -2.83 1.03 -33.94
CA GLU R 97 -2.46 -0.16 -34.68
C GLU R 97 -3.74 -0.90 -35.06
N ALA R 98 -3.87 -1.23 -36.35
CA ALA R 98 -5.06 -1.91 -36.83
C ALA R 98 -5.21 -3.27 -36.15
N THR R 99 -6.45 -3.59 -35.78
CA THR R 99 -6.71 -4.86 -35.12
C THR R 99 -6.38 -6.03 -36.06
N ALA R 100 -6.06 -7.18 -35.46
CA ALA R 100 -5.62 -8.33 -36.24
C ALA R 100 -6.62 -8.71 -37.32
N LYS R 101 -7.91 -8.48 -37.07
CA LYS R 101 -8.92 -8.79 -38.09
C LYS R 101 -8.71 -7.93 -39.33
N ILE R 102 -8.39 -6.64 -39.14
CA ILE R 102 -8.15 -5.76 -40.28
C ILE R 102 -6.94 -6.23 -41.08
N ILE R 103 -5.88 -6.63 -40.39
CA ILE R 103 -4.68 -7.09 -41.09
C ILE R 103 -4.98 -8.37 -41.88
N ALA R 104 -5.68 -9.32 -41.26
CA ALA R 104 -6.01 -10.55 -41.96
C ALA R 104 -6.91 -10.27 -43.15
N THR R 105 -7.88 -9.37 -42.99
CA THR R 105 -8.76 -9.03 -44.10
C THR R 105 -7.99 -8.36 -45.23
N ALA R 106 -7.03 -7.50 -44.91
CA ALA R 106 -6.21 -6.87 -45.94
C ALA R 106 -5.39 -7.90 -46.70
N LYS R 107 -4.79 -8.86 -45.98
CA LYS R 107 -4.04 -9.91 -46.65
C LYS R 107 -4.94 -10.72 -47.57
N TYR R 108 -6.12 -11.10 -47.08
CA TYR R 108 -7.07 -11.87 -47.88
C TYR R 108 -7.48 -11.09 -49.12
N GLY R 109 -7.75 -9.79 -48.95
CA GLY R 109 -8.18 -8.98 -50.07
C GLY R 109 -7.10 -8.80 -51.12
N LYS R 110 -5.86 -8.58 -50.69
CA LYS R 110 -4.76 -8.46 -51.66
C LYS R 110 -4.55 -9.77 -52.41
N GLU R 111 -4.63 -10.90 -51.70
CA GLU R 111 -4.51 -12.19 -52.36
C GLU R 111 -5.61 -12.37 -53.41
N LEU R 112 -6.85 -12.03 -53.04
CA LEU R 112 -7.96 -12.15 -53.99
C LEU R 112 -7.78 -11.22 -55.18
N LEU R 113 -7.26 -10.02 -54.94
CA LEU R 113 -7.02 -9.09 -56.05
C LEU R 113 -6.01 -9.66 -57.03
N TYR R 114 -4.93 -10.24 -56.52
CA TYR R 114 -3.90 -10.74 -57.42
C TYR R 114 -4.19 -12.12 -57.97
N LYS R 115 -5.21 -12.82 -57.45
CA LYS R 115 -5.51 -14.17 -57.94
C LYS R 115 -5.76 -14.18 -59.44
N GLN R 116 -6.67 -13.33 -59.92
CA GLN R 116 -7.06 -13.38 -61.32
C GLN R 116 -5.92 -12.93 -62.22
N THR R 117 -5.18 -11.91 -61.82
CA THR R 117 -4.04 -11.46 -62.62
C THR R 117 -2.96 -12.54 -62.67
N ALA R 118 -2.75 -13.26 -61.57
CA ALA R 118 -1.77 -14.33 -61.57
C ALA R 118 -2.21 -15.48 -62.48
N ILE R 119 -3.50 -15.83 -62.46
CA ILE R 119 -3.99 -16.86 -63.36
C ILE R 119 -3.81 -16.43 -64.82
N SER R 120 -4.12 -15.16 -65.11
CA SER R 120 -3.97 -14.66 -66.47
C SER R 120 -2.51 -14.65 -66.91
N ARG R 121 -1.59 -14.29 -65.99
CA ARG R 121 -0.18 -14.18 -66.33
C ARG R 121 0.56 -15.51 -66.34
N ALA R 122 -0.08 -16.61 -65.94
CA ALA R 122 0.61 -17.89 -65.90
C ALA R 122 1.14 -18.26 -67.28
N LYS R 123 0.26 -18.26 -68.28
CA LYS R 123 0.58 -18.53 -69.68
C LYS R 123 1.48 -19.77 -69.79
N ARG R 124 2.31 -19.80 -70.82
CA ARG R 124 3.32 -20.84 -71.04
C ARG R 124 4.21 -20.40 -72.18
N ALA R 125 5.49 -20.67 -72.06
CA ALA R 125 6.39 -20.28 -73.13
C ALA R 125 6.25 -21.23 -74.32
N PRO R 126 6.38 -20.73 -75.54
CA PRO R 126 6.34 -21.60 -76.71
C PRO R 126 7.53 -22.55 -76.72
N TYR R 127 7.48 -23.53 -77.61
CA TYR R 127 8.52 -24.53 -77.65
C TYR R 127 9.84 -23.90 -78.06
N PRO R 128 10.96 -24.44 -77.60
CA PRO R 128 12.26 -23.84 -77.94
C PRO R 128 12.53 -23.88 -79.43
N SER R 129 13.38 -22.95 -79.87
CA SER R 129 13.65 -22.80 -81.30
C SER R 129 14.23 -24.06 -81.91
N ARG R 130 14.81 -24.94 -81.11
CA ARG R 130 15.43 -26.16 -81.60
C ARG R 130 14.50 -27.37 -81.56
N MET R 131 13.27 -27.21 -81.09
CA MET R 131 12.34 -28.33 -81.01
C MET R 131 11.63 -28.49 -82.34
N PRO R 132 11.73 -29.63 -83.01
CA PRO R 132 11.13 -29.77 -84.35
C PRO R 132 9.73 -30.36 -84.32
N THR R 133 9.01 -30.23 -85.43
CA THR R 133 7.77 -30.97 -85.61
C THR R 133 8.05 -32.45 -85.76
N GLY R 134 7.10 -33.26 -85.34
CA GLY R 134 7.14 -34.67 -85.67
C GLY R 134 6.83 -34.90 -87.14
N SER R 135 7.06 -36.13 -87.59
CA SER R 135 6.74 -36.48 -88.97
C SER R 135 5.24 -36.39 -89.23
N GLY R 136 4.42 -36.45 -88.19
CA GLY R 136 2.98 -36.35 -88.34
C GLY R 136 2.43 -34.95 -88.25
N ASN R 137 2.71 -34.11 -89.25
CA ASN R 137 2.19 -32.75 -89.28
C ASN R 137 2.10 -32.28 -90.71
N SER R 138 1.26 -31.26 -90.92
CA SER R 138 1.17 -30.60 -92.22
C SER R 138 2.35 -29.67 -92.46
N PHE R 139 2.83 -29.00 -91.40
CA PHE R 139 4.00 -28.14 -91.53
C PHE R 139 5.25 -28.92 -91.92
N ALA R 140 5.25 -30.24 -91.73
CA ALA R 140 6.34 -31.05 -92.24
C ALA R 140 6.41 -30.98 -93.76
N ASN R 141 5.26 -31.04 -94.43
CA ASN R 141 5.23 -30.85 -95.87
C ASN R 141 5.42 -29.38 -96.25
N LEU R 142 4.85 -28.47 -95.45
CA LEU R 142 5.00 -27.04 -95.72
C LEU R 142 6.35 -26.47 -95.28
N ASN R 143 7.33 -27.33 -95.02
CA ASN R 143 8.74 -26.96 -94.83
C ASN R 143 9.00 -26.19 -93.55
N GLU R 144 8.03 -26.10 -92.63
CA GLU R 144 8.25 -25.38 -91.39
C GLU R 144 9.28 -26.09 -90.50
N TRP R 145 9.10 -27.39 -90.29
CA TRP R 145 10.00 -28.21 -89.49
C TRP R 145 10.21 -27.62 -88.10
N HIS R 146 11.44 -27.22 -87.77
CA HIS R 146 11.75 -26.69 -86.45
C HIS R 146 10.86 -25.49 -86.14
N TYR R 147 10.35 -25.44 -84.90
CA TYR R 147 9.35 -24.46 -84.53
C TYR R 147 9.85 -23.03 -84.64
N PHE R 148 8.89 -22.12 -84.78
CA PHE R 148 9.21 -20.70 -84.85
C PHE R 148 9.79 -20.24 -83.52
N PRO R 149 10.95 -19.58 -83.51
CA PRO R 149 11.55 -19.16 -82.24
C PRO R 149 10.73 -18.09 -81.55
N GLY R 150 10.81 -18.08 -80.22
CA GLY R 150 10.11 -17.10 -79.42
C GLY R 150 8.60 -17.13 -79.58
N PRO S 1 22.64 -7.08 1.54
CA PRO S 1 21.63 -6.39 2.32
C PRO S 1 22.24 -5.31 3.21
N ILE S 2 22.51 -4.14 2.64
CA ILE S 2 23.12 -3.06 3.41
C ILE S 2 22.10 -2.57 4.43
N GLN S 3 22.37 -2.82 5.70
CA GLN S 3 21.46 -2.50 6.79
C GLN S 3 22.10 -1.45 7.68
N GLN S 4 21.37 -0.38 7.96
CA GLN S 4 21.90 0.69 8.78
C GLN S 4 21.79 0.35 10.27
N LEU S 5 22.67 0.96 11.07
CA LEU S 5 22.70 0.74 12.51
C LEU S 5 22.63 2.09 13.21
N PRO S 6 21.61 2.35 14.02
CA PRO S 6 21.58 3.59 14.78
C PRO S 6 22.65 3.61 15.85
N MET S 7 23.13 4.82 16.17
CA MET S 7 24.08 4.99 17.26
C MET S 7 23.64 6.04 18.27
N MET S 8 22.49 6.68 18.08
CA MET S 8 22.05 7.71 19.02
C MET S 8 21.81 7.15 20.41
N LYS S 9 21.63 5.84 20.55
CA LYS S 9 21.43 5.23 21.86
C LYS S 9 21.84 3.77 21.78
N GLY S 10 22.88 3.40 22.51
CA GLY S 10 23.35 2.03 22.55
C GLY S 10 22.66 1.25 23.65
N MET S 11 22.56 -0.06 23.45
CA MET S 11 21.77 -0.91 24.33
C MET S 11 22.54 -2.18 24.67
N GLY S 12 22.26 -2.73 25.84
CA GLY S 12 23.00 -3.88 26.32
C GLY S 12 22.50 -4.29 27.68
N LYS S 13 23.14 -5.32 28.23
CA LYS S 13 22.76 -5.87 29.52
C LYS S 13 23.46 -5.14 30.66
N ASP S 14 23.19 -5.58 31.88
CA ASP S 14 23.82 -5.05 33.09
C ASP S 14 24.24 -6.24 33.93
N PHE S 15 25.54 -6.46 34.09
CA PHE S 15 26.03 -7.72 34.63
C PHE S 15 25.67 -7.92 36.09
N LYS S 16 25.25 -6.88 36.82
CA LYS S 16 24.85 -7.07 38.21
C LYS S 16 23.39 -7.49 38.32
N ASN S 17 22.48 -6.69 37.77
CA ASN S 17 21.05 -6.96 37.85
C ASN S 17 20.55 -7.88 36.76
N ALA S 18 21.37 -8.19 35.75
CA ALA S 18 20.98 -8.99 34.59
C ALA S 18 19.85 -8.34 33.80
N ASP S 19 19.69 -7.03 33.92
CA ASP S 19 18.65 -6.28 33.23
C ASP S 19 19.21 -5.56 32.03
N TYR S 20 18.40 -5.46 30.98
CA TYR S 20 18.79 -4.67 29.83
C TYR S 20 18.79 -3.18 30.18
N ILE S 21 19.89 -2.51 29.88
CA ILE S 21 20.03 -1.08 30.15
C ILE S 21 20.55 -0.39 28.90
N ASP S 22 20.26 0.90 28.81
CA ASP S 22 20.75 1.69 27.69
C ASP S 22 22.23 2.00 27.88
N TYR S 23 23.03 1.70 26.86
CA TYR S 23 24.44 2.09 26.84
C TYR S 23 24.51 3.48 26.22
N LEU S 24 24.68 4.46 27.04
CA LEU S 24 24.48 5.79 26.50
C LEU S 24 25.72 6.26 25.76
N PRO S 25 25.53 7.06 24.71
CA PRO S 25 26.70 7.67 24.05
C PRO S 25 27.45 8.55 25.02
N VAL S 26 28.77 8.54 24.92
CA VAL S 26 29.64 9.26 25.83
C VAL S 26 30.32 10.39 25.06
N ASN S 27 30.21 11.61 25.59
CA ASN S 27 30.81 12.79 24.97
C ASN S 27 30.34 12.96 23.53
N MET S 28 29.06 12.68 23.30
CA MET S 28 28.45 12.81 21.99
C MET S 28 27.14 13.59 22.11
N LEU S 29 26.77 14.25 21.03
CA LEU S 29 25.53 15.02 20.97
C LEU S 29 24.84 14.73 19.65
N ALA S 30 23.80 13.92 19.69
CA ALA S 30 23.04 13.61 18.49
C ALA S 30 22.38 14.88 17.96
N THR S 31 22.51 15.11 16.66
CA THR S 31 21.98 16.31 16.01
C THR S 31 20.98 15.90 14.94
N PRO S 32 19.69 16.19 15.11
CA PRO S 32 18.71 15.74 14.12
C PRO S 32 18.79 16.52 12.82
N LYS S 33 19.75 16.16 11.97
CA LYS S 33 19.95 16.80 10.68
C LYS S 33 20.02 15.72 9.61
N GLU S 34 19.37 15.97 8.47
CA GLU S 34 19.36 15.01 7.38
C GLU S 34 20.73 14.95 6.72
N ILE S 35 21.57 14.03 7.17
CA ILE S 35 22.97 13.95 6.76
C ILE S 35 23.13 12.79 5.80
N LEU S 36 23.54 13.09 4.57
CA LEU S 36 23.82 12.07 3.56
C LEU S 36 22.69 11.06 3.45
N ASN S 37 22.93 9.83 3.93
CA ASN S 37 21.94 8.76 3.91
C ASN S 37 21.31 8.51 5.27
N SER S 38 21.57 9.37 6.25
CA SER S 38 21.07 9.17 7.60
C SER S 38 20.31 10.40 8.06
N SER S 39 19.49 10.21 9.10
CA SER S 39 18.66 11.28 9.64
C SER S 39 19.35 12.10 10.72
N GLY S 40 20.54 11.71 11.15
CA GLY S 40 21.25 12.47 12.16
C GLY S 40 22.70 12.04 12.27
N TYR S 41 23.52 12.94 12.79
CA TYR S 41 24.94 12.68 12.94
C TYR S 41 25.36 12.94 14.38
N LEU S 42 26.21 12.06 14.91
CA LEU S 42 26.72 12.23 16.26
C LEU S 42 27.89 13.20 16.26
N ARG S 43 27.86 14.15 17.19
CA ARG S 43 28.84 15.23 17.24
C ARG S 43 29.49 15.24 18.63
N SER S 44 30.82 15.30 18.64
CA SER S 44 31.55 15.32 19.90
C SER S 44 31.27 16.60 20.67
N PHE S 45 31.29 16.51 21.99
CA PHE S 45 31.11 17.68 22.82
C PHE S 45 32.27 18.66 22.58
N PRO S 46 32.00 19.96 22.62
CA PRO S 46 33.09 20.93 22.42
C PRO S 46 34.13 20.81 23.52
N GLY S 47 35.38 21.08 23.14
CA GLY S 47 36.47 21.00 24.08
C GLY S 47 36.52 22.20 25.01
N ILE S 48 37.41 22.11 25.99
CA ILE S 48 37.57 23.12 27.02
C ILE S 48 39.00 23.63 26.97
N THR S 49 39.16 24.94 26.89
CA THR S 49 40.48 25.57 26.95
C THR S 49 40.48 26.62 28.05
N LYS S 50 41.61 26.73 28.75
CA LYS S 50 41.70 27.60 29.92
C LYS S 50 41.70 29.06 29.47
N ARG S 51 40.64 29.79 29.82
CA ARG S 51 40.61 31.21 29.48
C ARG S 51 41.51 32.02 30.41
N TYR S 52 41.33 31.86 31.73
CA TYR S 52 42.26 32.43 32.70
C TYR S 52 42.08 31.71 34.03
N ASP S 53 42.88 32.11 35.01
CA ASP S 53 42.93 31.43 36.29
C ASP S 53 41.81 31.93 37.21
N MET S 54 41.69 31.27 38.36
CA MET S 54 40.75 31.67 39.40
C MET S 54 41.24 31.12 40.73
N ASN S 55 40.65 31.64 41.81
CA ASN S 55 40.96 31.19 43.16
C ASN S 55 39.97 30.09 43.54
N GLY S 56 40.49 28.89 43.78
CA GLY S 56 39.66 27.78 44.21
C GLY S 56 38.76 27.24 43.11
N VAL S 57 37.99 26.23 43.48
CA VAL S 57 37.09 25.59 42.52
C VAL S 57 35.82 26.42 42.36
N SER S 58 35.09 26.15 41.28
CA SER S 58 33.89 26.91 40.99
C SER S 58 32.72 26.46 41.85
N ARG S 59 31.95 27.42 42.35
CA ARG S 59 30.82 27.13 43.21
C ARG S 59 29.49 27.66 42.71
N GLY S 60 29.49 28.58 41.74
CA GLY S 60 28.25 29.08 41.19
C GLY S 60 28.50 29.98 40.01
N VAL S 61 27.44 30.22 39.25
CA VAL S 61 27.49 31.15 38.13
C VAL S 61 26.11 31.78 37.95
N GLU S 62 26.09 33.05 37.57
CA GLU S 62 24.84 33.76 37.29
C GLU S 62 25.15 34.92 36.36
N TYR S 63 24.37 35.07 35.30
CA TYR S 63 24.55 36.15 34.34
C TYR S 63 23.81 37.37 34.87
N ASN S 64 24.57 38.34 35.38
CA ASN S 64 23.97 39.54 35.95
C ASN S 64 23.40 40.41 34.84
N THR S 65 22.07 40.45 34.75
CA THR S 65 21.44 41.26 33.71
C THR S 65 21.64 42.75 33.94
N ALA S 66 21.72 43.18 35.21
CA ALA S 66 21.82 44.59 35.51
C ALA S 66 23.12 45.19 34.97
N GLN S 67 24.23 44.50 35.19
CA GLN S 67 25.54 44.99 34.75
C GLN S 67 25.97 44.41 33.41
N ASN S 68 25.18 43.52 32.82
CA ASN S 68 25.50 42.89 31.54
C ASN S 68 26.87 42.21 31.59
N ALA S 69 27.16 41.55 32.69
CA ALA S 69 28.39 40.78 32.83
C ALA S 69 28.11 39.61 33.77
N VAL S 70 28.92 38.56 33.65
CA VAL S 70 28.70 37.34 34.41
C VAL S 70 29.43 37.42 35.73
N TYR S 71 28.76 37.00 36.80
CA TYR S 71 29.34 36.94 38.13
C TYR S 71 29.54 35.48 38.51
N ARG S 72 30.77 35.12 38.83
CA ARG S 72 31.13 33.73 39.10
C ARG S 72 31.84 33.66 40.44
N VAL S 73 31.40 32.73 41.29
CA VAL S 73 31.96 32.57 42.63
C VAL S 73 32.80 31.30 42.60
N CYS S 74 34.11 31.46 42.63
CA CYS S 74 35.04 30.34 42.64
C CYS S 74 35.78 30.30 43.97
N GLY S 75 35.86 29.10 44.55
CA GLY S 75 36.57 28.94 45.81
C GLY S 75 35.99 29.82 46.89
N GLY S 76 36.87 30.60 47.53
CA GLY S 76 36.45 31.53 48.55
C GLY S 76 36.50 32.96 48.09
N LYS S 77 36.41 33.20 46.78
CA LYS S 77 36.57 34.54 46.24
C LYS S 77 35.51 34.76 45.17
N LEU S 78 34.82 35.91 45.22
CA LEU S 78 33.79 36.23 44.24
C LEU S 78 34.43 36.98 43.07
N TYR S 79 34.09 36.57 41.85
CA TYR S 79 34.66 37.14 40.64
C TYR S 79 33.56 37.69 39.74
N LYS S 80 33.81 38.87 39.17
CA LYS S 80 32.97 39.44 38.11
C LYS S 80 33.83 39.47 36.85
N GLY S 81 33.54 38.56 35.93
CA GLY S 81 34.37 38.46 34.73
C GLY S 81 35.79 38.12 35.14
N GLU S 82 36.73 38.98 34.77
CA GLU S 82 38.13 38.78 35.15
C GLU S 82 38.43 39.29 36.55
N SER S 83 37.78 40.35 36.99
CA SER S 83 38.18 41.04 38.19
C SER S 83 37.65 40.35 39.44
N GLU S 84 38.18 40.77 40.59
CA GLU S 84 37.79 40.26 41.90
C GLU S 84 37.00 41.35 42.60
N VAL S 85 35.72 41.10 42.85
CA VAL S 85 34.79 42.15 43.24
C VAL S 85 34.19 41.81 44.61
N GLY S 86 34.94 41.10 45.44
CA GLY S 86 34.51 40.86 46.80
C GLY S 86 34.93 39.50 47.33
N ASP S 87 34.80 39.36 48.66
CA ASP S 87 35.21 38.16 49.39
C ASP S 87 33.98 37.38 49.82
N VAL S 88 33.96 36.08 49.53
CA VAL S 88 32.87 35.20 49.92
C VAL S 88 33.41 34.07 50.79
N ALA S 89 32.74 33.79 51.90
CA ALA S 89 33.16 32.70 52.77
C ALA S 89 32.58 31.37 52.30
N GLY S 90 32.85 30.31 53.06
CA GLY S 90 32.26 29.01 52.81
C GLY S 90 33.05 28.19 51.80
N SER S 91 32.59 26.94 51.64
CA SER S 91 33.21 26.03 50.69
C SER S 91 32.23 25.28 49.81
N GLY S 92 30.96 25.14 50.19
CA GLY S 92 30.00 24.43 49.38
C GLY S 92 29.41 25.29 48.29
N ARG S 93 28.53 24.68 47.50
CA ARG S 93 27.88 25.40 46.42
C ARG S 93 27.02 26.54 46.97
N VAL S 94 26.96 27.63 46.22
CA VAL S 94 26.27 28.84 46.64
C VAL S 94 25.28 29.26 45.56
N SER S 95 24.11 29.72 45.99
CA SER S 95 23.07 30.19 45.08
C SER S 95 23.05 31.71 45.07
N MET S 96 23.02 32.30 43.88
CA MET S 96 22.98 33.74 43.75
C MET S 96 21.71 34.20 43.06
N ALA S 97 21.38 35.47 43.29
CA ALA S 97 20.22 36.11 42.68
C ALA S 97 20.57 37.57 42.46
N HIS S 98 20.95 37.90 41.22
CA HIS S 98 21.41 39.24 40.92
C HIS S 98 20.29 40.25 41.03
N GLY S 99 20.65 41.49 41.37
CA GLY S 99 19.69 42.55 41.53
C GLY S 99 20.18 43.83 40.87
N ARG S 100 19.26 44.78 40.74
CA ARG S 100 19.60 46.03 40.07
C ARG S 100 20.49 46.93 40.92
N THR S 101 20.44 46.80 42.25
CA THR S 101 21.25 47.62 43.12
C THR S 101 22.25 46.81 43.93
N SER S 102 22.28 45.49 43.78
CA SER S 102 23.20 44.65 44.55
C SER S 102 23.21 43.25 43.97
N GLN S 103 24.39 42.64 43.95
CA GLN S 103 24.54 41.24 43.59
C GLN S 103 24.75 40.44 44.86
N ALA S 104 23.93 39.41 45.06
CA ALA S 104 23.91 38.69 46.33
C ALA S 104 24.21 37.22 46.11
N VAL S 105 24.79 36.60 47.14
CA VAL S 105 25.11 35.18 47.12
C VAL S 105 24.80 34.56 48.48
N GLY S 106 23.70 33.82 48.56
CA GLY S 106 23.34 33.16 49.80
C GLY S 106 24.33 32.09 50.19
N VAL S 107 25.13 32.36 51.21
CA VAL S 107 26.22 31.48 51.61
C VAL S 107 26.23 31.36 53.13
N ASN S 108 26.53 30.15 53.61
CA ASN S 108 26.69 29.89 55.05
C ASN S 108 25.42 30.22 55.83
N GLY S 109 24.26 30.11 55.19
CA GLY S 109 23.01 30.36 55.85
C GLY S 109 22.60 31.81 55.97
N GLN S 110 23.37 32.74 55.41
CA GLN S 110 23.03 34.14 55.44
C GLN S 110 23.08 34.71 54.03
N LEU S 111 22.09 35.53 53.69
CA LEU S 111 22.03 36.16 52.37
C LEU S 111 22.95 37.37 52.39
N VAL S 112 24.07 37.30 51.68
CA VAL S 112 25.05 38.37 51.64
C VAL S 112 24.91 39.14 50.34
N GLU S 113 24.69 40.44 50.43
CA GLU S 113 24.54 41.29 49.27
C GLU S 113 25.84 42.05 49.01
N TYR S 114 26.34 41.95 47.78
CA TYR S 114 27.53 42.69 47.36
C TYR S 114 27.04 43.88 46.54
N ARG S 115 26.94 45.04 47.20
CA ARG S 115 26.45 46.23 46.52
C ARG S 115 27.41 46.63 45.40
N TYR S 116 26.86 47.30 44.39
CA TYR S 116 27.63 47.61 43.19
C TYR S 116 28.66 48.71 43.39
N ASP S 117 28.57 49.47 44.49
CA ASP S 117 29.56 50.50 44.76
C ASP S 117 30.70 50.03 45.66
N GLY S 118 30.69 48.76 46.07
CA GLY S 118 31.78 48.15 46.80
C GLY S 118 31.42 47.67 48.19
N THR S 119 30.45 48.31 48.84
CA THR S 119 30.12 47.93 50.20
C THR S 119 29.35 46.62 50.22
N VAL S 120 29.37 45.97 51.39
CA VAL S 120 28.73 44.66 51.58
C VAL S 120 27.79 44.76 52.76
N LYS S 121 26.54 44.34 52.58
CA LYS S 121 25.56 44.30 53.66
C LYS S 121 24.89 42.94 53.69
N THR S 122 24.53 42.51 54.90
CA THR S 122 23.92 41.21 55.14
C THR S 122 22.50 41.41 55.66
N VAL S 123 21.61 40.48 55.30
CA VAL S 123 20.22 40.58 55.72
C VAL S 123 20.11 40.35 57.22
N SER S 124 19.43 41.26 57.90
CA SER S 124 19.17 41.14 59.33
C SER S 124 17.88 41.88 59.64
N ASN S 125 17.30 41.56 60.80
CA ASN S 125 16.05 42.19 61.21
C ASN S 125 16.22 43.70 61.31
N TRP S 126 15.10 44.41 61.20
CA TRP S 126 15.12 45.85 61.37
C TRP S 126 15.53 46.17 62.81
N PRO S 127 16.14 47.34 63.04
CA PRO S 127 16.54 47.71 64.40
C PRO S 127 15.33 47.75 65.32
N ALA S 128 15.55 47.36 66.59
CA ALA S 128 14.45 47.28 67.54
C ALA S 128 13.80 48.64 67.75
N ASP S 129 14.60 49.70 67.83
CA ASP S 129 14.05 51.03 68.03
C ASP S 129 13.36 51.58 66.79
N SER S 130 13.53 50.95 65.63
CA SER S 130 12.88 51.44 64.42
C SER S 130 11.36 51.35 64.53
N GLY S 131 10.85 50.28 65.12
CA GLY S 131 9.42 50.10 65.30
C GLY S 131 8.78 49.14 64.33
N PHE S 132 9.50 48.71 63.29
CA PHE S 132 8.93 47.78 62.33
C PHE S 132 8.92 46.36 62.90
N THR S 133 8.18 45.48 62.22
CA THR S 133 7.97 44.13 62.73
C THR S 133 9.28 43.35 62.80
N GLN S 134 9.42 42.55 63.85
CA GLN S 134 10.60 41.73 64.06
C GLN S 134 10.27 40.28 63.72
N TYR S 135 11.12 39.65 62.92
CA TYR S 135 10.93 38.27 62.49
C TYR S 135 12.01 37.38 63.09
N GLU S 136 11.95 36.09 62.73
CA GLU S 136 12.93 35.09 63.11
C GLU S 136 13.53 34.57 61.81
N LEU S 137 14.61 35.23 61.35
CA LEU S 137 15.12 34.97 60.01
C LEU S 137 15.67 33.56 59.88
N GLY S 138 16.42 33.09 60.88
CA GLY S 138 17.01 31.77 60.76
C GLY S 138 18.10 31.71 59.72
N SER S 139 18.28 30.52 59.14
CA SER S 139 19.34 30.26 58.18
C SER S 139 18.79 30.28 56.75
N VAL S 140 19.54 30.90 55.85
CA VAL S 140 19.12 31.02 54.46
C VAL S 140 19.53 29.78 53.69
N ARG S 141 18.60 29.23 52.91
CA ARG S 141 18.87 28.06 52.09
C ARG S 141 19.00 28.39 50.61
N ASP S 142 17.99 29.02 50.02
CA ASP S 142 18.01 29.36 48.60
C ASP S 142 17.39 30.74 48.42
N ILE S 143 17.80 31.44 47.35
CA ILE S 143 17.41 32.83 47.16
C ILE S 143 16.95 33.04 45.72
N THR S 144 16.21 34.13 45.53
CA THR S 144 15.75 34.55 44.21
C THR S 144 15.29 36.00 44.32
N ARG S 145 15.09 36.63 43.16
CA ARG S 145 14.64 38.02 43.10
C ARG S 145 13.49 38.15 42.13
N LEU S 146 12.53 39.01 42.48
CA LEU S 146 11.34 39.23 41.66
C LEU S 146 10.73 40.56 42.05
N ARG S 147 10.65 41.49 41.10
CA ARG S 147 10.07 42.82 41.30
C ARG S 147 10.75 43.55 42.46
N GLY S 148 12.08 43.57 42.44
CA GLY S 148 12.83 44.36 43.40
C GLY S 148 12.89 43.83 44.81
N ARG S 149 12.56 42.56 45.01
CA ARG S 149 12.61 41.95 46.33
C ARG S 149 13.39 40.65 46.26
N TYR S 150 14.16 40.38 47.30
CA TYR S 150 14.90 39.13 47.44
C TYR S 150 14.08 38.16 48.27
N ALA S 151 13.82 36.98 47.71
CA ALA S 151 13.05 35.95 48.39
C ALA S 151 13.98 34.82 48.79
N TRP S 152 14.05 34.54 50.08
CA TRP S 152 14.87 33.45 50.59
C TRP S 152 14.03 32.63 51.56
N SER S 153 14.40 31.36 51.71
CA SER S 153 13.64 30.42 52.53
C SER S 153 14.44 30.03 53.75
N LYS S 154 13.81 30.08 54.92
CA LYS S 154 14.46 29.67 56.15
C LYS S 154 14.81 28.19 56.08
N ASP S 155 16.05 27.87 56.45
CA ASP S 155 16.52 26.50 56.35
C ASP S 155 15.79 25.59 57.33
N GLY S 156 15.40 24.42 56.85
CA GLY S 156 14.70 23.47 57.70
C GLY S 156 13.28 23.86 58.05
N THR S 157 12.68 24.79 57.32
CA THR S 157 11.32 25.23 57.57
C THR S 157 10.72 25.71 56.26
N ASP S 158 9.39 25.66 56.17
CA ASP S 158 8.69 26.01 54.95
C ASP S 158 8.40 27.50 54.83
N SER S 159 9.01 28.33 55.67
CA SER S 159 8.78 29.76 55.63
C SER S 159 9.80 30.44 54.72
N TRP S 160 9.34 31.43 53.96
CA TRP S 160 10.23 32.23 53.13
C TRP S 160 9.86 33.70 53.28
N PHE S 161 10.84 34.57 53.05
CA PHE S 161 10.72 35.99 53.32
C PHE S 161 10.92 36.80 52.05
N ILE S 162 10.69 38.10 52.15
CA ILE S 162 10.95 39.05 51.07
C ILE S 162 11.51 40.33 51.68
N THR S 163 12.48 40.94 51.01
CA THR S 163 13.11 42.14 51.52
C THR S 163 12.24 43.37 51.25
N ASP S 164 12.58 44.47 51.95
CA ASP S 164 11.87 45.72 51.78
C ASP S 164 12.24 46.37 50.45
N LEU S 165 11.33 47.19 49.94
CA LEU S 165 11.58 47.89 48.69
C LEU S 165 12.58 49.04 48.88
N GLU S 166 12.43 49.82 49.95
CA GLU S 166 13.29 50.97 50.14
C GLU S 166 14.70 50.54 50.51
N ASP S 167 14.85 49.85 51.64
CA ASP S 167 16.15 49.35 52.09
C ASP S 167 16.15 47.85 51.85
N GLU S 168 16.98 47.40 50.91
CA GLU S 168 16.98 46.00 50.50
C GLU S 168 17.67 45.10 51.53
N SER S 169 18.49 45.66 52.41
CA SER S 169 19.20 44.83 53.37
C SER S 169 18.25 44.12 54.33
N HIS S 170 17.35 44.88 54.95
CA HIS S 170 16.42 44.30 55.90
C HIS S 170 15.20 43.71 55.18
N PRO S 171 14.49 42.77 55.81
CA PRO S 171 13.26 42.26 55.19
C PRO S 171 12.16 43.30 55.15
N ASP S 172 10.99 42.93 54.62
CA ASP S 172 9.92 43.90 54.42
C ASP S 172 9.46 44.48 55.76
N ARG S 173 8.88 45.67 55.68
CA ARG S 173 8.57 46.43 56.90
C ARG S 173 7.52 45.73 57.74
N TYR S 174 6.38 45.37 57.15
CA TYR S 174 5.28 44.82 57.93
C TYR S 174 4.90 43.40 57.56
N SER S 175 4.96 43.04 56.28
CA SER S 175 4.55 41.72 55.81
C SER S 175 5.73 41.09 55.07
N ALA S 176 6.50 40.27 55.77
CA ALA S 176 7.66 39.60 55.17
C ALA S 176 7.71 38.11 55.51
N GLN S 177 6.66 37.57 56.13
CA GLN S 177 6.61 36.16 56.49
C GLN S 177 5.59 35.45 55.61
N TYR S 178 6.03 34.39 54.94
CA TYR S 178 5.16 33.62 54.07
C TYR S 178 5.50 32.15 54.22
N ARG S 179 4.48 31.31 54.07
CA ARG S 179 4.62 29.88 54.33
C ARG S 179 4.03 29.07 53.18
N ALA S 180 4.72 27.99 52.82
CA ALA S 180 4.17 26.99 51.90
C ALA S 180 3.53 25.87 52.71
N GLU S 181 2.37 26.20 53.28
CA GLU S 181 1.73 25.36 54.28
C GLU S 181 0.69 24.42 53.71
N SER S 182 0.54 24.35 52.38
CA SER S 182 -0.44 23.44 51.79
C SER S 182 -0.17 21.99 52.20
N GLN S 183 1.07 21.66 52.48
CA GLN S 183 1.48 20.37 52.99
C GLN S 183 2.53 20.60 54.07
N PRO S 184 2.74 19.63 54.95
CA PRO S 184 3.82 19.74 55.94
C PRO S 184 5.19 19.43 55.35
N ASP S 185 5.53 20.16 54.28
CA ASP S 185 6.77 19.95 53.54
C ASP S 185 7.68 21.16 53.69
N GLY S 186 8.92 20.92 54.09
CA GLY S 186 9.89 21.98 54.15
C GLY S 186 10.32 22.42 52.76
N ILE S 187 10.69 23.69 52.64
CA ILE S 187 11.06 24.26 51.35
C ILE S 187 12.51 23.87 51.07
N ILE S 188 12.72 23.08 50.03
CA ILE S 188 14.08 22.68 49.66
C ILE S 188 14.75 23.72 48.78
N GLY S 189 13.98 24.49 48.01
CA GLY S 189 14.56 25.50 47.15
C GLY S 189 13.51 26.47 46.66
N ILE S 190 13.97 27.65 46.29
CA ILE S 190 13.10 28.74 45.85
C ILE S 190 13.58 29.24 44.51
N GLY S 191 12.69 29.94 43.80
CA GLY S 191 13.03 30.43 42.48
C GLY S 191 11.95 31.34 41.94
N THR S 192 12.18 31.81 40.71
CA THR S 192 11.24 32.70 40.05
C THR S 192 10.90 32.15 38.67
N TRP S 193 9.61 31.95 38.42
CA TRP S 193 9.11 31.58 37.10
C TRP S 193 8.09 32.63 36.66
N ARG S 194 8.32 33.23 35.49
CA ARG S 194 7.52 34.35 35.03
C ARG S 194 7.45 35.43 36.10
N ASP S 195 6.26 35.71 36.60
CA ASP S 195 6.08 36.63 37.72
C ASP S 195 5.73 35.90 39.01
N PHE S 196 5.90 34.58 39.05
CA PHE S 196 5.56 33.78 40.21
C PHE S 196 6.82 33.42 41.00
N ILE S 197 6.71 33.44 42.32
CA ILE S 197 7.75 32.93 43.21
C ILE S 197 7.37 31.49 43.54
N VAL S 198 8.09 30.54 42.93
CA VAL S 198 7.87 29.14 43.24
C VAL S 198 8.42 28.85 44.63
N CYS S 199 8.03 27.72 45.20
CA CYS S 199 8.58 27.29 46.48
C CYS S 199 8.63 25.76 46.44
N PHE S 200 9.79 25.23 46.06
CA PHE S 200 9.96 23.80 45.93
C PHE S 200 10.03 23.12 47.30
N GLY S 201 8.92 22.54 47.74
CA GLY S 201 8.90 21.83 48.98
C GLY S 201 9.58 20.48 48.86
N SER S 202 9.61 19.77 49.98
CA SER S 202 10.12 18.40 49.98
C SER S 202 9.12 17.42 49.38
N SER S 203 7.84 17.81 49.28
CA SER S 203 6.85 16.96 48.64
C SER S 203 5.91 17.68 47.68
N THR S 204 5.92 19.00 47.61
CA THR S 204 5.01 19.75 46.75
C THR S 204 5.73 20.95 46.15
N ILE S 205 5.11 21.54 45.14
CA ILE S 205 5.60 22.74 44.49
C ILE S 205 4.45 23.74 44.47
N GLU S 206 4.68 24.93 45.04
CA GLU S 206 3.66 25.96 45.08
C GLU S 206 4.11 27.19 44.31
N TYR S 207 3.13 27.90 43.76
CA TYR S 207 3.35 29.12 43.00
C TYR S 207 2.71 30.29 43.74
N PHE S 208 3.48 31.37 43.91
CA PHE S 208 3.03 32.55 44.62
C PHE S 208 3.01 33.74 43.65
N SER S 209 2.03 34.62 43.84
CA SER S 209 1.88 35.78 42.97
C SER S 209 1.54 37.00 43.80
N LEU S 210 1.93 38.17 43.30
CA LEU S 210 1.64 39.42 43.99
C LEU S 210 0.14 39.68 43.98
N THR S 211 -0.39 40.09 45.13
CA THR S 211 -1.80 40.48 45.20
C THR S 211 -2.00 41.97 45.01
N GLY S 212 -0.94 42.77 45.05
CA GLY S 212 -1.08 44.20 44.86
C GLY S 212 -1.68 44.94 46.02
N ALA S 213 -1.66 44.36 47.21
CA ALA S 213 -2.25 45.01 48.37
C ALA S 213 -1.47 46.26 48.76
N THR S 214 -2.19 47.27 49.24
CA THR S 214 -1.60 48.56 49.62
C THR S 214 -1.59 48.79 51.12
N THR S 215 -2.59 48.33 51.84
CA THR S 215 -2.64 48.54 53.29
C THR S 215 -1.50 47.81 53.98
N ALA S 216 -0.98 48.43 55.04
CA ALA S 216 0.14 47.84 55.77
C ALA S 216 -0.30 46.56 56.47
N GLY S 217 0.56 45.55 56.42
CA GLY S 217 0.29 44.27 57.05
C GLY S 217 -0.41 43.25 56.19
N ALA S 218 -0.90 43.64 55.01
CA ALA S 218 -1.55 42.70 54.12
C ALA S 218 -0.51 41.84 53.41
N ALA S 219 -0.82 40.56 53.23
CA ALA S 219 0.08 39.63 52.57
C ALA S 219 0.28 40.02 51.11
N LEU S 220 1.51 40.40 50.74
CA LEU S 220 1.78 40.79 49.36
C LEU S 220 1.60 39.63 48.40
N TYR S 221 2.04 38.44 48.79
CA TYR S 221 1.99 37.26 47.94
C TYR S 221 0.91 36.31 48.44
N VAL S 222 0.10 35.80 47.51
CA VAL S 222 -0.95 34.85 47.81
C VAL S 222 -0.71 33.58 47.00
N ALA S 223 -0.97 32.44 47.62
CA ALA S 223 -0.74 31.16 46.97
C ALA S 223 -1.64 31.00 45.76
N GLN S 224 -1.15 30.28 44.76
CA GLN S 224 -1.93 29.96 43.57
C GLN S 224 -2.14 28.45 43.51
N PRO S 225 -3.17 27.93 44.16
CA PRO S 225 -3.36 26.46 44.19
C PRO S 225 -3.48 25.83 42.81
N SER S 226 -4.06 26.54 41.85
CA SER S 226 -4.33 25.94 40.54
C SER S 226 -3.06 25.54 39.81
N LEU S 227 -1.91 26.10 40.17
CA LEU S 227 -0.64 25.79 39.52
C LEU S 227 0.20 24.81 40.31
N MET S 228 -0.32 24.25 41.39
CA MET S 228 0.45 23.35 42.23
C MET S 228 0.92 22.12 41.45
N VAL S 229 2.13 21.67 41.75
CA VAL S 229 2.66 20.42 41.20
C VAL S 229 2.97 19.49 42.36
N GLN S 230 2.43 18.27 42.31
CA GLN S 230 2.57 17.33 43.42
C GLN S 230 3.83 16.50 43.30
N LYS S 231 4.97 17.17 43.09
CA LYS S 231 6.28 16.54 43.10
C LYS S 231 7.22 17.48 43.85
N SER S 232 8.51 17.17 43.85
CA SER S 232 9.46 17.94 44.63
C SER S 232 10.85 17.80 44.05
N ILE S 233 11.76 18.60 44.57
CA ILE S 233 13.16 18.57 44.15
C ILE S 233 13.96 17.76 45.17
N ALA S 234 14.92 16.98 44.67
CA ALA S 234 15.70 16.11 45.55
C ALA S 234 16.54 16.92 46.52
N GLY S 235 17.30 17.90 46.01
CA GLY S 235 18.16 18.71 46.83
C GLY S 235 18.01 20.18 46.51
N THR S 236 18.78 20.99 47.24
CA THR S 236 18.65 22.44 47.11
C THR S 236 18.95 22.91 45.70
N TYR S 237 19.85 22.22 45.00
CA TYR S 237 20.30 22.67 43.68
C TYR S 237 19.92 21.70 42.57
N CYS S 238 18.88 20.89 42.77
CA CYS S 238 18.39 19.98 41.75
C CYS S 238 17.30 20.59 40.88
N LYS S 239 17.36 21.90 40.64
CA LYS S 239 16.37 22.59 39.82
C LYS S 239 17.10 23.56 38.90
N THR S 240 16.45 23.87 37.77
CA THR S 240 16.98 24.85 36.83
C THR S 240 15.96 25.19 35.78
N PRO S 241 15.95 26.43 35.27
CA PRO S 241 15.07 26.74 34.13
C PRO S 241 15.42 25.89 32.92
N PHE S 242 14.38 25.48 32.20
CA PHE S 242 14.57 24.64 31.01
C PHE S 242 13.30 24.71 30.17
N ALA S 243 13.41 25.28 28.98
CA ALA S 243 12.30 25.38 28.03
C ALA S 243 11.11 26.09 28.67
N ASP S 244 11.36 27.31 29.13
CA ASP S 244 10.32 28.18 29.71
C ASP S 244 9.62 27.51 30.88
N SER S 245 10.37 26.74 31.66
CA SER S 245 9.86 26.05 32.84
C SER S 245 11.05 25.53 33.62
N TYR S 246 10.77 24.94 34.79
CA TYR S 246 11.79 24.31 35.62
C TYR S 246 11.74 22.80 35.50
N ALA S 247 12.87 22.21 35.16
CA ALA S 247 13.10 20.78 35.32
C ALA S 247 13.73 20.53 36.67
N PHE S 248 13.66 19.28 37.12
CA PHE S 248 14.16 18.94 38.45
C PHE S 248 14.29 17.43 38.57
N ILE S 249 14.70 16.99 39.75
CA ILE S 249 14.77 15.57 40.10
C ILE S 249 13.81 15.33 41.24
N SER S 250 12.94 14.32 41.08
CA SER S 250 11.90 14.07 42.08
C SER S 250 12.51 13.70 43.42
N HIS S 251 11.96 14.27 44.49
CA HIS S 251 12.38 13.93 45.83
C HIS S 251 11.97 12.49 46.15
N PRO S 252 12.76 11.76 46.94
CA PRO S 252 12.40 10.38 47.26
C PRO S 252 11.10 10.24 48.03
N ALA S 253 10.55 11.32 48.58
CA ALA S 253 9.29 11.22 49.30
C ALA S 253 8.15 10.73 48.41
N THR S 254 8.08 11.26 47.18
CA THR S 254 7.00 10.88 46.27
C THR S 254 7.26 9.57 45.55
N GLY S 255 8.45 9.00 45.68
CA GLY S 255 8.78 7.77 45.00
C GLY S 255 10.23 7.79 44.56
N ALA S 256 10.57 6.88 43.67
CA ALA S 256 11.93 6.82 43.17
C ALA S 256 12.25 8.10 42.40
N PRO S 257 13.41 8.71 42.63
CA PRO S 257 13.73 9.97 41.94
C PRO S 257 13.83 9.77 40.43
N SER S 258 13.37 10.77 39.69
CA SER S 258 13.41 10.73 38.24
C SER S 258 13.28 12.15 37.71
N VAL S 259 14.01 12.43 36.62
CA VAL S 259 14.06 13.79 36.08
C VAL S 259 12.69 14.15 35.52
N TYR S 260 12.20 15.35 35.88
CA TYR S 260 10.87 15.79 35.54
C TYR S 260 10.94 17.17 34.90
N ILE S 261 9.87 17.54 34.19
CA ILE S 261 9.66 18.91 33.74
C ILE S 261 8.26 19.34 34.12
N ILE S 262 8.15 20.55 34.66
CA ILE S 262 6.86 21.10 35.08
C ILE S 262 6.13 21.63 33.86
N GLY S 263 4.88 21.19 33.67
CA GLY S 263 4.05 21.74 32.62
C GLY S 263 2.61 21.92 33.03
N SER S 264 2.12 23.17 32.97
CA SER S 264 0.74 23.52 33.28
C SER S 264 0.29 22.91 34.60
N GLY S 265 1.12 23.05 35.62
CA GLY S 265 0.80 22.47 36.91
C GLY S 265 0.77 20.95 36.90
N GLN S 266 1.73 20.32 36.23
CA GLN S 266 1.81 18.87 36.17
C GLN S 266 3.23 18.49 35.79
N ALA S 267 3.71 17.38 36.38
CA ALA S 267 5.08 16.92 36.16
C ALA S 267 5.07 15.78 35.16
N SER S 268 5.82 15.94 34.07
CA SER S 268 5.92 14.93 33.04
C SER S 268 7.33 14.37 32.98
N PRO S 269 7.49 13.05 33.09
CA PRO S 269 8.84 12.49 33.12
C PRO S 269 9.55 12.62 31.78
N ILE S 270 10.87 12.78 31.84
CA ILE S 270 11.70 12.81 30.65
C ILE S 270 12.90 11.91 30.84
N ALA S 271 12.88 11.09 31.88
CA ALA S 271 13.98 10.18 32.19
C ALA S 271 13.60 8.76 31.80
N THR S 272 14.43 8.14 30.98
CA THR S 272 14.22 6.76 30.59
C THR S 272 14.44 5.84 31.79
N ALA S 273 14.25 4.54 31.58
CA ALA S 273 14.46 3.59 32.65
C ALA S 273 15.91 3.59 33.12
N SER S 274 16.86 3.60 32.18
CA SER S 274 18.27 3.53 32.55
C SER S 274 18.71 4.76 33.33
N ILE S 275 18.23 5.94 32.93
CA ILE S 275 18.61 7.16 33.64
C ILE S 275 18.12 7.12 35.08
N GLU S 276 16.88 6.68 35.30
CA GLU S 276 16.38 6.71 36.66
C GLU S 276 16.98 5.56 37.48
N LYS S 277 17.38 4.46 36.84
CA LYS S 277 18.16 3.46 37.56
C LYS S 277 19.51 4.03 38.00
N ILE S 278 20.17 4.78 37.13
CA ILE S 278 21.44 5.41 37.49
C ILE S 278 21.23 6.38 38.64
N ILE S 279 20.15 7.17 38.59
CA ILE S 279 19.86 8.12 39.66
C ILE S 279 19.60 7.38 40.96
N ARG S 280 18.81 6.30 40.90
CA ARG S 280 18.50 5.50 42.08
C ARG S 280 19.72 4.77 42.63
N SER S 281 20.77 4.61 41.83
CA SER S 281 21.98 3.97 42.31
C SER S 281 22.68 4.78 43.40
N TYR S 282 22.30 6.04 43.60
CA TYR S 282 22.94 6.92 44.55
C TYR S 282 22.20 6.89 45.88
N THR S 283 22.90 7.23 46.95
CA THR S 283 22.26 7.35 48.23
C THR S 283 21.58 8.72 48.35
N ALA S 284 20.84 8.90 49.44
CA ALA S 284 20.06 10.13 49.61
C ALA S 284 20.98 11.35 49.69
N GLU S 285 22.00 11.29 50.54
CA GLU S 285 22.89 12.44 50.71
C GLU S 285 23.67 12.75 49.44
N GLU S 286 24.19 11.70 48.77
CA GLU S 286 24.96 11.93 47.56
C GLU S 286 24.12 12.58 46.47
N MET S 287 22.89 12.08 46.28
CA MET S 287 22.01 12.65 45.28
C MET S 287 21.48 14.02 45.68
N ALA S 288 21.45 14.32 46.98
CA ALA S 288 21.07 15.67 47.41
C ALA S 288 22.08 16.72 46.94
N THR S 289 23.36 16.38 46.98
CA THR S 289 24.40 17.32 46.58
C THR S 289 24.45 17.55 45.08
N GLY S 290 23.73 16.77 44.28
CA GLY S 290 23.75 16.96 42.85
C GLY S 290 23.17 18.30 42.44
N VAL S 291 23.73 18.86 41.37
CA VAL S 291 23.30 20.13 40.83
C VAL S 291 23.05 19.96 39.34
N MET S 292 21.99 20.59 38.84
CA MET S 292 21.64 20.52 37.44
C MET S 292 21.43 21.92 36.89
N GLU S 293 21.70 22.08 35.59
CA GLU S 293 21.69 23.39 34.97
C GLU S 293 21.38 23.25 33.50
N THR S 294 21.12 24.39 32.86
CA THR S 294 20.79 24.43 31.44
C THR S 294 21.92 25.06 30.66
N LEU S 295 22.26 24.45 29.52
CA LEU S 295 23.25 24.99 28.60
C LEU S 295 22.66 24.91 27.20
N ARG S 296 22.73 26.01 26.45
CA ARG S 296 22.15 26.07 25.12
C ARG S 296 23.20 26.58 24.14
N PHE S 297 23.49 25.77 23.11
CA PHE S 297 24.33 26.18 22.00
C PHE S 297 23.93 25.44 20.74
N ASP S 298 24.25 26.03 19.60
CA ASP S 298 23.87 25.53 18.29
C ASP S 298 22.36 25.29 18.21
N SER S 299 21.95 24.06 17.95
CA SER S 299 20.53 23.74 18.01
C SER S 299 20.17 22.95 19.25
N HIS S 300 21.16 22.48 19.99
CA HIS S 300 20.92 21.69 21.20
C HIS S 300 20.45 22.59 22.33
N GLU S 301 19.54 22.07 23.14
CA GLU S 301 19.10 22.74 24.36
C GLU S 301 19.34 21.76 25.51
N LEU S 302 20.57 21.75 26.02
CA LEU S 302 20.99 20.75 26.98
C LEU S 302 20.39 21.00 28.35
N LEU S 303 20.30 19.93 29.13
CA LEU S 303 19.92 19.99 30.55
C LEU S 303 20.96 19.15 31.27
N ILE S 304 22.07 19.78 31.67
CA ILE S 304 23.19 19.04 32.25
C ILE S 304 22.92 18.78 33.72
N ILE S 305 23.14 17.54 34.15
CA ILE S 305 22.96 17.14 35.54
C ILE S 305 24.32 16.72 36.09
N HIS S 306 24.73 17.35 37.19
CA HIS S 306 26.05 17.09 37.78
C HIS S 306 25.88 16.20 39.00
N LEU S 307 25.79 14.90 38.75
CA LEU S 307 25.73 13.92 39.82
C LEU S 307 27.14 13.60 40.32
N PRO S 308 27.27 13.07 41.53
CA PRO S 308 28.62 12.88 42.10
C PRO S 308 29.53 12.01 41.26
N ARG S 309 29.01 10.95 40.63
CA ARG S 309 29.84 10.06 39.83
C ARG S 309 29.37 9.96 38.39
N HIS S 310 28.39 10.76 37.98
CA HIS S 310 27.91 10.78 36.60
C HIS S 310 27.57 12.23 36.23
N VAL S 311 27.63 12.51 34.93
CA VAL S 311 27.20 13.80 34.40
C VAL S 311 26.23 13.50 33.25
N LEU S 312 24.94 13.42 33.57
CA LEU S 312 23.93 13.13 32.57
C LEU S 312 23.53 14.40 31.86
N VAL S 313 23.26 14.29 30.56
CA VAL S 313 22.90 15.42 29.73
C VAL S 313 21.67 15.07 28.91
N TYR S 314 20.65 15.91 28.96
CA TYR S 314 19.43 15.74 28.18
C TYR S 314 19.44 16.75 27.06
N ASP S 315 19.35 16.27 25.83
CA ASP S 315 19.39 17.11 24.64
C ASP S 315 17.95 17.26 24.14
N ALA S 316 17.36 18.43 24.39
CA ALA S 316 15.94 18.62 24.10
C ALA S 316 15.66 18.52 22.61
N SER S 317 16.50 19.14 21.78
CA SER S 317 16.24 19.15 20.34
C SER S 317 16.42 17.78 19.69
N SER S 318 17.13 16.86 20.35
CA SER S 318 17.40 15.54 19.80
C SER S 318 16.48 14.47 20.36
N SER S 319 15.37 14.87 20.98
CA SER S 319 14.42 13.93 21.59
C SER S 319 13.27 13.61 20.66
N GLN S 320 13.51 13.60 19.34
CA GLN S 320 12.43 13.34 18.40
C GLN S 320 11.89 11.91 18.54
N ASN S 321 12.78 10.93 18.66
CA ASN S 321 12.40 9.53 18.79
C ASN S 321 12.28 9.08 20.23
N GLY S 322 12.45 9.98 21.18
CA GLY S 322 12.45 9.63 22.59
C GLY S 322 13.55 10.38 23.31
N PRO S 323 13.56 10.31 24.64
CA PRO S 323 14.58 11.04 25.40
C PRO S 323 15.98 10.58 25.01
N GLN S 324 16.89 11.55 24.92
CA GLN S 324 18.26 11.31 24.48
C GLN S 324 19.21 11.81 25.55
N TRP S 325 19.89 10.88 26.20
CA TRP S 325 20.82 11.19 27.29
C TRP S 325 22.22 10.74 26.92
N CYS S 326 23.20 11.63 27.10
CA CYS S 326 24.59 11.31 26.88
C CYS S 326 25.38 11.56 28.16
N VAL S 327 26.26 10.63 28.50
CA VAL S 327 27.04 10.69 29.73
C VAL S 327 28.38 11.31 29.40
N LEU S 328 28.59 12.55 29.84
CA LEU S 328 29.88 13.21 29.69
C LEU S 328 30.85 12.70 30.74
N LYS S 329 32.13 12.65 30.36
CA LYS S 329 33.16 12.18 31.27
C LYS S 329 34.49 12.82 30.90
N THR S 330 35.39 12.85 31.87
CA THR S 330 36.72 13.42 31.70
C THR S 330 37.76 12.35 31.98
N GLY S 331 38.80 12.30 31.15
CA GLY S 331 39.85 11.32 31.30
C GLY S 331 39.51 9.99 30.65
N LEU S 332 40.50 9.10 30.66
CA LEU S 332 40.34 7.82 29.97
C LEU S 332 39.41 6.90 30.73
N TYR S 333 39.47 6.91 32.06
CA TYR S 333 38.62 6.08 32.89
C TYR S 333 37.36 6.85 33.29
N ASP S 334 36.62 6.32 34.25
CA ASP S 334 35.25 6.74 34.52
C ASP S 334 35.16 8.01 35.37
N ASP S 335 36.19 8.84 35.40
CA ASP S 335 36.15 10.07 36.18
C ASP S 335 34.98 10.95 35.75
N VAL S 336 34.60 11.85 36.64
CA VAL S 336 33.46 12.74 36.45
C VAL S 336 33.89 13.93 35.62
N TYR S 337 32.97 14.46 34.81
CA TYR S 337 33.27 15.60 33.96
C TYR S 337 33.73 16.79 34.78
N ARG S 338 34.83 17.40 34.38
CA ARG S 338 35.40 18.50 35.14
C ARG S 338 34.60 19.79 34.94
N GLY S 339 34.12 20.04 33.73
CA GLY S 339 33.40 21.28 33.48
C GLY S 339 32.14 21.37 34.32
N VAL S 340 31.91 22.57 34.87
CA VAL S 340 30.78 22.80 35.76
C VAL S 340 30.40 24.28 35.67
N ASP S 341 29.11 24.56 35.85
CA ASP S 341 28.58 25.92 35.88
C ASP S 341 28.83 26.64 34.55
N PHE S 342 28.24 26.08 33.49
CA PHE S 342 28.36 26.67 32.16
C PHE S 342 27.50 27.93 32.06
N MET S 343 28.05 28.95 31.42
CA MET S 343 27.30 30.18 31.14
C MET S 343 27.83 30.79 29.85
N TYR S 344 26.91 31.31 29.03
CA TYR S 344 27.26 31.93 27.76
C TYR S 344 27.38 33.43 27.96
N GLU S 345 28.59 33.96 27.79
CA GLU S 345 28.84 35.39 27.91
C GLU S 345 29.52 35.90 26.65
N GLY S 346 29.12 37.09 26.22
CA GLY S 346 29.73 37.71 25.07
C GLY S 346 29.64 36.89 23.81
N ASN S 347 30.75 36.30 23.40
CA ASN S 347 30.85 35.51 22.18
C ASN S 347 30.88 34.01 22.43
N GLN S 348 31.58 33.56 23.47
CA GLN S 348 31.82 32.15 23.68
C GLN S 348 31.48 31.75 25.11
N ILE S 349 31.09 30.48 25.27
CA ILE S 349 30.69 29.96 26.58
C ILE S 349 31.90 29.88 27.49
N THR S 350 31.67 30.02 28.79
CA THR S 350 32.71 29.83 29.80
C THR S 350 32.19 28.88 30.87
N CYS S 351 33.07 28.00 31.35
CA CYS S 351 32.70 27.01 32.35
C CYS S 351 33.77 26.93 33.43
N GLY S 352 33.33 26.69 34.65
CA GLY S 352 34.25 26.47 35.76
C GLY S 352 34.81 25.06 35.75
N ASP S 353 35.60 24.76 36.77
CA ASP S 353 36.22 23.46 36.91
C ASP S 353 35.96 22.90 38.31
N LYS S 354 35.69 21.59 38.36
CA LYS S 354 35.42 20.94 39.63
C LYS S 354 36.68 20.68 40.44
N SER S 355 37.80 20.38 39.77
CA SER S 355 39.02 20.00 40.46
C SER S 355 40.04 21.14 40.56
N GLU S 356 40.45 21.69 39.42
CA GLU S 356 41.44 22.75 39.42
C GLU S 356 40.79 24.09 39.68
N ALA S 357 41.63 25.08 39.98
CA ALA S 357 41.17 26.44 40.22
C ALA S 357 41.35 27.28 38.96
N VAL S 358 40.57 26.91 37.93
CA VAL S 358 40.62 27.54 36.62
C VAL S 358 39.21 27.70 36.10
N VAL S 359 39.08 28.49 35.03
CA VAL S 359 37.84 28.62 34.28
C VAL S 359 38.14 28.31 32.82
N GLY S 360 37.29 27.50 32.20
CA GLY S 360 37.48 27.11 30.82
C GLY S 360 36.40 27.70 29.94
N GLN S 361 36.78 28.06 28.71
CA GLN S 361 35.83 28.52 27.71
C GLN S 361 35.68 27.42 26.66
N LEU S 362 34.44 27.11 26.30
CA LEU S 362 34.20 26.06 25.33
C LEU S 362 34.74 26.47 23.97
N GLN S 363 35.52 25.59 23.36
CA GLN S 363 36.05 25.80 22.03
C GLN S 363 35.57 24.68 21.13
N PHE S 364 35.03 25.04 19.97
CA PHE S 364 34.28 24.08 19.16
C PHE S 364 35.16 23.33 18.16
N ASP S 365 36.35 23.83 17.85
CA ASP S 365 37.22 23.18 16.89
C ASP S 365 38.15 22.15 17.51
N ILE S 366 38.07 21.92 18.82
CA ILE S 366 38.82 20.87 19.49
C ILE S 366 37.91 20.15 20.47
N SER S 367 38.33 18.96 20.88
CA SER S 367 37.65 18.21 21.93
C SER S 367 38.50 18.01 23.17
N SER S 368 39.76 18.41 23.13
CA SER S 368 40.62 18.30 24.31
C SER S 368 40.15 19.25 25.40
N GLN S 369 40.32 18.81 26.65
CA GLN S 369 39.92 19.59 27.82
C GLN S 369 41.19 19.98 28.58
N TYR S 370 41.51 21.27 28.57
CA TYR S 370 42.73 21.78 29.20
C TYR S 370 43.97 21.08 28.64
N ASP S 371 43.97 20.87 27.32
CA ASP S 371 45.08 20.24 26.60
C ASP S 371 45.35 18.83 27.13
N LYS S 372 44.30 18.02 27.12
CA LYS S 372 44.38 16.62 27.50
C LYS S 372 43.49 15.80 26.58
N GLN S 373 43.85 14.53 26.39
CA GLN S 373 43.01 13.65 25.60
C GLN S 373 41.73 13.30 26.36
N GLN S 374 40.68 12.99 25.61
CA GLN S 374 39.39 12.58 26.16
C GLN S 374 38.83 11.44 25.32
N GLU S 375 37.90 10.71 25.92
CA GLU S 375 37.36 9.48 25.37
C GLU S 375 35.95 9.72 24.88
N HIS S 376 35.68 9.34 23.63
CA HIS S 376 34.34 9.40 23.05
C HIS S 376 33.88 7.99 22.72
N LEU S 377 32.71 7.61 23.22
CA LEU S 377 32.17 6.28 23.03
C LEU S 377 30.87 6.33 22.26
N LEU S 378 30.64 5.30 21.45
CA LEU S 378 29.41 5.17 20.69
C LEU S 378 29.04 3.69 20.62
N PHE S 379 27.86 3.35 21.11
CA PHE S 379 27.40 1.96 21.16
C PHE S 379 26.20 1.79 20.21
N THR S 380 26.23 0.72 19.43
CA THR S 380 25.08 0.34 18.63
C THR S 380 24.20 -0.65 19.40
N PRO S 381 22.90 -0.63 19.20
CA PRO S 381 22.02 -1.52 19.98
C PRO S 381 22.19 -2.97 19.57
N LEU S 382 21.92 -3.86 20.53
CA LEU S 382 21.94 -5.29 20.25
C LEU S 382 20.83 -5.66 19.29
N PHE S 383 21.16 -6.44 18.26
CA PHE S 383 20.18 -6.92 17.31
C PHE S 383 20.44 -8.39 17.01
N LYS S 384 19.37 -9.16 16.89
CA LYS S 384 19.44 -10.61 16.72
C LYS S 384 19.62 -10.96 15.25
N ALA S 385 20.80 -11.46 14.91
CA ALA S 385 21.06 -12.05 13.60
C ALA S 385 21.62 -13.45 13.82
N ASP S 386 20.98 -14.45 13.24
CA ASP S 386 21.38 -15.84 13.41
C ASP S 386 22.07 -16.35 12.17
N ASN S 387 23.28 -16.89 12.33
CA ASN S 387 24.02 -17.54 11.26
C ASN S 387 24.27 -16.59 10.09
N ALA S 388 24.31 -15.30 10.35
CA ALA S 388 24.53 -14.29 9.32
C ALA S 388 25.98 -13.85 9.32
N ARG S 389 26.38 -13.21 8.23
CA ARG S 389 27.73 -12.70 8.08
C ARG S 389 27.66 -11.20 7.82
N CYS S 390 28.64 -10.47 8.36
CA CYS S 390 28.75 -9.03 8.16
C CYS S 390 30.14 -8.71 7.67
N PHE S 391 30.22 -7.98 6.55
CA PHE S 391 31.53 -7.63 5.99
C PHE S 391 31.80 -6.14 5.99
N ASP S 392 30.99 -5.33 5.33
CA ASP S 392 31.24 -3.91 5.24
C ASP S 392 30.64 -3.21 6.44
N LEU S 393 31.46 -2.47 7.20
CA LEU S 393 31.01 -1.72 8.37
C LEU S 393 31.61 -0.32 8.25
N GLU S 394 30.84 0.62 7.72
CA GLU S 394 31.31 1.95 7.39
C GLU S 394 30.58 3.00 8.23
N VAL S 395 31.33 3.94 8.78
CA VAL S 395 30.77 5.10 9.47
C VAL S 395 31.35 6.36 8.82
N GLU S 396 30.49 7.31 8.50
CA GLU S 396 30.92 8.53 7.85
C GLU S 396 31.48 9.51 8.88
N SER S 397 32.70 9.98 8.65
CA SER S 397 33.36 10.89 9.56
C SER S 397 33.80 12.16 8.83
N SER S 398 33.59 13.31 9.47
CA SER S 398 34.02 14.58 8.93
C SER S 398 35.48 14.79 9.33
N THR S 399 36.38 14.53 8.40
CA THR S 399 37.81 14.47 8.69
C THR S 399 38.52 15.76 8.31
N GLY S 400 39.58 16.07 9.04
CA GLY S 400 40.51 17.11 8.63
C GLY S 400 41.01 18.06 9.68
N VAL S 401 40.19 18.40 10.67
CA VAL S 401 40.61 19.36 11.69
C VAL S 401 41.57 18.76 12.71
N ALA S 402 41.81 17.45 12.65
CA ALA S 402 42.62 16.79 13.66
C ALA S 402 44.06 17.26 13.63
N GLN S 403 44.80 16.93 14.69
CA GLN S 403 46.23 17.26 14.78
C GLN S 403 47.04 16.11 14.23
N TYR S 404 46.90 14.93 14.83
CA TYR S 404 47.49 13.72 14.31
C TYR S 404 46.37 12.83 13.75
N ALA S 405 46.76 11.86 12.94
CA ALA S 405 45.78 10.94 12.35
C ALA S 405 45.27 9.97 13.40
N ASP S 406 44.41 10.47 14.29
CA ASP S 406 43.92 9.66 15.41
C ASP S 406 43.07 8.50 14.89
N ARG S 407 43.08 7.41 15.64
CA ARG S 407 42.40 6.19 15.27
C ARG S 407 41.37 5.80 16.33
N LEU S 408 40.33 5.09 15.90
CA LEU S 408 39.29 4.63 16.80
C LEU S 408 39.41 3.13 17.01
N PHE S 409 39.12 2.69 18.23
CA PHE S 409 39.12 1.27 18.56
C PHE S 409 37.70 0.74 18.40
N LEU S 410 37.52 -0.15 17.43
CA LEU S 410 36.21 -0.70 17.10
C LEU S 410 36.15 -2.15 17.57
N SER S 411 35.19 -2.45 18.44
CA SER S 411 35.05 -3.78 19.00
C SER S 411 33.58 -4.19 18.98
N ALA S 412 33.35 -5.50 18.95
CA ALA S 412 32.01 -6.06 18.90
C ALA S 412 31.85 -7.10 19.99
N THR S 413 30.69 -7.11 20.62
CA THR S 413 30.37 -8.06 21.67
C THR S 413 29.52 -9.20 21.13
N THR S 414 29.20 -10.15 22.00
CA THR S 414 28.32 -11.24 21.66
C THR S 414 27.25 -11.51 22.72
N ASP S 415 27.47 -11.08 23.96
CA ASP S 415 26.49 -11.22 25.02
C ASP S 415 26.03 -9.88 25.58
N GLY S 416 26.56 -8.77 25.07
CA GLY S 416 26.10 -7.46 25.46
C GLY S 416 26.70 -6.90 26.73
N ILE S 417 27.65 -7.59 27.35
CA ILE S 417 28.26 -7.10 28.58
C ILE S 417 29.76 -6.89 28.38
N ASN S 418 30.46 -7.94 28.00
CA ASN S 418 31.89 -7.87 27.76
C ASN S 418 32.20 -7.95 26.27
N TYR S 419 33.27 -7.28 25.86
CA TYR S 419 33.58 -7.07 24.46
C TYR S 419 34.80 -7.88 24.04
N GLY S 420 35.00 -7.96 22.73
CA GLY S 420 36.05 -8.74 22.13
C GLY S 420 37.29 -7.93 21.84
N ARG S 421 38.00 -8.32 20.79
CA ARG S 421 39.24 -7.64 20.43
C ARG S 421 38.97 -6.24 19.92
N GLU S 422 39.84 -5.31 20.28
CA GLU S 422 39.72 -3.93 19.85
C GLU S 422 40.49 -3.74 18.55
N GLN S 423 39.77 -3.44 17.48
CA GLN S 423 40.38 -3.21 16.17
C GLN S 423 40.60 -1.72 15.96
N MET S 424 41.78 -1.36 15.50
CA MET S 424 42.21 0.02 15.38
C MET S 424 42.09 0.46 13.94
N ILE S 425 41.28 1.50 13.70
CA ILE S 425 41.04 2.03 12.36
C ILE S 425 41.24 3.53 12.39
N GLU S 426 41.94 4.06 11.39
CA GLU S 426 42.11 5.50 11.27
C GLU S 426 40.74 6.16 11.08
N GLN S 427 40.49 7.22 11.84
CA GLN S 427 39.21 7.91 11.82
C GLN S 427 39.32 9.33 11.31
N ASN S 428 40.29 10.11 11.78
CA ASN S 428 40.65 11.38 11.19
C ASN S 428 42.06 11.30 10.62
N GLU S 429 42.30 12.10 9.59
CA GLU S 429 43.65 12.34 9.09
C GLU S 429 43.84 13.84 9.05
N PRO S 430 44.94 14.38 9.55
CA PRO S 430 45.10 15.83 9.61
C PRO S 430 45.03 16.43 8.22
N PHE S 431 43.97 17.21 7.98
CA PHE S 431 43.84 18.07 6.81
C PHE S 431 43.58 17.28 5.54
N VAL S 432 42.95 16.11 5.67
CA VAL S 432 42.39 15.35 4.56
C VAL S 432 40.89 15.22 4.83
N TYR S 433 40.08 15.61 3.85
CA TYR S 433 38.65 15.79 4.09
C TYR S 433 37.77 14.73 3.45
N ASP S 434 38.35 13.68 2.85
CA ASP S 434 37.53 12.67 2.18
C ASP S 434 37.91 11.26 2.60
N LYS S 435 38.47 11.07 3.79
CA LYS S 435 38.71 9.73 4.29
C LYS S 435 37.40 9.05 4.67
N ARG S 436 37.32 7.75 4.43
CA ARG S 436 36.19 6.93 4.85
C ARG S 436 36.67 5.95 5.91
N VAL S 437 35.88 5.81 6.98
CA VAL S 437 36.18 4.85 8.04
C VAL S 437 35.47 3.57 7.67
N LEU S 438 36.21 2.63 7.09
CA LEU S 438 35.65 1.40 6.55
C LEU S 438 36.38 0.21 7.15
N TRP S 439 35.63 -0.78 7.61
CA TRP S 439 36.20 -2.04 8.06
C TRP S 439 35.48 -3.19 7.38
N LYS S 440 36.26 -4.09 6.79
CA LYS S 440 35.73 -5.26 6.11
C LYS S 440 36.00 -6.50 6.95
N ARG S 441 35.29 -7.58 6.61
CA ARG S 441 35.50 -8.89 7.23
C ARG S 441 35.21 -8.85 8.72
N VAL S 442 34.02 -8.33 9.07
CA VAL S 442 33.64 -8.26 10.48
C VAL S 442 33.49 -9.66 11.07
N GLY S 443 32.78 -10.54 10.36
CA GLY S 443 32.69 -11.92 10.78
C GLY S 443 31.26 -12.40 10.78
N ARG S 444 31.03 -13.45 11.57
CA ARG S 444 29.73 -14.12 11.63
C ARG S 444 29.06 -13.83 12.96
N ILE S 445 27.82 -13.35 12.90
CA ILE S 445 27.02 -13.13 14.10
C ILE S 445 26.39 -14.46 14.48
N ARG S 446 26.82 -15.02 15.61
CA ARG S 446 26.26 -16.30 16.04
C ARG S 446 24.85 -16.13 16.57
N ARG S 447 24.69 -15.40 17.67
CA ARG S 447 23.38 -15.08 18.20
C ARG S 447 23.10 -13.58 18.23
N LEU S 448 23.99 -12.80 18.84
CA LEU S 448 23.81 -11.36 18.95
C LEU S 448 25.16 -10.68 18.78
N ILE S 449 25.10 -9.39 18.47
CA ILE S 449 26.33 -8.61 18.29
C ILE S 449 26.01 -7.15 18.59
N GLY S 450 26.98 -6.45 19.17
CA GLY S 450 26.87 -5.04 19.42
C GLY S 450 28.21 -4.35 19.30
N PHE S 451 28.29 -3.29 18.51
CA PHE S 451 29.56 -2.64 18.20
C PHE S 451 29.77 -1.43 19.10
N LYS S 452 30.96 -1.33 19.68
CA LYS S 452 31.35 -0.18 20.48
C LYS S 452 32.44 0.58 19.73
N LEU S 453 32.18 1.84 19.43
CA LEU S 453 33.16 2.70 18.76
C LEU S 453 33.79 3.59 19.81
N ARG S 454 35.10 3.44 20.01
CA ARG S 454 35.85 4.17 21.02
C ARG S 454 36.93 4.99 20.34
N VAL S 455 36.88 6.30 20.53
CA VAL S 455 37.80 7.23 19.88
C VAL S 455 38.56 7.98 20.95
N ILE S 456 39.89 7.99 20.82
CA ILE S 456 40.76 8.70 21.75
C ILE S 456 41.49 9.76 20.95
N THR S 457 41.11 11.03 21.14
CA THR S 457 41.61 12.08 20.29
C THR S 457 41.49 13.43 21.01
N LYS S 458 42.21 14.41 20.46
CA LYS S 458 42.16 15.78 20.95
C LYS S 458 41.41 16.71 19.99
N SER S 459 40.71 16.15 19.01
CA SER S 459 40.03 16.92 17.98
C SER S 459 38.60 16.41 17.83
N PRO S 460 37.69 17.25 17.35
CA PRO S 460 36.29 16.83 17.29
C PRO S 460 36.09 15.64 16.36
N VAL S 461 35.20 14.75 16.76
CA VAL S 461 34.85 13.57 15.97
C VAL S 461 33.38 13.67 15.61
N THR S 462 33.09 13.55 14.31
CA THR S 462 31.74 13.70 13.78
C THR S 462 31.39 12.41 13.04
N LEU S 463 30.72 11.50 13.73
CA LEU S 463 30.34 10.23 13.14
C LEU S 463 28.90 10.29 12.65
N SER S 464 28.66 9.77 11.46
CA SER S 464 27.35 9.80 10.83
C SER S 464 26.84 8.36 10.65
N GLY S 465 25.75 8.24 9.90
CA GLY S 465 25.06 6.97 9.71
C GLY S 465 25.95 5.76 9.47
N CYS S 466 25.76 4.73 10.30
CA CYS S 466 26.57 3.53 10.27
C CYS S 466 25.89 2.46 9.43
N GLN S 467 26.55 2.01 8.38
CA GLN S 467 26.03 0.97 7.50
C GLN S 467 26.82 -0.30 7.71
N ILE S 468 26.11 -1.42 7.85
CA ILE S 468 26.72 -2.73 7.93
C ILE S 468 26.09 -3.63 6.89
N ARG S 469 26.92 -4.31 6.10
CA ARG S 469 26.43 -5.17 5.02
C ARG S 469 26.22 -6.57 5.57
N LEU S 470 25.10 -6.74 6.26
CA LEU S 470 24.74 -8.02 6.87
C LEU S 470 24.32 -8.96 5.74
N GLU S 471 25.31 -9.62 5.16
CA GLU S 471 25.07 -10.50 4.02
C GLU S 471 24.76 -11.92 4.47
N PRO T 1 7.83 -20.68 8.78
CA PRO T 1 7.05 -19.50 9.18
C PRO T 1 7.27 -19.12 10.63
N ILE T 2 8.31 -18.32 10.87
CA ILE T 2 8.64 -17.91 12.24
C ILE T 2 7.57 -16.92 12.71
N GLN T 3 6.79 -17.33 13.72
CA GLN T 3 5.71 -16.52 14.25
C GLN T 3 5.99 -16.21 15.71
N GLN T 4 5.87 -14.95 16.08
CA GLN T 4 6.12 -14.56 17.46
C GLN T 4 4.89 -14.77 18.33
N LEU T 5 5.12 -14.97 19.61
CA LEU T 5 4.04 -15.20 20.57
C LEU T 5 4.15 -14.18 21.71
N PRO T 6 3.14 -13.34 21.92
CA PRO T 6 3.18 -12.43 23.07
C PRO T 6 3.05 -13.19 24.38
N MET T 7 3.61 -12.61 25.44
CA MET T 7 3.47 -13.18 26.77
C MET T 7 3.01 -12.16 27.80
N MET T 8 2.80 -10.91 27.42
CA MET T 8 2.39 -9.89 28.38
C MET T 8 1.02 -10.17 28.98
N LYS T 9 0.21 -11.01 28.33
CA LYS T 9 -1.11 -11.35 28.85
C LYS T 9 -1.56 -12.65 28.19
N GLY T 10 -1.79 -13.66 29.00
CA GLY T 10 -2.19 -14.97 28.52
C GLY T 10 -3.69 -15.16 28.60
N MET T 11 -4.20 -16.04 27.74
CA MET T 11 -5.63 -16.31 27.64
C MET T 11 -5.91 -17.77 28.00
N GLY T 12 -7.17 -18.02 28.35
CA GLY T 12 -7.60 -19.37 28.65
C GLY T 12 -9.04 -19.36 29.09
N LYS T 13 -9.57 -20.56 29.28
CA LYS T 13 -10.95 -20.71 29.73
C LYS T 13 -11.01 -20.70 31.25
N ASP T 14 -12.23 -20.79 31.78
CA ASP T 14 -12.47 -20.84 33.21
C ASP T 14 -13.38 -22.04 33.46
N PHE T 15 -12.85 -23.08 34.11
CA PHE T 15 -13.54 -24.37 34.13
C PHE T 15 -14.85 -24.32 34.91
N LYS T 16 -15.08 -23.30 35.72
CA LYS T 16 -16.37 -23.19 36.41
C LYS T 16 -17.40 -22.49 35.54
N ASN T 17 -17.08 -21.29 35.05
CA ASN T 17 -18.02 -20.50 34.28
C ASN T 17 -17.98 -20.78 32.78
N ALA T 18 -16.96 -21.49 32.30
CA ALA T 18 -16.76 -21.77 30.88
C ALA T 18 -16.53 -20.51 30.06
N ASP T 19 -16.09 -19.42 30.69
CA ASP T 19 -15.82 -18.16 30.00
C ASP T 19 -14.34 -17.99 29.77
N TYR T 20 -13.99 -17.39 28.64
CA TYR T 20 -12.61 -17.03 28.39
C TYR T 20 -12.16 -15.97 29.40
N ILE T 21 -11.04 -16.23 30.06
CA ILE T 21 -10.50 -15.30 31.05
C ILE T 21 -9.03 -15.08 30.74
N ASP T 22 -8.52 -13.94 31.19
CA ASP T 22 -7.12 -13.61 30.99
C ASP T 22 -6.27 -14.37 32.00
N TYR T 23 -5.31 -15.15 31.51
CA TYR T 23 -4.32 -15.78 32.36
C TYR T 23 -3.19 -14.78 32.58
N LEU T 24 -3.16 -14.19 33.72
CA LEU T 24 -2.26 -13.07 33.92
C LEU T 24 -0.86 -13.56 34.24
N PRO T 25 0.16 -12.81 33.83
CA PRO T 25 1.53 -13.14 34.24
C PRO T 25 1.65 -13.05 35.75
N VAL T 26 2.44 -13.94 36.32
CA VAL T 26 2.61 -14.05 37.77
C VAL T 26 4.04 -13.66 38.13
N ASN T 27 4.16 -12.69 39.04
CA ASN T 27 5.46 -12.23 39.52
C ASN T 27 6.33 -11.72 38.36
N MET T 28 5.69 -11.10 37.37
CA MET T 28 6.38 -10.54 36.23
C MET T 28 5.89 -9.12 35.98
N LEU T 29 6.76 -8.30 35.39
CA LEU T 29 6.45 -6.91 35.09
C LEU T 29 6.85 -6.61 33.66
N ALA T 30 5.87 -6.51 32.78
CA ALA T 30 6.16 -6.18 31.38
C ALA T 30 6.78 -4.79 31.29
N THR T 31 7.84 -4.67 30.51
CA THR T 31 8.56 -3.41 30.35
C THR T 31 8.58 -3.02 28.89
N PRO T 32 7.92 -1.94 28.48
CA PRO T 32 7.87 -1.59 27.06
C PRO T 32 9.20 -1.03 26.55
N LYS T 33 10.14 -1.92 26.25
CA LYS T 33 11.46 -1.53 25.77
C LYS T 33 11.78 -2.33 24.52
N GLU T 34 12.36 -1.66 23.53
CA GLU T 34 12.64 -2.31 22.25
C GLU T 34 13.79 -3.30 22.37
N ILE T 35 13.45 -4.56 22.68
CA ILE T 35 14.43 -5.61 22.96
C ILE T 35 14.54 -6.53 21.75
N LEU T 36 15.77 -6.65 21.23
CA LEU T 36 16.08 -7.58 20.16
C LEU T 36 15.08 -7.50 19.01
N ASN T 37 14.24 -8.53 18.89
CA ASN T 37 13.24 -8.61 17.83
C ASN T 37 11.83 -8.36 18.34
N SER T 38 11.66 -7.96 19.60
CA SER T 38 10.34 -7.75 20.18
C SER T 38 10.27 -6.39 20.83
N SER T 39 9.04 -5.93 21.10
CA SER T 39 8.82 -4.60 21.63
C SER T 39 8.87 -4.52 23.15
N GLY T 40 9.01 -5.64 23.85
CA GLY T 40 9.04 -5.61 25.29
C GLY T 40 9.56 -6.91 25.87
N TYR T 41 10.06 -6.82 27.10
CA TYR T 41 10.61 -7.97 27.81
C TYR T 41 9.98 -8.09 29.19
N LEU T 42 9.67 -9.32 29.59
CA LEU T 42 9.12 -9.57 30.91
C LEU T 42 10.23 -9.62 31.94
N ARG T 43 10.02 -8.96 33.07
CA ARG T 43 11.01 -8.84 34.12
C ARG T 43 10.41 -9.32 35.44
N SER T 44 11.14 -10.18 36.15
CA SER T 44 10.65 -10.71 37.41
C SER T 44 10.57 -9.62 38.46
N PHE T 45 9.62 -9.76 39.37
CA PHE T 45 9.48 -8.80 40.46
C PHE T 45 10.74 -8.83 41.33
N PRO T 46 11.18 -7.69 41.85
CA PRO T 46 12.35 -7.70 42.73
C PRO T 46 12.09 -8.51 43.99
N GLY T 47 13.14 -9.18 44.47
CA GLY T 47 13.02 -9.99 45.66
C GLY T 47 13.02 -9.15 46.93
N ILE T 48 12.75 -9.82 48.03
CA ILE T 48 12.67 -9.19 49.34
C ILE T 48 13.74 -9.79 50.24
N THR T 49 14.52 -8.94 50.88
CA THR T 49 15.50 -9.37 51.88
C THR T 49 15.25 -8.63 53.18
N LYS T 50 15.42 -9.32 54.29
CA LYS T 50 15.08 -8.77 55.60
C LYS T 50 16.08 -7.69 55.99
N ARG T 51 15.61 -6.46 56.13
CA ARG T 51 16.50 -5.38 56.58
C ARG T 51 16.74 -5.46 58.08
N TYR T 52 15.66 -5.51 58.87
CA TYR T 52 15.78 -5.75 60.30
C TYR T 52 14.44 -6.24 60.83
N ASP T 53 14.45 -6.68 62.09
CA ASP T 53 13.26 -7.21 62.72
C ASP T 53 12.30 -6.09 63.09
N MET T 54 11.08 -6.48 63.46
CA MET T 54 10.07 -5.52 63.88
C MET T 54 9.05 -6.27 64.74
N ASN T 55 8.25 -5.49 65.48
CA ASN T 55 7.26 -6.05 66.38
C ASN T 55 5.94 -6.21 65.62
N GLY T 56 5.47 -7.45 65.51
CA GLY T 56 4.18 -7.72 64.91
C GLY T 56 4.18 -7.52 63.40
N VAL T 57 3.01 -7.74 62.81
CA VAL T 57 2.84 -7.61 61.37
C VAL T 57 2.70 -6.13 61.03
N SER T 58 2.85 -5.80 59.75
CA SER T 58 2.77 -4.40 59.31
C SER T 58 1.32 -3.98 59.14
N ARG T 59 1.01 -2.76 59.60
CA ARG T 59 -0.34 -2.24 59.53
C ARG T 59 -0.47 -0.93 58.77
N GLY T 60 0.62 -0.23 58.51
CA GLY T 60 0.56 1.00 57.76
C GLY T 60 1.94 1.57 57.50
N VAL T 61 2.00 2.47 56.54
CA VAL T 61 3.24 3.16 56.21
C VAL T 61 2.91 4.57 55.74
N GLU T 62 3.79 5.51 56.06
CA GLU T 62 3.64 6.89 55.61
C GLU T 62 5.01 7.55 55.64
N TYR T 63 5.36 8.23 54.56
CA TYR T 63 6.63 8.94 54.46
C TYR T 63 6.46 10.32 55.07
N ASN T 64 6.95 10.50 56.28
CA ASN T 64 6.80 11.77 56.98
C ASN T 64 7.67 12.81 56.31
N THR T 65 7.03 13.75 55.60
CA THR T 65 7.79 14.79 54.93
C THR T 65 8.45 15.75 55.91
N ALA T 66 7.82 15.99 57.06
CA ALA T 66 8.33 16.95 58.02
C ALA T 66 9.69 16.51 58.57
N GLN T 67 9.80 15.25 58.98
CA GLN T 67 11.04 14.74 59.55
C GLN T 67 11.94 14.07 58.52
N ASN T 68 11.50 13.98 57.27
CA ASN T 68 12.28 13.35 56.20
C ASN T 68 12.68 11.93 56.55
N ALA T 69 11.75 11.19 57.16
CA ALA T 69 11.96 9.78 57.47
C ALA T 69 10.61 9.09 57.44
N VAL T 70 10.65 7.78 57.25
CA VAL T 70 9.44 6.99 57.09
C VAL T 70 8.97 6.48 58.44
N TYR T 71 7.68 6.65 58.71
CA TYR T 71 7.06 6.17 59.95
C TYR T 71 6.22 4.94 59.60
N ARG T 72 6.54 3.81 60.22
CA ARG T 72 5.90 2.55 59.91
C ARG T 72 5.33 1.96 61.18
N VAL T 73 4.05 1.63 61.15
CA VAL T 73 3.35 1.09 62.32
C VAL T 73 3.19 -0.41 62.12
N CYS T 74 3.98 -1.18 62.86
CA CYS T 74 3.91 -2.63 62.85
C CYS T 74 3.47 -3.12 64.22
N GLY T 75 2.65 -4.17 64.23
CA GLY T 75 2.19 -4.75 65.47
C GLY T 75 1.53 -3.75 66.38
N GLY T 76 2.20 -3.40 67.47
CA GLY T 76 1.67 -2.45 68.42
C GLY T 76 2.68 -1.40 68.82
N LYS T 77 3.57 -1.03 67.90
CA LYS T 77 4.59 -0.01 68.17
C LYS T 77 4.76 0.84 66.92
N LEU T 78 4.72 2.17 67.08
CA LEU T 78 4.85 3.09 65.96
C LEU T 78 6.33 3.35 65.66
N TYR T 79 6.93 2.39 64.96
CA TYR T 79 8.32 2.49 64.55
C TYR T 79 8.54 3.63 63.56
N LYS T 80 9.49 4.51 63.89
CA LYS T 80 9.99 5.51 62.95
C LYS T 80 11.35 5.03 62.45
N GLY T 81 11.43 4.72 61.15
CA GLY T 81 12.67 4.18 60.65
C GLY T 81 12.92 2.81 61.24
N GLU T 82 13.87 2.73 62.17
CA GLU T 82 14.16 1.48 62.87
C GLU T 82 13.88 1.56 64.37
N SER T 83 13.84 2.75 64.95
CA SER T 83 13.69 2.92 66.40
C SER T 83 12.22 3.10 66.74
N GLU T 84 11.78 2.42 67.80
CA GLU T 84 10.40 2.53 68.26
C GLU T 84 10.17 3.89 68.91
N VAL T 85 9.08 4.55 68.51
CA VAL T 85 8.81 5.91 68.99
C VAL T 85 7.37 6.03 69.48
N GLY T 86 6.83 4.97 70.04
CA GLY T 86 5.51 5.08 70.64
C GLY T 86 4.78 3.76 70.76
N ASP T 87 3.70 3.78 71.52
CA ASP T 87 2.82 2.64 71.74
C ASP T 87 1.50 2.89 71.03
N VAL T 88 1.12 1.99 70.13
CA VAL T 88 -0.17 2.06 69.44
C VAL T 88 -0.97 0.81 69.77
N ALA T 89 -2.27 0.98 70.00
CA ALA T 89 -3.15 -0.13 70.33
C ALA T 89 -3.78 -0.72 69.06
N GLY T 90 -4.65 -1.69 69.25
CA GLY T 90 -5.40 -2.28 68.15
C GLY T 90 -4.61 -3.32 67.38
N SER T 91 -5.31 -3.92 66.41
CA SER T 91 -4.69 -4.92 65.54
C SER T 91 -5.01 -4.77 64.06
N GLY T 92 -6.03 -3.99 63.69
CA GLY T 92 -6.38 -3.82 62.29
C GLY T 92 -5.52 -2.78 61.61
N ARG T 93 -5.76 -2.63 60.31
CA ARG T 93 -5.05 -1.61 59.55
C ARG T 93 -5.44 -0.22 60.03
N VAL T 94 -4.45 0.67 60.10
CA VAL T 94 -4.62 2.02 60.61
C VAL T 94 -4.08 3.02 59.60
N SER T 95 -4.78 4.12 59.44
CA SER T 95 -4.40 5.17 58.49
C SER T 95 -3.69 6.30 59.24
N MET T 96 -2.59 6.78 58.66
CA MET T 96 -1.82 7.87 59.26
C MET T 96 -1.86 9.11 58.38
N ALA T 97 -1.63 10.26 59.02
CA ALA T 97 -1.55 11.54 58.31
C ALA T 97 -0.50 12.37 59.04
N HIS T 98 0.71 12.41 58.49
CA HIS T 98 1.81 13.08 59.15
C HIS T 98 1.60 14.59 59.17
N GLY T 99 2.16 15.24 60.19
CA GLY T 99 2.03 16.66 60.36
C GLY T 99 3.35 17.28 60.73
N ARG T 100 3.39 18.62 60.66
CA ARG T 100 4.64 19.33 60.89
C ARG T 100 5.04 19.33 62.36
N THR T 101 4.06 19.28 63.27
CA THR T 101 4.34 19.27 64.70
C THR T 101 3.91 18.00 65.39
N SER T 102 3.32 17.04 64.67
CA SER T 102 2.86 15.81 65.28
C SER T 102 2.59 14.78 64.19
N GLN T 103 2.96 13.54 64.48
CA GLN T 103 2.65 12.40 63.61
C GLN T 103 1.50 11.63 64.25
N ALA T 104 0.44 11.40 63.47
CA ALA T 104 -0.79 10.84 64.00
C ALA T 104 -1.16 9.55 63.29
N VAL T 105 -1.87 8.69 64.01
CA VAL T 105 -2.35 7.42 63.48
C VAL T 105 -3.76 7.15 63.97
N GLY T 106 -4.75 7.30 63.09
CA GLY T 106 -6.13 7.02 63.47
C GLY T 106 -6.33 5.56 63.78
N VAL T 107 -6.52 5.24 65.06
CA VAL T 107 -6.58 3.85 65.52
C VAL T 107 -7.72 3.71 66.52
N ASN T 108 -8.43 2.60 66.43
CA ASN T 108 -9.48 2.24 67.39
C ASN T 108 -10.56 3.31 67.49
N GLY T 109 -10.80 4.03 66.39
CA GLY T 109 -11.83 5.05 66.37
C GLY T 109 -11.44 6.38 66.97
N GLN T 110 -10.20 6.56 67.39
CA GLN T 110 -9.74 7.84 67.92
C GLN T 110 -8.46 8.25 67.21
N LEU T 111 -8.37 9.54 66.88
CA LEU T 111 -7.19 10.09 66.21
C LEU T 111 -6.14 10.36 67.28
N VAL T 112 -5.07 9.57 67.28
CA VAL T 112 -4.01 9.69 68.26
C VAL T 112 -2.82 10.39 67.61
N GLU T 113 -2.37 11.49 68.22
CA GLU T 113 -1.24 12.25 67.72
C GLU T 113 -0.01 11.93 68.54
N TYR T 114 1.06 11.51 67.88
CA TYR T 114 2.35 11.26 68.52
C TYR T 114 3.22 12.49 68.26
N ARG T 115 3.26 13.39 69.23
CA ARG T 115 4.02 14.63 69.07
C ARG T 115 5.50 14.32 68.93
N TYR T 116 6.22 15.21 68.25
CA TYR T 116 7.62 14.96 67.92
C TYR T 116 8.55 15.06 69.12
N ASP T 117 8.11 15.64 70.23
CA ASP T 117 8.94 15.73 71.42
C ASP T 117 8.72 14.59 72.40
N GLY T 118 7.82 13.65 72.09
CA GLY T 118 7.62 12.45 72.87
C GLY T 118 6.23 12.29 73.43
N THR T 119 5.55 13.40 73.73
CA THR T 119 4.24 13.31 74.35
C THR T 119 3.18 12.85 73.35
N VAL T 120 2.08 12.34 73.88
CA VAL T 120 0.98 11.80 73.08
C VAL T 120 -0.31 12.46 73.52
N LYS T 121 -1.08 12.98 72.56
CA LYS T 121 -2.38 13.58 72.83
C LYS T 121 -3.42 13.03 71.87
N THR T 122 -4.65 12.98 72.34
CA THR T 122 -5.78 12.42 71.59
C THR T 122 -6.82 13.51 71.36
N VAL T 123 -7.48 13.45 70.20
CA VAL T 123 -8.48 14.45 69.85
C VAL T 123 -9.71 14.30 70.73
N SER T 124 -10.14 15.42 71.32
CA SER T 124 -11.33 15.45 72.16
C SER T 124 -11.88 16.87 72.14
N ASN T 125 -13.12 17.01 72.60
CA ASN T 125 -13.77 18.31 72.64
C ASN T 125 -12.94 19.31 73.45
N TRP T 126 -13.16 20.59 73.16
CA TRP T 126 -12.59 21.63 73.99
C TRP T 126 -13.19 21.54 75.40
N PRO T 127 -12.46 21.99 76.42
CA PRO T 127 -13.03 21.95 77.77
C PRO T 127 -14.32 22.76 77.86
N ALA T 128 -15.24 22.27 78.69
CA ALA T 128 -16.54 22.92 78.79
C ALA T 128 -16.43 24.36 79.29
N ASP T 129 -15.55 24.60 80.25
CA ASP T 129 -15.36 25.95 80.77
C ASP T 129 -14.62 26.86 79.80
N SER T 130 -14.03 26.32 78.74
CA SER T 130 -13.32 27.15 77.78
C SER T 130 -14.26 28.12 77.07
N GLY T 131 -15.45 27.65 76.72
CA GLY T 131 -16.44 28.46 76.05
C GLY T 131 -16.57 28.23 74.56
N PHE T 132 -15.66 27.48 73.95
CA PHE T 132 -15.73 27.20 72.53
C PHE T 132 -16.80 26.16 72.25
N THR T 133 -17.15 26.04 70.96
CA THR T 133 -18.25 25.17 70.56
C THR T 133 -17.91 23.70 70.85
N GLN T 134 -18.91 22.96 71.32
CA GLN T 134 -18.76 21.54 71.64
C GLN T 134 -19.46 20.71 70.59
N TYR T 135 -18.78 19.69 70.08
CA TYR T 135 -19.28 18.83 69.03
C TYR T 135 -19.54 17.42 69.55
N GLU T 136 -19.95 16.55 68.63
CA GLU T 136 -20.17 15.12 68.91
C GLU T 136 -19.17 14.36 68.05
N LEU T 137 -18.02 14.04 68.63
CA LEU T 137 -16.90 13.52 67.84
C LEU T 137 -17.18 12.14 67.27
N GLY T 138 -17.70 11.23 68.10
CA GLY T 138 -17.91 9.89 67.60
C GLY T 138 -16.59 9.17 67.39
N SER T 139 -16.62 8.20 66.47
CA SER T 139 -15.47 7.35 66.19
C SER T 139 -14.78 7.80 64.91
N VAL T 140 -13.45 7.80 64.93
CA VAL T 140 -12.65 8.24 63.79
C VAL T 140 -12.46 7.06 62.85
N ARG T 141 -12.67 7.29 61.55
CA ARG T 141 -12.52 6.25 60.54
C ARG T 141 -11.26 6.44 59.70
N ASP T 142 -11.11 7.59 59.05
CA ASP T 142 -9.94 7.87 58.23
C ASP T 142 -9.53 9.32 58.44
N ILE T 143 -8.26 9.60 58.21
CA ILE T 143 -7.70 10.92 58.53
C ILE T 143 -6.86 11.43 57.37
N THR T 144 -6.62 12.74 57.38
CA THR T 144 -5.75 13.40 56.40
C THR T 144 -5.40 14.77 56.95
N ARG T 145 -4.39 15.39 56.34
CA ARG T 145 -3.93 16.71 56.75
C ARG T 145 -3.81 17.62 55.54
N LEU T 146 -4.17 18.89 55.73
CA LEU T 146 -4.09 19.89 54.67
C LEU T 146 -4.10 21.28 55.30
N ARG T 147 -3.04 22.05 55.07
CA ARG T 147 -2.89 23.41 55.59
C ARG T 147 -2.99 23.44 57.12
N GLY T 148 -2.24 22.57 57.77
CA GLY T 148 -2.13 22.61 59.22
C GLY T 148 -3.33 22.11 59.98
N ARG T 149 -4.24 21.39 59.34
CA ARG T 149 -5.42 20.88 59.99
C ARG T 149 -5.56 19.38 59.68
N TYR T 150 -6.06 18.64 60.66
CA TYR T 150 -6.33 17.22 60.50
C TYR T 150 -7.81 17.04 60.20
N ALA T 151 -8.11 16.37 59.09
CA ALA T 151 -9.48 16.13 58.67
C ALA T 151 -9.78 14.65 58.85
N TRP T 152 -10.79 14.35 59.65
CA TRP T 152 -11.20 12.98 59.89
C TRP T 152 -12.72 12.90 59.86
N SER T 153 -13.25 11.72 59.54
CA SER T 153 -14.67 11.53 59.35
C SER T 153 -15.23 10.68 60.47
N LYS T 154 -16.36 11.11 61.03
CA LYS T 154 -17.05 10.31 62.05
C LYS T 154 -17.49 8.99 61.45
N ASP T 155 -17.22 7.90 62.18
CA ASP T 155 -17.53 6.57 61.67
C ASP T 155 -19.03 6.37 61.56
N GLY T 156 -19.47 5.79 60.44
CA GLY T 156 -20.87 5.55 60.23
C GLY T 156 -21.70 6.79 59.99
N THR T 157 -21.07 7.89 59.61
CA THR T 157 -21.79 9.13 59.33
C THR T 157 -20.98 9.92 58.32
N ASP T 158 -21.67 10.79 57.59
CA ASP T 158 -21.06 11.57 56.51
C ASP T 158 -20.42 12.86 57.01
N SER T 159 -20.29 13.04 58.32
CA SER T 159 -19.70 14.26 58.86
C SER T 159 -18.20 14.09 59.05
N TRP T 160 -17.46 15.15 58.76
CA TRP T 160 -16.02 15.16 58.98
C TRP T 160 -15.63 16.48 59.63
N PHE T 161 -14.53 16.46 60.37
CA PHE T 161 -14.10 17.58 61.21
C PHE T 161 -12.72 18.07 60.78
N ILE T 162 -12.30 19.18 61.38
CA ILE T 162 -10.96 19.73 61.20
C ILE T 162 -10.48 20.27 62.53
N THR T 163 -9.19 20.10 62.81
CA THR T 163 -8.62 20.55 64.07
C THR T 163 -8.37 22.05 64.05
N ASP T 164 -8.15 22.61 65.24
CA ASP T 164 -7.82 24.01 65.37
C ASP T 164 -6.39 24.26 64.91
N LEU T 165 -6.13 25.51 64.49
CA LEU T 165 -4.78 25.88 64.07
C LEU T 165 -3.84 26.04 65.26
N GLU T 166 -4.32 26.67 66.33
CA GLU T 166 -3.45 26.94 67.48
C GLU T 166 -3.14 25.65 68.24
N ASP T 167 -4.17 24.99 68.77
CA ASP T 167 -4.02 23.74 69.49
C ASP T 167 -4.56 22.63 68.61
N GLU T 168 -3.67 21.77 68.12
CA GLU T 168 -4.06 20.75 67.16
C GLU T 168 -4.83 19.59 67.81
N SER T 169 -4.73 19.44 69.12
CA SER T 169 -5.40 18.32 69.78
C SER T 169 -6.91 18.42 69.66
N HIS T 170 -7.47 19.58 70.01
CA HIS T 170 -8.92 19.76 69.93
C HIS T 170 -9.33 20.18 68.52
N PRO T 171 -10.58 19.95 68.14
CA PRO T 171 -11.05 20.42 66.83
C PRO T 171 -11.14 21.95 66.77
N ASP T 172 -11.58 22.47 65.64
CA ASP T 172 -11.55 23.92 65.43
C ASP T 172 -12.47 24.62 66.44
N ARG T 173 -12.16 25.89 66.70
CA ARG T 173 -12.80 26.62 67.77
C ARG T 173 -14.30 26.79 67.53
N TYR T 174 -14.67 27.31 66.36
CA TYR T 174 -16.06 27.64 66.11
C TYR T 174 -16.68 26.84 64.96
N SER T 175 -15.94 26.61 63.88
CA SER T 175 -16.47 25.91 62.71
C SER T 175 -15.61 24.68 62.45
N ALA T 176 -16.05 23.53 62.95
CA ALA T 176 -15.34 22.28 62.76
C ALA T 176 -16.24 21.14 62.31
N GLN T 177 -17.49 21.42 61.96
CA GLN T 177 -18.44 20.41 61.52
C GLN T 177 -18.71 20.59 60.03
N TYR T 178 -18.55 19.53 59.26
CA TYR T 178 -18.78 19.58 57.82
C TYR T 178 -19.40 18.27 57.38
N ARG T 179 -20.25 18.35 56.36
CA ARG T 179 -21.02 17.20 55.92
C ARG T 179 -20.92 17.04 54.41
N ALA T 180 -20.78 15.79 53.97
CA ALA T 180 -20.89 15.46 52.56
C ALA T 180 -22.33 15.04 52.25
N GLU T 181 -23.20 16.04 52.26
CA GLU T 181 -24.64 15.81 52.26
C GLU T 181 -25.27 15.84 50.87
N SER T 182 -24.46 15.95 49.80
CA SER T 182 -25.03 15.97 48.46
C SER T 182 -25.84 14.72 48.17
N GLN T 183 -25.50 13.61 48.83
CA GLN T 183 -26.26 12.38 48.78
C GLN T 183 -26.30 11.81 50.18
N PRO T 184 -27.27 10.94 50.48
CA PRO T 184 -27.31 10.28 51.79
C PRO T 184 -26.31 9.13 51.91
N ASP T 185 -25.04 9.44 51.65
CA ASP T 185 -23.97 8.46 51.64
C ASP T 185 -23.00 8.74 52.78
N GLY T 186 -22.71 7.71 53.58
CA GLY T 186 -21.71 7.86 54.61
C GLY T 186 -20.31 7.93 54.03
N ILE T 187 -19.42 8.63 54.74
CA ILE T 187 -18.06 8.84 54.25
C ILE T 187 -17.27 7.58 54.57
N ILE T 188 -16.97 6.79 53.54
CA ILE T 188 -16.16 5.59 53.73
C ILE T 188 -14.70 5.95 53.98
N GLY T 189 -14.19 6.95 53.28
CA GLY T 189 -12.81 7.35 53.45
C GLY T 189 -12.61 8.81 53.10
N ILE T 190 -11.51 9.37 53.63
CA ILE T 190 -11.18 10.77 53.43
C ILE T 190 -9.72 10.86 52.98
N GLY T 191 -9.38 11.97 52.35
CA GLY T 191 -8.04 12.12 51.83
C GLY T 191 -7.80 13.54 51.35
N THR T 192 -6.63 13.75 50.78
CA THR T 192 -6.20 15.06 50.31
C THR T 192 -5.73 14.99 48.86
N TRP T 193 -6.46 15.65 47.95
CA TRP T 193 -6.03 15.84 46.58
C TRP T 193 -5.15 17.08 46.59
N ARG T 194 -4.98 17.75 45.44
CA ARG T 194 -4.03 18.84 45.28
C ARG T 194 -4.12 19.86 46.42
N ASP T 195 -5.27 20.52 46.56
CA ASP T 195 -5.54 21.33 47.75
C ASP T 195 -6.93 21.07 48.29
N PHE T 196 -7.60 20.03 47.83
CA PHE T 196 -8.97 19.72 48.22
C PHE T 196 -9.00 18.59 49.25
N ILE T 197 -9.95 18.67 50.18
CA ILE T 197 -10.27 17.56 51.06
C ILE T 197 -11.38 16.76 50.37
N VAL T 198 -11.01 15.62 49.80
CA VAL T 198 -12.00 14.74 49.22
C VAL T 198 -12.80 14.10 50.35
N CYS T 199 -13.97 13.55 50.01
CA CYS T 199 -14.76 12.79 50.98
C CYS T 199 -15.37 11.62 50.22
N PHE T 200 -14.69 10.47 50.27
CA PHE T 200 -15.16 9.30 49.54
C PHE T 200 -16.36 8.69 50.22
N GLY T 201 -17.55 9.05 49.76
CA GLY T 201 -18.76 8.52 50.32
C GLY T 201 -18.98 7.07 49.87
N SER T 202 -20.06 6.49 50.39
CA SER T 202 -20.42 5.14 49.96
C SER T 202 -21.02 5.12 48.56
N SER T 203 -21.44 6.28 48.04
CA SER T 203 -21.93 6.35 46.68
C SER T 203 -21.47 7.57 45.89
N THR T 204 -20.76 8.52 46.50
CA THR T 204 -20.33 9.72 45.81
C THR T 204 -18.94 10.12 46.29
N ILE T 205 -18.31 11.02 45.52
CA ILE T 205 -17.01 11.58 45.87
C ILE T 205 -17.14 13.10 45.75
N GLU T 206 -16.86 13.81 46.84
CA GLU T 206 -16.95 15.25 46.87
C GLU T 206 -15.59 15.89 47.11
N TYR T 207 -15.44 17.11 46.62
CA TYR T 207 -14.22 17.88 46.78
C TYR T 207 -14.52 19.15 47.56
N PHE T 208 -13.73 19.40 48.61
CA PHE T 208 -13.90 20.55 49.48
C PHE T 208 -12.68 21.46 49.36
N SER T 209 -12.90 22.77 49.43
CA SER T 209 -11.83 23.74 49.30
C SER T 209 -12.01 24.84 50.33
N LEU T 210 -10.89 25.43 50.74
CA LEU T 210 -10.96 26.54 51.70
C LEU T 210 -11.63 27.74 51.07
N THR T 211 -12.53 28.37 51.82
CA THR T 211 -13.16 29.60 51.35
C THR T 211 -12.44 30.85 51.83
N GLY T 212 -11.53 30.73 52.78
CA GLY T 212 -10.79 31.87 53.26
C GLY T 212 -11.59 32.80 54.14
N ALA T 213 -12.68 32.33 54.73
CA ALA T 213 -13.49 33.18 55.59
C ALA T 213 -12.74 33.52 56.87
N THR T 214 -13.00 34.74 57.37
CA THR T 214 -12.33 35.25 58.56
C THR T 214 -13.24 35.36 59.77
N THR T 215 -14.52 35.68 59.57
CA THR T 215 -15.44 35.83 60.69
C THR T 215 -15.64 34.48 61.40
N ALA T 216 -15.79 34.55 62.72
CA ALA T 216 -15.99 33.32 63.50
C ALA T 216 -17.32 32.68 63.16
N GLY T 217 -17.32 31.35 63.05
CA GLY T 217 -18.51 30.60 62.75
C GLY T 217 -18.77 30.35 61.28
N ALA T 218 -18.01 30.99 60.39
CA ALA T 218 -18.18 30.78 58.97
C ALA T 218 -17.52 29.48 58.54
N ALA T 219 -18.18 28.76 57.63
CA ALA T 219 -17.66 27.48 57.16
C ALA T 219 -16.36 27.69 56.39
N LEU T 220 -15.27 27.15 56.93
CA LEU T 220 -13.97 27.29 56.28
C LEU T 220 -13.93 26.59 54.93
N TYR T 221 -14.53 25.41 54.85
CA TYR T 221 -14.52 24.60 53.64
C TYR T 221 -15.90 24.62 53.00
N VAL T 222 -15.93 24.80 51.68
CA VAL T 222 -17.17 24.82 50.92
C VAL T 222 -17.09 23.78 49.81
N ALA T 223 -18.20 23.09 49.58
CA ALA T 223 -18.21 22.02 48.58
C ALA T 223 -17.96 22.57 47.18
N GLN T 224 -17.31 21.75 46.36
CA GLN T 224 -17.07 22.07 44.96
C GLN T 224 -17.88 21.09 44.10
N PRO T 225 -19.14 21.40 43.80
CA PRO T 225 -19.97 20.44 43.04
C PRO T 225 -19.40 20.08 41.68
N SER T 226 -18.70 21.00 41.02
CA SER T 226 -18.25 20.76 39.65
C SER T 226 -17.25 19.62 39.55
N LEU T 227 -16.59 19.27 40.65
CA LEU T 227 -15.60 18.19 40.65
C LEU T 227 -16.14 16.88 41.19
N MET T 228 -17.44 16.80 41.48
CA MET T 228 -18.02 15.59 42.05
C MET T 228 -17.85 14.41 41.10
N VAL T 229 -17.56 13.24 41.67
CA VAL T 229 -17.46 12.00 40.92
C VAL T 229 -18.52 11.04 41.44
N GLN T 230 -19.34 10.52 40.53
CA GLN T 230 -20.47 9.68 40.92
C GLN T 230 -20.08 8.22 41.06
N LYS T 231 -19.03 7.95 41.82
CA LYS T 231 -18.63 6.60 42.21
C LYS T 231 -18.23 6.63 43.67
N SER T 232 -17.63 5.55 44.14
CA SER T 232 -17.31 5.45 45.56
C SER T 232 -16.16 4.48 45.75
N ILE T 233 -15.68 4.40 46.98
CA ILE T 233 -14.67 3.42 47.37
C ILE T 233 -15.36 2.30 48.13
N ALA T 234 -14.95 1.07 47.84
CA ALA T 234 -15.59 -0.09 48.46
C ALA T 234 -15.34 -0.12 49.96
N GLY T 235 -14.10 0.05 50.38
CA GLY T 235 -13.74 0.00 51.78
C GLY T 235 -12.91 1.21 52.18
N THR T 236 -12.60 1.26 53.49
CA THR T 236 -11.93 2.43 54.04
C THR T 236 -10.56 2.63 53.43
N TYR T 237 -9.88 1.54 53.03
CA TYR T 237 -8.52 1.62 52.53
C TYR T 237 -8.40 1.19 51.08
N CYS T 238 -9.48 1.30 50.30
CA CYS T 238 -9.45 0.97 48.88
C CYS T 238 -9.18 2.18 48.00
N LYS T 239 -8.34 3.11 48.48
CA LYS T 239 -7.98 4.29 47.73
C LYS T 239 -6.49 4.56 47.90
N THR T 240 -5.91 5.26 46.92
CA THR T 240 -4.51 5.65 47.00
C THR T 240 -4.16 6.63 45.90
N PRO T 241 -3.24 7.57 46.13
CA PRO T 241 -2.77 8.43 45.04
C PRO T 241 -2.15 7.60 43.93
N PHE T 242 -2.41 8.01 42.69
CA PHE T 242 -1.87 7.31 41.52
C PHE T 242 -1.97 8.23 40.32
N ALA T 243 -0.81 8.63 39.78
CA ALA T 243 -0.73 9.49 38.61
C ALA T 243 -1.50 10.79 38.83
N ASP T 244 -1.10 11.50 39.88
CA ASP T 244 -1.66 12.81 40.21
C ASP T 244 -3.18 12.75 40.38
N SER T 245 -3.67 11.66 40.94
CA SER T 245 -5.09 11.46 41.21
C SER T 245 -5.23 10.25 42.11
N TYR T 246 -6.46 9.97 42.54
CA TYR T 246 -6.77 8.81 43.35
C TYR T 246 -7.45 7.73 42.51
N ALA T 247 -6.87 6.53 42.53
CA ALA T 247 -7.52 5.33 42.06
C ALA T 247 -8.23 4.65 43.22
N PHE T 248 -9.22 3.82 42.90
CA PHE T 248 -10.00 3.18 43.95
C PHE T 248 -10.69 1.94 43.39
N ILE T 249 -11.61 1.39 44.18
CA ILE T 249 -12.42 0.24 43.79
C ILE T 249 -13.88 0.62 44.05
N SER T 250 -14.69 0.60 43.00
CA SER T 250 -16.07 1.05 43.11
C SER T 250 -16.83 0.28 44.18
N HIS T 251 -17.65 1.00 44.94
CA HIS T 251 -18.46 0.38 45.97
C HIS T 251 -19.63 -0.37 45.31
N PRO T 252 -20.08 -1.48 45.90
CA PRO T 252 -21.13 -2.27 45.25
C PRO T 252 -22.42 -1.51 44.99
N ALA T 253 -22.66 -0.40 45.70
CA ALA T 253 -23.89 0.37 45.49
C ALA T 253 -24.05 0.79 44.04
N THR T 254 -23.01 1.43 43.48
CA THR T 254 -23.07 1.87 42.10
C THR T 254 -23.12 0.71 41.11
N GLY T 255 -22.84 -0.51 41.54
CA GLY T 255 -22.79 -1.64 40.62
C GLY T 255 -21.64 -2.56 40.92
N ALA T 256 -21.46 -3.59 40.09
CA ALA T 256 -20.35 -4.53 40.22
C ALA T 256 -19.04 -3.77 40.45
N PRO T 257 -18.26 -4.16 41.45
CA PRO T 257 -17.03 -3.42 41.75
C PRO T 257 -16.03 -3.50 40.62
N SER T 258 -15.28 -2.42 40.43
CA SER T 258 -14.28 -2.33 39.39
C SER T 258 -13.30 -1.23 39.75
N VAL T 259 -12.04 -1.42 39.38
CA VAL T 259 -11.00 -0.42 39.62
C VAL T 259 -11.34 0.83 38.82
N TYR T 260 -10.82 1.98 39.23
CA TYR T 260 -11.16 3.24 38.60
C TYR T 260 -10.04 4.24 38.86
N ILE T 261 -9.98 5.27 38.03
CA ILE T 261 -9.12 6.42 38.27
C ILE T 261 -9.95 7.68 38.07
N ILE T 262 -9.88 8.59 39.04
CA ILE T 262 -10.60 9.86 38.95
C ILE T 262 -9.90 10.75 37.93
N GLY T 263 -10.67 11.26 36.97
CA GLY T 263 -10.14 12.23 36.04
C GLY T 263 -11.11 13.34 35.72
N SER T 264 -10.74 14.58 36.04
CA SER T 264 -11.54 15.78 35.76
C SER T 264 -12.99 15.59 36.18
N GLY T 265 -13.17 15.09 37.40
CA GLY T 265 -14.51 14.82 37.89
C GLY T 265 -15.24 13.73 37.14
N GLN T 266 -14.55 12.65 36.82
CA GLN T 266 -15.14 11.53 36.12
C GLN T 266 -14.29 10.29 36.36
N ALA T 267 -14.96 9.13 36.47
CA ALA T 267 -14.29 7.87 36.77
C ALA T 267 -14.13 7.07 35.49
N SER T 268 -12.89 6.68 35.18
CA SER T 268 -12.60 5.91 33.98
C SER T 268 -12.07 4.54 34.37
N PRO T 269 -12.67 3.46 33.86
CA PRO T 269 -12.23 2.12 34.25
C PRO T 269 -10.86 1.78 33.71
N ILE T 270 -10.10 1.04 34.50
CA ILE T 270 -8.78 0.55 34.10
C ILE T 270 -8.67 -0.94 34.40
N ALA T 271 -9.78 -1.57 34.71
CA ALA T 271 -9.82 -2.99 35.05
C ALA T 271 -10.40 -3.78 33.90
N THR T 272 -9.66 -4.79 33.45
CA THR T 272 -10.14 -5.65 32.38
C THR T 272 -11.29 -6.52 32.88
N ALA T 273 -11.83 -7.34 31.99
CA ALA T 273 -12.92 -8.24 32.39
C ALA T 273 -12.47 -9.23 33.44
N SER T 274 -11.27 -9.80 33.29
CA SER T 274 -10.78 -10.79 34.23
C SER T 274 -10.57 -10.19 35.62
N ILE T 275 -10.01 -8.98 35.68
CA ILE T 275 -9.80 -8.32 36.97
C ILE T 275 -11.13 -8.06 37.65
N GLU T 276 -12.12 -7.59 36.89
CA GLU T 276 -13.42 -7.31 37.49
C GLU T 276 -14.12 -8.58 37.94
N LYS T 277 -13.96 -9.69 37.21
CA LYS T 277 -14.51 -10.96 37.69
C LYS T 277 -13.81 -11.41 38.97
N ILE T 278 -12.49 -11.27 39.04
CA ILE T 278 -11.75 -11.67 40.23
C ILE T 278 -12.20 -10.83 41.43
N ILE T 279 -12.36 -9.52 41.22
CA ILE T 279 -12.82 -8.65 42.30
C ILE T 279 -14.23 -9.01 42.73
N ARG T 280 -15.12 -9.27 41.76
CA ARG T 280 -16.48 -9.68 42.06
C ARG T 280 -16.55 -11.03 42.75
N SER T 281 -15.51 -11.84 42.63
CA SER T 281 -15.51 -13.16 43.27
C SER T 281 -15.47 -13.08 44.78
N TYR T 282 -15.22 -11.91 45.35
CA TYR T 282 -15.10 -11.76 46.81
C TYR T 282 -16.44 -11.32 47.39
N THR T 283 -16.65 -11.67 48.65
CA THR T 283 -17.83 -11.19 49.36
C THR T 283 -17.59 -9.76 49.84
N ALA T 284 -18.67 -9.13 50.33
CA ALA T 284 -18.61 -7.71 50.66
C ALA T 284 -17.61 -7.43 51.76
N GLU T 285 -17.70 -8.15 52.88
CA GLU T 285 -16.81 -7.89 54.01
C GLU T 285 -15.36 -8.24 53.68
N GLU T 286 -15.13 -9.34 52.96
CA GLU T 286 -13.77 -9.70 52.57
C GLU T 286 -13.16 -8.64 51.67
N MET T 287 -13.92 -8.18 50.68
CA MET T 287 -13.40 -7.18 49.75
C MET T 287 -13.25 -5.81 50.39
N ALA T 288 -14.02 -5.53 51.45
CA ALA T 288 -13.88 -4.24 52.14
C ALA T 288 -12.53 -4.13 52.82
N THR T 289 -12.02 -5.24 53.36
CA THR T 289 -10.73 -5.22 54.05
C THR T 289 -9.55 -5.05 53.10
N GLY T 290 -9.78 -5.12 51.80
CA GLY T 290 -8.68 -4.95 50.86
C GLY T 290 -8.11 -3.55 50.91
N VAL T 291 -6.79 -3.46 50.69
CA VAL T 291 -6.07 -2.21 50.71
C VAL T 291 -5.25 -2.11 49.44
N MET T 292 -5.17 -0.91 48.87
CA MET T 292 -4.41 -0.67 47.65
C MET T 292 -3.47 0.50 47.86
N GLU T 293 -2.36 0.49 47.12
CA GLU T 293 -1.32 1.48 47.29
C GLU T 293 -0.53 1.61 45.99
N THR T 294 0.36 2.60 45.96
CA THR T 294 1.17 2.89 44.79
C THR T 294 2.64 2.62 45.08
N LEU T 295 3.32 2.03 44.11
CA LEU T 295 4.75 1.76 44.19
C LEU T 295 5.36 2.13 42.85
N ARG T 296 6.53 2.77 42.89
CA ARG T 296 7.15 3.28 41.68
C ARG T 296 8.64 3.00 41.70
N PHE T 297 9.14 2.38 40.62
CA PHE T 297 10.57 2.14 40.48
C PHE T 297 10.87 1.87 39.01
N ASP T 298 12.16 1.97 38.67
CA ASP T 298 12.64 1.76 37.31
C ASP T 298 11.90 2.67 36.32
N SER T 299 10.94 2.13 35.59
CA SER T 299 10.07 2.95 34.77
C SER T 299 8.60 2.72 35.06
N HIS T 300 8.26 1.76 35.92
CA HIS T 300 6.89 1.33 36.10
C HIS T 300 6.15 2.27 37.06
N GLU T 301 4.83 2.27 36.95
CA GLU T 301 3.94 2.99 37.85
C GLU T 301 2.94 1.97 38.40
N LEU T 302 3.34 1.25 39.43
CA LEU T 302 2.51 0.17 39.93
C LEU T 302 1.34 0.72 40.74
N LEU T 303 0.24 -0.04 40.75
CA LEU T 303 -0.91 0.23 41.61
C LEU T 303 -1.25 -1.12 42.24
N ILE T 304 -0.64 -1.41 43.38
CA ILE T 304 -0.76 -2.72 44.00
C ILE T 304 -2.05 -2.78 44.79
N ILE T 305 -2.83 -3.83 44.58
CA ILE T 305 -4.08 -4.05 45.30
C ILE T 305 -3.92 -5.29 46.16
N HIS T 306 -4.13 -5.14 47.47
CA HIS T 306 -3.94 -6.24 48.42
C HIS T 306 -5.30 -6.80 48.78
N LEU T 307 -5.80 -7.68 47.91
CA LEU T 307 -7.04 -8.39 48.18
C LEU T 307 -6.75 -9.60 49.07
N PRO T 308 -7.78 -10.12 49.76
CA PRO T 308 -7.51 -11.18 50.75
C PRO T 308 -6.83 -12.42 50.18
N ARG T 309 -7.17 -12.82 48.94
CA ARG T 309 -6.59 -14.00 48.34
C ARG T 309 -5.90 -13.72 47.01
N HIS T 310 -5.79 -12.45 46.62
CA HIS T 310 -5.07 -12.06 45.42
C HIS T 310 -4.33 -10.76 45.67
N VAL T 311 -3.25 -10.56 44.92
CA VAL T 311 -2.48 -9.31 44.96
C VAL T 311 -2.33 -8.85 43.52
N LEU T 312 -3.26 -8.03 43.06
CA LEU T 312 -3.25 -7.53 41.70
C LEU T 312 -2.35 -6.29 41.61
N VAL T 313 -1.67 -6.15 40.48
CA VAL T 313 -0.77 -5.04 40.25
C VAL T 313 -1.05 -4.45 38.86
N TYR T 314 -1.26 -3.14 38.82
CA TYR T 314 -1.48 -2.43 37.57
C TYR T 314 -0.23 -1.64 37.23
N ASP T 315 0.35 -1.92 36.08
CA ASP T 315 1.59 -1.28 35.64
C ASP T 315 1.23 -0.23 34.60
N ALA T 316 1.17 1.04 35.02
CA ALA T 316 0.67 2.09 34.15
C ALA T 316 1.56 2.29 32.93
N SER T 317 2.88 2.26 33.12
CA SER T 317 3.79 2.50 32.00
C SER T 317 3.73 1.39 30.96
N SER T 318 3.23 0.21 31.31
CA SER T 318 3.15 -0.91 30.38
C SER T 318 1.75 -1.09 29.81
N SER T 319 0.89 -0.08 29.90
CA SER T 319 -0.48 -0.17 29.41
C SER T 319 -0.64 0.42 28.01
N GLN T 320 0.39 0.31 27.17
CA GLN T 320 0.30 0.86 25.83
C GLN T 320 -0.77 0.15 25.01
N ASN T 321 -0.82 -1.17 25.08
CA ASN T 321 -1.77 -1.96 24.31
C ASN T 321 -3.04 -2.29 25.08
N GLY T 322 -3.20 -1.75 26.29
CA GLY T 322 -4.33 -2.04 27.12
C GLY T 322 -3.89 -2.24 28.55
N PRO T 323 -4.85 -2.36 29.48
CA PRO T 323 -4.48 -2.53 30.89
C PRO T 323 -3.64 -3.79 31.07
N GLN T 324 -2.64 -3.69 31.93
CA GLN T 324 -1.68 -4.76 32.17
C GLN T 324 -1.68 -5.08 33.66
N TRP T 325 -2.19 -6.25 34.02
CA TRP T 325 -2.28 -6.68 35.40
C TRP T 325 -1.48 -7.97 35.60
N CYS T 326 -0.68 -8.00 36.66
CA CYS T 326 0.07 -9.18 37.02
C CYS T 326 -0.27 -9.58 38.46
N VAL T 327 -0.49 -10.87 38.67
CA VAL T 327 -0.88 -11.39 39.96
C VAL T 327 0.37 -11.84 40.71
N LEU T 328 0.76 -11.08 41.73
CA LEU T 328 1.87 -11.46 42.57
C LEU T 328 1.45 -12.53 43.57
N LYS T 329 2.39 -13.38 43.93
CA LYS T 329 2.12 -14.47 44.87
C LYS T 329 3.41 -14.86 45.57
N THR T 330 3.25 -15.47 46.74
CA THR T 330 4.37 -15.95 47.54
C THR T 330 4.24 -17.45 47.75
N GLY T 331 5.35 -18.16 47.61
CA GLY T 331 5.35 -19.59 47.78
C GLY T 331 4.97 -20.33 46.51
N LEU T 332 5.10 -21.64 46.57
CA LEU T 332 4.89 -22.47 45.39
C LEU T 332 3.42 -22.53 45.01
N TYR T 333 2.53 -22.61 46.00
CA TYR T 333 1.10 -22.68 45.77
C TYR T 333 0.50 -21.27 45.80
N ASP T 334 -0.83 -21.19 45.86
CA ASP T 334 -1.56 -19.97 45.60
C ASP T 334 -1.60 -19.00 46.78
N ASP T 335 -0.66 -19.09 47.72
CA ASP T 335 -0.64 -18.19 48.85
C ASP T 335 -0.57 -16.73 48.39
N VAL T 336 -0.93 -15.84 49.30
CA VAL T 336 -1.00 -14.41 49.02
C VAL T 336 0.37 -13.79 49.23
N TYR T 337 0.67 -12.76 48.43
CA TYR T 337 1.96 -12.09 48.52
C TYR T 337 2.18 -11.53 49.92
N ARG T 338 3.36 -11.82 50.48
CA ARG T 338 3.65 -11.40 51.84
C ARG T 338 3.96 -9.91 51.92
N GLY T 339 4.64 -9.36 50.91
CA GLY T 339 5.01 -7.96 50.96
C GLY T 339 3.78 -7.07 51.01
N VAL T 340 3.86 -6.05 51.86
CA VAL T 340 2.75 -5.12 52.06
C VAL T 340 3.31 -3.80 52.54
N ASP T 341 2.61 -2.71 52.17
CA ASP T 341 2.97 -1.35 52.59
C ASP T 341 4.36 -0.97 52.08
N PHE T 342 4.50 -0.96 50.76
CA PHE T 342 5.75 -0.56 50.13
C PHE T 342 5.94 0.94 50.22
N MET T 343 7.16 1.36 50.57
CA MET T 343 7.51 2.77 50.60
C MET T 343 8.99 2.90 50.25
N TYR T 344 9.31 3.93 49.47
CA TYR T 344 10.68 4.18 49.03
C TYR T 344 11.33 5.19 49.96
N GLU T 345 12.37 4.76 50.67
CA GLU T 345 13.10 5.62 51.58
C GLU T 345 14.58 5.60 51.22
N GLY T 346 15.22 6.77 51.28
CA GLY T 346 16.65 6.85 51.06
C GLY T 346 17.08 6.34 49.71
N ASN T 347 17.71 5.16 49.72
CA ASN T 347 18.23 4.54 48.50
C ASN T 347 17.36 3.41 47.98
N GLN T 348 16.81 2.58 48.87
CA GLN T 348 16.13 1.36 48.45
C GLN T 348 14.76 1.25 49.11
N ILE T 349 13.84 0.59 48.41
CA ILE T 349 12.47 0.43 48.90
C ILE T 349 12.46 -0.49 50.10
N THR T 350 11.48 -0.29 50.98
CA THR T 350 11.25 -1.16 52.12
C THR T 350 9.79 -1.57 52.17
N CYS T 351 9.54 -2.82 52.53
CA CYS T 351 8.19 -3.36 52.55
C CYS T 351 7.96 -4.13 53.85
N GLY T 352 6.73 -4.07 54.34
CA GLY T 352 6.33 -4.85 55.49
C GLY T 352 6.01 -6.29 55.11
N ASP T 353 5.57 -7.05 56.10
CA ASP T 353 5.21 -8.45 55.89
C ASP T 353 3.82 -8.71 56.49
N LYS T 354 3.01 -9.47 55.76
CA LYS T 354 1.66 -9.79 56.23
C LYS T 354 1.67 -10.85 57.31
N SER T 355 2.57 -11.83 57.24
CA SER T 355 2.59 -12.95 58.17
C SER T 355 3.64 -12.80 59.25
N GLU T 356 4.91 -12.66 58.87
CA GLU T 356 5.98 -12.57 59.84
C GLU T 356 6.10 -11.16 60.40
N ALA T 357 6.81 -11.05 61.51
CA ALA T 357 7.05 -9.75 62.15
C ALA T 357 8.42 -9.23 61.74
N VAL T 358 8.54 -8.89 60.46
CA VAL T 358 9.78 -8.39 59.88
C VAL T 358 9.45 -7.28 58.89
N VAL T 359 10.49 -6.57 58.47
CA VAL T 359 10.39 -5.60 57.39
C VAL T 359 11.44 -5.95 56.35
N GLY T 360 11.04 -5.99 55.09
CA GLY T 360 11.94 -6.36 54.00
C GLY T 360 12.21 -5.19 53.08
N GLN T 361 13.43 -5.14 52.55
CA GLN T 361 13.81 -4.13 51.58
C GLN T 361 13.95 -4.81 50.22
N LEU T 362 13.36 -4.20 49.20
CA LEU T 362 13.41 -4.77 47.86
C LEU T 362 14.84 -4.80 47.35
N GLN T 363 15.27 -5.95 46.86
CA GLN T 363 16.59 -6.12 46.26
C GLN T 363 16.39 -6.58 44.82
N PHE T 364 17.07 -5.90 43.90
CA PHE T 364 16.77 -6.08 42.48
C PHE T 364 17.58 -7.19 41.83
N ASP T 365 18.68 -7.62 42.43
CA ASP T 365 19.51 -8.66 41.84
C ASP T 365 19.10 -10.07 42.23
N ILE T 366 18.03 -10.22 43.02
CA ILE T 366 17.47 -11.52 43.37
C ILE T 366 15.96 -11.45 43.28
N SER T 367 15.34 -12.63 43.21
CA SER T 367 13.89 -12.75 43.27
C SER T 367 13.41 -13.52 44.49
N SER T 368 14.31 -14.09 45.28
CA SER T 368 13.91 -14.80 46.48
C SER T 368 13.37 -13.82 47.52
N GLN T 369 12.38 -14.28 48.28
CA GLN T 369 11.73 -13.46 49.30
C GLN T 369 12.08 -14.05 50.67
N TYR T 370 12.87 -13.31 51.45
CA TYR T 370 13.33 -13.77 52.75
C TYR T 370 14.06 -15.11 52.64
N ASP T 371 14.88 -15.23 51.59
CA ASP T 371 15.68 -16.43 51.32
C ASP T 371 14.79 -17.66 51.14
N LYS T 372 13.83 -17.54 50.21
CA LYS T 372 12.95 -18.63 49.86
C LYS T 372 12.72 -18.61 48.36
N GLN T 373 12.47 -19.77 47.78
CA GLN T 373 12.16 -19.83 46.36
C GLN T 373 10.76 -19.28 46.11
N GLN T 374 10.56 -18.77 44.89
CA GLN T 374 9.28 -18.22 44.46
C GLN T 374 9.01 -18.66 43.03
N GLU T 375 7.75 -18.55 42.63
CA GLU T 375 7.25 -19.06 41.36
C GLU T 375 6.93 -17.91 40.43
N HIS T 376 7.45 -17.97 39.21
CA HIS T 376 7.14 -17.01 38.16
C HIS T 376 6.47 -17.72 37.00
N LEU T 377 5.30 -17.23 36.60
CA LEU T 377 4.51 -17.84 35.55
C LEU T 377 4.38 -16.90 34.35
N LEU T 378 4.28 -17.49 33.17
CA LEU T 378 4.05 -16.73 31.95
C LEU T 378 3.20 -17.58 31.01
N PHE T 379 2.04 -17.05 30.63
CA PHE T 379 1.11 -17.75 29.76
C PHE T 379 1.02 -17.04 28.43
N THR T 380 1.12 -17.81 27.35
CA THR T 380 0.88 -17.26 26.02
C THR T 380 -0.59 -17.44 25.64
N PRO T 381 -1.15 -16.51 24.87
CA PRO T 381 -2.58 -16.60 24.56
C PRO T 381 -2.89 -17.76 23.63
N LEU T 382 -4.12 -18.27 23.75
CA LEU T 382 -4.57 -19.34 22.88
C LEU T 382 -4.68 -18.83 21.45
N PHE T 383 -4.12 -19.60 20.52
CA PHE T 383 -4.22 -19.28 19.10
C PHE T 383 -4.55 -20.55 18.34
N LYS T 384 -5.40 -20.40 17.32
CA LYS T 384 -5.94 -21.54 16.59
C LYS T 384 -5.06 -21.85 15.39
N ALA T 385 -4.40 -23.01 15.42
CA ALA T 385 -3.71 -23.57 14.27
C ALA T 385 -4.23 -24.97 14.05
N ASP T 386 -4.62 -25.27 12.81
CA ASP T 386 -5.18 -26.58 12.48
C ASP T 386 -4.17 -27.40 11.68
N ASN T 387 -3.87 -28.60 12.17
CA ASN T 387 -3.01 -29.56 11.48
C ASN T 387 -1.62 -28.99 11.22
N ALA T 388 -1.19 -28.05 12.06
CA ALA T 388 0.12 -27.42 11.92
C ALA T 388 1.12 -28.08 12.86
N ARG T 389 2.40 -27.82 12.61
CA ARG T 389 3.47 -28.33 13.43
C ARG T 389 4.33 -27.18 13.94
N CYS T 390 4.85 -27.33 15.15
CA CYS T 390 5.77 -26.35 15.73
C CYS T 390 7.01 -27.07 16.21
N PHE T 391 8.18 -26.59 15.81
CA PHE T 391 9.43 -27.22 16.22
C PHE T 391 10.28 -26.31 17.08
N ASP T 392 10.70 -25.16 16.59
CA ASP T 392 11.55 -24.27 17.36
C ASP T 392 10.69 -23.40 18.26
N LEU T 393 10.99 -23.39 19.55
CA LEU T 393 10.32 -22.53 20.51
C LEU T 393 11.41 -21.90 21.36
N GLU T 394 11.77 -20.66 21.06
CA GLU T 394 12.88 -19.98 21.72
C GLU T 394 12.36 -18.74 22.44
N VAL T 395 12.77 -18.60 23.70
CA VAL T 395 12.53 -17.38 24.47
C VAL T 395 13.88 -16.84 24.92
N GLU T 396 14.13 -15.56 24.67
CA GLU T 396 15.38 -14.95 25.05
C GLU T 396 15.40 -14.69 26.54
N SER T 397 16.39 -15.23 27.23
CA SER T 397 16.53 -15.04 28.67
C SER T 397 17.86 -14.36 28.95
N SER T 398 17.83 -13.43 29.91
CA SER T 398 19.04 -12.68 30.30
C SER T 398 19.80 -13.52 31.31
N THR T 399 20.47 -14.55 30.79
CA THR T 399 21.25 -15.44 31.64
C THR T 399 22.39 -14.69 32.28
N GLY T 400 22.66 -14.96 33.55
CA GLY T 400 23.58 -14.16 34.31
C GLY T 400 23.59 -14.51 35.78
N VAL T 401 23.49 -13.50 36.63
CA VAL T 401 23.57 -13.71 38.08
C VAL T 401 22.55 -14.76 38.51
N ALA T 402 23.02 -15.73 39.30
CA ALA T 402 22.20 -16.83 39.78
C ALA T 402 23.00 -17.68 40.75
N GLN T 403 22.31 -18.56 41.48
CA GLN T 403 22.94 -19.50 42.40
C GLN T 403 23.00 -20.92 41.85
N TYR T 404 22.08 -21.28 40.96
CA TYR T 404 22.12 -22.57 40.28
C TYR T 404 21.48 -22.36 38.92
N ALA T 405 21.73 -23.29 38.01
CA ALA T 405 21.16 -23.22 36.67
C ALA T 405 19.68 -23.56 36.69
N ASP T 406 18.89 -22.74 37.37
CA ASP T 406 17.48 -23.02 37.63
C ASP T 406 16.68 -23.23 36.35
N ARG T 407 16.20 -24.45 36.15
CA ARG T 407 15.48 -24.79 34.93
C ARG T 407 14.02 -24.37 35.02
N LEU T 408 13.40 -24.16 33.87
CA LEU T 408 12.00 -23.75 33.78
C LEU T 408 11.17 -24.92 33.28
N PHE T 409 9.94 -25.01 33.78
CA PHE T 409 8.99 -26.03 33.34
C PHE T 409 8.14 -25.44 32.21
N LEU T 410 8.26 -26.01 31.02
CA LEU T 410 7.55 -25.55 29.84
C LEU T 410 6.49 -26.59 29.48
N SER T 411 5.23 -26.18 29.48
CA SER T 411 4.13 -27.08 29.17
C SER T 411 3.14 -26.38 28.25
N ALA T 412 2.42 -27.20 27.48
CA ALA T 412 1.45 -26.69 26.52
C ALA T 412 0.11 -27.39 26.72
N THR T 413 -0.96 -26.62 26.63
CA THR T 413 -2.31 -27.14 26.76
C THR T 413 -2.92 -27.40 25.40
N THR T 414 -4.15 -27.93 25.41
CA THR T 414 -4.91 -28.14 24.18
C THR T 414 -6.34 -27.63 24.27
N ASP T 415 -6.90 -27.50 25.46
CA ASP T 415 -8.23 -26.94 25.64
C ASP T 415 -8.23 -25.66 26.45
N GLY T 416 -7.07 -25.19 26.90
CA GLY T 416 -6.96 -23.93 27.59
C GLY T 416 -7.26 -23.95 29.08
N ILE T 417 -7.48 -25.13 29.66
CA ILE T 417 -7.79 -25.21 31.09
C ILE T 417 -6.74 -26.04 31.81
N ASN T 418 -6.56 -27.28 31.39
CA ASN T 418 -5.58 -28.18 31.98
C ASN T 418 -4.43 -28.45 31.01
N TYR T 419 -3.25 -28.67 31.58
CA TYR T 419 -2.00 -28.69 30.82
C TYR T 419 -1.45 -30.10 30.74
N GLY T 420 -0.46 -30.26 29.86
CA GLY T 420 0.15 -31.53 29.58
C GLY T 420 1.43 -31.77 30.36
N ARG T 421 2.36 -32.49 29.75
CA ARG T 421 3.61 -32.84 30.42
C ARG T 421 4.48 -31.60 30.62
N GLU T 422 5.13 -31.54 31.77
CA GLU T 422 6.01 -30.44 32.11
C GLU T 422 7.42 -30.77 31.65
N GLN T 423 7.94 -30.01 30.69
CA GLN T 423 9.30 -30.21 30.19
C GLN T 423 10.25 -29.23 30.86
N MET T 424 11.38 -29.74 31.32
CA MET T 424 12.35 -28.97 32.09
C MET T 424 13.48 -28.53 31.15
N ILE T 425 13.69 -27.22 31.07
CA ILE T 425 14.73 -26.62 30.23
C ILE T 425 15.50 -25.62 31.06
N GLU T 426 16.83 -25.65 30.94
CA GLU T 426 17.67 -24.70 31.64
C GLU T 426 17.35 -23.28 31.21
N GLN T 427 17.18 -22.38 32.18
CA GLN T 427 16.80 -21.00 31.92
C GLN T 427 17.92 -20.02 32.24
N ASN T 428 18.52 -20.12 33.42
CA ASN T 428 19.77 -19.45 33.73
C ASN T 428 20.89 -20.47 33.84
N GLU T 429 22.12 -20.00 33.69
CA GLU T 429 23.29 -20.72 34.11
C GLU T 429 24.13 -19.75 34.91
N PRO T 430 24.61 -20.14 36.10
CA PRO T 430 25.37 -19.19 36.92
C PRO T 430 26.59 -18.67 36.17
N PHE T 431 26.60 -17.36 35.92
CA PHE T 431 27.77 -16.65 35.44
C PHE T 431 28.08 -16.97 33.98
N VAL T 432 27.05 -17.37 33.22
CA VAL T 432 27.13 -17.53 31.78
C VAL T 432 26.09 -16.60 31.16
N TYR T 433 26.51 -15.79 30.19
CA TYR T 433 25.69 -14.69 29.70
C TYR T 433 25.18 -14.88 28.29
N ASP T 434 25.41 -16.03 27.65
CA ASP T 434 24.95 -16.22 26.27
C ASP T 434 24.19 -17.53 26.08
N LYS T 435 23.58 -18.07 27.13
CA LYS T 435 22.73 -19.24 26.95
C LYS T 435 21.43 -18.85 26.26
N ARG T 436 20.93 -19.76 25.42
CA ARG T 436 19.63 -19.60 24.78
C ARG T 436 18.67 -20.67 25.31
N VAL T 437 17.45 -20.26 25.64
CA VAL T 437 16.42 -21.18 26.09
C VAL T 437 15.68 -21.63 24.83
N LEU T 438 16.04 -22.80 24.33
CA LEU T 438 15.52 -23.31 23.06
C LEU T 438 14.95 -24.70 23.28
N TRP T 439 13.75 -24.92 22.75
CA TRP T 439 13.15 -26.24 22.74
C TRP T 439 12.73 -26.59 21.32
N LYS T 440 13.13 -27.76 20.85
CA LYS T 440 12.75 -28.24 19.53
C LYS T 440 11.74 -29.37 19.66
N ARG T 441 11.06 -29.66 18.56
CA ARG T 441 10.13 -30.79 18.47
C ARG T 441 8.95 -30.60 19.43
N VAL T 442 8.31 -29.43 19.36
CA VAL T 442 7.16 -29.17 20.21
C VAL T 442 6.01 -30.12 19.87
N GLY T 443 5.73 -30.29 18.58
CA GLY T 443 4.73 -31.25 18.17
C GLY T 443 3.76 -30.65 17.19
N ARG T 444 2.56 -31.21 17.16
CA ARG T 444 1.53 -30.84 16.20
C ARG T 444 0.40 -30.14 16.93
N ILE T 445 0.09 -28.91 16.51
CA ILE T 445 -1.04 -28.17 17.06
C ILE T 445 -2.30 -28.71 16.40
N ARG T 446 -3.08 -29.47 17.16
CA ARG T 446 -4.25 -30.12 16.58
C ARG T 446 -5.41 -29.15 16.37
N ARG T 447 -5.92 -28.57 17.45
CA ARG T 447 -6.90 -27.49 17.34
C ARG T 447 -6.41 -26.20 17.96
N LEU T 448 -6.03 -26.23 19.24
CA LEU T 448 -5.55 -25.05 19.94
C LEU T 448 -4.38 -25.45 20.82
N ILE T 449 -3.59 -24.45 21.22
CA ILE T 449 -2.43 -24.69 22.06
C ILE T 449 -2.12 -23.41 22.82
N GLY T 450 -1.65 -23.57 24.05
CA GLY T 450 -1.21 -22.44 24.86
C GLY T 450 -0.07 -22.85 25.76
N PHE T 451 1.03 -22.11 25.73
CA PHE T 451 2.24 -22.49 26.44
C PHE T 451 2.31 -21.78 27.78
N LYS T 452 2.65 -22.53 28.83
CA LYS T 452 2.83 -21.98 30.17
C LYS T 452 4.28 -22.13 30.56
N LEU T 453 4.96 -21.02 30.81
CA LEU T 453 6.35 -21.03 31.24
C LEU T 453 6.39 -20.83 32.75
N ARG T 454 6.89 -21.83 33.45
CA ARG T 454 6.93 -21.83 34.92
C ARG T 454 8.37 -21.96 35.38
N VAL T 455 8.83 -20.97 36.14
CA VAL T 455 10.22 -20.90 36.57
C VAL T 455 10.24 -20.88 38.10
N ILE T 456 11.05 -21.75 38.68
CA ILE T 456 11.22 -21.82 40.13
C ILE T 456 12.68 -21.50 40.42
N THR T 457 12.93 -20.32 40.99
CA THR T 457 14.30 -19.84 41.09
C THR T 457 14.40 -18.82 42.21
N LYS T 458 15.65 -18.59 42.64
CA LYS T 458 15.98 -17.56 43.60
C LYS T 458 16.72 -16.38 42.98
N SER T 459 16.74 -16.30 41.66
CA SER T 459 17.47 -15.28 40.92
C SER T 459 16.54 -14.66 39.88
N PRO T 460 16.79 -13.41 39.49
CA PRO T 460 15.87 -12.75 38.56
C PRO T 460 15.81 -13.47 37.22
N VAL T 461 14.61 -13.54 36.66
CA VAL T 461 14.39 -14.13 35.35
C VAL T 461 13.86 -13.05 34.42
N THR T 462 14.52 -12.88 33.29
CA THR T 462 14.20 -11.84 32.31
C THR T 462 13.90 -12.55 30.99
N LEU T 463 12.63 -12.81 30.73
CA LEU T 463 12.21 -13.48 29.51
C LEU T 463 11.81 -12.45 28.48
N SER T 464 12.23 -12.67 27.24
CA SER T 464 12.00 -11.75 26.13
C SER T 464 11.11 -12.43 25.10
N GLY T 465 10.95 -11.76 23.96
CA GLY T 465 10.06 -12.21 22.90
C GLY T 465 10.10 -13.69 22.59
N CYS T 466 8.93 -14.32 22.60
CA CYS T 466 8.81 -15.76 22.42
C CYS T 466 8.68 -16.06 20.94
N GLN T 467 9.63 -16.82 20.40
CA GLN T 467 9.68 -17.19 19.00
C GLN T 467 9.28 -18.65 18.85
N ILE T 468 8.32 -18.92 17.97
CA ILE T 468 7.92 -20.28 17.66
C ILE T 468 7.87 -20.45 16.15
N ARG T 469 8.46 -21.54 15.66
CA ARG T 469 8.52 -21.81 14.22
C ARG T 469 7.35 -22.71 13.83
N LEU T 470 6.18 -22.08 13.66
CA LEU T 470 4.96 -22.80 13.29
C LEU T 470 5.07 -23.17 11.83
N GLU T 471 5.70 -24.32 11.57
CA GLU T 471 5.93 -24.77 10.21
C GLU T 471 4.78 -25.65 9.74
N PRO U 1 -11.54 -20.77 0.34
CA PRO U 1 -11.68 -19.41 0.85
C PRO U 1 -12.41 -19.37 2.18
N ILE U 2 -11.69 -19.63 3.27
CA ILE U 2 -12.29 -19.61 4.60
C ILE U 2 -12.68 -18.18 4.93
N GLN U 3 -13.99 -17.91 4.96
CA GLN U 3 -14.52 -16.57 5.16
C GLN U 3 -15.31 -16.53 6.45
N GLN U 4 -15.02 -15.56 7.30
CA GLN U 4 -15.66 -15.45 8.60
C GLN U 4 -17.02 -14.79 8.47
N LEU U 5 -17.90 -15.09 9.42
CA LEU U 5 -19.26 -14.55 9.44
C LEU U 5 -19.48 -13.88 10.79
N PRO U 6 -19.76 -12.58 10.84
CA PRO U 6 -20.09 -11.94 12.11
C PRO U 6 -21.41 -12.46 12.66
N MET U 7 -21.51 -12.49 13.98
CA MET U 7 -22.73 -12.91 14.65
C MET U 7 -23.24 -11.90 15.67
N MET U 8 -22.53 -10.79 15.87
CA MET U 8 -22.96 -9.81 16.87
C MET U 8 -24.27 -9.13 16.49
N LYS U 9 -24.66 -9.19 15.23
CA LYS U 9 -25.91 -8.56 14.80
C LYS U 9 -26.37 -9.22 13.50
N GLY U 10 -27.55 -9.80 13.52
CA GLY U 10 -28.10 -10.46 12.35
C GLY U 10 -29.02 -9.53 11.57
N MET U 11 -29.14 -9.81 10.28
CA MET U 11 -29.87 -8.95 9.37
C MET U 11 -30.83 -9.77 8.52
N GLY U 12 -31.94 -9.17 8.15
CA GLY U 12 -32.95 -9.87 7.37
C GLY U 12 -34.11 -8.95 7.05
N LYS U 13 -35.09 -9.50 6.35
CA LYS U 13 -36.24 -8.73 5.93
C LYS U 13 -37.33 -8.75 7.02
N ASP U 14 -38.44 -8.08 6.73
CA ASP U 14 -39.60 -8.02 7.63
C ASP U 14 -40.83 -8.29 6.78
N PHE U 15 -41.49 -9.42 7.02
CA PHE U 15 -42.51 -9.90 6.09
C PHE U 15 -43.73 -8.99 6.02
N LYS U 16 -43.93 -8.09 6.99
CA LYS U 16 -45.07 -7.18 6.91
C LYS U 16 -44.74 -5.95 6.08
N ASN U 17 -43.68 -5.23 6.45
CA ASN U 17 -43.31 -3.99 5.79
C ASN U 17 -42.36 -4.17 4.61
N ALA U 18 -41.80 -5.36 4.43
CA ALA U 18 -40.82 -5.66 3.39
C ALA U 18 -39.54 -4.83 3.54
N ASP U 19 -39.26 -4.33 4.73
CA ASP U 19 -38.06 -3.56 5.01
C ASP U 19 -37.00 -4.46 5.63
N TYR U 20 -35.74 -4.20 5.27
CA TYR U 20 -34.65 -4.88 5.94
C TYR U 20 -34.57 -4.42 7.38
N ILE U 21 -34.53 -5.39 8.31
CA ILE U 21 -34.48 -5.09 9.74
C ILE U 21 -33.34 -5.91 10.35
N ASP U 22 -32.86 -5.42 11.48
CA ASP U 22 -31.79 -6.12 12.20
C ASP U 22 -32.39 -7.27 12.99
N TYR U 23 -31.90 -8.48 12.72
CA TYR U 23 -32.27 -9.65 13.50
C TYR U 23 -31.37 -9.70 14.72
N LEU U 24 -31.89 -9.36 15.83
CA LEU U 24 -31.00 -9.14 16.97
C LEU U 24 -30.66 -10.46 17.65
N PRO U 25 -29.46 -10.58 18.19
CA PRO U 25 -29.14 -11.75 19.02
C PRO U 25 -30.06 -11.81 20.23
N VAL U 26 -30.44 -13.02 20.61
CA VAL U 26 -31.39 -13.24 21.68
C VAL U 26 -30.70 -13.93 22.83
N ASN U 27 -30.78 -13.34 24.02
CA ASN U 27 -30.18 -13.89 25.24
C ASN U 27 -28.68 -14.06 25.10
N MET U 28 -28.04 -13.19 24.34
CA MET U 28 -26.59 -13.24 24.16
C MET U 28 -26.02 -11.84 24.36
N LEU U 29 -24.76 -11.79 24.79
CA LEU U 29 -24.08 -10.54 25.08
C LEU U 29 -22.71 -10.56 24.39
N ALA U 30 -22.57 -9.78 23.31
CA ALA U 30 -21.29 -9.69 22.64
C ALA U 30 -20.25 -9.07 23.56
N THR U 31 -19.08 -9.68 23.60
CA THR U 31 -17.99 -9.22 24.46
C THR U 31 -16.76 -8.89 23.62
N PRO U 32 -16.36 -7.63 23.52
CA PRO U 32 -15.24 -7.29 22.65
C PRO U 32 -13.90 -7.76 23.21
N LYS U 33 -13.61 -9.05 23.03
CA LYS U 33 -12.35 -9.63 23.47
C LYS U 33 -11.73 -10.39 22.32
N GLU U 34 -10.42 -10.20 22.12
CA GLU U 34 -9.73 -10.82 21.00
C GLU U 34 -9.55 -12.31 21.24
N ILE U 35 -10.50 -13.11 20.77
CA ILE U 35 -10.55 -14.55 21.06
C ILE U 35 -10.15 -15.31 19.81
N LEU U 36 -9.11 -16.14 19.95
CA LEU U 36 -8.65 -17.02 18.88
C LEU U 36 -8.45 -16.27 17.57
N ASN U 37 -9.33 -16.51 16.60
CA ASN U 37 -9.26 -15.86 15.30
C ASN U 37 -10.30 -14.77 15.11
N SER U 38 -11.02 -14.40 16.18
CA SER U 38 -12.08 -13.42 16.08
C SER U 38 -11.87 -12.31 17.10
N SER U 39 -12.53 -11.18 16.87
CA SER U 39 -12.40 -10.02 17.73
C SER U 39 -13.38 -10.01 18.90
N GLY U 40 -14.31 -10.96 18.94
CA GLY U 40 -15.28 -11.00 20.03
C GLY U 40 -16.02 -12.31 20.06
N TYR U 41 -16.55 -12.64 21.23
CA TYR U 41 -17.27 -13.88 21.44
C TYR U 41 -18.62 -13.60 22.07
N LEU U 42 -19.64 -14.32 21.61
CA LEU U 42 -20.98 -14.17 22.15
C LEU U 42 -21.12 -15.00 23.41
N ARG U 43 -21.67 -14.40 24.45
CA ARG U 43 -21.82 -15.03 25.76
C ARG U 43 -23.28 -14.99 26.18
N SER U 44 -23.79 -16.15 26.62
CA SER U 44 -25.19 -16.23 27.01
C SER U 44 -25.44 -15.40 28.27
N PHE U 45 -26.66 -14.88 28.38
CA PHE U 45 -27.02 -14.12 29.56
C PHE U 45 -26.97 -15.03 30.78
N PRO U 46 -26.57 -14.51 31.94
CA PRO U 46 -26.56 -15.34 33.15
C PRO U 46 -27.96 -15.80 33.52
N GLY U 47 -28.05 -17.01 34.05
CA GLY U 47 -29.32 -17.55 34.46
C GLY U 47 -29.80 -16.97 35.77
N ILE U 48 -31.03 -17.31 36.12
CA ILE U 48 -31.67 -16.81 37.34
C ILE U 48 -32.01 -18.01 38.21
N THR U 49 -31.60 -17.95 39.48
CA THR U 49 -31.96 -18.95 40.47
C THR U 49 -32.64 -18.27 41.65
N LYS U 50 -33.64 -18.94 42.21
CA LYS U 50 -34.48 -18.35 43.25
C LYS U 50 -33.69 -18.23 44.55
N ARG U 51 -33.44 -17.00 45.01
CA ARG U 51 -32.75 -16.82 46.28
C ARG U 51 -33.70 -17.07 47.45
N TYR U 52 -34.86 -16.41 47.46
CA TYR U 52 -35.91 -16.71 48.42
C TYR U 52 -37.22 -16.12 47.89
N ASP U 53 -38.30 -16.34 48.64
CA ASP U 53 -39.63 -15.95 48.23
C ASP U 53 -39.91 -14.48 48.52
N MET U 54 -41.02 -14.00 47.98
CA MET U 54 -41.50 -12.65 48.25
C MET U 54 -43.01 -12.62 48.04
N ASN U 55 -43.63 -11.55 48.54
CA ASN U 55 -45.07 -11.36 48.42
C ASN U 55 -45.35 -10.56 47.16
N GLY U 56 -46.06 -11.16 46.22
CA GLY U 56 -46.44 -10.46 45.01
C GLY U 56 -45.28 -10.25 44.05
N VAL U 57 -45.58 -9.60 42.94
CA VAL U 57 -44.58 -9.34 41.92
C VAL U 57 -43.74 -8.12 42.31
N SER U 58 -42.58 -7.98 41.66
CA SER U 58 -41.67 -6.89 41.97
C SER U 58 -42.15 -5.59 41.34
N ARG U 59 -42.04 -4.50 42.11
CA ARG U 59 -42.50 -3.20 41.66
C ARG U 59 -41.44 -2.11 41.73
N GLY U 60 -40.33 -2.33 42.41
CA GLY U 60 -39.28 -1.34 42.45
C GLY U 60 -38.08 -1.87 43.20
N VAL U 61 -36.93 -1.26 42.91
CA VAL U 61 -35.68 -1.61 43.59
C VAL U 61 -34.85 -0.35 43.71
N GLU U 62 -34.14 -0.23 44.83
CA GLU U 62 -33.25 0.90 45.04
C GLU U 62 -32.26 0.52 46.13
N TYR U 63 -30.98 0.78 45.88
CA TYR U 63 -29.92 0.42 46.82
C TYR U 63 -29.79 1.54 47.85
N ASN U 64 -30.28 1.29 49.06
CA ASN U 64 -30.26 2.30 50.11
C ASN U 64 -28.82 2.50 50.58
N THR U 65 -28.23 3.63 50.21
CA THR U 65 -26.85 3.91 50.60
C THR U 65 -26.72 4.12 52.10
N ALA U 66 -27.73 4.72 52.73
CA ALA U 66 -27.65 5.05 54.15
C ALA U 66 -27.51 3.80 55.01
N GLN U 67 -28.32 2.78 54.73
CA GLN U 67 -28.30 1.55 55.51
C GLN U 67 -27.44 0.46 54.89
N ASN U 68 -26.83 0.73 53.73
CA ASN U 68 -25.98 -0.25 53.04
C ASN U 68 -26.71 -1.57 52.82
N ALA U 69 -27.97 -1.47 52.41
CA ALA U 69 -28.76 -2.64 52.05
C ALA U 69 -29.78 -2.22 51.01
N VAL U 70 -30.28 -3.20 50.26
CA VAL U 70 -31.19 -2.93 49.16
C VAL U 70 -32.63 -3.05 49.64
N TYR U 71 -33.44 -2.05 49.33
CA TYR U 71 -34.86 -2.04 49.66
C TYR U 71 -35.65 -2.35 48.41
N ARG U 72 -36.49 -3.38 48.48
CA ARG U 72 -37.23 -3.87 47.32
C ARG U 72 -38.71 -3.93 47.67
N VAL U 73 -39.54 -3.39 46.80
CA VAL U 73 -40.99 -3.34 47.00
C VAL U 73 -41.62 -4.36 46.08
N CYS U 74 -42.08 -5.47 46.66
CA CYS U 74 -42.76 -6.52 45.90
C CYS U 74 -44.21 -6.61 46.34
N GLY U 75 -45.10 -6.72 45.36
CA GLY U 75 -46.52 -6.85 45.67
C GLY U 75 -47.01 -5.66 46.46
N GLY U 76 -47.68 -5.94 47.57
CA GLY U 76 -48.19 -4.90 48.44
C GLY U 76 -47.40 -4.79 49.73
N LYS U 77 -46.17 -5.26 49.74
CA LYS U 77 -45.38 -5.34 50.95
C LYS U 77 -43.92 -4.98 50.66
N LEU U 78 -43.38 -4.04 51.42
CA LEU U 78 -42.02 -3.56 51.21
C LEU U 78 -41.03 -4.46 51.93
N TYR U 79 -39.92 -4.77 51.26
CA TYR U 79 -38.92 -5.66 51.79
C TYR U 79 -37.56 -4.97 51.82
N LYS U 80 -36.84 -5.15 52.92
CA LYS U 80 -35.44 -4.72 53.03
C LYS U 80 -34.60 -5.99 53.05
N GLY U 81 -34.01 -6.32 51.90
CA GLY U 81 -33.30 -7.59 51.80
C GLY U 81 -34.25 -8.73 52.06
N GLU U 82 -33.84 -9.66 52.93
CA GLU U 82 -34.72 -10.76 53.28
C GLU U 82 -35.85 -10.30 54.20
N SER U 83 -35.54 -9.45 55.18
CA SER U 83 -36.52 -9.07 56.18
C SER U 83 -37.55 -8.10 55.62
N GLU U 84 -38.73 -8.12 56.22
CA GLU U 84 -39.85 -7.28 55.81
C GLU U 84 -39.97 -6.09 56.76
N VAL U 85 -39.90 -4.89 56.20
CA VAL U 85 -40.16 -3.67 56.98
C VAL U 85 -41.13 -2.77 56.23
N GLY U 86 -42.42 -2.92 56.48
CA GLY U 86 -43.39 -1.97 55.96
C GLY U 86 -44.44 -2.57 55.03
N ASP U 87 -45.60 -1.92 54.99
CA ASP U 87 -46.69 -2.29 54.08
C ASP U 87 -46.92 -1.15 53.10
N VAL U 88 -46.95 -1.48 51.81
CA VAL U 88 -47.10 -0.50 50.74
C VAL U 88 -48.37 -0.82 49.97
N ALA U 89 -49.22 0.18 49.76
CA ALA U 89 -50.46 -0.02 49.04
C ALA U 89 -50.20 0.01 47.53
N GLY U 90 -51.28 -0.02 46.75
CA GLY U 90 -51.18 0.07 45.31
C GLY U 90 -50.76 -1.25 44.67
N SER U 91 -50.74 -1.24 43.34
CA SER U 91 -50.33 -2.41 42.59
C SER U 91 -49.39 -2.06 41.44
N GLY U 92 -49.32 -0.78 41.08
CA GLY U 92 -48.47 -0.34 39.99
C GLY U 92 -47.02 -0.16 40.41
N ARG U 93 -46.19 0.15 39.42
CA ARG U 93 -44.78 0.40 39.70
C ARG U 93 -44.64 1.63 40.59
N VAL U 94 -43.65 1.57 41.48
CA VAL U 94 -43.43 2.60 42.49
C VAL U 94 -42.01 3.12 42.36
N SER U 95 -41.85 4.43 42.51
CA SER U 95 -40.55 5.08 42.45
C SER U 95 -40.08 5.35 43.88
N MET U 96 -38.82 5.01 44.15
CA MET U 96 -38.26 5.16 45.49
C MET U 96 -37.10 6.14 45.49
N ALA U 97 -36.87 6.75 46.65
CA ALA U 97 -35.78 7.69 46.84
C ALA U 97 -35.33 7.57 48.30
N HIS U 98 -34.24 6.85 48.51
CA HIS U 98 -33.76 6.60 49.86
C HIS U 98 -33.26 7.88 50.50
N GLY U 99 -33.36 7.93 51.84
CA GLY U 99 -32.89 9.07 52.59
C GLY U 99 -32.11 8.63 53.80
N ARG U 100 -31.40 9.58 54.40
CA ARG U 100 -30.54 9.24 55.54
C ARG U 100 -31.35 8.91 56.78
N THR U 101 -32.53 9.49 56.93
CA THR U 101 -33.37 9.25 58.10
C THR U 101 -34.69 8.59 57.76
N SER U 102 -34.95 8.27 56.49
CA SER U 102 -36.21 7.65 56.10
C SER U 102 -36.09 7.11 54.69
N GLN U 103 -36.68 5.93 54.46
CA GLN U 103 -36.78 5.35 53.14
C GLN U 103 -38.21 5.55 52.63
N ALA U 104 -38.34 6.13 51.44
CA ALA U 104 -39.65 6.55 50.95
C ALA U 104 -39.96 5.87 49.63
N VAL U 105 -41.26 5.71 49.38
CA VAL U 105 -41.75 5.09 48.16
C VAL U 105 -43.01 5.80 47.67
N GLY U 106 -42.87 6.65 46.67
CA GLY U 106 -44.02 7.37 46.14
C GLY U 106 -45.02 6.46 45.49
N VAL U 107 -46.17 6.26 46.15
CA VAL U 107 -47.15 5.28 45.71
C VAL U 107 -48.54 5.89 45.85
N ASN U 108 -49.42 5.58 44.88
CA ASN U 108 -50.82 6.00 44.91
C ASN U 108 -50.95 7.52 44.98
N GLY U 109 -49.99 8.24 44.43
CA GLY U 109 -50.05 9.68 44.39
C GLY U 109 -49.61 10.39 45.64
N GLN U 110 -49.17 9.67 46.67
CA GLN U 110 -48.69 10.27 47.90
C GLN U 110 -47.30 9.74 48.23
N LEU U 111 -46.42 10.63 48.65
CA LEU U 111 -45.06 10.25 49.03
C LEU U 111 -45.11 9.70 50.45
N VAL U 112 -44.87 8.40 50.60
CA VAL U 112 -44.92 7.74 51.89
C VAL U 112 -43.49 7.47 52.35
N GLU U 113 -43.14 7.95 53.54
CA GLU U 113 -41.81 7.75 54.10
C GLU U 113 -41.87 6.65 55.15
N TYR U 114 -41.01 5.65 55.01
CA TYR U 114 -40.86 4.59 56.01
C TYR U 114 -39.62 4.92 56.84
N ARG U 115 -39.84 5.53 57.99
CA ARG U 115 -38.74 5.93 58.85
C ARG U 115 -37.97 4.71 59.33
N TYR U 116 -36.69 4.91 59.63
CA TYR U 116 -35.80 3.80 59.97
C TYR U 116 -36.08 3.21 61.34
N ASP U 117 -36.83 3.90 62.21
CA ASP U 117 -37.15 3.37 63.51
C ASP U 117 -38.49 2.63 63.55
N GLY U 118 -39.20 2.55 62.43
CA GLY U 118 -40.41 1.76 62.30
C GLY U 118 -41.65 2.57 61.96
N THR U 119 -41.70 3.83 62.36
CA THR U 119 -42.89 4.62 62.13
C THR U 119 -42.99 5.05 60.67
N VAL U 120 -44.21 5.39 60.26
CA VAL U 120 -44.50 5.78 58.88
C VAL U 120 -45.19 7.13 58.89
N LYS U 121 -44.69 8.05 58.08
CA LYS U 121 -45.30 9.37 57.92
C LYS U 121 -45.46 9.70 56.45
N THR U 122 -46.52 10.43 56.14
CA THR U 122 -46.86 10.82 54.77
C THR U 122 -46.77 12.32 54.62
N VAL U 123 -46.35 12.77 53.44
CA VAL U 123 -46.18 14.19 53.17
C VAL U 123 -47.54 14.87 53.17
N SER U 124 -47.65 15.97 53.93
CA SER U 124 -48.86 16.78 53.97
C SER U 124 -48.46 18.19 54.32
N ASN U 125 -49.36 19.13 54.03
CA ASN U 125 -49.10 20.54 54.31
C ASN U 125 -48.86 20.74 55.81
N TRP U 126 -48.16 21.83 56.13
CA TRP U 126 -47.94 22.18 57.52
C TRP U 126 -49.28 22.49 58.18
N PRO U 127 -49.40 22.28 59.50
CA PRO U 127 -50.66 22.60 60.17
C PRO U 127 -51.03 24.06 60.01
N ALA U 128 -52.33 24.33 59.91
CA ALA U 128 -52.80 25.68 59.66
C ALA U 128 -52.39 26.64 60.76
N ASP U 129 -52.46 26.18 62.02
CA ASP U 129 -52.08 27.03 63.15
C ASP U 129 -50.57 27.23 63.26
N SER U 130 -49.77 26.46 62.52
CA SER U 130 -48.32 26.62 62.60
C SER U 130 -47.88 27.98 62.10
N GLY U 131 -48.51 28.47 61.03
CA GLY U 131 -48.18 29.76 60.46
C GLY U 131 -47.34 29.71 59.21
N PHE U 132 -46.79 28.55 58.85
CA PHE U 132 -45.98 28.44 57.65
C PHE U 132 -46.87 28.40 56.41
N THR U 133 -46.24 28.58 55.25
CA THR U 133 -46.98 28.72 54.00
C THR U 133 -47.72 27.42 53.67
N GLN U 134 -48.92 27.57 53.13
CA GLN U 134 -49.77 26.46 52.73
C GLN U 134 -49.73 26.30 51.22
N TYR U 135 -49.50 25.09 50.74
CA TYR U 135 -49.42 24.79 49.32
C TYR U 135 -50.59 23.89 48.90
N GLU U 136 -50.59 23.54 47.62
CA GLU U 136 -51.55 22.61 47.03
C GLU U 136 -50.75 21.42 46.52
N LEU U 137 -50.56 20.43 47.39
CA LEU U 137 -49.63 19.35 47.09
C LEU U 137 -50.09 18.51 45.91
N GLY U 138 -51.38 18.17 45.86
CA GLY U 138 -51.86 17.34 44.77
C GLY U 138 -51.32 15.92 44.87
N SER U 139 -51.22 15.27 43.71
CA SER U 139 -50.81 13.88 43.63
C SER U 139 -49.33 13.78 43.25
N VAL U 140 -48.63 12.86 43.89
CA VAL U 140 -47.20 12.68 43.67
C VAL U 140 -46.98 11.71 42.52
N ARG U 141 -46.10 12.08 41.59
CA ARG U 141 -45.80 11.25 40.44
C ARG U 141 -44.43 10.58 40.54
N ASP U 142 -43.36 11.35 40.72
CA ASP U 142 -42.01 10.81 40.83
C ASP U 142 -41.26 11.57 41.91
N ILE U 143 -40.26 10.92 42.51
CA ILE U 143 -39.56 11.46 43.66
C ILE U 143 -38.06 11.31 43.50
N THR U 144 -37.31 12.11 44.26
CA THR U 144 -35.86 12.04 44.30
C THR U 144 -35.39 12.80 45.53
N ARG U 145 -34.11 12.63 45.87
CA ARG U 145 -33.52 13.28 47.04
C ARG U 145 -32.19 13.92 46.66
N LEU U 146 -31.91 15.08 47.26
CA LEU U 146 -30.67 15.79 47.02
C LEU U 146 -30.45 16.79 48.16
N ARG U 147 -29.33 16.63 48.88
CA ARG U 147 -28.97 17.50 50.00
C ARG U 147 -30.07 17.54 51.07
N GLY U 148 -30.54 16.37 51.46
CA GLY U 148 -31.45 16.26 52.58
C GLY U 148 -32.87 16.70 52.31
N ARG U 149 -33.28 16.80 51.06
CA ARG U 149 -34.64 17.19 50.70
C ARG U 149 -35.20 16.19 49.71
N TYR U 150 -36.49 15.91 49.84
CA TYR U 150 -37.22 15.07 48.90
C TYR U 150 -37.92 15.95 47.88
N ALA U 151 -37.65 15.71 46.61
CA ALA U 151 -38.25 16.47 45.52
C ALA U 151 -39.23 15.58 44.79
N TRP U 152 -40.50 16.01 44.74
CA TRP U 152 -41.53 15.29 44.04
C TRP U 152 -42.32 16.27 43.18
N SER U 153 -42.93 15.74 42.12
CA SER U 153 -43.64 16.55 41.14
C SER U 153 -45.14 16.28 41.24
N LYS U 154 -45.93 17.35 41.26
CA LYS U 154 -47.37 17.21 41.26
C LYS U 154 -47.84 16.54 39.98
N ASP U 155 -48.72 15.55 40.11
CA ASP U 155 -49.16 14.79 38.95
C ASP U 155 -50.00 15.66 38.03
N GLY U 156 -49.71 15.56 36.72
CA GLY U 156 -50.45 16.33 35.74
C GLY U 156 -50.16 17.82 35.75
N THR U 157 -49.04 18.23 36.34
CA THR U 157 -48.67 19.63 36.38
C THR U 157 -47.15 19.71 36.43
N ASP U 158 -46.61 20.84 35.97
CA ASP U 158 -45.17 21.04 35.88
C ASP U 158 -44.55 21.53 37.19
N SER U 159 -45.31 21.54 38.28
CA SER U 159 -44.80 22.02 39.56
C SER U 159 -44.18 20.87 40.34
N TRP U 160 -43.07 21.15 41.01
CA TRP U 160 -42.42 20.19 41.90
C TRP U 160 -42.04 20.88 43.20
N PHE U 161 -41.97 20.11 44.27
CA PHE U 161 -41.79 20.62 45.62
C PHE U 161 -40.52 20.05 46.24
N ILE U 162 -40.16 20.57 47.42
CA ILE U 162 -39.05 20.07 48.21
C ILE U 162 -39.46 20.10 49.68
N THR U 163 -39.05 19.08 50.43
CA THR U 163 -39.42 18.99 51.83
C THR U 163 -38.53 19.89 52.69
N ASP U 164 -38.98 20.12 53.92
CA ASP U 164 -38.23 20.93 54.87
C ASP U 164 -37.01 20.16 55.37
N LEU U 165 -35.99 20.91 55.79
CA LEU U 165 -34.79 20.29 56.33
C LEU U 165 -35.02 19.74 57.74
N GLU U 166 -35.71 20.50 58.59
CA GLU U 166 -35.90 20.08 59.97
C GLU U 166 -36.87 18.91 60.05
N ASP U 167 -38.12 19.12 59.63
CA ASP U 167 -39.13 18.07 59.60
C ASP U 167 -39.33 17.65 58.16
N GLU U 168 -38.91 16.43 57.83
CA GLU U 168 -38.94 15.97 56.45
C GLU U 168 -40.35 15.62 55.97
N SER U 169 -41.28 15.38 56.90
CA SER U 169 -42.63 14.99 56.50
C SER U 169 -43.31 16.09 55.70
N HIS U 170 -43.34 17.30 56.23
CA HIS U 170 -43.98 18.42 55.56
C HIS U 170 -43.04 19.04 54.54
N PRO U 171 -43.59 19.75 53.54
CA PRO U 171 -42.71 20.45 52.58
C PRO U 171 -41.99 21.62 53.23
N ASP U 172 -41.19 22.35 52.45
CA ASP U 172 -40.36 23.41 53.01
C ASP U 172 -41.22 24.51 53.62
N ARG U 173 -40.62 25.23 54.58
CA ARG U 173 -41.38 26.17 55.39
C ARG U 173 -41.93 27.32 54.56
N TYR U 174 -41.08 27.98 53.79
CA TYR U 174 -41.50 29.19 53.08
C TYR U 174 -41.41 29.07 51.57
N SER U 175 -40.40 28.40 51.04
CA SER U 175 -40.19 28.29 49.59
C SER U 175 -40.13 26.82 49.23
N ALA U 176 -41.26 26.26 48.81
CA ALA U 176 -41.34 24.85 48.42
C ALA U 176 -42.05 24.66 47.09
N GLN U 177 -42.36 25.72 46.36
CA GLN U 177 -43.05 25.63 45.09
C GLN U 177 -42.07 26.00 43.98
N TYR U 178 -41.93 25.11 43.00
CA TYR U 178 -41.03 25.35 41.88
C TYR U 178 -41.68 24.81 40.62
N ARG U 179 -41.40 25.47 39.49
CA ARG U 179 -42.05 25.16 38.23
C ARG U 179 -41.02 25.02 37.12
N ALA U 180 -41.22 24.03 36.27
CA ALA U 180 -40.44 23.90 35.03
C ALA U 180 -41.23 24.58 33.91
N GLU U 181 -41.25 25.91 33.97
CA GLU U 181 -42.11 26.71 33.13
C GLU U 181 -41.45 27.18 31.84
N SER U 182 -40.23 26.71 31.55
CA SER U 182 -39.57 27.11 30.31
C SER U 182 -40.40 26.75 29.08
N GLN U 183 -41.23 25.72 29.19
CA GLN U 183 -42.18 25.33 28.17
C GLN U 183 -43.47 24.92 28.86
N PRO U 184 -44.60 24.93 28.14
CA PRO U 184 -45.85 24.44 28.76
C PRO U 184 -45.93 22.92 28.77
N ASP U 185 -44.93 22.30 29.40
CA ASP U 185 -44.81 20.85 29.47
C ASP U 185 -44.93 20.39 30.92
N GLY U 186 -45.80 19.42 31.16
CA GLY U 186 -45.90 18.83 32.48
C GLY U 186 -44.70 17.94 32.77
N ILE U 187 -44.37 17.82 34.05
CA ILE U 187 -43.20 17.06 34.46
C ILE U 187 -43.58 15.59 34.49
N ILE U 188 -43.08 14.82 33.51
CA ILE U 188 -43.35 13.39 33.47
C ILE U 188 -42.57 12.66 34.57
N GLY U 189 -41.34 13.09 34.82
CA GLY U 189 -40.52 12.44 35.82
C GLY U 189 -39.48 13.38 36.39
N ILE U 190 -39.00 13.06 37.60
CA ILE U 190 -37.97 13.90 38.27
C ILE U 190 -36.80 13.00 38.64
N GLY U 191 -35.63 13.58 38.92
CA GLY U 191 -34.44 12.79 39.28
C GLY U 191 -33.29 13.69 39.70
N THR U 192 -32.16 13.09 40.10
CA THR U 192 -31.01 13.89 40.57
C THR U 192 -29.76 13.55 39.77
N TRP U 193 -29.13 14.54 39.13
CA TRP U 193 -27.86 14.31 38.41
C TRP U 193 -26.79 15.20 39.03
N ARG U 194 -25.70 14.62 39.53
CA ARG U 194 -24.67 15.42 40.23
C ARG U 194 -25.37 16.21 41.34
N ASP U 195 -25.31 17.54 41.29
CA ASP U 195 -26.05 18.36 42.29
C ASP U 195 -27.24 19.04 41.61
N PHE U 196 -27.84 18.41 40.60
CA PHE U 196 -28.92 19.03 39.87
C PHE U 196 -30.19 18.20 40.01
N ILE U 197 -31.31 18.86 40.29
CA ILE U 197 -32.63 18.24 40.21
C ILE U 197 -33.13 18.37 38.77
N VAL U 198 -33.16 17.25 38.05
CA VAL U 198 -33.75 17.25 36.72
C VAL U 198 -35.26 17.37 36.86
N CYS U 199 -35.92 17.76 35.78
CA CYS U 199 -37.37 17.95 35.77
C CYS U 199 -37.95 17.41 34.45
N PHE U 200 -37.67 16.14 34.14
CA PHE U 200 -38.01 15.59 32.84
C PHE U 200 -39.46 15.88 32.49
N GLY U 201 -39.69 16.72 31.48
CA GLY U 201 -41.03 17.12 31.13
C GLY U 201 -41.61 16.28 30.03
N SER U 202 -42.42 16.89 29.17
CA SER U 202 -42.95 16.23 28.00
C SER U 202 -42.43 16.84 26.70
N SER U 203 -41.72 17.96 26.77
CA SER U 203 -41.00 18.45 25.61
C SER U 203 -39.60 18.97 25.95
N THR U 204 -39.21 19.03 27.22
CA THR U 204 -37.93 19.59 27.61
C THR U 204 -37.39 18.83 28.81
N ILE U 205 -36.09 18.99 29.06
CA ILE U 205 -35.45 18.44 30.23
C ILE U 205 -34.71 19.56 30.95
N GLU U 206 -35.38 20.20 31.89
CA GLU U 206 -34.79 21.33 32.59
C GLU U 206 -33.90 20.86 33.73
N TYR U 207 -32.94 21.71 34.10
CA TYR U 207 -32.03 21.44 35.20
C TYR U 207 -32.11 22.57 36.23
N PHE U 208 -32.16 22.19 37.50
CA PHE U 208 -32.15 23.14 38.61
C PHE U 208 -30.94 22.89 39.50
N SER U 209 -30.58 23.90 40.29
CA SER U 209 -29.45 23.80 41.20
C SER U 209 -29.66 24.78 42.36
N LEU U 210 -29.05 24.47 43.50
CA LEU U 210 -29.21 25.31 44.68
C LEU U 210 -28.57 26.67 44.45
N THR U 211 -29.29 27.72 44.85
CA THR U 211 -28.73 29.07 44.80
C THR U 211 -28.09 29.49 46.12
N GLY U 212 -28.32 28.74 47.20
CA GLY U 212 -27.73 29.08 48.47
C GLY U 212 -28.34 30.27 49.16
N ALA U 213 -29.56 30.64 48.82
CA ALA U 213 -30.20 31.80 49.43
C ALA U 213 -30.50 31.52 50.90
N THR U 214 -30.40 32.57 51.72
CA THR U 214 -30.60 32.48 53.16
C THR U 214 -31.88 33.14 53.64
N THR U 215 -32.28 34.25 53.03
CA THR U 215 -33.48 34.94 53.46
C THR U 215 -34.72 34.08 53.22
N ALA U 216 -35.68 34.18 54.13
CA ALA U 216 -36.90 33.40 54.02
C ALA U 216 -37.72 33.84 52.80
N GLY U 217 -38.26 32.87 52.07
CA GLY U 217 -39.05 33.13 50.90
C GLY U 217 -38.30 33.15 49.59
N ALA U 218 -36.97 33.18 49.63
CA ALA U 218 -36.18 33.16 48.40
C ALA U 218 -36.16 31.76 47.82
N ALA U 219 -36.22 31.69 46.48
CA ALA U 219 -36.22 30.40 45.81
C ALA U 219 -34.88 29.70 46.00
N LEU U 220 -34.91 28.54 46.66
CA LEU U 220 -33.68 27.80 46.91
C LEU U 220 -33.06 27.30 45.60
N TYR U 221 -33.90 26.83 44.67
CA TYR U 221 -33.44 26.26 43.41
C TYR U 221 -33.74 27.22 42.28
N VAL U 222 -32.75 27.43 41.40
CA VAL U 222 -32.87 28.32 40.26
C VAL U 222 -32.56 27.53 39.00
N ALA U 223 -33.31 27.82 37.93
CA ALA U 223 -33.13 27.09 36.67
C ALA U 223 -31.77 27.34 36.08
N GLN U 224 -31.26 26.34 35.36
CA GLN U 224 -30.00 26.43 34.63
C GLN U 224 -30.31 26.28 33.15
N PRO U 225 -30.66 27.36 32.44
CA PRO U 225 -31.05 27.23 31.04
C PRO U 225 -29.97 26.63 30.15
N SER U 226 -28.70 26.90 30.44
CA SER U 226 -27.62 26.48 29.55
C SER U 226 -27.51 24.97 29.42
N LEU U 227 -28.07 24.21 30.35
CA LEU U 227 -28.01 22.76 30.32
C LEU U 227 -29.29 22.11 29.80
N MET U 228 -30.26 22.91 29.35
CA MET U 228 -31.54 22.37 28.94
C MET U 228 -31.38 21.42 27.76
N VAL U 229 -32.16 20.34 27.76
CA VAL U 229 -32.19 19.38 26.66
C VAL U 229 -33.59 19.39 26.06
N GLN U 230 -33.67 19.59 24.75
CA GLN U 230 -34.97 19.72 24.08
C GLN U 230 -35.55 18.36 23.67
N LYS U 231 -35.63 17.43 24.62
CA LYS U 231 -36.33 16.17 24.42
C LYS U 231 -37.07 15.86 25.71
N SER U 232 -37.60 14.63 25.82
CA SER U 232 -38.38 14.28 26.99
C SER U 232 -38.41 12.78 27.17
N ILE U 233 -38.93 12.35 28.31
CA ILE U 233 -39.14 10.94 28.62
C ILE U 233 -40.58 10.59 28.29
N ALA U 234 -40.78 9.47 27.60
CA ALA U 234 -42.12 9.09 27.15
C ALA U 234 -43.03 8.79 28.33
N GLY U 235 -42.52 8.05 29.32
CA GLY U 235 -43.31 7.66 30.47
C GLY U 235 -42.59 8.01 31.76
N THR U 236 -43.30 7.80 32.87
CA THR U 236 -42.76 8.19 34.17
C THR U 236 -41.50 7.41 34.53
N TYR U 237 -41.38 6.17 34.05
CA TYR U 237 -40.26 5.31 34.41
C TYR U 237 -39.40 4.94 33.20
N CYS U 238 -39.38 5.78 32.17
CA CYS U 238 -38.54 5.54 31.00
C CYS U 238 -37.20 6.27 31.09
N LYS U 239 -36.65 6.41 32.29
CA LYS U 239 -35.38 7.06 32.50
C LYS U 239 -34.57 6.27 33.50
N THR U 240 -33.25 6.43 33.45
CA THR U 240 -32.35 5.79 34.40
C THR U 240 -30.93 6.31 34.23
N PRO U 241 -30.14 6.35 35.30
CA PRO U 241 -28.73 6.69 35.16
C PRO U 241 -28.02 5.70 34.25
N PHE U 242 -27.11 6.23 33.43
CA PHE U 242 -26.34 5.39 32.52
C PHE U 242 -25.11 6.16 32.07
N ALA U 243 -23.93 5.67 32.45
CA ALA U 243 -22.66 6.28 32.06
C ALA U 243 -22.60 7.75 32.48
N ASP U 244 -22.77 7.97 33.79
CA ASP U 244 -22.67 9.30 34.39
C ASP U 244 -23.64 10.29 33.74
N SER U 245 -24.81 9.80 33.36
CA SER U 245 -25.87 10.62 32.75
C SER U 245 -27.14 9.78 32.73
N TYR U 246 -28.23 10.40 32.29
CA TYR U 246 -29.50 9.72 32.12
C TYR U 246 -29.77 9.42 30.66
N ALA U 247 -30.04 8.16 30.37
CA ALA U 247 -30.65 7.76 29.12
C ALA U 247 -32.16 7.71 29.29
N PHE U 248 -32.88 7.69 28.17
CA PHE U 248 -34.34 7.74 28.22
C PHE U 248 -34.89 7.38 26.85
N ILE U 249 -36.22 7.44 26.75
CA ILE U 249 -36.95 7.24 25.50
C ILE U 249 -37.67 8.53 25.18
N SER U 250 -37.49 9.01 23.95
CA SER U 250 -38.08 10.29 23.55
C SER U 250 -39.60 10.24 23.60
N HIS U 251 -40.20 11.30 24.14
CA HIS U 251 -41.65 11.41 24.15
C HIS U 251 -42.17 11.62 22.73
N PRO U 252 -43.36 11.09 22.42
CA PRO U 252 -43.90 11.26 21.06
C PRO U 252 -44.14 12.70 20.66
N ALA U 253 -44.11 13.65 21.61
CA ALA U 253 -44.32 15.05 21.26
C ALA U 253 -43.25 15.56 20.31
N THR U 254 -41.98 15.22 20.56
CA THR U 254 -40.89 15.69 19.74
C THR U 254 -40.69 14.89 18.46
N GLY U 255 -41.41 13.78 18.30
CA GLY U 255 -41.27 12.93 17.14
C GLY U 255 -41.41 11.48 17.54
N ALA U 256 -40.98 10.60 16.64
CA ALA U 256 -41.04 9.18 16.92
C ALA U 256 -40.12 8.84 18.10
N PRO U 257 -40.58 8.03 19.06
CA PRO U 257 -39.73 7.73 20.22
C PRO U 257 -38.46 6.99 19.80
N SER U 258 -37.38 7.28 20.51
CA SER U 258 -36.09 6.64 20.26
C SER U 258 -35.21 6.80 21.48
N VAL U 259 -34.43 5.76 21.78
CA VAL U 259 -33.59 5.77 22.97
C VAL U 259 -32.49 6.82 22.82
N TYR U 260 -32.33 7.65 23.84
CA TYR U 260 -31.42 8.79 23.81
C TYR U 260 -30.52 8.76 25.03
N ILE U 261 -29.40 9.48 24.95
CA ILE U 261 -28.55 9.76 26.11
C ILE U 261 -28.26 11.25 26.17
N ILE U 262 -28.38 11.83 27.36
CA ILE U 262 -28.12 13.24 27.56
C ILE U 262 -26.62 13.48 27.65
N GLY U 263 -26.12 14.40 26.83
CA GLY U 263 -24.73 14.79 26.93
C GLY U 263 -24.52 16.28 26.74
N SER U 264 -23.95 16.93 27.75
CA SER U 264 -23.62 18.35 27.72
C SER U 264 -24.79 19.19 27.21
N GLY U 265 -25.98 18.92 27.75
CA GLY U 265 -27.17 19.62 27.30
C GLY U 265 -27.56 19.32 25.88
N GLN U 266 -27.46 18.06 25.46
CA GLN U 266 -27.83 17.65 24.12
C GLN U 266 -28.10 16.15 24.13
N ALA U 267 -29.09 15.73 23.35
CA ALA U 267 -29.50 14.34 23.30
C ALA U 267 -28.93 13.68 22.05
N SER U 268 -28.21 12.58 22.24
CA SER U 268 -27.60 11.84 21.14
C SER U 268 -28.24 10.47 21.00
N PRO U 269 -28.73 10.11 19.82
CA PRO U 269 -29.40 8.82 19.67
C PRO U 269 -28.43 7.66 19.79
N ILE U 270 -28.93 6.56 20.37
CA ILE U 270 -28.16 5.32 20.45
C ILE U 270 -29.03 4.16 20.00
N ALA U 271 -30.17 4.46 19.39
CA ALA U 271 -31.10 3.44 18.93
C ALA U 271 -30.99 3.30 17.42
N THR U 272 -30.74 2.08 16.96
CA THR U 272 -30.68 1.81 15.53
C THR U 272 -32.06 1.91 14.91
N ALA U 273 -32.13 1.66 13.60
CA ALA U 273 -33.42 1.70 12.92
C ALA U 273 -34.36 0.63 13.44
N SER U 274 -33.85 -0.60 13.62
CA SER U 274 -34.71 -1.70 14.05
C SER U 274 -35.25 -1.48 15.46
N ILE U 275 -34.40 -1.02 16.37
CA ILE U 275 -34.85 -0.75 17.74
C ILE U 275 -35.96 0.29 17.74
N GLU U 276 -35.79 1.34 16.94
CA GLU U 276 -36.77 2.41 16.96
C GLU U 276 -38.05 2.03 16.23
N LYS U 277 -37.98 1.14 15.23
CA LYS U 277 -39.20 0.58 14.67
C LYS U 277 -39.92 -0.27 15.70
N ILE U 278 -39.18 -1.07 16.46
CA ILE U 278 -39.80 -1.89 17.50
C ILE U 278 -40.48 -1.01 18.54
N ILE U 279 -39.81 0.07 18.95
CA ILE U 279 -40.38 1.00 19.92
C ILE U 279 -41.63 1.66 19.36
N ARG U 280 -41.57 2.09 18.09
CA ARG U 280 -42.73 2.70 17.45
C ARG U 280 -43.87 1.71 17.26
N SER U 281 -43.59 0.40 17.29
CA SER U 281 -44.64 -0.60 17.12
C SER U 281 -45.64 -0.60 18.26
N TYR U 282 -45.35 0.07 19.37
CA TYR U 282 -46.25 0.10 20.52
C TYR U 282 -47.15 1.33 20.46
N THR U 283 -48.30 1.23 21.11
CA THR U 283 -49.17 2.38 21.24
C THR U 283 -48.65 3.30 22.36
N ALA U 284 -49.29 4.46 22.48
CA ALA U 284 -48.83 5.46 23.44
C ALA U 284 -48.91 4.94 24.87
N GLU U 285 -50.06 4.41 25.26
CA GLU U 285 -50.24 3.95 26.63
C GLU U 285 -49.34 2.77 26.95
N GLU U 286 -49.25 1.80 26.03
CA GLU U 286 -48.43 0.62 26.28
C GLU U 286 -46.96 1.00 26.45
N MET U 287 -46.45 1.83 25.55
CA MET U 287 -45.03 2.21 25.62
C MET U 287 -44.76 3.17 26.77
N ALA U 288 -45.79 3.89 27.25
CA ALA U 288 -45.61 4.74 28.43
C ALA U 288 -45.32 3.91 29.67
N THR U 289 -45.97 2.75 29.81
CA THR U 289 -45.78 1.92 30.99
C THR U 289 -44.41 1.25 31.03
N GLY U 290 -43.63 1.32 29.95
CA GLY U 290 -42.33 0.69 29.96
C GLY U 290 -41.41 1.28 31.01
N VAL U 291 -40.58 0.43 31.60
CA VAL U 291 -39.60 0.83 32.60
C VAL U 291 -38.22 0.42 32.13
N MET U 292 -37.25 1.29 32.33
CA MET U 292 -35.90 1.06 31.82
C MET U 292 -34.90 1.34 32.93
N GLU U 293 -33.80 0.60 32.91
CA GLU U 293 -32.88 0.61 34.05
C GLU U 293 -31.49 0.21 33.56
N THR U 294 -30.52 0.35 34.45
CA THR U 294 -29.12 0.04 34.17
C THR U 294 -28.68 -1.17 34.98
N LEU U 295 -27.95 -2.09 34.34
CA LEU U 295 -27.35 -3.23 35.00
C LEU U 295 -25.90 -3.31 34.55
N ARG U 296 -24.99 -3.49 35.50
CA ARG U 296 -23.57 -3.57 35.19
C ARG U 296 -22.97 -4.79 35.88
N PHE U 297 -22.49 -5.74 35.08
CA PHE U 297 -21.81 -6.91 35.60
C PHE U 297 -20.69 -7.30 34.65
N ASP U 298 -19.68 -7.97 35.21
CA ASP U 298 -18.41 -8.18 34.52
C ASP U 298 -17.93 -6.83 34.02
N SER U 299 -17.74 -6.70 32.71
CA SER U 299 -17.31 -5.44 32.11
C SER U 299 -18.37 -4.79 31.25
N HIS U 300 -19.49 -5.46 31.00
CA HIS U 300 -20.54 -4.87 30.19
C HIS U 300 -21.26 -3.75 30.95
N GLU U 301 -21.79 -2.80 30.19
CA GLU U 301 -22.63 -1.72 30.74
C GLU U 301 -24.00 -1.84 30.08
N LEU U 302 -24.84 -2.70 30.64
CA LEU U 302 -26.16 -2.92 30.05
C LEU U 302 -27.08 -1.75 30.37
N LEU U 303 -28.06 -1.54 29.49
CA LEU U 303 -29.11 -0.55 29.70
C LEU U 303 -30.41 -1.27 29.32
N ILE U 304 -31.03 -1.92 30.30
CA ILE U 304 -32.15 -2.80 30.03
C ILE U 304 -33.43 -1.99 29.94
N ILE U 305 -34.23 -2.25 28.90
CA ILE U 305 -35.51 -1.59 28.70
C ILE U 305 -36.60 -2.66 28.79
N HIS U 306 -37.57 -2.44 29.68
CA HIS U 306 -38.63 -3.42 29.90
C HIS U 306 -39.91 -2.92 29.20
N LEU U 307 -39.98 -3.20 27.91
CA LEU U 307 -41.18 -2.88 27.14
C LEU U 307 -42.22 -3.99 27.34
N PRO U 308 -43.50 -3.69 27.07
CA PRO U 308 -44.54 -4.68 27.39
C PRO U 308 -44.36 -6.03 26.69
N ARG U 309 -43.88 -6.05 25.45
CA ARG U 309 -43.71 -7.29 24.72
C ARG U 309 -42.28 -7.52 24.25
N HIS U 310 -41.35 -6.66 24.64
CA HIS U 310 -39.93 -6.83 24.33
C HIS U 310 -39.10 -6.39 25.51
N VAL U 311 -37.89 -6.94 25.61
CA VAL U 311 -36.91 -6.53 26.62
C VAL U 311 -35.62 -6.23 25.88
N LEU U 312 -35.44 -4.98 25.48
CA LEU U 312 -34.25 -4.59 24.75
C LEU U 312 -33.12 -4.27 25.73
N VAL U 313 -31.90 -4.61 25.32
CA VAL U 313 -30.72 -4.40 26.14
C VAL U 313 -29.65 -3.73 25.30
N TYR U 314 -29.11 -2.62 25.80
CA TYR U 314 -28.03 -1.90 25.14
C TYR U 314 -26.74 -2.17 25.91
N ASP U 315 -25.75 -2.73 25.23
CA ASP U 315 -24.47 -3.08 25.84
C ASP U 315 -23.45 -2.02 25.43
N ALA U 316 -23.17 -1.09 26.33
CA ALA U 316 -22.32 0.05 25.99
C ALA U 316 -20.91 -0.40 25.63
N SER U 317 -20.34 -1.34 26.39
CA SER U 317 -18.96 -1.75 26.16
C SER U 317 -18.80 -2.48 24.83
N SER U 318 -19.87 -3.02 24.26
CA SER U 318 -19.81 -3.76 23.01
C SER U 318 -20.28 -2.93 21.82
N SER U 319 -20.32 -1.61 21.96
CA SER U 319 -20.77 -0.73 20.90
C SER U 319 -19.61 -0.15 20.09
N GLN U 320 -18.53 -0.92 19.94
CA GLN U 320 -17.36 -0.42 19.22
C GLN U 320 -17.67 -0.17 17.75
N ASN U 321 -18.38 -1.09 17.11
CA ASN U 321 -18.72 -0.98 15.71
C ASN U 321 -20.08 -0.35 15.47
N GLY U 322 -20.76 0.09 16.53
CA GLY U 322 -22.10 0.62 16.42
C GLY U 322 -22.95 0.12 17.56
N PRO U 323 -24.16 0.65 17.70
CA PRO U 323 -25.03 0.22 18.80
C PRO U 323 -25.30 -1.28 18.74
N GLN U 324 -25.30 -1.92 19.90
CA GLN U 324 -25.45 -3.36 20.01
C GLN U 324 -26.63 -3.65 20.94
N TRP U 325 -27.70 -4.18 20.38
CA TRP U 325 -28.92 -4.48 21.13
C TRP U 325 -29.23 -5.96 21.05
N CYS U 326 -29.56 -6.56 22.18
CA CYS U 326 -29.96 -7.95 22.25
C CYS U 326 -31.32 -8.05 22.93
N VAL U 327 -32.21 -8.86 22.36
CA VAL U 327 -33.57 -9.00 22.85
C VAL U 327 -33.61 -10.19 23.80
N LEU U 328 -33.71 -9.92 25.09
CA LEU U 328 -33.88 -10.99 26.07
C LEU U 328 -35.30 -11.51 26.06
N LYS U 329 -35.45 -12.80 26.33
CA LYS U 329 -36.76 -13.44 26.34
C LYS U 329 -36.73 -14.62 27.28
N THR U 330 -37.91 -14.99 27.77
CA THR U 330 -38.09 -16.13 28.66
C THR U 330 -39.01 -17.14 28.00
N GLY U 331 -38.64 -18.42 28.11
CA GLY U 331 -39.42 -19.48 27.52
C GLY U 331 -39.08 -19.68 26.06
N LEU U 332 -39.67 -20.73 25.49
CA LEU U 332 -39.32 -21.13 24.13
C LEU U 332 -39.95 -20.19 23.11
N TYR U 333 -41.15 -19.70 23.38
CA TYR U 333 -41.81 -18.76 22.48
C TYR U 333 -41.52 -17.33 22.90
N ASP U 334 -42.25 -16.37 22.34
CA ASP U 334 -41.90 -14.96 22.38
C ASP U 334 -42.28 -14.27 23.68
N ASP U 335 -42.46 -15.02 24.77
CA ASP U 335 -42.80 -14.42 26.06
C ASP U 335 -41.75 -13.37 26.47
N VAL U 336 -42.16 -12.51 27.38
CA VAL U 336 -41.34 -11.40 27.85
C VAL U 336 -40.43 -11.89 28.97
N TYR U 337 -39.23 -11.31 29.04
CA TYR U 337 -38.27 -11.70 30.07
C TYR U 337 -38.84 -11.49 31.46
N ARG U 338 -38.73 -12.51 32.30
CA ARG U 338 -39.30 -12.43 33.64
C ARG U 338 -38.48 -11.56 34.57
N GLY U 339 -37.16 -11.59 34.42
CA GLY U 339 -36.31 -10.81 35.30
C GLY U 339 -36.60 -9.32 35.18
N VAL U 340 -36.68 -8.65 36.34
CA VAL U 340 -37.00 -7.24 36.38
C VAL U 340 -36.39 -6.65 37.64
N ASP U 341 -36.02 -5.37 37.57
CA ASP U 341 -35.50 -4.63 38.72
C ASP U 341 -34.20 -5.25 39.23
N PHE U 342 -33.20 -5.28 38.35
CA PHE U 342 -31.89 -5.81 38.72
C PHE U 342 -31.14 -4.85 39.63
N MET U 343 -30.50 -5.40 40.65
CA MET U 343 -29.65 -4.61 41.54
C MET U 343 -28.54 -5.49 42.08
N TYR U 344 -27.34 -4.92 42.20
CA TYR U 344 -26.18 -5.65 42.67
C TYR U 344 -26.01 -5.39 44.17
N GLU U 345 -26.13 -6.44 44.97
CA GLU U 345 -25.94 -6.35 46.41
C GLU U 345 -24.90 -7.36 46.86
N GLY U 346 -24.05 -6.94 47.80
CA GLY U 346 -23.07 -7.83 48.38
C GLY U 346 -22.14 -8.46 47.36
N ASN U 347 -22.35 -9.74 47.09
CA ASN U 347 -21.51 -10.51 46.16
C ASN U 347 -22.17 -10.72 44.81
N GLN U 348 -23.48 -10.97 44.76
CA GLN U 348 -24.14 -11.39 43.54
C GLN U 348 -25.40 -10.57 43.30
N ILE U 349 -25.74 -10.41 42.02
CA ILE U 349 -26.89 -9.61 41.63
C ILE U 349 -28.17 -10.33 42.05
N THR U 350 -29.22 -9.54 42.30
CA THR U 350 -30.55 -10.07 42.58
C THR U 350 -31.56 -9.36 41.69
N CYS U 351 -32.53 -10.12 41.20
CA CYS U 351 -33.55 -9.58 40.31
C CYS U 351 -34.93 -10.07 40.75
N GLY U 352 -35.93 -9.21 40.56
CA GLY U 352 -37.30 -9.58 40.80
C GLY U 352 -37.88 -10.37 39.66
N ASP U 353 -39.17 -10.67 39.77
CA ASP U 353 -39.88 -11.44 38.75
C ASP U 353 -41.16 -10.71 38.36
N LYS U 354 -41.46 -10.70 37.07
CA LYS U 354 -42.66 -10.04 36.58
C LYS U 354 -43.92 -10.85 36.85
N SER U 355 -43.83 -12.18 36.78
CA SER U 355 -45.00 -13.05 36.89
C SER U 355 -45.11 -13.68 38.28
N GLU U 356 -44.09 -14.40 38.71
CA GLU U 356 -44.14 -15.10 39.98
C GLU U 356 -43.78 -14.15 41.12
N ALA U 357 -44.11 -14.57 42.35
CA ALA U 357 -43.81 -13.80 43.54
C ALA U 357 -42.53 -14.34 44.19
N VAL U 358 -41.42 -14.13 43.48
CA VAL U 358 -40.11 -14.59 43.93
C VAL U 358 -39.08 -13.52 43.62
N VAL U 359 -37.87 -13.71 44.15
CA VAL U 359 -36.72 -12.90 43.80
C VAL U 359 -35.61 -13.85 43.36
N GLY U 360 -34.97 -13.54 42.24
CA GLY U 360 -33.92 -14.37 41.69
C GLY U 360 -32.58 -13.68 41.75
N GLN U 361 -31.54 -14.46 42.02
CA GLN U 361 -30.18 -13.97 41.99
C GLN U 361 -29.48 -14.52 40.76
N LEU U 362 -28.78 -13.65 40.04
CA LEU U 362 -28.12 -14.06 38.81
C LEU U 362 -26.99 -15.02 39.13
N GLN U 363 -26.97 -16.16 38.43
CA GLN U 363 -25.91 -17.15 38.57
C GLN U 363 -25.24 -17.32 37.21
N PHE U 364 -23.91 -17.24 37.20
CA PHE U 364 -23.18 -17.13 35.95
C PHE U 364 -22.80 -18.47 35.34
N ASP U 365 -22.83 -19.55 36.11
CA ASP U 365 -22.45 -20.86 35.60
C ASP U 365 -23.62 -21.63 34.99
N ILE U 366 -24.82 -21.03 34.97
CA ILE U 366 -25.98 -21.61 34.30
C ILE U 366 -26.69 -20.53 33.52
N SER U 367 -27.51 -20.95 32.57
CA SER U 367 -28.39 -20.05 31.82
C SER U 367 -29.85 -20.33 32.08
N SER U 368 -30.18 -21.39 32.81
CA SER U 368 -31.57 -21.69 33.13
C SER U 368 -32.13 -20.64 34.09
N GLN U 369 -33.42 -20.37 33.95
CA GLN U 369 -34.12 -19.38 34.76
C GLN U 369 -35.15 -20.10 35.62
N TYR U 370 -34.92 -20.12 36.93
CA TYR U 370 -35.79 -20.81 37.89
C TYR U 370 -35.96 -22.28 37.51
N ASP U 371 -34.85 -22.91 37.13
CA ASP U 371 -34.82 -24.33 36.76
C ASP U 371 -35.74 -24.62 35.59
N LYS U 372 -35.55 -23.86 34.51
CA LYS U 372 -36.30 -24.05 33.28
C LYS U 372 -35.38 -23.83 32.10
N GLN U 373 -35.67 -24.49 30.99
CA GLN U 373 -34.89 -24.29 29.78
C GLN U 373 -35.19 -22.92 29.18
N GLN U 374 -34.21 -22.39 28.45
CA GLN U 374 -34.33 -21.11 27.77
C GLN U 374 -33.68 -21.22 26.39
N GLU U 375 -34.05 -20.28 25.52
CA GLU U 375 -33.66 -20.30 24.11
C GLU U 375 -32.70 -19.17 23.83
N HIS U 376 -31.58 -19.50 23.17
CA HIS U 376 -30.60 -18.51 22.75
C HIS U 376 -30.50 -18.53 21.23
N LEU U 377 -30.65 -17.37 20.61
CA LEU U 377 -30.64 -17.24 19.16
C LEU U 377 -29.44 -16.42 18.70
N LEU U 378 -28.92 -16.77 17.53
CA LEU U 378 -27.83 -16.03 16.91
C LEU U 378 -28.04 -16.05 15.41
N PHE U 379 -28.15 -14.87 14.81
CA PHE U 379 -28.40 -14.73 13.38
C PHE U 379 -27.18 -14.11 12.71
N THR U 380 -26.74 -14.71 11.62
CA THR U 380 -25.70 -14.11 10.81
C THR U 380 -26.33 -13.24 9.72
N PRO U 381 -25.66 -12.15 9.31
CA PRO U 381 -26.29 -11.24 8.34
C PRO U 381 -26.36 -11.86 6.96
N LEU U 382 -27.35 -11.40 6.19
CA LEU U 382 -27.49 -11.83 4.81
C LEU U 382 -26.33 -11.34 3.97
N PHE U 383 -25.73 -12.25 3.21
CA PHE U 383 -24.65 -11.90 2.30
C PHE U 383 -24.87 -12.58 0.96
N LYS U 384 -24.56 -11.86 -0.11
CA LYS U 384 -24.88 -12.31 -1.47
C LYS U 384 -23.71 -13.11 -2.04
N ALA U 385 -23.93 -14.39 -2.25
CA ALA U 385 -23.02 -15.25 -3.01
C ALA U 385 -23.82 -15.93 -4.11
N ASP U 386 -23.33 -15.85 -5.35
CA ASP U 386 -24.01 -16.42 -6.49
C ASP U 386 -23.29 -17.68 -6.95
N ASN U 387 -24.02 -18.78 -7.04
CA ASN U 387 -23.50 -20.05 -7.57
C ASN U 387 -22.29 -20.54 -6.79
N ALA U 388 -22.21 -20.19 -5.52
CA ALA U 388 -21.11 -20.61 -4.67
C ALA U 388 -21.52 -21.80 -3.82
N ARG U 389 -20.52 -22.47 -3.24
CA ARG U 389 -20.75 -23.61 -2.37
C ARG U 389 -20.08 -23.35 -1.03
N CYS U 390 -20.70 -23.85 0.04
CA CYS U 390 -20.16 -23.74 1.39
C CYS U 390 -20.16 -25.11 2.04
N PHE U 391 -19.02 -25.52 2.59
CA PHE U 391 -18.93 -26.83 3.23
C PHE U 391 -18.65 -26.74 4.72
N ASP U 392 -17.56 -26.12 5.13
CA ASP U 392 -17.18 -26.07 6.55
C ASP U 392 -17.92 -24.92 7.21
N LEU U 393 -18.63 -25.21 8.31
CA LEU U 393 -19.33 -24.19 9.09
C LEU U 393 -19.03 -24.46 10.56
N GLU U 394 -18.00 -23.79 11.08
CA GLU U 394 -17.51 -24.02 12.43
C GLU U 394 -17.76 -22.80 13.30
N VAL U 395 -18.23 -23.03 14.52
CA VAL U 395 -18.48 -21.98 15.50
C VAL U 395 -17.82 -22.40 16.82
N GLU U 396 -16.65 -21.84 17.10
CA GLU U 396 -15.90 -22.20 18.30
C GLU U 396 -16.76 -21.97 19.54
N SER U 397 -16.88 -23.02 20.36
CA SER U 397 -17.69 -22.96 21.56
C SER U 397 -16.88 -23.40 22.77
N SER U 398 -17.21 -22.82 23.92
CA SER U 398 -16.50 -23.13 25.17
C SER U 398 -17.24 -24.27 25.87
N THR U 399 -17.03 -25.47 25.35
CA THR U 399 -17.73 -26.63 25.87
C THR U 399 -17.21 -27.03 27.25
N GLY U 400 -18.08 -27.63 28.04
CA GLY U 400 -17.65 -28.27 29.28
C GLY U 400 -18.53 -28.04 30.49
N VAL U 401 -19.15 -26.87 30.63
CA VAL U 401 -20.10 -26.68 31.72
C VAL U 401 -21.50 -26.94 31.20
N ALA U 402 -22.07 -28.09 31.56
CA ALA U 402 -23.41 -28.45 31.14
C ALA U 402 -23.88 -29.62 31.98
N GLN U 403 -25.14 -29.99 31.79
CA GLN U 403 -25.72 -31.20 32.38
C GLN U 403 -26.03 -32.26 31.34
N TYR U 404 -26.24 -31.87 30.09
CA TYR U 404 -26.43 -32.80 29.00
C TYR U 404 -25.77 -32.17 27.77
N ALA U 405 -25.49 -33.01 26.78
CA ALA U 405 -24.85 -32.53 25.56
C ALA U 405 -25.86 -31.78 24.69
N ASP U 406 -26.37 -30.66 25.20
CA ASP U 406 -27.43 -29.91 24.55
C ASP U 406 -27.05 -29.50 23.13
N ARG U 407 -27.77 -30.03 22.15
CA ARG U 407 -27.48 -29.77 20.75
C ARG U 407 -28.12 -28.45 20.31
N LEU U 408 -27.52 -27.84 19.28
CA LEU U 408 -28.03 -26.60 18.72
C LEU U 408 -28.68 -26.88 17.38
N PHE U 409 -29.71 -26.11 17.06
CA PHE U 409 -30.43 -26.22 15.80
C PHE U 409 -29.88 -25.17 14.84
N LEU U 410 -29.22 -25.62 13.79
CA LEU U 410 -28.59 -24.77 12.80
C LEU U 410 -29.41 -24.82 11.52
N SER U 411 -29.93 -23.67 11.09
CA SER U 411 -30.75 -23.59 9.90
C SER U 411 -30.31 -22.38 9.07
N ALA U 412 -30.56 -22.47 7.77
CA ALA U 412 -30.18 -21.42 6.84
C ALA U 412 -31.37 -21.04 5.97
N THR U 413 -31.53 -19.74 5.74
CA THR U 413 -32.62 -19.23 4.92
C THR U 413 -32.12 -18.94 3.51
N THR U 414 -33.04 -18.50 2.66
CA THR U 414 -32.70 -18.08 1.31
C THR U 414 -33.33 -16.75 0.92
N ASP U 415 -34.39 -16.32 1.57
CA ASP U 415 -35.00 -15.02 1.33
C ASP U 415 -34.95 -14.11 2.55
N GLY U 416 -34.38 -14.56 3.66
CA GLY U 416 -34.19 -13.73 4.83
C GLY U 416 -35.39 -13.59 5.74
N ILE U 417 -36.49 -14.30 5.47
CA ILE U 417 -37.68 -14.18 6.30
C ILE U 417 -37.99 -15.52 6.95
N ASN U 418 -38.23 -16.54 6.14
CA ASN U 418 -38.53 -17.88 6.62
C ASN U 418 -37.35 -18.81 6.36
N TYR U 419 -37.20 -19.79 7.25
CA TYR U 419 -36.01 -20.62 7.30
C TYR U 419 -36.31 -22.04 6.84
N GLY U 420 -35.25 -22.78 6.59
CA GLY U 420 -35.34 -24.13 6.06
C GLY U 420 -35.30 -25.19 7.13
N ARG U 421 -34.71 -26.34 6.79
CA ARG U 421 -34.66 -27.46 7.71
C ARG U 421 -33.74 -27.17 8.89
N GLU U 422 -34.14 -27.65 10.07
CA GLU U 422 -33.38 -27.46 11.29
C GLU U 422 -32.45 -28.65 11.49
N GLN U 423 -31.14 -28.41 11.46
CA GLN U 423 -30.15 -29.45 11.67
C GLN U 423 -29.64 -29.37 13.10
N MET U 424 -29.53 -30.53 13.75
CA MET U 424 -29.13 -30.61 15.15
C MET U 424 -27.67 -31.00 15.22
N ILE U 425 -26.87 -30.18 15.90
CA ILE U 425 -25.45 -30.42 16.10
C ILE U 425 -25.13 -30.24 17.58
N GLU U 426 -24.34 -31.15 18.12
CA GLU U 426 -23.96 -31.06 19.52
C GLU U 426 -23.16 -29.78 19.76
N GLN U 427 -23.53 -29.04 20.80
CA GLN U 427 -22.90 -27.77 21.14
C GLN U 427 -22.04 -27.86 22.38
N ASN U 428 -22.58 -28.38 23.47
CA ASN U 428 -21.79 -28.73 24.65
C ASN U 428 -21.75 -30.25 24.78
N GLU U 429 -20.75 -30.72 25.51
CA GLU U 429 -20.75 -32.09 26.02
C GLU U 429 -20.44 -31.98 27.50
N PRO U 430 -21.19 -32.64 28.37
CA PRO U 430 -20.96 -32.47 29.81
C PRO U 430 -19.54 -32.82 30.21
N PHE U 431 -18.76 -31.79 30.55
CA PHE U 431 -17.42 -31.90 31.10
C PHE U 431 -16.41 -32.42 30.09
N VAL U 432 -16.60 -32.08 28.81
CA VAL U 432 -15.59 -32.21 27.77
C VAL U 432 -15.27 -30.81 27.25
N TYR U 433 -13.99 -30.46 27.22
CA TYR U 433 -13.60 -29.07 27.00
C TYR U 433 -12.97 -28.81 25.64
N ASP U 434 -12.96 -29.79 24.73
CA ASP U 434 -12.31 -29.59 23.44
C ASP U 434 -13.21 -30.00 22.27
N LYS U 435 -14.52 -30.06 22.47
CA LYS U 435 -15.41 -30.33 21.35
C LYS U 435 -15.46 -29.13 20.40
N ARG U 436 -15.56 -29.43 19.11
CA ARG U 436 -15.75 -28.43 18.07
C ARG U 436 -17.13 -28.60 17.46
N VAL U 437 -17.83 -27.48 17.28
CA VAL U 437 -19.14 -27.49 16.64
C VAL U 437 -18.90 -27.28 15.14
N LEU U 438 -18.87 -28.37 14.39
CA LEU U 438 -18.51 -28.34 12.98
C LEU U 438 -19.60 -29.00 12.16
N TRP U 439 -20.01 -28.34 11.07
CA TRP U 439 -20.95 -28.92 10.13
C TRP U 439 -20.39 -28.82 8.73
N LYS U 440 -20.41 -29.92 8.01
CA LYS U 440 -19.95 -29.97 6.63
C LYS U 440 -21.13 -30.11 5.68
N ARG U 441 -20.87 -29.85 4.40
CA ARG U 441 -21.86 -30.06 3.34
C ARG U 441 -23.07 -29.15 3.55
N VAL U 442 -22.80 -27.86 3.75
CA VAL U 442 -23.89 -26.89 3.93
C VAL U 442 -24.73 -26.81 2.67
N GLY U 443 -24.10 -26.69 1.51
CA GLY U 443 -24.82 -26.69 0.26
C GLY U 443 -24.36 -25.57 -0.63
N ARG U 444 -25.25 -25.18 -1.54
CA ARG U 444 -24.97 -24.17 -2.56
C ARG U 444 -25.75 -22.90 -2.25
N ILE U 445 -25.03 -21.80 -2.07
CA ILE U 445 -25.67 -20.51 -1.87
C ILE U 445 -26.14 -20.04 -3.25
N ARG U 446 -27.44 -20.11 -3.48
CA ARG U 446 -27.97 -19.78 -4.80
C ARG U 446 -27.99 -18.28 -5.03
N ARG U 447 -28.77 -17.54 -4.24
CA ARG U 447 -28.72 -16.08 -4.29
C ARG U 447 -28.30 -15.47 -2.96
N LEU U 448 -29.01 -15.80 -1.87
CA LEU U 448 -28.69 -15.27 -0.56
C LEU U 448 -28.85 -16.38 0.47
N ILE U 449 -28.24 -16.17 1.63
CA ILE U 449 -28.29 -17.16 2.70
C ILE U 449 -28.08 -16.45 4.03
N GLY U 450 -28.72 -16.95 5.07
CA GLY U 450 -28.53 -16.44 6.41
C GLY U 450 -28.71 -17.55 7.43
N PHE U 451 -27.72 -17.74 8.30
CA PHE U 451 -27.72 -18.85 9.24
C PHE U 451 -28.28 -18.41 10.58
N LYS U 452 -29.17 -19.21 11.14
CA LYS U 452 -29.74 -18.96 12.47
C LYS U 452 -29.26 -20.06 13.40
N LEU U 453 -28.44 -19.70 14.37
CA LEU U 453 -27.94 -20.63 15.38
C LEU U 453 -28.85 -20.55 16.59
N ARG U 454 -29.50 -21.67 16.92
CA ARG U 454 -30.48 -21.71 17.99
C ARG U 454 -30.09 -22.80 18.97
N VAL U 455 -29.96 -22.43 20.25
CA VAL U 455 -29.52 -23.34 21.29
C VAL U 455 -30.56 -23.37 22.38
N ILE U 456 -30.98 -24.58 22.78
CA ILE U 456 -31.91 -24.78 23.87
C ILE U 456 -31.16 -25.54 24.95
N THR U 457 -30.93 -24.89 26.08
CA THR U 457 -30.04 -25.46 27.08
C THR U 457 -30.29 -24.83 28.44
N LYS U 458 -29.82 -25.53 29.47
CA LYS U 458 -29.84 -25.03 30.84
C LYS U 458 -28.45 -24.63 31.32
N SER U 459 -27.49 -24.52 30.42
CA SER U 459 -26.09 -24.24 30.74
C SER U 459 -25.58 -23.14 29.83
N PRO U 460 -24.57 -22.39 30.26
CA PRO U 460 -24.11 -21.26 29.45
C PRO U 460 -23.55 -21.72 28.12
N VAL U 461 -23.83 -20.94 27.08
CA VAL U 461 -23.31 -21.18 25.74
C VAL U 461 -22.44 -20.01 25.34
N THR U 462 -21.22 -20.31 24.91
CA THR U 462 -20.22 -19.31 24.55
C THR U 462 -19.80 -19.58 23.12
N LEU U 463 -20.43 -18.90 22.17
CA LEU U 463 -20.13 -19.06 20.76
C LEU U 463 -19.15 -17.99 20.33
N SER U 464 -18.17 -18.38 19.52
CA SER U 464 -17.09 -17.51 19.08
C SER U 464 -17.18 -17.34 17.56
N GLY U 465 -16.14 -16.73 16.99
CA GLY U 465 -16.08 -16.44 15.57
C GLY U 465 -16.50 -17.58 14.66
N CYS U 466 -17.46 -17.30 13.79
CA CYS U 466 -18.02 -18.29 12.88
C CYS U 466 -17.33 -18.18 11.53
N GLN U 467 -16.71 -19.27 11.09
CA GLN U 467 -16.05 -19.32 9.80
C GLN U 467 -16.81 -20.27 8.88
N ILE U 468 -16.92 -19.88 7.61
CA ILE U 468 -17.57 -20.71 6.61
C ILE U 468 -16.64 -20.80 5.40
N ARG U 469 -16.44 -22.01 4.88
CA ARG U 469 -15.53 -22.23 3.77
C ARG U 469 -16.31 -22.09 2.48
N LEU U 470 -16.54 -20.83 2.09
CA LEU U 470 -17.29 -20.52 0.88
C LEU U 470 -16.39 -20.84 -0.31
N GLU U 471 -16.41 -22.10 -0.70
CA GLU U 471 -15.54 -22.58 -1.77
C GLU U 471 -16.21 -22.39 -3.13
N PRO V 1 -16.30 -7.44 -15.61
CA PRO V 1 -16.07 -6.34 -14.67
C PRO V 1 -17.37 -5.85 -14.04
N ILE V 2 -17.85 -6.56 -13.03
CA ILE V 2 -19.11 -6.20 -12.38
C ILE V 2 -18.88 -4.88 -11.62
N GLN V 3 -19.51 -3.82 -12.09
CA GLN V 3 -19.36 -2.49 -11.51
C GLN V 3 -20.69 -2.05 -10.90
N GLN V 4 -20.63 -1.53 -9.69
CA GLN V 4 -21.82 -1.02 -9.02
C GLN V 4 -22.16 0.37 -9.52
N LEU V 5 -23.42 0.76 -9.35
CA LEU V 5 -23.92 2.07 -9.76
C LEU V 5 -24.69 2.67 -8.59
N PRO V 6 -24.28 3.82 -8.06
CA PRO V 6 -25.07 4.47 -7.01
C PRO V 6 -26.38 4.99 -7.55
N MET V 7 -27.39 5.02 -6.69
CA MET V 7 -28.67 5.61 -7.04
C MET V 7 -29.14 6.65 -6.04
N MET V 8 -28.38 6.91 -4.96
CA MET V 8 -28.80 7.88 -3.97
C MET V 8 -28.91 9.29 -4.54
N LYS V 9 -28.26 9.55 -5.67
CA LYS V 9 -28.34 10.87 -6.30
C LYS V 9 -28.00 10.72 -7.77
N GLY V 10 -28.96 11.04 -8.64
CA GLY V 10 -28.77 10.95 -10.07
C GLY V 10 -28.32 12.27 -10.65
N MET V 11 -27.66 12.21 -11.80
CA MET V 11 -27.04 13.37 -12.41
C MET V 11 -27.41 13.43 -13.89
N GLY V 12 -27.43 14.65 -14.43
CA GLY V 12 -27.79 14.85 -15.82
C GLY V 12 -27.74 16.31 -16.17
N LYS V 13 -28.06 16.60 -17.44
CA LYS V 13 -28.01 17.96 -17.94
C LYS V 13 -29.33 18.67 -17.68
N ASP V 14 -29.40 19.93 -18.08
CA ASP V 14 -30.61 20.76 -17.98
C ASP V 14 -30.80 21.41 -19.34
N PHE V 15 -31.86 21.03 -20.06
CA PHE V 15 -31.96 21.40 -21.46
C PHE V 15 -32.17 22.90 -21.67
N LYS V 16 -32.51 23.65 -20.63
CA LYS V 16 -32.63 25.10 -20.79
C LYS V 16 -31.29 25.80 -20.59
N ASN V 17 -30.68 25.59 -19.43
CA ASN V 17 -29.43 26.27 -19.09
C ASN V 17 -28.19 25.54 -19.60
N ALA V 18 -28.34 24.32 -20.10
CA ALA V 18 -27.23 23.47 -20.54
C ALA V 18 -26.26 23.15 -19.41
N ASP V 19 -26.68 23.33 -18.16
CA ASP V 19 -25.88 23.01 -17.00
C ASP V 19 -26.11 21.58 -16.56
N TYR V 20 -25.10 21.00 -15.93
CA TYR V 20 -25.28 19.73 -15.24
C TYR V 20 -26.04 19.96 -13.95
N ILE V 21 -27.11 19.19 -13.74
CA ILE V 21 -27.93 19.31 -12.55
C ILE V 21 -28.13 17.92 -11.94
N ASP V 22 -28.36 17.90 -10.65
CA ASP V 22 -28.60 16.63 -9.96
C ASP V 22 -30.02 16.16 -10.21
N TYR V 23 -30.15 14.97 -10.76
CA TYR V 23 -31.46 14.34 -10.94
C TYR V 23 -31.82 13.66 -9.63
N LEU V 24 -32.72 14.24 -8.91
CA LEU V 24 -32.93 13.77 -7.56
C LEU V 24 -33.84 12.55 -7.55
N PRO V 25 -33.63 11.63 -6.61
CA PRO V 25 -34.58 10.53 -6.44
C PRO V 25 -35.95 11.07 -6.06
N VAL V 26 -36.98 10.42 -6.58
CA VAL V 26 -38.36 10.85 -6.37
C VAL V 26 -39.07 9.81 -5.53
N ASN V 27 -39.69 10.24 -4.43
CA ASN V 27 -40.41 9.36 -3.52
C ASN V 27 -39.51 8.23 -3.02
N MET V 28 -38.25 8.56 -2.74
CA MET V 28 -37.30 7.62 -2.19
C MET V 28 -36.61 8.24 -0.99
N LEU V 29 -36.15 7.38 -0.08
CA LEU V 29 -35.43 7.81 1.11
C LEU V 29 -34.22 6.90 1.28
N ALA V 30 -33.04 7.42 0.94
CA ALA V 30 -31.82 6.64 1.10
C ALA V 30 -31.60 6.33 2.57
N THR V 31 -31.29 5.07 2.86
CA THR V 31 -31.09 4.61 4.24
C THR V 31 -29.70 4.04 4.39
N PRO V 32 -28.80 4.68 5.12
CA PRO V 32 -27.43 4.18 5.21
C PRO V 32 -27.32 2.91 6.04
N LYS V 33 -27.64 1.78 5.43
CA LYS V 33 -27.56 0.49 6.09
C LYS V 33 -26.71 -0.44 5.24
N GLU V 34 -25.77 -1.13 5.88
CA GLU V 34 -24.89 -2.06 5.16
C GLU V 34 -25.70 -3.28 4.75
N ILE V 35 -26.22 -3.24 3.51
CA ILE V 35 -27.16 -4.25 3.03
C ILE V 35 -26.52 -5.02 1.88
N LEU V 36 -26.53 -6.34 1.98
CA LEU V 36 -25.99 -7.23 0.96
C LEU V 36 -24.59 -6.81 0.52
N ASN V 37 -24.48 -6.31 -0.71
CA ASN V 37 -23.20 -5.87 -1.26
C ASN V 37 -23.10 -4.35 -1.38
N SER V 38 -24.03 -3.61 -0.79
CA SER V 38 -24.04 -2.15 -0.91
C SER V 38 -24.13 -1.52 0.47
N SER V 39 -23.77 -0.24 0.53
CA SER V 39 -23.77 0.48 1.79
C SER V 39 -25.11 1.11 2.14
N GLY V 40 -26.07 1.07 1.23
CA GLY V 40 -27.38 1.65 1.51
C GLY V 40 -28.42 1.17 0.52
N TYR V 41 -29.67 1.26 0.95
CA TYR V 41 -30.80 0.83 0.14
C TYR V 41 -31.83 1.94 0.05
N LEU V 42 -32.39 2.12 -1.14
CA LEU V 42 -33.42 3.14 -1.35
C LEU V 42 -34.78 2.60 -0.93
N ARG V 43 -35.52 3.40 -0.18
CA ARG V 43 -36.79 3.00 0.40
C ARG V 43 -37.87 3.99 -0.03
N SER V 44 -39.01 3.46 -0.49
CA SER V 44 -40.11 4.31 -0.91
C SER V 44 -40.71 5.04 0.27
N PHE V 45 -41.21 6.24 0.02
CA PHE V 45 -41.86 7.01 1.07
C PHE V 45 -43.10 6.26 1.54
N PRO V 46 -43.43 6.33 2.83
CA PRO V 46 -44.64 5.65 3.31
C PRO V 46 -45.89 6.23 2.66
N GLY V 47 -46.87 5.36 2.45
CA GLY V 47 -48.11 5.78 1.83
C GLY V 47 -49.00 6.54 2.79
N ILE V 48 -50.09 7.07 2.24
CA ILE V 48 -51.05 7.88 2.98
C ILE V 48 -52.41 7.22 2.88
N THR V 49 -53.05 7.01 4.03
CA THR V 49 -54.41 6.48 4.06
C THR V 49 -55.27 7.43 4.89
N LYS V 50 -56.53 7.60 4.46
CA LYS V 50 -57.41 8.57 5.08
C LYS V 50 -57.83 8.09 6.46
N ARG V 51 -57.40 8.79 7.51
CA ARG V 51 -57.83 8.41 8.85
C ARG V 51 -59.26 8.83 9.11
N TYR V 52 -59.59 10.10 8.89
CA TYR V 52 -60.97 10.56 8.91
C TYR V 52 -61.08 11.87 8.15
N ASP V 53 -62.29 12.38 8.05
CA ASP V 53 -62.57 13.58 7.28
C ASP V 53 -62.22 14.83 8.08
N MET V 54 -62.28 15.98 7.40
CA MET V 54 -62.07 17.27 8.04
C MET V 54 -62.75 18.34 7.20
N ASN V 55 -62.88 19.52 7.79
CA ASN V 55 -63.48 20.66 7.11
C ASN V 55 -62.37 21.47 6.44
N GLY V 56 -62.41 21.56 5.12
CA GLY V 56 -61.46 22.38 4.39
C GLY V 56 -60.07 21.77 4.36
N VAL V 57 -59.17 22.49 3.69
CA VAL V 57 -57.80 22.04 3.57
C VAL V 57 -57.03 22.35 4.85
N SER V 58 -55.89 21.68 5.02
CA SER V 58 -55.09 21.85 6.23
C SER V 58 -54.28 23.14 6.16
N ARG V 59 -54.22 23.85 7.29
CA ARG V 59 -53.53 25.12 7.36
C ARG V 59 -52.46 25.18 8.45
N GLY V 60 -52.44 24.24 9.38
CA GLY V 60 -51.40 24.22 10.40
C GLY V 60 -51.53 23.00 11.27
N VAL V 61 -50.45 22.73 12.02
CA VAL V 61 -50.43 21.64 12.98
C VAL V 61 -49.49 22.01 14.12
N GLU V 62 -49.84 21.60 15.33
CA GLU V 62 -48.99 21.80 16.49
C GLU V 62 -49.35 20.76 17.54
N TYR V 63 -48.33 20.10 18.09
CA TYR V 63 -48.54 19.09 19.13
C TYR V 63 -48.66 19.82 20.47
N ASN V 64 -49.89 19.90 20.97
CA ASN V 64 -50.13 20.60 22.24
C ASN V 64 -49.58 19.77 23.39
N THR V 65 -48.47 20.23 23.97
CA THR V 65 -47.87 19.50 25.08
C THR V 65 -48.74 19.54 26.32
N ALA V 66 -49.49 20.63 26.52
CA ALA V 66 -50.28 20.78 27.74
C ALA V 66 -51.36 19.70 27.83
N GLN V 67 -52.13 19.51 26.76
CA GLN V 67 -53.19 18.52 26.75
C GLN V 67 -52.78 17.19 26.15
N ASN V 68 -51.52 17.07 25.71
CA ASN V 68 -51.01 15.83 25.11
C ASN V 68 -51.88 15.36 23.96
N ALA V 69 -52.26 16.29 23.08
CA ALA V 69 -53.04 15.97 21.91
C ALA V 69 -52.68 16.94 20.79
N VAL V 70 -52.97 16.53 19.56
CA VAL V 70 -52.61 17.32 18.38
C VAL V 70 -53.75 18.26 18.05
N TYR V 71 -53.45 19.55 18.00
CA TYR V 71 -54.41 20.56 17.57
C TYR V 71 -54.09 20.93 16.12
N ARG V 72 -55.07 20.72 15.24
CA ARG V 72 -54.89 20.90 13.81
C ARG V 72 -55.96 21.84 13.29
N VAL V 73 -55.54 22.83 12.51
CA VAL V 73 -56.45 23.83 11.96
C VAL V 73 -56.61 23.53 10.48
N CYS V 74 -57.78 23.00 10.11
CA CYS V 74 -58.11 22.71 8.73
C CYS V 74 -59.24 23.61 8.25
N GLY V 75 -59.08 24.17 7.06
CA GLY V 75 -60.12 25.01 6.50
C GLY V 75 -60.40 26.20 7.41
N GLY V 76 -61.68 26.41 7.70
CA GLY V 76 -62.09 27.48 8.58
C GLY V 76 -62.54 26.99 9.94
N LYS V 77 -62.08 25.80 10.35
CA LYS V 77 -62.53 25.19 11.59
C LYS V 77 -61.35 24.57 12.31
N LEU V 78 -61.20 24.87 13.60
CA LEU V 78 -60.09 24.35 14.39
C LEU V 78 -60.46 22.99 14.98
N TYR V 79 -59.55 22.03 14.86
CA TYR V 79 -59.79 20.66 15.28
C TYR V 79 -58.75 20.23 16.30
N LYS V 80 -59.20 19.53 17.33
CA LYS V 80 -58.33 18.86 18.30
C LYS V 80 -58.54 17.36 18.14
N GLY V 81 -57.58 16.69 17.54
CA GLY V 81 -57.74 15.28 17.27
C GLY V 81 -58.93 15.06 16.35
N GLU V 82 -59.88 14.25 16.81
CA GLU V 82 -61.11 14.04 16.04
C GLU V 82 -62.13 15.15 16.24
N SER V 83 -62.22 15.70 17.44
CA SER V 83 -63.31 16.61 17.76
C SER V 83 -63.06 18.00 17.19
N GLU V 84 -64.10 18.82 17.23
CA GLU V 84 -64.07 20.19 16.74
C GLU V 84 -64.22 21.13 17.92
N VAL V 85 -63.16 21.88 18.21
CA VAL V 85 -63.16 22.73 19.39
C VAL V 85 -63.75 24.12 19.09
N GLY V 86 -63.17 24.83 18.13
CA GLY V 86 -63.57 26.20 17.90
C GLY V 86 -63.49 26.59 16.45
N ASP V 87 -63.99 27.80 16.16
CA ASP V 87 -64.06 28.32 14.80
C ASP V 87 -62.94 29.32 14.58
N VAL V 88 -62.21 29.15 13.48
CA VAL V 88 -61.11 30.04 13.11
C VAL V 88 -61.42 30.65 11.74
N ALA V 89 -61.24 31.96 11.62
CA ALA V 89 -61.54 32.67 10.39
C ALA V 89 -60.37 32.57 9.42
N GLY V 90 -60.44 33.30 8.31
CA GLY V 90 -59.37 33.35 7.34
C GLY V 90 -59.29 32.11 6.47
N SER V 91 -58.39 32.17 5.49
CA SER V 91 -58.16 31.02 4.63
C SER V 91 -56.69 30.77 4.29
N GLY V 92 -55.76 31.54 4.83
CA GLY V 92 -54.34 31.30 4.61
C GLY V 92 -53.73 30.45 5.71
N ARG V 93 -52.44 30.20 5.57
CA ARG V 93 -51.73 29.44 6.58
C ARG V 93 -51.72 30.21 7.90
N VAL V 94 -51.70 29.48 9.00
CA VAL V 94 -51.80 30.05 10.34
C VAL V 94 -50.73 29.44 11.22
N SER V 95 -50.13 30.28 12.07
CA SER V 95 -49.12 29.84 13.02
C SER V 95 -49.73 29.75 14.41
N MET V 96 -49.49 28.64 15.09
CA MET V 96 -50.00 28.44 16.44
C MET V 96 -48.87 28.30 17.45
N ALA V 97 -49.20 28.61 18.70
CA ALA V 97 -48.26 28.49 19.81
C ALA V 97 -49.07 28.04 21.02
N HIS V 98 -49.04 26.74 21.29
CA HIS V 98 -49.85 26.19 22.37
C HIS V 98 -49.38 26.71 23.72
N GLY V 99 -50.33 26.84 24.65
CA GLY V 99 -50.04 27.33 25.98
C GLY V 99 -50.69 26.44 27.03
N ARG V 100 -50.27 26.66 28.28
CA ARG V 100 -50.76 25.82 29.36
C ARG V 100 -52.19 26.15 29.73
N THR V 101 -52.64 27.39 29.51
CA THR V 101 -54.00 27.80 29.83
C THR V 101 -54.81 28.19 28.61
N SER V 102 -54.24 28.12 27.41
CA SER V 102 -54.96 28.50 26.20
C SER V 102 -54.17 28.05 24.99
N GLN V 103 -54.89 27.56 23.98
CA GLN V 103 -54.30 27.23 22.68
C GLN V 103 -54.66 28.36 21.71
N ALA V 104 -53.64 28.93 21.07
CA ALA V 104 -53.83 30.13 20.27
C ALA V 104 -53.39 29.89 18.84
N VAL V 105 -54.02 30.62 17.92
CA VAL V 105 -53.69 30.56 16.50
C VAL V 105 -53.72 31.96 15.89
N GLY V 106 -52.54 32.52 15.64
CA GLY V 106 -52.46 33.83 15.05
C GLY V 106 -53.00 33.85 13.63
N VAL V 107 -54.17 34.45 13.43
CA VAL V 107 -54.87 34.41 12.16
C VAL V 107 -55.43 35.79 11.86
N ASN V 108 -55.37 36.18 10.59
CA ASN V 108 -55.96 37.44 10.11
C ASN V 108 -55.37 38.65 10.83
N GLY V 109 -54.12 38.55 11.25
CA GLY V 109 -53.44 39.65 11.89
C GLY V 109 -53.75 39.84 13.37
N GLN V 110 -54.53 38.96 13.97
CA GLN V 110 -54.84 39.04 15.39
C GLN V 110 -54.55 37.71 16.05
N LEU V 111 -53.94 37.75 17.23
CA LEU V 111 -53.63 36.55 17.98
C LEU V 111 -54.89 36.13 18.73
N VAL V 112 -55.50 35.02 18.31
CA VAL V 112 -56.73 34.52 18.89
C VAL V 112 -56.41 33.35 19.80
N GLU V 113 -56.80 33.45 21.07
CA GLU V 113 -56.56 32.40 22.06
C GLU V 113 -57.84 31.59 22.25
N TYR V 114 -57.74 30.28 22.08
CA TYR V 114 -58.84 29.37 22.35
C TYR V 114 -58.60 28.75 23.72
N ARG V 115 -59.23 29.33 24.75
CA ARG V 115 -59.04 28.85 26.10
C ARG V 115 -59.56 27.42 26.22
N TYR V 116 -58.99 26.67 27.16
CA TYR V 116 -59.27 25.23 27.25
C TYR V 116 -60.65 24.93 27.83
N ASP V 117 -61.32 25.91 28.43
CA ASP V 117 -62.66 25.69 28.97
C ASP V 117 -63.76 26.06 27.99
N GLY V 118 -63.41 26.53 26.79
CA GLY V 118 -64.37 26.78 25.72
C GLY V 118 -64.40 28.23 25.25
N THR V 119 -64.14 29.18 26.14
CA THR V 119 -64.24 30.58 25.77
C THR V 119 -63.08 30.99 24.87
N VAL V 120 -63.28 32.08 24.13
CA VAL V 120 -62.30 32.59 23.18
C VAL V 120 -62.04 34.05 23.50
N LYS V 121 -60.76 34.41 23.62
CA LYS V 121 -60.36 35.79 23.84
C LYS V 121 -59.27 36.19 22.88
N THR V 122 -59.27 37.45 22.49
CA THR V 122 -58.34 38.01 21.51
C THR V 122 -57.46 39.05 22.19
N VAL V 123 -56.21 39.14 21.73
CA VAL V 123 -55.27 40.09 22.32
C VAL V 123 -55.68 41.51 21.98
N SER V 124 -55.76 42.36 23.00
CA SER V 124 -56.07 43.77 22.83
C SER V 124 -55.43 44.53 23.97
N ASN V 125 -55.29 45.84 23.79
CA ASN V 125 -54.68 46.68 24.80
C ASN V 125 -55.48 46.62 26.10
N TRP V 126 -54.80 46.94 27.21
CA TRP V 126 -55.48 47.00 28.48
C TRP V 126 -56.51 48.12 28.45
N PRO V 127 -57.58 48.01 29.24
CA PRO V 127 -58.59 49.07 29.25
C PRO V 127 -58.00 50.41 29.66
N ALA V 128 -58.52 51.48 29.07
CA ALA V 128 -57.96 52.81 29.32
C ALA V 128 -58.06 53.19 30.78
N ASP V 129 -59.18 52.86 31.43
CA ASP V 129 -59.36 53.19 32.83
C ASP V 129 -58.53 52.32 33.76
N SER V 130 -57.93 51.24 33.25
CA SER V 130 -57.11 50.37 34.09
C SER V 130 -55.88 51.10 34.61
N GLY V 131 -55.25 51.90 33.76
CA GLY V 131 -54.08 52.66 34.14
C GLY V 131 -52.77 52.09 33.64
N PHE V 132 -52.77 50.88 33.08
CA PHE V 132 -51.55 50.29 32.57
C PHE V 132 -51.18 50.90 31.22
N THR V 133 -49.96 50.64 30.79
CA THR V 133 -49.43 51.27 29.58
C THR V 133 -50.21 50.84 28.35
N GLN V 134 -50.42 51.77 27.43
CA GLN V 134 -51.13 51.54 26.18
C GLN V 134 -50.14 51.45 25.05
N TYR V 135 -50.26 50.42 24.22
CA TYR V 135 -49.37 50.19 23.09
C TYR V 135 -50.13 50.33 21.78
N GLU V 136 -49.41 50.13 20.69
CA GLU V 136 -49.95 50.12 19.33
C GLU V 136 -49.73 48.72 18.77
N LEU V 137 -50.70 47.83 19.01
CA LEU V 137 -50.48 46.42 18.74
C LEU V 137 -50.31 46.15 17.24
N GLY V 138 -51.12 46.77 16.40
CA GLY V 138 -51.01 46.52 14.99
C GLY V 138 -51.47 45.11 14.62
N SER V 139 -50.92 44.59 13.54
CA SER V 139 -51.31 43.30 13.00
C SER V 139 -50.29 42.22 13.39
N VAL V 140 -50.80 41.06 13.76
CA VAL V 140 -49.96 39.95 14.22
C VAL V 140 -49.49 39.15 13.01
N ARG V 141 -48.19 38.85 12.97
CA ARG V 141 -47.61 38.06 11.89
C ARG V 141 -47.27 36.64 12.32
N ASP V 142 -46.45 36.48 13.34
CA ASP V 142 -46.05 35.16 13.83
C ASP V 142 -46.03 35.17 15.35
N ILE V 143 -46.22 33.99 15.95
CA ILE V 143 -46.39 33.90 17.39
C ILE V 143 -45.53 32.77 17.95
N THR V 144 -45.29 32.83 19.25
CA THR V 144 -44.55 31.80 19.98
C THR V 144 -44.80 32.00 21.47
N ARG V 145 -44.42 30.99 22.26
CA ARG V 145 -44.60 31.03 23.70
C ARG V 145 -43.32 30.61 24.40
N LEU V 146 -43.04 31.25 25.54
CA LEU V 146 -41.86 30.93 26.34
C LEU V 146 -42.06 31.49 27.74
N ARG V 147 -42.02 30.60 28.74
CA ARG V 147 -42.18 30.97 30.15
C ARG V 147 -43.49 31.72 30.39
N GLY V 148 -44.58 31.16 29.88
CA GLY V 148 -45.90 31.67 30.19
C GLY V 148 -46.27 32.96 29.50
N ARG V 149 -45.57 33.35 28.43
CA ARG V 149 -45.87 34.56 27.70
C ARG V 149 -45.96 34.24 26.22
N TYR V 150 -46.87 34.92 25.53
CA TYR V 150 -47.02 34.81 24.08
C TYR V 150 -46.28 35.96 23.43
N ALA V 151 -45.35 35.63 22.53
CA ALA V 151 -44.58 36.62 21.82
C ALA V 151 -45.04 36.66 20.37
N TRP V 152 -45.50 37.83 19.93
CA TRP V 152 -45.93 38.03 18.56
C TRP V 152 -45.29 39.30 18.02
N SER V 153 -45.13 39.36 16.71
CA SER V 153 -44.45 40.47 16.05
C SER V 153 -45.44 41.29 15.24
N LYS V 154 -45.39 42.61 15.41
CA LYS V 154 -46.24 43.49 14.61
C LYS V 154 -45.91 43.35 13.14
N ASP V 155 -46.94 43.22 12.31
CA ASP V 155 -46.73 43.01 10.88
C ASP V 155 -46.14 44.26 10.24
N GLY V 156 -45.15 44.05 9.38
CA GLY V 156 -44.51 45.16 8.70
C GLY V 156 -43.65 46.04 9.58
N THR V 157 -43.25 45.56 10.74
CA THR V 157 -42.41 46.32 11.64
C THR V 157 -41.59 45.34 12.48
N ASP V 158 -40.44 45.80 12.97
CA ASP V 158 -39.52 44.97 13.72
C ASP V 158 -39.85 44.89 15.20
N SER V 159 -41.03 45.36 15.62
CA SER V 159 -41.41 45.33 17.02
C SER V 159 -42.16 44.05 17.34
N TRP V 160 -41.90 43.48 18.51
CA TRP V 160 -42.61 42.32 18.99
C TRP V 160 -42.98 42.52 20.45
N PHE V 161 -44.04 41.85 20.88
CA PHE V 161 -44.64 42.07 22.20
C PHE V 161 -44.62 40.77 23.00
N ILE V 162 -45.01 40.87 24.27
CA ILE V 162 -45.19 39.73 25.16
C ILE V 162 -46.41 39.98 26.02
N THR V 163 -47.19 38.93 26.28
CA THR V 163 -48.39 39.07 27.07
C THR V 163 -48.08 39.11 28.56
N ASP V 164 -49.07 39.54 29.33
CA ASP V 164 -48.94 39.60 30.78
C ASP V 164 -48.98 38.20 31.38
N LEU V 165 -48.37 38.06 32.55
CA LEU V 165 -48.37 36.77 33.24
C LEU V 165 -49.72 36.46 33.86
N GLU V 166 -50.35 37.46 34.50
CA GLU V 166 -51.61 37.22 35.19
C GLU V 166 -52.74 37.01 34.19
N ASP V 167 -53.03 38.01 33.37
CA ASP V 167 -54.07 37.94 32.35
C ASP V 167 -53.37 37.80 31.00
N GLU V 168 -53.48 36.62 30.40
CA GLU V 168 -52.76 36.33 29.16
C GLU V 168 -53.35 37.04 27.95
N SER V 169 -54.61 37.47 28.03
CA SER V 169 -55.25 38.10 26.87
C SER V 169 -54.55 39.41 26.50
N HIS V 170 -54.37 40.30 27.47
CA HIS V 170 -53.74 41.58 27.20
C HIS V 170 -52.22 41.45 27.24
N PRO V 171 -51.48 42.37 26.59
CA PRO V 171 -50.02 42.33 26.68
C PRO V 171 -49.52 42.68 28.07
N ASP V 172 -48.21 42.73 28.25
CA ASP V 172 -47.65 42.92 29.58
C ASP V 172 -48.02 44.29 30.14
N ARG V 173 -48.01 44.39 31.46
CA ARG V 173 -48.54 45.57 32.14
C ARG V 173 -47.73 46.82 31.80
N TYR V 174 -46.41 46.76 31.99
CA TYR V 174 -45.59 47.95 31.85
C TYR V 174 -44.55 47.85 30.73
N SER V 175 -43.94 46.69 30.55
CA SER V 175 -42.88 46.51 29.56
C SER V 175 -43.30 45.39 28.61
N ALA V 176 -43.88 45.76 27.47
CA ALA V 176 -44.32 44.79 26.48
C ALA V 176 -43.89 45.17 25.06
N GLN V 177 -43.05 46.18 24.90
CA GLN V 177 -42.57 46.62 23.60
C GLN V 177 -41.10 46.27 23.46
N TYR V 178 -40.77 45.55 22.40
CA TYR V 178 -39.39 45.15 22.15
C TYR V 178 -39.12 45.24 20.65
N ARG V 179 -37.88 45.58 20.31
CA ARG V 179 -37.52 45.83 18.92
C ARG V 179 -36.25 45.08 18.56
N ALA V 180 -36.23 44.53 17.34
CA ALA V 180 -35.02 43.96 16.77
C ALA V 180 -34.34 45.03 15.91
N GLU V 181 -33.76 46.01 16.60
CA GLU V 181 -33.29 47.23 15.97
C GLU V 181 -31.82 47.19 15.59
N SER V 182 -31.15 46.05 15.75
CA SER V 182 -29.73 45.97 15.37
C SER V 182 -29.51 46.31 13.91
N GLN V 183 -30.52 46.07 13.08
CA GLN V 183 -30.51 46.44 11.67
C GLN V 183 -31.90 46.98 11.33
N PRO V 184 -32.03 47.77 10.26
CA PRO V 184 -33.36 48.22 9.81
C PRO V 184 -34.12 47.14 9.07
N ASP V 185 -34.28 45.98 9.70
CA ASP V 185 -34.91 44.81 9.10
C ASP V 185 -36.21 44.51 9.82
N GLY V 186 -37.29 44.37 9.06
CA GLY V 186 -38.55 43.96 9.64
C GLY V 186 -38.52 42.50 10.06
N ILE V 187 -39.32 42.18 11.06
CA ILE V 187 -39.35 40.82 11.60
C ILE V 187 -40.26 39.99 10.71
N ILE V 188 -39.70 38.99 10.04
CA ILE V 188 -40.50 38.11 9.19
C ILE V 188 -41.14 36.99 9.98
N GLY V 189 -40.53 36.56 11.08
CA GLY V 189 -41.08 35.49 11.88
C GLY V 189 -40.41 35.42 13.22
N ILE V 190 -41.13 34.82 14.17
CA ILE V 190 -40.66 34.71 15.55
C ILE V 190 -40.73 33.25 15.98
N GLY V 191 -39.97 32.92 17.02
CA GLY V 191 -39.91 31.55 17.47
C GLY V 191 -39.19 31.44 18.79
N THR V 192 -39.10 30.21 19.29
CA THR V 192 -38.45 29.92 20.56
C THR V 192 -37.39 28.84 20.37
N TRP V 193 -36.14 29.17 20.71
CA TRP V 193 -35.06 28.20 20.72
C TRP V 193 -34.46 28.18 22.13
N ARG V 194 -34.44 27.01 22.75
CA ARG V 194 -34.02 26.85 24.15
C ARG V 194 -34.78 27.89 24.97
N ASP V 195 -34.11 28.66 25.84
CA ASP V 195 -34.75 29.69 26.63
C ASP V 195 -34.78 31.03 25.90
N PHE V 196 -34.34 31.04 24.64
CA PHE V 196 -34.23 32.35 23.91
C PHE V 196 -35.44 32.57 22.99
N ILE V 197 -35.84 33.83 22.80
CA ILE V 197 -36.95 34.14 21.85
C ILE V 197 -36.33 34.73 20.58
N VAL V 198 -36.16 33.92 19.54
CA VAL V 198 -35.50 34.39 18.29
C VAL V 198 -36.43 35.39 17.61
N CYS V 199 -35.87 36.25 16.75
CA CYS V 199 -36.72 37.21 15.98
C CYS V 199 -36.29 37.17 14.51
N PHE V 200 -36.58 36.05 13.83
CA PHE V 200 -36.13 35.90 12.41
C PHE V 200 -36.49 37.16 11.63
N GLY V 201 -35.48 37.95 11.26
CA GLY V 201 -35.74 39.19 10.52
C GLY V 201 -35.71 38.98 9.03
N SER V 202 -35.35 40.02 8.26
CA SER V 202 -35.22 39.89 6.79
C SER V 202 -33.75 40.01 6.41
N SER V 203 -32.88 40.25 7.39
CA SER V 203 -31.43 40.34 7.13
C SER V 203 -30.65 39.79 8.32
N THR V 204 -31.30 39.64 9.48
CA THR V 204 -30.62 39.15 10.70
C THR V 204 -31.55 38.19 11.47
N ILE V 205 -31.00 37.38 12.36
CA ILE V 205 -31.83 36.47 13.21
C ILE V 205 -31.44 36.75 14.66
N GLU V 206 -31.82 37.91 15.19
CA GLU V 206 -31.40 38.31 16.56
C GLU V 206 -32.02 37.39 17.61
N TYR V 207 -31.35 37.21 18.75
CA TYR V 207 -31.87 36.35 19.84
C TYR V 207 -32.26 37.23 21.03
N PHE V 208 -33.05 36.69 21.97
CA PHE V 208 -33.46 37.45 23.14
C PHE V 208 -33.55 36.52 24.34
N SER V 209 -33.19 37.03 25.52
CA SER V 209 -33.20 36.23 26.73
C SER V 209 -33.75 37.06 27.89
N LEU V 210 -34.36 36.38 28.84
CA LEU V 210 -34.89 37.06 30.02
C LEU V 210 -33.77 37.64 30.85
N THR V 211 -33.95 38.88 31.30
CA THR V 211 -32.99 39.50 32.20
C THR V 211 -33.36 39.32 33.66
N GLY V 212 -34.58 38.89 33.97
CA GLY V 212 -34.98 38.69 35.34
C GLY V 212 -35.23 39.95 36.12
N ALA V 213 -35.47 41.07 35.45
CA ALA V 213 -35.71 42.32 36.14
C ALA V 213 -37.02 42.28 36.92
N THR V 214 -37.03 42.97 38.06
CA THR V 214 -38.18 42.99 38.95
C THR V 214 -38.90 44.33 38.98
N THR V 215 -38.16 45.44 38.87
CA THR V 215 -38.78 46.75 38.90
C THR V 215 -39.69 46.96 37.71
N ALA V 216 -40.79 47.67 37.93
CA ALA V 216 -41.76 47.92 36.86
C ALA V 216 -41.15 48.81 35.79
N GLY V 217 -41.41 48.47 34.53
CA GLY V 217 -40.91 49.23 33.41
C GLY V 217 -39.58 48.78 32.85
N ALA V 218 -38.87 47.90 33.56
CA ALA V 218 -37.60 47.41 33.06
C ALA V 218 -37.83 46.39 31.95
N ALA V 219 -36.97 46.44 30.93
CA ALA V 219 -37.09 45.52 29.81
C ALA V 219 -36.81 44.08 30.27
N LEU V 220 -37.83 43.22 30.16
CA LEU V 220 -37.66 41.83 30.58
C LEU V 220 -36.67 41.10 29.71
N TYR V 221 -36.69 41.35 28.40
CA TYR V 221 -35.84 40.66 27.45
C TYR V 221 -34.75 41.60 26.95
N VAL V 222 -33.52 41.11 26.91
CA VAL V 222 -32.37 41.88 26.42
C VAL V 222 -31.75 41.12 25.25
N ALA V 223 -31.32 41.87 24.24
CA ALA V 223 -30.74 41.24 23.06
C ALA V 223 -29.43 40.55 23.42
N GLN V 224 -29.13 39.48 22.69
CA GLN V 224 -27.89 38.72 22.84
C GLN V 224 -27.09 38.86 21.56
N PRO V 225 -26.25 39.89 21.43
CA PRO V 225 -25.51 40.08 20.18
C PRO V 225 -24.61 38.92 19.82
N SER V 226 -24.05 38.21 20.81
CA SER V 226 -23.07 37.18 20.53
C SER V 226 -23.66 36.01 19.73
N LEU V 227 -24.98 35.84 19.76
CA LEU V 227 -25.63 34.75 19.04
C LEU V 227 -26.23 35.19 17.71
N MET V 228 -25.99 36.43 17.29
CA MET V 228 -26.59 36.92 16.06
C MET V 228 -26.15 36.10 14.86
N VAL V 229 -27.08 35.89 13.93
CA VAL V 229 -26.80 35.24 12.66
C VAL V 229 -27.14 36.22 11.55
N GLN V 230 -26.18 36.47 10.67
CA GLN V 230 -26.37 37.47 9.61
C GLN V 230 -27.02 36.89 8.37
N LYS V 231 -28.14 36.20 8.57
CA LYS V 231 -28.98 35.70 7.48
C LYS V 231 -30.43 35.94 7.88
N SER V 232 -31.36 35.42 7.08
CA SER V 232 -32.77 35.70 7.33
C SER V 232 -33.63 34.62 6.70
N ILE V 233 -34.91 34.65 7.03
CA ILE V 233 -35.90 33.76 6.45
C ILE V 233 -36.62 34.50 5.33
N ALA V 234 -36.89 33.77 4.24
CA ALA V 234 -37.53 34.39 3.08
C ALA V 234 -38.96 34.81 3.39
N GLY V 235 -39.74 33.91 4.00
CA GLY V 235 -41.13 34.17 4.28
C GLY V 235 -41.48 33.81 5.72
N THR V 236 -42.74 34.10 6.08
CA THR V 236 -43.17 33.96 7.46
C THR V 236 -43.06 32.52 7.95
N TYR V 237 -43.21 31.55 7.05
CA TYR V 237 -43.25 30.14 7.43
C TYR V 237 -42.10 29.34 6.83
N CYS V 238 -40.99 30.01 6.49
CA CYS V 238 -39.81 29.34 5.96
C CYS V 238 -38.81 28.96 7.04
N LYS V 239 -39.28 28.66 8.25
CA LYS V 239 -38.42 28.25 9.35
C LYS V 239 -39.06 27.08 10.08
N THR V 240 -38.22 26.28 10.73
CA THR V 240 -38.70 25.15 11.53
C THR V 240 -37.58 24.57 12.37
N PRO V 241 -37.87 24.04 13.55
CA PRO V 241 -36.84 23.34 14.32
C PRO V 241 -36.30 22.14 13.55
N PHE V 242 -35.00 21.93 13.66
CA PHE V 242 -34.35 20.81 12.97
C PHE V 242 -33.01 20.56 13.64
N ALA V 243 -32.86 19.39 14.26
CA ALA V 243 -31.62 18.98 14.91
C ALA V 243 -31.17 20.01 15.95
N ASP V 244 -32.05 20.27 16.92
CA ASP V 244 -31.78 21.16 18.04
C ASP V 244 -31.38 22.56 17.56
N SER V 245 -31.99 23.00 16.47
CA SER V 245 -31.76 24.33 15.91
C SER V 245 -32.84 24.59 14.85
N TYR V 246 -32.82 25.80 14.30
CA TYR V 246 -33.74 26.17 13.23
C TYR V 246 -33.04 26.18 11.88
N ALA V 247 -33.58 25.42 10.94
CA ALA V 247 -33.24 25.56 9.54
C ALA V 247 -34.20 26.56 8.89
N PHE V 248 -33.80 27.07 7.73
CA PHE V 248 -34.60 28.09 7.07
C PHE V 248 -34.14 28.23 5.63
N ILE V 249 -34.75 29.17 4.92
CA ILE V 249 -34.39 29.55 3.56
C ILE V 249 -33.94 30.99 3.58
N SER V 250 -32.75 31.26 3.04
CA SER V 250 -32.19 32.60 3.10
C SER V 250 -33.07 33.61 2.36
N HIS V 251 -33.28 34.76 2.97
CA HIS V 251 -34.01 35.84 2.33
C HIS V 251 -33.20 36.39 1.15
N PRO V 252 -33.86 36.83 0.08
CA PRO V 252 -33.11 37.35 -1.08
C PRO V 252 -32.29 38.59 -0.77
N ALA V 253 -32.51 39.25 0.36
CA ALA V 253 -31.74 40.44 0.69
C ALA V 253 -30.26 40.13 0.82
N THR V 254 -29.92 39.02 1.47
CA THR V 254 -28.53 38.67 1.70
C THR V 254 -27.88 38.00 0.49
N GLY V 255 -28.64 37.67 -0.54
CA GLY V 255 -28.12 37.03 -1.71
C GLY V 255 -29.11 36.00 -2.23
N ALA V 256 -28.62 35.10 -3.06
CA ALA V 256 -29.47 34.06 -3.61
C ALA V 256 -29.97 33.16 -2.48
N PRO V 257 -31.25 32.81 -2.46
CA PRO V 257 -31.77 31.97 -1.38
C PRO V 257 -31.12 30.59 -1.38
N SER V 258 -30.93 30.04 -0.18
CA SER V 258 -30.35 28.72 -0.03
C SER V 258 -30.68 28.20 1.35
N VAL V 259 -31.01 26.91 1.43
CA VAL V 259 -31.42 26.32 2.71
C VAL V 259 -30.24 26.33 3.66
N TYR V 260 -30.49 26.79 4.88
CA TYR V 260 -29.43 27.01 5.87
C TYR V 260 -29.82 26.33 7.17
N ILE V 261 -28.81 26.06 8.01
CA ILE V 261 -29.02 25.64 9.39
C ILE V 261 -28.19 26.54 10.30
N ILE V 262 -28.81 27.00 11.38
CA ILE V 262 -28.13 27.88 12.33
C ILE V 262 -27.26 27.05 13.25
N GLY V 263 -25.99 27.41 13.36
CA GLY V 263 -25.12 26.76 14.31
C GLY V 263 -24.17 27.72 15.01
N SER V 264 -24.26 27.79 16.34
CA SER V 264 -23.38 28.61 17.17
C SER V 264 -23.28 30.04 16.63
N GLY V 265 -24.43 30.62 16.31
CA GLY V 265 -24.45 31.97 15.74
C GLY V 265 -23.79 32.06 14.38
N GLN V 266 -24.06 31.09 13.51
CA GLN V 266 -23.51 31.08 12.17
C GLN V 266 -24.38 30.19 11.30
N ALA V 267 -24.56 30.58 10.03
CA ALA V 267 -25.40 29.86 9.10
C ALA V 267 -24.53 29.00 8.18
N SER V 268 -24.77 27.71 8.16
CA SER V 268 -24.02 26.78 7.33
C SER V 268 -24.94 26.19 6.26
N PRO V 269 -24.58 26.30 4.98
CA PRO V 269 -25.48 25.82 3.93
C PRO V 269 -25.59 24.30 3.93
N ILE V 270 -26.76 23.81 3.55
CA ILE V 270 -27.00 22.38 3.38
C ILE V 270 -27.69 22.12 2.06
N ALA V 271 -27.73 23.14 1.20
CA ALA V 271 -28.40 23.03 -0.10
C ALA V 271 -27.36 22.88 -1.20
N THR V 272 -27.49 21.82 -1.99
CA THR V 272 -26.60 21.61 -3.12
C THR V 272 -26.89 22.64 -4.22
N ALA V 273 -26.15 22.55 -5.31
CA ALA V 273 -26.36 23.46 -6.43
C ALA V 273 -27.75 23.29 -7.04
N SER V 274 -28.17 22.04 -7.25
CA SER V 274 -29.45 21.79 -7.90
C SER V 274 -30.63 22.27 -7.06
N ILE V 275 -30.58 22.01 -5.74
CA ILE V 275 -31.65 22.49 -4.86
C ILE V 275 -31.74 24.00 -4.91
N GLU V 276 -30.60 24.67 -4.90
CA GLU V 276 -30.62 26.12 -4.86
C GLU V 276 -31.03 26.72 -6.20
N LYS V 277 -30.71 26.05 -7.31
CA LYS V 277 -31.26 26.48 -8.59
C LYS V 277 -32.77 26.32 -8.62
N ILE V 278 -33.28 25.21 -8.07
CA ILE V 278 -34.72 25.00 -8.01
C ILE V 278 -35.38 26.08 -7.18
N ILE V 279 -34.77 26.43 -6.04
CA ILE V 279 -35.31 27.47 -5.18
C ILE V 279 -35.29 28.82 -5.89
N ARG V 280 -34.18 29.13 -6.56
CA ARG V 280 -34.07 30.38 -7.29
C ARG V 280 -35.01 30.44 -8.49
N SER V 281 -35.51 29.29 -8.95
CA SER V 281 -36.43 29.27 -10.08
C SER V 281 -37.77 29.93 -9.76
N TYR V 282 -38.06 30.21 -8.50
CA TYR V 282 -39.33 30.78 -8.08
C TYR V 282 -39.22 32.29 -7.97
N THR V 283 -40.36 32.95 -8.09
CA THR V 283 -40.41 34.39 -7.86
C THR V 283 -40.52 34.67 -6.37
N ALA V 284 -40.40 35.96 -6.02
CA ALA V 284 -40.37 36.34 -4.60
C ALA V 284 -41.66 35.98 -3.90
N GLU V 285 -42.80 36.37 -4.48
CA GLU V 285 -44.09 36.13 -3.82
C GLU V 285 -44.40 34.64 -3.74
N GLU V 286 -44.15 33.88 -4.82
CA GLU V 286 -44.40 32.44 -4.78
C GLU V 286 -43.53 31.76 -3.75
N MET V 287 -42.25 32.13 -3.69
CA MET V 287 -41.33 31.50 -2.75
C MET V 287 -41.60 31.92 -1.31
N ALA V 288 -42.20 33.09 -1.11
CA ALA V 288 -42.52 33.53 0.26
C ALA V 288 -43.59 32.64 0.87
N THR V 289 -44.56 32.20 0.08
CA THR V 289 -45.64 31.35 0.60
C THR V 289 -45.17 29.95 0.96
N GLY V 290 -43.94 29.58 0.59
CA GLY V 290 -43.45 28.25 0.92
C GLY V 290 -43.35 28.06 2.42
N VAL V 291 -43.61 26.83 2.86
CA VAL V 291 -43.56 26.46 4.26
C VAL V 291 -42.68 25.21 4.39
N MET V 292 -41.88 25.16 5.44
CA MET V 292 -41.00 24.03 5.68
C MET V 292 -41.19 23.54 7.11
N GLU V 293 -40.96 22.24 7.30
CA GLU V 293 -41.25 21.60 8.57
C GLU V 293 -40.35 20.39 8.74
N THR V 294 -40.36 19.83 9.95
CA THR V 294 -39.55 18.66 10.28
C THR V 294 -40.46 17.46 10.48
N LEU V 295 -40.05 16.32 9.91
CA LEU V 295 -40.73 15.05 10.11
C LEU V 295 -39.68 14.02 10.45
N ARG V 296 -39.93 13.22 11.48
CA ARG V 296 -38.96 12.24 11.94
C ARG V 296 -39.63 10.89 12.08
N PHE V 297 -39.12 9.89 11.37
CA PHE V 297 -39.60 8.52 11.55
C PHE V 297 -38.47 7.57 11.22
N ASP V 298 -38.47 6.43 11.92
CA ASP V 298 -37.36 5.48 11.91
C ASP V 298 -36.06 6.21 12.22
N SER V 299 -35.06 6.07 11.36
CA SER V 299 -33.78 6.71 11.60
C SER V 299 -33.61 8.01 10.82
N HIS V 300 -34.52 8.31 9.91
CA HIS V 300 -34.40 9.49 9.07
C HIS V 300 -34.73 10.76 9.85
N GLU V 301 -34.10 11.86 9.46
CA GLU V 301 -34.35 13.18 10.03
C GLU V 301 -34.77 14.07 8.87
N LEU V 302 -36.05 14.01 8.48
CA LEU V 302 -36.49 14.75 7.32
C LEU V 302 -36.66 16.22 7.63
N LEU V 303 -36.41 17.06 6.63
CA LEU V 303 -36.68 18.50 6.69
C LEU V 303 -37.46 18.80 5.42
N ILE V 304 -38.79 18.67 5.51
CA ILE V 304 -39.64 18.77 4.33
C ILE V 304 -39.89 20.24 4.02
N ILE V 305 -39.72 20.62 2.76
CA ILE V 305 -39.94 21.98 2.29
C ILE V 305 -41.11 21.95 1.31
N HIS V 306 -42.14 22.74 1.59
CA HIS V 306 -43.35 22.75 0.77
C HIS V 306 -43.33 23.98 -0.13
N LEU V 307 -42.62 23.87 -1.23
CA LEU V 307 -42.59 24.93 -2.23
C LEU V 307 -43.81 24.82 -3.13
N PRO V 308 -44.19 25.90 -3.82
CA PRO V 308 -45.45 25.87 -4.59
C PRO V 308 -45.51 24.78 -5.65
N ARG V 309 -44.41 24.48 -6.32
CA ARG V 309 -44.39 23.46 -7.37
C ARG V 309 -43.39 22.35 -7.12
N HIS V 310 -42.75 22.34 -5.94
CA HIS V 310 -41.84 21.28 -5.56
C HIS V 310 -42.00 20.99 -4.07
N VAL V 311 -41.66 19.77 -3.68
CA VAL V 311 -41.62 19.38 -2.27
C VAL V 311 -40.27 18.74 -2.02
N LEU V 312 -39.29 19.55 -1.62
CA LEU V 312 -37.94 19.08 -1.37
C LEU V 312 -37.85 18.50 0.04
N VAL V 313 -37.08 17.44 0.19
CA VAL V 313 -36.92 16.77 1.49
C VAL V 313 -35.44 16.53 1.73
N TYR V 314 -34.97 16.97 2.89
CA TYR V 314 -33.58 16.78 3.31
C TYR V 314 -33.54 15.69 4.37
N ASP V 315 -32.77 14.64 4.12
CA ASP V 315 -32.65 13.50 5.02
C ASP V 315 -31.30 13.61 5.72
N ALA V 316 -31.30 14.10 6.96
CA ALA V 316 -30.05 14.37 7.65
C ALA V 316 -29.26 13.09 7.91
N SER V 317 -29.93 12.01 8.29
CA SER V 317 -29.23 10.77 8.60
C SER V 317 -28.57 10.15 7.39
N SER V 318 -29.02 10.50 6.17
CA SER V 318 -28.47 9.96 4.94
C SER V 318 -27.51 10.92 4.25
N SER V 319 -27.01 11.92 4.97
CA SER V 319 -26.10 12.90 4.40
C SER V 319 -24.64 12.57 4.67
N GLN V 320 -24.31 11.28 4.73
CA GLN V 320 -22.94 10.88 5.04
C GLN V 320 -21.98 11.32 3.93
N ASN V 321 -22.36 11.12 2.67
CA ASN V 321 -21.52 11.47 1.54
C ASN V 321 -21.81 12.86 0.98
N GLY V 322 -22.69 13.61 1.63
CA GLY V 322 -23.10 14.91 1.15
C GLY V 322 -24.60 15.07 1.32
N PRO V 323 -25.11 16.28 1.09
CA PRO V 323 -26.54 16.52 1.27
C PRO V 323 -27.36 15.61 0.34
N GLN V 324 -28.46 15.10 0.89
CA GLN V 324 -29.31 14.15 0.18
C GLN V 324 -30.73 14.71 0.13
N TRP V 325 -31.17 15.07 -1.06
CA TRP V 325 -32.49 15.66 -1.27
C TRP V 325 -33.31 14.78 -2.19
N CYS V 326 -34.55 14.52 -1.82
CA CYS V 326 -35.48 13.76 -2.62
C CYS V 326 -36.74 14.59 -2.87
N VAL V 327 -37.21 14.58 -4.11
CA VAL V 327 -38.37 15.38 -4.51
C VAL V 327 -39.61 14.49 -4.42
N LEU V 328 -40.45 14.74 -3.43
CA LEU V 328 -41.72 14.04 -3.32
C LEU V 328 -42.73 14.62 -4.29
N LYS V 329 -43.61 13.77 -4.80
CA LYS V 329 -44.62 14.20 -5.75
C LYS V 329 -45.83 13.28 -5.65
N THR V 330 -46.97 13.80 -6.08
CA THR V 330 -48.23 13.07 -6.07
C THR V 330 -48.76 12.96 -7.50
N GLY V 331 -49.25 11.78 -7.84
CA GLY V 331 -49.77 11.54 -9.18
C GLY V 331 -48.69 11.18 -10.16
N LEU V 332 -49.14 10.84 -11.38
CA LEU V 332 -48.23 10.36 -12.40
C LEU V 332 -47.37 11.50 -12.96
N TYR V 333 -47.96 12.67 -13.14
CA TYR V 333 -47.24 13.82 -13.67
C TYR V 333 -46.69 14.65 -12.51
N ASP V 334 -46.24 15.86 -12.81
CA ASP V 334 -45.39 16.65 -11.92
C ASP V 334 -46.17 17.38 -10.82
N ASP V 335 -47.38 16.93 -10.49
CA ASP V 335 -48.16 17.57 -9.44
C ASP V 335 -47.39 17.63 -8.13
N VAL V 336 -47.82 18.54 -7.26
CA VAL V 336 -47.15 18.76 -5.98
C VAL V 336 -47.67 17.76 -4.96
N TYR V 337 -46.80 17.37 -4.02
CA TYR V 337 -47.17 16.40 -3.00
C TYR V 337 -48.35 16.90 -2.19
N ARG V 338 -49.36 16.04 -2.02
CA ARG V 338 -50.57 16.44 -1.32
C ARG V 338 -50.38 16.51 0.19
N GLY V 339 -49.60 15.59 0.75
CA GLY V 339 -49.41 15.58 2.19
C GLY V 339 -48.75 16.85 2.67
N VAL V 340 -49.26 17.38 3.77
CA VAL V 340 -48.78 18.63 4.34
C VAL V 340 -49.04 18.63 5.84
N ASP V 341 -48.18 19.31 6.58
CA ASP V 341 -48.30 19.46 8.03
C ASP V 341 -48.28 18.10 8.74
N PHE V 342 -47.14 17.42 8.59
CA PHE V 342 -46.96 16.12 9.24
C PHE V 342 -46.74 16.30 10.74
N MET V 343 -47.34 15.43 11.53
CA MET V 343 -47.12 15.41 12.97
C MET V 343 -47.29 13.99 13.47
N TYR V 344 -46.43 13.58 14.40
CA TYR V 344 -46.46 12.25 14.98
C TYR V 344 -47.24 12.29 16.28
N GLU V 345 -48.37 11.58 16.33
CA GLU V 345 -49.20 11.52 17.52
C GLU V 345 -49.53 10.07 17.84
N GLY V 346 -49.54 9.76 19.14
CA GLY V 346 -49.88 8.42 19.57
C GLY V 346 -48.94 7.36 19.02
N ASN V 347 -49.44 6.57 18.08
CA ASN V 347 -48.71 5.47 17.48
C ASN V 347 -48.20 5.78 16.08
N GLN V 348 -49.00 6.47 15.26
CA GLN V 348 -48.69 6.65 13.86
C GLN V 348 -48.82 8.12 13.46
N ILE V 349 -48.04 8.50 12.45
CA ILE V 349 -48.01 9.88 12.00
C ILE V 349 -49.35 10.24 11.33
N THR V 350 -49.72 11.51 11.40
CA THR V 350 -50.89 12.03 10.71
C THR V 350 -50.49 13.25 9.91
N CYS V 351 -51.06 13.39 8.72
CA CYS V 351 -50.74 14.50 7.83
C CYS V 351 -52.01 15.04 7.19
N GLY V 352 -52.04 16.35 6.99
CA GLY V 352 -53.14 17.00 6.30
C GLY V 352 -53.01 16.85 4.80
N ASP V 353 -53.95 17.47 4.09
CA ASP V 353 -53.99 17.42 2.63
C ASP V 353 -54.09 18.83 2.07
N LYS V 354 -53.35 19.07 0.98
CA LYS V 354 -53.38 20.39 0.34
C LYS V 354 -54.62 20.61 -0.49
N SER V 355 -55.16 19.57 -1.13
CA SER V 355 -56.29 19.72 -2.05
C SER V 355 -57.61 19.32 -1.42
N GLU V 356 -57.72 18.08 -0.95
CA GLU V 356 -58.98 17.61 -0.38
C GLU V 356 -59.10 18.04 1.08
N ALA V 357 -60.31 17.91 1.60
CA ALA V 357 -60.59 18.23 2.99
C ALA V 357 -60.57 16.96 3.83
N VAL V 358 -59.37 16.37 3.93
CA VAL V 358 -59.17 15.12 4.65
C VAL V 358 -57.85 15.21 5.41
N VAL V 359 -57.65 14.25 6.31
CA VAL V 359 -56.38 14.07 7.01
C VAL V 359 -55.94 12.64 6.80
N GLY V 360 -54.66 12.46 6.47
CA GLY V 360 -54.10 11.15 6.20
C GLY V 360 -53.11 10.75 7.28
N GLN V 361 -53.08 9.46 7.59
CA GLN V 361 -52.09 8.90 8.50
C GLN V 361 -51.11 8.07 7.69
N LEU V 362 -49.82 8.27 7.93
CA LEU V 362 -48.80 7.55 7.18
C LEU V 362 -48.87 6.07 7.51
N GLN V 363 -48.92 5.24 6.47
CA GLN V 363 -48.92 3.80 6.61
C GLN V 363 -47.70 3.25 5.89
N PHE V 364 -46.95 2.39 6.57
CA PHE V 364 -45.63 2.00 6.09
C PHE V 364 -45.65 0.78 5.18
N ASP V 365 -46.71 -0.02 5.20
CA ASP V 365 -46.78 -1.22 4.38
C ASP V 365 -47.36 -0.97 3.00
N ILE V 366 -47.72 0.28 2.67
CA ILE V 366 -48.17 0.63 1.33
C ILE V 366 -47.51 1.94 0.92
N SER V 367 -47.53 2.21 -0.38
CA SER V 367 -47.09 3.49 -0.91
C SER V 367 -48.19 4.28 -1.58
N SER V 368 -49.39 3.72 -1.72
CA SER V 368 -50.51 4.45 -2.29
C SER V 368 -50.94 5.58 -1.38
N GLN V 369 -51.39 6.67 -1.99
CA GLN V 369 -51.85 7.85 -1.26
C GLN V 369 -53.34 8.00 -1.50
N TYR V 370 -54.14 7.79 -0.45
CA TYR V 370 -55.59 7.83 -0.54
C TYR V 370 -56.11 6.85 -1.60
N ASP V 371 -55.51 5.67 -1.64
CA ASP V 371 -55.88 4.60 -2.56
C ASP V 371 -55.73 5.04 -4.02
N LYS V 372 -54.52 5.52 -4.34
CA LYS V 372 -54.18 5.91 -5.70
C LYS V 372 -52.75 5.49 -5.99
N GLN V 373 -52.45 5.25 -7.27
CA GLN V 373 -51.08 4.93 -7.64
C GLN V 373 -50.21 6.17 -7.54
N GLN V 374 -48.91 5.94 -7.32
CA GLN V 374 -47.90 6.98 -7.24
C GLN V 374 -46.65 6.53 -7.97
N GLU V 375 -45.82 7.51 -8.34
CA GLU V 375 -44.66 7.29 -9.17
C GLU V 375 -43.39 7.41 -8.34
N HIS V 376 -42.52 6.42 -8.44
CA HIS V 376 -41.22 6.43 -7.78
C HIS V 376 -40.13 6.38 -8.84
N LEU V 377 -39.20 7.34 -8.78
CA LEU V 377 -38.15 7.46 -9.75
C LEU V 377 -36.78 7.29 -9.09
N LEU V 378 -35.85 6.72 -9.85
CA LEU V 378 -34.47 6.55 -9.39
C LEU V 378 -33.54 6.73 -10.59
N PHE V 379 -32.62 7.67 -10.49
CA PHE V 379 -31.69 8.00 -11.57
C PHE V 379 -30.28 7.65 -11.15
N THR V 380 -29.55 6.98 -12.02
CA THR V 380 -28.13 6.72 -11.81
C THR V 380 -27.30 7.81 -12.48
N PRO V 381 -26.14 8.17 -11.92
CA PRO V 381 -25.38 9.28 -12.49
C PRO V 381 -24.75 8.93 -13.82
N LEU V 382 -24.54 9.97 -14.64
CA LEU V 382 -23.87 9.79 -15.92
C LEU V 382 -22.43 9.38 -15.71
N PHE V 383 -21.98 8.36 -16.42
CA PHE V 383 -20.60 7.91 -16.35
C PHE V 383 -20.09 7.62 -17.75
N LYS V 384 -18.82 7.97 -18.00
CA LYS V 384 -18.23 7.89 -19.32
C LYS V 384 -17.68 6.49 -19.56
N ALA V 385 -18.30 5.75 -20.47
CA ALA V 385 -17.78 4.49 -20.97
C ALA V 385 -17.74 4.57 -22.49
N ASP V 386 -16.57 4.32 -23.06
CA ASP V 386 -16.38 4.40 -24.51
C ASP V 386 -16.26 3.00 -25.10
N ASN V 387 -17.09 2.71 -26.09
CA ASN V 387 -17.02 1.46 -26.85
C ASN V 387 -17.16 0.23 -25.94
N ALA V 388 -17.82 0.40 -24.80
CA ALA V 388 -18.01 -0.69 -23.85
C ALA V 388 -19.38 -1.33 -24.02
N ARG V 389 -19.53 -2.52 -23.46
CA ARG V 389 -20.80 -3.24 -23.49
C ARG V 389 -21.24 -3.54 -22.07
N CYS V 390 -22.55 -3.48 -21.85
CA CYS V 390 -23.15 -3.80 -20.56
C CYS V 390 -24.23 -4.84 -20.76
N PHE V 391 -24.16 -5.93 -19.99
CA PHE V 391 -25.17 -6.99 -20.12
C PHE V 391 -26.00 -7.18 -18.86
N ASP V 392 -25.39 -7.50 -17.73
CA ASP V 392 -26.15 -7.78 -16.52
C ASP V 392 -26.41 -6.48 -15.78
N LEU V 393 -27.69 -6.17 -15.53
CA LEU V 393 -28.08 -4.97 -14.80
C LEU V 393 -29.12 -5.39 -13.77
N GLU V 394 -28.66 -5.62 -12.54
CA GLU V 394 -29.49 -6.17 -11.47
C GLU V 394 -29.65 -5.15 -10.35
N VAL V 395 -30.87 -4.98 -9.86
CA VAL V 395 -31.17 -4.12 -8.72
C VAL V 395 -31.93 -4.96 -7.70
N GLU V 396 -31.30 -5.25 -6.57
CA GLU V 396 -31.94 -6.04 -5.52
C GLU V 396 -33.21 -5.35 -5.04
N SER V 397 -34.29 -6.11 -4.93
CA SER V 397 -35.56 -5.58 -4.47
C SER V 397 -36.14 -6.51 -3.41
N SER V 398 -36.72 -5.92 -2.38
CA SER V 398 -37.38 -6.68 -1.31
C SER V 398 -38.79 -7.00 -1.78
N THR V 399 -38.94 -8.17 -2.41
CA THR V 399 -40.19 -8.52 -3.07
C THR V 399 -41.17 -9.15 -2.11
N GLY V 400 -42.43 -8.81 -2.27
CA GLY V 400 -43.52 -9.49 -1.59
C GLY V 400 -44.17 -8.65 -0.50
N VAL V 401 -45.31 -8.04 -0.85
CA VAL V 401 -46.10 -7.13 0.01
C VAL V 401 -46.99 -6.30 -0.92
N ALA V 402 -47.29 -6.84 -2.10
CA ALA V 402 -47.97 -6.07 -3.12
C ALA V 402 -49.33 -6.68 -3.43
N GLN V 403 -50.07 -5.99 -4.30
CA GLN V 403 -51.36 -6.46 -4.79
C GLN V 403 -51.24 -7.11 -6.17
N TYR V 404 -50.36 -6.59 -7.02
CA TYR V 404 -50.06 -7.20 -8.30
C TYR V 404 -48.54 -7.21 -8.42
N ALA V 405 -48.03 -7.89 -9.45
CA ALA V 405 -46.60 -7.88 -9.73
C ALA V 405 -46.19 -6.60 -10.44
N ASP V 406 -46.37 -5.46 -9.78
CA ASP V 406 -46.10 -4.15 -10.38
C ASP V 406 -44.73 -4.09 -11.05
N ARG V 407 -44.72 -3.82 -12.35
CA ARG V 407 -43.49 -3.79 -13.13
C ARG V 407 -42.88 -2.40 -13.13
N LEU V 408 -41.55 -2.36 -13.27
CA LEU V 408 -40.83 -1.10 -13.33
C LEU V 408 -40.41 -0.82 -14.77
N PHE V 409 -40.47 0.45 -15.15
CA PHE V 409 -40.03 0.88 -16.47
C PHE V 409 -38.56 1.30 -16.38
N LEU V 410 -37.69 0.57 -17.06
CA LEU V 410 -36.25 0.81 -17.02
C LEU V 410 -35.81 1.34 -18.36
N SER V 411 -35.24 2.54 -18.37
CA SER V 411 -34.79 3.18 -19.60
C SER V 411 -33.41 3.78 -19.37
N ALA V 412 -32.70 4.02 -20.48
CA ALA V 412 -31.33 4.58 -20.38
C ALA V 412 -31.15 5.75 -21.35
N THR V 413 -30.47 6.81 -20.90
CA THR V 413 -30.24 8.01 -21.75
C THR V 413 -28.81 7.99 -22.29
N THR V 414 -28.51 8.83 -23.28
CA THR V 414 -27.14 8.91 -23.84
C THR V 414 -26.71 10.38 -23.95
N ASP V 415 -27.66 11.30 -23.81
CA ASP V 415 -27.32 12.75 -23.84
C ASP V 415 -27.55 13.33 -22.45
N GLY V 416 -28.22 12.57 -21.58
CA GLY V 416 -28.47 13.03 -20.20
C GLY V 416 -29.74 13.85 -20.10
N ILE V 417 -30.33 14.23 -21.25
CA ILE V 417 -31.55 15.08 -21.25
C ILE V 417 -32.75 14.23 -21.68
N ASN V 418 -32.65 13.53 -22.81
CA ASN V 418 -33.78 12.74 -23.33
C ASN V 418 -33.49 11.24 -23.17
N TYR V 419 -34.49 10.44 -22.81
CA TYR V 419 -34.28 9.00 -22.56
C TYR V 419 -34.76 8.16 -23.75
N GLY V 420 -34.52 6.85 -23.72
CA GLY V 420 -34.88 5.98 -24.85
C GLY V 420 -36.07 5.10 -24.57
N ARG V 421 -36.07 3.86 -25.10
CA ARG V 421 -37.22 3.00 -24.93
C ARG V 421 -37.37 2.56 -23.48
N GLU V 422 -38.61 2.45 -23.03
CA GLU V 422 -38.91 2.03 -21.66
C GLU V 422 -39.07 0.52 -21.66
N GLN V 423 -38.16 -0.18 -20.98
CA GLN V 423 -38.25 -1.62 -20.85
C GLN V 423 -38.90 -1.96 -19.52
N MET V 424 -39.87 -2.88 -19.56
CA MET V 424 -40.72 -3.18 -18.43
C MET V 424 -40.27 -4.50 -17.81
N ILE V 425 -39.95 -4.47 -16.51
CA ILE V 425 -39.45 -5.63 -15.79
C ILE V 425 -40.24 -5.77 -14.50
N GLU V 426 -40.63 -6.99 -14.16
CA GLU V 426 -41.30 -7.23 -12.89
C GLU V 426 -40.38 -6.84 -11.74
N GLN V 427 -40.92 -6.07 -10.81
CA GLN V 427 -40.15 -5.53 -9.69
C GLN V 427 -40.54 -6.16 -8.36
N ASN V 428 -41.84 -6.22 -8.06
CA ASN V 428 -42.37 -7.07 -7.01
C ASN V 428 -43.20 -8.17 -7.65
N GLU V 429 -43.29 -9.30 -6.97
CA GLU V 429 -44.31 -10.27 -7.26
C GLU V 429 -45.16 -10.42 -6.01
N PRO V 430 -46.49 -10.38 -6.10
CA PRO V 430 -47.30 -10.46 -4.88
C PRO V 430 -47.01 -11.74 -4.14
N PHE V 431 -46.40 -11.59 -2.96
CA PHE V 431 -46.31 -12.62 -1.94
C PHE V 431 -45.20 -13.64 -2.24
N VAL V 432 -44.22 -13.23 -3.04
CA VAL V 432 -43.01 -14.01 -3.31
C VAL V 432 -41.82 -13.17 -2.86
N TYR V 433 -40.91 -13.78 -2.10
CA TYR V 433 -39.88 -13.05 -1.41
C TYR V 433 -38.46 -13.23 -1.95
N ASP V 434 -38.28 -13.94 -3.06
CA ASP V 434 -36.94 -14.20 -3.57
C ASP V 434 -36.81 -13.85 -5.06
N LYS V 435 -37.65 -12.97 -5.58
CA LYS V 435 -37.49 -12.54 -6.96
C LYS V 435 -36.29 -11.60 -7.09
N ARG V 436 -35.59 -11.70 -8.22
CA ARG V 436 -34.50 -10.80 -8.58
C ARG V 436 -34.91 -9.97 -9.79
N VAL V 437 -34.62 -8.67 -9.73
CA VAL V 437 -34.89 -7.77 -10.84
C VAL V 437 -33.62 -7.74 -11.70
N LEU V 438 -33.62 -8.52 -12.78
CA LEU V 438 -32.45 -8.71 -13.61
C LEU V 438 -32.81 -8.40 -15.05
N TRP V 439 -31.96 -7.61 -15.72
CA TRP V 439 -32.10 -7.35 -17.15
C TRP V 439 -30.77 -7.59 -17.83
N LYS V 440 -30.79 -8.37 -18.89
CA LYS V 440 -29.61 -8.69 -19.68
C LYS V 440 -29.64 -7.94 -21.01
N ARG V 441 -28.49 -7.92 -21.68
CA ARG V 441 -28.39 -7.37 -23.04
C ARG V 441 -28.74 -5.89 -23.07
N VAL V 442 -28.12 -5.11 -22.18
CA VAL V 442 -28.39 -3.68 -22.12
C VAL V 442 -27.95 -3.01 -23.42
N GLY V 443 -26.71 -3.25 -23.84
CA GLY V 443 -26.27 -2.75 -25.12
C GLY V 443 -24.87 -2.20 -25.04
N ARG V 444 -24.57 -1.33 -26.00
CA ARG V 444 -23.27 -0.69 -26.12
C ARG V 444 -23.35 0.76 -25.70
N ILE V 445 -22.45 1.19 -24.83
CA ILE V 445 -22.41 2.56 -24.34
C ILE V 445 -21.52 3.34 -25.30
N ARG V 446 -22.13 4.16 -26.16
CA ARG V 446 -21.35 4.89 -27.14
C ARG V 446 -20.45 5.92 -26.46
N ARG V 447 -21.04 6.93 -25.82
CA ARG V 447 -20.27 7.88 -25.05
C ARG V 447 -20.68 7.89 -23.58
N LEU V 448 -21.96 8.14 -23.33
CA LEU V 448 -22.50 8.27 -21.99
C LEU V 448 -23.80 7.47 -21.88
N ILE V 449 -24.14 7.07 -20.67
CA ILE V 449 -25.40 6.36 -20.43
C ILE V 449 -25.85 6.66 -19.01
N GLY V 450 -27.16 6.88 -18.85
CA GLY V 450 -27.75 7.05 -17.54
C GLY V 450 -29.07 6.31 -17.44
N PHE V 451 -29.25 5.51 -16.41
CA PHE V 451 -30.43 4.67 -16.27
C PHE V 451 -31.45 5.33 -15.36
N LYS V 452 -32.70 5.35 -15.80
CA LYS V 452 -33.82 5.85 -15.02
C LYS V 452 -34.73 4.68 -14.67
N LEU V 453 -34.88 4.41 -13.38
CA LEU V 453 -35.78 3.36 -12.91
C LEU V 453 -37.08 4.00 -12.46
N ARG V 454 -38.18 3.63 -13.13
CA ARG V 454 -39.48 4.22 -12.88
C ARG V 454 -40.45 3.11 -12.48
N VAL V 455 -41.04 3.23 -11.29
CA VAL V 455 -41.90 2.20 -10.73
C VAL V 455 -43.26 2.83 -10.44
N ILE V 456 -44.32 2.19 -10.95
CA ILE V 456 -45.68 2.63 -10.74
C ILE V 456 -46.40 1.55 -9.95
N THR V 457 -46.68 1.81 -8.69
CA THR V 457 -47.17 0.76 -7.81
C THR V 457 -47.93 1.36 -6.64
N LYS V 458 -48.72 0.52 -5.98
CA LYS V 458 -49.43 0.87 -4.75
C LYS V 458 -48.82 0.21 -3.53
N SER V 459 -47.63 -0.35 -3.64
CA SER V 459 -46.96 -1.08 -2.58
C SER V 459 -45.53 -0.59 -2.45
N PRO V 460 -44.93 -0.70 -1.26
CA PRO V 460 -43.58 -0.17 -1.07
C PRO V 460 -42.57 -0.87 -1.96
N VAL V 461 -41.62 -0.08 -2.46
CA VAL V 461 -40.55 -0.58 -3.30
C VAL V 461 -39.23 -0.30 -2.59
N THR V 462 -38.41 -1.34 -2.44
CA THR V 462 -37.15 -1.26 -1.72
C THR V 462 -36.04 -1.71 -2.67
N LEU V 463 -35.41 -0.76 -3.34
CA LEU V 463 -34.34 -1.05 -4.28
C LEU V 463 -32.99 -0.93 -3.59
N SER V 464 -32.12 -1.89 -3.83
CA SER V 464 -30.81 -1.96 -3.20
C SER V 464 -29.72 -1.81 -4.27
N GLY V 465 -28.49 -2.07 -3.87
CA GLY V 465 -27.32 -1.88 -4.72
C GLY V 465 -27.46 -2.35 -6.15
N CYS V 466 -27.20 -1.44 -7.09
CA CYS V 466 -27.36 -1.72 -8.52
C CYS V 466 -26.02 -2.13 -9.10
N GLN V 467 -25.97 -3.34 -9.66
CA GLN V 467 -24.77 -3.87 -10.28
C GLN V 467 -24.97 -3.93 -11.79
N ILE V 468 -23.98 -3.46 -12.54
CA ILE V 468 -23.97 -3.54 -13.98
C ILE V 468 -22.67 -4.20 -14.42
N ARG V 469 -22.77 -5.20 -15.30
CA ARG V 469 -21.59 -5.93 -15.76
C ARG V 469 -21.07 -5.26 -17.02
N LEU V 470 -20.34 -4.17 -16.81
CA LEU V 470 -19.77 -3.39 -17.92
C LEU V 470 -18.58 -4.20 -18.47
N GLU V 471 -18.90 -5.09 -19.39
CA GLU V 471 -17.90 -5.99 -19.96
C GLU V 471 -17.25 -5.35 -21.18
N PRO W 1 17.85 6.29 -14.38
CA PRO W 1 17.20 6.73 -13.14
C PRO W 1 17.24 8.24 -12.98
N ILE W 2 16.32 8.95 -13.64
CA ILE W 2 16.29 10.40 -13.54
C ILE W 2 15.91 10.77 -12.10
N GLN W 3 16.88 11.31 -11.36
CA GLN W 3 16.71 11.59 -9.94
C GLN W 3 16.84 13.09 -9.72
N GLN W 4 15.84 13.68 -9.08
CA GLN W 4 15.80 15.12 -8.90
C GLN W 4 16.66 15.55 -7.71
N LEU W 5 17.16 16.79 -7.77
CA LEU W 5 18.02 17.34 -6.74
C LEU W 5 17.41 18.61 -6.20
N PRO W 6 17.10 18.69 -4.91
CA PRO W 6 16.61 19.95 -4.35
C PRO W 6 17.69 21.01 -4.38
N MET W 7 17.26 22.26 -4.51
CA MET W 7 18.19 23.40 -4.50
C MET W 7 17.80 24.47 -3.49
N MET W 8 16.70 24.30 -2.75
CA MET W 8 16.26 25.32 -1.80
C MET W 8 17.21 25.46 -0.62
N LYS W 9 18.05 24.46 -0.36
CA LYS W 9 18.97 24.52 0.77
C LYS W 9 20.09 23.52 0.53
N GLY W 10 21.33 24.00 0.56
CA GLY W 10 22.49 23.18 0.25
C GLY W 10 23.21 22.73 1.49
N MET W 11 23.89 21.58 1.37
CA MET W 11 24.63 20.95 2.45
C MET W 11 26.13 20.99 2.15
N GLY W 12 26.92 21.03 3.22
CA GLY W 12 28.36 20.96 3.07
C GLY W 12 29.02 20.99 4.43
N LYS W 13 30.33 20.79 4.42
CA LYS W 13 31.10 20.80 5.64
C LYS W 13 31.58 22.22 5.96
N ASP W 14 32.31 22.35 7.07
CA ASP W 14 32.88 23.62 7.51
C ASP W 14 34.34 23.35 7.85
N PHE W 15 35.25 23.91 7.05
CA PHE W 15 36.65 23.49 7.13
C PHE W 15 37.31 23.88 8.44
N LYS W 16 36.71 24.78 9.23
CA LYS W 16 37.30 25.11 10.53
C LYS W 16 36.83 24.16 11.62
N ASN W 17 35.51 24.00 11.76
CA ASN W 17 34.95 23.16 12.83
C ASN W 17 34.72 21.71 12.41
N ALA W 18 34.81 21.40 11.12
CA ALA W 18 34.50 20.08 10.58
C ALA W 18 33.05 19.68 10.83
N ASP W 19 32.14 20.64 10.96
CA ASP W 19 30.73 20.37 11.17
C ASP W 19 29.97 20.51 9.85
N TYR W 20 28.96 19.66 9.67
CA TYR W 20 28.05 19.84 8.57
C TYR W 20 27.24 21.11 8.77
N ILE W 21 27.28 22.01 7.78
CA ILE W 21 26.57 23.27 7.84
C ILE W 21 25.74 23.42 6.57
N ASP W 22 24.69 24.21 6.68
CA ASP W 22 23.83 24.48 5.54
C ASP W 22 24.49 25.49 4.63
N TYR W 23 24.69 25.11 3.36
CA TYR W 23 25.12 26.05 2.34
C TYR W 23 23.90 26.76 1.80
N LEU W 24 23.75 27.98 2.14
CA LEU W 24 22.49 28.65 1.87
C LEU W 24 22.47 29.22 0.46
N PRO W 25 21.30 29.24 -0.18
CA PRO W 25 21.19 29.95 -1.46
C PRO W 25 21.51 31.42 -1.29
N VAL W 26 22.16 32.00 -2.29
CA VAL W 26 22.64 33.37 -2.23
C VAL W 26 21.90 34.19 -3.27
N ASN W 27 21.26 35.27 -2.83
CA ASN W 27 20.51 36.17 -3.71
C ASN W 27 19.40 35.44 -4.45
N MET W 28 18.81 34.43 -3.82
CA MET W 28 17.71 33.68 -4.39
C MET W 28 16.59 33.55 -3.38
N LEU W 29 15.36 33.41 -3.89
CA LEU W 29 14.17 33.31 -3.05
C LEU W 29 13.34 32.13 -3.53
N ALA W 30 13.33 31.06 -2.75
CA ALA W 30 12.52 29.90 -3.08
C ALA W 30 11.04 30.28 -3.07
N THR W 31 10.31 29.87 -4.10
CA THR W 31 8.89 30.18 -4.22
C THR W 31 8.10 28.89 -4.29
N PRO W 32 7.28 28.57 -3.30
CA PRO W 32 6.55 27.29 -3.34
C PRO W 32 5.43 27.29 -4.36
N LYS W 33 5.78 27.08 -5.62
CA LYS W 33 4.80 27.00 -6.70
C LYS W 33 5.06 25.72 -7.49
N GLU W 34 3.98 25.03 -7.85
CA GLU W 34 4.10 23.76 -8.55
C GLU W 34 4.49 23.98 -10.00
N ILE W 35 5.80 24.03 -10.28
CA ILE W 35 6.32 24.39 -11.59
C ILE W 35 6.77 23.11 -12.29
N LEU W 36 6.22 22.86 -13.48
CA LEU W 36 6.61 21.75 -14.32
C LEU W 36 6.64 20.43 -13.56
N ASN W 37 7.84 19.92 -13.32
CA ASN W 37 8.03 18.66 -12.60
C ASN W 37 8.51 18.86 -11.17
N SER W 38 8.53 20.09 -10.68
CA SER W 38 9.05 20.39 -9.35
C SER W 38 8.01 21.16 -8.55
N SER W 39 8.19 21.15 -7.23
CA SER W 39 7.26 21.82 -6.33
C SER W 39 7.61 23.28 -6.07
N GLY W 40 8.75 23.76 -6.56
CA GLY W 40 9.14 25.13 -6.35
C GLY W 40 10.27 25.54 -7.25
N TYR W 41 10.38 26.85 -7.48
CA TYR W 41 11.39 27.41 -8.35
C TYR W 41 12.14 28.51 -7.63
N LEU W 42 13.45 28.55 -7.84
CA LEU W 42 14.29 29.59 -7.23
C LEU W 42 14.24 30.84 -8.09
N ARG W 43 14.03 31.98 -7.44
CA ARG W 43 13.89 33.27 -8.11
C ARG W 43 14.91 34.25 -7.55
N SER W 44 15.62 34.93 -8.45
CA SER W 44 16.65 35.87 -8.03
C SER W 44 16.03 37.05 -7.32
N PHE W 45 16.78 37.62 -6.37
CA PHE W 45 16.29 38.80 -5.67
C PHE W 45 16.14 39.95 -6.67
N PRO W 46 15.13 40.81 -6.50
CA PRO W 46 15.00 41.95 -7.40
C PRO W 46 16.19 42.88 -7.30
N GLY W 47 16.55 43.47 -8.44
CA GLY W 47 17.66 44.40 -8.47
C GLY W 47 17.29 45.75 -7.90
N ILE W 48 18.30 46.60 -7.77
CA ILE W 48 18.14 47.93 -7.21
C ILE W 48 18.56 48.94 -8.28
N THR W 49 17.70 49.92 -8.53
CA THR W 49 18.01 51.02 -9.42
C THR W 49 17.82 52.33 -8.68
N LYS W 50 18.70 53.30 -8.96
CA LYS W 50 18.73 54.56 -8.22
C LYS W 50 17.52 55.40 -8.59
N ARG W 51 16.65 55.68 -7.60
CA ARG W 51 15.51 56.55 -7.87
C ARG W 51 15.94 58.02 -7.85
N TYR W 52 16.59 58.45 -6.78
CA TYR W 52 17.20 59.78 -6.73
C TYR W 52 18.24 59.80 -5.62
N ASP W 53 18.92 60.94 -5.48
CA ASP W 53 20.02 61.07 -4.57
C ASP W 53 19.53 61.36 -3.14
N MET W 54 20.47 61.32 -2.21
CA MET W 54 20.21 61.67 -0.82
C MET W 54 21.52 62.10 -0.17
N ASN W 55 21.39 62.73 0.99
CA ASN W 55 22.54 63.20 1.75
C ASN W 55 22.94 62.12 2.74
N GLY W 56 24.15 61.59 2.58
CA GLY W 56 24.66 60.59 3.51
C GLY W 56 23.99 59.24 3.35
N VAL W 57 24.42 58.31 4.20
CA VAL W 57 23.89 56.95 4.16
C VAL W 57 22.56 56.89 4.88
N SER W 58 21.80 55.83 4.63
CA SER W 58 20.48 55.68 5.22
C SER W 58 20.58 55.21 6.66
N ARG W 59 19.75 55.79 7.52
CA ARG W 59 19.78 55.48 8.95
C ARG W 59 18.43 55.06 9.52
N GLY W 60 17.34 55.25 8.79
CA GLY W 60 16.04 54.80 9.27
C GLY W 60 14.97 55.02 8.23
N VAL W 61 13.89 54.25 8.36
CA VAL W 61 12.74 54.38 7.47
C VAL W 61 11.49 54.08 8.28
N GLU W 62 10.42 54.81 7.97
CA GLU W 62 9.14 54.56 8.62
C GLU W 62 8.05 55.17 7.76
N TYR W 63 7.00 54.40 7.52
CA TYR W 63 5.90 54.84 6.66
C TYR W 63 4.92 55.65 7.50
N ASN W 64 4.95 56.97 7.32
CA ASN W 64 4.10 57.86 8.12
C ASN W 64 2.65 57.70 7.67
N THR W 65 1.85 57.05 8.51
CA THR W 65 0.45 56.83 8.16
C THR W 65 -0.35 58.12 8.13
N ALA W 66 0.00 59.08 9.01
CA ALA W 66 -0.78 60.31 9.10
C ALA W 66 -0.71 61.11 7.80
N GLN W 67 0.49 61.26 7.24
CA GLN W 67 0.67 62.03 6.02
C GLN W 67 0.63 61.17 4.76
N ASN W 68 0.51 59.85 4.90
CA ASN W 68 0.46 58.93 3.76
C ASN W 68 1.70 59.10 2.87
N ALA W 69 2.85 59.26 3.50
CA ALA W 69 4.12 59.33 2.79
C ALA W 69 5.20 58.76 3.70
N VAL W 70 6.30 58.34 3.09
CA VAL W 70 7.39 57.69 3.83
C VAL W 70 8.41 58.74 4.23
N TYR W 71 8.80 58.71 5.50
CA TYR W 71 9.84 59.60 6.03
C TYR W 71 11.11 58.80 6.21
N ARG W 72 12.19 59.26 5.58
CA ARG W 72 13.46 58.55 5.57
C ARG W 72 14.55 59.48 6.04
N VAL W 73 15.36 59.02 6.99
CA VAL W 73 16.44 59.81 7.57
C VAL W 73 17.75 59.26 7.03
N CYS W 74 18.38 60.01 6.12
CA CYS W 74 19.65 59.62 5.53
C CYS W 74 20.75 60.59 5.97
N GLY W 75 21.88 60.04 6.36
CA GLY W 75 23.01 60.87 6.78
C GLY W 75 22.61 61.77 7.93
N GLY W 76 22.87 63.06 7.77
CA GLY W 76 22.50 64.03 8.77
C GLY W 76 21.32 64.89 8.35
N LYS W 77 20.49 64.39 7.44
CA LYS W 77 19.40 65.19 6.87
C LYS W 77 18.15 64.33 6.80
N LEU W 78 17.04 64.86 7.32
CA LEU W 78 15.76 64.13 7.31
C LEU W 78 15.04 64.40 6.00
N TYR W 79 14.50 63.34 5.40
CA TYR W 79 13.82 63.44 4.12
C TYR W 79 12.40 62.88 4.23
N LYS W 80 11.45 63.58 3.62
CA LYS W 80 10.08 63.08 3.45
C LYS W 80 9.91 62.82 1.95
N GLY W 81 10.00 61.54 1.56
CA GLY W 81 9.99 61.23 0.15
C GLY W 81 11.15 61.90 -0.54
N GLU W 82 10.86 62.61 -1.64
CA GLU W 82 11.91 63.34 -2.34
C GLU W 82 12.33 64.58 -1.58
N SER W 83 11.38 65.31 -1.00
CA SER W 83 11.67 66.60 -0.39
C SER W 83 12.47 66.43 0.90
N GLU W 84 13.15 67.51 1.27
CA GLU W 84 13.99 67.56 2.47
C GLU W 84 13.34 68.48 3.49
N VAL W 85 12.84 67.90 4.59
CA VAL W 85 12.13 68.70 5.58
C VAL W 85 13.05 69.12 6.74
N GLY W 86 13.50 68.14 7.52
CA GLY W 86 14.15 68.42 8.78
C GLY W 86 15.68 68.40 8.71
N ASP W 87 16.29 68.72 9.85
CA ASP W 87 17.72 68.54 10.07
C ASP W 87 17.92 67.63 11.26
N VAL W 88 18.70 66.56 11.08
CA VAL W 88 18.91 65.56 12.12
C VAL W 88 20.41 65.46 12.39
N ALA W 89 20.78 65.51 13.67
CA ALA W 89 22.17 65.36 14.07
C ALA W 89 22.52 63.87 14.19
N GLY W 90 23.72 63.58 14.69
CA GLY W 90 24.13 62.21 14.92
C GLY W 90 24.55 61.49 13.66
N SER W 91 25.06 60.27 13.86
CA SER W 91 25.53 59.44 12.74
C SER W 91 25.07 58.00 12.80
N GLY W 92 24.69 57.46 13.96
CA GLY W 92 24.24 56.10 14.05
C GLY W 92 22.79 55.93 13.63
N ARG W 93 22.33 54.68 13.69
CA ARG W 93 20.95 54.39 13.35
C ARG W 93 19.99 55.08 14.30
N VAL W 94 18.85 55.52 13.77
CA VAL W 94 17.87 56.28 14.51
C VAL W 94 16.52 55.58 14.44
N SER W 95 15.80 55.57 15.55
CA SER W 95 14.48 54.96 15.64
C SER W 95 13.42 56.04 15.52
N MET W 96 12.42 55.80 14.68
CA MET W 96 11.37 56.77 14.44
C MET W 96 10.01 56.23 14.87
N ALA W 97 9.11 57.16 15.19
CA ALA W 97 7.74 56.83 15.59
C ALA W 97 6.85 57.98 15.13
N HIS W 98 6.16 57.77 14.01
CA HIS W 98 5.33 58.82 13.44
C HIS W 98 4.14 59.13 14.34
N GLY W 99 3.68 60.38 14.27
CA GLY W 99 2.52 60.80 15.03
C GLY W 99 1.58 61.62 14.17
N ARG W 100 0.37 61.82 14.69
CA ARG W 100 -0.64 62.51 13.91
C ARG W 100 -0.34 64.01 13.78
N THR W 101 0.34 64.58 14.76
CA THR W 101 0.67 66.00 14.73
C THR W 101 2.17 66.28 14.70
N SER W 102 3.01 65.25 14.65
CA SER W 102 4.44 65.45 14.63
C SER W 102 5.14 64.14 14.26
N GLN W 103 6.18 64.24 13.45
CA GLN W 103 7.04 63.11 13.12
C GLN W 103 8.32 63.23 13.92
N ALA W 104 8.67 62.17 14.65
CA ALA W 104 9.77 62.22 15.60
C ALA W 104 10.83 61.18 15.27
N VAL W 105 12.06 61.50 15.66
CA VAL W 105 13.20 60.60 15.44
C VAL W 105 14.13 60.65 16.64
N GLY W 106 14.07 59.63 17.48
CA GLY W 106 14.92 59.57 18.66
C GLY W 106 16.39 59.45 18.30
N VAL W 107 17.14 60.53 18.48
CA VAL W 107 18.52 60.60 18.04
C VAL W 107 19.37 61.26 19.12
N ASN W 108 20.58 60.76 19.30
CA ASN W 108 21.56 61.33 20.24
C ASN W 108 21.03 61.35 21.66
N GLY W 109 20.16 60.41 22.00
CA GLY W 109 19.63 60.31 23.34
C GLY W 109 18.48 61.24 23.67
N GLN W 110 18.00 62.03 22.71
CA GLN W 110 16.88 62.92 22.92
C GLN W 110 15.83 62.68 21.85
N LEU W 111 14.56 62.65 22.26
CA LEU W 111 13.46 62.46 21.34
C LEU W 111 13.15 63.80 20.68
N VAL W 112 13.43 63.93 19.40
CA VAL W 112 13.22 65.17 18.66
C VAL W 112 11.98 65.02 17.79
N GLU W 113 11.02 65.93 17.95
CA GLU W 113 9.79 65.91 17.19
C GLU W 113 9.86 66.95 16.09
N TYR W 114 9.59 66.53 14.85
CA TYR W 114 9.53 67.44 13.71
C TYR W 114 8.05 67.68 13.41
N ARG W 115 7.52 68.80 13.91
CA ARG W 115 6.12 69.09 13.74
C ARG W 115 5.80 69.30 12.26
N TYR W 116 4.55 69.02 11.91
CA TYR W 116 4.15 69.03 10.51
C TYR W 116 4.06 70.44 9.91
N ASP W 117 4.06 71.48 10.73
CA ASP W 117 4.03 72.84 10.21
C ASP W 117 5.42 73.46 10.08
N GLY W 118 6.48 72.72 10.43
CA GLY W 118 7.86 73.15 10.20
C GLY W 118 8.68 73.29 11.46
N THR W 119 8.04 73.62 12.58
CA THR W 119 8.79 73.86 13.80
C THR W 119 9.27 72.54 14.40
N VAL W 120 10.30 72.64 15.25
CA VAL W 120 10.93 71.49 15.87
C VAL W 120 10.94 71.69 17.38
N LYS W 121 10.47 70.69 18.12
CA LYS W 121 10.50 70.72 19.58
C LYS W 121 11.07 69.42 20.12
N THR W 122 11.77 69.53 21.24
CA THR W 122 12.45 68.41 21.88
C THR W 122 11.81 68.15 23.24
N VAL W 123 11.76 66.87 23.62
CA VAL W 123 11.14 66.49 24.88
C VAL W 123 11.98 66.98 26.05
N SER W 124 11.32 67.66 26.99
CA SER W 124 11.96 68.13 28.21
C SER W 124 10.91 68.21 29.30
N ASN W 125 11.38 68.26 30.54
CA ASN W 125 10.48 68.34 31.68
C ASN W 125 9.61 69.59 31.60
N TRP W 126 8.46 69.53 32.27
CA TRP W 126 7.59 70.68 32.33
C TRP W 126 8.31 71.81 33.06
N PRO W 127 7.97 73.07 32.77
CA PRO W 127 8.61 74.19 33.47
C PRO W 127 8.37 74.10 34.98
N ALA W 128 9.38 74.53 35.75
CA ALA W 128 9.31 74.41 37.19
C ALA W 128 8.13 75.20 37.76
N ASP W 129 7.89 76.40 37.23
CA ASP W 129 6.78 77.22 37.72
C ASP W 129 5.42 76.70 37.28
N SER W 130 5.37 75.73 36.36
CA SER W 130 4.08 75.21 35.92
C SER W 130 3.36 74.49 37.04
N GLY W 131 4.10 73.73 37.86
CA GLY W 131 3.53 73.01 38.97
C GLY W 131 3.33 71.53 38.75
N PHE W 132 3.50 71.05 37.52
CA PHE W 132 3.33 69.63 37.24
C PHE W 132 4.58 68.86 37.70
N THR W 133 4.43 67.54 37.76
CA THR W 133 5.48 66.70 38.30
C THR W 133 6.73 66.75 37.43
N GLN W 134 7.90 66.77 38.08
CA GLN W 134 9.18 66.83 37.40
C GLN W 134 9.85 65.46 37.49
N TYR W 135 10.35 64.98 36.36
CA TYR W 135 10.98 63.67 36.27
C TYR W 135 12.47 63.81 35.97
N GLU W 136 13.13 62.67 35.80
CA GLU W 136 14.53 62.58 35.40
C GLU W 136 14.57 61.85 34.06
N LEU W 137 14.47 62.62 32.98
CA LEU W 137 14.26 62.03 31.66
C LEU W 137 15.45 61.19 31.23
N GLY W 138 16.67 61.68 31.43
CA GLY W 138 17.82 60.93 30.99
C GLY W 138 17.94 60.89 29.47
N SER W 139 18.57 59.83 28.98
CA SER W 139 18.84 59.67 27.55
C SER W 139 17.82 58.74 26.93
N VAL W 140 17.35 59.11 25.73
CA VAL W 140 16.34 58.33 25.02
C VAL W 140 17.03 57.24 24.22
N ARG W 141 16.51 56.01 24.31
CA ARG W 141 17.05 54.89 23.57
C ARG W 141 16.16 54.46 22.41
N ASP W 142 14.90 54.14 22.67
CA ASP W 142 13.97 53.72 21.63
C ASP W 142 12.62 54.37 21.88
N ILE W 143 11.83 54.53 20.81
CA ILE W 143 10.59 55.28 20.88
C ILE W 143 9.46 54.52 20.17
N THR W 144 8.23 54.87 20.52
CA THR W 144 7.04 54.32 19.89
C THR W 144 5.86 55.20 20.25
N ARG W 145 4.74 54.98 19.56
CA ARG W 145 3.52 55.76 19.79
C ARG W 145 2.32 54.84 19.88
N LEU W 146 1.39 55.19 20.76
CA LEU W 146 0.17 54.42 20.95
C LEU W 146 -0.88 55.31 21.62
N ARG W 147 -2.01 55.51 20.95
CA ARG W 147 -3.11 56.33 21.46
C ARG W 147 -2.65 57.75 21.81
N GLY W 148 -1.93 58.37 20.88
CA GLY W 148 -1.59 59.77 21.02
C GLY W 148 -0.48 60.08 22.00
N ARG W 149 0.30 59.09 22.42
CA ARG W 149 1.39 59.30 23.35
C ARG W 149 2.66 58.68 22.80
N TYR W 150 3.78 59.37 23.00
CA TYR W 150 5.10 58.87 22.63
C TYR W 150 5.71 58.18 23.83
N ALA W 151 6.10 56.92 23.66
CA ALA W 151 6.71 56.14 24.72
C ALA W 151 8.17 55.93 24.39
N TRP W 152 9.05 56.36 25.30
CA TRP W 152 10.49 56.19 25.14
C TRP W 152 11.07 55.66 26.43
N SER W 153 12.21 54.98 26.32
CA SER W 153 12.85 54.33 27.45
C SER W 153 14.15 55.05 27.79
N LYS W 154 14.34 55.34 29.08
CA LYS W 154 15.59 55.93 29.52
C LYS W 154 16.75 54.97 29.25
N ASP W 155 17.83 55.51 28.69
CA ASP W 155 18.96 54.68 28.32
C ASP W 155 19.66 54.13 29.55
N GLY W 156 19.98 52.84 29.52
CA GLY W 156 20.66 52.22 30.63
C GLY W 156 19.82 52.01 31.86
N THR W 157 18.49 52.05 31.73
CA THR W 157 17.60 51.84 32.85
C THR W 157 16.29 51.29 32.31
N ASP W 158 15.56 50.58 33.17
CA ASP W 158 14.33 49.91 32.78
C ASP W 158 13.11 50.82 32.84
N SER W 159 13.29 52.12 33.01
CA SER W 159 12.18 53.05 33.09
C SER W 159 11.84 53.59 31.71
N TRP W 160 10.55 53.72 31.44
CA TRP W 160 10.06 54.32 30.21
C TRP W 160 8.95 55.31 30.52
N PHE W 161 8.79 56.30 29.65
CA PHE W 161 7.89 57.43 29.89
C PHE W 161 6.82 57.50 28.79
N ILE W 162 5.86 58.39 28.99
CA ILE W 162 4.84 58.70 28.00
C ILE W 162 4.58 60.20 28.02
N THR W 163 4.36 60.77 26.84
CA THR W 163 4.13 62.21 26.73
C THR W 163 2.70 62.57 27.10
N ASP W 164 2.49 63.86 27.34
CA ASP W 164 1.16 64.37 27.67
C ASP W 164 0.28 64.37 26.43
N LEU W 165 -1.03 64.29 26.66
CA LEU W 165 -1.98 64.33 25.55
C LEU W 165 -2.12 65.72 24.97
N GLU W 166 -2.20 66.74 25.84
CA GLU W 166 -2.42 68.11 25.36
C GLU W 166 -1.18 68.65 24.68
N ASP W 167 -0.07 68.75 25.40
CA ASP W 167 1.20 69.22 24.86
C ASP W 167 2.11 68.01 24.73
N GLU W 168 2.40 67.61 23.48
CA GLU W 168 3.16 66.40 23.24
C GLU W 168 4.65 66.56 23.53
N SER W 169 5.14 67.80 23.58
CA SER W 169 6.57 68.01 23.80
C SER W 169 7.00 67.50 25.17
N HIS W 170 6.30 67.92 26.22
CA HIS W 170 6.65 67.50 27.57
C HIS W 170 6.02 66.14 27.89
N PRO W 171 6.57 65.41 28.87
CA PRO W 171 5.94 64.15 29.28
C PRO W 171 4.61 64.37 29.98
N ASP W 172 3.99 63.30 30.44
CA ASP W 172 2.64 63.41 31.00
C ASP W 172 2.65 64.25 32.27
N ARG W 173 1.49 64.83 32.57
CA ARG W 173 1.40 65.83 33.63
C ARG W 173 1.72 65.23 34.99
N TYR W 174 1.05 64.14 35.36
CA TYR W 174 1.19 63.59 36.70
C TYR W 174 1.76 62.19 36.73
N SER W 175 1.41 61.33 35.78
CA SER W 175 1.85 59.94 35.77
C SER W 175 2.55 59.67 34.44
N ALA W 176 3.88 59.77 34.44
CA ALA W 176 4.67 59.52 33.24
C ALA W 176 5.87 58.62 33.49
N GLN W 177 5.96 58.02 34.67
CA GLN W 177 7.07 57.14 35.02
C GLN W 177 6.57 55.71 35.10
N TYR W 178 7.20 54.81 34.35
CA TYR W 178 6.81 53.41 34.35
C TYR W 178 8.06 52.55 34.27
N ARG W 179 7.99 51.39 34.89
CA ARG W 179 9.15 50.51 35.02
C ARG W 179 8.79 49.09 34.62
N ALA W 180 9.70 48.45 33.89
CA ALA W 180 9.60 47.02 33.63
C ALA W 180 10.42 46.27 34.68
N GLU W 181 9.88 46.27 35.90
CA GLU W 181 10.60 45.81 37.07
C GLU W 181 10.36 44.34 37.39
N SER W 182 9.67 43.62 36.51
CA SER W 182 9.45 42.19 36.76
C SER W 182 10.76 41.44 36.89
N GLN W 183 11.82 41.93 36.27
CA GLN W 183 13.17 41.42 36.41
C GLN W 183 14.11 42.60 36.45
N PRO W 184 15.33 42.43 36.99
CA PRO W 184 16.33 43.50 36.97
C PRO W 184 17.01 43.65 35.62
N ASP W 185 16.20 43.84 34.57
CA ASP W 185 16.67 43.94 33.20
C ASP W 185 16.40 45.34 32.66
N GLY W 186 17.41 45.96 32.08
CA GLY W 186 17.21 47.24 31.43
C GLY W 186 16.46 47.06 30.12
N ILE W 187 15.73 48.11 29.73
CA ILE W 187 14.90 48.06 28.53
C ILE W 187 15.81 48.32 27.33
N ILE W 188 16.07 47.27 26.54
CA ILE W 188 16.95 47.42 25.36
C ILE W 188 16.17 48.11 24.24
N GLY W 189 14.85 47.92 24.18
CA GLY W 189 14.04 48.54 23.13
C GLY W 189 12.56 48.61 23.49
N ILE W 190 11.82 49.54 22.88
CA ILE W 190 10.36 49.68 23.15
C ILE W 190 9.63 49.57 21.81
N GLY W 191 8.34 49.22 21.85
CA GLY W 191 7.54 49.08 20.61
C GLY W 191 6.07 48.95 20.91
N THR W 192 5.23 48.90 19.88
CA THR W 192 3.76 48.84 20.09
C THR W 192 3.19 47.60 19.39
N TRP W 193 2.56 46.70 20.14
CA TRP W 193 1.90 45.52 19.51
C TRP W 193 0.38 45.64 19.76
N ARG W 194 -0.42 45.66 18.70
CA ARG W 194 -1.88 45.88 18.89
C ARG W 194 -2.05 47.13 19.76
N ASP W 195 -2.58 46.97 20.97
CA ASP W 195 -2.73 48.09 21.88
C ASP W 195 -1.82 47.95 23.11
N PHE W 196 -0.69 47.26 22.95
CA PHE W 196 0.24 47.02 24.05
C PHE W 196 1.57 47.70 23.76
N ILE W 197 2.12 48.37 24.77
CA ILE W 197 3.48 48.87 24.74
C ILE W 197 4.40 47.77 25.25
N VAL W 198 5.17 47.16 24.34
CA VAL W 198 6.18 46.20 24.76
C VAL W 198 7.33 46.96 25.41
N CYS W 199 8.15 46.25 26.18
CA CYS W 199 9.28 46.83 26.89
C CYS W 199 10.49 45.90 26.79
N PHE W 200 10.89 45.56 25.56
CA PHE W 200 11.90 44.54 25.34
C PHE W 200 13.13 44.79 26.21
N GLY W 201 13.36 43.90 27.17
CA GLY W 201 14.42 44.08 28.12
C GLY W 201 15.70 43.38 27.70
N SER W 202 16.45 42.91 28.70
CA SER W 202 17.64 42.12 28.44
C SER W 202 17.49 40.69 28.95
N SER W 203 16.42 40.39 29.68
CA SER W 203 16.08 38.99 29.96
C SER W 203 14.59 38.71 29.90
N THR W 204 13.74 39.70 29.57
CA THR W 204 12.30 39.51 29.56
C THR W 204 11.69 40.41 28.49
N ILE W 205 10.46 40.09 28.11
CA ILE W 205 9.69 40.93 27.21
C ILE W 205 8.35 41.22 27.88
N GLU W 206 8.28 42.31 28.64
CA GLU W 206 7.06 42.64 29.36
C GLU W 206 6.10 43.42 28.47
N TYR W 207 4.81 43.31 28.79
CA TYR W 207 3.76 44.03 28.09
C TYR W 207 3.10 45.06 29.02
N PHE W 208 2.29 45.91 28.42
CA PHE W 208 1.57 46.96 29.13
C PHE W 208 0.32 47.34 28.35
N SER W 209 -0.73 47.70 29.08
CA SER W 209 -1.99 48.12 28.46
C SER W 209 -2.60 49.24 29.28
N LEU W 210 -3.40 50.07 28.61
CA LEU W 210 -4.05 51.18 29.30
C LEU W 210 -5.06 50.65 30.32
N THR W 211 -5.04 51.22 31.51
CA THR W 211 -6.02 50.87 32.53
C THR W 211 -7.24 51.77 32.51
N GLY W 212 -7.19 52.89 31.78
CA GLY W 212 -8.32 53.78 31.71
C GLY W 212 -8.57 54.60 32.95
N ALA W 213 -7.56 54.76 33.81
CA ALA W 213 -7.74 55.52 35.04
C ALA W 213 -7.95 57.00 34.73
N THR W 214 -8.79 57.64 35.55
CA THR W 214 -9.16 59.04 35.36
C THR W 214 -8.57 59.96 36.42
N THR W 215 -8.45 59.50 37.66
CA THR W 215 -7.91 60.34 38.72
C THR W 215 -6.44 60.68 38.45
N ALA W 216 -6.05 61.89 38.82
CA ALA W 216 -4.68 62.32 38.60
C ALA W 216 -3.71 61.52 39.47
N GLY W 217 -2.59 61.13 38.88
CA GLY W 217 -1.58 60.38 39.57
C GLY W 217 -1.68 58.87 39.44
N ALA W 218 -2.80 58.36 38.94
CA ALA W 218 -2.95 56.92 38.76
C ALA W 218 -2.17 56.46 37.54
N ALA W 219 -1.56 55.28 37.66
CA ALA W 219 -0.77 54.73 36.57
C ALA W 219 -1.66 54.40 35.38
N LEU W 220 -1.42 55.08 34.26
CA LEU W 220 -2.23 54.84 33.06
C LEU W 220 -2.01 53.44 32.51
N TYR W 221 -0.78 52.96 32.52
CA TYR W 221 -0.42 51.66 31.97
C TYR W 221 -0.13 50.69 33.11
N VAL W 222 -0.68 49.48 33.01
CA VAL W 222 -0.51 48.44 34.01
C VAL W 222 0.06 47.20 33.33
N ALA W 223 0.97 46.52 34.02
CA ALA W 223 1.63 45.36 33.45
C ALA W 223 0.64 44.23 33.20
N GLN W 224 0.92 43.45 32.15
CA GLN W 224 0.14 42.26 31.82
C GLN W 224 1.06 41.05 31.97
N PRO W 225 1.18 40.49 33.18
CA PRO W 225 2.12 39.37 33.37
C PRO W 225 1.83 38.16 32.50
N SER W 226 0.56 37.89 32.20
CA SER W 226 0.20 36.67 31.49
C SER W 226 0.79 36.61 30.09
N LEU W 227 1.19 37.74 29.52
CA LEU W 227 1.75 37.78 28.18
C LEU W 227 3.28 37.86 28.16
N MET W 228 3.92 37.79 29.33
CA MET W 228 5.36 37.95 29.40
C MET W 228 6.09 36.86 28.62
N VAL W 229 7.15 37.24 27.92
CA VAL W 229 7.99 36.32 27.19
C VAL W 229 9.38 36.33 27.81
N GLN W 230 9.87 35.16 28.20
CA GLN W 230 11.13 35.05 28.92
C GLN W 230 12.33 35.00 27.98
N LYS W 231 12.42 35.97 27.06
CA LYS W 231 13.59 36.13 26.22
C LYS W 231 13.83 37.63 26.06
N SER W 232 14.72 38.01 25.15
CA SER W 232 15.05 39.42 25.00
C SER W 232 15.63 39.66 23.61
N ILE W 233 15.78 40.95 23.30
CA ILE W 233 16.40 41.40 22.06
C ILE W 233 17.86 41.72 22.36
N ALA W 234 18.75 41.24 21.49
CA ALA W 234 20.18 41.41 21.73
C ALA W 234 20.58 42.87 21.67
N GLY W 235 20.08 43.61 20.68
CA GLY W 235 20.42 45.00 20.50
C GLY W 235 19.17 45.85 20.37
N THR W 236 19.41 47.17 20.32
CA THR W 236 18.30 48.12 20.31
C THR W 236 17.43 47.97 19.07
N TYR W 237 18.02 47.56 17.94
CA TYR W 237 17.31 47.48 16.68
C TYR W 237 17.23 46.06 16.14
N CYS W 238 17.28 45.06 17.02
CA CYS W 238 17.16 43.66 16.61
C CYS W 238 15.72 43.16 16.73
N LYS W 239 14.74 44.01 16.51
CA LYS W 239 13.34 43.64 16.58
C LYS W 239 12.59 44.28 15.42
N THR W 240 11.47 43.67 15.05
CA THR W 240 10.63 44.20 13.99
C THR W 240 9.30 43.45 13.92
N PRO W 241 8.22 44.10 13.50
CA PRO W 241 6.97 43.37 13.28
C PRO W 241 7.15 42.31 12.21
N PHE W 242 6.52 41.16 12.42
CA PHE W 242 6.59 40.06 11.46
C PHE W 242 5.43 39.10 11.74
N ALA W 243 4.51 39.00 10.78
CA ALA W 243 3.36 38.09 10.88
C ALA W 243 2.55 38.36 12.16
N ASP W 244 2.09 39.61 12.27
CA ASP W 244 1.24 40.04 13.38
C ASP W 244 1.89 39.78 14.73
N SER W 245 3.21 39.95 14.79
CA SER W 245 3.98 39.77 16.02
C SER W 245 5.37 40.32 15.77
N TYR W 246 6.19 40.34 16.81
CA TYR W 246 7.58 40.74 16.72
C TYR W 246 8.51 39.54 16.73
N ALA W 247 9.36 39.45 15.72
CA ALA W 247 10.52 38.58 15.74
C ALA W 247 11.71 39.36 16.27
N PHE W 248 12.74 38.63 16.67
CA PHE W 248 13.91 39.27 17.28
C PHE W 248 15.05 38.28 17.33
N ILE W 249 16.16 38.73 17.92
CA ILE W 249 17.34 37.90 18.18
C ILE W 249 17.53 37.82 19.68
N SER W 250 17.67 36.61 20.20
CA SER W 250 17.79 36.42 21.64
C SER W 250 19.04 37.09 22.19
N HIS W 251 18.88 37.75 23.33
CA HIS W 251 20.02 38.35 24.01
C HIS W 251 20.94 37.26 24.55
N PRO W 252 22.25 37.50 24.60
CA PRO W 252 23.16 36.47 25.11
C PRO W 252 22.94 36.12 26.58
N ALA W 253 22.14 36.91 27.31
CA ALA W 253 21.89 36.60 28.71
C ALA W 253 21.16 35.26 28.87
N THR W 254 20.17 35.01 28.03
CA THR W 254 19.39 33.78 28.12
C THR W 254 20.08 32.58 27.46
N GLY W 255 21.17 32.80 26.75
CA GLY W 255 21.87 31.74 26.07
C GLY W 255 22.41 32.24 24.75
N ALA W 256 22.79 31.31 23.88
CA ALA W 256 23.30 31.67 22.58
C ALA W 256 22.22 32.38 21.78
N PRO W 257 22.52 33.50 21.12
CA PRO W 257 21.48 34.22 20.36
C PRO W 257 20.92 33.36 19.25
N SER W 258 19.61 33.51 19.01
CA SER W 258 18.92 32.76 17.99
C SER W 258 17.64 33.49 17.63
N VAL W 259 17.32 33.52 16.33
CA VAL W 259 16.17 34.28 15.86
C VAL W 259 14.89 33.64 16.38
N TYR W 260 14.02 34.46 16.96
CA TYR W 260 12.82 33.99 17.63
C TYR W 260 11.61 34.75 17.10
N ILE W 261 10.42 34.18 17.33
CA ILE W 261 9.16 34.87 17.09
C ILE W 261 8.28 34.72 18.32
N ILE W 262 7.69 35.83 18.75
CA ILE W 262 6.80 35.84 19.91
C ILE W 262 5.44 35.29 19.53
N GLY W 263 4.98 34.28 20.26
CA GLY W 263 3.63 33.78 20.06
C GLY W 263 2.93 33.43 21.35
N SER W 264 1.80 34.08 21.60
CA SER W 264 0.96 33.83 22.77
C SER W 264 1.78 33.79 24.06
N GLY W 265 2.65 34.78 24.22
CA GLY W 265 3.52 34.81 25.39
C GLY W 265 4.52 33.69 25.43
N GLN W 266 5.12 33.35 24.29
CA GLN W 266 6.12 32.30 24.22
C GLN W 266 6.95 32.51 22.97
N ALA W 267 8.24 32.23 23.07
CA ALA W 267 9.17 32.43 21.97
C ALA W 267 9.48 31.10 21.28
N SER W 268 9.26 31.04 19.98
CA SER W 268 9.49 29.84 19.20
C SER W 268 10.63 30.06 18.22
N PRO W 269 11.64 29.19 18.23
CA PRO W 269 12.78 29.41 17.34
C PRO W 269 12.43 29.20 15.88
N ILE W 270 13.06 29.98 15.01
CA ILE W 270 12.90 29.83 13.57
C ILE W 270 14.26 29.84 12.90
N ALA W 271 15.32 29.73 13.70
CA ALA W 271 16.69 29.74 13.19
C ALA W 271 17.25 28.32 13.19
N THR W 272 17.72 27.86 12.04
CA THR W 272 18.35 26.56 11.95
C THR W 272 19.69 26.58 12.66
N ALA W 273 20.38 25.44 12.64
CA ALA W 273 21.69 25.36 13.29
C ALA W 273 22.70 26.30 12.63
N SER W 274 22.76 26.29 11.29
CA SER W 274 23.74 27.10 10.60
C SER W 274 23.49 28.59 10.81
N ILE W 275 22.23 29.00 10.83
CA ILE W 275 21.92 30.42 11.05
C ILE W 275 22.42 30.87 12.40
N GLU W 276 22.19 30.07 13.45
CA GLU W 276 22.62 30.53 14.76
C GLU W 276 24.13 30.40 14.90
N LYS W 277 24.76 29.48 14.19
CA LYS W 277 26.23 29.47 14.16
C LYS W 277 26.78 30.74 13.54
N ILE W 278 26.17 31.20 12.44
CA ILE W 278 26.58 32.45 11.82
C ILE W 278 26.36 33.62 12.77
N ILE W 279 25.21 33.63 13.47
CA ILE W 279 24.93 34.71 14.42
C ILE W 279 25.94 34.68 15.56
N ARG W 280 26.25 33.49 16.09
CA ARG W 280 27.18 33.35 17.19
C ARG W 280 28.61 33.65 16.78
N SER W 281 28.91 33.62 15.49
CA SER W 281 30.26 33.95 15.03
C SER W 281 30.64 35.39 15.31
N TYR W 282 29.69 36.24 15.66
CA TYR W 282 29.92 37.65 15.92
C TYR W 282 30.17 37.87 17.40
N THR W 283 30.87 38.96 17.71
CA THR W 283 31.05 39.34 19.09
C THR W 283 29.81 40.08 19.60
N ALA W 284 29.81 40.38 20.90
CA ALA W 284 28.64 41.00 21.51
C ALA W 284 28.36 42.37 20.90
N GLU W 285 29.37 43.23 20.83
CA GLU W 285 29.16 44.58 20.32
C GLU W 285 28.78 44.56 18.84
N GLU W 286 29.46 43.74 18.04
CA GLU W 286 29.17 43.70 16.61
C GLU W 286 27.73 43.24 16.36
N MET W 287 27.33 42.16 17.01
CA MET W 287 25.99 41.62 16.80
C MET W 287 24.92 42.50 17.43
N ALA W 288 25.28 43.31 18.42
CA ALA W 288 24.31 44.26 18.98
C ALA W 288 23.93 45.32 17.97
N THR W 289 24.88 45.78 17.15
CA THR W 289 24.60 46.83 16.18
C THR W 289 23.74 46.35 15.03
N GLY W 290 23.48 45.06 14.91
CA GLY W 290 22.67 44.57 13.82
C GLY W 290 21.25 45.11 13.87
N VAL W 291 20.69 45.36 12.70
CA VAL W 291 19.33 45.87 12.55
C VAL W 291 18.56 44.89 11.69
N MET W 292 17.31 44.62 12.08
CA MET W 292 16.50 43.61 11.42
C MET W 292 15.13 44.18 11.14
N GLU W 293 14.53 43.77 10.03
CA GLU W 293 13.33 44.42 9.53
C GLU W 293 12.54 43.43 8.68
N THR W 294 11.33 43.85 8.31
CA THR W 294 10.43 43.04 7.50
C THR W 294 10.25 43.68 6.13
N LEU W 295 10.31 42.86 5.09
CA LEU W 295 10.01 43.26 3.73
C LEU W 295 9.03 42.25 3.15
N ARG W 296 7.96 42.74 2.52
CA ARG W 296 6.93 41.87 1.99
C ARG W 296 6.63 42.27 0.55
N PHE W 297 6.88 41.36 -0.39
CA PHE W 297 6.53 41.61 -1.78
C PHE W 297 6.14 40.28 -2.42
N ASP W 298 5.26 40.36 -3.42
CA ASP W 298 4.65 39.19 -4.03
C ASP W 298 4.02 38.31 -2.95
N SER W 299 4.39 37.04 -2.91
CA SER W 299 3.84 36.14 -1.92
C SER W 299 4.80 35.89 -0.76
N HIS W 300 6.03 36.36 -0.86
CA HIS W 300 7.02 36.11 0.17
C HIS W 300 6.80 37.02 1.37
N GLU W 301 7.21 36.53 2.54
CA GLU W 301 7.20 37.31 3.78
C GLU W 301 8.64 37.32 4.29
N LEU W 302 9.45 38.23 3.76
CA LEU W 302 10.85 38.27 4.13
C LEU W 302 11.00 38.88 5.52
N LEU W 303 12.04 38.43 6.24
CA LEU W 303 12.41 38.99 7.53
C LEU W 303 13.91 39.22 7.45
N ILE W 304 14.30 40.39 6.96
CA ILE W 304 15.69 40.65 6.62
C ILE W 304 16.45 41.05 7.87
N ILE W 305 17.62 40.44 8.08
CA ILE W 305 18.48 40.75 9.21
C ILE W 305 19.78 41.32 8.66
N HIS W 306 20.15 42.52 9.12
CA HIS W 306 21.32 43.21 8.63
C HIS W 306 22.45 43.08 9.65
N LEU W 307 23.13 41.94 9.61
CA LEU W 307 24.28 41.72 10.45
C LEU W 307 25.52 42.39 9.83
N PRO W 308 26.55 42.66 10.63
CA PRO W 308 27.69 43.43 10.11
C PRO W 308 28.37 42.81 8.90
N ARG W 309 28.47 41.48 8.84
CA ARG W 309 29.13 40.81 7.72
C ARG W 309 28.24 39.82 7.00
N HIS W 310 26.96 39.74 7.37
CA HIS W 310 26.00 38.89 6.69
C HIS W 310 24.66 39.60 6.61
N VAL W 311 23.86 39.24 5.62
CA VAL W 311 22.48 39.73 5.48
C VAL W 311 21.60 38.50 5.33
N LEU W 312 21.10 37.98 6.44
CA LEU W 312 20.24 36.82 6.43
C LEU W 312 18.80 37.23 6.15
N VAL W 313 18.09 36.38 5.41
CA VAL W 313 16.70 36.63 5.04
C VAL W 313 15.88 35.39 5.32
N TYR W 314 14.79 35.55 6.05
CA TYR W 314 13.86 34.47 6.36
C TYR W 314 12.61 34.65 5.52
N ASP W 315 12.30 33.66 4.70
CA ASP W 315 11.14 33.71 3.80
C ASP W 315 10.05 32.85 4.42
N ALA W 316 9.07 33.50 5.05
CA ALA W 316 8.06 32.76 5.80
C ALA W 316 7.21 31.87 4.88
N SER W 317 6.82 32.39 3.72
CA SER W 317 5.96 31.64 2.83
C SER W 317 6.64 30.41 2.25
N SER W 318 7.97 30.38 2.23
CA SER W 318 8.73 29.26 1.68
C SER W 318 9.24 28.32 2.76
N SER W 319 8.68 28.38 3.96
CA SER W 319 9.11 27.55 5.07
C SER W 319 8.24 26.31 5.23
N GLN W 320 7.72 25.77 4.12
CA GLN W 320 6.84 24.62 4.19
C GLN W 320 7.58 23.39 4.72
N ASN W 321 8.79 23.15 4.24
CA ASN W 321 9.58 22.00 4.64
C ASN W 321 10.54 22.31 5.79
N GLY W 322 10.49 23.52 6.34
CA GLY W 322 11.41 23.94 7.36
C GLY W 322 11.87 25.36 7.10
N PRO W 323 12.59 25.95 8.05
CA PRO W 323 13.03 27.33 7.86
C PRO W 323 13.90 27.48 6.63
N GLN W 324 13.70 28.58 5.90
CA GLN W 324 14.37 28.83 4.63
C GLN W 324 15.09 30.17 4.73
N TRP W 325 16.42 30.13 4.73
CA TRP W 325 17.24 31.33 4.85
C TRP W 325 18.14 31.47 3.63
N CYS W 326 18.20 32.68 3.09
CA CYS W 326 19.09 32.99 1.98
C CYS W 326 19.98 34.17 2.35
N VAL W 327 21.26 34.07 2.02
CA VAL W 327 22.24 35.08 2.36
C VAL W 327 22.39 36.03 1.18
N LEU W 328 21.84 37.23 1.31
CA LEU W 328 22.04 38.25 0.29
C LEU W 328 23.43 38.85 0.39
N LYS W 329 23.97 39.24 -0.77
CA LYS W 329 25.30 39.81 -0.82
C LYS W 329 25.39 40.73 -2.03
N THR W 330 26.33 41.67 -1.95
CA THR W 330 26.58 42.63 -3.02
C THR W 330 28.01 42.46 -3.51
N GLY W 331 28.20 42.48 -4.82
CA GLY W 331 29.51 42.32 -5.41
C GLY W 331 29.89 40.86 -5.57
N LEU W 332 31.04 40.66 -6.21
CA LEU W 332 31.45 39.30 -6.56
C LEU W 332 31.99 38.57 -5.33
N TYR W 333 32.66 39.28 -4.42
CA TYR W 333 33.18 38.67 -3.22
C TYR W 333 32.18 38.85 -2.07
N ASP W 334 32.61 38.58 -0.85
CA ASP W 334 31.73 38.39 0.29
C ASP W 334 31.24 39.69 0.92
N ASP W 335 31.25 40.80 0.18
CA ASP W 335 30.78 42.07 0.71
C ASP W 335 29.34 41.97 1.19
N VAL W 336 28.95 42.91 2.03
CA VAL W 336 27.64 42.93 2.66
C VAL W 336 26.65 43.61 1.72
N TYR W 337 25.40 43.16 1.76
CA TYR W 337 24.36 43.72 0.90
C TYR W 337 24.20 45.21 1.17
N ARG W 338 24.19 45.99 0.08
CA ARG W 338 24.11 47.44 0.22
C ARG W 338 22.69 47.90 0.59
N GLY W 339 21.68 47.23 0.06
CA GLY W 339 20.31 47.65 0.34
C GLY W 339 19.99 47.56 1.82
N VAL W 340 19.32 48.59 2.32
CA VAL W 340 18.98 48.68 3.73
C VAL W 340 17.74 49.55 3.87
N ASP W 341 16.94 49.26 4.90
CA ASP W 341 15.75 50.05 5.23
C ASP W 341 14.73 50.03 4.09
N PHE W 342 14.26 48.83 3.77
CA PHE W 342 13.27 48.65 2.73
C PHE W 342 11.90 49.11 3.20
N MET W 343 11.19 49.81 2.31
CA MET W 343 9.82 50.23 2.59
C MET W 343 9.06 50.31 1.27
N TYR W 344 7.80 49.89 1.30
CA TYR W 344 6.94 49.89 0.12
C TYR W 344 6.10 51.15 0.12
N GLU W 345 6.32 52.02 -0.86
CA GLU W 345 5.55 53.25 -1.02
C GLU W 345 4.94 53.30 -2.40
N GLY W 346 3.70 53.78 -2.47
CA GLY W 346 3.04 53.96 -3.75
C GLY W 346 2.92 52.69 -4.57
N ASN W 347 3.72 52.60 -5.62
CA ASN W 347 3.72 51.47 -6.54
C ASN W 347 4.88 50.51 -6.31
N GLN W 348 6.07 51.01 -6.03
CA GLN W 348 7.28 50.19 -5.99
C GLN W 348 8.06 50.42 -4.71
N ILE W 349 8.79 49.38 -4.30
CA ILE W 349 9.56 49.45 -3.06
C ILE W 349 10.75 50.38 -3.25
N THR W 350 11.17 50.99 -2.14
CA THR W 350 12.38 51.82 -2.13
C THR W 350 13.27 51.39 -0.98
N CYS W 351 14.58 51.40 -1.22
CA CYS W 351 15.55 50.99 -0.23
C CYS W 351 16.71 51.98 -0.18
N GLY W 352 17.26 52.18 1.01
CA GLY W 352 18.45 52.99 1.17
C GLY W 352 19.71 52.23 0.81
N ASP W 353 20.85 52.86 1.05
CA ASP W 353 22.14 52.28 0.76
C ASP W 353 23.05 52.41 1.97
N LYS W 354 23.81 51.35 2.24
CA LYS W 354 24.71 51.35 3.39
C LYS W 354 25.98 52.16 3.11
N SER W 355 26.47 52.14 1.89
CA SER W 355 27.74 52.78 1.54
C SER W 355 27.54 54.12 0.84
N GLU W 356 26.84 54.13 -0.28
CA GLU W 356 26.65 55.36 -1.04
C GLU W 356 25.52 56.19 -0.44
N ALA W 357 25.48 57.46 -0.84
CA ALA W 357 24.44 58.38 -0.39
C ALA W 357 23.36 58.48 -1.46
N VAL W 358 22.63 57.38 -1.64
CA VAL W 358 21.57 57.27 -2.64
C VAL W 358 20.41 56.49 -2.03
N VAL W 359 19.29 56.49 -2.74
CA VAL W 359 18.15 55.65 -2.42
C VAL W 359 17.80 54.85 -3.67
N GLY W 360 17.58 53.56 -3.52
CA GLY W 360 17.27 52.67 -4.63
C GLY W 360 15.85 52.15 -4.53
N GLN W 361 15.21 52.01 -5.68
CA GLN W 361 13.90 51.40 -5.77
C GLN W 361 14.04 50.03 -6.40
N LEU W 362 13.40 49.03 -5.79
CA LEU W 362 13.51 47.66 -6.29
C LEU W 362 12.85 47.56 -7.65
N GLN W 363 13.57 46.98 -8.61
CA GLN W 363 13.05 46.73 -9.94
C GLN W 363 13.10 45.23 -10.20
N PHE W 364 11.98 44.67 -10.65
CA PHE W 364 11.82 43.23 -10.69
C PHE W 364 12.30 42.59 -11.99
N ASP W 365 12.47 43.37 -13.05
CA ASP W 365 12.90 42.83 -14.33
C ASP W 365 14.41 42.80 -14.50
N ILE W 366 15.17 43.22 -13.48
CA ILE W 366 16.62 43.12 -13.48
C ILE W 366 17.08 42.63 -12.11
N SER W 367 18.31 42.13 -12.07
CA SER W 367 18.95 41.78 -10.82
C SER W 367 20.18 42.63 -10.51
N SER W 368 20.58 43.50 -11.43
CA SER W 368 21.71 44.38 -11.19
C SER W 368 21.38 45.41 -10.11
N GLN W 369 22.41 45.79 -9.35
CA GLN W 369 22.27 46.75 -8.26
C GLN W 369 23.05 48.00 -8.64
N TYR W 370 22.33 49.10 -8.87
CA TYR W 370 22.94 50.37 -9.28
C TYR W 370 23.82 50.20 -10.50
N ASP W 371 23.32 49.43 -11.48
CA ASP W 371 24.02 49.19 -12.74
C ASP W 371 25.36 48.51 -12.51
N LYS W 372 25.32 47.40 -11.76
CA LYS W 372 26.50 46.60 -11.49
C LYS W 372 26.11 45.13 -11.52
N GLN W 373 27.06 44.27 -11.88
CA GLN W 373 26.80 42.84 -11.88
C GLN W 373 26.66 42.33 -10.45
N GLN W 374 25.97 41.19 -10.31
CA GLN W 374 25.78 40.56 -9.02
C GLN W 374 25.88 39.06 -9.18
N GLU W 375 26.15 38.38 -8.06
CA GLU W 375 26.42 36.95 -8.04
C GLU W 375 25.28 36.22 -7.36
N HIS W 376 24.76 35.18 -8.01
CA HIS W 376 23.73 34.32 -7.45
C HIS W 376 24.26 32.91 -7.33
N LEU W 377 24.14 32.33 -6.14
CA LEU W 377 24.66 30.99 -5.86
C LEU W 377 23.53 30.04 -5.52
N LEU W 378 23.70 28.78 -5.91
CA LEU W 378 22.75 27.73 -5.59
C LEU W 378 23.52 26.45 -5.33
N PHE W 379 23.37 25.88 -4.13
CA PHE W 379 24.08 24.68 -3.74
C PHE W 379 23.10 23.54 -3.57
N THR W 380 23.39 22.41 -4.18
CA THR W 380 22.61 21.19 -3.95
C THR W 380 23.20 20.42 -2.78
N PRO W 381 22.37 19.72 -2.01
CA PRO W 381 22.89 19.02 -0.82
C PRO W 381 23.75 17.83 -1.19
N LEU W 382 24.67 17.51 -0.29
CA LEU W 382 25.53 16.34 -0.48
C LEU W 382 24.69 15.07 -0.40
N PHE W 383 24.89 14.18 -1.36
CA PHE W 383 24.21 12.89 -1.36
C PHE W 383 25.22 11.81 -1.73
N LYS W 384 25.11 10.66 -1.06
CA LYS W 384 26.09 9.58 -1.18
C LYS W 384 25.68 8.63 -2.29
N ALA W 385 26.45 8.61 -3.37
CA ALA W 385 26.33 7.62 -4.42
C ALA W 385 27.71 6.98 -4.61
N ASP W 386 27.76 5.65 -4.55
CA ASP W 386 29.01 4.92 -4.67
C ASP W 386 29.12 4.27 -6.04
N ASN W 387 30.21 4.56 -6.74
CA ASN W 387 30.52 3.92 -8.02
C ASN W 387 29.43 4.15 -9.06
N ALA W 388 28.70 5.25 -8.92
CA ALA W 388 27.63 5.59 -9.85
C ALA W 388 28.11 6.61 -10.87
N ARG W 389 27.37 6.74 -11.95
CA ARG W 389 27.67 7.69 -13.01
C ARG W 389 26.50 8.65 -13.20
N CYS W 390 26.80 9.89 -13.52
CA CYS W 390 25.79 10.90 -13.80
C CYS W 390 26.09 11.56 -15.13
N PHE W 391 25.08 11.60 -16.01
CA PHE W 391 25.29 12.20 -17.32
C PHE W 391 24.42 13.43 -17.55
N ASP W 392 23.11 13.33 -17.47
CA ASP W 392 22.24 14.46 -17.73
C ASP W 392 22.11 15.29 -16.46
N LEU W 393 22.41 16.58 -16.55
CA LEU W 393 22.29 17.51 -15.43
C LEU W 393 21.58 18.75 -15.97
N GLU W 394 20.27 18.78 -15.84
CA GLU W 394 19.44 19.82 -16.43
C GLU W 394 18.76 20.62 -15.33
N VAL W 395 18.83 21.95 -15.44
CA VAL W 395 18.08 22.86 -14.59
C VAL W 395 17.19 23.72 -15.49
N GLU W 396 15.92 23.83 -15.13
CA GLU W 396 14.98 24.60 -15.93
C GLU W 396 15.15 26.09 -15.63
N SER W 397 15.55 26.85 -16.63
CA SER W 397 15.73 28.29 -16.48
C SER W 397 14.69 29.01 -17.31
N SER W 398 14.20 30.14 -16.78
CA SER W 398 13.21 30.96 -17.48
C SER W 398 13.93 31.98 -18.36
N THR W 399 14.46 31.48 -19.46
CA THR W 399 15.19 32.32 -20.40
C THR W 399 14.27 33.38 -20.97
N GLY W 400 14.79 34.58 -21.15
CA GLY W 400 13.96 35.72 -21.49
C GLY W 400 14.72 37.03 -21.43
N VAL W 401 14.17 38.02 -20.74
CA VAL W 401 14.79 39.34 -20.68
C VAL W 401 16.21 39.22 -20.15
N ALA W 402 17.15 39.86 -20.86
CA ALA W 402 18.56 39.86 -20.51
C ALA W 402 19.27 40.80 -21.47
N GLN W 403 20.53 41.10 -21.14
CA GLN W 403 21.39 41.95 -21.97
C GLN W 403 22.44 41.17 -22.73
N TYR W 404 22.98 40.11 -22.15
CA TYR W 404 23.87 39.19 -22.84
C TYR W 404 23.48 37.79 -22.39
N ALA W 405 23.92 36.79 -23.16
CA ALA W 405 23.62 35.41 -22.83
C ALA W 405 24.46 34.95 -21.65
N ASP W 406 24.28 35.60 -20.50
CA ASP W 406 25.07 35.36 -19.29
C ASP W 406 25.13 33.87 -18.93
N ARG W 407 26.34 33.32 -18.96
CA ARG W 407 26.54 31.90 -18.68
C ARG W 407 26.71 31.67 -17.18
N LEU W 408 26.36 30.46 -16.74
CA LEU W 408 26.48 30.07 -15.35
C LEU W 408 27.67 29.14 -15.18
N PHE W 409 28.34 29.24 -14.03
CA PHE W 409 29.47 28.38 -13.71
C PHE W 409 28.97 27.22 -12.86
N LEU W 410 29.02 26.02 -13.41
CA LEU W 410 28.55 24.81 -12.75
C LEU W 410 29.75 23.99 -12.33
N SER W 411 29.88 23.73 -11.03
CA SER W 411 31.00 22.98 -10.50
C SER W 411 30.49 21.98 -9.46
N ALA W 412 31.24 20.90 -9.30
CA ALA W 412 30.88 19.83 -8.38
C ALA W 412 32.05 19.52 -7.46
N THR W 413 31.74 19.28 -6.18
CA THR W 413 32.74 18.95 -5.19
C THR W 413 32.77 17.45 -4.95
N THR W 414 33.69 17.02 -4.09
CA THR W 414 33.77 15.62 -3.67
C THR W 414 33.88 15.46 -2.17
N ASP W 415 34.34 16.47 -1.44
CA ASP W 415 34.38 16.43 0.02
C ASP W 415 33.49 17.47 0.65
N GLY W 416 32.77 18.26 -0.14
CA GLY W 416 31.79 19.20 0.36
C GLY W 416 32.33 20.52 0.85
N ILE W 417 33.62 20.77 0.70
CA ILE W 417 34.21 22.03 1.16
C ILE W 417 34.79 22.81 0.00
N ASN W 418 35.72 22.20 -0.72
CA ASN W 418 36.36 22.83 -1.87
C ASN W 418 35.90 22.16 -3.16
N TYR W 419 35.84 22.96 -4.22
CA TYR W 419 35.17 22.57 -5.46
C TYR W 419 36.18 22.36 -6.58
N GLY W 420 35.70 21.76 -7.66
CA GLY W 420 36.52 21.39 -8.79
C GLY W 420 36.49 22.43 -9.90
N ARG W 421 36.60 21.96 -11.13
CA ARG W 421 36.65 22.86 -12.28
C ARG W 421 35.31 23.54 -12.50
N GLU W 422 35.36 24.81 -12.90
CA GLU W 422 34.16 25.60 -13.14
C GLU W 422 33.80 25.47 -14.62
N GLN W 423 32.67 24.84 -14.91
CA GLN W 423 32.19 24.68 -16.27
C GLN W 423 31.18 25.78 -16.58
N MET W 424 31.29 26.39 -17.74
CA MET W 424 30.47 27.52 -18.14
C MET W 424 29.38 27.02 -19.09
N ILE W 425 28.13 27.27 -18.74
CA ILE W 425 26.98 26.88 -19.56
C ILE W 425 26.07 28.09 -19.71
N GLU W 426 25.58 28.31 -20.93
CA GLU W 426 24.66 29.41 -21.15
C GLU W 426 23.38 29.19 -20.37
N GLN W 427 22.97 30.21 -19.62
CA GLN W 427 21.79 30.13 -18.75
C GLN W 427 20.61 30.92 -19.29
N ASN W 428 20.81 32.20 -19.60
CA ASN W 428 19.85 32.97 -20.36
C ASN W 428 20.41 33.23 -21.75
N GLU W 429 19.53 33.34 -22.73
CA GLU W 429 19.87 33.94 -24.00
C GLU W 429 18.97 35.15 -24.20
N PRO W 430 19.53 36.31 -24.55
CA PRO W 430 18.69 37.49 -24.71
C PRO W 430 17.63 37.25 -25.77
N PHE W 431 16.36 37.41 -25.36
CA PHE W 431 15.21 37.48 -26.25
C PHE W 431 14.81 36.12 -26.78
N VAL W 432 15.28 35.05 -26.13
CA VAL W 432 14.93 33.67 -26.47
C VAL W 432 14.29 33.03 -25.24
N TYR W 433 13.16 32.36 -25.44
CA TYR W 433 12.36 31.90 -24.32
C TYR W 433 12.28 30.39 -24.17
N ASP W 434 13.03 29.60 -24.95
CA ASP W 434 12.94 28.15 -24.84
C ASP W 434 14.31 27.48 -24.75
N LYS W 435 15.35 28.18 -24.29
CA LYS W 435 16.62 27.52 -24.08
C LYS W 435 16.56 26.61 -22.87
N ARG W 436 17.28 25.48 -22.95
CA ARG W 436 17.43 24.56 -21.84
C ARG W 436 18.87 24.57 -21.37
N VAL W 437 19.06 24.62 -20.05
CA VAL W 437 20.39 24.57 -19.45
C VAL W 437 20.68 23.10 -19.19
N LEU W 438 21.42 22.48 -20.11
CA LEU W 438 21.68 21.04 -20.06
C LEU W 438 23.18 20.81 -20.11
N TRP W 439 23.66 19.95 -19.22
CA TRP W 439 25.06 19.51 -19.26
C TRP W 439 25.09 17.99 -19.22
N LYS W 440 25.85 17.41 -20.13
CA LYS W 440 26.02 15.97 -20.20
C LYS W 440 27.42 15.59 -19.74
N ARG W 441 27.60 14.30 -19.43
CA ARG W 441 28.90 13.74 -19.08
C ARG W 441 29.44 14.37 -17.80
N VAL W 442 28.62 14.38 -16.75
CA VAL W 442 29.06 14.93 -15.47
C VAL W 442 30.24 14.14 -14.92
N GLY W 443 30.12 12.81 -14.88
CA GLY W 443 31.27 12.00 -14.44
C GLY W 443 30.91 10.90 -13.46
N ARG W 444 31.90 10.44 -12.68
CA ARG W 444 31.67 9.32 -11.72
C ARG W 444 31.73 9.84 -10.29
N ILE W 445 30.72 9.51 -9.48
CA ILE W 445 30.70 9.94 -8.05
C ILE W 445 31.43 8.89 -7.22
N ARG W 446 32.68 9.14 -6.84
CA ARG W 446 33.48 8.13 -6.10
C ARG W 446 32.78 7.83 -4.78
N ARG W 447 32.38 8.87 -4.04
CA ARG W 447 31.64 8.68 -2.77
C ARG W 447 30.59 9.78 -2.62
N LEU W 448 31.02 11.03 -2.61
CA LEU W 448 30.06 12.15 -2.38
C LEU W 448 30.23 13.20 -3.48
N ILE W 449 29.16 13.94 -3.80
CA ILE W 449 29.21 15.00 -4.80
C ILE W 449 28.20 16.07 -4.42
N GLY W 450 28.55 17.31 -4.69
CA GLY W 450 27.66 18.43 -4.47
C GLY W 450 27.85 19.50 -5.52
N PHE W 451 26.78 19.91 -6.18
CA PHE W 451 26.86 20.83 -7.30
C PHE W 451 26.59 22.25 -6.84
N LYS W 452 27.44 23.18 -7.27
CA LYS W 452 27.28 24.60 -6.99
C LYS W 452 26.99 25.32 -8.29
N LEU W 453 25.79 25.90 -8.39
CA LEU W 453 25.41 26.67 -9.56
C LEU W 453 25.64 28.14 -9.26
N ARG W 454 26.49 28.78 -10.08
CA ARG W 454 26.90 30.16 -9.86
C ARG W 454 26.60 30.95 -11.13
N VAL W 455 25.83 32.02 -10.98
CA VAL W 455 25.41 32.85 -12.12
C VAL W 455 25.85 34.28 -11.87
N ILE W 456 26.51 34.87 -12.85
CA ILE W 456 26.92 36.27 -12.81
C ILE W 456 26.17 36.98 -13.92
N THR W 457 25.26 37.88 -13.55
CA THR W 457 24.36 38.44 -14.55
C THR W 457 23.77 39.75 -14.04
N LYS W 458 23.25 40.53 -14.99
CA LYS W 458 22.51 41.75 -14.70
C LYS W 458 21.02 41.60 -14.97
N SER W 459 20.55 40.37 -15.15
CA SER W 459 19.17 40.07 -15.47
C SER W 459 18.66 38.98 -14.54
N PRO W 460 17.35 38.92 -14.29
CA PRO W 460 16.84 37.94 -13.33
C PRO W 460 17.11 36.51 -13.80
N VAL W 461 17.43 35.65 -12.84
CA VAL W 461 17.65 34.23 -13.10
C VAL W 461 16.60 33.44 -12.33
N THR W 462 15.90 32.57 -13.04
CA THR W 462 14.81 31.78 -12.49
C THR W 462 15.15 30.30 -12.74
N LEU W 463 15.77 29.67 -11.75
CA LEU W 463 16.13 28.26 -11.85
C LEU W 463 15.05 27.41 -11.20
N SER W 464 14.71 26.31 -11.86
CA SER W 464 13.64 25.42 -11.42
C SER W 464 14.24 24.05 -11.09
N GLY W 465 13.35 23.08 -10.89
CA GLY W 465 13.74 21.74 -10.49
C GLY W 465 14.92 21.16 -11.24
N CYS W 466 15.93 20.74 -10.49
CA CYS W 466 17.17 20.21 -11.04
C CYS W 466 17.10 18.68 -11.05
N GLN W 467 17.23 18.09 -12.23
CA GLN W 467 17.23 16.64 -12.38
C GLN W 467 18.61 16.19 -12.84
N ILE W 468 19.06 15.05 -12.30
CA ILE W 468 20.31 14.45 -12.69
C ILE W 468 20.06 12.97 -12.99
N ARG W 469 20.57 12.50 -14.13
CA ARG W 469 20.37 11.13 -14.55
C ARG W 469 21.47 10.26 -13.96
N LEU W 470 21.30 9.92 -12.68
CA LEU W 470 22.27 9.11 -11.95
C LEU W 470 22.12 7.68 -12.46
N GLU W 471 22.83 7.39 -13.54
CA GLU W 471 22.73 6.09 -14.19
C GLU W 471 23.73 5.11 -13.60
N PRO X 1 -1.62 6.01 -22.90
CA PRO X 1 -1.58 6.70 -21.61
C PRO X 1 -2.49 7.90 -21.56
N ILE X 2 -3.80 7.67 -21.43
CA ILE X 2 -4.76 8.76 -21.40
C ILE X 2 -4.55 9.55 -20.11
N GLN X 3 -4.08 10.79 -20.25
CA GLN X 3 -3.76 11.64 -19.10
C GLN X 3 -4.68 12.84 -19.10
N GLN X 4 -5.27 13.14 -17.95
CA GLN X 4 -6.14 14.30 -17.82
C GLN X 4 -5.31 15.56 -17.66
N LEU X 5 -5.93 16.70 -17.97
CA LEU X 5 -5.29 18.00 -17.87
C LEU X 5 -6.23 18.95 -17.11
N PRO X 6 -5.81 19.51 -15.98
CA PRO X 6 -6.64 20.48 -15.30
C PRO X 6 -6.75 21.77 -16.11
N MET X 7 -7.89 22.45 -15.93
CA MET X 7 -8.09 23.75 -16.56
C MET X 7 -8.53 24.82 -15.59
N MET X 8 -8.71 24.49 -14.30
CA MET X 8 -9.15 25.47 -13.33
C MET X 8 -8.15 26.60 -13.12
N LYS X 9 -6.88 26.37 -13.48
CA LYS X 9 -5.86 27.40 -13.33
C LYS X 9 -4.70 27.05 -14.24
N GLY X 10 -4.39 27.94 -15.19
CA GLY X 10 -3.32 27.73 -16.13
C GLY X 10 -2.04 28.43 -15.69
N MET X 11 -0.92 27.90 -16.16
CA MET X 11 0.40 28.41 -15.81
C MET X 11 1.11 28.88 -17.06
N GLY X 12 2.03 29.82 -16.88
CA GLY X 12 2.85 30.29 -17.98
C GLY X 12 3.84 31.32 -17.47
N LYS X 13 4.71 31.74 -18.37
CA LYS X 13 5.73 32.72 -18.04
C LYS X 13 5.16 34.14 -18.19
N ASP X 14 6.00 35.13 -17.92
CA ASP X 14 5.65 36.54 -18.06
C ASP X 14 6.77 37.21 -18.82
N PHE X 15 6.50 37.64 -20.05
CA PHE X 15 7.58 38.04 -20.95
C PHE X 15 8.31 39.29 -20.47
N LYS X 16 7.76 40.04 -19.53
CA LYS X 16 8.49 41.19 -18.98
C LYS X 16 9.40 40.77 -17.83
N ASN X 17 8.82 40.18 -16.78
CA ASN X 17 9.58 39.81 -15.59
C ASN X 17 10.26 38.45 -15.70
N ALA X 18 9.91 37.65 -16.71
CA ALA X 18 10.44 36.30 -16.90
C ALA X 18 10.09 35.36 -15.75
N ASP X 19 9.04 35.67 -15.01
CA ASP X 19 8.59 34.84 -13.89
C ASP X 19 7.38 34.01 -14.29
N TYR X 20 7.28 32.81 -13.70
CA TYR X 20 6.09 32.01 -13.88
C TYR X 20 4.90 32.67 -13.22
N ILE X 21 3.82 32.85 -13.98
CA ILE X 21 2.61 33.48 -13.48
C ILE X 21 1.43 32.58 -13.81
N ASP X 22 0.37 32.72 -13.03
CA ASP X 22 -0.84 31.95 -13.26
C ASP X 22 -1.62 32.55 -14.42
N TYR X 23 -1.90 31.74 -15.44
CA TYR X 23 -2.79 32.14 -16.52
C TYR X 23 -4.21 31.81 -16.09
N LEU X 24 -4.94 32.80 -15.71
CA LEU X 24 -6.22 32.58 -15.08
C LEU X 24 -7.30 32.31 -16.11
N PRO X 25 -8.28 31.48 -15.77
CA PRO X 25 -9.45 31.32 -16.66
C PRO X 25 -10.17 32.64 -16.80
N VAL X 26 -10.69 32.90 -17.99
CA VAL X 26 -11.35 34.15 -18.32
C VAL X 26 -12.83 33.88 -18.58
N ASN X 27 -13.69 34.60 -17.85
CA ASN X 27 -15.14 34.46 -17.99
C ASN X 27 -15.59 33.02 -17.73
N MET X 28 -14.91 32.36 -16.79
CA MET X 28 -15.24 31.00 -16.41
C MET X 28 -15.34 30.90 -14.89
N LEU X 29 -16.12 29.94 -14.43
CA LEU X 29 -16.33 29.71 -13.01
C LEU X 29 -16.23 28.22 -12.73
N ALA X 30 -15.12 27.80 -12.14
CA ALA X 30 -14.95 26.39 -11.79
C ALA X 30 -15.99 25.98 -10.76
N THR X 31 -16.63 24.84 -10.99
CA THR X 31 -17.67 24.34 -10.11
C THR X 31 -17.29 22.96 -9.59
N PRO X 32 -17.02 22.81 -8.29
CA PRO X 32 -16.58 21.50 -7.79
C PRO X 32 -17.69 20.48 -7.75
N LYS X 33 -17.98 19.87 -8.90
CA LYS X 33 -19.00 18.84 -9.01
C LYS X 33 -18.38 17.60 -9.64
N GLU X 34 -18.65 16.44 -9.07
CA GLU X 34 -18.09 15.19 -9.59
C GLU X 34 -18.79 14.85 -10.89
N ILE X 35 -18.21 15.28 -12.00
CA ILE X 35 -18.84 15.21 -13.31
C ILE X 35 -18.08 14.22 -14.19
N LEU X 36 -18.80 13.26 -14.76
CA LEU X 36 -18.23 12.26 -15.65
C LEU X 36 -16.98 11.63 -15.08
N ASN X 37 -15.83 11.94 -15.66
CA ASN X 37 -14.54 11.41 -15.22
C ASN X 37 -13.69 12.45 -14.50
N SER X 38 -14.24 13.62 -14.18
CA SER X 38 -13.47 14.69 -13.56
C SER X 38 -14.18 15.19 -12.31
N SER X 39 -13.43 15.90 -11.48
CA SER X 39 -13.95 16.39 -10.21
C SER X 39 -14.62 17.76 -10.33
N GLY X 40 -14.54 18.41 -11.48
CA GLY X 40 -15.16 19.71 -11.64
C GLY X 40 -15.27 20.08 -13.10
N TYR X 41 -16.21 21.00 -13.38
CA TYR X 41 -16.46 21.46 -14.74
C TYR X 41 -16.44 22.98 -14.77
N LEU X 42 -15.85 23.53 -15.82
CA LEU X 42 -15.80 24.98 -16.00
C LEU X 42 -17.09 25.46 -16.63
N ARG X 43 -17.65 26.54 -16.08
CA ARG X 43 -18.93 27.07 -16.50
C ARG X 43 -18.78 28.54 -16.85
N SER X 44 -19.31 28.94 -18.00
CA SER X 44 -19.19 30.33 -18.44
C SER X 44 -19.99 31.25 -17.54
N PHE X 45 -19.50 32.47 -17.39
CA PHE X 45 -20.20 33.45 -16.58
C PHE X 45 -21.57 33.75 -17.21
N PRO X 46 -22.61 33.98 -16.41
CA PRO X 46 -23.91 34.31 -16.99
C PRO X 46 -23.86 35.61 -17.77
N GLY X 47 -24.64 35.67 -18.84
CA GLY X 47 -24.68 36.85 -19.66
C GLY X 47 -25.53 37.95 -19.06
N ILE X 48 -25.48 39.11 -19.69
CA ILE X 48 -26.19 40.30 -19.23
C ILE X 48 -27.16 40.71 -20.33
N THR X 49 -28.42 40.92 -19.93
CA THR X 49 -29.44 41.46 -20.83
C THR X 49 -30.05 42.70 -20.20
N LYS X 50 -30.34 43.70 -21.04
CA LYS X 50 -30.81 45.00 -20.56
C LYS X 50 -32.21 44.88 -20.01
N ARG X 51 -32.38 45.12 -18.71
CA ARG X 51 -33.73 45.10 -18.13
C ARG X 51 -34.48 46.38 -18.47
N TYR X 52 -33.89 47.53 -18.19
CA TYR X 52 -34.45 48.81 -18.64
C TYR X 52 -33.36 49.87 -18.59
N ASP X 53 -33.69 51.03 -19.15
CA ASP X 53 -32.75 52.14 -19.24
C ASP X 53 -32.56 52.81 -17.89
N MET X 54 -31.55 53.66 -17.81
CA MET X 54 -31.27 54.42 -16.59
C MET X 54 -30.46 55.64 -16.97
N ASN X 55 -30.42 56.62 -16.06
CA ASN X 55 -29.73 57.87 -16.30
C ASN X 55 -28.29 57.73 -15.81
N GLY X 56 -27.33 57.90 -16.72
CA GLY X 56 -25.94 57.88 -16.36
C GLY X 56 -25.43 56.49 -16.01
N VAL X 57 -24.15 56.44 -15.68
CA VAL X 57 -23.49 55.18 -15.33
C VAL X 57 -23.85 54.81 -13.90
N SER X 58 -23.61 53.56 -13.52
CA SER X 58 -23.93 53.10 -12.18
C SER X 58 -22.85 53.51 -11.19
N ARG X 59 -23.27 53.98 -10.01
CA ARG X 59 -22.34 54.45 -9.01
C ARG X 59 -22.49 53.77 -7.66
N GLY X 60 -23.58 53.03 -7.42
CA GLY X 60 -23.73 52.32 -6.16
C GLY X 60 -24.97 51.47 -6.18
N VAL X 61 -25.03 50.54 -5.22
CA VAL X 61 -26.19 49.68 -5.06
C VAL X 61 -26.31 49.32 -3.59
N GLU X 62 -27.55 49.20 -3.11
CA GLU X 62 -27.82 48.78 -1.75
C GLU X 62 -29.22 48.20 -1.69
N TYR X 63 -29.36 47.03 -1.08
CA TYR X 63 -30.65 46.38 -0.95
C TYR X 63 -31.33 46.92 0.31
N ASN X 64 -32.28 47.82 0.13
CA ASN X 64 -32.96 48.46 1.25
C ASN X 64 -33.85 47.43 1.94
N THR X 65 -33.42 46.97 3.11
CA THR X 65 -34.20 45.97 3.84
C THR X 65 -35.52 46.54 4.34
N ALA X 66 -35.54 47.83 4.69
CA ALA X 66 -36.75 48.42 5.25
C ALA X 66 -37.90 48.41 4.25
N GLN X 67 -37.65 48.80 3.01
CA GLN X 67 -38.68 48.83 1.98
C GLN X 67 -38.73 47.57 1.14
N ASN X 68 -37.83 46.62 1.38
CA ASN X 68 -37.79 45.36 0.62
C ASN X 68 -37.68 45.62 -0.88
N ALA X 69 -36.86 46.59 -1.24
CA ALA X 69 -36.58 46.87 -2.64
C ALA X 69 -35.17 47.44 -2.73
N VAL X 70 -34.58 47.35 -3.92
CA VAL X 70 -33.20 47.74 -4.12
C VAL X 70 -33.14 49.20 -4.57
N TYR X 71 -32.27 49.98 -3.94
CA TYR X 71 -32.05 51.37 -4.29
C TYR X 71 -30.72 51.47 -5.03
N ARG X 72 -30.77 51.99 -6.24
CA ARG X 72 -29.60 52.09 -7.11
C ARG X 72 -29.46 53.52 -7.57
N VAL X 73 -28.28 54.10 -7.39
CA VAL X 73 -28.01 55.48 -7.79
C VAL X 73 -27.13 55.44 -9.03
N CYS X 74 -27.72 55.83 -10.16
CA CYS X 74 -27.00 55.89 -11.43
C CYS X 74 -26.91 57.34 -11.89
N GLY X 75 -25.73 57.73 -12.34
CA GLY X 75 -25.55 59.10 -12.83
C GLY X 75 -25.89 60.12 -11.77
N GLY X 76 -26.77 61.03 -12.12
CA GLY X 76 -27.25 62.06 -11.21
C GLY X 76 -28.62 61.83 -10.62
N LYS X 77 -29.17 60.62 -10.74
CA LYS X 77 -30.53 60.33 -10.29
C LYS X 77 -30.53 59.09 -9.42
N LEU X 78 -31.25 59.16 -8.29
CA LEU X 78 -31.38 58.02 -7.40
C LEU X 78 -32.62 57.23 -7.77
N TYR X 79 -32.46 55.93 -7.93
CA TYR X 79 -33.52 55.06 -8.43
C TYR X 79 -33.87 54.01 -7.37
N LYS X 80 -35.15 53.84 -7.11
CA LYS X 80 -35.67 52.74 -6.31
C LYS X 80 -36.32 51.77 -7.28
N GLY X 81 -35.62 50.68 -7.58
CA GLY X 81 -36.10 49.80 -8.63
C GLY X 81 -36.16 50.55 -9.95
N GLU X 82 -37.32 50.48 -10.60
CA GLU X 82 -37.48 51.16 -11.89
C GLU X 82 -37.60 52.67 -11.71
N SER X 83 -38.40 53.12 -10.74
CA SER X 83 -38.70 54.53 -10.60
C SER X 83 -37.52 55.29 -10.01
N GLU X 84 -37.56 56.62 -10.14
CA GLU X 84 -36.49 57.47 -9.56
C GLU X 84 -37.07 58.22 -8.36
N VAL X 85 -36.40 58.17 -7.22
CA VAL X 85 -36.98 58.78 -5.98
C VAL X 85 -35.99 59.79 -5.41
N GLY X 86 -35.39 60.64 -6.25
CA GLY X 86 -34.50 61.69 -5.74
C GLY X 86 -33.37 62.02 -6.68
N ASP X 87 -32.75 63.19 -6.51
CA ASP X 87 -31.61 63.60 -7.37
C ASP X 87 -30.32 63.60 -6.56
N VAL X 88 -29.33 62.83 -6.99
CA VAL X 88 -28.01 62.76 -6.27
C VAL X 88 -26.99 63.51 -7.12
N ALA X 89 -26.26 64.45 -6.51
CA ALA X 89 -25.26 65.25 -7.25
C ALA X 89 -23.96 64.47 -7.38
N GLY X 90 -22.90 65.10 -7.88
CA GLY X 90 -21.59 64.43 -7.98
C GLY X 90 -21.53 63.48 -9.16
N SER X 91 -20.37 62.86 -9.39
CA SER X 91 -20.20 61.93 -10.53
C SER X 91 -19.33 60.74 -10.12
N GLY X 92 -18.70 60.83 -8.94
CA GLY X 92 -17.85 59.72 -8.46
C GLY X 92 -18.69 58.64 -7.80
N ARG X 93 -18.06 57.56 -7.33
CA ARG X 93 -18.80 56.52 -6.60
C ARG X 93 -19.34 57.08 -5.28
N VAL X 94 -20.41 56.50 -4.76
CA VAL X 94 -21.02 56.94 -3.52
C VAL X 94 -21.46 55.73 -2.70
N SER X 95 -21.27 55.82 -1.39
CA SER X 95 -21.62 54.75 -0.47
C SER X 95 -22.96 55.07 0.18
N MET X 96 -23.85 54.08 0.22
CA MET X 96 -25.16 54.25 0.83
C MET X 96 -25.30 53.38 2.07
N ALA X 97 -26.21 53.78 2.95
CA ALA X 97 -26.51 53.04 4.17
C ALA X 97 -28.00 53.23 4.44
N HIS X 98 -28.80 52.24 4.04
CA HIS X 98 -30.25 52.35 4.15
C HIS X 98 -30.67 52.37 5.61
N GLY X 99 -31.80 53.05 5.87
CA GLY X 99 -32.33 53.15 7.21
C GLY X 99 -33.82 52.93 7.22
N ARG X 100 -34.37 52.75 8.43
CA ARG X 100 -35.78 52.44 8.56
C ARG X 100 -36.66 53.65 8.29
N THR X 101 -36.14 54.86 8.48
CA THR X 101 -36.92 56.07 8.25
C THR X 101 -36.36 56.93 7.12
N SER X 102 -35.25 56.54 6.50
CA SER X 102 -34.65 57.33 5.44
C SER X 102 -33.59 56.50 4.74
N GLN X 103 -33.48 56.68 3.43
CA GLN X 103 -32.40 56.09 2.64
C GLN X 103 -31.39 57.17 2.32
N ALA X 104 -30.12 56.91 2.64
CA ALA X 104 -29.09 57.93 2.58
C ALA X 104 -27.98 57.53 1.63
N VAL X 105 -27.34 58.54 1.05
CA VAL X 105 -26.22 58.34 0.14
C VAL X 105 -25.14 59.39 0.39
N GLY X 106 -24.04 58.97 1.01
CA GLY X 106 -22.94 59.88 1.26
C GLY X 106 -22.30 60.34 -0.02
N VAL X 107 -22.53 61.60 -0.40
CA VAL X 107 -22.09 62.13 -1.69
C VAL X 107 -21.50 63.52 -1.49
N ASN X 108 -20.41 63.80 -2.21
CA ASN X 108 -19.78 65.12 -2.23
C ASN X 108 -19.37 65.58 -0.84
N GLY X 109 -19.05 64.63 0.05
CA GLY X 109 -18.61 64.96 1.38
C GLY X 109 -19.70 65.27 2.38
N GLN X 110 -20.97 65.15 1.99
CA GLN X 110 -22.08 65.38 2.90
C GLN X 110 -23.02 64.18 2.88
N LEU X 111 -23.48 63.76 4.05
CA LEU X 111 -24.40 62.64 4.16
C LEU X 111 -25.80 63.16 3.86
N VAL X 112 -26.37 62.77 2.72
CA VAL X 112 -27.68 63.23 2.31
C VAL X 112 -28.69 62.11 2.54
N GLU X 113 -29.75 62.41 3.30
CA GLU X 113 -30.80 61.44 3.60
C GLU X 113 -32.00 61.70 2.72
N TYR X 114 -32.45 60.68 2.00
CA TYR X 114 -33.66 60.75 1.19
C TYR X 114 -34.78 60.09 1.99
N ARG X 115 -35.56 60.90 2.68
CA ARG X 115 -36.63 60.38 3.52
C ARG X 115 -37.67 59.66 2.67
N TYR X 116 -38.36 58.69 3.28
CA TYR X 116 -39.27 57.84 2.55
C TYR X 116 -40.56 58.54 2.13
N ASP X 117 -40.87 59.71 2.69
CA ASP X 117 -42.06 60.45 2.31
C ASP X 117 -41.79 61.50 1.23
N GLY X 118 -40.55 61.64 0.78
CA GLY X 118 -40.21 62.50 -0.34
C GLY X 118 -39.22 63.60 0.00
N THR X 119 -39.21 64.05 1.25
CA THR X 119 -38.35 65.17 1.59
C THR X 119 -36.89 64.72 1.72
N VAL X 120 -35.98 65.69 1.65
CA VAL X 120 -34.55 65.46 1.68
C VAL X 120 -33.94 66.35 2.75
N LYS X 121 -33.13 65.75 3.63
CA LYS X 121 -32.42 66.48 4.66
C LYS X 121 -30.96 66.07 4.69
N THR X 122 -30.10 67.01 5.07
CA THR X 122 -28.66 66.81 5.11
C THR X 122 -28.16 66.98 6.53
N VAL X 123 -27.13 66.19 6.88
CA VAL X 123 -26.58 66.23 8.23
C VAL X 123 -25.86 67.54 8.47
N SER X 124 -26.19 68.19 9.58
CA SER X 124 -25.55 69.43 9.99
C SER X 124 -25.68 69.56 11.50
N ASN X 125 -24.89 70.48 12.06
CA ASN X 125 -24.91 70.70 13.50
C ASN X 125 -26.31 71.04 13.98
N TRP X 126 -26.54 70.80 15.27
CA TRP X 126 -27.77 71.26 15.89
C TRP X 126 -27.79 72.78 15.89
N PRO X 127 -28.97 73.39 15.88
CA PRO X 127 -29.04 74.85 15.91
C PRO X 127 -28.35 75.42 17.14
N ALA X 128 -27.71 76.57 16.98
CA ALA X 128 -26.94 77.17 18.06
C ALA X 128 -27.82 77.48 19.26
N ASP X 129 -29.02 77.99 19.02
CA ASP X 129 -29.94 78.31 20.12
C ASP X 129 -30.54 77.07 20.77
N SER X 130 -30.39 75.89 20.17
CA SER X 130 -30.93 74.68 20.76
C SER X 130 -30.27 74.37 22.09
N GLY X 131 -28.95 74.55 22.18
CA GLY X 131 -28.21 74.30 23.38
C GLY X 131 -27.42 73.00 23.40
N PHE X 132 -27.61 72.13 22.42
CA PHE X 132 -26.89 70.87 22.38
C PHE X 132 -25.46 71.11 21.88
N THR X 133 -24.61 70.11 22.06
CA THR X 133 -23.20 70.24 21.75
C THR X 133 -22.99 70.44 20.25
N GLN X 134 -22.06 71.32 19.91
CA GLN X 134 -21.73 71.65 18.53
C GLN X 134 -20.39 71.02 18.16
N TYR X 135 -20.34 70.34 17.02
CA TYR X 135 -19.16 69.63 16.57
C TYR X 135 -18.58 70.30 15.33
N GLU X 136 -17.52 69.68 14.79
CA GLU X 136 -16.87 70.09 13.55
C GLU X 136 -17.04 68.94 12.57
N LEU X 137 -18.09 69.02 11.74
CA LEU X 137 -18.49 67.88 10.93
C LEU X 137 -17.46 67.56 9.86
N GLY X 138 -16.98 68.57 9.14
CA GLY X 138 -16.08 68.30 8.04
C GLY X 138 -16.77 67.60 6.89
N SER X 139 -16.00 66.83 6.14
CA SER X 139 -16.48 66.15 4.95
C SER X 139 -16.73 64.66 5.23
N VAL X 140 -17.83 64.15 4.70
CA VAL X 140 -18.21 62.75 4.91
C VAL X 140 -17.50 61.88 3.88
N ARG X 141 -16.92 60.77 4.34
CA ARG X 141 -16.22 59.85 3.45
C ARG X 141 -16.99 58.56 3.22
N ASP X 142 -17.33 57.83 4.29
CA ASP X 142 -18.08 56.59 4.18
C ASP X 142 -19.10 56.54 5.31
N ILE X 143 -20.18 55.79 5.09
CA ILE X 143 -21.30 55.78 6.03
C ILE X 143 -21.74 54.34 6.31
N THR X 144 -22.47 54.19 7.41
CA THR X 144 -23.06 52.91 7.78
C THR X 144 -24.13 53.17 8.84
N ARG X 145 -24.95 52.15 9.10
CA ARG X 145 -26.03 52.27 10.08
C ARG X 145 -26.02 51.07 11.01
N LEU X 146 -26.32 51.33 12.28
CA LEU X 146 -26.38 50.27 13.29
C LEU X 146 -27.21 50.77 14.47
N ARG X 147 -28.31 50.08 14.77
CA ARG X 147 -29.21 50.42 15.88
C ARG X 147 -29.74 51.84 15.77
N GLY X 148 -30.25 52.19 14.60
CA GLY X 148 -30.93 53.45 14.42
C GLY X 148 -30.05 54.67 14.34
N ARG X 149 -28.75 54.49 14.12
CA ARG X 149 -27.82 55.61 14.04
C ARG X 149 -26.98 55.48 12.78
N TYR X 150 -26.67 56.62 12.17
CA TYR X 150 -25.81 56.68 11.00
C TYR X 150 -24.39 57.00 11.45
N ALA X 151 -23.44 56.16 11.07
CA ALA X 151 -22.05 56.35 11.44
C ALA X 151 -21.26 56.73 10.20
N TRP X 152 -20.60 57.88 10.24
CA TRP X 152 -19.79 58.36 9.13
C TRP X 152 -18.51 58.94 9.68
N SER X 153 -17.47 58.95 8.84
CA SER X 153 -16.15 59.38 9.24
C SER X 153 -15.78 60.68 8.56
N LYS X 154 -15.25 61.63 9.33
CA LYS X 154 -14.75 62.87 8.77
C LYS X 154 -13.62 62.59 7.79
N ASP X 155 -13.67 63.20 6.62
CA ASP X 155 -12.67 62.94 5.59
C ASP X 155 -11.31 63.46 6.01
N GLY X 156 -10.29 62.65 5.79
CA GLY X 156 -8.93 63.03 6.15
C GLY X 156 -8.67 63.10 7.64
N THR X 157 -9.48 62.43 8.44
CA THR X 157 -9.29 62.41 9.88
C THR X 157 -9.88 61.11 10.41
N ASP X 158 -9.37 60.67 11.56
CA ASP X 158 -9.77 59.40 12.16
C ASP X 158 -11.01 59.52 13.04
N SER X 159 -11.73 60.64 12.97
CA SER X 159 -12.92 60.83 13.78
C SER X 159 -14.16 60.39 13.02
N TRP X 160 -15.09 59.75 13.72
CA TRP X 160 -16.37 59.37 13.14
C TRP X 160 -17.49 59.72 14.11
N PHE X 161 -18.67 59.94 13.56
CA PHE X 161 -19.81 60.46 14.32
C PHE X 161 -20.98 59.49 14.26
N ILE X 162 -22.02 59.78 15.04
CA ILE X 162 -23.27 59.04 15.03
C ILE X 162 -24.42 60.03 15.18
N THR X 163 -25.51 59.78 14.47
CA THR X 163 -26.67 60.66 14.51
C THR X 163 -27.48 60.45 15.78
N ASP X 164 -28.36 61.41 16.05
CA ASP X 164 -29.26 61.32 17.19
C ASP X 164 -30.36 60.29 16.91
N LEU X 165 -30.91 59.73 17.98
CA LEU X 165 -32.00 58.77 17.84
C LEU X 165 -33.31 59.47 17.48
N GLU X 166 -33.60 60.60 18.12
CA GLU X 166 -34.88 61.26 17.87
C GLU X 166 -34.91 61.91 16.49
N ASP X 167 -34.01 62.86 16.24
CA ASP X 167 -33.91 63.53 14.96
C ASP X 167 -32.66 63.00 14.26
N GLU X 168 -32.87 62.23 13.20
CA GLU X 168 -31.76 61.55 12.53
C GLU X 168 -30.91 62.51 11.69
N SER X 169 -31.45 63.68 11.34
CA SER X 169 -30.69 64.62 10.51
C SER X 169 -29.44 65.11 11.23
N HIS X 170 -29.59 65.61 12.45
CA HIS X 170 -28.46 66.12 13.20
C HIS X 170 -27.73 64.99 13.92
N PRO X 171 -26.44 65.19 14.26
CA PRO X 171 -25.72 64.17 15.03
C PRO X 171 -26.25 64.04 16.45
N ASP X 172 -25.63 63.18 17.25
CA ASP X 172 -26.16 62.91 18.58
C ASP X 172 -26.10 64.16 19.45
N ARG X 173 -26.97 64.19 20.47
CA ARG X 173 -27.17 65.39 21.25
C ARG X 173 -25.91 65.76 22.04
N TYR X 174 -25.36 64.82 22.79
CA TYR X 174 -24.25 65.13 23.68
C TYR X 174 -22.97 64.40 23.34
N SER X 175 -23.05 63.14 22.93
CA SER X 175 -21.88 62.32 22.65
C SER X 175 -21.97 61.80 21.23
N ALA X 176 -21.31 62.50 20.29
CA ALA X 176 -21.32 62.11 18.89
C ALA X 176 -19.93 62.14 18.27
N GLN X 177 -18.89 62.32 19.07
CA GLN X 177 -17.51 62.36 18.57
C GLN X 177 -16.77 61.12 19.03
N TYR X 178 -16.19 60.39 18.08
CA TYR X 178 -15.44 59.19 18.39
C TYR X 178 -14.22 59.12 17.50
N ARG X 179 -13.15 58.53 18.03
CA ARG X 179 -11.87 58.51 17.34
C ARG X 179 -11.29 57.10 17.32
N ALA X 180 -10.71 56.73 16.19
CA ALA X 180 -9.94 55.50 16.09
C ALA X 180 -8.46 55.84 16.31
N GLU X 181 -8.16 56.15 17.58
CA GLU X 181 -6.88 56.74 17.94
C GLU X 181 -5.83 55.72 18.38
N SER X 182 -6.12 54.43 18.28
CA SER X 182 -5.13 53.43 18.69
C SER X 182 -3.84 53.56 17.89
N GLN X 183 -3.93 54.10 16.69
CA GLN X 183 -2.78 54.43 15.86
C GLN X 183 -3.06 55.77 15.20
N PRO X 184 -2.03 56.48 14.75
CA PRO X 184 -2.25 57.74 14.01
C PRO X 184 -2.64 57.49 12.55
N ASP X 185 -3.70 56.72 12.35
CA ASP X 185 -4.17 56.32 11.04
C ASP X 185 -5.53 56.95 10.76
N GLY X 186 -5.66 57.60 9.61
CA GLY X 186 -6.96 58.12 9.22
C GLY X 186 -7.91 57.02 8.84
N ILE X 187 -9.21 57.27 9.01
CA ILE X 187 -10.23 56.27 8.75
C ILE X 187 -10.50 56.30 7.24
N ILE X 188 -10.05 55.25 6.54
CA ILE X 188 -10.30 55.18 5.11
C ILE X 188 -11.75 54.81 4.83
N GLY X 189 -12.32 53.94 5.68
CA GLY X 189 -13.71 53.51 5.46
C GLY X 189 -14.38 53.04 6.74
N ILE X 190 -15.71 53.16 6.82
CA ILE X 190 -16.46 52.70 8.02
C ILE X 190 -17.48 51.64 7.57
N GLY X 191 -17.85 50.73 8.47
CA GLY X 191 -18.81 49.67 8.13
C GLY X 191 -19.41 49.03 9.37
N THR X 192 -20.36 48.13 9.21
CA THR X 192 -21.03 47.48 10.37
C THR X 192 -20.87 45.97 10.29
N TRP X 193 -20.25 45.36 11.30
CA TRP X 193 -20.14 43.87 11.34
C TRP X 193 -20.85 43.36 12.60
N ARG X 194 -21.90 42.56 12.43
CA ARG X 194 -22.69 42.08 13.59
C ARG X 194 -23.18 43.32 14.36
N ASP X 195 -22.71 43.51 15.59
CA ASP X 195 -23.13 44.68 16.40
C ASP X 195 -21.96 45.63 16.60
N PHE X 196 -20.93 45.53 15.75
CA PHE X 196 -19.73 46.37 15.91
C PHE X 196 -19.61 47.37 14.77
N ILE X 197 -19.28 48.63 15.06
CA ILE X 197 -19.05 49.63 13.98
C ILE X 197 -17.55 49.65 13.66
N VAL X 198 -17.13 48.92 12.64
CA VAL X 198 -15.67 48.84 12.31
C VAL X 198 -15.21 50.20 11.82
N CYS X 199 -13.90 50.48 11.94
CA CYS X 199 -13.35 51.76 11.41
C CYS X 199 -12.07 51.44 10.63
N PHE X 200 -12.19 51.10 9.36
CA PHE X 200 -11.01 50.70 8.55
C PHE X 200 -10.02 51.86 8.43
N GLY X 201 -9.01 51.90 9.29
CA GLY X 201 -8.00 52.93 9.23
C GLY X 201 -7.07 52.74 8.06
N SER X 202 -6.14 53.69 7.92
CA SER X 202 -5.12 53.56 6.88
C SER X 202 -4.06 52.53 7.24
N SER X 203 -3.97 52.15 8.52
CA SER X 203 -3.04 51.10 8.92
C SER X 203 -3.60 50.11 9.94
N THR X 204 -4.81 50.32 10.46
CA THR X 204 -5.39 49.43 11.45
C THR X 204 -6.89 49.28 11.20
N ILE X 205 -7.48 48.29 11.86
CA ILE X 205 -8.91 48.04 11.81
C ILE X 205 -9.40 47.90 13.25
N GLU X 206 -10.34 48.73 13.65
CA GLU X 206 -10.86 48.72 15.02
C GLU X 206 -12.33 48.34 15.04
N TYR X 207 -12.76 47.75 16.15
CA TYR X 207 -14.13 47.32 16.35
C TYR X 207 -14.73 48.08 17.52
N PHE X 208 -15.89 48.67 17.31
CA PHE X 208 -16.58 49.47 18.31
C PHE X 208 -17.90 48.82 18.67
N SER X 209 -18.29 48.93 19.93
CA SER X 209 -19.52 48.32 20.41
C SER X 209 -20.21 49.27 21.38
N LEU X 210 -21.54 49.17 21.43
CA LEU X 210 -22.31 50.00 22.35
C LEU X 210 -21.99 49.63 23.80
N THR X 211 -21.78 50.64 24.63
CA THR X 211 -21.58 50.40 26.05
C THR X 211 -22.87 50.46 26.85
N GLY X 212 -23.95 50.95 26.25
CA GLY X 212 -25.22 51.01 26.96
C GLY X 212 -25.30 52.08 28.01
N ALA X 213 -24.45 53.09 27.95
CA ALA X 213 -24.47 54.15 28.95
C ALA X 213 -25.73 54.99 28.83
N THR X 214 -26.22 55.47 29.97
CA THR X 214 -27.44 56.25 30.04
C THR X 214 -27.22 57.72 30.35
N THR X 215 -26.23 58.04 31.18
CA THR X 215 -25.98 59.43 31.54
C THR X 215 -25.55 60.24 30.32
N ALA X 216 -25.96 61.49 30.29
CA ALA X 216 -25.63 62.36 29.16
C ALA X 216 -24.13 62.65 29.13
N GLY X 217 -23.55 62.62 27.93
CA GLY X 217 -22.15 62.89 27.74
C GLY X 217 -21.26 61.66 27.78
N ALA X 218 -21.78 60.50 28.20
CA ALA X 218 -20.98 59.30 28.22
C ALA X 218 -20.81 58.74 26.82
N ALA X 219 -19.62 58.22 26.55
CA ALA X 219 -19.33 57.65 25.23
C ALA X 219 -20.19 56.41 24.99
N LEU X 220 -21.08 56.49 24.00
CA LEU X 220 -21.94 55.36 23.69
C LEU X 220 -21.15 54.16 23.19
N TYR X 221 -20.15 54.40 22.36
CA TYR X 221 -19.35 53.33 21.76
C TYR X 221 -17.97 53.31 22.40
N VAL X 222 -17.50 52.12 22.74
CA VAL X 222 -16.19 51.93 23.34
C VAL X 222 -15.40 50.95 22.48
N ALA X 223 -14.11 51.22 22.33
CA ALA X 223 -13.27 50.39 21.47
C ALA X 223 -13.14 48.99 22.05
N GLN X 224 -13.01 48.01 21.14
CA GLN X 224 -12.77 46.62 21.49
C GLN X 224 -11.38 46.23 21.03
N PRO X 225 -10.35 46.45 21.86
CA PRO X 225 -8.98 46.16 21.40
C PRO X 225 -8.76 44.71 21.01
N SER X 226 -9.44 43.77 21.66
CA SER X 226 -9.16 42.35 21.42
C SER X 226 -9.49 41.92 20.00
N LEU X 227 -10.31 42.66 19.28
CA LEU X 227 -10.68 42.32 17.91
C LEU X 227 -9.91 43.11 16.86
N MET X 228 -8.94 43.91 17.27
CA MET X 228 -8.20 44.74 16.33
C MET X 228 -7.47 43.88 15.30
N VAL X 229 -7.46 44.34 14.05
CA VAL X 229 -6.75 43.69 12.96
C VAL X 229 -5.68 44.65 12.46
N GLN X 230 -4.44 44.20 12.42
CA GLN X 230 -3.32 45.07 12.06
C GLN X 230 -3.08 45.12 10.55
N LYS X 231 -4.15 45.40 9.80
CA LYS X 231 -4.05 45.67 8.36
C LYS X 231 -4.98 46.83 8.05
N SER X 232 -5.21 47.09 6.77
CA SER X 232 -6.01 48.24 6.38
C SER X 232 -6.56 48.02 4.98
N ILE X 233 -7.43 48.93 4.57
CA ILE X 233 -8.03 48.90 3.24
C ILE X 233 -7.35 49.91 2.35
N ALA X 234 -7.16 49.54 1.08
CA ALA X 234 -6.44 50.40 0.15
C ALA X 234 -7.18 51.70 -0.10
N GLY X 235 -8.46 51.63 -0.44
CA GLY X 235 -9.26 52.81 -0.73
C GLY X 235 -10.58 52.76 0.00
N THR X 236 -11.36 53.83 -0.20
CA THR X 236 -12.60 53.98 0.54
C THR X 236 -13.58 52.85 0.24
N TYR X 237 -13.50 52.26 -0.95
CA TYR X 237 -14.46 51.25 -1.37
C TYR X 237 -13.80 49.90 -1.64
N CYS X 238 -12.66 49.62 -1.02
CA CYS X 238 -11.99 48.34 -1.16
C CYS X 238 -12.36 47.36 -0.06
N LYS X 239 -13.61 47.41 0.42
CA LYS X 239 -14.08 46.51 1.46
C LYS X 239 -15.49 46.05 1.10
N THR X 240 -15.86 44.87 1.60
CA THR X 240 -17.19 44.33 1.38
C THR X 240 -17.44 43.11 2.25
N PRO X 241 -18.67 42.89 2.71
CA PRO X 241 -18.98 41.65 3.43
C PRO X 241 -18.71 40.43 2.56
N PHE X 242 -18.17 39.39 3.18
CA PHE X 242 -17.87 38.16 2.46
C PHE X 242 -17.69 37.03 3.48
N ALA X 243 -18.58 36.05 3.44
CA ALA X 243 -18.55 34.89 4.33
C ALA X 243 -18.54 35.32 5.79
N ASP X 244 -19.58 36.08 6.16
CA ASP X 244 -19.78 36.53 7.54
C ASP X 244 -18.58 37.32 8.07
N SER X 245 -17.96 38.09 7.19
CA SER X 245 -16.81 38.93 7.55
C SER X 245 -16.55 39.86 6.37
N TYR X 246 -15.60 40.76 6.55
CA TYR X 246 -15.18 41.69 5.50
C TYR X 246 -13.87 41.25 4.89
N ALA X 247 -13.86 41.10 3.57
CA ALA X 247 -12.64 41.01 2.80
C ALA X 247 -12.24 42.40 2.34
N PHE X 248 -10.98 42.54 1.95
CA PHE X 248 -10.46 43.86 1.58
C PHE X 248 -9.14 43.69 0.86
N ILE X 249 -8.54 44.83 0.49
CA ILE X 249 -7.22 44.90 -0.12
C ILE X 249 -6.32 45.67 0.83
N SER X 250 -5.16 45.10 1.15
CA SER X 250 -4.28 45.71 2.13
C SER X 250 -3.76 47.06 1.65
N HIS X 251 -3.75 48.03 2.56
CA HIS X 251 -3.19 49.34 2.26
C HIS X 251 -1.67 49.21 2.06
N PRO X 252 -1.09 50.02 1.18
CA PRO X 252 0.37 49.94 0.95
C PRO X 252 1.19 50.27 2.18
N ALA X 253 0.61 50.86 3.22
CA ALA X 253 1.38 51.19 4.41
C ALA X 253 1.96 49.93 5.07
N THR X 254 1.15 48.88 5.18
CA THR X 254 1.61 47.66 5.83
C THR X 254 2.45 46.77 4.93
N GLY X 255 2.56 47.10 3.65
CA GLY X 255 3.32 46.30 2.70
C GLY X 255 2.63 46.28 1.37
N ALA X 256 3.03 45.34 0.52
CA ALA X 256 2.43 45.22 -0.80
C ALA X 256 0.96 44.86 -0.66
N PRO X 257 0.06 45.51 -1.40
CA PRO X 257 -1.36 45.20 -1.28
C PRO X 257 -1.66 43.76 -1.67
N SER X 258 -2.59 43.16 -0.95
CA SER X 258 -2.99 41.78 -1.20
C SER X 258 -4.36 41.55 -0.59
N VAL X 259 -5.20 40.78 -1.30
CA VAL X 259 -6.57 40.57 -0.84
C VAL X 259 -6.56 39.75 0.44
N TYR X 260 -7.32 40.21 1.43
CA TYR X 260 -7.33 39.61 2.75
C TYR X 260 -8.77 39.33 3.18
N ILE X 261 -8.93 38.43 4.16
CA ILE X 261 -10.19 38.24 4.84
C ILE X 261 -9.95 38.30 6.35
N ILE X 262 -10.82 39.02 7.06
CA ILE X 262 -10.70 39.16 8.50
C ILE X 262 -11.25 37.93 9.18
N GLY X 263 -10.47 37.33 10.07
CA GLY X 263 -10.95 36.23 10.88
C GLY X 263 -10.47 36.28 12.31
N SER X 264 -11.41 36.36 13.25
CA SER X 264 -11.12 36.34 14.69
C SER X 264 -10.01 37.34 15.05
N GLY X 265 -10.14 38.55 14.52
CA GLY X 265 -9.12 39.57 14.77
C GLY X 265 -7.78 39.24 14.15
N GLN X 266 -7.78 38.73 12.93
CA GLN X 266 -6.54 38.40 12.22
C GLN X 266 -6.84 38.36 10.73
N ALA X 267 -5.88 38.81 9.93
CA ALA X 267 -6.03 38.88 8.49
C ALA X 267 -5.33 37.71 7.84
N SER X 268 -6.06 36.93 7.04
CA SER X 268 -5.52 35.77 6.36
C SER X 268 -5.53 35.99 4.86
N PRO X 269 -4.41 35.84 4.17
CA PRO X 269 -4.37 36.10 2.74
C PRO X 269 -5.15 35.06 1.95
N ILE X 270 -5.78 35.52 0.86
CA ILE X 270 -6.47 34.63 -0.06
C ILE X 270 -6.06 34.94 -1.49
N ALA X 271 -5.00 35.74 -1.64
CA ALA X 271 -4.53 36.15 -2.96
C ALA X 271 -3.27 35.37 -3.31
N THR X 272 -3.28 34.73 -4.47
CA THR X 272 -2.11 34.01 -4.95
C THR X 272 -1.02 34.99 -5.35
N ALA X 273 0.10 34.44 -5.83
CA ALA X 273 1.20 35.30 -6.29
C ALA X 273 0.79 36.12 -7.50
N SER X 274 0.10 35.50 -8.46
CA SER X 274 -0.26 36.21 -9.69
C SER X 274 -1.25 37.33 -9.42
N ILE X 275 -2.26 37.07 -8.58
CA ILE X 275 -3.24 38.10 -8.25
C ILE X 275 -2.56 39.29 -7.61
N GLU X 276 -1.63 39.03 -6.70
CA GLU X 276 -0.99 40.13 -5.99
C GLU X 276 0.03 40.85 -6.85
N LYS X 277 0.67 40.18 -7.81
CA LYS X 277 1.46 40.91 -8.80
C LYS X 277 0.59 41.81 -9.65
N ILE X 278 -0.59 41.30 -10.06
CA ILE X 278 -1.51 42.13 -10.83
C ILE X 278 -1.95 43.35 -10.03
N ILE X 279 -2.25 43.15 -8.74
CA ILE X 279 -2.65 44.26 -7.89
C ILE X 279 -1.50 45.26 -7.73
N ARG X 280 -0.28 44.76 -7.50
CA ARG X 280 0.88 45.63 -7.36
C ARG X 280 1.22 46.34 -8.65
N SER X 281 0.75 45.85 -9.80
CA SER X 281 1.01 46.51 -11.07
C SER X 281 0.36 47.88 -11.17
N TYR X 282 -0.56 48.21 -10.27
CA TYR X 282 -1.29 49.48 -10.34
C TYR X 282 -0.58 50.53 -9.49
N THR X 283 -0.80 51.79 -9.84
CA THR X 283 -0.28 52.87 -9.02
C THR X 283 -1.21 53.12 -7.84
N ALA X 284 -0.77 53.99 -6.93
CA ALA X 284 -1.48 54.19 -5.68
C ALA X 284 -2.89 54.73 -5.91
N GLU X 285 -3.01 55.81 -6.67
CA GLU X 285 -4.31 56.43 -6.88
C GLU X 285 -5.23 55.53 -7.70
N GLU X 286 -4.70 54.86 -8.72
CA GLU X 286 -5.54 53.97 -9.53
C GLU X 286 -6.12 52.84 -8.69
N MET X 287 -5.28 52.22 -7.86
CA MET X 287 -5.74 51.13 -7.00
C MET X 287 -6.59 51.65 -5.85
N ALA X 288 -6.49 52.93 -5.50
CA ALA X 288 -7.39 53.50 -4.50
C ALA X 288 -8.82 53.53 -5.01
N THR X 289 -9.01 53.85 -6.30
CA THR X 289 -10.35 53.93 -6.86
C THR X 289 -11.02 52.58 -7.05
N GLY X 290 -10.29 51.48 -6.87
CA GLY X 290 -10.90 50.18 -7.04
C GLY X 290 -11.99 49.91 -6.02
N VAL X 291 -13.01 49.18 -6.46
CA VAL X 291 -14.15 48.83 -5.63
C VAL X 291 -14.36 47.32 -5.72
N MET X 292 -14.67 46.70 -4.59
CA MET X 292 -14.93 45.27 -4.55
C MET X 292 -16.26 45.00 -3.88
N GLU X 293 -16.88 43.88 -4.23
CA GLU X 293 -18.21 43.56 -3.76
C GLU X 293 -18.40 42.05 -3.79
N THR X 294 -19.48 41.61 -3.15
CA THR X 294 -19.82 40.19 -3.07
C THR X 294 -21.02 39.89 -3.95
N LEU X 295 -20.92 38.81 -4.72
CA LEU X 295 -22.03 38.31 -5.53
C LEU X 295 -22.20 36.84 -5.23
N ARG X 296 -23.44 36.41 -5.01
CA ARG X 296 -23.72 35.03 -4.65
C ARG X 296 -24.84 34.50 -5.53
N PHE X 297 -24.52 33.51 -6.37
CA PHE X 297 -25.54 32.82 -7.13
C PHE X 297 -25.13 31.36 -7.26
N ASP X 298 -26.14 30.49 -7.35
CA ASP X 298 -25.97 29.05 -7.30
C ASP X 298 -25.15 28.67 -6.07
N SER X 299 -24.10 27.89 -6.25
CA SER X 299 -23.27 27.47 -5.12
C SER X 299 -22.03 28.31 -4.94
N HIS X 300 -21.75 29.22 -5.86
CA HIS X 300 -20.53 30.01 -5.82
C HIS X 300 -20.67 31.15 -4.81
N GLU X 301 -19.54 31.54 -4.23
CA GLU X 301 -19.46 32.70 -3.34
C GLU X 301 -18.42 33.65 -3.95
N LEU X 302 -18.85 34.47 -4.90
CA LEU X 302 -17.93 35.33 -5.60
C LEU X 302 -17.53 36.52 -4.73
N LEU X 303 -16.30 37.02 -4.97
CA LEU X 303 -15.81 38.25 -4.38
C LEU X 303 -15.24 39.05 -5.54
N ILE X 304 -16.10 39.83 -6.20
CA ILE X 304 -15.71 40.52 -7.42
C ILE X 304 -14.95 41.79 -7.06
N ILE X 305 -13.79 41.98 -7.69
CA ILE X 305 -12.96 43.15 -7.47
C ILE X 305 -12.92 43.94 -8.77
N HIS X 306 -13.31 45.22 -8.70
CA HIS X 306 -13.39 46.08 -9.89
C HIS X 306 -12.18 47.00 -9.91
N LEU X 307 -11.07 46.47 -10.40
CA LEU X 307 -9.86 47.25 -10.59
C LEU X 307 -9.95 48.02 -11.91
N PRO X 308 -9.17 49.09 -12.06
CA PRO X 308 -9.34 49.95 -13.25
C PRO X 308 -9.16 49.22 -14.57
N ARG X 309 -8.23 48.26 -14.65
CA ARG X 309 -7.99 47.54 -15.89
C ARG X 309 -8.14 46.04 -15.75
N HIS X 310 -8.59 45.56 -14.59
CA HIS X 310 -8.85 44.14 -14.38
C HIS X 310 -10.10 43.99 -13.52
N VAL X 311 -10.76 42.85 -13.66
CA VAL X 311 -11.91 42.50 -12.84
C VAL X 311 -11.65 41.10 -12.29
N LEU X 312 -11.04 41.03 -11.12
CA LEU X 312 -10.73 39.75 -10.51
C LEU X 312 -11.93 39.23 -9.74
N VAL X 313 -12.11 37.91 -9.74
CA VAL X 313 -13.23 37.27 -9.06
C VAL X 313 -12.69 36.09 -8.27
N TYR X 314 -13.04 36.04 -6.98
CA TYR X 314 -12.65 34.96 -6.09
C TYR X 314 -13.88 34.10 -5.82
N ASP X 315 -13.79 32.82 -6.18
CA ASP X 315 -14.90 31.88 -6.02
C ASP X 315 -14.61 31.03 -4.80
N ALA X 316 -15.25 31.36 -3.68
CA ALA X 316 -14.92 30.71 -2.41
C ALA X 316 -15.23 29.22 -2.45
N SER X 317 -16.39 28.84 -3.01
CA SER X 317 -16.77 27.44 -3.01
C SER X 317 -15.88 26.58 -3.89
N SER X 318 -15.13 27.18 -4.81
CA SER X 318 -14.24 26.46 -5.69
C SER X 318 -12.78 26.52 -5.25
N SER X 319 -12.52 26.89 -4.00
CA SER X 319 -11.16 27.02 -3.49
C SER X 319 -10.71 25.78 -2.74
N GLN X 320 -11.18 24.60 -3.14
CA GLN X 320 -10.84 23.37 -2.44
C GLN X 320 -9.35 23.08 -2.55
N ASN X 321 -8.78 23.23 -3.74
CA ASN X 321 -7.36 22.96 -3.98
C ASN X 321 -6.50 24.20 -3.84
N GLY X 322 -7.07 25.33 -3.45
CA GLY X 322 -6.34 26.58 -3.37
C GLY X 322 -7.19 27.71 -3.90
N PRO X 323 -6.72 28.95 -3.72
CA PRO X 323 -7.50 30.09 -4.20
C PRO X 323 -7.76 30.02 -5.69
N GLN X 324 -8.97 30.35 -6.10
CA GLN X 324 -9.42 30.24 -7.49
C GLN X 324 -9.88 31.61 -7.95
N TRP X 325 -9.12 32.21 -8.87
CA TRP X 325 -9.42 33.54 -9.39
C TRP X 325 -9.64 33.46 -10.90
N CYS X 326 -10.67 34.14 -11.37
CA CYS X 326 -10.95 34.25 -12.80
C CYS X 326 -11.07 35.72 -13.19
N VAL X 327 -10.46 36.07 -14.31
CA VAL X 327 -10.45 37.45 -14.78
C VAL X 327 -11.59 37.64 -15.77
N LEU X 328 -12.62 38.36 -15.36
CA LEU X 328 -13.71 38.69 -16.25
C LEU X 328 -13.33 39.84 -17.17
N LYS X 329 -13.88 39.81 -18.38
CA LYS X 329 -13.56 40.83 -19.37
C LYS X 329 -14.75 40.98 -20.33
N THR X 330 -14.83 42.14 -20.95
CA THR X 330 -15.87 42.45 -21.92
C THR X 330 -15.23 42.76 -23.26
N GLY X 331 -15.82 42.22 -24.33
CA GLY X 331 -15.30 42.44 -25.66
C GLY X 331 -14.19 41.49 -26.02
N LEU X 332 -13.76 41.58 -27.28
CA LEU X 332 -12.78 40.63 -27.79
C LEU X 332 -11.40 40.91 -27.21
N TYR X 333 -11.04 42.17 -27.05
CA TYR X 333 -9.74 42.56 -26.52
C TYR X 333 -9.84 42.75 -25.00
N ASP X 334 -8.81 43.34 -24.42
CA ASP X 334 -8.60 43.34 -22.97
C ASP X 334 -9.42 44.37 -22.22
N ASP X 335 -10.53 44.84 -22.79
CA ASP X 335 -11.38 45.82 -22.12
C ASP X 335 -11.85 45.30 -20.76
N VAL X 336 -12.26 46.22 -19.91
CA VAL X 336 -12.68 45.90 -18.55
C VAL X 336 -14.14 45.49 -18.55
N TYR X 337 -14.49 44.57 -17.64
CA TYR X 337 -15.86 44.09 -17.54
C TYR X 337 -16.82 45.23 -17.29
N ARG X 338 -17.90 45.28 -18.08
CA ARG X 338 -18.85 46.38 -17.96
C ARG X 338 -19.74 46.24 -16.73
N GLY X 339 -20.13 45.01 -16.39
CA GLY X 339 -21.02 44.81 -15.26
C GLY X 339 -20.41 45.31 -13.97
N VAL X 340 -21.22 46.00 -13.18
CA VAL X 340 -20.77 46.59 -11.93
C VAL X 340 -21.96 46.72 -11.00
N ASP X 341 -21.70 46.60 -9.69
CA ASP X 341 -22.72 46.75 -8.66
C ASP X 341 -23.81 45.70 -8.80
N PHE X 342 -23.40 44.44 -8.68
CA PHE X 342 -24.34 43.32 -8.74
C PHE X 342 -25.15 43.25 -7.45
N MET X 343 -26.46 43.02 -7.60
CA MET X 343 -27.34 42.82 -6.46
C MET X 343 -28.47 41.90 -6.87
N TYR X 344 -28.84 40.99 -5.97
CA TYR X 344 -29.89 40.02 -6.23
C TYR X 344 -31.21 40.55 -5.69
N GLU X 345 -32.17 40.80 -6.57
CA GLU X 345 -33.48 41.27 -6.19
C GLU X 345 -34.55 40.36 -6.76
N GLY X 346 -35.58 40.08 -5.97
CA GLY X 346 -36.70 39.30 -6.42
C GLY X 346 -36.32 37.92 -6.91
N ASN X 347 -36.34 37.73 -8.22
CA ASN X 347 -36.03 36.45 -8.85
C ASN X 347 -34.65 36.40 -9.46
N GLN X 348 -34.19 37.48 -10.08
CA GLN X 348 -32.97 37.45 -10.88
C GLN X 348 -32.07 38.62 -10.52
N ILE X 349 -30.76 38.40 -10.67
CA ILE X 349 -29.77 39.40 -10.33
C ILE X 349 -29.85 40.56 -11.31
N THR X 350 -29.50 41.77 -10.84
CA THR X 350 -29.41 42.94 -11.70
C THR X 350 -28.05 43.60 -11.49
N CYS X 351 -27.47 44.10 -12.58
CA CYS X 351 -26.15 44.70 -12.54
C CYS X 351 -26.16 46.02 -13.31
N GLY X 352 -25.37 46.98 -12.83
CA GLY X 352 -25.19 48.23 -13.53
C GLY X 352 -24.17 48.10 -14.65
N ASP X 353 -23.90 49.23 -15.29
CA ASP X 353 -22.95 49.27 -16.39
C ASP X 353 -21.94 50.39 -16.15
N LYS X 354 -20.67 50.11 -16.45
CA LYS X 354 -19.62 51.10 -16.25
C LYS X 354 -19.62 52.15 -17.35
N SER X 355 -19.93 51.77 -18.59
CA SER X 355 -19.83 52.67 -19.73
C SER X 355 -21.19 53.23 -20.14
N GLU X 356 -22.14 52.37 -20.45
CA GLU X 356 -23.44 52.83 -20.91
C GLU X 356 -24.34 53.19 -19.73
N ALA X 357 -25.42 53.90 -20.04
CA ALA X 357 -26.40 54.30 -19.03
C ALA X 357 -27.59 53.33 -19.06
N VAL X 358 -27.31 52.09 -18.64
CA VAL X 358 -28.30 51.03 -18.61
C VAL X 358 -28.09 50.21 -17.34
N VAL X 359 -29.08 49.36 -17.04
CA VAL X 359 -28.96 48.36 -15.99
C VAL X 359 -29.30 47.01 -16.61
N GLY X 360 -28.45 46.02 -16.35
CA GLY X 360 -28.60 44.69 -16.92
C GLY X 360 -28.94 43.67 -15.85
N GLN X 361 -29.74 42.68 -16.23
CA GLN X 361 -30.08 41.57 -15.35
C GLN X 361 -29.36 40.32 -15.86
N LEU X 362 -28.74 39.59 -14.95
CA LEU X 362 -28.01 38.39 -15.34
C LEU X 362 -28.97 37.34 -15.86
N GLN X 363 -28.66 36.78 -17.03
CA GLN X 363 -29.44 35.71 -17.62
C GLN X 363 -28.53 34.51 -17.79
N PHE X 364 -28.98 33.34 -17.34
CA PHE X 364 -28.11 32.18 -17.21
C PHE X 364 -28.07 31.32 -18.46
N ASP X 365 -29.04 31.45 -19.37
CA ASP X 365 -29.06 30.64 -20.57
C ASP X 365 -28.30 31.25 -21.74
N ILE X 366 -27.66 32.40 -21.54
CA ILE X 366 -26.81 33.02 -22.55
C ILE X 366 -25.55 33.55 -21.89
N SER X 367 -24.53 33.81 -22.71
CA SER X 367 -23.32 34.47 -22.25
C SER X 367 -23.09 35.82 -22.90
N SER X 368 -23.92 36.20 -23.87
CA SER X 368 -23.79 37.51 -24.49
C SER X 368 -24.15 38.61 -23.50
N GLN X 369 -23.46 39.74 -23.63
CA GLN X 369 -23.66 40.89 -22.76
C GLN X 369 -24.23 42.03 -23.59
N TYR X 370 -25.50 42.37 -23.33
CA TYR X 370 -26.22 43.40 -24.09
C TYR X 370 -26.21 43.07 -25.58
N ASP X 371 -26.42 41.79 -25.90
CA ASP X 371 -26.49 41.30 -27.27
C ASP X 371 -25.17 41.56 -28.02
N LYS X 372 -24.09 41.10 -27.43
CA LYS X 372 -22.76 41.19 -28.03
C LYS X 372 -21.98 39.92 -27.72
N GLN X 373 -21.07 39.56 -28.61
CA GLN X 373 -20.22 38.41 -28.37
C GLN X 373 -19.21 38.72 -27.27
N GLN X 374 -18.76 37.67 -26.60
CA GLN X 374 -17.77 37.75 -25.54
C GLN X 374 -16.79 36.59 -25.66
N GLU X 375 -15.65 36.74 -25.01
CA GLU X 375 -14.52 35.82 -25.14
C GLU X 375 -14.37 35.02 -23.85
N HIS X 376 -14.28 33.70 -23.99
CA HIS X 376 -14.01 32.81 -22.86
C HIS X 376 -12.71 32.09 -23.10
N LEU X 377 -11.80 32.16 -22.13
CA LEU X 377 -10.48 31.57 -22.26
C LEU X 377 -10.29 30.49 -21.21
N LEU X 378 -9.48 29.48 -21.55
CA LEU X 378 -9.12 28.42 -20.62
C LEU X 378 -7.71 27.97 -20.94
N PHE X 379 -6.82 28.07 -19.96
CA PHE X 379 -5.42 27.71 -20.14
C PHE X 379 -5.09 26.48 -19.30
N THR X 380 -4.46 25.50 -19.91
CA THR X 380 -3.96 24.35 -19.16
C THR X 380 -2.53 24.62 -18.69
N PRO X 381 -2.13 24.08 -17.54
CA PRO X 381 -0.79 24.40 -17.02
C PRO X 381 0.30 23.75 -17.85
N LEU X 382 1.47 24.39 -17.84
CA LEU X 382 2.63 23.85 -18.52
C LEU X 382 3.08 22.56 -17.86
N PHE X 383 3.33 21.53 -18.65
CA PHE X 383 3.84 20.27 -18.14
C PHE X 383 4.93 19.77 -19.06
N LYS X 384 5.95 19.15 -18.48
CA LYS X 384 7.15 18.75 -19.20
C LYS X 384 6.99 17.33 -19.74
N ALA X 385 6.97 17.20 -21.06
CA ALA X 385 7.05 15.92 -21.73
C ALA X 385 8.16 15.99 -22.77
N ASP X 386 9.09 15.04 -22.71
CA ASP X 386 10.22 15.02 -23.63
C ASP X 386 10.01 13.94 -24.67
N ASN X 387 10.07 14.34 -25.95
CA ASN X 387 10.03 13.41 -27.07
C ASN X 387 8.75 12.58 -27.08
N ALA X 388 7.67 13.10 -26.49
CA ALA X 388 6.41 12.41 -26.42
C ALA X 388 5.48 12.89 -27.53
N ARG X 389 4.43 12.11 -27.77
CA ARG X 389 3.41 12.45 -28.76
C ARG X 389 2.05 12.49 -28.10
N CYS X 390 1.19 13.39 -28.57
CA CYS X 390 -0.18 13.48 -28.12
C CYS X 390 -1.11 13.46 -29.32
N PHE X 391 -2.11 12.59 -29.30
CA PHE X 391 -3.05 12.51 -30.42
C PHE X 391 -4.47 12.88 -30.03
N ASP X 392 -5.07 12.20 -29.07
CA ASP X 392 -6.45 12.49 -28.69
C ASP X 392 -6.44 13.61 -27.65
N LEU X 393 -7.19 14.68 -27.93
CA LEU X 393 -7.37 15.77 -26.98
C LEU X 393 -8.85 16.08 -26.96
N GLU X 394 -9.56 15.59 -25.95
CA GLU X 394 -11.00 15.70 -25.86
C GLU X 394 -11.38 16.53 -24.64
N VAL X 395 -12.28 17.49 -24.84
CA VAL X 395 -12.88 18.24 -23.74
C VAL X 395 -14.38 18.03 -23.84
N GLU X 396 -14.99 17.63 -22.72
CA GLU X 396 -16.43 17.37 -22.70
C GLU X 396 -17.18 18.68 -22.59
N SER X 397 -17.95 19.01 -23.61
CA SER X 397 -18.75 20.23 -23.62
C SER X 397 -20.23 19.89 -23.56
N SER X 398 -20.99 20.71 -22.83
CA SER X 398 -22.43 20.50 -22.68
C SER X 398 -23.13 21.18 -23.85
N THR X 399 -23.06 20.51 -25.00
CA THR X 399 -23.68 21.04 -26.21
C THR X 399 -25.19 21.08 -26.04
N GLY X 400 -25.81 22.14 -26.55
CA GLY X 400 -27.20 22.41 -26.28
C GLY X 400 -27.63 23.76 -26.77
N VAL X 401 -28.29 24.53 -25.90
CA VAL X 401 -28.82 25.84 -26.27
C VAL X 401 -27.73 26.73 -26.86
N ALA X 402 -27.98 27.21 -28.07
CA ALA X 402 -27.04 28.05 -28.80
C ALA X 402 -27.76 28.61 -30.02
N GLN X 403 -27.16 29.66 -30.59
CA GLN X 403 -27.71 30.29 -31.78
C GLN X 403 -27.10 29.72 -33.05
N TYR X 404 -25.77 29.72 -33.15
CA TYR X 404 -25.06 29.08 -34.24
C TYR X 404 -24.11 28.06 -33.64
N ALA X 405 -23.70 27.09 -34.45
CA ALA X 405 -22.78 26.07 -33.97
C ALA X 405 -21.39 26.67 -33.79
N ASP X 406 -21.23 27.48 -32.73
CA ASP X 406 -20.01 28.25 -32.54
C ASP X 406 -18.81 27.33 -32.33
N ARG X 407 -17.63 27.80 -32.73
CA ARG X 407 -16.43 27.01 -32.72
C ARG X 407 -15.39 27.65 -31.82
N LEU X 408 -14.54 26.81 -31.23
CA LEU X 408 -13.50 27.25 -30.32
C LEU X 408 -12.14 27.20 -31.01
N PHE X 409 -11.29 28.17 -30.69
CA PHE X 409 -9.93 28.20 -31.22
C PHE X 409 -9.02 27.50 -30.22
N LEU X 410 -8.43 26.38 -30.64
CA LEU X 410 -7.56 25.58 -29.79
C LEU X 410 -6.13 25.76 -30.28
N SER X 411 -5.25 26.24 -29.41
CA SER X 411 -3.86 26.47 -29.76
C SER X 411 -2.97 25.98 -28.63
N ALA X 412 -1.74 25.64 -28.99
CA ALA X 412 -0.76 25.12 -28.04
C ALA X 412 0.54 25.90 -28.17
N THR X 413 1.15 26.21 -27.03
CA THR X 413 2.42 26.92 -26.99
C THR X 413 3.57 25.92 -26.81
N THR X 414 4.78 26.46 -26.80
CA THR X 414 5.97 25.66 -26.55
C THR X 414 6.91 26.29 -25.52
N ASP X 415 6.85 27.60 -25.32
CA ASP X 415 7.64 28.28 -24.31
C ASP X 415 6.79 28.94 -23.24
N GLY X 416 5.47 28.85 -23.33
CA GLY X 416 4.58 29.34 -22.31
C GLY X 416 4.25 30.82 -22.39
N ILE X 417 4.70 31.53 -23.41
CA ILE X 417 4.41 32.95 -23.53
C ILE X 417 3.61 33.22 -24.80
N ASN X 418 4.17 32.83 -25.95
CA ASN X 418 3.54 33.04 -27.24
C ASN X 418 3.06 31.71 -27.82
N TYR X 419 1.96 31.78 -28.57
CA TYR X 419 1.22 30.59 -28.98
C TYR X 419 1.37 30.37 -30.48
N GLY X 420 0.98 29.17 -30.91
CA GLY X 420 1.10 28.74 -32.28
C GLY X 420 -0.18 28.95 -33.08
N ARG X 421 -0.41 28.05 -34.03
CA ARG X 421 -1.56 28.17 -34.91
C ARG X 421 -2.85 27.93 -34.16
N GLU X 422 -3.89 28.68 -34.52
CA GLU X 422 -5.20 28.58 -33.90
C GLU X 422 -6.03 27.59 -34.71
N GLN X 423 -6.39 26.46 -34.11
CA GLN X 423 -7.21 25.46 -34.75
C GLN X 423 -8.66 25.63 -34.33
N MET X 424 -9.57 25.59 -35.30
CA MET X 424 -10.98 25.86 -35.08
C MET X 424 -11.73 24.53 -35.02
N ILE X 425 -12.42 24.30 -33.89
CA ILE X 425 -13.19 23.08 -33.67
C ILE X 425 -14.57 23.46 -33.18
N GLU X 426 -15.59 22.80 -33.71
CA GLU X 426 -16.96 23.06 -33.27
C GLU X 426 -17.11 22.69 -31.80
N GLN X 427 -17.73 23.60 -31.04
CA GLN X 427 -17.88 23.44 -29.60
C GLN X 427 -19.34 23.21 -29.19
N ASN X 428 -20.25 24.06 -29.65
CA ASN X 428 -21.68 23.79 -29.55
C ASN X 428 -22.25 23.55 -30.93
N GLU X 429 -23.38 22.86 -30.97
CA GLU X 429 -24.22 22.81 -32.16
C GLU X 429 -25.65 23.11 -31.69
N PRO X 430 -26.37 24.00 -32.37
CA PRO X 430 -27.71 24.35 -31.89
C PRO X 430 -28.60 23.13 -31.81
N PHE X 431 -29.04 22.82 -30.59
CA PHE X 431 -30.10 21.84 -30.34
C PHE X 431 -29.63 20.42 -30.59
N VAL X 432 -28.32 20.19 -30.46
CA VAL X 432 -27.72 18.87 -30.48
C VAL X 432 -27.00 18.67 -29.14
N TYR X 433 -27.29 17.57 -28.46
CA TYR X 433 -26.87 17.40 -27.08
C TYR X 433 -25.82 16.34 -26.86
N ASP X 434 -25.27 15.73 -27.92
CA ASP X 434 -24.28 14.68 -27.74
C ASP X 434 -23.04 14.89 -28.61
N LYS X 435 -22.73 16.12 -28.98
CA LYS X 435 -21.49 16.38 -29.70
C LYS X 435 -20.31 16.27 -28.76
N ARG X 436 -19.18 15.78 -29.28
CA ARG X 436 -17.92 15.71 -28.56
C ARG X 436 -16.92 16.64 -29.22
N VAL X 437 -16.22 17.43 -28.41
CA VAL X 437 -15.17 18.31 -28.91
C VAL X 437 -13.87 17.51 -28.87
N LEU X 438 -13.50 16.95 -30.02
CA LEU X 438 -12.36 16.05 -30.11
C LEU X 438 -11.40 16.55 -31.18
N TRP X 439 -10.11 16.57 -30.85
CA TRP X 439 -9.08 16.88 -31.82
C TRP X 439 -8.02 15.79 -31.78
N LYS X 440 -7.67 15.28 -32.95
CA LYS X 440 -6.64 14.26 -33.08
C LYS X 440 -5.40 14.85 -33.72
N ARG X 441 -4.28 14.12 -33.60
CA ARG X 441 -3.02 14.50 -34.25
C ARG X 441 -2.51 15.84 -33.72
N VAL X 442 -2.44 15.96 -32.39
CA VAL X 442 -1.93 17.19 -31.79
C VAL X 442 -0.47 17.40 -32.19
N GLY X 443 0.35 16.35 -32.06
CA GLY X 443 1.71 16.43 -32.52
C GLY X 443 2.68 15.93 -31.46
N ARG X 444 3.91 16.39 -31.56
CA ARG X 444 5.00 15.95 -30.69
C ARG X 444 5.38 17.08 -29.74
N ILE X 445 5.35 16.80 -28.45
CA ILE X 445 5.74 17.77 -27.44
C ILE X 445 7.26 17.73 -27.32
N ARG X 446 7.91 18.79 -27.76
CA ARG X 446 9.37 18.78 -27.82
C ARG X 446 9.99 18.98 -26.45
N ARG X 447 9.73 20.12 -25.81
CA ARG X 447 10.13 20.31 -24.42
C ARG X 447 8.94 20.56 -23.51
N LEU X 448 8.10 21.54 -23.82
CA LEU X 448 6.94 21.87 -23.00
C LEU X 448 5.79 22.24 -23.92
N ILE X 449 4.58 22.22 -23.36
CA ILE X 449 3.39 22.56 -24.13
C ILE X 449 2.33 23.07 -23.18
N GLY X 450 1.51 24.00 -23.66
CA GLY X 450 0.37 24.50 -22.92
C GLY X 450 -0.76 24.86 -23.85
N PHE X 451 -1.96 24.34 -23.60
CA PHE X 451 -3.09 24.51 -24.50
C PHE X 451 -3.97 25.65 -24.03
N LYS X 452 -4.36 26.51 -24.97
CA LYS X 452 -5.27 27.62 -24.69
C LYS X 452 -6.56 27.37 -25.47
N LEU X 453 -7.67 27.26 -24.74
CA LEU X 453 -8.98 27.07 -25.35
C LEU X 453 -9.71 28.41 -25.37
N ARG X 454 -10.04 28.89 -26.56
CA ARG X 454 -10.63 30.20 -26.74
C ARG X 454 -11.96 30.03 -27.48
N VAL X 455 -13.04 30.50 -26.87
CA VAL X 455 -14.39 30.34 -27.41
C VAL X 455 -14.99 31.73 -27.60
N ILE X 456 -15.50 31.99 -28.79
CA ILE X 456 -16.17 33.25 -29.10
C ILE X 456 -17.62 32.91 -29.44
N THR X 457 -18.54 33.22 -28.53
CA THR X 457 -19.91 32.76 -28.70
C THR X 457 -20.85 33.65 -27.90
N LYS X 458 -22.13 33.54 -28.24
CA LYS X 458 -23.21 34.22 -27.53
C LYS X 458 -24.04 33.28 -26.67
N SER X 459 -23.56 32.06 -26.44
CA SER X 459 -24.27 31.03 -25.71
C SER X 459 -23.36 30.43 -24.66
N PRO X 460 -23.93 29.90 -23.57
CA PRO X 460 -23.09 29.40 -22.48
C PRO X 460 -22.23 28.23 -22.95
N VAL X 461 -20.99 28.19 -22.44
CA VAL X 461 -20.06 27.10 -22.72
C VAL X 461 -19.74 26.41 -21.40
N THR X 462 -19.83 25.08 -21.41
CA THR X 462 -19.62 24.25 -20.22
C THR X 462 -18.57 23.21 -20.58
N LEU X 463 -17.31 23.52 -20.30
CA LEU X 463 -16.21 22.63 -20.60
C LEU X 463 -15.88 21.79 -19.37
N SER X 464 -15.67 20.50 -19.60
CA SER X 464 -15.42 19.54 -18.54
C SER X 464 -14.01 18.96 -18.68
N GLY X 465 -13.71 17.95 -17.88
CA GLY X 465 -12.39 17.34 -17.82
C GLY X 465 -11.74 17.09 -19.16
N CYS X 466 -10.52 17.60 -19.33
CA CYS X 466 -9.78 17.52 -20.58
C CYS X 466 -8.85 16.33 -20.54
N GLN X 467 -9.03 15.39 -21.46
CA GLN X 467 -8.19 14.20 -21.56
C GLN X 467 -7.30 14.32 -22.79
N ILE X 468 -6.01 14.06 -22.60
CA ILE X 468 -5.05 14.04 -23.70
C ILE X 468 -4.32 12.69 -23.67
N ARG X 469 -4.24 12.05 -24.83
CA ARG X 469 -3.64 10.72 -24.92
C ARG X 469 -2.16 10.87 -25.23
N LEU X 470 -1.39 11.16 -24.18
CA LEU X 470 0.04 11.39 -24.31
C LEU X 470 0.70 10.02 -24.52
N GLU X 471 0.75 9.61 -25.78
CA GLU X 471 1.28 8.31 -26.14
C GLU X 471 2.77 8.39 -26.44
N ALA Y 1 63.61 -23.75 50.18
CA ALA Y 1 63.40 -23.19 48.85
C ALA Y 1 63.54 -21.67 48.88
N ASN Y 2 64.46 -21.15 48.10
CA ASN Y 2 64.73 -19.72 48.07
C ASN Y 2 64.60 -19.12 46.68
N VAL Y 3 65.06 -19.83 45.64
CA VAL Y 3 64.93 -19.40 44.26
C VAL Y 3 64.43 -20.58 43.44
N VAL Y 4 63.44 -20.33 42.59
CA VAL Y 4 62.92 -21.34 41.67
C VAL Y 4 63.34 -20.96 40.26
N VAL Y 5 63.80 -21.95 39.50
CA VAL Y 5 64.23 -21.69 38.12
C VAL Y 5 63.02 -21.32 37.28
N SER Y 6 63.18 -20.30 36.44
CA SER Y 6 62.13 -19.83 35.56
C SER Y 6 62.76 -19.10 34.40
N ASN Y 7 62.21 -19.28 33.21
CA ASN Y 7 62.80 -18.68 32.02
C ASN Y 7 62.38 -17.21 31.91
N PRO Y 8 63.33 -16.28 31.87
CA PRO Y 8 63.00 -14.91 31.45
C PRO Y 8 62.85 -14.83 29.94
N ARG Y 9 62.83 -13.61 29.39
CA ARG Y 9 62.64 -13.42 27.96
C ARG Y 9 61.30 -14.00 27.54
N PRO Y 10 60.20 -13.38 27.92
CA PRO Y 10 58.88 -13.93 27.59
C PRO Y 10 58.68 -14.03 26.09
N ILE Y 11 57.87 -15.00 25.68
CA ILE Y 11 57.71 -15.36 24.28
C ILE Y 11 56.38 -14.83 23.77
N PHE Y 12 56.40 -14.24 22.59
CA PHE Y 12 55.22 -13.65 21.96
C PHE Y 12 54.81 -14.47 20.75
N THR Y 13 53.53 -14.81 20.69
CA THR Y 13 52.96 -15.57 19.57
C THR Y 13 51.71 -14.84 19.08
N GLU Y 14 51.08 -15.42 18.06
CA GLU Y 14 49.87 -14.82 17.50
C GLU Y 14 48.67 -15.16 18.37
N SER Y 15 47.48 -14.79 17.91
CA SER Y 15 46.28 -14.92 18.73
C SER Y 15 45.43 -16.13 18.38
N ARG Y 16 45.50 -16.63 17.15
CA ARG Y 16 44.70 -17.76 16.71
C ARG Y 16 45.53 -18.97 16.30
N SER Y 17 46.81 -18.80 16.01
CA SER Y 17 47.68 -19.90 15.65
C SER Y 17 48.93 -19.86 16.53
N PHE Y 18 49.54 -21.03 16.73
CA PHE Y 18 50.66 -21.13 17.65
C PHE Y 18 51.98 -20.63 17.07
N LYS Y 19 52.03 -20.33 15.77
CA LYS Y 19 53.28 -19.82 15.20
C LYS Y 19 53.61 -18.45 15.79
N ALA Y 20 54.90 -18.20 15.94
CA ALA Y 20 55.38 -17.01 16.62
C ALA Y 20 55.45 -15.82 15.68
N VAL Y 21 55.26 -14.63 16.24
CA VAL Y 21 55.43 -13.40 15.47
C VAL Y 21 56.89 -13.30 15.05
N ALA Y 22 57.11 -13.08 13.75
CA ALA Y 22 58.45 -13.01 13.20
C ALA Y 22 58.70 -11.60 12.69
N ASN Y 23 59.71 -10.94 13.26
CA ASN Y 23 60.07 -9.57 12.88
C ASN Y 23 58.88 -8.63 12.95
N GLY Y 24 58.02 -8.84 13.94
CA GLY Y 24 56.94 -7.92 14.22
C GLY Y 24 57.42 -6.72 15.00
N LYS Y 25 56.48 -5.98 15.55
CA LYS Y 25 56.80 -4.77 16.31
C LYS Y 25 55.88 -4.70 17.53
N ILE Y 26 56.47 -4.38 18.68
CA ILE Y 26 55.73 -4.16 19.92
C ILE Y 26 55.81 -2.68 20.26
N TYR Y 27 54.66 -2.07 20.52
CA TYR Y 27 54.56 -0.67 20.89
C TYR Y 27 54.02 -0.55 22.30
N ILE Y 28 54.62 0.33 23.09
CA ILE Y 28 54.22 0.54 24.47
C ILE Y 28 53.65 1.95 24.60
N GLY Y 29 52.65 2.11 25.46
CA GLY Y 29 52.00 3.40 25.58
C GLY Y 29 51.22 3.52 26.88
N GLN Y 30 50.59 4.68 27.04
CA GLN Y 30 49.82 4.97 28.24
C GLN Y 30 48.66 4.00 28.40
N ILE Y 31 48.03 4.06 29.57
CA ILE Y 31 46.93 3.15 29.88
C ILE Y 31 45.71 3.50 29.03
N ASP Y 32 45.16 2.50 28.36
CA ASP Y 32 43.93 2.62 27.60
C ASP Y 32 44.03 3.76 26.57
N THR Y 33 44.96 3.59 25.64
CA THR Y 33 45.16 4.58 24.59
C THR Y 33 45.88 3.91 23.42
N ASP Y 34 46.09 4.70 22.37
CA ASP Y 34 46.77 4.26 21.16
C ASP Y 34 48.26 4.33 21.39
N PRO Y 35 48.96 3.21 21.53
CA PRO Y 35 50.41 3.27 21.76
C PRO Y 35 51.19 3.39 20.46
N VAL Y 36 50.71 4.23 19.54
CA VAL Y 36 51.49 4.59 18.37
C VAL Y 36 51.75 6.09 18.32
N ASN Y 37 50.99 6.90 19.06
CA ASN Y 37 51.19 8.33 19.08
C ASN Y 37 52.37 8.64 19.99
N PRO Y 38 53.41 9.32 19.49
CA PRO Y 38 54.53 9.69 20.37
C PRO Y 38 54.07 10.49 21.58
N ALA Y 39 52.94 11.18 21.44
CA ALA Y 39 52.33 11.84 22.60
C ALA Y 39 51.86 10.82 23.62
N ASN Y 40 51.30 9.70 23.16
CA ASN Y 40 50.79 8.65 24.04
C ASN Y 40 51.88 7.67 24.46
N GLN Y 41 53.13 7.88 24.06
CA GLN Y 41 54.13 6.85 24.27
C GLN Y 41 54.76 6.95 25.65
N ILE Y 42 55.35 5.85 26.08
CA ILE Y 42 55.98 5.74 27.39
C ILE Y 42 57.41 5.23 27.21
N PRO Y 43 58.40 5.78 27.90
CA PRO Y 43 59.77 5.29 27.73
C PRO Y 43 59.93 3.87 28.24
N VAL Y 44 60.72 3.07 27.50
CA VAL Y 44 61.04 1.71 27.88
C VAL Y 44 62.55 1.55 27.84
N TYR Y 45 63.10 0.83 28.82
CA TYR Y 45 64.53 0.72 29.01
C TYR Y 45 64.99 -0.72 28.82
N ILE Y 46 66.30 -0.88 28.69
CA ILE Y 46 66.93 -2.20 28.64
C ILE Y 46 67.62 -2.43 29.98
N GLU Y 47 67.35 -3.57 30.61
CA GLU Y 47 67.94 -3.92 31.89
C GLU Y 47 68.97 -5.02 31.61
N ASN Y 48 70.22 -4.61 31.44
CA ASN Y 48 71.29 -5.54 31.12
C ASN Y 48 71.60 -6.43 32.33
N GLU Y 49 72.56 -7.34 32.15
CA GLU Y 49 72.96 -8.21 33.24
C GLU Y 49 73.60 -7.43 34.38
N ASP Y 50 74.43 -6.42 34.04
CA ASP Y 50 75.06 -5.59 35.06
C ASP Y 50 74.06 -4.69 35.79
N GLY Y 51 72.83 -4.58 35.29
CA GLY Y 51 71.85 -3.72 35.90
C GLY Y 51 71.82 -2.30 35.37
N SER Y 52 72.69 -1.96 34.43
CA SER Y 52 72.76 -0.60 33.90
C SER Y 52 71.57 -0.37 32.97
N HIS Y 53 70.61 0.41 33.43
CA HIS Y 53 69.44 0.74 32.61
C HIS Y 53 69.84 1.70 31.50
N VAL Y 54 69.33 1.45 30.29
CA VAL Y 54 69.60 2.31 29.15
C VAL Y 54 68.32 2.43 28.33
N GLN Y 55 68.07 3.64 27.82
CA GLN Y 55 66.89 3.86 26.99
C GLN Y 55 67.10 3.24 25.62
N ILE Y 56 65.98 2.95 24.94
CA ILE Y 56 65.99 2.27 23.67
C ILE Y 56 65.13 3.04 22.68
N THR Y 57 65.46 2.91 21.40
CA THR Y 57 64.57 3.38 20.35
C THR Y 57 63.22 2.69 20.50
N GLN Y 58 62.15 3.45 20.32
CA GLN Y 58 60.83 3.00 20.79
C GLN Y 58 60.37 1.70 20.13
N PRO Y 59 60.25 1.59 18.79
CA PRO Y 59 59.58 0.41 18.23
C PRO Y 59 60.36 -0.86 18.48
N LEU Y 60 59.85 -1.71 19.36
CA LEU Y 60 60.53 -2.94 19.73
C LEU Y 60 60.53 -3.91 18.56
N ILE Y 61 61.59 -4.70 18.46
CA ILE Y 61 61.75 -5.67 17.39
C ILE Y 61 61.67 -7.06 17.99
N ILE Y 62 61.11 -7.99 17.22
CA ILE Y 62 60.92 -9.37 17.65
C ILE Y 62 61.70 -10.27 16.68
N ASN Y 63 62.48 -11.20 17.24
CA ASN Y 63 63.17 -12.17 16.40
C ASN Y 63 62.18 -13.22 15.89
N ALA Y 64 62.70 -14.25 15.25
CA ALA Y 64 61.86 -15.31 14.73
C ALA Y 64 61.30 -16.21 15.81
N ALA Y 65 61.73 -16.05 17.06
CA ALA Y 65 61.30 -16.90 18.16
C ALA Y 65 60.39 -16.17 19.15
N GLY Y 66 59.83 -15.04 18.74
CA GLY Y 66 58.93 -14.30 19.61
C GLY Y 66 59.59 -13.68 20.83
N LYS Y 67 60.81 -13.17 20.68
CA LYS Y 67 61.55 -12.59 21.78
C LYS Y 67 62.13 -11.25 21.36
N ILE Y 68 62.11 -10.28 22.26
CA ILE Y 68 62.62 -8.95 21.93
C ILE Y 68 64.12 -9.03 21.68
N VAL Y 69 64.58 -8.36 20.63
CA VAL Y 69 65.99 -8.32 20.28
C VAL Y 69 66.40 -6.88 20.02
N TYR Y 70 67.59 -6.52 20.48
CA TYR Y 70 68.22 -5.25 20.18
C TYR Y 70 69.67 -5.49 19.82
N ASN Y 71 70.09 -4.97 18.67
CA ASN Y 71 71.45 -5.17 18.17
C ASN Y 71 71.78 -6.65 18.05
N GLY Y 72 70.80 -7.44 17.63
CA GLY Y 72 71.00 -8.86 17.46
C GLY Y 72 70.77 -9.69 18.72
N GLN Y 73 71.50 -9.38 19.78
CA GLN Y 73 71.39 -10.14 21.01
C GLN Y 73 70.03 -9.89 21.69
N LEU Y 74 69.52 -10.94 22.33
CA LEU Y 74 68.27 -10.82 23.08
C LEU Y 74 68.46 -9.89 24.26
N VAL Y 75 67.39 -9.13 24.58
CA VAL Y 75 67.44 -8.16 25.66
C VAL Y 75 66.17 -8.27 26.50
N LYS Y 76 66.25 -7.75 27.71
CA LYS Y 76 65.11 -7.65 28.63
C LYS Y 76 64.70 -6.20 28.74
N ILE Y 77 63.45 -5.91 28.37
CA ILE Y 77 62.94 -4.55 28.31
C ILE Y 77 62.05 -4.31 29.53
N VAL Y 78 62.23 -3.16 30.17
CA VAL Y 78 61.46 -2.79 31.36
C VAL Y 78 60.87 -1.40 31.16
N THR Y 79 59.62 -1.22 31.57
CA THR Y 79 58.91 0.05 31.48
C THR Y 79 58.92 0.73 32.84
N VAL Y 80 58.61 2.02 32.85
CA VAL Y 80 58.62 2.77 34.11
C VAL Y 80 57.38 2.48 34.96
N GLN Y 81 56.24 2.22 34.34
CA GLN Y 81 55.01 1.97 35.08
C GLN Y 81 54.03 1.25 34.16
N GLY Y 82 52.76 1.21 34.57
CA GLY Y 82 51.77 0.48 33.78
C GLY Y 82 51.64 1.02 32.38
N HIS Y 83 51.26 0.13 31.46
CA HIS Y 83 51.29 0.48 30.05
C HIS Y 83 50.28 -0.37 29.28
N SER Y 84 49.98 0.08 28.07
CA SER Y 84 49.10 -0.63 27.14
C SER Y 84 49.90 -1.03 25.91
N MET Y 85 49.73 -2.28 25.48
CA MET Y 85 50.51 -2.84 24.39
C MET Y 85 49.65 -3.07 23.16
N ALA Y 86 50.21 -2.79 21.99
CA ALA Y 86 49.59 -3.13 20.70
C ALA Y 86 50.64 -3.86 19.89
N ILE Y 87 50.49 -5.18 19.77
CA ILE Y 87 51.49 -6.02 19.12
C ILE Y 87 51.16 -6.13 17.64
N TYR Y 88 52.09 -5.68 16.80
CA TYR Y 88 51.95 -5.74 15.36
C TYR Y 88 52.90 -6.79 14.79
N ASP Y 89 52.42 -7.58 13.86
CA ASP Y 89 53.26 -8.55 13.18
C ASP Y 89 54.09 -7.83 12.10
N ALA Y 90 54.76 -8.61 11.25
CA ALA Y 90 55.68 -8.03 10.28
C ALA Y 90 54.98 -7.11 9.29
N ASN Y 91 53.83 -7.52 8.77
CA ASN Y 91 53.16 -6.74 7.74
C ASN Y 91 52.62 -5.42 8.28
N GLY Y 92 52.04 -5.43 9.47
CA GLY Y 92 51.45 -4.23 10.02
C GLY Y 92 50.10 -4.47 10.64
N SER Y 93 49.58 -5.68 10.50
CA SER Y 93 48.35 -6.05 11.20
C SER Y 93 48.63 -6.23 12.69
N GLN Y 94 47.65 -5.89 13.51
CA GLN Y 94 47.82 -6.03 14.95
C GLN Y 94 47.54 -7.46 15.36
N VAL Y 95 48.48 -8.05 16.09
CA VAL Y 95 48.25 -9.38 16.66
C VAL Y 95 47.18 -9.31 17.73
N ASP Y 96 47.31 -8.34 18.65
CA ASP Y 96 46.32 -8.13 19.71
C ASP Y 96 46.55 -6.76 20.33
N TYR Y 97 45.52 -6.29 21.03
CA TYR Y 97 45.56 -5.02 21.73
C TYR Y 97 45.04 -5.21 23.16
N ILE Y 98 45.76 -4.66 24.13
CA ILE Y 98 45.35 -4.72 25.52
C ILE Y 98 45.56 -3.35 26.16
N ALA Y 99 44.60 -2.93 26.98
CA ALA Y 99 44.59 -1.59 27.53
C ALA Y 99 45.39 -1.45 28.82
N ASN Y 100 45.30 -2.43 29.72
CA ASN Y 100 46.00 -2.35 31.00
C ASN Y 100 46.70 -3.67 31.30
N VAL Y 101 48.01 -3.60 31.54
CA VAL Y 101 48.79 -4.75 31.98
C VAL Y 101 49.75 -4.31 33.07
N LEU Y 102 50.13 -5.26 33.92
CA LEU Y 102 51.08 -5.01 35.00
C LEU Y 102 51.73 -6.32 35.39
N LYS Y 103 53.06 -6.38 35.33
CA LYS Y 103 53.81 -7.54 35.82
C LYS Y 103 55.13 -7.01 36.38
N TYR Y 104 55.16 -6.78 37.69
CA TYR Y 104 56.36 -6.26 38.33
C TYR Y 104 57.50 -7.26 38.21
N ASP Y 105 58.71 -6.75 38.02
CA ASP Y 105 59.86 -7.62 37.90
C ASP Y 105 60.11 -8.39 39.19
N PRO Y 106 60.38 -9.69 39.13
CA PRO Y 106 60.72 -10.43 40.35
C PRO Y 106 62.17 -10.23 40.78
N ASP Y 107 63.02 -9.72 39.89
CA ASP Y 107 64.42 -9.49 40.17
C ASP Y 107 64.62 -8.16 40.91
N GLN Y 108 65.86 -7.93 41.31
CA GLN Y 108 66.28 -6.68 41.98
C GLN Y 108 65.41 -6.40 43.21
N TYR Y 109 65.18 -7.43 44.02
CA TYR Y 109 64.54 -7.19 45.31
C TYR Y 109 65.52 -6.57 46.30
N SER Y 110 66.82 -6.79 46.10
CA SER Y 110 67.82 -6.15 46.95
C SER Y 110 67.71 -4.64 46.88
N ILE Y 111 67.39 -4.10 45.70
CA ILE Y 111 67.21 -2.67 45.54
C ILE Y 111 65.79 -2.28 45.97
N ALA Z 1 75.55 37.05 -7.02
CA ALA Z 1 74.44 36.69 -7.90
C ALA Z 1 73.45 37.83 -8.02
N ASN Z 2 73.31 38.37 -9.22
CA ASN Z 2 72.43 39.50 -9.49
C ASN Z 2 71.27 39.15 -10.40
N VAL Z 3 71.50 38.35 -11.44
CA VAL Z 3 70.47 37.95 -12.39
C VAL Z 3 70.57 36.45 -12.60
N VAL Z 4 69.43 35.75 -12.54
CA VAL Z 4 69.35 34.33 -12.83
C VAL Z 4 68.64 34.15 -14.16
N VAL Z 5 69.16 33.25 -14.99
CA VAL Z 5 68.55 33.00 -16.29
C VAL Z 5 67.21 32.29 -16.09
N SER Z 6 66.20 32.73 -16.84
CA SER Z 6 64.89 32.12 -16.79
C SER Z 6 64.19 32.40 -18.11
N ASN Z 7 63.45 31.42 -18.61
CA ASN Z 7 62.82 31.58 -19.91
C ASN Z 7 61.64 32.54 -19.83
N PRO Z 8 61.55 33.50 -20.73
CA PRO Z 8 60.29 34.25 -20.91
C PRO Z 8 59.30 33.43 -21.74
N ARG Z 9 58.19 34.04 -22.14
CA ARG Z 9 57.20 33.40 -23.00
C ARG Z 9 56.65 32.14 -22.35
N PRO Z 10 55.81 32.28 -21.33
CA PRO Z 10 55.28 31.11 -20.62
C PRO Z 10 54.46 30.22 -21.54
N ILE Z 11 54.44 28.92 -21.21
CA ILE Z 11 53.88 27.90 -22.06
C ILE Z 11 52.55 27.44 -21.49
N PHE Z 12 51.56 27.25 -22.36
CA PHE Z 12 50.23 26.79 -21.98
C PHE Z 12 49.97 25.40 -22.56
N THR Z 13 49.47 24.50 -21.72
CA THR Z 13 49.14 23.13 -22.11
C THR Z 13 47.71 22.82 -21.67
N GLU Z 14 47.29 21.59 -21.93
CA GLU Z 14 45.95 21.16 -21.57
C GLU Z 14 45.91 20.83 -20.08
N SER Z 15 44.80 20.27 -19.61
CA SER Z 15 44.58 20.04 -18.19
C SER Z 15 44.73 18.58 -17.77
N ARG Z 16 44.47 17.63 -18.67
CA ARG Z 16 44.59 16.22 -18.35
C ARG Z 16 45.64 15.49 -19.17
N SER Z 17 46.12 16.08 -20.26
CA SER Z 17 47.18 15.50 -21.07
C SER Z 17 48.26 16.55 -21.28
N PHE Z 18 49.47 16.08 -21.56
CA PHE Z 18 50.61 16.98 -21.71
C PHE Z 18 50.66 17.67 -23.06
N LYS Z 19 49.73 17.39 -23.95
CA LYS Z 19 49.70 18.07 -25.23
C LYS Z 19 49.48 19.57 -25.04
N ALA Z 20 50.08 20.35 -25.91
CA ALA Z 20 49.94 21.80 -25.85
C ALA Z 20 48.68 22.24 -26.58
N VAL Z 21 48.07 23.31 -26.05
CA VAL Z 21 46.91 23.88 -26.72
C VAL Z 21 47.34 24.40 -28.08
N ALA Z 22 46.63 23.97 -29.12
CA ALA Z 22 47.00 24.29 -30.49
C ALA Z 22 45.96 25.24 -31.08
N ASN Z 23 46.41 26.43 -31.47
CA ASN Z 23 45.55 27.44 -32.08
C ASN Z 23 44.36 27.77 -31.17
N GLY Z 24 44.57 27.71 -29.87
CA GLY Z 24 43.53 28.02 -28.91
C GLY Z 24 43.39 29.52 -28.72
N LYS Z 25 42.62 29.88 -27.69
CA LYS Z 25 42.34 31.28 -27.37
C LYS Z 25 42.38 31.47 -25.87
N ILE Z 26 43.03 32.54 -25.42
CA ILE Z 26 43.06 32.93 -24.01
C ILE Z 26 42.28 34.23 -23.87
N TYR Z 27 41.34 34.26 -22.94
CA TYR Z 27 40.53 35.44 -22.66
C TYR Z 27 40.84 35.94 -21.27
N ILE Z 28 40.99 37.26 -21.14
CA ILE Z 28 41.32 37.90 -19.88
C ILE Z 28 40.11 38.71 -19.43
N GLY Z 29 39.89 38.75 -18.12
CA GLY Z 29 38.71 39.45 -17.62
C GLY Z 29 38.83 39.76 -16.15
N GLN Z 30 37.79 40.42 -15.63
CA GLN Z 30 37.76 40.86 -14.25
C GLN Z 30 37.84 39.67 -13.28
N ILE Z 31 38.02 39.99 -12.00
CA ILE Z 31 38.18 38.96 -10.99
C ILE Z 31 36.86 38.20 -10.81
N ASP Z 32 36.93 36.89 -10.90
CA ASP Z 32 35.80 35.99 -10.67
C ASP Z 32 34.60 36.43 -11.52
N THR Z 33 34.78 36.29 -12.84
CA THR Z 33 33.71 36.58 -13.78
C THR Z 33 34.00 35.87 -15.08
N ASP Z 34 33.01 35.87 -15.96
CA ASP Z 34 33.12 35.26 -17.28
C ASP Z 34 33.92 36.19 -18.17
N PRO Z 35 35.16 35.86 -18.52
CA PRO Z 35 35.97 36.77 -19.33
C PRO Z 35 35.70 36.63 -20.82
N VAL Z 36 34.44 36.56 -21.21
CA VAL Z 36 34.07 36.61 -22.62
C VAL Z 36 33.21 37.83 -22.94
N ASN Z 37 32.59 38.45 -21.94
CA ASN Z 37 31.75 39.60 -22.18
C ASN Z 37 32.60 40.85 -22.30
N PRO Z 38 32.48 41.62 -23.39
CA PRO Z 38 33.23 42.88 -23.49
C PRO Z 38 32.99 43.79 -22.30
N ALA Z 39 31.87 43.61 -21.61
CA ALA Z 39 31.66 44.29 -20.34
C ALA Z 39 32.66 43.82 -19.28
N ASN Z 40 32.95 42.52 -19.26
CA ASN Z 40 33.88 41.95 -18.29
C ASN Z 40 35.32 41.93 -18.77
N GLN Z 41 35.60 42.43 -19.97
CA GLN Z 41 36.94 42.31 -20.50
C GLN Z 41 37.86 43.37 -19.92
N ILE Z 42 39.15 43.06 -19.89
CA ILE Z 42 40.17 43.96 -19.35
C ILE Z 42 41.23 44.17 -20.43
N PRO Z 43 41.71 45.39 -20.65
CA PRO Z 43 42.73 45.61 -21.68
C PRO Z 43 44.03 44.88 -21.36
N VAL Z 44 44.65 44.31 -22.39
CA VAL Z 44 45.93 43.64 -22.28
C VAL Z 44 46.86 44.21 -23.35
N TYR Z 45 48.12 44.42 -22.97
CA TYR Z 45 49.07 45.12 -23.82
C TYR Z 45 50.19 44.18 -24.24
N ILE Z 46 50.98 44.63 -25.21
CA ILE Z 46 52.18 43.94 -25.66
C ILE Z 46 53.39 44.73 -25.19
N GLU Z 47 54.31 44.06 -24.51
CA GLU Z 47 55.52 44.68 -23.99
C GLU Z 47 56.69 44.20 -24.84
N ASN Z 48 57.07 45.02 -25.82
CA ASN Z 48 58.14 44.66 -26.74
C ASN Z 48 59.50 44.75 -26.04
N GLU Z 49 60.55 44.46 -26.81
CA GLU Z 49 61.90 44.56 -26.26
C GLU Z 49 62.25 46.01 -25.91
N ASP Z 50 61.86 46.95 -26.76
CA ASP Z 50 62.13 48.35 -26.49
C ASP Z 50 61.32 48.91 -25.32
N GLY Z 51 60.35 48.16 -24.82
CA GLY Z 51 59.51 48.62 -23.73
C GLY Z 51 58.28 49.40 -24.14
N SER Z 52 58.06 49.60 -25.43
CA SER Z 52 56.92 50.37 -25.91
C SER Z 52 55.66 49.54 -25.77
N HIS Z 53 54.84 49.87 -24.78
CA HIS Z 53 53.57 49.17 -24.59
C HIS Z 53 52.59 49.54 -25.70
N VAL Z 54 51.88 48.54 -26.21
CA VAL Z 54 50.89 48.75 -27.25
C VAL Z 54 49.70 47.83 -26.99
N GLN Z 55 48.50 48.35 -27.21
CA GLN Z 55 47.29 47.56 -27.00
C GLN Z 55 47.13 46.53 -28.12
N ILE Z 56 46.39 45.47 -27.81
CA ILE Z 56 46.19 44.36 -28.73
C ILE Z 56 44.69 44.08 -28.81
N THR Z 57 44.27 43.48 -29.92
CA THR Z 57 42.91 42.97 -30.00
C THR Z 57 42.72 41.90 -28.93
N GLN Z 58 41.51 41.85 -28.38
CA GLN Z 58 41.31 41.13 -27.11
C GLN Z 58 41.59 39.63 -27.21
N PRO Z 59 40.99 38.85 -28.12
CA PRO Z 59 41.17 37.39 -28.06
C PRO Z 59 42.59 36.97 -28.39
N LEU Z 60 43.34 36.54 -27.37
CA LEU Z 60 44.72 36.13 -27.58
C LEU Z 60 44.78 34.83 -28.37
N ILE Z 61 45.85 34.66 -29.13
CA ILE Z 61 46.03 33.50 -30.00
C ILE Z 61 47.22 32.70 -29.47
N ILE Z 62 47.13 31.39 -29.60
CA ILE Z 62 48.18 30.47 -29.16
C ILE Z 62 48.69 29.70 -30.37
N ASN Z 63 50.00 29.66 -30.53
CA ASN Z 63 50.59 28.85 -31.59
C ASN Z 63 50.59 27.37 -31.19
N ALA Z 64 51.23 26.55 -32.01
CA ALA Z 64 51.24 25.11 -31.77
C ALA Z 64 52.13 24.70 -30.61
N ALA Z 65 52.85 25.63 -29.98
CA ALA Z 65 53.74 25.32 -28.87
C ALA Z 65 53.24 25.89 -27.56
N GLY Z 66 51.98 26.28 -27.49
CA GLY Z 66 51.42 26.83 -26.26
C GLY Z 66 51.98 28.16 -25.85
N LYS Z 67 52.26 29.04 -26.82
CA LYS Z 67 52.83 30.36 -26.54
C LYS Z 67 52.03 31.41 -27.28
N ILE Z 68 51.81 32.57 -26.64
CA ILE Z 68 51.03 33.62 -27.26
C ILE Z 68 51.78 34.15 -28.48
N VAL Z 69 51.06 34.29 -29.59
CA VAL Z 69 51.63 34.83 -30.83
C VAL Z 69 50.72 35.93 -31.35
N TYR Z 70 51.34 37.02 -31.83
CA TYR Z 70 50.63 38.10 -32.49
C TYR Z 70 51.42 38.50 -33.71
N ASN Z 71 50.75 38.52 -34.87
CA ASN Z 71 51.41 38.80 -36.15
C ASN Z 71 52.54 37.81 -36.42
N GLY Z 72 52.36 36.56 -36.02
CA GLY Z 72 53.35 35.54 -36.27
C GLY Z 72 54.39 35.40 -35.17
N GLN Z 73 55.13 36.48 -34.91
CA GLN Z 73 56.20 36.41 -33.92
C GLN Z 73 55.64 36.30 -32.51
N LEU Z 74 56.39 35.60 -31.66
CA LEU Z 74 56.00 35.45 -30.26
C LEU Z 74 56.06 36.80 -29.56
N VAL Z 75 55.11 37.02 -28.64
CA VAL Z 75 54.99 38.28 -27.92
C VAL Z 75 54.78 38.01 -26.44
N LYS Z 76 55.07 39.03 -25.63
CA LYS Z 76 54.84 39.00 -24.20
C LYS Z 76 53.69 39.94 -23.86
N ILE Z 77 52.60 39.38 -23.35
CA ILE Z 77 51.38 40.13 -23.06
C ILE Z 77 51.36 40.49 -21.59
N VAL Z 78 50.99 41.74 -21.29
CA VAL Z 78 50.92 42.23 -19.91
C VAL Z 78 49.56 42.89 -19.70
N THR Z 79 48.97 42.62 -18.54
CA THR Z 79 47.66 43.17 -18.17
C THR Z 79 47.87 44.34 -17.20
N VAL Z 80 46.82 45.14 -17.02
CA VAL Z 80 46.93 46.30 -16.15
C VAL Z 80 46.88 45.92 -14.68
N GLN Z 81 46.12 44.89 -14.31
CA GLN Z 81 45.99 44.48 -12.92
C GLN Z 81 45.49 43.04 -12.88
N GLY Z 82 45.06 42.59 -11.71
CA GLY Z 82 44.64 41.21 -11.55
C GLY Z 82 43.51 40.84 -12.49
N HIS Z 83 43.45 39.57 -12.84
CA HIS Z 83 42.52 39.14 -13.88
C HIS Z 83 42.17 37.66 -13.73
N SER Z 84 41.10 37.27 -14.41
CA SER Z 84 40.65 35.88 -14.48
C SER Z 84 40.74 35.42 -15.92
N MET Z 85 41.29 34.23 -16.13
CA MET Z 85 41.54 33.72 -17.47
C MET Z 85 40.66 32.51 -17.74
N ALA Z 86 40.17 32.40 -18.98
CA ALA Z 86 39.42 31.24 -19.44
C ALA Z 86 40.10 30.75 -20.73
N ILE Z 87 40.90 29.70 -20.61
CA ILE Z 87 41.70 29.21 -21.72
C ILE Z 87 40.84 28.29 -22.57
N TYR Z 88 40.64 28.66 -23.83
CA TYR Z 88 39.86 27.88 -24.78
C TYR Z 88 40.80 27.26 -25.81
N ASP Z 89 40.57 25.98 -26.12
CA ASP Z 89 41.34 25.31 -27.16
C ASP Z 89 40.75 25.68 -28.53
N ALA Z 90 41.21 24.99 -29.58
CA ALA Z 90 40.82 25.36 -30.94
C ALA Z 90 39.33 25.20 -31.15
N ASN Z 91 38.74 24.09 -30.69
CA ASN Z 91 37.35 23.82 -30.99
C ASN Z 91 36.41 24.76 -30.25
N GLY Z 92 36.74 25.12 -29.02
CA GLY Z 92 35.88 25.98 -28.24
C GLY Z 92 35.66 25.46 -26.83
N SER Z 93 36.15 24.25 -26.57
CA SER Z 93 36.04 23.69 -25.23
C SER Z 93 36.99 24.39 -24.27
N GLN Z 94 36.66 24.33 -22.99
CA GLN Z 94 37.48 24.95 -21.96
C GLN Z 94 38.66 24.06 -21.61
N VAL Z 95 39.87 24.58 -21.76
CA VAL Z 95 41.03 23.92 -21.16
C VAL Z 95 40.97 24.03 -19.64
N ASP Z 96 40.70 25.22 -19.13
CA ASP Z 96 40.54 25.46 -17.70
C ASP Z 96 40.00 26.86 -17.46
N TYR Z 97 39.49 27.08 -16.25
CA TYR Z 97 38.99 28.38 -15.82
C TYR Z 97 39.55 28.70 -14.44
N ILE Z 98 40.04 29.93 -14.27
CA ILE Z 98 40.59 30.36 -12.99
C ILE Z 98 40.09 31.77 -12.70
N ALA Z 99 39.76 32.03 -11.42
CA ALA Z 99 39.11 33.27 -11.02
C ALA Z 99 40.09 34.37 -10.67
N ASN Z 100 41.15 34.07 -9.93
CA ASN Z 100 42.10 35.09 -9.50
C ASN Z 100 43.52 34.60 -9.73
N VAL Z 101 44.32 35.40 -10.45
CA VAL Z 101 45.74 35.14 -10.65
C VAL Z 101 46.51 36.45 -10.54
N LEU Z 102 47.78 36.33 -10.18
CA LEU Z 102 48.69 37.48 -10.06
C LEU Z 102 50.12 37.00 -10.26
N LYS Z 103 50.83 37.62 -11.20
CA LYS Z 103 52.26 37.39 -11.34
C LYS Z 103 52.87 38.70 -11.88
N TYR Z 104 53.37 39.52 -10.96
CA TYR Z 104 54.02 40.77 -11.37
C TYR Z 104 55.25 40.48 -12.21
N ASP Z 105 55.47 41.29 -13.22
CA ASP Z 105 56.64 41.11 -14.07
C ASP Z 105 57.92 41.33 -13.29
N PRO Z 106 58.91 40.44 -13.41
CA PRO Z 106 60.20 40.68 -12.75
C PRO Z 106 61.07 41.70 -13.48
N ASP Z 107 60.74 42.02 -14.73
CA ASP Z 107 61.49 42.98 -15.51
C ASP Z 107 61.10 44.41 -15.15
N GLN Z 108 61.81 45.36 -15.76
CA GLN Z 108 61.55 46.79 -15.57
C GLN Z 108 61.55 47.18 -14.09
N TYR Z 109 62.56 46.71 -13.36
CA TYR Z 109 62.71 47.16 -11.98
C TYR Z 109 63.25 48.58 -11.90
N SER Z 110 64.02 49.02 -12.90
CA SER Z 110 64.49 50.40 -12.92
C SER Z 110 63.33 51.37 -13.00
N ILE Z 111 62.32 51.05 -13.80
CA ILE Z 111 61.13 51.89 -13.90
C ILE Z 111 60.28 51.73 -12.65
N ALA AA 1 50.10 46.57 -17.03
CA ALA AA 1 51.30 47.39 -16.98
C ALA AA 1 52.41 46.69 -16.21
N ASN AA 2 52.07 46.13 -15.05
CA ASN AA 2 53.06 45.50 -14.18
C ASN AA 2 52.61 44.12 -13.70
N VAL AA 3 51.71 43.46 -14.44
CA VAL AA 3 51.35 42.09 -14.18
C VAL AA 3 51.32 41.33 -15.50
N VAL AA 4 51.89 40.12 -15.49
CA VAL AA 4 52.03 39.31 -16.70
C VAL AA 4 50.91 38.29 -16.73
N VAL AA 5 50.27 38.15 -17.89
CA VAL AA 5 49.38 37.02 -18.14
C VAL AA 5 50.26 35.83 -18.51
N SER AA 6 50.31 34.85 -17.63
CA SER AA 6 51.23 33.73 -17.75
C SER AA 6 50.47 32.42 -17.58
N ASN AA 7 51.21 31.32 -17.63
CA ASN AA 7 50.64 30.02 -17.35
C ASN AA 7 50.18 30.03 -15.89
N PRO AA 8 48.87 30.01 -15.62
CA PRO AA 8 48.43 30.16 -14.23
C PRO AA 8 48.70 28.93 -13.40
N ARG AA 9 48.46 27.74 -13.93
CA ARG AA 9 48.76 26.51 -13.23
C ARG AA 9 50.17 26.05 -13.59
N PRO AA 10 51.05 25.85 -12.63
CA PRO AA 10 52.45 25.53 -12.94
C PRO AA 10 52.58 24.16 -13.58
N ILE AA 11 53.66 24.00 -14.35
CA ILE AA 11 53.99 22.74 -15.03
C ILE AA 11 55.22 22.14 -14.35
N PHE AA 12 55.06 20.94 -13.83
CA PHE AA 12 56.18 20.18 -13.26
C PHE AA 12 56.50 19.03 -14.20
N THR AA 13 57.60 19.17 -14.94
CA THR AA 13 58.11 18.12 -15.80
C THR AA 13 59.23 17.38 -15.10
N GLU AA 14 59.70 16.31 -15.73
CA GLU AA 14 60.79 15.52 -15.19
C GLU AA 14 62.13 16.03 -15.69
N SER AA 15 63.17 15.76 -14.90
CA SER AA 15 64.50 16.30 -15.20
C SER AA 15 65.13 15.60 -16.40
N ARG AA 16 65.00 14.28 -16.47
CA ARG AA 16 65.73 13.51 -17.48
C ARG AA 16 64.95 13.31 -18.78
N SER AA 17 63.69 13.71 -18.84
CA SER AA 17 62.91 13.55 -20.06
C SER AA 17 61.79 14.58 -20.08
N PHE AA 18 61.30 14.86 -21.28
CA PHE AA 18 60.26 15.87 -21.48
C PHE AA 18 58.90 15.19 -21.34
N LYS AA 19 58.55 14.87 -20.10
CA LYS AA 19 57.29 14.24 -19.77
C LYS AA 19 56.83 14.74 -18.42
N ALA AA 20 55.52 14.81 -18.24
CA ALA AA 20 54.97 15.22 -16.96
C ALA AA 20 55.08 14.08 -15.95
N VAL AA 21 55.35 14.43 -14.70
CA VAL AA 21 55.54 13.43 -13.65
C VAL AA 21 54.18 12.97 -13.11
N ALA AA 22 53.62 11.94 -13.74
CA ALA AA 22 52.36 11.38 -13.25
C ALA AA 22 52.55 10.83 -11.85
N ASN AA 23 51.59 11.14 -10.98
CA ASN AA 23 51.66 10.77 -9.56
C ASN AA 23 52.92 11.29 -8.90
N GLY AA 24 53.41 12.44 -9.34
CA GLY AA 24 54.51 13.07 -8.66
C GLY AA 24 54.09 13.58 -7.30
N LYS AA 25 55.08 13.75 -6.43
CA LYS AA 25 54.84 14.25 -5.09
C LYS AA 25 55.70 15.48 -4.85
N ILE AA 26 55.07 16.57 -4.42
CA ILE AA 26 55.76 17.78 -4.03
C ILE AA 26 55.54 18.02 -2.54
N TYR AA 27 56.64 18.16 -1.82
CA TYR AA 27 56.62 18.52 -0.41
C TYR AA 27 57.16 19.92 -0.25
N ILE AA 28 56.53 20.70 0.61
CA ILE AA 28 56.86 22.11 0.80
C ILE AA 28 57.26 22.34 2.25
N GLY AA 29 58.46 22.87 2.45
CA GLY AA 29 58.99 23.05 3.79
C GLY AA 29 59.77 24.33 3.99
N GLN AA 30 60.42 24.45 5.14
CA GLN AA 30 61.14 25.66 5.50
C GLN AA 30 62.36 25.84 4.59
N ILE AA 31 62.91 27.05 4.63
CA ILE AA 31 64.05 27.39 3.78
C ILE AA 31 65.26 26.57 4.18
N ASP AA 32 65.93 25.99 3.18
CA ASP AA 32 67.19 25.26 3.37
C ASP AA 32 67.03 24.11 4.36
N THR AA 33 65.88 23.43 4.28
CA THR AA 33 65.62 22.27 5.11
C THR AA 33 64.94 21.20 4.28
N ASP AA 34 65.13 19.95 4.68
CA ASP AA 34 64.54 18.83 3.97
C ASP AA 34 63.04 18.83 4.23
N PRO AA 35 62.20 18.96 3.20
CA PRO AA 35 60.74 19.04 3.42
C PRO AA 35 60.03 17.70 3.54
N VAL AA 36 60.74 16.58 3.37
CA VAL AA 36 60.11 15.28 3.56
C VAL AA 36 59.75 15.06 5.02
N ASN AA 37 60.60 15.53 5.93
CA ASN AA 37 60.31 15.41 7.35
C ASN AA 37 59.05 16.20 7.67
N PRO AA 38 58.04 15.59 8.31
CA PRO AA 38 56.82 16.33 8.63
C PRO AA 38 57.05 17.55 9.50
N ALA AA 39 58.08 17.55 10.34
CA ALA AA 39 58.36 18.72 11.16
C ALA AA 39 58.70 19.94 10.31
N ASN AA 40 59.50 19.75 9.26
CA ASN AA 40 59.90 20.86 8.41
C ASN AA 40 58.78 21.35 7.51
N GLN AA 41 57.74 20.56 7.31
CA GLN AA 41 56.65 20.93 6.41
C GLN AA 41 55.95 22.19 6.90
N ILE AA 42 55.70 23.12 5.98
CA ILE AA 42 55.07 24.39 6.30
C ILE AA 42 53.62 24.34 5.82
N PRO AA 43 52.75 25.26 6.25
CA PRO AA 43 51.37 25.26 5.77
C PRO AA 43 51.30 25.40 4.25
N VAL AA 44 50.38 24.64 3.65
CA VAL AA 44 50.12 24.67 2.21
C VAL AA 44 48.62 24.77 2.01
N TYR AA 45 48.19 25.76 1.23
CA TYR AA 45 46.80 26.17 1.17
C TYR AA 45 46.25 26.04 -0.25
N ILE AA 46 45.02 25.54 -0.36
CA ILE AA 46 44.26 25.65 -1.60
C ILE AA 46 43.50 26.96 -1.57
N GLU AA 47 43.38 27.61 -2.73
CA GLU AA 47 42.61 28.84 -2.86
C GLU AA 47 41.46 28.55 -3.83
N ASN AA 48 40.37 28.04 -3.28
CA ASN AA 48 39.18 27.81 -4.08
C ASN AA 48 38.57 29.16 -4.51
N GLU AA 49 37.49 29.09 -5.27
CA GLU AA 49 36.95 30.31 -5.88
C GLU AA 49 36.42 31.29 -4.84
N ASP AA 50 35.90 30.80 -3.72
CA ASP AA 50 35.27 31.66 -2.72
C ASP AA 50 36.27 32.55 -1.99
N GLY AA 51 37.55 32.52 -2.37
CA GLY AA 51 38.56 33.26 -1.67
C GLY AA 51 39.03 32.61 -0.39
N SER AA 52 38.51 31.43 -0.06
CA SER AA 52 38.92 30.74 1.16
C SER AA 52 40.29 30.10 0.97
N HIS AA 53 40.90 29.73 2.10
CA HIS AA 53 42.16 28.99 2.10
C HIS AA 53 41.99 27.79 3.02
N VAL AA 54 41.78 26.62 2.42
CA VAL AA 54 41.67 25.36 3.16
C VAL AA 54 42.98 24.62 2.98
N GLN AA 55 43.55 24.16 4.09
CA GLN AA 55 44.85 23.52 4.04
C GLN AA 55 44.70 22.02 3.82
N ILE AA 56 45.60 21.46 3.03
CA ILE AA 56 45.54 20.06 2.63
C ILE AA 56 46.85 19.37 2.98
N THR AA 57 46.82 18.04 2.93
CA THR AA 57 47.98 17.25 3.30
C THR AA 57 49.16 17.58 2.40
N GLN AA 58 50.35 17.56 3.00
CA GLN AA 58 51.54 18.04 2.31
C GLN AA 58 51.88 17.29 1.03
N PRO AA 59 51.78 15.95 0.95
CA PRO AA 59 52.14 15.28 -0.31
C PRO AA 59 51.19 15.60 -1.45
N LEU AA 60 51.28 16.82 -1.97
CA LEU AA 60 50.45 17.23 -3.10
C LEU AA 60 50.73 16.34 -4.30
N ILE AA 61 49.68 16.03 -5.04
CA ILE AA 61 49.74 15.07 -6.14
C ILE AA 61 49.89 15.82 -7.45
N ILE AA 62 50.56 15.20 -8.42
CA ILE AA 62 50.76 15.75 -9.76
C ILE AA 62 50.17 14.77 -10.76
N ASN AA 63 49.29 15.26 -11.63
CA ASN AA 63 48.65 14.39 -12.62
C ASN AA 63 49.56 14.15 -13.82
N ALA AA 64 49.00 13.59 -14.89
CA ALA AA 64 49.76 13.27 -16.09
C ALA AA 64 49.97 14.47 -17.00
N ALA AA 65 49.57 15.67 -16.58
CA ALA AA 65 49.78 16.87 -17.37
C ALA AA 65 50.70 17.87 -16.70
N GLY AA 66 51.26 17.53 -15.52
CA GLY AA 66 52.22 18.38 -14.86
C GLY AA 66 51.63 19.34 -13.85
N LYS AA 67 50.31 19.54 -13.83
CA LYS AA 67 49.71 20.45 -12.89
C LYS AA 67 49.59 19.79 -11.51
N ILE AA 68 49.21 20.59 -10.51
CA ILE AA 68 48.93 20.08 -9.18
C ILE AA 68 47.44 19.79 -9.10
N VAL AA 69 47.09 18.58 -8.65
CA VAL AA 69 45.71 18.13 -8.59
C VAL AA 69 45.40 17.67 -7.18
N TYR AA 70 44.29 18.16 -6.64
CA TYR AA 70 43.81 17.73 -5.34
C TYR AA 70 43.15 16.36 -5.50
N ASN AA 71 42.42 15.91 -4.48
CA ASN AA 71 41.64 14.68 -4.51
C ASN AA 71 40.84 14.57 -5.80
N GLY AA 72 40.31 15.69 -6.26
CA GLY AA 72 39.54 15.71 -7.48
C GLY AA 72 40.32 16.25 -8.65
N GLN AA 73 40.16 17.55 -8.92
CA GLN AA 73 40.72 18.18 -10.10
C GLN AA 73 41.58 19.39 -9.77
N LEU AA 74 41.92 20.17 -10.79
CA LEU AA 74 42.90 21.23 -10.68
C LEU AA 74 42.53 22.22 -9.58
N VAL AA 75 43.54 22.65 -8.82
CA VAL AA 75 43.36 23.63 -7.76
C VAL AA 75 44.51 24.64 -7.82
N LYS AA 76 44.30 25.77 -7.15
CA LYS AA 76 45.29 26.85 -7.09
C LYS AA 76 45.96 26.80 -5.71
N ILE AA 77 47.05 26.02 -5.62
CA ILE AA 77 47.78 25.91 -4.36
C ILE AA 77 48.42 27.25 -4.01
N VAL AA 78 48.48 27.54 -2.72
CA VAL AA 78 49.04 28.79 -2.21
C VAL AA 78 49.86 28.52 -0.96
N THR AA 79 51.07 29.05 -0.90
CA THR AA 79 51.93 29.02 0.27
C THR AA 79 52.26 30.45 0.67
N VAL AA 80 53.18 30.63 1.63
CA VAL AA 80 53.31 31.98 2.19
C VAL AA 80 54.25 32.87 1.38
N GLN AA 81 55.57 32.71 1.52
CA GLN AA 81 56.49 33.25 0.53
C GLN AA 81 57.70 32.34 0.33
N GLY AA 82 58.26 31.87 1.43
CA GLY AA 82 59.51 31.14 1.45
C GLY AA 82 59.33 29.64 1.43
N HIS AA 83 58.89 29.09 0.32
CA HIS AA 83 58.57 27.68 0.23
C HIS AA 83 59.68 26.93 -0.50
N SER AA 84 60.14 25.84 0.09
CA SER AA 84 61.04 24.92 -0.57
C SER AA 84 60.23 23.87 -1.32
N MET AA 85 60.89 23.17 -2.24
CA MET AA 85 60.22 22.14 -3.03
C MET AA 85 61.08 20.90 -3.09
N ALA AA 86 60.41 19.77 -3.32
CA ALA AA 86 61.09 18.50 -3.55
C ALA AA 86 60.15 17.60 -4.34
N ILE AA 87 60.37 17.54 -5.65
CA ILE AA 87 59.59 16.64 -6.50
C ILE AA 87 60.02 15.21 -6.24
N TYR AA 88 59.06 14.33 -5.98
CA TYR AA 88 59.29 12.89 -5.97
C TYR AA 88 58.30 12.21 -6.91
N ASP AA 89 58.82 11.39 -7.81
CA ASP AA 89 57.98 10.65 -8.73
C ASP AA 89 57.42 9.42 -8.01
N ALA AA 90 56.38 8.83 -8.58
CA ALA AA 90 55.68 7.72 -7.95
C ALA AA 90 56.62 6.57 -7.63
N ASN AA 91 57.64 6.34 -8.46
CA ASN AA 91 58.58 5.27 -8.21
C ASN AA 91 59.37 5.50 -6.92
N GLY AA 92 59.51 6.76 -6.50
CA GLY AA 92 60.19 7.10 -5.28
C GLY AA 92 61.50 7.84 -5.46
N SER AA 93 61.88 8.17 -6.69
CA SER AA 93 63.13 8.86 -6.92
C SER AA 93 62.98 10.35 -6.61
N GLN AA 94 64.03 11.11 -6.87
CA GLN AA 94 64.05 12.55 -6.68
C GLN AA 94 64.24 13.25 -8.02
N VAL AA 95 63.58 14.38 -8.19
CA VAL AA 95 63.71 15.21 -9.38
C VAL AA 95 64.31 16.58 -9.05
N ASP AA 96 63.72 17.28 -8.08
CA ASP AA 96 64.20 18.57 -7.65
C ASP AA 96 64.33 18.61 -6.14
N TYR AA 97 65.28 19.40 -5.66
CA TYR AA 97 65.39 19.77 -4.25
C TYR AA 97 65.63 21.27 -4.16
N ILE AA 98 64.78 22.03 -4.83
CA ILE AA 98 64.86 23.49 -4.86
C ILE AA 98 64.87 24.00 -3.42
N ALA AA 99 65.98 24.63 -3.02
CA ALA AA 99 66.17 25.01 -1.63
C ALA AA 99 65.29 26.20 -1.26
N ASN AA 100 65.43 27.31 -1.96
CA ASN AA 100 64.68 28.53 -1.70
C ASN AA 100 64.11 29.02 -3.02
N VAL AA 101 62.79 28.91 -3.18
CA VAL AA 101 62.16 29.35 -4.42
C VAL AA 101 62.31 30.85 -4.60
N LEU AA 102 62.28 31.61 -3.51
CA LEU AA 102 62.50 33.06 -3.61
C LEU AA 102 63.86 33.40 -4.20
N LYS AA 103 64.82 32.48 -4.11
CA LYS AA 103 66.13 32.67 -4.72
C LYS AA 103 66.14 32.27 -6.19
N TYR AA 104 64.98 32.03 -6.79
CA TYR AA 104 64.88 31.73 -8.22
C TYR AA 104 64.23 32.88 -8.99
N ASP AA 105 63.94 33.99 -8.32
CA ASP AA 105 63.32 35.12 -9.00
C ASP AA 105 64.27 35.67 -10.07
N PRO AA 106 63.76 35.98 -11.27
CA PRO AA 106 64.65 36.46 -12.34
C PRO AA 106 65.37 37.75 -12.00
N ASP AA 107 64.87 38.52 -11.04
CA ASP AA 107 65.49 39.76 -10.61
C ASP AA 107 65.75 39.66 -9.11
N GLN AA 108 66.96 39.28 -8.73
CA GLN AA 108 67.33 39.18 -7.33
C GLN AA 108 67.93 40.47 -6.78
N TYR AA 109 68.14 41.49 -7.63
CA TYR AA 109 68.59 42.77 -7.11
C TYR AA 109 67.49 43.45 -6.30
N SER AA 110 66.24 43.28 -6.70
CA SER AA 110 65.13 43.86 -5.95
C SER AA 110 65.06 43.28 -4.54
N ILE AA 111 65.30 41.98 -4.41
CA ILE AA 111 65.30 41.33 -3.12
C ILE AA 111 66.47 41.83 -2.27
N ALA BA 1 -10.71 -62.57 56.38
CA ALA BA 1 -10.62 -61.29 55.69
C ALA BA 1 -9.75 -60.31 56.46
N ASN BA 2 -8.46 -60.61 56.55
CA ASN BA 2 -7.52 -59.79 57.29
C ASN BA 2 -6.41 -59.20 56.43
N VAL BA 3 -5.79 -60.02 55.57
CA VAL BA 3 -4.69 -59.59 54.72
C VAL BA 3 -4.95 -60.10 53.31
N VAL BA 4 -4.71 -59.24 52.33
CA VAL BA 4 -4.80 -59.60 50.91
C VAL BA 4 -3.40 -59.50 50.31
N VAL BA 5 -3.03 -60.50 49.52
CA VAL BA 5 -1.71 -60.52 48.91
C VAL BA 5 -1.62 -59.42 47.88
N SER BA 6 -0.48 -58.72 47.85
CA SER BA 6 -0.23 -57.68 46.87
C SER BA 6 1.28 -57.52 46.74
N ASN BA 7 1.74 -57.35 45.51
CA ASN BA 7 3.18 -57.30 45.28
C ASN BA 7 3.77 -55.98 45.77
N PRO BA 8 4.85 -56.02 46.53
CA PRO BA 8 5.66 -54.82 46.76
C PRO BA 8 6.56 -54.55 45.57
N ARG BA 9 7.51 -53.62 45.71
CA ARG BA 9 8.44 -53.28 44.64
C ARG BA 9 7.70 -52.78 43.42
N PRO BA 10 7.15 -51.57 43.49
CA PRO BA 10 6.40 -51.03 42.34
C PRO BA 10 7.28 -50.88 41.11
N ILE BA 11 6.65 -51.03 39.95
CA ILE BA 11 7.35 -51.13 38.67
C ILE BA 11 7.21 -49.82 37.91
N PHE BA 12 8.31 -49.37 37.32
CA PHE BA 12 8.35 -48.12 36.56
C PHE BA 12 8.56 -48.42 35.09
N THR BA 13 7.79 -47.77 34.24
CA THR BA 13 7.88 -47.94 32.79
C THR BA 13 7.98 -46.56 32.15
N GLU BA 14 8.01 -46.54 30.82
CA GLU BA 14 8.07 -45.29 30.08
C GLU BA 14 6.67 -44.70 29.99
N SER BA 15 6.51 -43.62 29.23
CA SER BA 15 5.25 -42.90 29.16
C SER BA 15 4.43 -43.22 27.92
N ARG BA 16 5.08 -43.60 26.82
CA ARG BA 16 4.38 -43.91 25.58
C ARG BA 16 4.58 -45.34 25.10
N SER BA 17 5.50 -46.09 25.68
CA SER BA 17 5.73 -47.48 25.31
C SER BA 17 5.81 -48.31 26.58
N PHE BA 18 5.55 -49.62 26.45
CA PHE BA 18 5.47 -50.49 27.60
C PHE BA 18 6.82 -50.93 28.15
N LYS BA 19 7.92 -50.60 27.48
CA LYS BA 19 9.23 -50.96 28.01
C LYS BA 19 9.49 -50.26 29.33
N ALA BA 20 10.29 -50.90 30.17
CA ALA BA 20 10.65 -50.34 31.46
C ALA BA 20 11.87 -49.44 31.32
N VAL BA 21 11.94 -48.42 32.18
CA VAL BA 21 13.13 -47.59 32.25
C VAL BA 21 14.31 -48.46 32.64
N ALA BA 22 15.36 -48.44 31.83
CA ALA BA 22 16.50 -49.32 32.02
C ALA BA 22 17.69 -48.49 32.48
N ASN BA 23 18.21 -48.80 33.66
CA ASN BA 23 19.34 -48.09 34.25
C ASN BA 23 19.09 -46.59 34.32
N GLY BA 24 17.82 -46.20 34.50
CA GLY BA 24 17.45 -44.82 34.64
C GLY BA 24 17.69 -44.31 36.04
N LYS BA 25 17.12 -43.13 36.32
CA LYS BA 25 17.30 -42.48 37.60
C LYS BA 25 15.99 -41.85 38.03
N ILE BA 26 15.65 -42.01 39.32
CA ILE BA 26 14.50 -41.38 39.92
C ILE BA 26 14.99 -40.35 40.94
N TYR BA 27 14.50 -39.13 40.84
CA TYR BA 27 14.86 -38.04 41.73
C TYR BA 27 13.64 -37.63 42.54
N ILE BA 28 13.83 -37.43 43.83
CA ILE BA 28 12.77 -37.06 44.76
C ILE BA 28 13.04 -35.65 45.25
N GLY BA 29 11.98 -34.87 45.45
CA GLY BA 29 12.15 -33.49 45.86
C GLY BA 29 10.89 -32.90 46.43
N GLN BA 30 10.98 -31.63 46.79
CA GLN BA 30 9.87 -30.93 47.43
C GLN BA 30 8.67 -30.85 46.49
N ILE BA 31 7.54 -30.40 47.04
CA ILE BA 31 6.31 -30.29 46.28
C ILE BA 31 6.45 -29.20 45.22
N ASP BA 32 6.11 -29.55 43.98
CA ASP BA 32 6.03 -28.59 42.88
C ASP BA 32 7.34 -27.82 42.74
N THR BA 33 8.41 -28.56 42.48
CA THR BA 33 9.72 -27.96 42.27
C THR BA 33 10.58 -28.94 41.49
N ASP BA 34 11.76 -28.48 41.11
CA ASP BA 34 12.68 -29.30 40.32
C ASP BA 34 13.47 -30.18 41.26
N PRO BA 35 13.23 -31.49 41.26
CA PRO BA 35 13.93 -32.35 42.23
C PRO BA 35 15.31 -32.77 41.76
N VAL BA 36 16.09 -31.83 41.24
CA VAL BA 36 17.50 -32.07 40.94
C VAL BA 36 18.40 -31.17 41.78
N ASN BA 37 17.88 -30.10 42.35
CA ASN BA 37 18.68 -29.19 43.16
C ASN BA 37 18.79 -29.76 44.57
N PRO BA 38 20.00 -29.95 45.10
CA PRO BA 38 20.11 -30.37 46.51
C PRO BA 38 19.37 -29.46 47.48
N ALA BA 39 19.15 -28.19 47.11
CA ALA BA 39 18.30 -27.33 47.92
C ALA BA 39 16.86 -27.83 47.92
N ASN BA 40 16.38 -28.30 46.77
CA ASN BA 40 15.02 -28.80 46.64
C ASN BA 40 14.89 -30.27 47.00
N GLN BA 41 15.95 -30.91 47.46
CA GLN BA 41 15.92 -32.35 47.62
C GLN BA 41 15.31 -32.72 48.97
N ILE BA 42 14.84 -33.97 49.04
CA ILE BA 42 14.24 -34.51 50.25
C ILE BA 42 14.90 -35.86 50.55
N PRO BA 43 15.23 -36.16 51.80
CA PRO BA 43 15.85 -37.46 52.10
C PRO BA 43 14.88 -38.60 51.87
N VAL BA 44 15.41 -39.71 51.36
CA VAL BA 44 14.65 -40.93 51.15
C VAL BA 44 15.43 -42.09 51.77
N TYR BA 45 14.70 -42.99 52.42
CA TYR BA 45 15.29 -44.05 53.21
C TYR BA 45 14.99 -45.42 52.59
N ILE BA 46 15.71 -46.43 53.08
CA ILE BA 46 15.49 -47.82 52.71
C ILE BA 46 14.84 -48.52 53.89
N GLU BA 47 13.73 -49.18 53.65
CA GLU BA 47 13.00 -49.91 54.68
C GLU BA 47 13.23 -51.40 54.46
N ASN BA 48 14.19 -51.97 55.17
CA ASN BA 48 14.53 -53.37 55.01
C ASN BA 48 13.44 -54.25 55.61
N GLU BA 49 13.66 -55.57 55.53
CA GLU BA 49 12.69 -56.51 56.10
C GLU BA 49 12.62 -56.37 57.62
N ASP BA 50 13.76 -56.19 58.27
CA ASP BA 50 13.78 -56.03 59.72
C ASP BA 50 13.19 -54.70 60.19
N GLY BA 51 12.92 -53.77 59.27
CA GLY BA 51 12.38 -52.48 59.62
C GLY BA 51 13.42 -51.41 59.91
N SER BA 52 14.70 -51.73 59.78
CA SER BA 52 15.77 -50.78 60.09
C SER BA 52 15.88 -49.78 58.95
N HIS BA 53 15.46 -48.54 59.21
CA HIS BA 53 15.55 -47.49 58.21
C HIS BA 53 16.98 -47.02 58.06
N VAL BA 54 17.40 -46.77 56.83
CA VAL BA 54 18.75 -46.28 56.55
C VAL BA 54 18.69 -45.30 55.38
N GLN BA 55 19.49 -44.24 55.47
CA GLN BA 55 19.53 -43.25 54.41
C GLN BA 55 20.32 -43.79 53.21
N ILE BA 56 20.04 -43.21 52.05
CA ILE BA 56 20.61 -43.67 50.80
C ILE BA 56 21.20 -42.49 50.04
N THR BA 57 22.20 -42.75 49.22
CA THR BA 57 22.65 -41.76 48.26
C THR BA 57 21.49 -41.39 47.35
N GLN BA 58 21.37 -40.09 47.06
CA GLN BA 58 20.12 -39.56 46.52
C GLN BA 58 19.71 -40.20 45.18
N PRO BA 59 20.52 -40.15 44.12
CA PRO BA 59 19.99 -40.56 42.81
C PRO BA 59 19.67 -42.04 42.76
N LEU BA 60 18.38 -42.36 42.76
CA LEU BA 60 17.95 -43.75 42.75
C LEU BA 60 18.29 -44.41 41.43
N ILE BA 61 18.55 -45.71 41.48
CA ILE BA 61 18.92 -46.50 40.31
C ILE BA 61 17.78 -47.47 40.01
N ILE BA 62 17.55 -47.71 38.72
CA ILE BA 62 16.50 -48.61 38.26
C ILE BA 62 17.15 -49.75 37.50
N ASN BA 63 16.81 -50.98 37.85
CA ASN BA 63 17.29 -52.13 37.10
C ASN BA 63 16.54 -52.26 35.78
N ALA BA 64 16.79 -53.35 35.06
CA ALA BA 64 16.19 -53.55 33.76
C ALA BA 64 14.71 -53.88 33.82
N ALA BA 65 14.14 -54.10 35.01
CA ALA BA 65 12.74 -54.44 35.16
C ALA BA 65 11.93 -53.31 35.78
N GLY BA 66 12.45 -52.10 35.79
CA GLY BA 66 11.74 -50.96 36.34
C GLY BA 66 11.54 -51.02 37.84
N LYS BA 67 12.53 -51.51 38.58
CA LYS BA 67 12.43 -51.61 40.04
C LYS BA 67 13.69 -51.03 40.66
N ILE BA 68 13.51 -50.30 41.78
CA ILE BA 68 14.65 -49.69 42.43
C ILE BA 68 15.60 -50.75 42.95
N VAL BA 69 16.89 -50.56 42.70
CA VAL BA 69 17.92 -51.48 43.18
C VAL BA 69 19.03 -50.69 43.85
N TYR BA 70 19.53 -51.21 44.96
CA TYR BA 70 20.65 -50.63 45.67
C TYR BA 70 21.57 -51.76 46.10
N ASN BA 71 22.84 -51.70 45.68
CA ASN BA 71 23.79 -52.80 45.85
C ASN BA 71 23.26 -54.08 45.22
N GLY BA 72 22.63 -53.97 44.06
CA GLY BA 72 22.15 -55.12 43.34
C GLY BA 72 20.78 -55.61 43.77
N GLN BA 73 20.61 -55.92 45.05
CA GLN BA 73 19.35 -56.44 45.54
C GLN BA 73 18.25 -55.37 45.48
N LEU BA 74 17.04 -55.81 45.19
CA LEU BA 74 15.89 -54.90 45.16
C LEU BA 74 15.61 -54.36 46.55
N VAL BA 75 15.19 -53.10 46.63
CA VAL BA 75 14.94 -52.44 47.89
C VAL BA 75 13.63 -51.67 47.81
N LYS BA 76 13.08 -51.38 48.99
CA LYS BA 76 11.87 -50.56 49.12
C LYS BA 76 12.26 -49.21 49.70
N ILE BA 77 12.00 -48.15 48.95
CA ILE BA 77 12.42 -46.80 49.32
C ILE BA 77 11.22 -46.05 49.87
N VAL BA 78 11.40 -45.37 51.01
CA VAL BA 78 10.34 -44.61 51.66
C VAL BA 78 10.85 -43.20 51.93
N THR BA 79 9.98 -42.21 51.70
CA THR BA 79 10.29 -40.81 51.91
C THR BA 79 9.69 -40.35 53.25
N VAL BA 80 10.16 -39.21 53.74
CA VAL BA 80 9.65 -38.69 55.00
C VAL BA 80 8.25 -38.12 54.86
N GLN BA 81 7.93 -37.49 53.73
CA GLN BA 81 6.61 -36.90 53.52
C GLN BA 81 6.36 -36.77 52.03
N GLY BA 82 5.37 -35.96 51.65
CA GLY BA 82 5.02 -35.83 50.25
C GLY BA 82 6.18 -35.31 49.43
N HIS BA 83 6.17 -35.64 48.14
CA HIS BA 83 7.32 -35.37 47.29
C HIS BA 83 6.89 -35.27 45.84
N SER BA 84 7.79 -34.71 45.02
CA SER BA 84 7.62 -34.62 43.57
C SER BA 84 8.73 -35.41 42.90
N MET BA 85 8.36 -36.21 41.91
CA MET BA 85 9.28 -37.14 41.26
C MET BA 85 9.55 -36.70 39.83
N ALA BA 86 10.81 -36.83 39.40
CA ALA BA 86 11.23 -36.60 38.02
C ALA BA 86 12.01 -37.82 37.55
N ILE BA 87 11.37 -38.67 36.75
CA ILE BA 87 11.95 -39.95 36.35
C ILE BA 87 12.74 -39.74 35.06
N TYR BA 88 14.03 -40.05 35.12
CA TYR BA 88 14.91 -39.98 33.96
C TYR BA 88 15.27 -41.37 33.49
N ASP BA 89 15.32 -41.57 32.17
CA ASP BA 89 15.80 -42.81 31.61
C ASP BA 89 17.33 -42.79 31.58
N ALA BA 90 17.93 -43.76 30.88
CA ALA BA 90 19.38 -43.90 30.93
C ALA BA 90 20.10 -42.69 30.35
N ASN BA 91 19.60 -42.16 29.24
CA ASN BA 91 20.34 -41.10 28.54
C ASN BA 91 20.30 -39.78 29.31
N GLY BA 92 19.17 -39.45 29.92
CA GLY BA 92 19.05 -38.18 30.61
C GLY BA 92 17.75 -37.47 30.27
N SER BA 93 17.01 -38.02 29.32
CA SER BA 93 15.68 -37.49 29.04
C SER BA 93 14.72 -37.86 30.17
N GLN BA 94 13.76 -36.97 30.43
CA GLN BA 94 12.81 -37.22 31.49
C GLN BA 94 11.66 -38.07 30.97
N VAL BA 95 11.36 -39.16 31.69
CA VAL BA 95 10.22 -39.99 31.33
C VAL BA 95 8.93 -39.23 31.62
N ASP BA 96 8.82 -38.63 32.80
CA ASP BA 96 7.69 -37.78 33.15
C ASP BA 96 8.03 -36.98 34.39
N TYR BA 97 7.29 -35.89 34.59
CA TYR BA 97 7.43 -35.02 35.74
C TYR BA 97 6.09 -34.87 36.42
N ILE BA 98 6.12 -34.80 37.76
CA ILE BA 98 4.91 -34.68 38.56
C ILE BA 98 5.17 -33.70 39.70
N ALA BA 99 4.12 -32.96 40.08
CA ALA BA 99 4.24 -31.96 41.14
C ALA BA 99 3.97 -32.53 42.52
N ASN BA 100 2.88 -33.29 42.68
CA ASN BA 100 2.47 -33.78 43.98
C ASN BA 100 2.02 -35.23 43.90
N VAL BA 101 2.58 -36.09 44.75
CA VAL BA 101 2.15 -37.47 44.89
C VAL BA 101 2.13 -37.84 46.38
N LEU BA 102 1.27 -38.78 46.73
CA LEU BA 102 1.15 -39.29 48.09
C LEU BA 102 0.68 -40.74 48.04
N LYS BA 103 1.42 -41.64 48.69
CA LYS BA 103 0.95 -43.01 48.88
C LYS BA 103 1.55 -43.51 50.19
N TYR BA 104 0.77 -43.41 51.26
CA TYR BA 104 1.22 -43.89 52.55
C TYR BA 104 1.43 -45.40 52.52
N ASP BA 105 2.47 -45.85 53.21
CA ASP BA 105 2.77 -47.27 53.23
C ASP BA 105 1.65 -48.04 53.94
N PRO BA 106 1.20 -49.17 53.38
CA PRO BA 106 0.21 -49.99 54.07
C PRO BA 106 0.80 -50.84 55.18
N ASP BA 107 2.11 -51.01 55.22
CA ASP BA 107 2.78 -51.81 56.22
C ASP BA 107 2.99 -51.02 57.51
N GLN BA 108 3.51 -51.73 58.52
CA GLN BA 108 3.84 -51.14 59.82
C GLN BA 108 2.67 -50.38 60.43
N TYR BA 109 1.50 -51.03 60.44
CA TYR BA 109 0.37 -50.45 61.15
C TYR BA 109 0.51 -50.61 62.66
N SER BA 110 1.18 -51.67 63.11
CA SER BA 110 1.42 -51.86 64.54
C SER BA 110 2.18 -50.67 65.12
N ILE BA 111 3.07 -50.07 64.33
CA ILE BA 111 3.79 -48.89 64.77
C ILE BA 111 2.94 -47.65 64.58
N ALA CA 1 -74.52 -39.47 4.67
CA ALA CA 1 -73.11 -39.79 4.88
C ALA CA 1 -72.71 -39.55 6.33
N ASN CA 2 -72.30 -40.62 7.01
CA ASN CA 2 -71.93 -40.56 8.41
C ASN CA 2 -70.47 -40.90 8.67
N VAL CA 3 -69.94 -41.91 7.99
CA VAL CA 3 -68.56 -42.33 8.13
C VAL CA 3 -67.94 -42.48 6.76
N VAL CA 4 -66.75 -41.92 6.57
CA VAL CA 4 -65.99 -42.07 5.34
C VAL CA 4 -64.80 -42.98 5.62
N VAL CA 5 -64.53 -43.90 4.69
CA VAL CA 5 -63.40 -44.81 4.86
C VAL CA 5 -62.10 -44.04 4.72
N SER CA 6 -61.16 -44.31 5.61
CA SER CA 6 -59.84 -43.69 5.56
C SER CA 6 -58.86 -44.61 6.27
N ASN CA 7 -57.68 -44.75 5.71
CA ASN CA 7 -56.72 -45.68 6.28
C ASN CA 7 -56.11 -45.13 7.58
N PRO CA 8 -56.10 -45.90 8.65
CA PRO CA 8 -55.26 -45.55 9.79
C PRO CA 8 -53.81 -45.92 9.53
N ARG CA 9 -52.98 -45.90 10.57
CA ARG CA 9 -51.58 -46.30 10.47
C ARG CA 9 -50.84 -45.39 9.49
N PRO CA 10 -50.60 -44.14 9.85
CA PRO CA 10 -49.96 -43.21 8.91
C PRO CA 10 -48.57 -43.67 8.51
N ILE CA 11 -48.17 -43.28 7.30
CA ILE CA 11 -46.96 -43.76 6.67
C ILE CA 11 -45.89 -42.68 6.70
N PHE CA 12 -44.65 -43.07 7.02
CA PHE CA 12 -43.53 -42.16 7.10
C PHE CA 12 -42.51 -42.49 6.01
N THR CA 13 -42.05 -41.45 5.31
CA THR CA 13 -41.06 -41.59 4.26
C THR CA 13 -39.95 -40.57 4.48
N GLU CA 14 -38.97 -40.54 3.58
CA GLU CA 14 -37.87 -39.61 3.70
C GLU CA 14 -38.29 -38.25 3.17
N SER CA 15 -37.34 -37.32 3.05
CA SER CA 15 -37.65 -35.94 2.73
C SER CA 15 -37.35 -35.56 1.29
N ARG CA 16 -36.37 -36.20 0.65
CA ARG CA 16 -36.03 -35.89 -0.73
C ARG CA 16 -36.27 -37.04 -1.69
N SER CA 17 -36.42 -38.27 -1.21
CA SER CA 17 -36.71 -39.41 -2.05
C SER CA 17 -37.93 -40.14 -1.49
N PHE CA 18 -38.64 -40.83 -2.37
CA PHE CA 18 -39.91 -41.45 -1.98
C PHE CA 18 -39.75 -42.77 -1.24
N LYS CA 19 -38.54 -43.30 -1.13
CA LYS CA 19 -38.35 -44.54 -0.40
C LYS CA 19 -38.68 -44.32 1.08
N ALA CA 20 -39.24 -45.36 1.70
CA ALA CA 20 -39.72 -45.26 3.07
C ALA CA 20 -38.58 -45.43 4.06
N VAL CA 21 -38.70 -44.77 5.21
CA VAL CA 21 -37.75 -44.95 6.29
C VAL CA 21 -37.79 -46.39 6.74
N ALA CA 22 -36.62 -47.03 6.79
CA ALA CA 22 -36.51 -48.44 7.12
C ALA CA 22 -35.82 -48.58 8.47
N ASN CA 23 -36.52 -49.20 9.43
CA ASN CA 23 -35.99 -49.44 10.77
C ASN CA 23 -35.50 -48.15 11.42
N GLY CA 24 -36.19 -47.05 11.14
CA GLY CA 24 -35.85 -45.77 11.71
C GLY CA 24 -36.39 -45.62 13.13
N LYS CA 25 -36.30 -44.40 13.64
CA LYS CA 25 -36.76 -44.08 14.99
C LYS CA 25 -37.45 -42.74 14.97
N ILE CA 26 -38.59 -42.66 15.66
CA ILE CA 26 -39.33 -41.41 15.84
C ILE CA 26 -39.27 -41.02 17.31
N TYR CA 27 -38.88 -39.79 17.58
CA TYR CA 27 -38.78 -39.27 18.94
C TYR CA 27 -39.79 -38.15 19.10
N ILE CA 28 -40.50 -38.15 20.23
CA ILE CA 28 -41.52 -37.16 20.53
C ILE CA 28 -41.05 -36.30 21.69
N GLY CA 29 -41.45 -35.04 21.70
CA GLY CA 29 -40.97 -34.15 22.74
C GLY CA 29 -41.79 -32.87 22.81
N GLN CA 30 -41.41 -32.01 23.74
CA GLN CA 30 -42.12 -30.76 23.98
C GLN CA 30 -42.07 -29.85 22.75
N ILE CA 31 -42.83 -28.77 22.82
CA ILE CA 31 -42.94 -27.85 21.69
C ILE CA 31 -41.63 -27.10 21.49
N ASP CA 32 -41.10 -27.18 20.27
CA ASP CA 32 -39.90 -26.46 19.85
C ASP CA 32 -38.77 -26.73 20.86
N THR CA 33 -38.34 -28.00 20.85
CA THR CA 33 -37.22 -28.42 21.67
C THR CA 33 -36.65 -29.70 21.06
N ASP CA 34 -35.52 -30.14 21.61
CA ASP CA 34 -34.88 -31.35 21.12
C ASP CA 34 -35.56 -32.54 21.76
N PRO CA 35 -36.27 -33.36 21.01
CA PRO CA 35 -36.98 -34.48 21.63
C PRO CA 35 -36.11 -35.71 21.80
N VAL CA 36 -34.90 -35.54 22.29
CA VAL CA 36 -34.05 -36.65 22.69
C VAL CA 36 -33.72 -36.63 24.18
N ASN CA 37 -33.86 -35.49 24.85
CA ASN CA 37 -33.57 -35.41 26.27
C ASN CA 37 -34.74 -35.99 27.06
N PRO CA 38 -34.51 -36.96 27.94
CA PRO CA 38 -35.60 -37.46 28.79
C PRO CA 38 -36.28 -36.34 29.57
N ALA CA 39 -35.55 -35.25 29.83
CA ALA CA 39 -36.17 -34.07 30.39
C ALA CA 39 -37.18 -33.46 29.43
N ASN CA 40 -36.87 -33.46 28.12
CA ASN CA 40 -37.74 -32.91 27.11
C ASN CA 40 -38.71 -33.94 26.54
N GLN CA 41 -38.73 -35.15 27.09
CA GLN CA 41 -39.53 -36.20 26.50
C GLN CA 41 -40.98 -36.10 26.98
N ILE CA 42 -41.88 -36.64 26.17
CA ILE CA 42 -43.32 -36.63 26.47
C ILE CA 42 -43.85 -38.05 26.36
N PRO CA 43 -44.67 -38.52 27.29
CA PRO CA 43 -45.19 -39.89 27.19
C PRO CA 43 -46.08 -40.07 25.97
N VAL CA 44 -45.96 -41.25 25.35
CA VAL CA 44 -46.79 -41.64 24.22
C VAL CA 44 -47.37 -43.02 24.50
N TYR CA 45 -48.63 -43.21 24.15
CA TYR CA 45 -49.37 -44.41 24.51
C TYR CA 45 -49.74 -45.21 23.27
N ILE CA 46 -50.21 -46.43 23.49
CA ILE CA 46 -50.73 -47.29 22.45
C ILE CA 46 -52.24 -47.38 22.62
N GLU CA 47 -52.97 -47.11 21.56
CA GLU CA 47 -54.44 -47.16 21.57
C GLU CA 47 -54.86 -48.40 20.77
N ASN CA 48 -55.14 -49.48 21.48
CA ASN CA 48 -55.49 -50.74 20.83
C ASN CA 48 -56.92 -50.67 20.30
N GLU CA 49 -57.36 -51.77 19.71
CA GLU CA 49 -58.73 -51.83 19.20
C GLU CA 49 -59.75 -51.75 20.32
N ASP CA 50 -59.48 -52.42 21.44
CA ASP CA 50 -60.38 -52.38 22.59
C ASP CA 50 -60.42 -51.01 23.27
N GLY CA 51 -59.50 -50.11 22.91
CA GLY CA 51 -59.44 -48.80 23.53
C GLY CA 51 -58.59 -48.71 24.78
N SER CA 52 -57.98 -49.81 25.21
CA SER CA 52 -57.17 -49.83 26.42
C SER CA 52 -55.83 -49.14 26.14
N HIS CA 53 -55.69 -47.92 26.66
CA HIS CA 53 -54.45 -47.19 26.50
C HIS CA 53 -53.35 -47.83 27.36
N VAL CA 54 -52.15 -47.94 26.78
CA VAL CA 54 -51.01 -48.49 27.50
C VAL CA 54 -49.77 -47.71 27.10
N GLN CA 55 -48.89 -47.46 28.06
CA GLN CA 55 -47.67 -46.73 27.79
C GLN CA 55 -46.67 -47.63 27.06
N ILE CA 56 -45.74 -46.98 26.35
CA ILE CA 56 -44.75 -47.66 25.53
C ILE CA 56 -43.38 -47.10 25.87
N THR CA 57 -42.35 -47.90 25.63
CA THR CA 57 -40.99 -47.39 25.70
C THR CA 57 -40.82 -46.29 24.67
N GLN CA 58 -40.02 -45.28 25.03
CA GLN CA 58 -40.07 -44.01 24.29
C GLN CA 58 -39.66 -44.14 22.83
N PRO CA 59 -38.47 -44.66 22.48
CA PRO CA 59 -38.06 -44.59 21.07
C PRO CA 59 -38.91 -45.45 20.16
N LEU CA 60 -39.75 -44.81 19.36
CA LEU CA 60 -40.64 -45.54 18.46
C LEU CA 60 -39.84 -46.20 17.35
N ILE CA 61 -40.35 -47.32 16.87
CA ILE CA 61 -39.69 -48.11 15.84
C ILE CA 61 -40.54 -48.07 14.57
N ILE CA 62 -39.88 -48.10 13.43
CA ILE CA 62 -40.54 -48.06 12.13
C ILE CA 62 -40.17 -49.32 11.37
N ASN CA 63 -41.16 -50.01 10.83
CA ASN CA 63 -40.90 -51.16 9.98
C ASN CA 63 -40.45 -50.71 8.59
N ALA CA 64 -40.32 -51.67 7.68
CA ALA CA 64 -39.83 -51.37 6.34
C ALA CA 64 -40.85 -50.65 5.47
N ALA CA 65 -42.08 -50.44 5.96
CA ALA CA 65 -43.12 -49.77 5.19
C ALA CA 65 -43.46 -48.39 5.76
N GLY CA 66 -42.60 -47.84 6.62
CA GLY CA 66 -42.85 -46.54 7.19
C GLY CA 66 -44.03 -46.47 8.14
N LYS CA 67 -44.23 -47.50 8.94
CA LYS CA 67 -45.35 -47.55 9.89
C LYS CA 67 -44.83 -47.96 11.26
N ILE CA 68 -45.39 -47.37 12.31
CA ILE CA 68 -44.94 -47.68 13.66
C ILE CA 68 -45.27 -49.13 13.98
N VAL CA 69 -44.30 -49.85 14.54
CA VAL CA 69 -44.50 -51.23 14.95
C VAL CA 69 -43.99 -51.41 16.37
N TYR CA 70 -44.75 -52.15 17.17
CA TYR CA 70 -44.35 -52.52 18.52
C TYR CA 70 -44.69 -54.00 18.72
N ASN CA 71 -43.69 -54.78 19.14
CA ASN CA 71 -43.83 -56.23 19.29
C ASN CA 71 -44.26 -56.88 17.97
N GLY CA 72 -43.75 -56.37 16.86
CA GLY CA 72 -44.04 -56.94 15.56
C GLY CA 72 -45.28 -56.36 14.89
N GLN CA 73 -46.43 -56.49 15.54
CA GLN CA 73 -47.68 -56.03 14.94
C GLN CA 73 -47.73 -54.51 14.90
N LEU CA 74 -48.39 -53.99 13.85
CA LEU CA 74 -48.57 -52.56 13.70
C LEU CA 74 -49.45 -52.01 14.83
N VAL CA 75 -49.13 -50.81 15.30
CA VAL CA 75 -49.83 -50.20 16.41
C VAL CA 75 -50.14 -48.74 16.08
N LYS CA 76 -51.12 -48.20 16.81
CA LYS CA 76 -51.50 -46.79 16.71
C LYS CA 76 -51.06 -46.08 17.98
N ILE CA 77 -50.15 -45.13 17.85
CA ILE CA 77 -49.57 -44.42 18.99
C ILE CA 77 -50.25 -43.07 19.13
N VAL CA 78 -50.59 -42.73 20.37
CA VAL CA 78 -51.27 -41.47 20.68
C VAL CA 78 -50.51 -40.75 21.79
N THR CA 79 -50.35 -39.44 21.65
CA THR CA 79 -49.66 -38.60 22.61
C THR CA 79 -50.69 -37.88 23.48
N VAL CA 80 -50.23 -37.29 24.58
CA VAL CA 80 -51.14 -36.61 25.50
C VAL CA 80 -51.53 -35.23 24.98
N GLN CA 81 -50.60 -34.51 24.35
CA GLN CA 81 -50.88 -33.16 23.87
C GLN CA 81 -49.89 -32.84 22.76
N GLY CA 82 -49.81 -31.55 22.40
CA GLY CA 82 -48.96 -31.15 21.29
C GLY CA 82 -47.51 -31.53 21.51
N HIS CA 83 -46.79 -31.74 20.41
CA HIS CA 83 -45.45 -32.31 20.51
C HIS CA 83 -44.63 -31.97 19.29
N SER CA 84 -43.32 -32.18 19.42
CA SER CA 84 -42.35 -31.98 18.35
C SER CA 84 -41.71 -33.31 17.98
N MET CA 85 -41.49 -33.52 16.68
CA MET CA 85 -41.01 -34.79 16.16
C MET CA 85 -39.59 -34.64 15.63
N ALA CA 86 -38.76 -35.66 15.85
CA ALA CA 86 -37.45 -35.75 15.24
C ALA CA 86 -37.30 -37.15 14.66
N ILE CA 87 -37.55 -37.30 13.36
CA ILE CA 87 -37.56 -38.60 12.71
C ILE CA 87 -36.14 -38.96 12.28
N TYR CA 88 -35.59 -40.02 12.86
CA TYR CA 88 -34.28 -40.52 12.49
C TYR CA 88 -34.44 -41.78 11.64
N ASP CA 89 -33.61 -41.89 10.61
CA ASP CA 89 -33.57 -43.12 9.82
C ASP CA 89 -32.72 -44.16 10.55
N ALA CA 90 -32.39 -45.26 9.86
CA ALA CA 90 -31.70 -46.37 10.53
C ALA CA 90 -30.33 -45.96 11.03
N ASN CA 91 -29.58 -45.22 10.21
CA ASN CA 91 -28.21 -44.87 10.58
C ASN CA 91 -28.17 -43.91 11.76
N GLY CA 92 -29.09 -42.95 11.80
CA GLY CA 92 -29.09 -41.95 12.86
C GLY CA 92 -29.25 -40.55 12.33
N SER CA 93 -29.19 -40.41 11.00
CA SER CA 93 -29.36 -39.11 10.38
C SER CA 93 -30.81 -38.65 10.48
N GLN CA 94 -31.01 -37.34 10.39
CA GLN CA 94 -32.34 -36.76 10.49
C GLN CA 94 -33.08 -36.91 9.16
N VAL CA 95 -34.24 -37.57 9.20
CA VAL CA 95 -35.16 -37.46 8.08
C VAL CA 95 -35.73 -36.05 8.00
N ASP CA 96 -36.18 -35.52 9.14
CA ASP CA 96 -36.62 -34.14 9.26
C ASP CA 96 -36.85 -33.81 10.72
N TYR CA 97 -36.88 -32.51 11.02
CA TYR CA 97 -37.19 -31.99 12.35
C TYR CA 97 -38.33 -30.99 12.25
N ILE CA 98 -39.28 -31.09 13.18
CA ILE CA 98 -40.49 -30.28 13.16
C ILE CA 98 -40.80 -29.84 14.58
N ALA CA 99 -41.25 -28.58 14.73
CA ALA CA 99 -41.41 -27.98 16.03
C ALA CA 99 -42.80 -28.20 16.63
N ASN CA 100 -43.85 -27.89 15.90
CA ASN CA 100 -45.20 -27.97 16.43
C ASN CA 100 -46.10 -28.73 15.46
N VAL CA 101 -46.80 -29.75 15.96
CA VAL CA 101 -47.77 -30.50 15.18
C VAL CA 101 -48.98 -30.80 16.06
N LEU CA 102 -50.13 -30.95 15.41
CA LEU CA 102 -51.39 -31.28 16.07
C LEU CA 102 -52.29 -32.01 15.09
N LYS CA 103 -52.75 -33.20 15.48
CA LYS CA 103 -53.77 -33.90 14.71
C LYS CA 103 -54.60 -34.71 15.69
N TYR CA 104 -55.72 -34.14 16.14
CA TYR CA 104 -56.59 -34.83 17.08
C TYR CA 104 -57.17 -36.09 16.45
N ASP CA 105 -57.27 -37.14 17.25
CA ASP CA 105 -57.82 -38.39 16.73
C ASP CA 105 -59.29 -38.21 16.34
N PRO CA 106 -59.69 -38.67 15.14
CA PRO CA 106 -61.11 -38.61 14.77
C PRO CA 106 -61.95 -39.70 15.44
N ASP CA 107 -61.31 -40.72 16.01
CA ASP CA 107 -62.00 -41.80 16.68
C ASP CA 107 -62.42 -41.39 18.09
N GLN CA 108 -63.16 -42.29 18.75
CA GLN CA 108 -63.62 -42.10 20.12
C GLN CA 108 -64.35 -40.77 20.30
N TYR CA 109 -65.28 -40.49 19.39
CA TYR CA 109 -66.12 -39.31 19.57
C TYR CA 109 -67.16 -39.52 20.66
N SER CA 110 -67.57 -40.76 20.90
CA SER CA 110 -68.52 -41.03 21.98
C SER CA 110 -67.93 -40.65 23.33
N ILE CA 111 -66.64 -40.92 23.53
CA ILE CA 111 -65.98 -40.55 24.77
C ILE CA 111 -65.70 -39.04 24.77
N ALA DA 1 -62.48 21.09 -52.74
CA ALA DA 1 -62.00 19.94 -51.98
C ALA DA 1 -62.75 19.82 -50.66
N ASN DA 2 -63.41 18.71 -50.46
CA ASN DA 2 -64.19 18.48 -49.25
C ASN DA 2 -63.78 17.23 -48.49
N VAL DA 3 -63.45 16.16 -49.21
CA VAL DA 3 -62.95 14.91 -48.60
C VAL DA 3 -61.72 14.48 -49.38
N VAL DA 4 -60.66 14.13 -48.67
CA VAL DA 4 -59.44 13.59 -49.26
C VAL DA 4 -59.34 12.12 -48.88
N VAL DA 5 -58.97 11.29 -49.85
CA VAL DA 5 -58.88 9.86 -49.59
C VAL DA 5 -57.71 9.58 -48.64
N SER DA 6 -57.96 8.73 -47.65
CA SER DA 6 -56.94 8.29 -46.72
C SER DA 6 -57.37 6.95 -46.16
N ASN DA 7 -56.42 6.02 -46.06
CA ASN DA 7 -56.75 4.67 -45.65
C ASN DA 7 -56.97 4.61 -44.14
N PRO DA 8 -58.12 4.13 -43.66
CA PRO DA 8 -58.23 3.78 -42.26
C PRO DA 8 -57.54 2.46 -41.97
N ARG DA 9 -57.80 1.87 -40.79
CA ARG DA 9 -57.14 0.64 -40.39
C ARG DA 9 -55.63 0.85 -40.35
N PRO DA 10 -55.13 1.61 -39.37
CA PRO DA 10 -53.69 1.87 -39.31
C PRO DA 10 -52.90 0.59 -39.12
N ILE DA 11 -51.67 0.61 -39.63
CA ILE DA 11 -50.82 -0.58 -39.71
C ILE DA 11 -49.76 -0.52 -38.63
N PHE DA 12 -49.55 -1.65 -37.96
CA PHE DA 12 -48.56 -1.77 -36.89
C PHE DA 12 -47.41 -2.66 -37.34
N THR DA 13 -46.19 -2.20 -37.12
CA THR DA 13 -44.98 -2.93 -37.48
C THR DA 13 -44.04 -2.96 -36.28
N GLU DA 14 -42.86 -3.55 -36.49
CA GLU DA 14 -41.88 -3.65 -35.42
C GLU DA 14 -41.14 -2.32 -35.29
N SER DA 15 -40.11 -2.28 -34.43
CA SER DA 15 -39.41 -1.05 -34.13
C SER DA 15 -38.07 -0.93 -34.82
N ARG DA 16 -37.41 -2.04 -35.14
CA ARG DA 16 -36.11 -2.02 -35.81
C ARG DA 16 -36.11 -2.65 -37.18
N SER DA 17 -37.12 -3.46 -37.51
CA SER DA 17 -37.25 -4.06 -38.83
C SER DA 17 -38.62 -3.75 -39.38
N PHE DA 18 -38.75 -3.81 -40.70
CA PHE DA 18 -40.00 -3.43 -41.35
C PHE DA 18 -41.04 -4.55 -41.33
N LYS DA 19 -40.71 -5.72 -40.79
CA LYS DA 19 -41.69 -6.79 -40.69
C LYS DA 19 -42.84 -6.37 -39.79
N ALA DA 20 -44.04 -6.84 -40.12
CA ALA DA 20 -45.23 -6.50 -39.36
C ALA DA 20 -45.39 -7.43 -38.16
N VAL DA 21 -45.96 -6.89 -37.09
CA VAL DA 21 -46.27 -7.70 -35.93
C VAL DA 21 -47.27 -8.77 -36.32
N ALA DA 22 -46.95 -10.02 -36.01
CA ALA DA 22 -47.76 -11.17 -36.43
C ALA DA 22 -48.38 -11.79 -35.20
N ASN DA 23 -49.72 -11.79 -35.16
CA ASN DA 23 -50.47 -12.39 -34.05
C ASN DA 23 -50.06 -11.79 -32.70
N GLY DA 24 -49.69 -10.52 -32.71
CA GLY DA 24 -49.28 -9.83 -31.51
C GLY DA 24 -50.48 -9.40 -30.68
N LYS DA 25 -50.20 -8.55 -29.70
CA LYS DA 25 -51.22 -8.06 -28.79
C LYS DA 25 -50.98 -6.58 -28.52
N ILE DA 26 -52.04 -5.79 -28.56
CA ILE DA 26 -52.00 -4.37 -28.21
C ILE DA 26 -52.81 -4.18 -26.94
N TYR DA 27 -52.19 -3.54 -25.95
CA TYR DA 27 -52.82 -3.26 -24.67
C TYR DA 27 -52.97 -1.76 -24.50
N ILE DA 28 -54.15 -1.33 -24.07
CA ILE DA 28 -54.46 0.08 -23.87
C ILE DA 28 -54.62 0.33 -22.38
N GLY DA 29 -54.23 1.52 -21.94
CA GLY DA 29 -54.29 1.81 -20.52
C GLY DA 29 -54.22 3.30 -20.25
N GLN DA 30 -54.23 3.63 -18.96
CA GLN DA 30 -54.19 5.02 -18.54
C GLN DA 30 -52.89 5.69 -18.99
N ILE DA 31 -52.85 7.01 -18.84
CA ILE DA 31 -51.67 7.78 -19.24
C ILE DA 31 -50.51 7.46 -18.32
N ASP DA 32 -49.35 7.12 -18.91
CA ASP DA 32 -48.11 6.93 -18.18
C ASP DA 32 -48.28 5.87 -17.09
N THR DA 33 -48.57 4.65 -17.53
CA THR DA 33 -48.75 3.55 -16.59
C THR DA 33 -48.59 2.23 -17.34
N ASP DA 34 -48.59 1.15 -16.57
CA ASP DA 34 -48.52 -0.22 -17.07
C ASP DA 34 -49.87 -0.60 -17.64
N PRO DA 35 -50.03 -0.65 -18.96
CA PRO DA 35 -51.35 -0.98 -19.51
C PRO DA 35 -51.57 -2.47 -19.62
N VAL DA 36 -51.22 -3.20 -18.57
CA VAL DA 36 -51.58 -4.61 -18.45
C VAL DA 36 -52.48 -4.84 -17.23
N ASN DA 37 -52.59 -3.87 -16.35
CA ASN DA 37 -53.33 -4.01 -15.12
C ASN DA 37 -54.78 -3.68 -15.37
N PRO DA 38 -55.72 -4.59 -15.09
CA PRO DA 38 -57.14 -4.26 -15.21
C PRO DA 38 -57.51 -3.04 -14.36
N ALA DA 39 -56.74 -2.79 -13.31
CA ALA DA 39 -56.86 -1.53 -12.59
C ALA DA 39 -56.43 -0.35 -13.46
N ASN DA 40 -55.37 -0.51 -14.24
CA ASN DA 40 -54.84 0.55 -15.08
C ASN DA 40 -55.47 0.58 -16.47
N GLN DA 41 -56.44 -0.28 -16.74
CA GLN DA 41 -56.92 -0.43 -18.11
C GLN DA 41 -58.04 0.56 -18.42
N ILE DA 42 -58.23 0.81 -19.71
CA ILE DA 42 -59.23 1.75 -20.20
C ILE DA 42 -60.11 1.02 -21.22
N PRO DA 43 -61.43 1.21 -21.19
CA PRO DA 43 -62.29 0.52 -22.16
C PRO DA 43 -62.03 0.99 -23.57
N VAL DA 44 -62.06 0.06 -24.52
CA VAL DA 44 -61.91 0.34 -25.94
C VAL DA 44 -63.06 -0.30 -26.69
N TYR DA 45 -63.61 0.41 -27.66
CA TYR DA 45 -64.83 0.01 -28.34
C TYR DA 45 -64.55 -0.28 -29.81
N ILE DA 46 -65.51 -0.95 -30.45
CA ILE DA 46 -65.49 -1.18 -31.89
C ILE DA 46 -66.48 -0.22 -32.53
N GLU DA 47 -66.02 0.51 -33.54
CA GLU DA 47 -66.86 1.46 -34.27
C GLU DA 47 -67.15 0.85 -35.64
N ASN DA 48 -68.30 0.19 -35.76
CA ASN DA 48 -68.67 -0.47 -36.99
C ASN DA 48 -69.03 0.56 -38.05
N GLU DA 49 -69.38 0.06 -39.24
CA GLU DA 49 -69.78 0.95 -40.32
C GLU DA 49 -71.07 1.68 -39.99
N ASP DA 50 -72.03 0.99 -39.37
CA ASP DA 50 -73.29 1.60 -38.99
C ASP DA 50 -73.14 2.61 -37.86
N GLY DA 51 -71.97 2.67 -37.21
CA GLY DA 51 -71.75 3.57 -36.10
C GLY DA 51 -72.10 3.01 -34.74
N SER DA 52 -72.59 1.77 -34.66
CA SER DA 52 -72.99 1.17 -33.40
C SER DA 52 -71.75 0.79 -32.61
N HIS DA 53 -71.44 1.57 -31.57
CA HIS DA 53 -70.31 1.26 -30.72
C HIS DA 53 -70.59 0.03 -29.87
N VAL DA 54 -69.57 -0.81 -29.72
CA VAL DA 54 -69.70 -2.02 -28.90
C VAL DA 54 -68.38 -2.27 -28.20
N GLN DA 55 -68.45 -2.71 -26.95
CA GLN DA 55 -67.25 -3.00 -26.18
C GLN DA 55 -66.62 -4.30 -26.66
N ILE DA 56 -65.33 -4.45 -26.39
CA ILE DA 56 -64.55 -5.58 -26.87
C ILE DA 56 -63.78 -6.19 -25.72
N THR DA 57 -63.49 -7.48 -25.83
CA THR DA 57 -62.54 -8.10 -24.92
C THR DA 57 -61.20 -7.39 -25.04
N GLN DA 58 -60.56 -7.14 -23.90
CA GLN DA 58 -59.49 -6.15 -23.85
C GLN DA 58 -58.30 -6.48 -24.76
N PRO DA 59 -57.65 -7.64 -24.65
CA PRO DA 59 -56.38 -7.81 -25.36
C PRO DA 59 -56.57 -7.85 -26.87
N LEU DA 60 -56.19 -6.76 -27.53
CA LEU DA 60 -56.38 -6.66 -28.98
C LEU DA 60 -55.50 -7.66 -29.71
N ILE DA 61 -55.99 -8.14 -30.84
CA ILE DA 61 -55.31 -9.12 -31.66
C ILE DA 61 -54.89 -8.45 -32.96
N ILE DA 62 -53.72 -8.85 -33.47
CA ILE DA 62 -53.17 -8.30 -34.71
C ILE DA 62 -53.05 -9.44 -35.71
N ASN DA 63 -53.56 -9.23 -36.93
CA ASN DA 63 -53.39 -10.22 -37.98
C ASN DA 63 -51.96 -10.19 -38.52
N ALA DA 64 -51.73 -10.95 -39.59
CA ALA DA 64 -50.40 -11.00 -40.18
C ALA DA 64 -50.02 -9.72 -40.90
N ALA DA 65 -50.95 -8.77 -41.06
CA ALA DA 65 -50.68 -7.54 -41.80
C ALA DA 65 -50.64 -6.32 -40.88
N GLY DA 66 -50.46 -6.52 -39.59
CA GLY DA 66 -50.38 -5.41 -38.67
C GLY DA 66 -51.66 -4.61 -38.51
N LYS DA 67 -52.81 -5.27 -38.52
CA LYS DA 67 -54.11 -4.60 -38.41
C LYS DA 67 -54.95 -5.31 -37.37
N ILE DA 68 -55.69 -4.54 -36.57
CA ILE DA 68 -56.52 -5.12 -35.53
C ILE DA 68 -57.61 -5.97 -36.17
N VAL DA 69 -57.85 -7.15 -35.61
CA VAL DA 69 -58.88 -8.05 -36.09
C VAL DA 69 -59.71 -8.53 -34.91
N TYR DA 70 -61.03 -8.61 -35.10
CA TYR DA 70 -61.94 -9.21 -34.14
C TYR DA 70 -62.88 -10.14 -34.90
N ASN DA 71 -63.00 -11.38 -34.42
CA ASN DA 71 -63.82 -12.40 -35.08
C ASN DA 71 -63.42 -12.57 -36.55
N GLY DA 72 -62.12 -12.51 -36.81
CA GLY DA 72 -61.62 -12.68 -38.16
C GLY DA 72 -61.60 -11.41 -38.98
N GLN DA 73 -62.74 -10.75 -39.10
CA GLN DA 73 -62.84 -9.55 -39.93
C GLN DA 73 -62.12 -8.39 -39.28
N LEU DA 74 -61.54 -7.52 -40.10
CA LEU DA 74 -60.86 -6.33 -39.62
C LEU DA 74 -61.87 -5.38 -38.97
N VAL DA 75 -61.43 -4.70 -37.91
CA VAL DA 75 -62.29 -3.78 -37.16
C VAL DA 75 -61.52 -2.51 -36.87
N LYS DA 76 -62.27 -1.45 -36.57
CA LYS DA 76 -61.72 -0.16 -36.15
C LYS DA 76 -62.02 0.02 -34.66
N ILE DA 77 -60.98 0.20 -33.87
CA ILE DA 77 -61.09 0.27 -32.41
C ILE DA 77 -60.94 1.72 -31.99
N VAL DA 78 -61.81 2.17 -31.08
CA VAL DA 78 -61.78 3.55 -30.59
C VAL DA 78 -61.79 3.53 -29.07
N THR DA 79 -61.00 4.41 -28.47
CA THR DA 79 -60.90 4.55 -27.01
C THR DA 79 -61.73 5.76 -26.57
N VAL DA 80 -61.98 5.85 -25.27
CA VAL DA 80 -62.81 6.94 -24.75
C VAL DA 80 -62.00 8.23 -24.61
N GLN DA 81 -60.71 8.14 -24.30
CA GLN DA 81 -59.88 9.33 -24.13
C GLN DA 81 -58.42 8.92 -24.27
N GLY DA 82 -57.52 9.82 -23.87
CA GLY DA 82 -56.09 9.56 -24.04
C GLY DA 82 -55.66 8.30 -23.34
N HIS DA 83 -54.61 7.67 -23.88
CA HIS DA 83 -54.23 6.34 -23.43
C HIS DA 83 -52.75 6.09 -23.72
N SER DA 84 -52.23 5.06 -23.07
CA SER DA 84 -50.85 4.61 -23.27
C SER DA 84 -50.86 3.18 -23.78
N MET DA 85 -50.04 2.91 -24.80
CA MET DA 85 -50.02 1.62 -25.46
C MET DA 85 -48.74 0.86 -25.14
N ALA DA 86 -48.86 -0.46 -25.00
CA ALA DA 86 -47.71 -1.35 -24.90
C ALA DA 86 -47.92 -2.46 -25.93
N ILE DA 87 -47.23 -2.37 -27.05
CA ILE DA 87 -47.45 -3.28 -28.17
C ILE DA 87 -46.59 -4.52 -27.96
N TYR DA 88 -47.24 -5.67 -27.82
CA TYR DA 88 -46.57 -6.95 -27.62
C TYR DA 88 -46.67 -7.79 -28.87
N ASP DA 89 -45.54 -8.38 -29.27
CA ASP DA 89 -45.54 -9.29 -30.42
C ASP DA 89 -46.05 -10.66 -29.96
N ALA DA 90 -45.89 -11.67 -30.82
CA ALA DA 90 -46.47 -12.98 -30.54
C ALA DA 90 -45.87 -13.62 -29.30
N ASN DA 91 -44.55 -13.53 -29.14
CA ASN DA 91 -43.89 -14.23 -28.04
C ASN DA 91 -44.21 -13.58 -26.69
N GLY DA 92 -44.25 -12.26 -26.63
CA GLY DA 92 -44.45 -11.57 -25.37
C GLY DA 92 -43.48 -10.44 -25.16
N SER DA 93 -42.55 -10.28 -26.09
CA SER DA 93 -41.65 -9.14 -26.05
C SER DA 93 -42.36 -7.87 -26.49
N GLN DA 94 -41.86 -6.73 -26.03
CA GLN DA 94 -42.46 -5.45 -26.39
C GLN DA 94 -41.89 -4.95 -27.70
N VAL DA 95 -42.77 -4.65 -28.65
CA VAL DA 95 -42.35 -3.90 -29.83
C VAL DA 95 -41.93 -2.48 -29.44
N ASP DA 96 -42.77 -1.80 -28.65
CA ASP DA 96 -42.48 -0.48 -28.14
C ASP DA 96 -43.48 -0.12 -27.05
N TYR DA 97 -43.12 0.90 -26.27
CA TYR DA 97 -43.98 1.44 -25.22
C TYR DA 97 -44.05 2.95 -25.36
N ILE DA 98 -45.26 3.50 -25.24
CA ILE DA 98 -45.46 4.95 -25.31
C ILE DA 98 -46.43 5.35 -24.21
N ALA DA 99 -46.15 6.48 -23.56
CA ALA DA 99 -46.90 6.92 -22.39
C ALA DA 99 -48.12 7.75 -22.74
N ASN DA 100 -48.02 8.66 -23.70
CA ASN DA 100 -49.13 9.54 -24.04
C ASN DA 100 -49.29 9.61 -25.55
N VAL DA 101 -50.49 9.29 -26.04
CA VAL DA 101 -50.84 9.46 -27.45
C VAL DA 101 -52.25 10.03 -27.54
N LEU DA 102 -52.52 10.72 -28.65
CA LEU DA 102 -53.83 11.30 -28.92
C LEU DA 102 -53.98 11.49 -30.43
N LYS DA 103 -54.99 10.85 -31.01
CA LYS DA 103 -55.33 11.05 -32.42
C LYS DA 103 -56.85 10.98 -32.53
N TYR DA 104 -57.50 12.14 -32.47
CA TYR DA 104 -58.96 12.18 -32.57
C TYR DA 104 -59.41 11.67 -33.93
N ASP DA 105 -60.54 10.98 -33.94
CA ASP DA 105 -61.07 10.44 -35.18
C ASP DA 105 -61.45 11.57 -36.14
N PRO DA 106 -61.08 11.47 -37.42
CA PRO DA 106 -61.54 12.47 -38.39
C PRO DA 106 -62.97 12.26 -38.85
N ASP DA 107 -63.53 11.08 -38.61
CA ASP DA 107 -64.89 10.75 -39.00
C ASP DA 107 -65.88 11.27 -37.95
N GLN DA 108 -67.17 11.09 -38.25
CA GLN DA 108 -68.26 11.48 -37.36
C GLN DA 108 -68.16 12.94 -36.94
N TYR DA 109 -67.89 13.81 -37.92
CA TYR DA 109 -67.95 15.24 -37.63
C TYR DA 109 -69.38 15.72 -37.49
N SER DA 110 -70.33 15.07 -38.16
CA SER DA 110 -71.74 15.45 -38.00
C SER DA 110 -72.20 15.27 -36.57
N ILE DA 111 -71.80 14.18 -35.93
CA ILE DA 111 -72.17 13.93 -34.55
C ILE DA 111 -71.37 14.82 -33.62
N ALA EA 1 12.03 59.00 -59.15
CA ALA EA 1 11.69 58.46 -57.84
C ALA EA 1 10.25 58.80 -57.48
N ASN EA 2 9.33 58.45 -58.37
CA ASN EA 2 7.90 58.72 -58.18
C ASN EA 2 7.07 57.46 -58.04
N VAL EA 3 7.27 56.47 -58.90
CA VAL EA 3 6.51 55.22 -58.89
C VAL EA 3 7.47 54.07 -59.07
N VAL EA 4 7.33 53.03 -58.26
CA VAL EA 4 8.11 51.81 -58.38
C VAL EA 4 7.18 50.69 -58.82
N VAL EA 5 7.65 49.86 -59.76
CA VAL EA 5 6.84 48.76 -60.26
C VAL EA 5 6.70 47.71 -59.16
N SER EA 6 5.49 47.18 -59.02
CA SER EA 6 5.22 46.11 -58.06
C SER EA 6 3.99 45.36 -58.53
N ASN EA 7 4.00 44.05 -58.36
CA ASN EA 7 2.91 43.23 -58.85
C ASN EA 7 1.68 43.34 -57.95
N PRO EA 8 0.51 43.66 -58.48
CA PRO EA 8 -0.73 43.47 -57.72
C PRO EA 8 -1.12 42.00 -57.70
N ARG EA 9 -2.34 41.70 -57.25
CA ARG EA 9 -2.83 40.33 -57.18
C ARG EA 9 -1.95 39.49 -56.28
N PRO EA 10 -2.01 39.70 -54.96
CA PRO EA 10 -1.16 38.94 -54.05
C PRO EA 10 -1.45 37.44 -54.12
N ILE EA 11 -0.42 36.66 -53.87
CA ILE EA 11 -0.44 35.21 -54.09
C ILE EA 11 -0.57 34.51 -52.75
N PHE EA 12 -1.42 33.48 -52.69
CA PHE EA 12 -1.66 32.71 -51.48
C PHE EA 12 -1.14 31.29 -51.66
N THR EA 13 -0.43 30.79 -50.66
CA THR EA 13 0.13 29.45 -50.66
C THR EA 13 -0.27 28.74 -49.37
N GLU EA 14 0.23 27.52 -49.21
CA GLU EA 14 -0.05 26.75 -48.00
C GLU EA 14 0.90 27.21 -46.89
N SER EA 15 0.89 26.51 -45.76
CA SER EA 15 1.67 26.93 -44.61
C SER EA 15 2.96 26.16 -44.42
N ARG EA 16 3.04 24.91 -44.89
CA ARG EA 16 4.22 24.09 -44.75
C ARG EA 16 4.86 23.67 -46.06
N SER EA 17 4.17 23.83 -47.19
CA SER EA 17 4.71 23.51 -48.49
C SER EA 17 4.50 24.69 -49.43
N PHE EA 18 5.30 24.74 -50.49
CA PHE EA 18 5.25 25.87 -51.40
C PHE EA 18 4.10 25.82 -52.40
N LYS EA 19 3.32 24.74 -52.42
CA LYS EA 19 2.20 24.67 -53.34
C LYS EA 19 1.16 25.73 -52.97
N ALA EA 20 0.44 26.19 -53.98
CA ALA EA 20 -0.60 27.19 -53.78
C ALA EA 20 -1.92 26.51 -53.42
N VAL EA 21 -2.72 27.20 -52.61
CA VAL EA 21 -4.08 26.76 -52.35
C VAL EA 21 -4.83 26.72 -53.66
N ALA EA 22 -5.41 25.55 -53.97
CA ALA EA 22 -6.06 25.33 -55.25
C ALA EA 22 -7.56 25.21 -55.02
N ASN EA 23 -8.33 26.11 -55.64
CA ASN EA 23 -9.78 26.13 -55.51
C ASN EA 23 -10.21 26.19 -54.05
N GLY EA 24 -9.41 26.86 -53.22
CA GLY EA 24 -9.72 27.05 -51.82
C GLY EA 24 -10.69 28.19 -51.63
N LYS EA 25 -10.82 28.60 -50.37
CA LYS EA 25 -11.76 29.66 -50.00
C LYS EA 25 -11.11 30.55 -48.96
N ILE EA 26 -11.25 31.87 -49.13
CA ILE EA 26 -10.80 32.86 -48.16
C ILE EA 26 -12.03 33.52 -47.55
N TYR EA 27 -12.08 33.55 -46.23
CA TYR EA 27 -13.19 34.16 -45.50
C TYR EA 27 -12.68 35.36 -44.73
N ILE EA 28 -13.43 36.46 -44.81
CA ILE EA 28 -13.07 37.71 -44.14
C ILE EA 28 -14.08 37.96 -43.03
N GLY EA 29 -13.60 38.52 -41.92
CA GLY EA 29 -14.47 38.73 -40.78
C GLY EA 29 -13.90 39.74 -39.82
N GLN EA 30 -14.64 39.96 -38.74
CA GLN EA 30 -14.26 40.95 -37.74
C GLN EA 30 -12.94 40.58 -37.07
N ILE EA 31 -12.41 41.53 -36.30
CA ILE EA 31 -11.14 41.32 -35.62
C ILE EA 31 -11.29 40.24 -34.56
N ASP EA 32 -10.37 39.27 -34.57
CA ASP EA 32 -10.25 38.28 -33.51
C ASP EA 32 -11.56 37.51 -33.32
N THR EA 33 -12.01 36.88 -34.40
CA THR EA 33 -13.25 36.11 -34.34
C THR EA 33 -13.25 35.11 -35.48
N ASP EA 34 -14.26 34.24 -35.47
CA ASP EA 34 -14.42 33.19 -36.46
C ASP EA 34 -15.07 33.78 -37.70
N PRO EA 35 -14.35 33.96 -38.79
CA PRO EA 35 -14.94 34.60 -39.96
C PRO EA 35 -15.71 33.65 -40.86
N VAL EA 36 -16.53 32.80 -40.24
CA VAL EA 36 -17.49 31.99 -40.97
C VAL EA 36 -18.92 32.35 -40.60
N ASN EA 37 -19.13 32.98 -39.46
CA ASN EA 37 -20.46 33.39 -39.05
C ASN EA 37 -20.87 34.63 -39.84
N PRO EA 38 -22.02 34.62 -40.53
CA PRO EA 38 -22.50 35.87 -41.14
C PRO EA 38 -22.66 37.01 -40.14
N ALA EA 39 -22.85 36.70 -38.85
CA ALA EA 39 -22.83 37.73 -37.83
C ALA EA 39 -21.44 38.36 -37.72
N ASN EA 40 -20.39 37.54 -37.80
CA ASN EA 40 -19.02 38.02 -37.70
C ASN EA 40 -18.44 38.47 -39.04
N GLN EA 41 -19.26 38.52 -40.09
CA GLN EA 41 -18.72 38.79 -41.39
C GLN EA 41 -18.57 40.29 -41.64
N ILE EA 42 -17.72 40.62 -42.61
CA ILE EA 42 -17.46 42.00 -43.01
C ILE EA 42 -17.57 42.06 -44.53
N PRO EA 43 -18.21 43.09 -45.10
CA PRO EA 43 -18.31 43.17 -46.56
C PRO EA 43 -16.95 43.40 -47.20
N VAL EA 44 -16.75 42.78 -48.36
CA VAL EA 44 -15.54 42.96 -49.16
C VAL EA 44 -15.96 43.29 -50.58
N TYR EA 45 -15.24 44.22 -51.21
CA TYR EA 45 -15.61 44.76 -52.50
C TYR EA 45 -14.57 44.40 -53.55
N ILE EA 46 -14.94 44.61 -54.81
CA ILE EA 46 -14.04 44.46 -55.95
C ILE EA 46 -13.70 45.85 -56.47
N GLU EA 47 -12.41 46.12 -56.61
CA GLU EA 47 -11.93 47.41 -57.10
C GLU EA 47 -11.41 47.19 -58.52
N ASN EA 48 -12.26 47.49 -59.51
CA ASN EA 48 -11.90 47.29 -60.90
C ASN EA 48 -10.87 48.34 -61.34
N GLU EA 49 -10.48 48.26 -62.61
CA GLU EA 49 -9.53 49.22 -63.14
C GLU EA 49 -10.12 50.62 -63.17
N ASP EA 50 -11.41 50.75 -63.54
CA ASP EA 50 -12.06 52.04 -63.58
C ASP EA 50 -12.29 52.63 -62.19
N GLY EA 51 -12.08 51.85 -61.13
CA GLY EA 51 -12.31 52.32 -59.78
C GLY EA 51 -13.72 52.10 -59.26
N SER EA 52 -14.60 51.48 -60.04
CA SER EA 52 -15.98 51.27 -59.63
C SER EA 52 -16.03 50.13 -58.62
N HIS EA 53 -16.29 50.46 -57.36
CA HIS EA 53 -16.38 49.45 -56.32
C HIS EA 53 -17.71 48.70 -56.44
N VAL EA 54 -17.66 47.39 -56.22
CA VAL EA 54 -18.87 46.56 -56.29
C VAL EA 54 -18.76 45.47 -55.23
N GLN EA 55 -19.88 45.17 -54.59
CA GLN EA 55 -19.90 44.12 -53.58
C GLN EA 55 -19.87 42.75 -54.24
N ILE EA 56 -19.43 41.76 -53.47
CA ILE EA 56 -19.23 40.41 -53.97
C ILE EA 56 -19.88 39.42 -53.02
N THR EA 57 -20.28 38.27 -53.56
CA THR EA 57 -20.67 37.15 -52.72
C THR EA 57 -19.50 36.78 -51.82
N GLN EA 58 -19.80 36.45 -50.56
CA GLN EA 58 -18.77 36.40 -49.53
C GLN EA 58 -17.66 35.40 -49.84
N PRO EA 59 -17.91 34.09 -49.97
CA PRO EA 59 -16.78 33.15 -49.97
C PRO EA 59 -15.89 33.33 -51.18
N LEU EA 60 -14.70 33.87 -50.96
CA LEU EA 60 -13.78 34.15 -52.05
C LEU EA 60 -13.25 32.85 -52.63
N ILE EA 61 -12.97 32.86 -53.93
CA ILE EA 61 -12.48 31.70 -54.66
C ILE EA 61 -11.03 31.95 -55.05
N ILE EA 62 -10.23 30.89 -55.01
CA ILE EA 62 -8.82 30.95 -55.36
C ILE EA 62 -8.58 30.06 -56.57
N ASN EA 63 -7.93 30.60 -57.59
CA ASN EA 63 -7.57 29.78 -58.74
C ASN EA 63 -6.37 28.90 -58.40
N ALA EA 64 -5.85 28.21 -59.42
CA ALA EA 64 -4.76 27.27 -59.20
C ALA EA 64 -3.42 27.95 -58.92
N ALA EA 65 -3.34 29.28 -59.04
CA ALA EA 65 -2.11 30.01 -58.81
C ALA EA 65 -2.14 30.84 -57.54
N GLY EA 66 -3.08 30.54 -56.64
CA GLY EA 66 -3.17 31.27 -55.38
C GLY EA 66 -3.57 32.72 -55.51
N LYS EA 67 -4.48 33.04 -56.43
CA LYS EA 67 -4.92 34.40 -56.65
C LYS EA 67 -6.44 34.44 -56.68
N ILE EA 68 -7.03 35.48 -56.07
CA ILE EA 68 -8.49 35.58 -56.04
C ILE EA 68 -9.02 35.72 -57.44
N VAL EA 69 -10.07 34.96 -57.75
CA VAL EA 69 -10.74 35.04 -59.04
C VAL EA 69 -12.23 35.16 -58.84
N TYR EA 70 -12.86 36.02 -59.63
CA TYR EA 70 -14.31 36.16 -59.66
C TYR EA 70 -14.76 36.23 -61.11
N ASN EA 71 -15.70 35.37 -61.48
CA ASN EA 71 -16.16 35.25 -62.86
C ASN EA 71 -14.99 34.94 -63.81
N GLY EA 72 -14.07 34.10 -63.34
CA GLY EA 72 -12.95 33.71 -64.16
C GLY EA 72 -11.76 34.64 -64.09
N GLN EA 73 -11.97 35.90 -64.44
CA GLN EA 73 -10.88 36.87 -64.47
C GLN EA 73 -10.39 37.19 -63.05
N LEU EA 74 -9.09 37.45 -62.94
CA LEU EA 74 -8.51 37.83 -61.67
C LEU EA 74 -9.05 39.19 -61.23
N VAL EA 75 -9.23 39.35 -59.92
CA VAL EA 75 -9.79 40.58 -59.36
C VAL EA 75 -8.99 41.01 -58.14
N LYS EA 76 -9.13 42.28 -57.79
CA LYS EA 76 -8.52 42.85 -56.59
C LYS EA 76 -9.63 43.13 -55.58
N ILE EA 77 -9.55 42.49 -54.42
CA ILE EA 77 -10.59 42.59 -53.40
C ILE EA 77 -10.13 43.54 -52.30
N VAL EA 78 -11.00 44.45 -51.90
CA VAL EA 78 -10.70 45.44 -50.87
C VAL EA 78 -11.79 45.39 -49.81
N THR EA 79 -11.40 45.47 -48.54
CA THR EA 79 -12.31 45.46 -47.41
C THR EA 79 -12.52 46.88 -46.91
N VAL EA 80 -13.56 47.08 -46.09
CA VAL EA 80 -13.86 48.41 -45.58
C VAL EA 80 -12.88 48.83 -44.49
N GLN EA 81 -12.41 47.89 -43.67
CA GLN EA 81 -11.50 48.19 -42.58
C GLN EA 81 -10.78 46.91 -42.17
N GLY EA 82 -10.13 46.95 -41.00
CA GLY EA 82 -9.36 45.81 -40.57
C GLY EA 82 -10.20 44.56 -40.44
N HIS EA 83 -9.55 43.41 -40.60
CA HIS EA 83 -10.28 42.15 -40.70
C HIS EA 83 -9.40 40.99 -40.28
N SER EA 84 -10.05 39.84 -40.03
CA SER EA 84 -9.38 38.60 -39.71
C SER EA 84 -9.69 37.57 -40.79
N MET EA 85 -8.66 36.87 -41.26
CA MET EA 85 -8.78 35.96 -42.39
C MET EA 85 -8.63 34.52 -41.94
N ALA EA 86 -9.44 33.62 -42.50
CA ALA EA 86 -9.32 32.18 -42.29
C ALA EA 86 -9.28 31.50 -43.65
N ILE EA 87 -8.10 31.08 -44.08
CA ILE EA 87 -7.89 30.55 -45.42
C ILE EA 87 -8.13 29.05 -45.40
N TYR EA 88 -9.09 28.59 -46.19
CA TYR EA 88 -9.37 27.17 -46.36
C TYR EA 88 -8.92 26.71 -47.74
N ASP EA 89 -8.35 25.52 -47.82
CA ASP EA 89 -8.04 24.93 -49.11
C ASP EA 89 -9.29 24.24 -49.66
N ALA EA 90 -9.12 23.42 -50.72
CA ALA EA 90 -10.27 22.90 -51.44
C ALA EA 90 -11.14 22.00 -50.56
N ASN EA 91 -10.52 21.10 -49.79
CA ASN EA 91 -11.29 20.13 -49.01
C ASN EA 91 -12.08 20.80 -47.90
N GLY EA 92 -11.48 21.78 -47.23
CA GLY EA 92 -12.10 22.38 -46.08
C GLY EA 92 -11.14 22.44 -44.91
N SER EA 93 -9.94 21.90 -45.11
CA SER EA 93 -8.92 21.97 -44.08
C SER EA 93 -8.40 23.40 -43.95
N GLN EA 94 -8.01 23.75 -42.73
CA GLN EA 94 -7.66 25.12 -42.40
C GLN EA 94 -6.19 25.35 -42.71
N VAL EA 95 -5.91 26.24 -43.66
CA VAL EA 95 -4.53 26.56 -43.99
C VAL EA 95 -3.88 27.35 -42.86
N ASP EA 96 -4.55 28.43 -42.42
CA ASP EA 96 -4.05 29.23 -41.30
C ASP EA 96 -5.13 30.21 -40.85
N TYR EA 97 -4.95 30.73 -39.64
CA TYR EA 97 -5.86 31.69 -39.04
C TYR EA 97 -5.07 32.87 -38.48
N ILE EA 98 -5.66 34.06 -38.58
CA ILE EA 98 -5.06 35.27 -38.04
C ILE EA 98 -6.16 36.11 -37.41
N ALA EA 99 -5.80 36.85 -36.36
CA ALA EA 99 -6.75 37.72 -35.68
C ALA EA 99 -6.82 39.12 -36.28
N ASN EA 100 -5.66 39.75 -36.51
CA ASN EA 100 -5.63 41.14 -36.98
C ASN EA 100 -4.63 41.28 -38.12
N VAL EA 101 -5.09 41.88 -39.23
CA VAL EA 101 -4.22 42.25 -40.34
C VAL EA 101 -4.63 43.63 -40.84
N LEU EA 102 -3.68 44.32 -41.47
CA LEU EA 102 -3.92 45.65 -42.04
C LEU EA 102 -2.89 45.90 -43.12
N LYS EA 103 -3.36 46.21 -44.34
CA LYS EA 103 -2.48 46.65 -45.41
C LYS EA 103 -3.26 47.65 -46.26
N TYR EA 104 -3.08 48.93 -45.98
CA TYR EA 104 -3.77 49.97 -46.73
C TYR EA 104 -3.35 49.94 -48.19
N ASP EA 105 -4.30 50.15 -49.08
CA ASP EA 105 -4.00 50.14 -50.51
C ASP EA 105 -3.06 51.29 -50.87
N PRO EA 106 -1.98 51.03 -51.60
CA PRO EA 106 -1.12 52.14 -52.06
C PRO EA 106 -1.70 52.94 -53.20
N ASP EA 107 -2.74 52.44 -53.85
CA ASP EA 107 -3.37 53.11 -54.98
C ASP EA 107 -4.37 54.16 -54.50
N GLN EA 108 -4.91 54.91 -55.46
CA GLN EA 108 -5.95 55.92 -55.21
C GLN EA 108 -5.52 56.92 -54.14
N TYR EA 109 -4.30 57.43 -54.26
CA TYR EA 109 -3.90 58.51 -53.36
C TYR EA 109 -4.52 59.84 -53.76
N SER EA 110 -4.84 60.02 -55.05
CA SER EA 110 -5.52 61.24 -55.47
C SER EA 110 -6.86 61.39 -54.75
N ILE EA 111 -7.54 60.29 -54.49
CA ILE EA 111 -8.79 60.32 -53.74
C ILE EA 111 -8.49 60.43 -52.26
N ALA FA 1 61.05 0.81 35.18
CA ALA FA 1 62.08 0.57 36.20
C ALA FA 1 61.80 -0.70 36.97
N ASN FA 2 60.54 -0.88 37.39
CA ASN FA 2 60.16 -2.03 38.21
C ASN FA 2 58.95 -2.76 37.65
N VAL FA 3 58.71 -2.64 36.35
CA VAL FA 3 57.68 -3.44 35.68
C VAL FA 3 58.27 -3.96 34.36
N VAL FA 4 58.02 -5.23 34.08
CA VAL FA 4 58.53 -5.89 32.89
C VAL FA 4 57.48 -5.85 31.80
N VAL FA 5 57.90 -5.48 30.59
CA VAL FA 5 57.05 -5.67 29.42
C VAL FA 5 57.17 -7.14 29.00
N SER FA 6 56.05 -7.84 29.04
CA SER FA 6 56.05 -9.30 28.89
C SER FA 6 54.91 -9.74 27.99
N ASN FA 7 54.84 -11.04 27.78
CA ASN FA 7 53.70 -11.64 27.10
C ASN FA 7 52.46 -11.37 27.93
N PRO FA 8 51.53 -10.54 27.45
CA PRO FA 8 50.40 -10.16 28.31
C PRO FA 8 49.40 -11.28 28.47
N ARG FA 9 49.14 -12.04 27.41
CA ARG FA 9 48.20 -13.14 27.46
C ARG FA 9 48.97 -14.44 27.64
N PRO FA 10 48.71 -15.20 28.70
CA PRO FA 10 49.55 -16.36 29.00
C PRO FA 10 49.41 -17.46 27.96
N ILE FA 11 50.46 -18.26 27.86
CA ILE FA 11 50.54 -19.39 26.93
C ILE FA 11 50.42 -20.67 27.73
N PHE FA 12 49.43 -21.49 27.40
CA PHE FA 12 49.26 -22.82 27.99
C PHE FA 12 49.57 -23.85 26.92
N THR FA 13 50.74 -24.47 27.03
CA THR FA 13 51.14 -25.55 26.16
C THR FA 13 50.89 -26.89 26.86
N GLU FA 14 51.16 -27.97 26.14
CA GLU FA 14 50.99 -29.30 26.70
C GLU FA 14 52.30 -29.82 27.28
N SER FA 15 52.18 -30.75 28.23
CA SER FA 15 53.35 -31.23 28.94
C SER FA 15 54.19 -32.17 28.09
N ARG FA 16 53.54 -33.04 27.31
CA ARG FA 16 54.27 -34.08 26.59
C ARG FA 16 54.67 -33.68 25.18
N SER FA 17 54.21 -32.54 24.68
CA SER FA 17 54.58 -32.09 23.35
C SER FA 17 54.45 -30.58 23.28
N PHE FA 18 55.18 -29.99 22.32
CA PHE FA 18 55.22 -28.53 22.17
C PHE FA 18 54.09 -28.12 21.25
N LYS FA 19 52.87 -28.14 21.80
CA LYS FA 19 51.67 -27.74 21.10
C LYS FA 19 50.71 -27.12 22.09
N ALA FA 20 49.93 -26.16 21.62
CA ALA FA 20 48.93 -25.54 22.47
C ALA FA 20 47.76 -26.50 22.68
N VAL FA 21 47.19 -26.45 23.88
CA VAL FA 21 46.09 -27.33 24.22
C VAL FA 21 44.78 -26.76 23.69
N ALA FA 22 44.45 -27.09 22.45
CA ALA FA 22 43.22 -26.61 21.84
C ALA FA 22 42.01 -27.13 22.61
N ASN FA 23 41.07 -26.24 22.87
CA ASN FA 23 39.84 -26.55 23.61
C ASN FA 23 40.18 -27.16 24.97
N GLY FA 24 41.26 -26.69 25.58
CA GLY FA 24 41.60 -27.13 26.91
C GLY FA 24 40.72 -26.50 27.96
N LYS FA 25 40.86 -27.00 29.19
CA LYS FA 25 40.09 -26.51 30.32
C LYS FA 25 41.02 -26.18 31.47
N ILE FA 26 40.87 -24.99 32.05
CA ILE FA 26 41.54 -24.59 33.27
C ILE FA 26 40.51 -24.33 34.35
N TYR FA 27 40.72 -24.93 35.52
CA TYR FA 27 39.89 -24.69 36.69
C TYR FA 27 40.75 -24.03 37.76
N ILE FA 28 40.16 -23.08 38.47
CA ILE FA 28 40.86 -22.29 39.47
C ILE FA 28 40.15 -22.45 40.80
N GLY FA 29 40.90 -22.84 41.83
CA GLY FA 29 40.32 -23.11 43.12
C GLY FA 29 41.20 -22.73 44.31
N GLN FA 30 40.79 -23.13 45.50
CA GLN FA 30 41.48 -22.77 46.72
C GLN FA 30 42.85 -23.44 46.79
N ILE FA 31 43.69 -22.93 47.70
CA ILE FA 31 45.08 -23.37 47.79
C ILE FA 31 45.14 -24.83 48.23
N ASP FA 32 45.98 -25.61 47.55
CA ASP FA 32 46.26 -27.00 47.91
C ASP FA 32 44.98 -27.84 47.96
N THR FA 33 44.06 -27.55 47.05
CA THR FA 33 42.80 -28.28 46.96
C THR FA 33 42.47 -28.55 45.51
N ASP FA 34 41.68 -29.60 45.29
CA ASP FA 34 41.29 -29.97 43.93
C ASP FA 34 40.29 -28.94 43.40
N PRO FA 35 40.60 -28.25 42.30
CA PRO FA 35 39.70 -27.20 41.79
C PRO FA 35 38.58 -27.71 40.89
N VAL FA 36 38.54 -29.00 40.57
CA VAL FA 36 37.44 -29.53 39.77
C VAL FA 36 36.13 -29.48 40.55
N ASN FA 37 36.20 -29.72 41.86
CA ASN FA 37 35.01 -29.67 42.69
C ASN FA 37 34.43 -28.25 42.66
N PRO FA 38 33.16 -28.08 42.31
CA PRO FA 38 32.59 -26.73 42.25
C PRO FA 38 32.67 -25.96 43.56
N ALA FA 39 32.60 -26.65 44.70
CA ALA FA 39 32.73 -25.95 45.98
C ALA FA 39 34.11 -25.32 46.13
N ASN FA 40 35.15 -26.02 45.68
CA ASN FA 40 36.52 -25.52 45.82
C ASN FA 40 36.80 -24.35 44.89
N GLN FA 41 35.99 -24.17 43.84
CA GLN FA 41 36.24 -23.14 42.84
C GLN FA 41 36.11 -21.75 43.46
N ILE FA 42 37.04 -20.86 43.10
CA ILE FA 42 37.06 -19.50 43.61
C ILE FA 42 36.59 -18.56 42.50
N PRO FA 43 36.20 -17.32 42.82
CA PRO FA 43 35.78 -16.39 41.77
C PRO FA 43 36.87 -16.13 40.74
N VAL FA 44 36.46 -16.04 39.48
CA VAL FA 44 37.36 -15.78 38.36
C VAL FA 44 36.75 -14.66 37.52
N TYR FA 45 37.55 -13.65 37.19
CA TYR FA 45 37.05 -12.39 36.68
C TYR FA 45 37.68 -12.06 35.33
N ILE FA 46 36.89 -11.46 34.43
CA ILE FA 46 37.40 -10.87 33.20
C ILE FA 46 37.60 -9.39 33.43
N GLU FA 47 38.64 -8.82 32.83
CA GLU FA 47 38.93 -7.39 32.92
C GLU FA 47 38.80 -6.83 31.51
N ASN FA 48 37.59 -6.40 31.16
CA ASN FA 48 37.35 -5.83 29.84
C ASN FA 48 37.91 -4.41 29.76
N GLU FA 49 37.68 -3.77 28.62
CA GLU FA 49 38.27 -2.46 28.35
C GLU FA 49 37.76 -1.39 29.29
N ASP FA 50 36.53 -1.53 29.79
CA ASP FA 50 35.94 -0.52 30.65
C ASP FA 50 36.48 -0.55 32.07
N GLY FA 51 37.38 -1.47 32.38
CA GLY FA 51 37.87 -1.63 33.73
C GLY FA 51 36.95 -2.42 34.65
N SER FA 52 35.82 -2.91 34.14
CA SER FA 52 34.91 -3.70 34.94
C SER FA 52 35.48 -5.10 35.16
N HIS FA 53 34.88 -5.81 36.12
CA HIS FA 53 35.21 -7.21 36.39
C HIS FA 53 33.92 -8.00 36.33
N VAL FA 54 33.69 -8.69 35.22
CA VAL FA 54 32.52 -9.55 35.04
C VAL FA 54 32.97 -10.99 35.22
N GLN FA 55 32.32 -11.70 36.14
CA GLN FA 55 32.72 -13.05 36.47
C GLN FA 55 32.10 -14.04 35.49
N ILE FA 56 32.87 -15.07 35.13
CA ILE FA 56 32.45 -16.05 34.14
C ILE FA 56 32.60 -17.44 34.72
N THR FA 57 31.99 -18.41 34.03
CA THR FA 57 31.99 -19.79 34.49
C THR FA 57 33.43 -20.31 34.58
N GLN FA 58 33.65 -21.18 35.57
CA GLN FA 58 34.98 -21.63 35.94
C GLN FA 58 35.71 -22.39 34.84
N PRO FA 59 35.06 -23.30 34.09
CA PRO FA 59 35.80 -24.02 33.05
C PRO FA 59 36.22 -23.12 31.91
N LEU FA 60 37.22 -22.27 32.16
CA LEU FA 60 37.75 -21.39 31.13
C LEU FA 60 38.31 -22.20 29.97
N ILE FA 61 38.10 -21.70 28.76
CA ILE FA 61 38.46 -22.42 27.54
C ILE FA 61 39.80 -21.91 27.03
N ILE FA 62 40.55 -22.79 26.37
CA ILE FA 62 41.84 -22.47 25.78
C ILE FA 62 41.77 -22.72 24.28
N ASN FA 63 42.16 -21.71 23.49
CA ASN FA 63 42.06 -21.82 22.04
C ASN FA 63 43.24 -22.63 21.49
N ALA FA 64 43.41 -22.59 20.17
CA ALA FA 64 44.48 -23.32 19.51
C ALA FA 64 45.81 -22.62 19.55
N ALA FA 65 45.90 -21.48 20.23
CA ALA FA 65 47.16 -20.77 20.39
C ALA FA 65 47.63 -20.71 21.84
N GLY FA 66 46.93 -21.38 22.76
CA GLY FA 66 47.33 -21.44 24.14
C GLY FA 66 46.75 -20.37 25.04
N LYS FA 67 46.15 -19.33 24.48
CA LYS FA 67 45.58 -18.26 25.30
C LYS FA 67 44.24 -18.71 25.89
N ILE FA 68 43.72 -17.88 26.79
CA ILE FA 68 42.38 -18.09 27.35
C ILE FA 68 41.39 -17.30 26.51
N VAL FA 69 40.34 -17.98 26.05
CA VAL FA 69 39.37 -17.37 25.15
C VAL FA 69 37.97 -17.59 25.73
N TYR FA 70 37.21 -16.50 25.83
CA TYR FA 70 35.83 -16.53 26.27
C TYR FA 70 34.96 -17.02 25.10
N ASN FA 71 33.64 -17.00 25.28
CA ASN FA 71 32.68 -17.35 24.25
C ASN FA 71 33.06 -16.78 22.90
N GLY FA 72 33.63 -15.59 22.90
CA GLY FA 72 34.11 -14.97 21.68
C GLY FA 72 35.61 -15.09 21.53
N GLN FA 73 36.32 -14.03 21.92
CA GLN FA 73 37.75 -13.91 21.67
C GLN FA 73 38.54 -13.63 22.94
N LEU FA 74 39.81 -13.26 22.75
CA LEU FA 74 40.76 -13.14 23.85
C LEU FA 74 40.25 -12.20 24.94
N VAL FA 75 40.49 -12.58 26.19
CA VAL FA 75 40.12 -11.78 27.35
C VAL FA 75 41.26 -11.80 28.35
N LYS FA 76 41.22 -10.83 29.27
CA LYS FA 76 42.23 -10.70 30.32
C LYS FA 76 41.63 -11.23 31.62
N ILE FA 77 41.80 -12.53 31.85
CA ILE FA 77 41.27 -13.14 33.06
C ILE FA 77 42.01 -12.62 34.29
N VAL FA 78 41.27 -12.49 35.39
CA VAL FA 78 41.82 -11.96 36.64
C VAL FA 78 41.28 -12.78 37.80
N THR FA 79 42.17 -13.19 38.70
CA THR FA 79 41.83 -13.84 39.97
C THR FA 79 42.41 -13.00 41.11
N VAL FA 80 42.35 -13.52 42.33
CA VAL FA 80 42.66 -12.63 43.45
C VAL FA 80 44.15 -12.59 43.77
N GLN FA 81 44.70 -13.61 44.45
CA GLN FA 81 46.14 -13.81 44.46
C GLN FA 81 46.49 -15.29 44.43
N GLY FA 82 45.78 -16.06 45.25
CA GLY FA 82 46.06 -17.46 45.49
C GLY FA 82 45.25 -18.40 44.61
N HIS FA 83 45.56 -18.46 43.33
CA HIS FA 83 44.80 -19.29 42.41
C HIS FA 83 45.54 -20.59 42.14
N SER FA 84 44.85 -21.71 42.34
CA SER FA 84 45.34 -23.00 41.91
C SER FA 84 44.98 -23.21 40.44
N MET FA 85 45.64 -24.17 39.81
CA MET FA 85 45.45 -24.42 38.39
C MET FA 85 45.28 -25.91 38.14
N ALA FA 86 44.55 -26.22 37.06
CA ALA FA 86 44.43 -27.60 36.61
C ALA FA 86 44.07 -27.57 35.13
N ILE FA 87 45.09 -27.75 34.28
CA ILE FA 87 44.84 -27.87 32.84
C ILE FA 87 44.27 -29.25 32.54
N TYR FA 88 43.12 -29.28 31.88
CA TYR FA 88 42.57 -30.50 31.30
C TYR FA 88 42.38 -30.29 29.81
N ASP FA 89 42.92 -31.21 29.01
CA ASP FA 89 42.75 -31.16 27.57
C ASP FA 89 41.35 -31.69 27.23
N ALA FA 90 40.90 -31.39 26.02
CA ALA FA 90 39.55 -31.73 25.61
C ALA FA 90 39.27 -33.22 25.73
N ASN FA 91 40.29 -34.06 25.50
CA ASN FA 91 40.11 -35.50 25.63
C ASN FA 91 39.77 -35.90 27.06
N GLY FA 92 40.18 -35.11 28.04
CA GLY FA 92 39.87 -35.38 29.43
C GLY FA 92 41.06 -35.71 30.31
N SER FA 93 42.27 -35.71 29.77
CA SER FA 93 43.46 -36.02 30.55
C SER FA 93 43.85 -34.82 31.41
N GLN FA 94 45.00 -34.91 32.06
CA GLN FA 94 45.52 -33.84 32.91
C GLN FA 94 46.88 -33.40 32.38
N VAL FA 95 47.17 -32.10 32.49
CA VAL FA 95 48.45 -31.56 32.09
C VAL FA 95 49.20 -30.96 33.28
N ASP FA 96 48.54 -30.14 34.09
CA ASP FA 96 49.14 -29.55 35.27
C ASP FA 96 48.16 -29.60 36.43
N TYR FA 97 48.70 -29.67 37.64
CA TYR FA 97 47.94 -29.52 38.87
C TYR FA 97 48.72 -28.56 39.78
N ILE FA 98 49.07 -27.40 39.24
CA ILE FA 98 49.79 -26.40 40.01
C ILE FA 98 48.96 -26.03 41.22
N ALA FA 99 49.46 -26.35 42.41
CA ALA FA 99 48.66 -26.17 43.63
C ALA FA 99 48.69 -24.71 44.08
N ASN FA 100 49.87 -24.15 44.24
CA ASN FA 100 50.04 -22.77 44.69
C ASN FA 100 50.86 -22.01 43.65
N VAL FA 101 50.17 -21.22 42.83
CA VAL FA 101 50.86 -20.42 41.81
C VAL FA 101 51.77 -19.40 42.49
N LEU FA 102 51.34 -18.87 43.63
CA LEU FA 102 52.17 -17.92 44.37
C LEU FA 102 53.52 -18.53 44.76
N LYS FA 103 53.58 -19.85 44.94
CA LYS FA 103 54.84 -20.54 45.18
C LYS FA 103 55.60 -20.87 43.90
N TYR FA 104 55.25 -20.22 42.79
CA TYR FA 104 56.04 -20.31 41.56
C TYR FA 104 56.73 -19.00 41.23
N ASP FA 105 56.60 -17.99 42.07
CA ASP FA 105 57.29 -16.72 41.83
C ASP FA 105 58.80 -16.94 41.85
N PRO FA 106 59.54 -16.36 40.91
CA PRO FA 106 60.98 -16.60 40.85
C PRO FA 106 61.73 -16.18 42.10
N ASP FA 107 61.14 -15.32 42.92
CA ASP FA 107 61.75 -14.87 44.17
C ASP FA 107 60.79 -15.21 45.31
N GLN FA 108 61.03 -16.31 45.99
CA GLN FA 108 60.21 -16.70 47.13
C GLN FA 108 60.75 -16.18 48.46
N TYR FA 109 61.92 -15.52 48.45
CA TYR FA 109 62.38 -14.86 49.66
C TYR FA 109 61.53 -13.64 49.98
N SER FA 110 60.94 -13.02 48.95
CA SER FA 110 60.06 -11.88 49.17
C SER FA 110 58.84 -12.27 49.99
N ILE FA 111 58.27 -13.43 49.69
CA ILE FA 111 57.07 -13.89 50.37
C ILE FA 111 57.42 -14.32 51.80
N ALA GA 1 9.29 -41.80 56.01
CA ALA GA 1 9.04 -42.69 57.15
C ALA GA 1 7.75 -43.47 56.94
N ASN GA 2 6.69 -42.78 56.50
CA ASN GA 2 5.38 -43.40 56.31
C ASN GA 2 4.76 -43.06 54.96
N VAL GA 3 5.58 -42.79 53.96
CA VAL GA 3 5.11 -42.64 52.59
C VAL GA 3 6.10 -43.35 51.67
N VAL GA 4 5.57 -44.08 50.70
CA VAL GA 4 6.38 -44.88 49.78
C VAL GA 4 6.54 -44.14 48.47
N VAL GA 5 7.76 -44.11 47.94
CA VAL GA 5 7.98 -43.70 46.56
C VAL GA 5 7.63 -44.89 45.68
N SER GA 6 6.68 -44.68 44.77
CA SER GA 6 6.10 -45.77 44.01
C SER GA 6 5.89 -45.32 42.57
N ASN GA 7 5.35 -46.22 41.76
CA ASN GA 7 4.95 -45.85 40.41
C ASN GA 7 3.81 -44.85 40.54
N PRO GA 8 4.05 -43.57 40.21
CA PRO GA 8 3.00 -42.57 40.45
C PRO GA 8 1.85 -42.69 39.49
N ARG GA 9 2.12 -42.95 38.21
CA ARG GA 9 1.07 -43.17 37.23
C ARG GA 9 0.73 -44.64 37.15
N PRO GA 10 -0.51 -45.04 37.40
CA PRO GA 10 -0.83 -46.47 37.47
C PRO GA 10 -0.71 -47.15 36.12
N ILE GA 11 -0.44 -48.46 36.18
CA ILE GA 11 -0.30 -49.30 35.00
C ILE GA 11 -1.52 -50.20 34.90
N PHE GA 12 -2.22 -50.11 33.77
CA PHE GA 12 -3.35 -50.99 33.48
C PHE GA 12 -2.95 -51.94 32.35
N THR GA 13 -2.68 -53.19 32.71
CA THR GA 13 -2.40 -54.23 31.73
C THR GA 13 -3.64 -55.08 31.52
N GLU GA 14 -3.55 -55.99 30.56
CA GLU GA 14 -4.66 -56.87 30.23
C GLU GA 14 -4.56 -58.17 31.01
N SER GA 15 -5.72 -58.80 31.22
CA SER GA 15 -5.79 -59.98 32.08
C SER GA 15 -5.18 -61.21 31.39
N ARG GA 16 -5.48 -61.41 30.11
CA ARG GA 16 -5.11 -62.63 29.43
C ARG GA 16 -3.72 -62.57 28.79
N SER GA 17 -3.09 -61.41 28.74
CA SER GA 17 -1.76 -61.29 28.17
C SER GA 17 -1.04 -60.12 28.82
N PHE GA 18 0.29 -60.17 28.78
CA PHE GA 18 1.12 -59.16 29.45
C PHE GA 18 1.38 -58.01 28.48
N LYS GA 19 0.33 -57.21 28.27
CA LYS GA 19 0.39 -56.07 27.37
C LYS GA 19 -0.51 -54.97 27.93
N ALA GA 20 -0.18 -53.73 27.60
CA ALA GA 20 -1.01 -52.60 28.00
C ALA GA 20 -2.23 -52.50 27.11
N VAL GA 21 -3.35 -52.10 27.71
CA VAL GA 21 -4.61 -52.02 26.97
C VAL GA 21 -4.68 -50.69 26.23
N ALA GA 22 -4.16 -50.67 25.01
CA ALA GA 22 -4.25 -49.46 24.19
C ALA GA 22 -5.70 -49.15 23.89
N ASN GA 23 -6.06 -47.87 24.01
CA ASN GA 23 -7.43 -47.42 23.81
C ASN GA 23 -8.40 -48.16 24.72
N GLY GA 24 -7.95 -48.45 25.94
CA GLY GA 24 -8.86 -48.99 26.92
C GLY GA 24 -9.83 -47.94 27.41
N LYS GA 25 -10.88 -48.40 28.07
CA LYS GA 25 -11.85 -47.52 28.68
C LYS GA 25 -12.05 -47.91 30.13
N ILE GA 26 -11.95 -46.94 31.02
CA ILE GA 26 -12.18 -47.15 32.45
C ILE GA 26 -13.36 -46.30 32.88
N TYR GA 27 -14.33 -46.95 33.53
CA TYR GA 27 -15.47 -46.27 34.13
C TYR GA 27 -15.40 -46.44 35.64
N ILE GA 28 -15.71 -45.36 36.35
CA ILE GA 28 -15.61 -45.33 37.81
C ILE GA 28 -16.98 -44.97 38.38
N GLY GA 29 -17.49 -45.83 39.26
CA GLY GA 29 -18.83 -45.64 39.79
C GLY GA 29 -18.98 -45.97 41.25
N GLN GA 30 -20.22 -46.01 41.72
CA GLN GA 30 -20.50 -46.23 43.14
C GLN GA 30 -20.13 -47.65 43.54
N ILE GA 31 -20.09 -47.88 44.86
CA ILE GA 31 -19.70 -49.17 45.40
C ILE GA 31 -20.69 -50.24 44.98
N ASP GA 32 -20.14 -51.37 44.50
CA ASP GA 32 -20.93 -52.57 44.18
C ASP GA 32 -22.06 -52.27 43.20
N THR GA 33 -21.77 -51.41 42.22
CA THR GA 33 -22.72 -51.12 41.15
C THR GA 33 -21.94 -51.04 39.84
N ASP GA 34 -22.61 -51.36 38.75
CA ASP GA 34 -21.99 -51.29 37.44
C ASP GA 34 -21.72 -49.83 37.06
N PRO GA 35 -20.48 -49.46 36.76
CA PRO GA 35 -20.17 -48.06 36.44
C PRO GA 35 -20.40 -47.67 34.99
N VAL GA 36 -20.80 -48.60 34.12
CA VAL GA 36 -21.11 -48.25 32.75
C VAL GA 36 -22.35 -47.37 32.69
N ASN GA 37 -23.34 -47.65 33.54
CA ASN GA 37 -24.53 -46.84 33.60
C ASN GA 37 -24.17 -45.42 34.02
N PRO GA 38 -24.54 -44.39 33.25
CA PRO GA 38 -24.19 -43.02 33.63
C PRO GA 38 -24.73 -42.61 35.00
N ALA GA 39 -25.83 -43.21 35.45
CA ALA GA 39 -26.35 -42.87 36.77
C ALA GA 39 -25.37 -43.25 37.87
N ASN GA 40 -24.74 -44.42 37.75
CA ASN GA 40 -23.83 -44.88 38.79
C ASN GA 40 -22.48 -44.17 38.76
N GLN GA 41 -22.18 -43.46 37.67
CA GLN GA 41 -20.87 -42.82 37.54
C GLN GA 41 -20.68 -41.74 38.60
N ILE GA 42 -19.50 -41.73 39.21
CA ILE GA 42 -19.21 -40.80 40.30
C ILE GA 42 -18.24 -39.73 39.79
N PRO GA 43 -18.04 -38.63 40.51
CA PRO GA 43 -17.09 -37.61 40.06
C PRO GA 43 -15.68 -38.15 39.91
N VAL GA 44 -15.00 -37.70 38.86
CA VAL GA 44 -13.62 -38.06 38.58
C VAL GA 44 -12.86 -36.80 38.19
N TYR GA 45 -11.72 -36.55 38.85
CA TYR GA 45 -11.03 -35.28 38.77
C TYR GA 45 -9.61 -35.44 38.27
N ILE GA 46 -9.14 -34.47 37.48
CA ILE GA 46 -7.75 -34.33 37.13
C ILE GA 46 -7.11 -33.34 38.09
N GLU GA 47 -5.86 -33.59 38.46
CA GLU GA 47 -5.11 -32.71 39.36
C GLU GA 47 -3.91 -32.16 38.60
N ASN GA 48 -4.12 -31.06 37.88
CA ASN GA 48 -3.05 -30.45 37.11
C ASN GA 48 -2.06 -29.74 38.04
N GLU GA 49 -1.06 -29.09 37.43
CA GLU GA 49 0.04 -28.51 38.19
C GLU GA 49 -0.44 -27.38 39.10
N ASP GA 50 -1.52 -26.71 38.75
CA ASP GA 50 -2.01 -25.59 39.54
C ASP GA 50 -2.74 -26.02 40.81
N GLY GA 51 -2.91 -27.32 41.02
CA GLY GA 51 -3.67 -27.82 42.16
C GLY GA 51 -5.17 -27.82 41.95
N SER GA 52 -5.65 -27.41 40.77
CA SER GA 52 -7.07 -27.41 40.51
C SER GA 52 -7.58 -28.84 40.28
N HIS GA 53 -8.90 -28.99 40.32
CA HIS GA 53 -9.57 -30.25 40.00
C HIS GA 53 -10.62 -29.98 38.94
N VAL GA 54 -10.32 -30.35 37.69
CA VAL GA 54 -11.23 -30.20 36.58
C VAL GA 54 -11.80 -31.57 36.24
N GLN GA 55 -13.11 -31.71 36.35
CA GLN GA 55 -13.71 -33.02 36.15
C GLN GA 55 -13.88 -33.28 34.66
N ILE GA 56 -13.62 -34.52 34.25
CA ILE GA 56 -13.62 -34.90 32.85
C ILE GA 56 -14.60 -36.05 32.63
N THR GA 57 -14.92 -36.27 31.36
CA THR GA 57 -15.91 -37.28 31.01
C THR GA 57 -15.47 -38.65 31.51
N GLN GA 58 -16.46 -39.48 31.85
CA GLN GA 58 -16.17 -40.74 32.53
C GLN GA 58 -15.32 -41.72 31.72
N PRO GA 59 -15.54 -41.94 30.42
CA PRO GA 59 -14.72 -42.93 29.72
C PRO GA 59 -13.28 -42.48 29.57
N LEU GA 60 -12.54 -42.50 30.68
CA LEU GA 60 -11.12 -42.17 30.65
C LEU GA 60 -10.37 -43.12 29.73
N ILE GA 61 -9.41 -42.59 28.99
CA ILE GA 61 -8.73 -43.34 27.95
C ILE GA 61 -7.41 -43.88 28.49
N ILE GA 62 -6.98 -45.01 27.97
CA ILE GA 62 -5.71 -45.65 28.33
C ILE GA 62 -4.85 -45.76 27.08
N ASN GA 63 -3.63 -45.24 27.14
CA ASN GA 63 -2.74 -45.25 25.99
C ASN GA 63 -2.06 -46.61 25.81
N ALA GA 64 -1.04 -46.66 24.96
CA ALA GA 64 -0.33 -47.89 24.64
C ALA GA 64 0.69 -48.27 25.72
N ALA GA 65 0.77 -47.53 26.81
CA ALA GA 65 1.70 -47.84 27.89
C ALA GA 65 0.98 -48.13 29.20
N GLY GA 66 -0.35 -48.19 29.21
CA GLY GA 66 -1.10 -48.55 30.39
C GLY GA 66 -1.52 -47.40 31.27
N LYS GA 67 -0.98 -46.21 31.06
CA LYS GA 67 -1.34 -45.07 31.88
C LYS GA 67 -2.68 -44.49 31.45
N ILE GA 68 -3.19 -43.57 32.25
CA ILE GA 68 -4.41 -42.84 31.90
C ILE GA 68 -4.01 -41.56 31.18
N VAL GA 69 -4.61 -41.32 30.02
CA VAL GA 69 -4.27 -40.19 29.18
C VAL GA 69 -5.54 -39.41 28.86
N TYR GA 70 -5.49 -38.10 29.06
CA TYR GA 70 -6.59 -37.21 28.71
C TYR GA 70 -6.52 -36.98 27.20
N ASN GA 71 -7.28 -36.00 26.70
CA ASN GA 71 -7.23 -35.58 25.30
C ASN GA 71 -5.79 -35.43 24.81
N GLY GA 72 -4.92 -34.95 25.69
CA GLY GA 72 -3.53 -34.77 25.34
C GLY GA 72 -2.64 -35.86 25.88
N GLN GA 73 -2.02 -35.60 27.03
CA GLN GA 73 -0.98 -36.47 27.58
C GLN GA 73 -1.32 -36.84 29.02
N LEU GA 74 -0.33 -37.40 29.70
CA LEU GA 74 -0.53 -38.00 31.01
C LEU GA 74 -1.11 -37.00 32.00
N VAL GA 75 -2.05 -37.48 32.81
CA VAL GA 75 -2.68 -36.67 33.85
C VAL GA 75 -2.78 -37.49 35.13
N LYS GA 76 -2.97 -36.78 36.25
CA LYS GA 76 -3.08 -37.40 37.56
C LYS GA 76 -4.56 -37.44 37.96
N ILE GA 77 -5.24 -38.52 37.58
CA ILE GA 77 -6.65 -38.66 37.89
C ILE GA 77 -6.86 -38.79 39.40
N VAL GA 78 -7.97 -38.24 39.89
CA VAL GA 78 -8.30 -38.24 41.31
C VAL GA 78 -9.79 -38.49 41.48
N THR GA 79 -10.14 -39.40 42.38
CA THR GA 79 -11.51 -39.68 42.78
C THR GA 79 -11.62 -39.52 44.30
N VAL GA 80 -12.76 -39.90 44.88
CA VAL GA 80 -12.97 -39.51 46.27
C VAL GA 80 -12.34 -40.48 47.28
N GLN GA 81 -12.98 -41.62 47.55
CA GLN GA 81 -12.27 -42.72 48.19
C GLN GA 81 -12.75 -44.08 47.69
N GLY GA 82 -14.08 -44.23 47.62
CA GLY GA 82 -14.72 -45.48 47.32
C GLY GA 82 -15.08 -45.65 45.86
N HIS GA 83 -14.08 -45.80 45.01
CA HIS GA 83 -14.30 -45.82 43.56
C HIS GA 83 -14.26 -47.26 43.06
N SER GA 84 -15.24 -47.62 42.26
CA SER GA 84 -15.24 -48.90 41.57
C SER GA 84 -14.43 -48.78 40.28
N MET GA 85 -14.07 -49.94 39.72
CA MET GA 85 -13.22 -49.98 38.55
C MET GA 85 -13.80 -50.96 37.53
N ALA GA 86 -13.65 -50.63 36.25
CA ALA GA 86 -14.10 -51.52 35.18
C ALA GA 86 -13.30 -51.21 33.92
N ILE GA 87 -12.27 -52.01 33.66
CA ILE GA 87 -11.50 -51.87 32.43
C ILE GA 87 -12.31 -52.43 31.27
N TYR GA 88 -12.42 -51.66 30.20
CA TYR GA 88 -12.94 -52.15 28.92
C TYR GA 88 -11.94 -51.83 27.82
N ASP GA 89 -11.57 -52.84 27.07
CA ASP GA 89 -10.65 -52.68 25.95
C ASP GA 89 -11.42 -52.11 24.76
N ALA GA 90 -10.66 -51.58 23.80
CA ALA GA 90 -11.28 -50.91 22.65
C ALA GA 90 -12.23 -51.83 21.90
N ASN GA 91 -11.91 -53.12 21.82
CA ASN GA 91 -12.78 -54.06 21.12
C ASN GA 91 -14.15 -54.18 21.79
N GLY GA 92 -14.23 -53.87 23.09
CA GLY GA 92 -15.47 -53.90 23.81
C GLY GA 92 -15.58 -54.97 24.87
N SER GA 93 -14.54 -55.76 25.09
CA SER GA 93 -14.58 -56.81 26.09
C SER GA 93 -14.40 -56.22 27.49
N GLN GA 94 -14.32 -57.10 28.48
CA GLN GA 94 -14.11 -56.73 29.86
C GLN GA 94 -12.80 -57.34 30.36
N VAL GA 95 -12.10 -56.59 31.21
CA VAL GA 95 -10.85 -57.04 31.82
C VAL GA 95 -11.00 -57.16 33.33
N ASP GA 96 -11.52 -56.12 33.98
CA ASP GA 96 -11.74 -56.13 35.41
C ASP GA 96 -13.10 -55.54 35.73
N TYR GA 97 -13.69 -55.98 36.83
CA TYR GA 97 -14.88 -55.37 37.41
C TYR GA 97 -14.66 -55.21 38.91
N ILE GA 98 -13.53 -54.61 39.26
CA ILE GA 98 -13.17 -54.34 40.65
C ILE GA 98 -14.31 -53.56 41.31
N ALA GA 99 -14.95 -54.17 42.30
CA ALA GA 99 -16.12 -53.57 42.91
C ALA GA 99 -15.73 -52.50 43.92
N ASN GA 100 -14.89 -52.86 44.89
CA ASN GA 100 -14.45 -51.94 45.93
C ASN GA 100 -12.93 -51.88 45.91
N VAL GA 101 -12.38 -50.78 45.41
CA VAL GA 101 -10.93 -50.62 45.40
C VAL GA 101 -10.39 -50.53 46.83
N LEU GA 102 -11.14 -49.91 47.73
CA LEU GA 102 -10.72 -49.86 49.13
C LEU GA 102 -10.59 -51.25 49.74
N LYS GA 103 -11.32 -52.24 49.22
CA LYS GA 103 -11.18 -53.62 49.66
C LYS GA 103 -10.02 -54.34 48.98
N TYR GA 104 -9.13 -53.60 48.32
CA TYR GA 104 -7.90 -54.15 47.79
C TYR GA 104 -6.67 -53.64 48.54
N ASP GA 105 -6.87 -52.86 49.59
CA ASP GA 105 -5.75 -52.35 50.37
C ASP GA 105 -5.01 -53.53 51.00
N PRO GA 106 -3.67 -53.55 50.93
CA PRO GA 106 -2.93 -54.72 51.42
C PRO GA 106 -3.15 -55.02 52.89
N ASP GA 107 -3.67 -54.07 53.66
CA ASP GA 107 -3.94 -54.25 55.09
C ASP GA 107 -5.38 -53.84 55.34
N GLN GA 108 -6.30 -54.81 55.31
CA GLN GA 108 -7.70 -54.53 55.53
C GLN GA 108 -8.09 -54.56 57.00
N TYR GA 109 -7.19 -54.95 57.89
CA TYR GA 109 -7.47 -54.82 59.32
C TYR GA 109 -7.56 -53.36 59.71
N SER GA 110 -6.82 -52.49 59.01
CA SER GA 110 -6.86 -51.07 59.30
C SER GA 110 -8.26 -50.50 59.12
N ILE GA 111 -8.94 -50.92 58.06
CA ILE GA 111 -10.28 -50.42 57.77
C ILE GA 111 -11.27 -50.98 58.79
N ALA HA 1 -53.52 -38.72 24.62
CA ALA HA 1 -54.85 -39.23 24.87
C ALA HA 1 -55.78 -38.94 23.68
N ASN HA 2 -55.74 -37.70 23.20
CA ASN HA 2 -56.60 -37.28 22.10
C ASN HA 2 -55.84 -36.56 21.00
N VAL HA 3 -54.56 -36.87 20.82
CA VAL HA 3 -53.79 -36.39 19.68
C VAL HA 3 -52.95 -37.56 19.15
N VAL HA 4 -52.92 -37.70 17.83
CA VAL HA 4 -52.25 -38.80 17.17
C VAL HA 4 -50.87 -38.37 16.71
N VAL HA 5 -49.87 -39.20 16.96
CA VAL HA 5 -48.57 -39.06 16.33
C VAL HA 5 -48.69 -39.63 14.93
N SER HA 6 -48.59 -38.77 13.93
CA SER HA 6 -48.87 -39.15 12.55
C SER HA 6 -47.79 -38.60 11.63
N ASN HA 7 -47.96 -38.84 10.33
CA ASN HA 7 -47.06 -38.27 9.34
C ASN HA 7 -47.25 -36.77 9.36
N PRO HA 8 -46.26 -36.01 9.83
CA PRO HA 8 -46.48 -34.56 9.95
C PRO HA 8 -46.47 -33.85 8.60
N ARG HA 9 -45.49 -34.15 7.76
CA ARG HA 9 -45.47 -33.61 6.41
C ARG HA 9 -46.35 -34.46 5.50
N PRO HA 10 -47.35 -33.90 4.85
CA PRO HA 10 -48.28 -34.72 4.08
C PRO HA 10 -47.62 -35.29 2.83
N ILE HA 11 -48.19 -36.40 2.36
CA ILE HA 11 -47.71 -37.11 1.17
C ILE HA 11 -48.75 -36.95 0.07
N PHE HA 12 -48.33 -36.36 -1.04
CA PHE HA 12 -49.17 -36.26 -2.25
C PHE HA 12 -48.59 -37.18 -3.31
N THR HA 13 -49.28 -38.30 -3.53
CA THR HA 13 -48.92 -39.24 -4.58
C THR HA 13 -49.81 -39.01 -5.79
N GLU HA 14 -49.54 -39.74 -6.85
CA GLU HA 14 -50.31 -39.63 -8.08
C GLU HA 14 -51.45 -40.64 -8.10
N SER HA 15 -52.50 -40.31 -8.85
CA SER HA 15 -53.69 -41.14 -8.86
C SER HA 15 -53.47 -42.45 -9.62
N ARG HA 16 -52.75 -42.40 -10.74
CA ARG HA 16 -52.63 -43.55 -11.61
C ARG HA 16 -51.43 -44.44 -11.31
N SER HA 17 -50.52 -44.00 -10.44
CA SER HA 17 -49.35 -44.81 -10.13
C SER HA 17 -48.83 -44.43 -8.75
N PHE HA 18 -48.07 -45.34 -8.15
CA PHE HA 18 -47.54 -45.15 -6.81
C PHE HA 18 -46.20 -44.43 -6.93
N LYS HA 19 -46.27 -43.13 -7.22
CA LYS HA 19 -45.11 -42.28 -7.35
C LYS HA 19 -45.47 -40.88 -6.88
N ALA HA 20 -44.49 -40.19 -6.33
CA ALA HA 20 -44.71 -38.82 -5.90
C ALA HA 20 -44.74 -37.89 -7.10
N VAL HA 21 -45.61 -36.88 -7.03
CA VAL HA 21 -45.77 -35.94 -8.13
C VAL HA 21 -44.69 -34.87 -8.07
N ALA HA 22 -43.56 -35.14 -8.72
CA ALA HA 22 -42.50 -34.16 -8.77
C ALA HA 22 -42.97 -32.92 -9.51
N ASN HA 23 -42.64 -31.75 -8.96
CA ASN HA 23 -43.09 -30.47 -9.48
C ASN HA 23 -44.62 -30.40 -9.58
N GLY HA 24 -45.31 -31.09 -8.69
CA GLY HA 24 -46.75 -30.95 -8.63
C GLY HA 24 -47.15 -29.58 -8.15
N LYS HA 25 -48.37 -29.19 -8.51
CA LYS HA 25 -48.90 -27.89 -8.12
C LYS HA 25 -50.21 -28.11 -7.37
N ILE HA 26 -50.30 -27.54 -6.18
CA ILE HA 26 -51.52 -27.53 -5.39
C ILE HA 26 -52.02 -26.10 -5.27
N TYR HA 27 -53.27 -25.89 -5.66
CA TYR HA 27 -53.94 -24.62 -5.49
C TYR HA 27 -55.04 -24.78 -4.45
N ILE HA 28 -55.15 -23.79 -3.56
CA ILE HA 28 -56.07 -23.86 -2.43
C ILE HA 28 -57.07 -22.71 -2.56
N GLY HA 29 -58.35 -23.05 -2.58
CA GLY HA 29 -59.37 -22.04 -2.78
C GLY HA 29 -60.64 -22.25 -1.96
N GLN HA 30 -61.66 -21.47 -2.25
CA GLN HA 30 -62.90 -21.51 -1.48
C GLN HA 30 -63.63 -22.83 -1.70
N ILE HA 31 -64.59 -23.10 -0.80
CA ILE HA 31 -65.35 -24.34 -0.86
C ILE HA 31 -66.15 -24.41 -2.15
N ASP HA 32 -66.09 -25.58 -2.81
CA ASP HA 32 -66.89 -25.87 -3.99
C ASP HA 32 -66.67 -24.86 -5.11
N THR HA 33 -65.41 -24.42 -5.26
CA THR HA 33 -65.04 -23.52 -6.34
C THR HA 33 -63.69 -23.95 -6.89
N ASP HA 34 -63.47 -23.66 -8.16
CA ASP HA 34 -62.20 -24.00 -8.79
C ASP HA 34 -61.09 -23.11 -8.23
N PRO HA 35 -60.03 -23.67 -7.67
CA PRO HA 35 -58.97 -22.85 -7.08
C PRO HA 35 -57.92 -22.34 -8.05
N VAL HA 36 -57.98 -22.74 -9.33
CA VAL HA 36 -57.02 -22.22 -10.30
C VAL HA 36 -57.24 -20.74 -10.53
N ASN HA 37 -58.49 -20.29 -10.52
CA ASN HA 37 -58.78 -18.88 -10.68
C ASN HA 37 -58.20 -18.10 -9.51
N PRO HA 38 -57.37 -17.08 -9.76
CA PRO HA 38 -56.78 -16.32 -8.64
C PRO HA 38 -57.81 -15.70 -7.71
N ALA HA 39 -59.00 -15.36 -8.22
CA ALA HA 39 -60.03 -14.80 -7.37
C ALA HA 39 -60.46 -15.79 -6.28
N ASN HA 40 -60.61 -17.06 -6.64
CA ASN HA 40 -61.06 -18.07 -5.69
C ASN HA 40 -59.97 -18.45 -4.69
N GLN HA 41 -58.71 -18.15 -5.00
CA GLN HA 41 -57.61 -18.56 -4.13
C GLN HA 41 -57.72 -17.90 -2.76
N ILE HA 42 -57.55 -18.70 -1.71
CA ILE HA 42 -57.67 -18.21 -0.34
C ILE HA 42 -56.28 -18.06 0.26
N PRO HA 43 -56.11 -17.33 1.36
CA PRO HA 43 -54.79 -17.20 1.97
C PRO HA 43 -54.21 -18.55 2.37
N VAL HA 44 -52.91 -18.70 2.13
CA VAL HA 44 -52.18 -19.93 2.45
C VAL HA 44 -50.89 -19.54 3.18
N TYR HA 45 -50.66 -20.14 4.35
CA TYR HA 45 -49.65 -19.67 5.28
C TYR HA 45 -48.57 -20.72 5.50
N ILE HA 46 -47.33 -20.27 5.58
CA ILE HA 46 -46.23 -21.08 6.09
C ILE HA 46 -46.11 -20.81 7.59
N GLU HA 47 -45.81 -21.85 8.35
CA GLU HA 47 -45.56 -21.70 9.79
C GLU HA 47 -44.09 -22.05 10.03
N ASN HA 48 -43.23 -21.04 9.92
CA ASN HA 48 -41.84 -21.24 10.34
C ASN HA 48 -41.78 -21.41 11.85
N GLU HA 49 -40.62 -21.83 12.34
CA GLU HA 49 -40.54 -22.28 13.72
C GLU HA 49 -40.73 -21.14 14.71
N ASP HA 50 -40.48 -19.91 14.29
CA ASP HA 50 -40.66 -18.77 15.19
C ASP HA 50 -42.11 -18.52 15.54
N GLY HA 51 -43.04 -19.35 15.09
CA GLY HA 51 -44.45 -19.13 15.35
C GLY HA 51 -45.10 -18.13 14.40
N SER HA 52 -44.34 -17.56 13.48
CA SER HA 52 -44.91 -16.60 12.54
C SER HA 52 -45.68 -17.32 11.44
N HIS HA 53 -46.47 -16.56 10.71
CA HIS HA 53 -47.17 -17.05 9.52
C HIS HA 53 -46.83 -16.12 8.37
N VAL HA 54 -45.87 -16.52 7.54
CA VAL HA 54 -45.49 -15.78 6.34
C VAL HA 54 -46.20 -16.42 5.16
N GLN HA 55 -46.92 -15.61 4.40
CA GLN HA 55 -47.80 -16.13 3.37
C GLN HA 55 -47.15 -16.05 2.01
N ILE HA 56 -47.34 -17.11 1.22
CA ILE HA 56 -46.61 -17.31 -0.02
C ILE HA 56 -47.58 -17.48 -1.18
N THR HA 57 -47.02 -17.44 -2.39
CA THR HA 57 -47.82 -17.57 -3.60
C THR HA 57 -48.56 -18.91 -3.61
N GLN HA 58 -49.74 -18.90 -4.23
CA GLN HA 58 -50.67 -20.02 -4.18
C GLN HA 58 -50.15 -21.29 -4.85
N PRO HA 59 -49.49 -21.23 -6.03
CA PRO HA 59 -49.02 -22.48 -6.64
C PRO HA 59 -47.91 -23.14 -5.83
N LEU HA 60 -48.27 -23.75 -4.72
CA LEU HA 60 -47.30 -24.48 -3.90
C LEU HA 60 -46.69 -25.62 -4.69
N ILE HA 61 -45.40 -25.86 -4.46
CA ILE HA 61 -44.63 -26.82 -5.23
C ILE HA 61 -44.55 -28.13 -4.46
N ILE HA 62 -44.46 -29.24 -5.19
CA ILE HA 62 -44.31 -30.57 -4.60
C ILE HA 62 -43.03 -31.18 -5.14
N ASN HA 63 -42.16 -31.66 -4.24
CA ASN HA 63 -40.89 -32.23 -4.65
C ASN HA 63 -41.08 -33.68 -5.11
N ALA HA 64 -39.98 -34.40 -5.25
CA ALA HA 64 -40.01 -35.78 -5.71
C ALA HA 64 -40.30 -36.77 -4.60
N ALA HA 65 -40.61 -36.29 -3.40
CA ALA HA 65 -40.96 -37.17 -2.28
C ALA HA 65 -42.39 -36.99 -1.82
N GLY HA 66 -43.18 -36.17 -2.51
CA GLY HA 66 -44.57 -35.99 -2.19
C GLY HA 66 -44.88 -34.87 -1.23
N LYS HA 67 -43.88 -34.32 -0.55
CA LYS HA 67 -44.11 -33.25 0.40
C LYS HA 67 -44.26 -31.92 -0.32
N ILE HA 68 -44.64 -30.89 0.44
CA ILE HA 68 -44.70 -29.53 -0.07
C ILE HA 68 -43.41 -28.82 0.27
N VAL HA 69 -42.78 -28.22 -0.72
CA VAL HA 69 -41.49 -27.55 -0.56
C VAL HA 69 -41.61 -26.11 -1.04
N TYR HA 70 -41.13 -25.19 -0.22
CA TYR HA 70 -41.05 -23.79 -0.58
C TYR HA 70 -39.82 -23.62 -1.48
N ASN HA 71 -39.37 -22.38 -1.69
CA ASN HA 71 -38.14 -22.12 -2.43
C ASN HA 71 -36.99 -23.00 -1.96
N GLY HA 72 -36.92 -23.26 -0.66
CA GLY HA 72 -35.84 -24.03 -0.09
C GLY HA 72 -36.23 -25.47 0.19
N GLN HA 73 -36.60 -25.74 1.43
CA GLN HA 73 -36.83 -27.09 1.93
C GLN HA 73 -38.23 -27.21 2.50
N LEU HA 74 -38.46 -28.32 3.20
CA LEU HA 74 -39.76 -28.66 3.73
C LEU HA 74 -40.30 -27.53 4.61
N VAL HA 75 -41.59 -27.23 4.45
CA VAL HA 75 -42.28 -26.24 5.27
C VAL HA 75 -43.62 -26.80 5.71
N LYS HA 76 -44.15 -26.24 6.78
CA LYS HA 76 -45.43 -26.67 7.35
C LYS HA 76 -46.50 -25.68 6.90
N ILE HA 77 -47.08 -25.94 5.73
CA ILE HA 77 -48.12 -25.07 5.20
C ILE HA 77 -49.34 -25.09 6.11
N VAL HA 78 -50.01 -23.94 6.20
CA VAL HA 78 -51.19 -23.80 7.07
C VAL HA 78 -52.24 -22.97 6.34
N THR HA 79 -53.48 -23.44 6.37
CA THR HA 79 -54.64 -22.72 5.87
C THR HA 79 -55.66 -22.59 7.01
N VAL HA 80 -56.87 -22.10 6.69
CA VAL HA 80 -57.74 -21.73 7.81
C VAL HA 80 -58.55 -22.91 8.34
N GLN HA 81 -59.63 -23.31 7.67
CA GLN HA 81 -60.21 -24.63 7.90
C GLN HA 81 -60.77 -25.24 6.62
N GLY HA 82 -61.48 -24.43 5.85
CA GLY HA 82 -62.22 -24.87 4.68
C GLY HA 82 -61.47 -24.70 3.38
N HIS HA 83 -60.43 -25.51 3.18
CA HIS HA 83 -59.57 -25.38 2.03
C HIS HA 83 -59.89 -26.45 1.00
N SER HA 84 -60.05 -26.04 -0.25
CA SER HA 84 -60.15 -26.98 -1.36
C SER HA 84 -58.76 -27.26 -1.90
N MET HA 85 -58.62 -28.36 -2.64
CA MET HA 85 -57.35 -28.73 -3.21
C MET HA 85 -57.52 -29.12 -4.67
N ALA HA 86 -56.45 -28.93 -5.43
CA ALA HA 86 -56.41 -29.38 -6.83
C ALA HA 86 -54.95 -29.63 -7.18
N ILE HA 87 -54.54 -30.90 -7.12
CA ILE HA 87 -53.20 -31.29 -7.55
C ILE HA 87 -53.11 -31.18 -9.07
N TYR HA 88 -52.10 -30.48 -9.55
CA TYR HA 88 -51.72 -30.49 -10.96
C TYR HA 88 -50.26 -30.91 -11.09
N ASP HA 89 -50.01 -31.92 -11.90
CA ASP HA 89 -48.66 -32.39 -12.14
C ASP HA 89 -47.98 -31.43 -13.12
N ALA HA 90 -46.65 -31.51 -13.17
CA ALA HA 90 -45.86 -30.58 -13.98
C ALA HA 90 -46.29 -30.61 -15.44
N ASN HA 91 -46.69 -31.77 -15.95
CA ASN HA 91 -47.13 -31.86 -17.34
C ASN HA 91 -48.38 -31.03 -17.60
N GLY HA 92 -49.19 -30.78 -16.57
CA GLY HA 92 -50.37 -29.96 -16.69
C GLY HA 92 -51.67 -30.70 -16.49
N SER HA 93 -51.65 -31.99 -16.19
CA SER HA 93 -52.88 -32.74 -16.00
C SER HA 93 -53.46 -32.46 -14.62
N GLN HA 94 -54.52 -33.20 -14.28
CA GLN HA 94 -55.19 -33.10 -12.99
C GLN HA 94 -55.10 -34.43 -12.27
N VAL HA 95 -54.93 -34.37 -10.94
CA VAL HA 95 -54.88 -35.55 -10.09
C VAL HA 95 -56.05 -35.59 -9.13
N ASP HA 96 -56.29 -34.49 -8.42
CA ASP HA 96 -57.39 -34.39 -7.47
C ASP HA 96 -58.10 -33.07 -7.65
N TYR HA 97 -59.40 -33.06 -7.38
CA TYR HA 97 -60.19 -31.84 -7.27
C TYR HA 97 -61.05 -31.92 -6.02
N ILE HA 98 -60.42 -32.24 -4.90
CA ILE HA 98 -61.10 -32.34 -3.62
C ILE HA 98 -61.86 -31.05 -3.35
N ALA HA 99 -63.19 -31.14 -3.30
CA ALA HA 99 -64.01 -29.94 -3.21
C ALA HA 99 -63.93 -29.32 -1.82
N ASN HA 100 -64.16 -30.13 -0.79
CA ASN HA 100 -64.15 -29.65 0.59
C ASN HA 100 -63.37 -30.66 1.42
N VAL HA 101 -62.17 -30.27 1.87
CA VAL HA 101 -61.34 -31.17 2.65
C VAL HA 101 -62.00 -31.50 3.98
N LEU HA 102 -62.71 -30.54 4.58
CA LEU HA 102 -63.42 -30.81 5.83
C LEU HA 102 -64.46 -31.91 5.67
N LYS HA 103 -64.93 -32.16 4.45
CA LYS HA 103 -65.84 -33.26 4.16
C LYS HA 103 -65.12 -34.59 3.96
N TYR HA 104 -63.82 -34.63 4.25
CA TYR HA 104 -63.05 -35.88 4.20
C TYR HA 104 -62.69 -36.39 5.58
N ASP HA 105 -63.18 -35.73 6.63
CA ASP HA 105 -62.86 -36.15 7.99
C ASP HA 105 -63.44 -37.55 8.24
N PRO HA 106 -62.67 -38.45 8.87
CA PRO HA 106 -63.18 -39.82 9.08
C PRO HA 106 -64.43 -39.89 9.93
N ASP HA 107 -64.72 -38.84 10.70
CA ASP HA 107 -65.92 -38.78 11.54
C ASP HA 107 -66.68 -37.52 11.17
N GLN HA 108 -67.68 -37.64 10.30
CA GLN HA 108 -68.49 -36.50 9.92
C GLN HA 108 -69.73 -36.33 10.79
N TYR HA 109 -69.98 -37.24 11.72
CA TYR HA 109 -71.08 -37.03 12.66
C TYR HA 109 -70.78 -35.89 13.62
N SER HA 110 -69.52 -35.74 14.01
CA SER HA 110 -69.14 -34.63 14.89
C SER HA 110 -69.39 -33.29 14.21
N ILE HA 111 -69.13 -33.20 12.92
CA ILE HA 111 -69.36 -31.97 12.17
C ILE HA 111 -70.86 -31.70 12.06
N ALA IA 1 -64.46 7.00 -27.60
CA ALA IA 1 -65.62 7.50 -28.34
C ALA IA 1 -65.19 8.42 -29.47
N ASN IA 2 -64.23 9.30 -29.20
CA ASN IA 2 -63.78 10.27 -30.18
C ASN IA 2 -62.25 10.30 -30.31
N VAL IA 3 -61.59 9.22 -29.93
CA VAL IA 3 -60.15 9.07 -30.17
C VAL IA 3 -59.89 7.67 -30.71
N VAL IA 4 -59.05 7.58 -31.73
CA VAL IA 4 -58.74 6.32 -32.39
C VAL IA 4 -57.46 5.75 -31.81
N VAL IA 5 -57.46 4.46 -31.50
CA VAL IA 5 -56.23 3.74 -31.22
C VAL IA 5 -55.58 3.42 -32.57
N SER IA 6 -54.40 3.97 -32.79
CA SER IA 6 -53.77 3.93 -34.10
C SER IA 6 -52.29 3.60 -33.95
N ASN IA 7 -51.60 3.51 -35.09
CA ASN IA 7 -50.15 3.38 -35.08
C ASN IA 7 -49.58 4.64 -34.44
N PRO IA 8 -49.00 4.53 -33.24
CA PRO IA 8 -48.57 5.76 -32.56
C PRO IA 8 -47.32 6.37 -33.19
N ARG IA 9 -46.43 5.53 -33.71
CA ARG IA 9 -45.19 6.00 -34.29
C ARG IA 9 -45.32 5.95 -35.81
N PRO IA 10 -45.17 7.07 -36.51
CA PRO IA 10 -45.49 7.10 -37.93
C PRO IA 10 -44.55 6.25 -38.76
N ILE IA 11 -45.06 5.78 -39.90
CA ILE IA 11 -44.31 4.96 -40.84
C ILE IA 11 -44.03 5.81 -42.07
N PHE IA 12 -42.74 6.01 -42.38
CA PHE IA 12 -42.31 6.70 -43.59
C PHE IA 12 -41.69 5.69 -44.54
N THR IA 13 -42.44 5.31 -45.57
CA THR IA 13 -41.96 4.41 -46.61
C THR IA 13 -41.50 5.23 -47.81
N GLU IA 14 -40.99 4.53 -48.81
CA GLU IA 14 -40.51 5.18 -50.02
C GLU IA 14 -41.60 5.19 -51.09
N SER IA 15 -41.50 6.16 -52.00
CA SER IA 15 -42.56 6.36 -52.99
C SER IA 15 -42.52 5.28 -54.07
N ARG IA 16 -41.33 4.90 -54.52
CA ARG IA 16 -41.22 4.01 -55.67
C ARG IA 16 -41.15 2.53 -55.29
N SER IA 17 -41.05 2.20 -54.01
CA SER IA 17 -41.01 0.81 -53.60
C SER IA 17 -41.49 0.71 -52.16
N PHE IA 18 -41.95 -0.50 -51.79
CA PHE IA 18 -42.52 -0.73 -50.46
C PHE IA 18 -41.38 -1.13 -49.53
N LYS IA 19 -40.59 -0.13 -49.14
CA LYS IA 19 -39.49 -0.30 -48.22
C LYS IA 19 -39.37 0.97 -47.38
N ALA IA 20 -38.88 0.80 -46.15
CA ALA IA 20 -38.65 1.95 -45.30
C ALA IA 20 -37.40 2.70 -45.73
N VAL IA 21 -37.43 4.02 -45.58
CA VAL IA 21 -36.30 4.85 -45.99
C VAL IA 21 -35.24 4.85 -44.90
N ALA IA 22 -34.33 3.88 -44.95
CA ALA IA 22 -33.27 3.79 -43.96
C ALA IA 22 -32.37 5.00 -44.05
N ASN IA 23 -32.04 5.56 -42.88
CA ASN IA 23 -31.19 6.75 -42.77
C ASN IA 23 -31.77 7.90 -43.61
N GLY IA 24 -33.10 8.00 -43.65
CA GLY IA 24 -33.74 9.09 -44.35
C GLY IA 24 -33.67 10.38 -43.56
N LYS IA 25 -34.09 11.45 -44.21
CA LYS IA 25 -34.11 12.77 -43.59
C LYS IA 25 -35.47 13.40 -43.80
N ILE IA 26 -36.05 13.94 -42.73
CA ILE IA 26 -37.25 14.75 -42.77
C ILE IA 26 -36.94 16.14 -42.25
N TYR IA 27 -37.32 17.15 -43.02
CA TYR IA 27 -37.22 18.55 -42.63
C TYR IA 27 -38.62 19.13 -42.48
N ILE IA 28 -38.80 19.96 -41.46
CA ILE IA 28 -40.10 20.53 -41.14
C ILE IA 28 -39.98 22.04 -41.17
N GLY IA 29 -40.85 22.70 -41.94
CA GLY IA 29 -40.77 24.13 -42.11
C GLY IA 29 -42.11 24.82 -42.27
N GLN IA 30 -42.07 26.10 -42.61
CA GLN IA 30 -43.28 26.91 -42.71
C GLN IA 30 -44.16 26.44 -43.87
N ILE IA 31 -45.41 26.91 -43.86
CA ILE IA 31 -46.40 26.45 -44.82
C ILE IA 31 -46.04 26.92 -46.22
N ASP IA 32 -46.14 26.01 -47.19
CA ASP IA 32 -45.95 26.33 -48.60
C ASP IA 32 -44.57 26.93 -48.87
N THR IA 33 -43.57 26.45 -48.14
CA THR IA 33 -42.20 26.92 -48.29
C THR IA 33 -41.25 25.75 -48.23
N ASP IA 34 -40.08 25.93 -48.83
CA ASP IA 34 -39.06 24.89 -48.85
C ASP IA 34 -38.46 24.75 -47.45
N PRO IA 35 -38.56 23.58 -46.81
CA PRO IA 35 -38.04 23.42 -45.44
C PRO IA 35 -36.56 23.09 -45.35
N VAL IA 36 -35.87 22.90 -46.48
CA VAL IA 36 -34.44 22.65 -46.42
C VAL IA 36 -33.69 23.90 -45.96
N ASN IA 37 -34.16 25.06 -46.36
CA ASN IA 37 -33.54 26.32 -45.93
C ASN IA 37 -33.64 26.44 -44.42
N PRO IA 38 -32.51 26.63 -43.71
CA PRO IA 38 -32.58 26.72 -42.24
C PRO IA 38 -33.48 27.83 -41.74
N ALA IA 39 -33.60 28.94 -42.46
CA ALA IA 39 -34.49 30.01 -42.04
C ALA IA 39 -35.94 29.55 -42.03
N ASN IA 40 -36.33 28.76 -43.02
CA ASN IA 40 -37.70 28.30 -43.13
C ASN IA 40 -38.05 27.26 -42.07
N GLN IA 41 -37.04 26.62 -41.47
CA GLN IA 41 -37.28 25.55 -40.50
C GLN IA 41 -38.00 26.08 -39.26
N ILE IA 42 -38.98 25.33 -38.79
CA ILE IA 42 -39.75 25.71 -37.62
C ILE IA 42 -39.32 24.83 -36.44
N PRO IA 43 -39.61 25.22 -35.20
CA PRO IA 43 -39.23 24.37 -34.06
C PRO IA 43 -39.82 22.97 -34.13
N VAL IA 44 -39.02 21.99 -33.75
CA VAL IA 44 -39.43 20.59 -33.72
C VAL IA 44 -39.03 20.00 -32.36
N TYR IA 45 -39.97 19.32 -31.71
CA TYR IA 45 -39.85 18.97 -30.30
C TYR IA 45 -39.97 17.47 -30.09
N ILE IA 46 -39.13 16.94 -29.21
CA ILE IA 46 -39.32 15.58 -28.68
C ILE IA 46 -40.17 15.65 -27.42
N GLU IA 47 -41.02 14.65 -27.22
CA GLU IA 47 -41.86 14.56 -26.04
C GLU IA 47 -41.47 13.30 -25.28
N ASN IA 48 -40.48 13.42 -24.40
CA ASN IA 48 -40.00 12.30 -23.62
C ASN IA 48 -41.03 11.93 -22.54
N GLU IA 49 -40.68 10.93 -21.74
CA GLU IA 49 -41.64 10.38 -20.77
C GLU IA 49 -42.02 11.41 -19.72
N ASP IA 50 -41.10 12.30 -19.37
CA ASP IA 50 -41.36 13.29 -18.32
C ASP IA 50 -42.33 14.37 -18.73
N GLY IA 51 -42.90 14.34 -19.93
CA GLY IA 51 -43.76 15.41 -20.39
C GLY IA 51 -43.04 16.64 -20.88
N SER IA 52 -41.71 16.64 -20.87
CA SER IA 52 -40.94 17.78 -21.34
C SER IA 52 -40.96 17.84 -22.87
N HIS IA 53 -40.53 18.98 -23.39
CA HIS IA 53 -40.35 19.17 -24.83
C HIS IA 53 -38.92 19.67 -25.04
N VAL IA 54 -38.04 18.78 -25.47
CA VAL IA 54 -36.65 19.11 -25.74
C VAL IA 54 -36.48 19.20 -27.25
N GLN IA 55 -36.08 20.38 -27.72
CA GLN IA 55 -35.97 20.60 -29.15
C GLN IA 55 -34.68 20.00 -29.69
N ILE IA 56 -34.75 19.44 -30.90
CA ILE IA 56 -33.62 18.76 -31.51
C ILE IA 56 -33.39 19.32 -32.91
N THR IA 57 -32.22 19.01 -33.46
CA THR IA 57 -31.86 19.49 -34.78
C THR IA 57 -32.85 19.03 -35.83
N GLN IA 58 -33.08 19.88 -36.82
CA GLN IA 58 -34.15 19.70 -37.80
C GLN IA 58 -33.99 18.45 -38.66
N PRO IA 59 -32.78 18.09 -39.15
CA PRO IA 59 -32.68 16.88 -39.97
C PRO IA 59 -32.93 15.62 -39.18
N LEU IA 60 -34.20 15.37 -38.83
CA LEU IA 60 -34.58 14.17 -38.12
C LEU IA 60 -34.25 12.93 -38.94
N ILE IA 61 -33.80 11.88 -38.27
CA ILE IA 61 -33.32 10.67 -38.91
C ILE IA 61 -34.43 9.62 -38.91
N ILE IA 62 -34.40 8.74 -39.90
CA ILE IA 62 -35.37 7.65 -40.04
C ILE IA 62 -34.61 6.34 -40.09
N ASN IA 63 -35.01 5.38 -39.25
CA ASN IA 63 -34.32 4.10 -39.17
C ASN IA 63 -34.77 3.19 -40.31
N ALA IA 64 -34.43 1.91 -40.22
CA ALA IA 64 -34.76 0.93 -41.24
C ALA IA 64 -36.17 0.38 -41.11
N ALA IA 65 -36.95 0.87 -40.15
CA ALA IA 65 -38.33 0.45 -39.99
C ALA IA 65 -39.33 1.56 -40.29
N GLY IA 66 -38.87 2.72 -40.76
CA GLY IA 66 -39.73 3.79 -41.16
C GLY IA 66 -40.05 4.81 -40.08
N LYS IA 67 -39.77 4.50 -38.82
CA LYS IA 67 -40.06 5.43 -37.74
C LYS IA 67 -39.03 6.56 -37.72
N ILE IA 68 -39.25 7.53 -36.85
CA ILE IA 68 -38.28 8.60 -36.60
C ILE IA 68 -37.47 8.22 -35.38
N VAL IA 69 -36.16 8.23 -35.52
CA VAL IA 69 -35.25 7.83 -34.46
C VAL IA 69 -34.27 8.96 -34.19
N TYR IA 70 -34.17 9.36 -32.92
CA TYR IA 70 -33.20 10.33 -32.48
C TYR IA 70 -31.84 9.64 -32.35
N ASN IA 71 -30.82 10.39 -31.91
CA ASN IA 71 -29.45 9.89 -31.73
C ASN IA 71 -29.43 8.51 -31.09
N GLY IA 72 -30.40 8.22 -30.23
CA GLY IA 72 -30.52 6.91 -29.65
C GLY IA 72 -31.60 6.10 -30.34
N GLN IA 73 -32.79 6.05 -29.72
CA GLN IA 73 -33.88 5.21 -30.19
C GLN IA 73 -35.17 5.99 -30.42
N LEU IA 74 -36.26 5.25 -30.60
CA LEU IA 74 -37.54 5.83 -30.98
C LEU IA 74 -37.95 6.96 -30.06
N VAL IA 75 -38.51 8.03 -30.65
CA VAL IA 75 -38.97 9.19 -29.90
C VAL IA 75 -40.32 9.64 -30.47
N LYS IA 76 -41.05 10.41 -29.67
CA LYS IA 76 -42.35 10.95 -30.05
C LYS IA 76 -42.14 12.41 -30.45
N ILE IA 77 -41.79 12.63 -31.72
CA ILE IA 77 -41.56 13.98 -32.21
C ILE IA 77 -42.88 14.77 -32.18
N VAL IA 78 -42.77 16.07 -31.89
CA VAL IA 78 -43.93 16.94 -31.79
C VAL IA 78 -43.61 18.27 -32.45
N THR IA 79 -44.52 18.74 -33.31
CA THR IA 79 -44.49 20.08 -33.90
C THR IA 79 -45.78 20.80 -33.51
N VAL IA 80 -46.00 22.00 -34.06
CA VAL IA 80 -47.08 22.81 -33.51
C VAL IA 80 -48.45 22.47 -34.11
N GLN IA 81 -48.75 22.95 -35.31
CA GLN IA 81 -49.86 22.38 -36.08
C GLN IA 81 -49.55 22.35 -37.57
N GLY IA 82 -48.98 23.45 -38.06
CA GLY IA 82 -48.74 23.68 -39.47
C GLY IA 82 -47.35 23.29 -39.92
N HIS IA 83 -47.08 22.00 -40.00
CA HIS IA 83 -45.75 21.51 -40.34
C HIS IA 83 -45.75 21.02 -41.78
N SER IA 84 -44.79 21.51 -42.56
CA SER IA 84 -44.50 20.94 -43.86
C SER IA 84 -43.52 19.79 -43.71
N MET IA 85 -43.46 18.94 -44.73
CA MET IA 85 -42.59 17.77 -44.69
C MET IA 85 -41.80 17.67 -45.99
N ALA IA 86 -40.61 17.08 -45.89
CA ALA IA 86 -39.80 16.81 -47.08
C ALA IA 86 -38.91 15.61 -46.75
N ILE IA 87 -39.33 14.42 -47.17
CA ILE IA 87 -38.49 13.24 -47.02
C ILE IA 87 -37.33 13.29 -48.02
N TYR IA 88 -36.12 13.17 -47.51
CA TYR IA 88 -34.95 12.95 -48.34
C TYR IA 88 -34.26 11.66 -47.91
N ASP IA 89 -34.01 10.78 -48.87
CA ASP IA 89 -33.33 9.54 -48.60
C ASP IA 89 -31.82 9.81 -48.48
N ALA IA 90 -31.10 8.85 -47.91
CA ALA IA 90 -29.68 9.04 -47.63
C ALA IA 90 -28.89 9.38 -48.89
N ASN IA 91 -29.29 8.83 -50.04
CA ASN IA 91 -28.58 9.11 -51.28
C ASN IA 91 -28.70 10.58 -51.66
N GLY IA 92 -29.75 11.26 -51.20
CA GLY IA 92 -29.96 12.67 -51.49
C GLY IA 92 -31.15 12.98 -52.36
N SER IA 93 -31.94 11.98 -52.76
CA SER IA 93 -33.10 12.22 -53.60
C SER IA 93 -34.25 12.77 -52.77
N GLN IA 94 -35.41 12.91 -53.40
CA GLN IA 94 -36.62 13.39 -52.75
C GLN IA 94 -37.70 12.33 -52.85
N VAL IA 95 -38.51 12.23 -51.80
CA VAL IA 95 -39.65 11.31 -51.76
C VAL IA 95 -40.97 12.05 -51.67
N ASP IA 96 -41.11 12.93 -50.68
CA ASP IA 96 -42.31 13.73 -50.51
C ASP IA 96 -41.93 15.19 -50.33
N TYR IA 97 -42.83 16.08 -50.76
CA TYR IA 97 -42.76 17.51 -50.47
C TYR IA 97 -44.14 17.98 -50.03
N ILE IA 98 -44.70 17.28 -49.05
CA ILE IA 98 -46.00 17.65 -48.52
C ILE IA 98 -45.94 19.08 -48.01
N ALA IA 99 -46.69 19.97 -48.65
CA ALA IA 99 -46.60 21.39 -48.32
C ALA IA 99 -47.39 21.72 -47.05
N ASN IA 100 -48.65 21.33 -47.01
CA ASN IA 100 -49.52 21.61 -45.85
C ASN IA 100 -50.09 20.27 -45.37
N VAL IA 101 -49.52 19.75 -44.27
CA VAL IA 101 -50.02 18.52 -43.69
C VAL IA 101 -51.44 18.70 -43.19
N LEU IA 102 -51.77 19.90 -42.69
CA LEU IA 102 -53.12 20.16 -42.22
C LEU IA 102 -54.14 20.01 -43.34
N LYS IA 103 -53.73 20.23 -44.59
CA LYS IA 103 -54.59 19.98 -45.75
C LYS IA 103 -54.58 18.52 -46.19
N TYR IA 104 -54.10 17.61 -45.35
CA TYR IA 104 -54.20 16.19 -45.60
C TYR IA 104 -55.19 15.51 -44.66
N ASP IA 105 -55.84 16.26 -43.78
CA ASP IA 105 -56.80 15.68 -42.86
C ASP IA 105 -57.97 15.09 -43.66
N PRO IA 106 -58.43 13.89 -43.32
CA PRO IA 106 -59.50 13.26 -44.12
C PRO IA 106 -60.79 14.06 -44.14
N ASP IA 107 -60.97 15.00 -43.22
CA ASP IA 107 -62.17 15.85 -43.16
C ASP IA 107 -61.71 17.30 -43.20
N GLN IA 108 -61.73 17.91 -44.39
CA GLN IA 108 -61.36 19.31 -44.52
C GLN IA 108 -62.56 20.25 -44.42
N TYR IA 109 -63.77 19.71 -44.29
CA TYR IA 109 -64.92 20.58 -44.06
C TYR IA 109 -64.87 21.22 -42.68
N SER IA 110 -64.38 20.49 -41.68
CA SER IA 110 -64.26 21.06 -40.34
C SER IA 110 -63.29 22.22 -40.32
N ILE IA 111 -62.19 22.12 -41.06
CA ILE IA 111 -61.21 23.19 -41.15
C ILE IA 111 -61.80 24.39 -41.86
N ALA JA 1 -12.72 49.63 -48.44
CA ALA JA 1 -12.57 50.83 -49.25
C ALA JA 1 -11.11 51.21 -49.42
N ASN JA 2 -10.36 51.20 -48.31
CA ASN JA 2 -8.97 51.62 -48.33
C ASN JA 2 -8.05 50.62 -47.62
N VAL JA 3 -8.44 49.35 -47.58
CA VAL JA 3 -7.57 48.29 -47.10
C VAL JA 3 -7.73 47.09 -48.03
N VAL JA 4 -6.61 46.46 -48.37
CA VAL JA 4 -6.58 45.35 -49.32
C VAL JA 4 -6.49 44.05 -48.55
N VAL JA 5 -7.31 43.07 -48.95
CA VAL JA 5 -7.11 41.70 -48.50
C VAL JA 5 -5.98 41.12 -49.33
N SER JA 6 -4.91 40.67 -48.66
CA SER JA 6 -3.70 40.27 -49.33
C SER JA 6 -3.14 39.03 -48.66
N ASN JA 7 -2.02 38.55 -49.19
CA ASN JA 7 -1.30 37.46 -48.54
C ASN JA 7 -0.82 37.98 -47.20
N PRO JA 8 -1.40 37.53 -46.08
CA PRO JA 8 -1.04 38.13 -44.80
C PRO JA 8 0.35 37.73 -44.33
N ARG JA 9 0.71 36.46 -44.48
CA ARG JA 9 2.05 36.01 -44.15
C ARG JA 9 2.95 36.17 -45.37
N PRO JA 10 4.04 36.91 -45.28
CA PRO JA 10 4.85 37.19 -46.46
C PRO JA 10 5.56 35.95 -46.98
N ILE JA 11 5.85 35.97 -48.27
CA ILE JA 11 6.54 34.89 -48.96
C ILE JA 11 7.95 35.36 -49.29
N PHE JA 12 8.96 34.64 -48.79
CA PHE JA 12 10.35 34.90 -49.12
C PHE JA 12 10.86 33.76 -50.00
N THR JA 13 11.00 34.05 -51.29
CA THR JA 13 11.58 33.11 -52.24
C THR JA 13 13.03 33.45 -52.50
N GLU JA 14 13.70 32.58 -53.25
CA GLU JA 14 15.10 32.78 -53.57
C GLU JA 14 15.25 33.55 -54.86
N SER JA 15 16.38 34.24 -55.00
CA SER JA 15 16.60 35.11 -56.16
C SER JA 15 16.88 34.31 -57.42
N ARG JA 16 17.71 33.29 -57.33
CA ARG JA 16 18.17 32.58 -58.51
C ARG JA 16 17.27 31.42 -58.93
N SER JA 17 16.29 31.06 -58.10
CA SER JA 17 15.37 29.98 -58.45
C SER JA 17 14.04 30.22 -57.74
N PHE JA 18 12.99 29.62 -58.29
CA PHE JA 18 11.64 29.84 -57.78
C PHE JA 18 11.31 28.78 -56.72
N LYS JA 19 11.95 28.97 -55.56
CA LYS JA 19 11.77 28.07 -54.42
C LYS JA 19 11.85 28.88 -53.15
N ALA JA 20 11.21 28.38 -52.09
CA ALA JA 20 11.28 29.03 -50.80
C ALA JA 20 12.62 28.71 -50.13
N VAL JA 21 13.15 29.69 -49.41
CA VAL JA 21 14.44 29.53 -48.75
C VAL JA 21 14.24 28.79 -47.43
N ALA JA 22 14.30 27.46 -47.48
CA ALA JA 22 14.12 26.66 -46.29
C ALA JA 22 15.24 26.92 -45.30
N ASN JA 23 14.87 27.09 -44.03
CA ASN JA 23 15.82 27.39 -42.95
C ASN JA 23 16.64 28.62 -43.30
N GLY JA 24 15.99 29.61 -43.91
CA GLY JA 24 16.64 30.87 -44.20
C GLY JA 24 16.75 31.75 -42.98
N LYS JA 25 17.49 32.83 -43.14
CA LYS JA 25 17.68 33.79 -42.06
C LYS JA 25 17.40 35.19 -42.57
N ILE JA 26 16.60 35.95 -41.82
CA ILE JA 26 16.37 37.36 -42.07
C ILE JA 26 16.84 38.16 -40.86
N TYR JA 27 17.65 39.18 -41.11
CA TYR JA 27 18.09 40.12 -40.09
C TYR JA 27 17.51 41.50 -40.41
N ILE JA 28 17.05 42.18 -39.36
CA ILE JA 28 16.39 43.47 -39.50
C ILE JA 28 17.18 44.52 -38.74
N GLY JA 29 17.56 45.59 -39.42
CA GLY JA 29 18.39 46.61 -38.81
C GLY JA 29 18.08 48.03 -39.23
N GLN JA 30 18.93 48.96 -38.84
CA GLN JA 30 18.70 50.37 -39.10
C GLN JA 30 18.81 50.68 -40.59
N ILE JA 31 18.35 51.88 -40.95
CA ILE JA 31 18.35 52.30 -42.35
C ILE JA 31 19.76 52.38 -42.90
N ASP JA 32 19.97 51.79 -44.08
CA ASP JA 32 21.22 51.89 -44.83
C ASP JA 32 22.42 51.44 -43.99
N THR JA 33 22.22 50.38 -43.21
CA THR JA 33 23.31 49.77 -42.46
C THR JA 33 23.16 48.25 -42.54
N ASP JA 34 24.27 47.56 -42.43
CA ASP JA 34 24.25 46.10 -42.46
C ASP JA 34 23.57 45.57 -41.20
N PRO JA 35 22.53 44.77 -41.32
CA PRO JA 35 21.82 44.26 -40.14
C PRO JA 35 22.42 43.02 -39.50
N VAL JA 36 23.48 42.46 -40.08
CA VAL JA 36 24.14 41.30 -39.46
C VAL JA 36 24.81 41.71 -38.16
N ASN JA 37 25.39 42.90 -38.13
CA ASN JA 37 26.02 43.40 -36.91
C ASN JA 37 24.96 43.55 -35.82
N PRO JA 38 25.15 42.94 -34.65
CA PRO JA 38 24.14 43.07 -33.58
C PRO JA 38 23.86 44.51 -33.18
N ALA JA 39 24.84 45.40 -33.31
CA ALA JA 39 24.62 46.80 -32.95
C ALA JA 39 23.54 47.43 -33.83
N ASN JA 40 23.57 47.14 -35.12
CA ASN JA 40 22.60 47.73 -36.05
C ASN JA 40 21.22 47.11 -35.93
N GLN JA 41 21.10 45.95 -35.29
CA GLN JA 41 19.81 45.26 -35.20
C GLN JA 41 18.82 46.07 -34.40
N ILE JA 42 17.59 46.14 -34.89
CA ILE JA 42 16.52 46.90 -34.24
C ILE JA 42 15.54 45.92 -33.61
N PRO JA 43 14.70 46.35 -32.67
CA PRO JA 43 13.73 45.41 -32.07
C PRO JA 43 12.80 44.80 -33.10
N VAL JA 44 12.49 43.53 -32.91
CA VAL JA 44 11.59 42.78 -33.78
C VAL JA 44 10.56 42.06 -32.90
N TYR JA 45 9.29 42.18 -33.27
CA TYR JA 45 8.19 41.85 -32.38
C TYR JA 45 7.27 40.83 -33.01
N ILE JA 46 6.74 39.92 -32.18
CA ILE JA 46 5.67 39.01 -32.57
C ILE JA 46 4.35 39.57 -32.05
N GLU JA 47 3.27 39.37 -32.79
CA GLU JA 47 1.94 39.82 -32.38
C GLU JA 47 1.04 38.59 -32.26
N ASN JA 48 0.80 38.16 -31.03
CA ASN JA 48 0.01 36.97 -30.77
C ASN JA 48 -1.48 37.28 -30.90
N GLU JA 49 -2.31 36.28 -30.58
CA GLU JA 49 -3.75 36.49 -30.53
C GLU JA 49 -4.14 37.43 -29.40
N ASP JA 50 -3.36 37.48 -28.33
CA ASP JA 50 -3.67 38.32 -27.18
C ASP JA 50 -3.41 39.79 -27.43
N GLY JA 51 -2.84 40.15 -28.58
CA GLY JA 51 -2.48 41.51 -28.86
C GLY JA 51 -1.18 41.96 -28.25
N SER JA 52 -0.48 41.08 -27.54
CA SER JA 52 0.80 41.42 -26.95
C SER JA 52 1.87 41.50 -28.03
N HIS JA 53 3.01 42.09 -27.68
CA HIS JA 53 4.18 42.12 -28.55
C HIS JA 53 5.35 41.54 -27.76
N VAL JA 54 5.64 40.25 -27.99
CA VAL JA 54 6.77 39.58 -27.37
C VAL JA 54 7.92 39.59 -28.36
N GLN JA 55 9.08 40.05 -27.89
CA GLN JA 55 10.22 40.28 -28.76
C GLN JA 55 11.12 39.05 -28.79
N ILE JA 56 11.62 38.72 -29.99
CA ILE JA 56 12.37 37.49 -30.20
C ILE JA 56 13.72 37.82 -30.82
N THR JA 57 14.60 36.82 -30.80
CA THR JA 57 15.94 36.99 -31.32
C THR JA 57 15.90 37.35 -32.80
N GLN JA 58 16.88 38.14 -33.23
CA GLN JA 58 16.90 38.76 -34.55
C GLN JA 58 16.97 37.76 -35.70
N PRO JA 59 17.79 36.69 -35.64
CA PRO JA 59 17.85 35.76 -36.77
C PRO JA 59 16.56 34.98 -36.95
N LEU JA 60 15.51 35.66 -37.44
CA LEU JA 60 14.24 35.01 -37.71
C LEU JA 60 14.41 33.90 -38.74
N ILE JA 61 13.69 32.80 -38.54
CA ILE JA 61 13.84 31.60 -39.36
C ILE JA 61 12.75 31.58 -40.42
N ILE JA 62 13.06 30.97 -41.56
CA ILE JA 62 12.13 30.83 -42.68
C ILE JA 62 11.96 29.35 -42.97
N ASN JA 63 10.71 28.89 -43.01
CA ASN JA 63 10.45 27.48 -43.24
C ASN JA 63 10.52 27.11 -44.71
N ALA JA 64 10.03 25.93 -45.06
CA ALA JA 64 10.08 25.45 -46.44
C ALA JA 64 8.97 26.01 -47.31
N ALA JA 65 8.14 26.90 -46.78
CA ALA JA 65 7.08 27.54 -47.55
C ALA JA 65 7.28 29.04 -47.72
N GLY JA 66 8.40 29.58 -47.24
CA GLY JA 66 8.70 30.98 -47.41
C GLY JA 66 8.23 31.89 -46.30
N LYS JA 67 7.38 31.42 -45.40
CA LYS JA 67 6.89 32.24 -44.32
C LYS JA 67 7.94 32.36 -43.22
N ILE JA 68 7.68 33.26 -42.27
CA ILE JA 68 8.53 33.39 -41.09
C ILE JA 68 7.96 32.51 -40.00
N VAL JA 69 8.81 31.68 -39.41
CA VAL JA 69 8.39 30.70 -38.41
C VAL JA 69 9.23 30.89 -37.16
N TYR JA 70 8.57 31.02 -36.02
CA TYR JA 70 9.24 31.08 -34.73
C TYR JA 70 9.73 29.67 -34.38
N ASN JA 71 10.21 29.50 -33.15
CA ASN JA 71 10.60 28.22 -32.59
C ASN JA 71 9.56 27.14 -32.88
N GLY JA 72 8.30 27.53 -32.90
CA GLY JA 72 7.22 26.63 -33.22
C GLY JA 72 6.70 26.80 -34.63
N GLN JA 73 5.62 27.56 -34.76
CA GLN JA 73 4.91 27.71 -36.03
C GLN JA 73 4.72 29.16 -36.43
N LEU JA 74 3.86 29.37 -37.43
CA LEU JA 74 3.72 30.67 -38.06
C LEU JA 74 3.38 31.76 -37.05
N VAL JA 75 4.01 32.92 -37.20
CA VAL JA 75 3.78 34.08 -36.35
C VAL JA 75 3.68 35.33 -37.22
N LYS JA 76 3.13 36.38 -36.64
CA LYS JA 76 2.95 37.66 -37.32
C LYS JA 76 4.01 38.63 -36.80
N ILE JA 77 5.18 38.63 -37.47
CA ILE JA 77 6.27 39.49 -37.06
C ILE JA 77 5.90 40.96 -37.29
N VAL JA 78 6.40 41.82 -36.41
CA VAL JA 78 6.11 43.26 -36.46
C VAL JA 78 7.38 44.03 -36.13
N THR JA 79 7.68 45.06 -36.93
CA THR JA 79 8.76 46.00 -36.68
C THR JA 79 8.18 47.42 -36.66
N VAL JA 80 9.03 48.43 -36.63
CA VAL JA 80 8.49 49.76 -36.36
C VAL JA 80 7.98 50.46 -37.62
N GLN JA 81 8.86 51.03 -38.45
CA GLN JA 81 8.48 51.39 -39.81
C GLN JA 81 9.62 51.18 -40.81
N GLY JA 82 10.80 51.65 -40.44
CA GLY JA 82 11.96 51.67 -41.30
C GLY JA 82 12.89 50.50 -41.12
N HIS JA 83 12.49 49.32 -41.53
CA HIS JA 83 13.27 48.12 -41.28
C HIS JA 83 14.05 47.75 -42.53
N SER JA 84 15.36 47.55 -42.35
CA SER JA 84 16.17 46.99 -43.41
C SER JA 84 16.08 45.46 -43.38
N MET JA 85 16.43 44.83 -44.49
CA MET JA 85 16.27 43.39 -44.61
C MET JA 85 17.53 42.78 -45.22
N ALA JA 86 17.78 41.52 -44.87
CA ALA JA 86 18.88 40.78 -45.47
C ALA JA 86 18.58 39.29 -45.36
N ILE JA 87 18.07 38.71 -46.45
CA ILE JA 87 17.87 37.26 -46.49
C ILE JA 87 19.21 36.56 -46.58
N TYR JA 88 19.43 35.59 -45.69
CA TYR JA 88 20.54 34.66 -45.83
C TYR JA 88 20.01 33.24 -45.80
N ASP JA 89 20.41 32.45 -46.80
CA ASP JA 89 20.02 31.06 -46.88
C ASP JA 89 20.88 30.25 -45.92
N ALA JA 90 20.43 29.03 -45.61
CA ALA JA 90 21.10 28.20 -44.62
C ALA JA 90 22.56 27.96 -44.98
N ASN JA 91 22.87 27.85 -46.29
CA ASN JA 91 24.24 27.62 -46.69
C ASN JA 91 25.15 28.79 -46.33
N GLY JA 92 24.58 29.98 -46.17
CA GLY JA 92 25.35 31.15 -45.77
C GLY JA 92 25.46 32.23 -46.82
N SER JA 93 24.85 32.05 -47.99
CA SER JA 93 24.93 33.05 -49.05
C SER JA 93 23.99 34.22 -48.75
N GLN JA 94 23.90 35.14 -49.70
CA GLN JA 94 23.02 36.29 -49.61
C GLN JA 94 21.99 36.24 -50.73
N VAL JA 95 20.77 36.68 -50.42
CA VAL JA 95 19.69 36.77 -51.39
C VAL JA 95 19.26 38.22 -51.63
N ASP JA 96 18.91 38.92 -50.55
CA ASP JA 96 18.51 40.32 -50.63
C ASP JA 96 19.29 41.13 -49.61
N TYR JA 97 19.52 42.39 -49.94
CA TYR JA 97 20.04 43.39 -49.01
C TYR JA 97 19.20 44.66 -49.12
N ILE JA 98 17.89 44.49 -49.03
CA ILE JA 98 16.96 45.60 -49.07
C ILE JA 98 17.34 46.63 -48.01
N ALA JA 99 17.73 47.82 -48.44
CA ALA JA 99 18.22 48.84 -47.51
C ALA JA 99 17.07 49.54 -46.81
N ASN JA 100 16.13 50.08 -47.58
CA ASN JA 100 14.97 50.78 -47.05
C ASN JA 100 13.71 50.13 -47.61
N VAL JA 101 12.98 49.42 -46.75
CA VAL JA 101 11.73 48.81 -47.19
C VAL JA 101 10.70 49.89 -47.50
N LEU JA 102 10.71 50.99 -46.75
CA LEU JA 102 9.77 52.08 -47.03
C LEU JA 102 9.96 52.65 -48.42
N LYS JA 103 11.17 52.58 -48.97
CA LYS JA 103 11.42 52.99 -50.34
C LYS JA 103 11.08 51.92 -51.36
N TYR JA 104 10.34 50.88 -50.96
CA TYR JA 104 9.74 49.93 -51.89
C TYR JA 104 8.24 50.09 -51.99
N ASP JA 105 7.66 51.09 -51.33
CA ASP JA 105 6.23 51.31 -51.41
C ASP JA 105 5.85 51.64 -52.84
N PRO JA 106 4.76 51.06 -53.36
CA PRO JA 106 4.41 51.28 -54.77
C PRO JA 106 4.15 52.73 -55.12
N ASP JA 107 3.88 53.57 -54.13
CA ASP JA 107 3.62 55.00 -54.35
C ASP JA 107 4.57 55.78 -53.45
N GLN JA 108 5.71 56.21 -53.99
CA GLN JA 108 6.67 56.99 -53.23
C GLN JA 108 6.42 58.48 -53.29
N TYR JA 109 5.47 58.94 -54.09
CA TYR JA 109 5.08 60.34 -54.04
C TYR JA 109 4.39 60.65 -52.72
N SER JA 110 3.72 59.66 -52.14
CA SER JA 110 3.06 59.84 -50.85
C SER JA 110 4.06 60.21 -49.76
N ILE JA 111 5.21 59.56 -49.74
CA ILE JA 111 6.22 59.80 -48.74
C ILE JA 111 6.87 61.15 -48.96
#